data_8XB8
#
_entry.id   8XB8
#
_cell.length_a   1.00
_cell.length_b   1.00
_cell.length_c   1.00
_cell.angle_alpha   90.00
_cell.angle_beta   90.00
_cell.angle_gamma   90.00
#
_symmetry.space_group_name_H-M   'P 1'
#
_entity_poly.entity_id   1
_entity_poly.type   'polypeptide(L)'
_entity_poly.pdbx_seq_one_letter_code
;MEAVLTKLDQEEKKALQNFHRCAWEETKNIINDFLEIPEERCTYKFNSYTKKMELLFTPEFHTAWHEVPECREFILNFLR
LISGHRVVLKGPTFVFTKEIKNLGIPSTINVDFQANIENMDDLQKGNLIGKMNIKEG
;
_entity_poly.pdbx_strand_id   A,B,C,D,E,F,G,H,I,J,K,L,M,N,O,P,Q,R,S,T,U,V,W,X,Y,Z,a,b,c,d,e,f,g,h,i,j,k,l,m,n,o,p,q,r,s,t,u,v,w,x,y,z,0,1,2,3,4,5,6,7
#
# COMPACT_ATOMS: atom_id res chain seq x y z
N MET A 1 56.77 60.52 37.79
CA MET A 1 55.96 59.79 36.83
C MET A 1 56.67 59.59 35.50
N GLU A 2 56.60 60.60 34.64
CA GLU A 2 57.12 60.48 33.29
C GLU A 2 58.62 60.26 33.30
N ALA A 3 59.33 60.90 34.23
CA ALA A 3 60.76 60.63 34.38
C ALA A 3 61.01 59.18 34.77
N VAL A 4 60.21 58.66 35.70
CA VAL A 4 60.36 57.27 36.13
C VAL A 4 60.02 56.32 34.98
N LEU A 5 59.00 56.65 34.18
CA LEU A 5 58.65 55.79 33.06
C LEU A 5 59.72 55.81 31.98
N THR A 6 60.30 56.98 31.71
CA THR A 6 61.40 57.06 30.76
C THR A 6 62.61 56.28 31.25
N LYS A 7 62.90 56.37 32.55
CA LYS A 7 63.96 55.55 33.12
C LYS A 7 63.65 54.06 33.01
N LEU A 8 62.37 53.70 33.18
CA LEU A 8 61.97 52.31 32.99
C LEU A 8 62.24 51.86 31.57
N ASP A 9 61.88 52.68 30.58
CA ASP A 9 62.09 52.29 29.19
C ASP A 9 63.57 52.15 28.89
N GLN A 10 64.37 53.13 29.32
CA GLN A 10 65.81 53.08 29.07
C GLN A 10 66.45 51.89 29.76
N GLU A 11 66.07 51.63 31.02
CA GLU A 11 66.65 50.51 31.75
C GLU A 11 66.16 49.18 31.21
N GLU A 12 64.94 49.11 30.68
CA GLU A 12 64.47 47.89 30.03
C GLU A 12 65.26 47.61 28.78
N LYS A 13 65.52 48.63 27.95
CA LYS A 13 66.34 48.43 26.77
C LYS A 13 67.75 47.98 27.17
N LYS A 14 68.34 48.66 28.15
CA LYS A 14 69.69 48.32 28.59
C LYS A 14 69.75 46.91 29.17
N ALA A 15 68.75 46.53 29.97
CA ALA A 15 68.77 45.23 30.61
C ALA A 15 68.50 44.11 29.62
N LEU A 16 67.61 44.34 28.65
CA LEU A 16 67.40 43.35 27.60
C LEU A 16 68.66 43.16 26.77
N GLN A 17 69.32 44.27 26.40
CA GLN A 17 70.57 44.18 25.65
C GLN A 17 71.63 43.42 26.44
N ASN A 18 71.77 43.75 27.73
CA ASN A 18 72.76 43.08 28.57
C ASN A 18 72.42 41.60 28.76
N PHE A 19 71.14 41.29 28.91
CA PHE A 19 70.72 39.90 29.09
C PHE A 19 71.02 39.07 27.85
N HIS A 20 70.72 39.61 26.67
CA HIS A 20 71.02 38.88 25.44
C HIS A 20 72.52 38.78 25.21
N ARG A 21 73.28 39.83 25.55
CA ARG A 21 74.73 39.77 25.43
C ARG A 21 75.31 38.71 26.38
N CYS A 22 74.80 38.64 27.60
CA CYS A 22 75.26 37.63 28.55
C CYS A 22 74.88 36.22 28.09
N ALA A 23 73.68 36.07 27.52
CA ALA A 23 73.29 34.77 27.00
C ALA A 23 74.19 34.34 25.85
N TRP A 24 74.53 35.28 24.96
CA TRP A 24 75.43 34.95 23.86
C TRP A 24 76.82 34.60 24.39
N GLU A 25 77.31 35.35 25.38
CA GLU A 25 78.61 35.03 25.96
C GLU A 25 78.59 33.66 26.61
N GLU A 26 77.48 33.31 27.26
CA GLU A 26 77.38 32.02 27.92
C GLU A 26 77.33 30.87 26.92
N THR A 27 76.55 31.00 25.85
CA THR A 27 76.54 29.92 24.86
C THR A 27 77.88 29.83 24.13
N LYS A 28 78.53 30.97 23.88
CA LYS A 28 79.87 30.96 23.31
C LYS A 28 80.82 30.17 24.21
N ASN A 29 80.82 30.48 25.50
CA ASN A 29 81.72 29.79 26.42
C ASN A 29 81.39 28.31 26.53
N ILE A 30 80.10 27.98 26.55
CA ILE A 30 79.69 26.58 26.67
C ILE A 30 80.20 25.77 25.47
N ILE A 31 79.92 26.27 24.26
CA ILE A 31 80.30 25.50 23.07
C ILE A 31 81.81 25.50 22.89
N ASN A 32 82.48 26.60 23.21
CA ASN A 32 83.93 26.64 23.13
C ASN A 32 84.56 25.65 24.10
N ASP A 33 84.02 25.56 25.32
CA ASP A 33 84.54 24.61 26.29
C ASP A 33 84.31 23.17 25.81
N PHE A 34 83.14 22.90 25.24
CA PHE A 34 82.89 21.55 24.74
C PHE A 34 83.81 21.20 23.59
N LEU A 35 84.07 22.15 22.70
CA LEU A 35 84.87 21.86 21.51
C LEU A 35 86.36 21.76 21.83
N GLU A 36 86.85 22.60 22.74
CA GLU A 36 88.29 22.70 22.97
C GLU A 36 88.75 21.91 24.20
N ILE A 37 88.23 22.24 25.38
CA ILE A 37 88.72 21.62 26.61
C ILE A 37 87.54 21.18 27.47
N PRO A 38 86.90 20.05 27.16
CA PRO A 38 85.80 19.55 28.00
C PRO A 38 86.22 18.55 29.06
N GLU A 39 87.45 18.03 29.02
CA GLU A 39 87.84 16.96 29.93
C GLU A 39 87.85 17.43 31.38
N GLU A 40 88.32 18.66 31.63
CA GLU A 40 88.35 19.19 32.99
C GLU A 40 86.98 19.59 33.50
N ARG A 41 85.97 19.58 32.64
CA ARG A 41 84.64 20.07 32.97
C ARG A 41 83.57 18.98 32.92
N CYS A 42 83.84 17.84 32.29
CA CYS A 42 82.87 16.79 32.10
C CYS A 42 83.19 15.58 32.97
N THR A 43 82.14 14.86 33.35
CA THR A 43 82.26 13.64 34.13
C THR A 43 81.44 12.54 33.45
N TYR A 44 81.48 11.34 34.02
CA TYR A 44 80.73 10.21 33.49
C TYR A 44 79.92 9.58 34.61
N LYS A 45 78.61 9.41 34.39
CA LYS A 45 77.73 8.85 35.40
C LYS A 45 76.95 7.69 34.81
N PHE A 46 77.00 6.53 35.47
CA PHE A 46 76.39 5.32 34.95
C PHE A 46 74.94 5.24 35.41
N ASN A 47 74.01 5.49 34.49
CA ASN A 47 72.59 5.25 34.75
C ASN A 47 72.34 3.76 34.57
N SER A 48 72.08 3.07 35.68
CA SER A 48 71.87 1.62 35.64
C SER A 48 70.49 1.26 35.11
N TYR A 49 69.50 2.14 35.27
CA TYR A 49 68.17 1.87 34.73
C TYR A 49 68.21 1.74 33.22
N THR A 50 68.97 2.60 32.55
CA THR A 50 69.21 2.49 31.12
C THR A 50 70.46 1.68 30.81
N LYS A 51 71.07 1.07 31.82
CA LYS A 51 72.27 0.24 31.71
C LYS A 51 73.30 0.85 30.75
N LYS A 52 73.57 2.14 30.95
CA LYS A 52 74.59 2.83 30.16
C LYS A 52 75.05 4.02 30.96
N MET A 53 76.27 4.49 30.68
CA MET A 53 76.76 5.68 31.34
C MET A 53 76.73 6.86 30.37
N GLU A 54 76.41 8.02 30.93
CA GLU A 54 76.20 9.25 30.18
C GLU A 54 77.26 10.27 30.56
N LEU A 55 77.60 11.10 29.59
CA LEU A 55 78.54 12.20 29.81
C LEU A 55 77.80 13.37 30.43
N LEU A 56 78.22 13.75 31.64
CA LEU A 56 77.66 14.89 32.34
C LEU A 56 78.54 16.11 32.07
N PHE A 57 78.02 17.04 31.29
CA PHE A 57 78.72 18.29 30.98
C PHE A 57 78.09 19.39 31.82
N THR A 58 78.89 20.02 32.69
CA THR A 58 78.39 21.04 33.61
C THR A 58 79.09 22.34 33.22
N PRO A 59 78.44 23.18 32.41
CA PRO A 59 79.05 24.47 32.04
C PRO A 59 79.21 25.38 33.24
N GLU A 60 80.26 26.21 33.19
CA GLU A 60 80.58 27.06 34.32
C GLU A 60 79.50 28.10 34.60
N PHE A 61 78.85 28.61 33.56
CA PHE A 61 77.90 29.71 33.68
C PHE A 61 76.49 29.23 33.40
N HIS A 62 75.52 29.73 34.17
CA HIS A 62 74.13 29.32 34.05
C HIS A 62 73.16 30.48 34.16
N THR A 63 73.66 31.72 34.06
CA THR A 63 72.82 32.87 34.39
C THR A 63 71.75 33.14 33.33
N ALA A 64 72.12 33.09 32.05
CA ALA A 64 71.22 33.59 31.01
C ALA A 64 71.02 32.66 29.82
N TRP A 65 71.91 31.70 29.58
CA TRP A 65 71.82 30.94 28.33
C TRP A 65 70.58 30.05 28.28
N HIS A 66 70.15 29.52 29.42
CA HIS A 66 68.97 28.67 29.42
C HIS A 66 67.66 29.45 29.48
N GLU A 67 67.72 30.74 29.83
CA GLU A 67 66.51 31.55 29.88
C GLU A 67 66.07 32.04 28.51
N VAL A 68 66.96 31.98 27.52
CA VAL A 68 66.64 32.37 26.15
C VAL A 68 66.29 31.12 25.37
N PRO A 69 65.05 30.96 24.89
CA PRO A 69 64.70 29.73 24.17
C PRO A 69 65.56 29.49 22.95
N GLU A 70 65.92 30.55 22.23
CA GLU A 70 66.72 30.40 21.02
C GLU A 70 68.13 29.92 21.35
N CYS A 71 68.77 30.52 22.35
CA CYS A 71 70.12 30.11 22.73
C CYS A 71 70.14 28.68 23.25
N ARG A 72 69.17 28.32 24.10
CA ARG A 72 69.14 26.96 24.62
C ARG A 72 68.87 25.95 23.52
N GLU A 73 67.93 26.25 22.61
CA GLU A 73 67.65 25.34 21.51
C GLU A 73 68.87 25.17 20.62
N PHE A 74 69.57 26.26 20.32
CA PHE A 74 70.78 26.16 19.51
C PHE A 74 71.85 25.36 20.23
N ILE A 75 72.02 25.58 21.53
CA ILE A 75 73.04 24.83 22.27
C ILE A 75 72.76 23.34 22.19
N LEU A 76 71.51 22.95 22.45
CA LEU A 76 71.16 21.54 22.40
C LEU A 76 71.36 20.97 21.01
N ASN A 77 70.85 21.66 19.99
CA ASN A 77 70.92 21.15 18.63
C ASN A 77 72.36 21.06 18.14
N PHE A 78 73.18 22.07 18.44
CA PHE A 78 74.56 22.05 17.98
C PHE A 78 75.40 21.05 18.75
N LEU A 79 75.11 20.85 20.04
CA LEU A 79 75.82 19.79 20.76
C LEU A 79 75.46 18.42 20.20
N ARG A 80 74.18 18.21 19.84
CA ARG A 80 73.79 16.98 19.18
C ARG A 80 74.51 16.82 17.84
N LEU A 81 74.61 17.90 17.08
CA LEU A 81 75.26 17.84 15.77
C LEU A 81 76.74 17.51 15.91
N ILE A 82 77.48 18.27 16.72
CA ILE A 82 78.92 18.10 16.80
C ILE A 82 79.27 16.79 17.51
N SER A 83 78.47 16.38 18.49
CA SER A 83 78.79 15.17 19.23
C SER A 83 78.23 13.92 18.57
N GLY A 84 77.04 14.02 17.97
CA GLY A 84 76.39 12.85 17.40
C GLY A 84 75.62 12.02 18.38
N HIS A 85 75.65 12.37 19.67
CA HIS A 85 74.96 11.63 20.71
C HIS A 85 73.68 12.36 21.10
N ARG A 86 72.80 11.64 21.78
CA ARG A 86 71.57 12.23 22.29
C ARG A 86 71.89 13.14 23.47
N VAL A 87 71.64 14.43 23.31
CA VAL A 87 71.95 15.44 24.32
C VAL A 87 70.64 15.91 24.93
N VAL A 88 70.53 15.79 26.25
CA VAL A 88 69.35 16.27 26.97
C VAL A 88 69.81 17.17 28.10
N LEU A 89 69.20 18.35 28.20
CA LEU A 89 69.55 19.32 29.23
C LEU A 89 68.64 19.11 30.43
N LYS A 90 69.21 18.73 31.56
CA LYS A 90 68.49 18.64 32.82
C LYS A 90 69.19 19.51 33.85
N GLY A 91 68.46 20.49 34.39
CA GLY A 91 69.03 21.42 35.34
C GLY A 91 70.21 22.15 34.75
N PRO A 92 71.34 22.10 35.46
CA PRO A 92 72.58 22.69 34.94
C PRO A 92 73.47 21.74 34.15
N THR A 93 72.97 20.56 33.76
CA THR A 93 73.80 19.52 33.18
C THR A 93 73.31 19.15 31.79
N PHE A 94 74.27 18.87 30.91
CA PHE A 94 74.00 18.25 29.62
C PHE A 94 74.32 16.76 29.74
N VAL A 95 73.36 15.92 29.42
CA VAL A 95 73.53 14.47 29.44
C VAL A 95 73.72 14.01 28.01
N PHE A 96 74.90 13.45 27.73
CA PHE A 96 75.23 12.86 26.45
C PHE A 96 75.09 11.36 26.57
N THR A 97 74.08 10.79 25.91
CA THR A 97 73.86 9.36 25.88
C THR A 97 74.05 8.87 24.45
N LYS A 98 74.91 7.86 24.28
CA LYS A 98 75.19 7.35 22.95
C LYS A 98 73.92 6.74 22.36
N GLU A 99 73.68 7.02 21.08
CA GLU A 99 72.52 6.48 20.38
C GLU A 99 72.86 5.22 19.60
N MET B 1 86.43 17.25 22.89
CA MET B 1 85.25 16.85 22.14
C MET B 1 85.33 15.38 21.73
N GLU B 2 85.91 15.15 20.54
CA GLU B 2 85.97 13.78 20.01
C GLU B 2 86.80 12.87 20.91
N ALA B 3 87.87 13.41 21.49
CA ALA B 3 88.66 12.62 22.45
C ALA B 3 87.83 12.27 23.67
N VAL B 4 87.08 13.25 24.21
CA VAL B 4 86.25 13.00 25.38
C VAL B 4 85.12 12.04 25.04
N LEU B 5 84.55 12.16 23.83
CA LEU B 5 83.46 11.25 23.46
C LEU B 5 83.96 9.83 23.23
N THR B 6 85.15 9.69 22.65
CA THR B 6 85.76 8.36 22.51
C THR B 6 86.05 7.76 23.89
N LYS B 7 86.55 8.59 24.82
CA LYS B 7 86.75 8.11 26.17
C LYS B 7 85.43 7.70 26.81
N LEU B 8 84.36 8.45 26.53
CA LEU B 8 83.04 8.10 27.05
C LEU B 8 82.58 6.76 26.50
N ASP B 9 82.79 6.52 25.21
CA ASP B 9 82.37 5.24 24.61
C ASP B 9 83.17 4.09 25.20
N GLN B 10 84.49 4.25 25.31
CA GLN B 10 85.32 3.20 25.89
C GLN B 10 84.95 2.94 27.34
N GLU B 11 84.70 4.00 28.10
CA GLU B 11 84.29 3.86 29.49
C GLU B 11 82.93 3.21 29.60
N GLU B 12 82.02 3.51 28.67
CA GLU B 12 80.71 2.87 28.68
C GLU B 12 80.82 1.38 28.44
N LYS B 13 81.66 0.98 27.47
CA LYS B 13 81.89 -0.44 27.24
C LYS B 13 82.48 -1.10 28.48
N LYS B 14 83.52 -0.49 29.05
CA LYS B 14 84.18 -1.08 30.21
C LYS B 14 83.23 -1.16 31.40
N ALA B 15 82.44 -0.11 31.63
CA ALA B 15 81.56 -0.07 32.79
C ALA B 15 80.38 -1.02 32.62
N LEU B 16 79.85 -1.16 31.41
CA LEU B 16 78.81 -2.16 31.18
C LEU B 16 79.35 -3.57 31.39
N GLN B 17 80.55 -3.84 30.90
CA GLN B 17 81.16 -5.15 31.11
C GLN B 17 81.37 -5.42 32.59
N ASN B 18 81.88 -4.42 33.33
CA ASN B 18 82.11 -4.59 34.75
C ASN B 18 80.80 -4.74 35.51
N PHE B 19 79.76 -4.01 35.11
CA PHE B 19 78.47 -4.11 35.76
C PHE B 19 77.86 -5.50 35.57
N HIS B 20 77.94 -6.03 34.35
CA HIS B 20 77.40 -7.37 34.13
C HIS B 20 78.25 -8.43 34.84
N ARG B 21 79.56 -8.24 34.89
CA ARG B 21 80.42 -9.17 35.64
C ARG B 21 80.08 -9.14 37.12
N CYS B 22 79.86 -7.95 37.68
CA CYS B 22 79.49 -7.85 39.09
C CYS B 22 78.12 -8.45 39.34
N ALA B 23 77.17 -8.27 38.42
CA ALA B 23 75.86 -8.88 38.56
C ALA B 23 75.96 -10.39 38.54
N TRP B 24 76.77 -10.95 37.65
CA TRP B 24 76.95 -12.40 37.62
C TRP B 24 77.62 -12.90 38.89
N GLU B 25 78.62 -12.18 39.39
CA GLU B 25 79.26 -12.59 40.63
C GLU B 25 78.26 -12.54 41.78
N GLU B 26 77.40 -11.52 41.79
CA GLU B 26 76.42 -11.40 42.87
C GLU B 26 75.39 -12.52 42.82
N THR B 27 74.88 -12.85 41.64
CA THR B 27 73.91 -13.94 41.58
C THR B 27 74.57 -15.29 41.88
N LYS B 28 75.82 -15.46 41.46
CA LYS B 28 76.57 -16.66 41.84
C LYS B 28 76.67 -16.78 43.35
N ASN B 29 77.05 -15.69 44.02
CA ASN B 29 77.19 -15.72 45.47
C ASN B 29 75.84 -15.96 46.15
N ILE B 30 74.78 -15.33 45.63
CA ILE B 30 73.45 -15.50 46.23
C ILE B 30 73.01 -16.95 46.17
N ILE B 31 73.07 -17.54 44.97
CA ILE B 31 72.57 -18.89 44.81
C ILE B 31 73.49 -19.89 45.51
N ASN B 32 74.80 -19.67 45.49
CA ASN B 32 75.70 -20.55 46.22
C ASN B 32 75.44 -20.48 47.73
N ASP B 33 75.20 -19.29 48.26
CA ASP B 33 74.88 -19.16 49.67
C ASP B 33 73.58 -19.88 50.01
N PHE B 34 72.59 -19.78 49.13
CA PHE B 34 71.34 -20.48 49.37
C PHE B 34 71.53 -22.00 49.33
N LEU B 35 72.30 -22.49 48.36
CA LEU B 35 72.40 -23.93 48.16
C LEU B 35 73.29 -24.60 49.21
N GLU B 36 74.40 -23.96 49.58
CA GLU B 36 75.38 -24.59 50.46
C GLU B 36 75.22 -24.19 51.93
N ILE B 37 75.30 -22.90 52.23
CA ILE B 37 75.32 -22.46 53.62
C ILE B 37 74.32 -21.32 53.86
N PRO B 38 73.02 -21.57 53.78
CA PRO B 38 72.05 -20.50 54.03
C PRO B 38 71.72 -20.30 55.50
N GLU B 39 72.07 -21.25 56.37
CA GLU B 39 71.58 -21.22 57.75
C GLU B 39 72.09 -19.99 58.50
N GLU B 40 73.29 -19.51 58.19
CA GLU B 40 73.85 -18.34 58.85
C GLU B 40 73.46 -17.04 58.18
N ARG B 41 72.63 -17.10 57.14
CA ARG B 41 72.25 -15.90 56.38
C ARG B 41 70.76 -15.59 56.44
N CYS B 42 69.90 -16.59 56.62
CA CYS B 42 68.46 -16.41 56.58
C CYS B 42 67.85 -16.51 57.98
N THR B 43 66.76 -15.78 58.17
CA THR B 43 65.99 -15.80 59.41
C THR B 43 64.56 -16.24 59.09
N TYR B 44 63.73 -16.33 60.13
CA TYR B 44 62.34 -16.73 59.98
C TYR B 44 61.44 -15.68 60.61
N LYS B 45 60.43 -15.23 59.87
CA LYS B 45 59.52 -14.20 60.37
C LYS B 45 58.09 -14.66 60.16
N PHE B 46 57.28 -14.58 61.22
CA PHE B 46 55.90 -15.03 61.16
C PHE B 46 55.00 -13.87 60.74
N ASN B 47 54.52 -13.92 59.49
CA ASN B 47 53.53 -12.96 59.01
C ASN B 47 52.17 -13.37 59.56
N SER B 48 51.66 -12.61 60.53
CA SER B 48 50.41 -12.96 61.17
C SER B 48 49.20 -12.68 60.29
N TYR B 49 49.30 -11.68 59.40
CA TYR B 49 48.20 -11.39 58.49
C TYR B 49 47.92 -12.58 57.58
N THR B 50 48.98 -13.22 57.07
CA THR B 50 48.85 -14.48 56.35
C THR B 50 49.02 -15.68 57.27
N LYS B 51 49.16 -15.44 58.58
CA LYS B 51 49.27 -16.49 59.61
C LYS B 51 50.18 -17.63 59.19
N LYS B 52 51.36 -17.26 58.67
CA LYS B 52 52.34 -18.27 58.27
C LYS B 52 53.74 -17.70 58.45
N MET B 53 54.69 -18.59 58.71
CA MET B 53 56.09 -18.21 58.77
C MET B 53 56.70 -18.19 57.38
N GLU B 54 57.54 -17.20 57.13
CA GLU B 54 58.27 -17.05 55.88
C GLU B 54 59.75 -16.96 56.17
N LEU B 55 60.54 -17.51 55.24
CA LEU B 55 61.99 -17.49 55.33
C LEU B 55 62.51 -16.20 54.71
N LEU B 56 63.16 -15.38 55.53
CA LEU B 56 63.74 -14.12 55.07
C LEU B 56 65.21 -14.38 54.74
N PHE B 57 65.53 -14.43 53.45
CA PHE B 57 66.89 -14.63 52.98
C PHE B 57 67.48 -13.27 52.62
N THR B 58 68.61 -12.93 53.24
CA THR B 58 69.24 -11.62 53.08
C THR B 58 70.61 -11.81 52.44
N PRO B 59 70.69 -11.80 51.12
CA PRO B 59 71.99 -11.94 50.46
C PRO B 59 72.93 -10.80 50.82
N GLU B 60 74.22 -11.12 50.90
CA GLU B 60 75.20 -10.16 51.38
C GLU B 60 75.38 -8.99 50.41
N PHE B 61 75.24 -9.23 49.11
CA PHE B 61 75.52 -8.22 48.10
C PHE B 61 74.24 -7.82 47.38
N HIS B 62 74.11 -6.50 47.13
CA HIS B 62 72.92 -5.97 46.49
C HIS B 62 73.25 -4.89 45.46
N THR B 63 74.50 -4.83 44.99
CA THR B 63 74.90 -3.72 44.15
C THR B 63 74.33 -3.80 42.74
N ALA B 64 74.34 -4.98 42.13
CA ALA B 64 74.05 -5.09 40.70
C ALA B 64 73.07 -6.18 40.31
N TRP B 65 72.86 -7.22 41.13
CA TRP B 65 72.09 -8.36 40.67
C TRP B 65 70.62 -8.00 40.44
N HIS B 66 70.06 -7.11 41.27
CA HIS B 66 68.66 -6.75 41.11
C HIS B 66 68.43 -5.72 40.01
N GLU B 67 69.49 -5.03 39.57
CA GLU B 67 69.33 -4.03 38.51
C GLU B 67 69.29 -4.64 37.13
N VAL B 68 69.70 -5.89 36.99
CA VAL B 68 69.65 -6.62 35.72
C VAL B 68 68.37 -7.44 35.70
N PRO B 69 67.43 -7.16 34.80
CA PRO B 69 66.17 -7.94 34.80
C PRO B 69 66.39 -9.43 34.60
N GLU B 70 67.35 -9.80 33.77
CA GLU B 70 67.58 -11.22 33.49
C GLU B 70 68.13 -11.93 34.71
N CYS B 71 69.13 -11.33 35.38
CA CYS B 71 69.70 -11.96 36.56
C CYS B 71 68.68 -12.07 37.69
N ARG B 72 67.89 -11.01 37.91
CA ARG B 72 66.88 -11.05 38.96
C ARG B 72 65.80 -12.08 38.65
N GLU B 73 65.34 -12.13 37.40
CA GLU B 73 64.33 -13.10 37.02
C GLU B 73 64.86 -14.53 37.19
N PHE B 74 66.10 -14.77 36.78
CA PHE B 74 66.69 -16.10 36.97
C PHE B 74 66.83 -16.44 38.45
N ILE B 75 67.25 -15.47 39.26
CA ILE B 75 67.40 -15.74 40.69
C ILE B 75 66.07 -16.16 41.29
N LEU B 76 65.02 -15.40 41.00
CA LEU B 76 63.70 -15.72 41.54
C LEU B 76 63.23 -17.08 41.04
N ASN B 77 63.34 -17.33 39.73
CA ASN B 77 62.85 -18.58 39.16
C ASN B 77 63.62 -19.77 39.69
N PHE B 78 64.94 -19.66 39.80
CA PHE B 78 65.74 -20.78 40.26
C PHE B 78 65.57 -21.02 41.75
N LEU B 79 65.39 -19.96 42.55
CA LEU B 79 65.09 -20.17 43.96
C LEU B 79 63.75 -20.86 44.13
N ARG B 80 62.76 -20.48 43.31
CA ARG B 80 61.48 -21.19 43.33
C ARG B 80 61.65 -22.65 42.93
N LEU B 81 62.46 -22.91 41.91
CA LEU B 81 62.66 -24.28 41.44
C LEU B 81 63.34 -25.14 42.50
N ILE B 82 64.49 -24.69 43.01
CA ILE B 82 65.26 -25.53 43.93
C ILE B 82 64.60 -25.60 45.30
N SER B 83 63.91 -24.55 45.74
CA SER B 83 63.28 -24.57 47.04
C SER B 83 61.89 -25.18 46.99
N GLY B 84 61.13 -24.91 45.93
CA GLY B 84 59.75 -25.36 45.83
C GLY B 84 58.75 -24.44 46.49
N HIS B 85 59.20 -23.50 47.32
CA HIS B 85 58.32 -22.54 47.96
C HIS B 85 58.04 -21.37 47.03
N ARG B 86 57.12 -20.51 47.45
CA ARG B 86 56.85 -19.27 46.74
C ARG B 86 57.87 -18.22 47.16
N VAL B 87 58.70 -17.80 46.22
CA VAL B 87 59.78 -16.86 46.48
C VAL B 87 59.37 -15.51 45.91
N VAL B 88 59.34 -14.49 46.76
CA VAL B 88 59.03 -13.13 46.33
C VAL B 88 60.13 -12.21 46.82
N LEU B 89 60.65 -11.37 45.92
CA LEU B 89 61.73 -10.46 46.25
C LEU B 89 61.13 -9.13 46.69
N LYS B 90 61.35 -8.76 47.94
CA LYS B 90 60.93 -7.45 48.46
C LYS B 90 62.15 -6.74 49.01
N GLY B 91 62.48 -5.61 48.41
CA GLY B 91 63.66 -4.85 48.80
C GLY B 91 64.91 -5.69 48.70
N PRO B 92 65.65 -5.78 49.80
CA PRO B 92 66.85 -6.64 49.85
C PRO B 92 66.61 -8.06 50.33
N THR B 93 65.36 -8.50 50.42
CA THR B 93 65.02 -9.78 51.03
C THR B 93 64.30 -10.69 50.06
N PHE B 94 64.59 -11.98 50.17
CA PHE B 94 63.81 -13.02 49.53
C PHE B 94 62.86 -13.62 50.58
N VAL B 95 61.58 -13.60 50.29
CA VAL B 95 60.57 -14.16 51.18
C VAL B 95 60.15 -15.51 50.61
N PHE B 96 60.44 -16.58 51.35
CA PHE B 96 60.04 -17.93 51.01
C PHE B 96 58.79 -18.26 51.83
N THR B 97 57.65 -18.34 51.16
CA THR B 97 56.40 -18.72 51.80
C THR B 97 55.98 -20.08 51.27
N LYS B 98 55.77 -21.03 52.18
CA LYS B 98 55.41 -22.39 51.79
C LYS B 98 54.09 -22.39 51.04
N GLU B 99 54.04 -23.11 49.93
CA GLU B 99 52.83 -23.21 49.13
C GLU B 99 52.03 -24.45 49.50
N MET C 1 70.40 -26.36 51.88
CA MET C 1 69.16 -25.60 51.78
C MET C 1 67.98 -26.41 52.30
N GLU C 2 67.97 -27.71 51.95
CA GLU C 2 66.85 -28.56 52.35
C GLU C 2 66.73 -28.64 53.87
N ALA C 3 67.86 -28.61 54.58
CA ALA C 3 67.81 -28.52 56.03
C ALA C 3 67.15 -27.23 56.49
N VAL C 4 67.49 -26.11 55.85
CA VAL C 4 66.89 -24.84 56.21
C VAL C 4 65.41 -24.82 55.87
N LEU C 5 65.02 -25.42 54.75
CA LEU C 5 63.61 -25.47 54.38
C LEU C 5 62.82 -26.37 55.33
N THR C 6 63.40 -27.50 55.73
CA THR C 6 62.74 -28.35 56.72
C THR C 6 62.60 -27.62 58.05
N LYS C 7 63.63 -26.89 58.46
CA LYS C 7 63.52 -26.08 59.67
C LYS C 7 62.46 -25.02 59.53
N LEU C 8 62.33 -24.41 58.35
CA LEU C 8 61.29 -23.43 58.12
C LEU C 8 59.90 -24.05 58.25
N ASP C 9 59.71 -25.24 57.67
CA ASP C 9 58.41 -25.90 57.76
C ASP C 9 58.08 -26.25 59.21
N GLN C 10 59.06 -26.82 59.93
CA GLN C 10 58.84 -27.17 61.32
C GLN C 10 58.56 -25.94 62.18
N GLU C 11 59.31 -24.86 61.96
CA GLU C 11 59.10 -23.64 62.73
C GLU C 11 57.77 -22.99 62.39
N GLU C 12 57.35 -23.07 61.13
CA GLU C 12 56.04 -22.55 60.75
C GLU C 12 54.92 -23.32 61.45
N LYS C 13 55.03 -24.66 61.47
CA LYS C 13 54.02 -25.45 62.15
C LYS C 13 54.00 -25.14 63.65
N LYS C 14 55.17 -25.11 64.27
CA LYS C 14 55.26 -24.84 65.71
C LYS C 14 54.74 -23.45 66.04
N ALA C 15 55.09 -22.45 65.23
CA ALA C 15 54.67 -21.08 65.50
C ALA C 15 53.19 -20.89 65.23
N LEU C 16 52.63 -21.56 64.23
CA LEU C 16 51.18 -21.49 64.02
C LEU C 16 50.45 -22.12 65.20
N GLN C 17 50.93 -23.28 65.67
CA GLN C 17 50.32 -23.90 66.84
C GLN C 17 50.42 -23.01 68.06
N ASN C 18 51.58 -22.41 68.29
CA ASN C 18 51.76 -21.52 69.45
C ASN C 18 50.91 -20.27 69.33
N PHE C 19 50.79 -19.72 68.11
CA PHE C 19 49.97 -18.54 67.89
C PHE C 19 48.50 -18.83 68.17
N HIS C 20 48.00 -19.97 67.69
CA HIS C 20 46.61 -20.31 67.97
C HIS C 20 46.39 -20.61 69.45
N ARG C 21 47.37 -21.25 70.10
CA ARG C 21 47.28 -21.49 71.54
C ARG C 21 47.24 -20.18 72.30
N CYS C 22 48.08 -19.21 71.92
CA CYS C 22 48.09 -17.92 72.58
C CYS C 22 46.80 -17.16 72.33
N ALA C 23 46.25 -17.26 71.12
CA ALA C 23 44.98 -16.61 70.83
C ALA C 23 43.86 -17.22 71.67
N TRP C 24 43.85 -18.55 71.82
CA TRP C 24 42.84 -19.17 72.67
C TRP C 24 43.01 -18.76 74.12
N GLU C 25 44.25 -18.71 74.62
CA GLU C 25 44.46 -18.26 75.98
C GLU C 25 44.00 -16.83 76.17
N GLU C 26 44.23 -15.98 75.17
CA GLU C 26 43.83 -14.59 75.27
C GLU C 26 42.32 -14.43 75.27
N THR C 27 41.61 -15.14 74.39
CA THR C 27 40.15 -15.04 74.41
C THR C 27 39.57 -15.64 75.69
N LYS C 28 40.18 -16.73 76.17
CA LYS C 28 39.78 -17.29 77.46
C LYS C 28 39.90 -16.26 78.57
N ASN C 29 41.05 -15.59 78.64
CA ASN C 29 41.26 -14.60 79.69
C ASN C 29 40.32 -13.41 79.52
N ILE C 30 40.08 -12.98 78.27
CA ILE C 30 39.20 -11.84 78.04
C ILE C 30 37.80 -12.14 78.53
N ILE C 31 37.24 -13.27 78.12
CA ILE C 31 35.86 -13.57 78.49
C ILE C 31 35.76 -13.92 79.97
N ASN C 32 36.78 -14.56 80.54
CA ASN C 32 36.76 -14.84 81.98
C ASN C 32 36.81 -13.54 82.77
N ASP C 33 37.64 -12.58 82.35
CA ASP C 33 37.69 -11.29 83.03
C ASP C 33 36.36 -10.57 82.93
N PHE C 34 35.73 -10.61 81.75
CA PHE C 34 34.44 -9.94 81.61
C PHE C 34 33.37 -10.60 82.48
N LEU C 35 33.35 -11.94 82.53
CA LEU C 35 32.28 -12.62 83.26
C LEU C 35 32.47 -12.53 84.76
N GLU C 36 33.69 -12.71 85.25
CA GLU C 36 33.91 -12.82 86.70
C GLU C 36 34.27 -11.48 87.34
N ILE C 37 35.38 -10.87 86.92
CA ILE C 37 35.88 -9.67 87.59
C ILE C 37 36.18 -8.59 86.57
N PRO C 38 35.16 -7.92 86.02
CA PRO C 38 35.42 -6.85 85.05
C PRO C 38 35.55 -5.47 85.68
N GLU C 39 35.08 -5.33 86.92
CA GLU C 39 34.94 -4.00 87.50
C GLU C 39 36.27 -3.28 87.66
N GLU C 40 37.35 -4.01 87.87
CA GLU C 40 38.67 -3.42 88.02
C GLU C 40 39.39 -3.24 86.69
N ARG C 41 38.75 -3.55 85.58
CA ARG C 41 39.37 -3.51 84.26
C ARG C 41 38.69 -2.55 83.29
N CYS C 42 37.39 -2.32 83.43
CA CYS C 42 36.63 -1.49 82.49
C CYS C 42 36.29 -0.14 83.12
N THR C 43 36.21 0.87 82.27
CA THR C 43 35.84 2.22 82.65
C THR C 43 34.60 2.65 81.89
N TYR C 44 34.14 3.87 82.14
CA TYR C 44 32.96 4.44 81.49
C TYR C 44 33.34 5.75 80.84
N LYS C 45 32.96 5.93 79.57
CA LYS C 45 33.28 7.14 78.84
C LYS C 45 32.01 7.67 78.17
N PHE C 46 31.72 8.96 78.38
CA PHE C 46 30.49 9.56 77.86
C PHE C 46 30.75 10.10 76.46
N ASN C 47 30.21 9.42 75.46
CA ASN C 47 30.20 9.94 74.10
C ASN C 47 29.06 10.95 74.00
N SER C 48 29.41 12.24 73.94
CA SER C 48 28.41 13.29 73.89
C SER C 48 27.75 13.39 72.53
N TYR C 49 28.46 13.00 71.46
CA TYR C 49 27.85 13.01 70.13
C TYR C 49 26.67 12.06 70.06
N THR C 50 26.81 10.88 70.67
CA THR C 50 25.69 9.96 70.83
C THR C 50 25.00 10.11 72.18
N LYS C 51 25.40 11.10 72.97
CA LYS C 51 24.80 11.44 74.27
C LYS C 51 24.50 10.20 75.11
N LYS C 52 25.51 9.35 75.26
CA LYS C 52 25.37 8.16 76.08
C LYS C 52 26.75 7.72 76.55
N MET C 53 26.80 7.01 77.68
CA MET C 53 28.07 6.45 78.10
C MET C 53 28.26 5.06 77.50
N GLU C 54 29.52 4.74 77.24
CA GLU C 54 29.92 3.44 76.75
C GLU C 54 30.92 2.84 77.71
N LEU C 55 30.80 1.53 77.93
CA LEU C 55 31.76 0.79 78.74
C LEU C 55 33.00 0.52 77.90
N LEU C 56 34.13 1.08 78.33
CA LEU C 56 35.42 0.81 77.70
C LEU C 56 36.07 -0.34 78.45
N PHE C 57 36.06 -1.52 77.84
CA PHE C 57 36.67 -2.70 78.40
C PHE C 57 38.04 -2.88 77.75
N THR C 58 39.08 -2.92 78.57
CA THR C 58 40.46 -3.00 78.07
C THR C 58 41.04 -4.34 78.47
N PRO C 59 40.98 -5.36 77.62
CA PRO C 59 41.58 -6.65 77.97
C PRO C 59 43.09 -6.52 78.15
N GLU C 60 43.61 -7.31 79.08
CA GLU C 60 45.02 -7.17 79.48
C GLU C 60 45.96 -7.55 78.35
N PHE C 61 45.57 -8.48 77.48
CA PHE C 61 46.44 -8.99 76.44
C PHE C 61 45.88 -8.65 75.06
N HIS C 62 46.78 -8.33 74.13
CA HIS C 62 46.37 -7.96 72.78
C HIS C 62 47.26 -8.61 71.72
N THR C 63 48.00 -9.66 72.07
CA THR C 63 49.02 -10.17 71.16
C THR C 63 48.42 -10.96 70.00
N ALA C 64 47.44 -11.81 70.27
CA ALA C 64 46.99 -12.77 69.27
C ALA C 64 45.49 -12.88 69.07
N TRP C 65 44.67 -12.46 70.04
CA TRP C 65 43.24 -12.75 69.94
C TRP C 65 42.57 -11.97 68.81
N HIS C 66 43.00 -10.73 68.55
CA HIS C 66 42.40 -9.94 67.49
C HIS C 66 42.93 -10.29 66.11
N GLU C 67 44.07 -10.97 66.02
CA GLU C 67 44.64 -11.32 64.74
C GLU C 67 44.03 -12.58 64.15
N VAL C 68 43.28 -13.34 64.94
CA VAL C 68 42.57 -14.53 64.47
C VAL C 68 41.12 -14.11 64.19
N PRO C 69 40.65 -14.16 62.94
CA PRO C 69 39.27 -13.72 62.67
C PRO C 69 38.23 -14.50 63.44
N GLU C 70 38.44 -15.80 63.61
CA GLU C 70 37.45 -16.63 64.31
C GLU C 70 37.39 -16.26 65.80
N CYS C 71 38.55 -16.11 66.44
CA CYS C 71 38.56 -15.76 67.86
C CYS C 71 37.97 -14.38 68.09
N ARG C 72 38.32 -13.40 67.25
CA ARG C 72 37.77 -12.06 67.41
C ARG C 72 36.27 -12.05 67.18
N GLU C 73 35.81 -12.74 66.14
CA GLU C 73 34.37 -12.79 65.87
C GLU C 73 33.62 -13.45 67.02
N PHE C 74 34.17 -14.54 67.57
CA PHE C 74 33.52 -15.18 68.70
C PHE C 74 33.52 -14.27 69.92
N ILE C 75 34.63 -13.56 70.16
CA ILE C 75 34.68 -12.67 71.32
C ILE C 75 33.59 -11.62 71.20
N LEU C 76 33.49 -10.97 70.04
CA LEU C 76 32.48 -9.94 69.87
C LEU C 76 31.07 -10.51 70.01
N ASN C 77 30.81 -11.64 69.35
CA ASN C 77 29.48 -12.23 69.37
C ASN C 77 29.09 -12.68 70.77
N PHE C 78 30.02 -13.29 71.50
CA PHE C 78 29.70 -13.78 72.84
C PHE C 78 29.57 -12.63 73.84
N LEU C 79 30.36 -11.56 73.67
CA LEU C 79 30.17 -10.40 74.52
C LEU C 79 28.82 -9.77 74.28
N ARG C 80 28.39 -9.70 73.00
CA ARG C 80 27.05 -9.21 72.70
C ARG C 80 25.99 -10.11 73.32
N LEU C 81 26.20 -11.43 73.27
CA LEU C 81 25.20 -12.35 73.80
C LEU C 81 25.08 -12.23 75.32
N ILE C 82 26.22 -12.29 76.02
CA ILE C 82 26.17 -12.35 77.48
C ILE C 82 25.90 -10.97 78.07
N SER C 83 26.25 -9.90 77.38
CA SER C 83 25.98 -8.56 77.89
C SER C 83 24.63 -8.02 77.44
N GLY C 84 24.21 -8.36 76.22
CA GLY C 84 22.99 -7.82 75.67
C GLY C 84 23.13 -6.46 75.05
N HIS C 85 24.26 -5.79 75.25
CA HIS C 85 24.50 -4.47 74.68
C HIS C 85 25.09 -4.59 73.28
N ARG C 86 25.35 -3.44 72.68
CA ARG C 86 26.05 -3.39 71.40
C ARG C 86 27.55 -3.29 71.66
N VAL C 87 28.30 -4.30 71.24
CA VAL C 87 29.73 -4.39 71.48
C VAL C 87 30.45 -4.11 70.18
N VAL C 88 31.32 -3.11 70.19
CA VAL C 88 32.14 -2.78 69.02
C VAL C 88 33.61 -2.75 69.46
N LEU C 89 34.45 -3.45 68.71
CA LEU C 89 35.89 -3.49 69.03
C LEU C 89 36.59 -2.39 68.25
N LYS C 90 37.11 -1.39 68.98
CA LYS C 90 37.90 -0.33 68.37
C LYS C 90 39.29 -0.34 69.03
N GLY C 91 40.32 -0.52 68.22
CA GLY C 91 41.67 -0.63 68.72
C GLY C 91 41.79 -1.73 69.75
N PRO C 92 42.30 -1.38 70.93
CA PRO C 92 42.39 -2.35 72.04
C PRO C 92 41.19 -2.35 72.98
N THR C 93 40.09 -1.68 72.63
CA THR C 93 38.98 -1.48 73.53
C THR C 93 37.71 -2.13 73.00
N PHE C 94 36.93 -2.69 73.91
CA PHE C 94 35.56 -3.09 73.64
C PHE C 94 34.64 -1.98 74.12
N VAL C 95 33.81 -1.46 73.23
CA VAL C 95 32.87 -0.40 73.55
C VAL C 95 31.50 -1.05 73.68
N PHE C 96 30.95 -1.02 74.90
CA PHE C 96 29.61 -1.51 75.19
C PHE C 96 28.67 -0.32 75.23
N THR C 97 27.80 -0.20 74.23
CA THR C 97 26.79 0.84 74.18
C THR C 97 25.42 0.22 74.34
N LYS C 98 24.65 0.73 75.30
CA LYS C 98 23.32 0.19 75.54
C LYS C 98 22.43 0.37 74.31
N GLU C 99 21.68 -0.67 73.98
CA GLU C 99 20.79 -0.64 72.83
C GLU C 99 19.36 -0.30 73.26
N MET D 1 29.70 -9.55 85.84
CA MET D 1 29.46 -8.69 84.68
C MET D 1 28.16 -7.90 84.86
N GLU D 2 27.13 -8.59 85.34
CA GLU D 2 25.82 -7.96 85.48
C GLU D 2 25.87 -6.77 86.43
N ALA D 3 26.72 -6.83 87.45
CA ALA D 3 26.92 -5.67 88.31
C ALA D 3 27.49 -4.50 87.52
N VAL D 4 28.46 -4.78 86.66
CA VAL D 4 29.07 -3.72 85.85
C VAL D 4 28.06 -3.14 84.86
N LEU D 5 27.24 -3.99 84.26
CA LEU D 5 26.24 -3.49 83.31
C LEU D 5 25.15 -2.69 84.01
N THR D 6 24.72 -3.13 85.20
CA THR D 6 23.76 -2.35 85.97
C THR D 6 24.35 -1.01 86.38
N LYS D 7 25.62 -1.01 86.78
CA LYS D 7 26.30 0.25 87.10
C LYS D 7 26.38 1.14 85.87
N LEU D 8 26.64 0.55 84.69
CA LEU D 8 26.64 1.34 83.46
C LEU D 8 25.29 1.98 83.21
N ASP D 9 24.22 1.22 83.39
CA ASP D 9 22.89 1.76 83.13
C ASP D 9 22.57 2.89 84.09
N GLN D 10 22.79 2.66 85.39
CA GLN D 10 22.48 3.68 86.39
C GLN D 10 23.34 4.93 86.19
N GLU D 11 24.63 4.74 85.96
CA GLU D 11 25.52 5.87 85.77
C GLU D 11 25.25 6.57 84.45
N GLU D 12 24.73 5.86 83.45
CA GLU D 12 24.38 6.52 82.19
C GLU D 12 23.14 7.37 82.36
N LYS D 13 22.15 6.89 83.10
CA LYS D 13 21.00 7.73 83.44
C LYS D 13 21.47 8.97 84.20
N LYS D 14 22.33 8.77 85.20
CA LYS D 14 22.83 9.90 85.99
C LYS D 14 23.63 10.88 85.13
N ALA D 15 24.47 10.36 84.23
CA ALA D 15 25.34 11.23 83.44
C ALA D 15 24.55 11.97 82.37
N LEU D 16 23.55 11.32 81.76
CA LEU D 16 22.70 12.03 80.82
C LEU D 16 21.90 13.12 81.52
N GLN D 17 21.37 12.81 82.71
CA GLN D 17 20.64 13.82 83.47
C GLN D 17 21.56 14.99 83.82
N ASN D 18 22.78 14.70 84.27
CA ASN D 18 23.72 15.77 84.62
C ASN D 18 24.13 16.58 83.41
N PHE D 19 24.32 15.91 82.27
CA PHE D 19 24.70 16.60 81.04
C PHE D 19 23.60 17.54 80.58
N HIS D 20 22.34 17.10 80.62
CA HIS D 20 21.24 17.97 80.23
C HIS D 20 21.06 19.11 81.23
N ARG D 21 21.24 18.83 82.53
CA ARG D 21 21.17 19.89 83.52
C ARG D 21 22.26 20.93 83.30
N CYS D 22 23.47 20.48 82.99
CA CYS D 22 24.57 21.42 82.72
C CYS D 22 24.31 22.22 81.45
N ALA D 23 23.75 21.58 80.42
CA ALA D 23 23.42 22.31 79.20
C ALA D 23 22.35 23.37 79.47
N TRP D 24 21.34 23.03 80.27
CA TRP D 24 20.32 24.02 80.59
C TRP D 24 20.90 25.16 81.42
N GLU D 25 21.77 24.84 82.38
CA GLU D 25 22.40 25.90 83.15
C GLU D 25 23.26 26.79 82.26
N GLU D 26 23.94 26.19 81.29
CA GLU D 26 24.78 26.97 80.38
C GLU D 26 23.95 27.89 79.50
N THR D 27 22.84 27.40 78.95
CA THR D 27 22.03 28.29 78.11
C THR D 27 21.35 29.36 78.95
N LYS D 28 20.94 29.03 80.18
CA LYS D 28 20.45 30.04 81.10
C LYS D 28 21.49 31.14 81.28
N ASN D 29 22.73 30.75 81.58
CA ASN D 29 23.78 31.73 81.83
C ASN D 29 24.07 32.55 80.58
N ILE D 30 24.09 31.90 79.42
CA ILE D 30 24.38 32.61 78.17
C ILE D 30 23.33 33.69 77.90
N ILE D 31 22.06 33.30 77.94
CA ILE D 31 21.00 34.24 77.58
C ILE D 31 20.86 35.30 78.67
N ASN D 32 21.02 34.93 79.94
CA ASN D 32 20.95 35.92 81.00
C ASN D 32 22.09 36.93 80.90
N ASP D 33 23.29 36.46 80.54
CA ASP D 33 24.40 37.39 80.34
C ASP D 33 24.13 38.32 79.17
N PHE D 34 23.56 37.79 78.08
CA PHE D 34 23.29 38.65 76.93
C PHE D 34 22.19 39.66 77.22
N LEU D 35 21.20 39.29 78.04
CA LEU D 35 20.07 40.17 78.31
C LEU D 35 20.37 41.19 79.39
N GLU D 36 21.09 40.81 80.43
CA GLU D 36 21.29 41.69 81.58
C GLU D 36 22.60 42.48 81.48
N ILE D 37 23.73 41.79 81.44
CA ILE D 37 25.03 42.46 81.47
C ILE D 37 25.93 41.88 80.38
N PRO D 38 25.73 42.26 79.11
CA PRO D 38 26.61 41.77 78.05
C PRO D 38 27.81 42.65 77.73
N GLU D 39 27.84 43.89 78.24
CA GLU D 39 28.85 44.85 77.80
C GLU D 39 30.26 44.41 78.18
N GLU D 40 30.42 43.75 79.32
CA GLU D 40 31.73 43.29 79.77
C GLU D 40 32.09 41.91 79.24
N ARG D 41 31.24 41.32 78.41
CA ARG D 41 31.49 40.00 77.84
C ARG D 41 31.67 40.00 76.33
N CYS D 42 31.20 41.02 75.63
CA CYS D 42 31.22 41.06 74.18
C CYS D 42 32.24 42.09 73.68
N THR D 43 32.83 41.79 72.53
CA THR D 43 33.74 42.68 71.84
C THR D 43 33.20 43.01 70.46
N TYR D 44 33.88 43.90 69.76
CA TYR D 44 33.47 44.34 68.43
C TYR D 44 34.64 44.13 67.46
N LYS D 45 34.37 43.46 66.34
CA LYS D 45 35.40 43.18 65.34
C LYS D 45 34.88 43.57 63.97
N PHE D 46 35.65 44.39 63.25
CA PHE D 46 35.24 44.91 61.96
C PHE D 46 35.72 43.95 60.87
N ASN D 47 34.81 43.14 60.34
CA ASN D 47 35.10 42.31 59.18
C ASN D 47 35.15 43.20 57.95
N SER D 48 36.35 43.40 57.41
CA SER D 48 36.54 44.28 56.26
C SER D 48 36.07 43.63 54.97
N TYR D 49 36.12 42.30 54.88
CA TYR D 49 35.65 41.61 53.67
C TYR D 49 34.17 41.85 53.45
N THR D 50 33.38 41.83 54.52
CA THR D 50 31.97 42.21 54.46
C THR D 50 31.75 43.67 54.80
N LYS D 51 32.84 44.45 54.94
CA LYS D 51 32.83 45.88 55.24
C LYS D 51 31.82 46.26 56.31
N LYS D 52 31.71 45.43 57.35
CA LYS D 52 30.83 45.74 58.47
C LYS D 52 31.44 45.16 59.74
N MET D 53 31.08 45.72 60.88
CA MET D 53 31.59 45.18 62.13
C MET D 53 30.51 44.34 62.81
N GLU D 54 30.97 43.33 63.53
CA GLU D 54 30.12 42.35 64.16
C GLU D 54 30.44 42.26 65.65
N LEU D 55 29.42 41.89 66.42
CA LEU D 55 29.57 41.71 67.86
C LEU D 55 29.98 40.27 68.14
N LEU D 56 31.15 40.10 68.74
CA LEU D 56 31.62 38.80 69.19
C LEU D 56 31.22 38.62 70.64
N PHE D 57 30.22 37.78 70.89
CA PHE D 57 29.78 37.43 72.22
C PHE D 57 30.45 36.13 72.63
N THR D 58 31.14 36.15 73.77
CA THR D 58 31.94 35.01 74.23
C THR D 58 31.34 34.51 75.53
N PRO D 59 30.41 33.55 75.48
CA PRO D 59 29.85 33.00 76.71
C PRO D 59 30.94 32.36 77.57
N GLU D 60 30.78 32.50 78.89
CA GLU D 60 31.81 32.03 79.81
C GLU D 60 31.93 30.51 79.81
N PHE D 61 30.83 29.81 79.56
CA PHE D 61 30.79 28.35 79.63
C PHE D 61 30.53 27.76 78.25
N HIS D 62 31.25 26.67 77.94
CA HIS D 62 31.14 26.04 76.63
C HIS D 62 31.12 24.51 76.72
N THR D 63 30.82 23.96 77.90
CA THR D 63 30.99 22.52 78.10
C THR D 63 29.89 21.71 77.42
N ALA D 64 28.63 22.14 77.52
CA ALA D 64 27.52 21.29 77.13
C ALA D 64 26.46 21.96 76.25
N TRP D 65 26.35 23.29 76.25
CA TRP D 65 25.22 23.92 75.58
C TRP D 65 25.27 23.70 74.06
N HIS D 66 26.47 23.68 73.48
CA HIS D 66 26.58 23.48 72.04
C HIS D 66 26.48 22.02 71.63
N GLU D 67 26.65 21.09 72.57
CA GLU D 67 26.57 19.67 72.24
C GLU D 67 25.13 19.18 72.17
N VAL D 68 24.18 19.94 72.70
CA VAL D 68 22.76 19.60 72.63
C VAL D 68 22.17 20.34 71.45
N PRO D 69 21.68 19.65 70.41
CA PRO D 69 21.13 20.37 69.25
C PRO D 69 19.96 21.26 69.62
N GLU D 70 19.11 20.84 70.54
CA GLU D 70 17.95 21.63 70.91
C GLU D 70 18.37 22.91 71.63
N CYS D 71 19.29 22.80 72.60
CA CYS D 71 19.73 23.98 73.32
C CYS D 71 20.45 24.96 72.41
N ARG D 72 21.32 24.46 71.54
CA ARG D 72 22.03 25.35 70.61
C ARG D 72 21.07 26.02 69.64
N GLU D 73 20.12 25.25 69.09
CA GLU D 73 19.14 25.83 68.18
C GLU D 73 18.31 26.90 68.87
N PHE D 74 17.88 26.64 70.11
CA PHE D 74 17.12 27.63 70.84
C PHE D 74 17.96 28.86 71.14
N ILE D 75 19.22 28.68 71.51
CA ILE D 75 20.07 29.83 71.81
C ILE D 75 20.20 30.71 70.57
N LEU D 76 20.49 30.10 69.42
CA LEU D 76 20.64 30.88 68.19
C LEU D 76 19.34 31.58 67.84
N ASN D 77 18.23 30.85 67.87
CA ASN D 77 16.95 31.43 67.46
C ASN D 77 16.51 32.54 68.40
N PHE D 78 16.69 32.35 69.71
CA PHE D 78 16.27 33.37 70.65
C PHE D 78 17.18 34.58 70.63
N LEU D 79 18.48 34.39 70.39
CA LEU D 79 19.35 35.55 70.22
C LEU D 79 18.97 36.33 68.97
N ARG D 80 18.62 35.63 67.89
CA ARG D 80 18.14 36.32 66.70
C ARG D 80 16.85 37.07 66.99
N LEU D 81 15.94 36.48 67.77
CA LEU D 81 14.69 37.13 68.09
C LEU D 81 14.90 38.39 68.92
N ILE D 82 15.65 38.26 70.03
CA ILE D 82 15.77 39.37 70.96
C ILE D 82 16.64 40.48 70.38
N SER D 83 17.70 40.13 69.64
CA SER D 83 18.58 41.16 69.09
C SER D 83 18.08 41.71 67.76
N GLY D 84 17.54 40.86 66.91
CA GLY D 84 17.10 41.27 65.59
C GLY D 84 18.16 41.21 64.52
N HIS D 85 19.42 40.99 64.89
CA HIS D 85 20.51 40.87 63.94
C HIS D 85 20.70 39.41 63.53
N ARG D 86 21.50 39.22 62.50
CA ARG D 86 21.87 37.87 62.08
C ARG D 86 22.89 37.31 63.06
N VAL D 87 22.55 36.19 63.68
CA VAL D 87 23.40 35.55 64.69
C VAL D 87 23.96 34.28 64.09
N VAL D 88 25.28 34.15 64.09
CA VAL D 88 25.92 32.92 63.64
C VAL D 88 26.89 32.44 64.71
N LEU D 89 26.79 31.17 65.07
CA LEU D 89 27.67 30.58 66.08
C LEU D 89 28.89 30.02 65.37
N LYS D 90 30.03 30.67 65.56
CA LYS D 90 31.29 30.19 65.00
C LYS D 90 32.25 29.90 66.15
N GLY D 91 32.71 28.66 66.24
CA GLY D 91 33.55 28.23 67.33
C GLY D 91 32.89 28.47 68.67
N PRO D 92 33.61 29.16 69.57
CA PRO D 92 33.03 29.54 70.86
C PRO D 92 32.36 30.91 70.89
N THR D 93 32.12 31.52 69.73
CA THR D 93 31.66 32.90 69.65
C THR D 93 30.31 32.99 68.95
N PHE D 94 29.49 33.94 69.40
CA PHE D 94 28.29 34.36 68.70
C PHE D 94 28.62 35.62 67.93
N VAL D 95 28.41 35.60 66.62
CA VAL D 95 28.67 36.75 65.77
C VAL D 95 27.33 37.39 65.43
N PHE D 96 27.16 38.63 65.91
CA PHE D 96 25.99 39.44 65.62
C PHE D 96 26.34 40.40 64.48
N THR D 97 25.70 40.22 63.34
CA THR D 97 25.89 41.09 62.19
C THR D 97 24.57 41.79 61.89
N LYS D 98 24.61 43.12 61.81
CA LYS D 98 23.40 43.88 61.54
C LYS D 98 22.84 43.54 60.16
N GLU D 99 21.52 43.37 60.09
CA GLU D 99 20.86 43.06 58.84
C GLU D 99 20.27 44.32 58.21
N MET E 1 21.17 45.27 77.40
CA MET E 1 20.91 44.48 76.21
C MET E 1 20.85 45.36 74.97
N GLU E 2 19.89 46.28 74.93
CA GLU E 2 19.76 47.17 73.77
C GLU E 2 20.86 48.21 73.73
N ALA E 3 21.48 48.52 74.87
CA ALA E 3 22.61 49.45 74.87
C ALA E 3 23.77 48.90 74.06
N VAL E 4 24.05 47.60 74.19
CA VAL E 4 25.15 47.00 73.45
C VAL E 4 24.87 47.01 71.95
N LEU E 5 23.61 46.77 71.56
CA LEU E 5 23.29 46.77 70.13
C LEU E 5 23.30 48.18 69.56
N THR E 6 22.85 49.17 70.34
CA THR E 6 22.95 50.56 69.90
C THR E 6 24.41 50.96 69.75
N LYS E 7 25.26 50.53 70.69
CA LYS E 7 26.70 50.76 70.55
C LYS E 7 27.24 50.07 69.32
N LEU E 8 26.75 48.87 69.01
CA LEU E 8 27.18 48.17 67.80
C LEU E 8 26.84 48.98 66.57
N ASP E 9 25.61 49.50 66.50
CA ASP E 9 25.20 50.27 65.32
C ASP E 9 26.02 51.55 65.19
N GLN E 10 26.16 52.29 66.29
CA GLN E 10 26.92 53.53 66.24
C GLN E 10 28.37 53.29 65.89
N GLU E 11 28.99 52.27 66.48
CA GLU E 11 30.38 51.96 66.20
C GLU E 11 30.55 51.40 64.80
N GLU E 12 29.54 50.71 64.26
CA GLU E 12 29.63 50.25 62.88
C GLU E 12 29.58 51.42 61.91
N LYS E 13 28.71 52.39 62.16
CA LYS E 13 28.70 53.60 61.34
C LYS E 13 30.05 54.31 61.43
N LYS E 14 30.55 54.49 62.65
CA LYS E 14 31.82 55.18 62.84
C LYS E 14 32.98 54.43 62.18
N ALA E 15 33.00 53.11 62.31
CA ALA E 15 34.11 52.33 61.78
C ALA E 15 34.05 52.25 60.26
N LEU E 16 32.84 52.17 59.69
CA LEU E 16 32.73 52.23 58.24
C LEU E 16 33.18 53.58 57.70
N GLN E 17 32.77 54.66 58.37
CA GLN E 17 33.21 55.99 57.96
C GLN E 17 34.73 56.11 58.04
N ASN E 18 35.32 55.65 59.14
CA ASN E 18 36.76 55.73 59.31
C ASN E 18 37.49 54.86 58.31
N PHE E 19 36.96 53.67 58.02
CA PHE E 19 37.58 52.78 57.06
C PHE E 19 37.57 53.37 55.65
N HIS E 20 36.44 53.96 55.24
CA HIS E 20 36.38 54.59 53.92
C HIS E 20 37.24 55.84 53.86
N ARG E 21 37.30 56.60 54.96
CA ARG E 21 38.19 57.77 55.00
C ARG E 21 39.65 57.34 54.88
N CYS E 22 40.03 56.28 55.57
CA CYS E 22 41.40 55.78 55.47
C CYS E 22 41.69 55.24 54.08
N ALA E 23 40.73 54.56 53.47
CA ALA E 23 40.92 54.09 52.09
C ALA E 23 41.11 55.24 51.12
N TRP E 24 40.32 56.30 51.28
CA TRP E 24 40.48 57.47 50.42
C TRP E 24 41.82 58.15 50.65
N GLU E 25 42.25 58.25 51.91
CA GLU E 25 43.54 58.84 52.19
C GLU E 25 44.66 58.00 51.59
N GLU E 26 44.51 56.68 51.64
CA GLU E 26 45.54 55.79 51.07
C GLU E 26 45.61 55.90 49.57
N THR E 27 44.46 55.92 48.87
CA THR E 27 44.52 56.07 47.42
C THR E 27 45.02 57.45 47.03
N LYS E 28 44.65 58.48 47.79
CA LYS E 28 45.19 59.81 47.57
C LYS E 28 46.71 59.80 47.66
N ASN E 29 47.24 59.20 48.73
CA ASN E 29 48.69 59.16 48.91
C ASN E 29 49.37 58.34 47.82
N ILE E 30 48.76 57.22 47.44
CA ILE E 30 49.35 56.37 46.40
C ILE E 30 49.46 57.13 45.09
N ILE E 31 48.36 57.74 44.65
CA ILE E 31 48.39 58.40 43.35
C ILE E 31 49.24 59.67 43.41
N ASN E 32 49.21 60.38 44.53
CA ASN E 32 50.07 61.56 44.67
C ASN E 32 51.54 61.18 44.63
N ASP E 33 51.91 60.07 45.28
CA ASP E 33 53.29 59.61 45.23
C ASP E 33 53.68 59.21 43.82
N PHE E 34 52.79 58.53 43.10
CA PHE E 34 53.12 58.14 41.74
C PHE E 34 53.28 59.36 40.83
N LEU E 35 52.40 60.36 40.98
CA LEU E 35 52.42 61.49 40.08
C LEU E 35 53.55 62.47 40.39
N GLU E 36 53.89 62.65 41.66
CA GLU E 36 54.84 63.68 42.07
C GLU E 36 56.25 63.12 42.32
N ILE E 37 56.38 62.20 43.27
CA ILE E 37 57.70 61.73 43.66
C ILE E 37 57.71 60.20 43.76
N PRO E 38 57.72 59.49 42.63
CA PRO E 38 57.75 58.02 42.69
C PRO E 38 59.15 57.45 42.71
N GLU E 39 60.16 58.25 42.31
CA GLU E 39 61.49 57.71 42.07
C GLU E 39 62.11 57.13 43.33
N GLU E 40 61.85 57.72 44.49
CA GLU E 40 62.39 57.20 45.74
C GLU E 40 61.54 56.08 46.33
N ARG E 41 60.44 55.71 45.67
CA ARG E 41 59.54 54.67 46.16
C ARG E 41 59.51 53.44 45.29
N CYS E 42 59.77 53.57 43.99
CA CYS E 42 59.67 52.47 43.04
C CYS E 42 61.04 51.93 42.68
N THR E 43 61.09 50.65 42.35
CA THR E 43 62.29 49.96 41.89
C THR E 43 62.03 49.35 40.51
N TYR E 44 63.07 48.75 39.94
CA TYR E 44 62.98 48.08 38.64
C TYR E 44 63.43 46.64 38.80
N LYS E 45 62.62 45.72 38.27
CA LYS E 45 62.94 44.29 38.35
C LYS E 45 62.78 43.68 36.96
N PHE E 46 63.78 42.94 36.52
CA PHE E 46 63.76 42.33 35.19
C PHE E 46 63.19 40.92 35.28
N ASN E 47 61.97 40.74 34.77
CA ASN E 47 61.37 39.41 34.68
C ASN E 47 61.96 38.71 33.46
N SER E 48 62.79 37.71 33.70
CA SER E 48 63.46 37.02 32.60
C SER E 48 62.51 36.08 31.86
N TYR E 49 61.50 35.55 32.55
CA TYR E 49 60.53 34.69 31.88
C TYR E 49 59.77 35.45 30.79
N THR E 50 59.37 36.68 31.09
CA THR E 50 58.80 37.58 30.09
C THR E 50 59.85 38.50 29.48
N LYS E 51 61.13 38.32 29.84
CA LYS E 51 62.27 39.07 29.35
C LYS E 51 62.01 40.56 29.24
N LYS E 52 61.34 41.14 30.24
CA LYS E 52 61.05 42.57 30.23
C LYS E 52 61.24 43.14 31.62
N MET E 53 61.59 44.42 31.68
CA MET E 53 61.78 45.12 32.95
C MET E 53 60.47 45.74 33.38
N GLU E 54 60.10 45.53 34.64
CA GLU E 54 58.85 46.03 35.19
C GLU E 54 59.15 46.94 36.38
N LEU E 55 58.31 47.96 36.52
CA LEU E 55 58.39 48.89 37.63
C LEU E 55 57.64 48.30 38.82
N LEU E 56 58.35 48.13 39.93
CA LEU E 56 57.78 47.67 41.19
C LEU E 56 57.50 48.90 42.03
N PHE E 57 56.24 49.29 42.11
CA PHE E 57 55.81 50.43 42.90
C PHE E 57 55.25 49.90 44.22
N THR E 58 55.84 50.34 45.34
CA THR E 58 55.47 49.86 46.66
C THR E 58 54.89 51.02 47.46
N PRO E 59 53.57 51.19 47.48
CA PRO E 59 52.97 52.27 48.27
C PRO E 59 53.27 52.09 49.75
N GLU E 60 53.41 53.21 50.45
CA GLU E 60 53.77 53.17 51.86
C GLU E 60 52.69 52.53 52.71
N PHE E 61 51.42 52.73 52.36
CA PHE E 61 50.30 52.26 53.16
C PHE E 61 49.52 51.18 52.42
N HIS E 62 49.04 50.19 53.17
CA HIS E 62 48.29 49.08 52.58
C HIS E 62 47.10 48.67 53.44
N THR E 63 46.67 49.53 54.37
CA THR E 63 45.68 49.11 55.35
C THR E 63 44.29 48.94 54.74
N ALA E 64 43.85 49.89 53.93
CA ALA E 64 42.45 49.94 53.51
C ALA E 64 42.21 50.10 52.02
N TRP E 65 43.17 50.60 51.25
CA TRP E 65 42.88 50.95 49.86
C TRP E 65 42.56 49.71 49.02
N HIS E 66 43.25 48.59 49.29
CA HIS E 66 43.00 47.39 48.50
C HIS E 66 41.77 46.62 48.97
N GLU E 67 41.27 46.88 50.18
CA GLU E 67 40.10 46.19 50.67
C GLU E 67 38.81 46.74 50.10
N VAL E 68 38.83 47.96 49.57
CA VAL E 68 37.67 48.58 48.94
C VAL E 68 37.74 48.28 47.45
N PRO E 69 36.77 47.55 46.88
CA PRO E 69 36.85 47.25 45.45
C PRO E 69 36.86 48.49 44.58
N GLU E 70 36.11 49.52 44.96
CA GLU E 70 36.04 50.74 44.16
C GLU E 70 37.37 51.49 44.17
N CYS E 71 37.97 51.65 45.35
CA CYS E 71 39.24 52.36 45.44
C CYS E 71 40.35 51.61 44.71
N ARG E 72 40.41 50.29 44.88
CA ARG E 72 41.44 49.51 44.19
C ARG E 72 41.25 49.54 42.68
N GLU E 73 40.00 49.38 42.23
CA GLU E 73 39.74 49.44 40.80
C GLU E 73 40.11 50.79 40.21
N PHE E 74 39.77 51.87 40.92
CA PHE E 74 40.14 53.20 40.45
C PHE E 74 41.65 53.39 40.44
N ILE E 75 42.34 52.90 41.47
CA ILE E 75 43.80 53.04 41.50
C ILE E 75 44.41 52.34 40.29
N LEU E 76 44.00 51.10 40.03
CA LEU E 76 44.55 50.36 38.90
C LEU E 76 44.23 51.06 37.59
N ASN E 77 42.97 51.44 37.39
CA ASN E 77 42.56 52.05 36.13
C ASN E 77 43.25 53.38 35.90
N PHE E 78 43.34 54.22 36.94
CA PHE E 78 43.97 55.53 36.78
C PHE E 78 45.48 55.40 36.61
N LEU E 79 46.12 54.43 37.26
CA LEU E 79 47.53 54.22 37.02
C LEU E 79 47.77 53.77 35.59
N ARG E 80 46.91 52.88 35.07
CA ARG E 80 47.01 52.50 33.67
C ARG E 80 46.82 53.70 32.75
N LEU E 81 45.87 54.58 33.08
CA LEU E 81 45.61 55.75 32.25
C LEU E 81 46.79 56.70 32.25
N ILE E 82 47.26 57.10 33.43
CA ILE E 82 48.29 58.12 33.52
C ILE E 82 49.64 57.59 33.04
N SER E 83 49.99 56.35 33.42
CA SER E 83 51.26 55.78 32.99
C SER E 83 51.25 55.32 31.55
N GLY E 84 50.13 54.76 31.10
CA GLY E 84 50.04 54.19 29.77
C GLY E 84 50.52 52.76 29.65
N HIS E 85 51.20 52.24 30.67
CA HIS E 85 51.68 50.87 30.65
C HIS E 85 50.57 49.92 31.10
N ARG E 86 50.95 48.67 31.35
CA ARG E 86 50.04 47.68 31.90
C ARG E 86 50.34 47.54 33.39
N VAL E 87 49.35 47.84 34.22
CA VAL E 87 49.50 47.86 35.67
C VAL E 87 48.76 46.66 36.23
N VAL E 88 49.47 45.83 36.99
CA VAL E 88 48.86 44.70 37.68
C VAL E 88 49.24 44.76 39.15
N LEU E 89 48.25 44.61 40.03
CA LEU E 89 48.48 44.67 41.46
C LEU E 89 48.66 43.26 42.00
N LYS E 90 49.85 42.97 42.52
CA LYS E 90 50.12 41.70 43.19
C LYS E 90 50.65 42.00 44.59
N GLY E 91 49.94 41.49 45.59
CA GLY E 91 50.29 41.75 46.97
C GLY E 91 50.32 43.23 47.26
N PRO E 92 51.43 43.71 47.82
CA PRO E 92 51.61 45.15 48.06
C PRO E 92 52.26 45.92 46.91
N THR E 93 52.41 45.31 45.74
CA THR E 93 53.19 45.90 44.66
C THR E 93 52.33 46.16 43.44
N PHE E 94 52.58 47.31 42.79
CA PHE E 94 52.08 47.59 41.46
C PHE E 94 53.18 47.26 40.46
N VAL E 95 52.89 46.39 39.52
CA VAL E 95 53.82 46.01 38.48
C VAL E 95 53.43 46.75 37.21
N PHE E 96 54.31 47.64 36.76
CA PHE E 96 54.15 48.38 35.51
C PHE E 96 54.99 47.69 34.46
N THR E 97 54.33 47.04 33.50
CA THR E 97 55.00 46.39 32.38
C THR E 97 54.68 47.15 31.10
N LYS E 98 55.71 47.53 30.36
CA LYS E 98 55.51 48.27 29.12
C LYS E 98 54.73 47.44 28.12
N GLU E 99 53.74 48.07 27.48
CA GLU E 99 52.94 47.40 26.48
C GLU E 99 53.45 47.68 25.07
N MET F 1 -31.67 -15.98 83.96
CA MET F 1 -31.36 -16.12 82.55
C MET F 1 -32.51 -16.71 81.75
N GLU F 2 -32.60 -18.04 81.76
CA GLU F 2 -33.58 -18.73 80.92
C GLU F 2 -35.01 -18.35 81.32
N ALA F 3 -35.25 -18.18 82.62
CA ALA F 3 -36.56 -17.70 83.05
C ALA F 3 -36.84 -16.31 82.51
N VAL F 4 -35.84 -15.43 82.56
CA VAL F 4 -36.03 -14.08 82.05
C VAL F 4 -36.23 -14.09 80.54
N LEU F 5 -35.52 -14.97 79.83
CA LEU F 5 -35.70 -15.04 78.38
C LEU F 5 -37.07 -15.61 78.01
N THR F 6 -37.54 -16.60 78.76
CA THR F 6 -38.89 -17.11 78.53
C THR F 6 -39.93 -16.04 78.81
N LYS F 7 -39.73 -15.27 79.87
CA LYS F 7 -40.64 -14.15 80.14
C LYS F 7 -40.57 -13.11 79.03
N LEU F 8 -39.38 -12.88 78.47
CA LEU F 8 -39.25 -11.98 77.34
C LEU F 8 -40.06 -12.48 76.15
N ASP F 9 -39.96 -13.77 75.85
CA ASP F 9 -40.69 -14.32 74.71
C ASP F 9 -42.19 -14.20 74.93
N GLN F 10 -42.66 -14.59 76.12
CA GLN F 10 -44.09 -14.53 76.41
C GLN F 10 -44.60 -13.08 76.38
N GLU F 11 -43.84 -12.16 76.97
CA GLU F 11 -44.25 -10.77 76.99
C GLU F 11 -44.16 -10.13 75.61
N GLU F 12 -43.22 -10.57 74.78
CA GLU F 12 -43.17 -10.09 73.40
C GLU F 12 -44.39 -10.54 72.62
N LYS F 13 -44.77 -11.80 72.77
CA LYS F 13 -45.99 -12.28 72.11
C LYS F 13 -47.20 -11.52 72.60
N LYS F 14 -47.32 -11.35 73.92
CA LYS F 14 -48.47 -10.64 74.48
C LYS F 14 -48.50 -9.19 74.04
N ALA F 15 -47.35 -8.53 74.01
CA ALA F 15 -47.30 -7.11 73.65
C ALA F 15 -47.53 -6.91 72.16
N LEU F 16 -47.03 -7.81 71.31
CA LEU F 16 -47.34 -7.72 69.89
C LEU F 16 -48.82 -7.94 69.63
N GLN F 17 -49.42 -8.93 70.30
CA GLN F 17 -50.85 -9.16 70.16
C GLN F 17 -51.65 -7.95 70.62
N ASN F 18 -51.28 -7.37 71.77
CA ASN F 18 -51.99 -6.21 72.29
C ASN F 18 -51.79 -4.99 71.39
N PHE F 19 -50.60 -4.82 70.83
CA PHE F 19 -50.32 -3.71 69.94
C PHE F 19 -51.14 -3.81 68.67
N HIS F 20 -51.22 -4.99 68.07
CA HIS F 20 -52.03 -5.15 66.87
C HIS F 20 -53.52 -5.02 67.18
N ARG F 21 -53.96 -5.52 68.33
CA ARG F 21 -55.34 -5.34 68.74
C ARG F 21 -55.69 -3.88 68.93
N CYS F 22 -54.79 -3.12 69.55
CA CYS F 22 -55.01 -1.69 69.75
C CYS F 22 -55.00 -0.94 68.42
N ALA F 23 -54.11 -1.33 67.51
CA ALA F 23 -54.09 -0.70 66.20
C ALA F 23 -55.39 -0.98 65.44
N TRP F 24 -55.90 -2.20 65.51
CA TRP F 24 -57.17 -2.51 64.87
C TRP F 24 -58.31 -1.74 65.50
N GLU F 25 -58.33 -1.64 66.84
CA GLU F 25 -59.37 -0.87 67.50
C GLU F 25 -59.29 0.60 67.08
N GLU F 26 -58.08 1.12 66.94
CA GLU F 26 -57.92 2.52 66.56
C GLU F 26 -58.37 2.78 65.13
N THR F 27 -58.01 1.91 64.18
CA THR F 27 -58.48 2.12 62.82
C THR F 27 -59.99 1.92 62.72
N LYS F 28 -60.54 0.96 63.48
CA LYS F 28 -61.97 0.79 63.55
C LYS F 28 -62.65 2.08 64.01
N ASN F 29 -62.16 2.65 65.12
CA ASN F 29 -62.76 3.86 65.65
C ASN F 29 -62.60 5.03 64.69
N ILE F 30 -61.44 5.14 64.04
CA ILE F 30 -61.20 6.24 63.11
C ILE F 30 -62.19 6.19 61.95
N ILE F 31 -62.30 5.02 61.32
CA ILE F 31 -63.16 4.92 60.14
C ILE F 31 -64.62 5.00 60.54
N ASN F 32 -65.00 4.42 61.69
CA ASN F 32 -66.38 4.54 62.16
C ASN F 32 -66.74 5.99 62.45
N ASP F 33 -65.82 6.74 63.06
CA ASP F 33 -66.08 8.15 63.31
C ASP F 33 -66.22 8.93 62.01
N PHE F 34 -65.37 8.64 61.04
CA PHE F 34 -65.48 9.34 59.76
C PHE F 34 -66.79 9.02 59.05
N LEU F 35 -67.21 7.76 59.11
CA LEU F 35 -68.41 7.35 58.38
C LEU F 35 -69.70 7.80 59.07
N GLU F 36 -69.73 7.79 60.40
CA GLU F 36 -70.98 8.05 61.13
C GLU F 36 -71.06 9.47 61.66
N ILE F 37 -70.12 9.90 62.50
CA ILE F 37 -70.23 11.20 63.15
C ILE F 37 -68.89 11.92 63.07
N PRO F 38 -68.54 12.52 61.93
CA PRO F 38 -67.30 13.29 61.83
C PRO F 38 -67.45 14.78 62.09
N GLU F 39 -68.67 15.30 62.16
CA GLU F 39 -68.85 16.75 62.28
C GLU F 39 -68.30 17.29 63.59
N GLU F 40 -68.48 16.56 64.69
CA GLU F 40 -67.98 16.99 65.98
C GLU F 40 -66.47 16.82 66.11
N ARG F 41 -65.84 16.17 65.15
CA ARG F 41 -64.42 15.83 65.22
C ARG F 41 -63.58 16.50 64.14
N CYS F 42 -64.21 17.02 63.08
CA CYS F 42 -63.50 17.59 61.94
C CYS F 42 -63.65 19.11 61.92
N THR F 43 -62.63 19.77 61.38
CA THR F 43 -62.62 21.22 61.20
C THR F 43 -62.24 21.53 59.76
N TYR F 44 -62.24 22.82 59.41
CA TYR F 44 -61.88 23.27 58.08
C TYR F 44 -60.81 24.35 58.19
N LYS F 45 -59.70 24.17 57.48
CA LYS F 45 -58.60 25.13 57.53
C LYS F 45 -58.23 25.55 56.11
N PHE F 46 -58.19 26.86 55.88
CA PHE F 46 -57.96 27.39 54.54
C PHE F 46 -56.46 27.56 54.31
N ASN F 47 -55.89 26.67 53.50
CA ASN F 47 -54.52 26.83 53.03
C ASN F 47 -54.54 27.85 51.89
N SER F 48 -53.99 29.04 52.15
CA SER F 48 -53.99 30.11 51.15
C SER F 48 -52.95 29.88 50.06
N TYR F 49 -51.86 29.17 50.38
CA TYR F 49 -50.85 28.89 49.37
C TYR F 49 -51.43 28.04 48.24
N THR F 50 -52.26 27.06 48.58
CA THR F 50 -53.00 26.28 47.59
C THR F 50 -54.37 26.88 47.31
N LYS F 51 -54.66 28.06 47.86
CA LYS F 51 -55.93 28.78 47.68
C LYS F 51 -57.13 27.85 47.75
N LYS F 52 -57.15 27.01 48.78
CA LYS F 52 -58.28 26.12 49.01
C LYS F 52 -58.29 25.74 50.48
N MET F 53 -59.45 25.37 50.99
CA MET F 53 -59.53 24.92 52.37
C MET F 53 -59.69 23.41 52.42
N GLU F 54 -59.03 22.81 53.41
CA GLU F 54 -58.95 21.38 53.58
C GLU F 54 -59.67 20.96 54.85
N LEU F 55 -60.22 19.75 54.81
CA LEU F 55 -60.88 19.16 55.96
C LEU F 55 -59.83 18.55 56.88
N LEU F 56 -59.73 19.07 58.10
CA LEU F 56 -58.81 18.55 59.11
C LEU F 56 -59.58 17.55 59.98
N PHE F 57 -59.25 16.28 59.84
CA PHE F 57 -59.84 15.22 60.65
C PHE F 57 -58.82 14.81 61.70
N THR F 58 -59.19 14.96 62.97
CA THR F 58 -58.28 14.67 64.08
C THR F 58 -58.89 13.51 64.86
N PRO F 59 -58.46 12.28 64.58
CA PRO F 59 -58.99 11.13 65.34
C PRO F 59 -58.61 11.20 66.81
N GLU F 60 -59.48 10.65 67.64
CA GLU F 60 -59.28 10.74 69.09
C GLU F 60 -58.05 9.97 69.54
N PHE F 61 -57.75 8.85 68.90
CA PHE F 61 -56.67 7.95 69.34
C PHE F 61 -55.52 7.97 68.34
N HIS F 62 -54.30 7.95 68.87
CA HIS F 62 -53.10 8.02 68.03
C HIS F 62 -52.02 7.05 68.50
N THR F 63 -52.35 6.11 69.39
CA THR F 63 -51.32 5.30 70.03
C THR F 63 -50.66 4.31 69.09
N ALA F 64 -51.45 3.59 68.29
CA ALA F 64 -50.93 2.45 67.56
C ALA F 64 -51.27 2.40 66.07
N TRP F 65 -52.30 3.10 65.61
CA TRP F 65 -52.75 2.90 64.23
C TRP F 65 -51.73 3.40 63.21
N HIS F 66 -51.00 4.47 63.53
CA HIS F 66 -50.01 4.98 62.58
C HIS F 66 -48.68 4.23 62.66
N GLU F 67 -48.45 3.47 63.73
CA GLU F 67 -47.21 2.71 63.84
C GLU F 67 -47.22 1.43 63.03
N VAL F 68 -48.38 0.96 62.61
CA VAL F 68 -48.53 -0.23 61.79
C VAL F 68 -48.64 0.22 60.33
N PRO F 69 -47.67 -0.13 59.47
CA PRO F 69 -47.76 0.34 58.07
C PRO F 69 -49.03 -0.14 57.37
N GLU F 70 -49.47 -1.36 57.65
CA GLU F 70 -50.66 -1.89 57.00
C GLU F 70 -51.91 -1.13 57.42
N CYS F 71 -52.07 -0.88 58.72
CA CYS F 71 -53.25 -0.17 59.20
C CYS F 71 -53.27 1.26 58.69
N ARG F 72 -52.12 1.94 58.72
CA ARG F 72 -52.07 3.32 58.23
C ARG F 72 -52.35 3.39 56.73
N GLU F 73 -51.76 2.46 55.96
CA GLU F 73 -51.99 2.45 54.52
C GLU F 73 -53.46 2.18 54.22
N PHE F 74 -54.08 1.24 54.94
CA PHE F 74 -55.49 0.98 54.73
C PHE F 74 -56.35 2.17 55.11
N ILE F 75 -56.01 2.85 56.22
CA ILE F 75 -56.79 4.01 56.62
C ILE F 75 -56.74 5.08 55.54
N LEU F 76 -55.54 5.38 55.04
CA LEU F 76 -55.42 6.40 54.01
C LEU F 76 -56.16 6.00 52.74
N ASN F 77 -55.95 4.75 52.29
CA ASN F 77 -56.56 4.31 51.03
C ASN F 77 -58.08 4.27 51.15
N PHE F 78 -58.60 3.77 52.26
CA PHE F 78 -60.05 3.68 52.42
C PHE F 78 -60.69 5.04 52.62
N LEU F 79 -60.01 5.96 53.30
CA LEU F 79 -60.53 7.32 53.39
C LEU F 79 -60.57 7.98 52.02
N ARG F 80 -59.54 7.76 51.20
CA ARG F 80 -59.56 8.25 49.83
C ARG F 80 -60.71 7.64 49.04
N LEU F 81 -60.95 6.33 49.22
CA LEU F 81 -62.01 5.67 48.48
C LEU F 81 -63.39 6.18 48.89
N ILE F 82 -63.66 6.20 50.20
CA ILE F 82 -65.00 6.56 50.67
C ILE F 82 -65.27 8.04 50.49
N SER F 83 -64.24 8.89 50.62
CA SER F 83 -64.44 10.32 50.48
C SER F 83 -64.30 10.80 49.04
N GLY F 84 -63.40 10.21 48.28
CA GLY F 84 -63.13 10.66 46.93
C GLY F 84 -62.17 11.83 46.84
N HIS F 85 -61.72 12.36 47.96
CA HIS F 85 -60.80 13.49 48.00
C HIS F 85 -59.38 13.00 48.27
N ARG F 86 -58.42 13.86 47.99
CA ARG F 86 -57.02 13.57 48.29
C ARG F 86 -56.80 13.64 49.79
N VAL F 87 -56.45 12.51 50.39
CA VAL F 87 -56.25 12.40 51.83
C VAL F 87 -54.77 12.26 52.10
N VAL F 88 -54.21 13.16 52.90
CA VAL F 88 -52.81 13.08 53.29
C VAL F 88 -52.72 13.15 54.81
N LEU F 89 -51.96 12.23 55.39
CA LEU F 89 -51.81 12.16 56.85
C LEU F 89 -50.58 12.96 57.24
N LYS F 90 -50.78 14.04 57.99
CA LYS F 90 -49.70 14.83 58.55
C LYS F 90 -49.85 14.84 60.06
N GLY F 91 -48.87 14.29 60.77
CA GLY F 91 -48.91 14.19 62.20
C GLY F 91 -50.14 13.43 62.66
N PRO F 92 -50.92 14.07 63.54
CA PRO F 92 -52.19 13.47 63.99
C PRO F 92 -53.41 13.84 63.17
N THR F 93 -53.24 14.45 61.99
CA THR F 93 -54.36 14.99 61.23
C THR F 93 -54.44 14.34 59.86
N PHE F 94 -55.68 14.15 59.39
CA PHE F 94 -55.96 13.80 58.00
C PHE F 94 -56.40 15.06 57.28
N VAL F 95 -55.73 15.38 56.19
CA VAL F 95 -56.06 16.54 55.37
C VAL F 95 -56.80 16.03 54.14
N PHE F 96 -58.06 16.43 54.02
CA PHE F 96 -58.89 16.12 52.87
C PHE F 96 -58.91 17.36 51.97
N THR F 97 -58.29 17.24 50.80
CA THR F 97 -58.30 18.31 49.80
C THR F 97 -59.03 17.82 48.57
N LYS F 98 -60.01 18.60 48.11
CA LYS F 98 -60.79 18.22 46.95
C LYS F 98 -59.90 18.16 45.72
N GLU F 99 -60.10 17.12 44.91
CA GLU F 99 -59.32 16.94 43.70
C GLU F 99 -60.06 17.48 42.48
N MET G 1 -69.95 12.01 57.07
CA MET G 1 -69.20 11.72 55.86
C MET G 1 -69.62 12.60 54.69
N GLU G 2 -70.59 12.11 53.91
CA GLU G 2 -71.00 12.83 52.72
C GLU G 2 -71.59 14.19 53.06
N ALA G 3 -72.32 14.28 54.17
CA ALA G 3 -72.80 15.58 54.63
C ALA G 3 -71.63 16.50 54.97
N VAL G 4 -70.64 15.97 55.69
CA VAL G 4 -69.49 16.77 56.07
C VAL G 4 -68.67 17.16 54.84
N LEU G 5 -68.56 16.25 53.87
CA LEU G 5 -67.79 16.56 52.66
C LEU G 5 -68.52 17.59 51.80
N THR G 6 -69.84 17.49 51.71
CA THR G 6 -70.61 18.51 51.00
C THR G 6 -70.48 19.87 51.68
N LYS G 7 -70.51 19.88 53.02
CA LYS G 7 -70.27 21.12 53.75
C LYS G 7 -68.88 21.65 53.49
N LEU G 8 -67.89 20.76 53.38
CA LEU G 8 -66.53 21.19 53.06
C LEU G 8 -66.46 21.82 51.68
N ASP G 9 -67.14 21.23 50.69
CA ASP G 9 -67.13 21.79 49.35
C ASP G 9 -67.82 23.15 49.32
N GLN G 10 -68.99 23.27 49.96
CA GLN G 10 -69.68 24.54 49.99
C GLN G 10 -68.87 25.59 50.72
N GLU G 11 -68.23 25.22 51.83
CA GLU G 11 -67.39 26.14 52.57
C GLU G 11 -66.16 26.54 51.77
N GLU G 12 -65.60 25.62 50.98
CA GLU G 12 -64.46 25.96 50.15
C GLU G 12 -64.85 26.98 49.09
N LYS G 13 -66.01 26.77 48.45
CA LYS G 13 -66.50 27.76 47.49
C LYS G 13 -66.69 29.12 48.15
N LYS G 14 -67.38 29.13 49.30
CA LYS G 14 -67.65 30.39 49.98
C LYS G 14 -66.38 31.07 50.43
N ALA G 15 -65.42 30.30 50.96
CA ALA G 15 -64.20 30.89 51.49
C ALA G 15 -63.28 31.36 50.38
N LEU G 16 -63.23 30.65 49.25
CA LEU G 16 -62.47 31.14 48.11
C LEU G 16 -63.07 32.43 47.57
N GLN G 17 -64.40 32.48 47.47
CA GLN G 17 -65.06 33.71 47.01
C GLN G 17 -64.77 34.86 47.96
N ASN G 18 -64.87 34.61 49.27
CA ASN G 18 -64.61 35.67 50.25
C ASN G 18 -63.14 36.09 50.24
N PHE G 19 -62.22 35.13 50.04
CA PHE G 19 -60.81 35.46 49.99
C PHE G 19 -60.48 36.32 48.79
N HIS G 20 -61.03 36.00 47.62
CA HIS G 20 -60.79 36.83 46.45
C HIS G 20 -61.46 38.19 46.57
N ARG G 21 -62.65 38.24 47.18
CA ARG G 21 -63.29 39.52 47.43
C ARG G 21 -62.46 40.39 48.36
N CYS G 22 -61.91 39.80 49.42
CA CYS G 22 -61.07 40.54 50.34
C CYS G 22 -59.78 41.00 49.67
N ALA G 23 -59.21 40.15 48.81
CA ALA G 23 -58.01 40.55 48.07
C ALA G 23 -58.30 41.73 47.15
N TRP G 24 -59.45 41.70 46.46
CA TRP G 24 -59.81 42.82 45.60
C TRP G 24 -60.05 44.08 46.41
N GLU G 25 -60.72 43.97 47.55
CA GLU G 25 -60.92 45.13 48.40
C GLU G 25 -59.59 45.69 48.89
N GLU G 26 -58.66 44.81 49.23
CA GLU G 26 -57.35 45.24 49.71
C GLU G 26 -56.57 45.96 48.63
N THR G 27 -56.54 45.41 47.40
CA THR G 27 -55.81 46.10 46.35
C THR G 27 -56.49 47.41 45.95
N LYS G 28 -57.82 47.44 45.99
CA LYS G 28 -58.53 48.69 45.78
C LYS G 28 -58.11 49.73 46.79
N ASN G 29 -58.09 49.36 48.08
CA ASN G 29 -57.71 50.30 49.12
C ASN G 29 -56.25 50.73 48.97
N ILE G 30 -55.37 49.80 48.62
CA ILE G 30 -53.95 50.12 48.49
C ILE G 30 -53.75 51.15 47.38
N ILE G 31 -54.31 50.87 46.19
CA ILE G 31 -54.06 51.76 45.07
C ILE G 31 -54.80 53.08 45.25
N ASN G 32 -56.00 53.06 45.85
CA ASN G 32 -56.69 54.32 46.13
C ASN G 32 -55.92 55.17 47.12
N ASP G 33 -55.36 54.54 48.16
CA ASP G 33 -54.55 55.29 49.12
C ASP G 33 -53.33 55.88 48.44
N PHE G 34 -52.69 55.12 47.55
CA PHE G 34 -51.53 55.66 46.85
C PHE G 34 -51.91 56.82 45.93
N LEU G 35 -53.02 56.70 45.22
CA LEU G 35 -53.37 57.71 44.23
C LEU G 35 -53.92 58.98 44.85
N GLU G 36 -54.73 58.86 45.91
CA GLU G 36 -55.41 60.03 46.47
C GLU G 36 -54.69 60.61 47.69
N ILE G 37 -54.50 59.80 48.73
CA ILE G 37 -53.97 60.33 49.99
C ILE G 37 -52.82 59.47 50.52
N PRO G 38 -51.67 59.44 49.84
CA PRO G 38 -50.54 58.64 50.35
C PRO G 38 -49.70 59.37 51.39
N GLU G 39 -49.85 60.69 51.52
CA GLU G 39 -48.92 61.46 52.34
C GLU G 39 -48.97 61.06 53.81
N GLU G 40 -50.13 60.64 54.30
CA GLU G 40 -50.26 60.22 55.69
C GLU G 40 -49.97 58.74 55.89
N ARG G 41 -49.56 58.03 54.84
CA ARG G 41 -49.33 56.60 54.91
C ARG G 41 -47.89 56.19 54.63
N CYS G 42 -47.16 56.98 53.83
CA CYS G 42 -45.81 56.62 53.41
C CYS G 42 -44.78 57.49 54.12
N THR G 43 -43.60 56.91 54.33
CA THR G 43 -42.44 57.59 54.90
C THR G 43 -41.29 57.55 53.91
N TYR G 44 -40.17 58.16 54.29
CA TYR G 44 -38.98 58.20 53.45
C TYR G 44 -37.80 57.66 54.24
N LYS G 45 -37.05 56.73 53.65
CA LYS G 45 -35.90 56.12 54.31
C LYS G 45 -34.71 56.18 53.37
N PHE G 46 -33.57 56.66 53.88
CA PHE G 46 -32.37 56.80 53.07
C PHE G 46 -31.55 55.52 53.19
N ASN G 47 -31.53 54.73 52.12
CA ASN G 47 -30.66 53.57 52.03
C ASN G 47 -29.26 54.05 51.68
N SER G 48 -28.36 53.99 52.67
CA SER G 48 -27.01 54.51 52.46
C SER G 48 -26.17 53.58 51.60
N TYR G 49 -26.45 52.28 51.63
CA TYR G 49 -25.70 51.34 50.79
C TYR G 49 -25.91 51.65 49.31
N THR G 50 -27.14 51.98 48.92
CA THR G 50 -27.44 52.48 47.60
C THR G 50 -27.43 54.00 47.54
N LYS G 51 -27.07 54.65 48.65
CA LYS G 51 -26.96 56.11 48.76
C LYS G 51 -28.10 56.84 48.07
N LYS G 52 -29.32 56.40 48.36
CA LYS G 52 -30.50 57.04 47.80
C LYS G 52 -31.67 56.90 48.76
N MET G 53 -32.56 57.88 48.74
CA MET G 53 -33.80 57.79 49.50
C MET G 53 -34.84 56.99 48.75
N GLU G 54 -35.58 56.19 49.49
CA GLU G 54 -36.67 55.39 48.96
C GLU G 54 -37.94 55.69 49.73
N LEU G 55 -39.06 55.63 49.01
CA LEU G 55 -40.37 55.86 49.60
C LEU G 55 -40.91 54.54 50.15
N LEU G 56 -41.12 54.49 51.46
CA LEU G 56 -41.67 53.31 52.12
C LEU G 56 -43.17 53.49 52.25
N PHE G 57 -43.92 52.77 51.43
CA PHE G 57 -45.39 52.81 51.44
C PHE G 57 -45.88 51.61 52.24
N THR G 58 -46.67 51.88 53.28
CA THR G 58 -47.15 50.84 54.21
C THR G 58 -48.66 50.77 54.12
N PRO G 59 -49.20 49.93 53.24
CA PRO G 59 -50.66 49.81 53.14
C PRO G 59 -51.25 49.28 54.44
N GLU G 60 -52.47 49.74 54.75
CA GLU G 60 -53.07 49.41 56.03
C GLU G 60 -53.44 47.94 56.13
N PHE G 61 -53.80 47.30 55.03
CA PHE G 61 -54.28 45.93 55.03
C PHE G 61 -53.29 45.00 54.34
N HIS G 62 -53.10 43.81 54.92
CA HIS G 62 -52.14 42.84 54.41
C HIS G 62 -52.68 41.42 54.45
N THR G 63 -53.99 41.23 54.62
CA THR G 63 -54.52 39.90 54.86
C THR G 63 -54.49 39.02 53.61
N ALA G 64 -54.86 39.56 52.45
CA ALA G 64 -55.10 38.71 51.28
C ALA G 64 -54.47 39.19 49.99
N TRP G 65 -54.12 40.47 49.85
CA TRP G 65 -53.71 40.98 48.54
C TRP G 65 -52.39 40.37 48.10
N HIS G 66 -51.47 40.12 49.03
CA HIS G 66 -50.17 39.56 48.65
C HIS G 66 -50.21 38.05 48.44
N GLU G 67 -51.26 37.38 48.93
CA GLU G 67 -51.36 35.93 48.76
C GLU G 67 -51.89 35.54 47.39
N VAL G 68 -52.47 36.47 46.65
CA VAL G 68 -52.96 36.24 45.30
C VAL G 68 -51.89 36.70 44.33
N PRO G 69 -51.29 35.81 43.54
CA PRO G 69 -50.22 36.24 42.62
C PRO G 69 -50.69 37.29 41.63
N GLU G 70 -51.93 37.19 41.14
CA GLU G 70 -52.42 38.14 40.16
C GLU G 70 -52.60 39.52 40.76
N CYS G 71 -53.20 39.60 41.95
CA CYS G 71 -53.40 40.89 42.59
C CYS G 71 -52.07 41.55 42.96
N ARG G 72 -51.13 40.77 43.49
CA ARG G 72 -49.83 41.33 43.85
C ARG G 72 -49.06 41.79 42.61
N GLU G 73 -49.08 40.98 41.54
CA GLU G 73 -48.40 41.37 40.32
C GLU G 73 -49.02 42.65 39.74
N PHE G 74 -50.34 42.74 39.75
CA PHE G 74 -50.99 43.96 39.25
C PHE G 74 -50.65 45.15 40.12
N ILE G 75 -50.62 44.97 41.44
CA ILE G 75 -50.31 46.09 42.32
C ILE G 75 -48.91 46.61 42.02
N LEU G 76 -47.94 45.71 41.93
CA LEU G 76 -46.57 46.13 41.64
C LEU G 76 -46.48 46.81 40.27
N ASN G 77 -47.08 46.20 39.25
CA ASN G 77 -46.97 46.74 37.90
C ASN G 77 -47.66 48.10 37.79
N PHE G 78 -48.84 48.25 38.40
CA PHE G 78 -49.56 49.51 38.31
C PHE G 78 -48.91 50.59 39.14
N LEU G 79 -48.33 50.25 40.29
CA LEU G 79 -47.58 51.24 41.05
C LEU G 79 -46.37 51.71 40.27
N ARG G 80 -45.68 50.79 39.59
CA ARG G 80 -44.58 51.19 38.72
C ARG G 80 -45.08 52.08 37.58
N LEU G 81 -46.23 51.76 36.99
CA LEU G 81 -46.75 52.55 35.89
C LEU G 81 -47.12 53.96 36.33
N ILE G 82 -47.93 54.07 37.38
CA ILE G 82 -48.44 55.38 37.77
C ILE G 82 -47.36 56.21 38.46
N SER G 83 -46.43 55.58 39.16
CA SER G 83 -45.38 56.34 39.84
C SER G 83 -44.19 56.60 38.94
N GLY G 84 -43.82 55.62 38.10
CA GLY G 84 -42.63 55.73 37.27
C GLY G 84 -41.35 55.31 37.95
N HIS G 85 -41.36 55.14 39.27
CA HIS G 85 -40.20 54.70 40.01
C HIS G 85 -40.12 53.18 39.99
N ARG G 86 -39.00 52.66 40.51
CA ARG G 86 -38.84 51.23 40.68
C ARG G 86 -39.51 50.81 41.98
N VAL G 87 -40.56 50.01 41.87
CA VAL G 87 -41.35 49.57 43.01
C VAL G 87 -40.99 48.13 43.32
N VAL G 88 -40.53 47.87 44.53
CA VAL G 88 -40.23 46.51 44.96
C VAL G 88 -40.96 46.24 46.26
N LEU G 89 -41.65 45.11 46.33
CA LEU G 89 -42.43 44.74 47.52
C LEU G 89 -41.54 43.89 48.44
N LYS G 90 -41.26 44.42 49.63
CA LYS G 90 -40.52 43.68 50.64
C LYS G 90 -41.36 43.63 51.91
N GLY G 91 -41.75 42.42 52.31
CA GLY G 91 -42.59 42.24 53.46
C GLY G 91 -43.90 42.99 53.32
N PRO G 92 -44.21 43.83 54.30
CA PRO G 92 -45.41 44.67 54.22
C PRO G 92 -45.19 46.04 53.59
N THR G 93 -44.07 46.28 52.94
CA THR G 93 -43.71 47.61 52.46
C THR G 93 -43.50 47.61 50.95
N PHE G 94 -43.89 48.72 50.32
CA PHE G 94 -43.51 49.02 48.95
C PHE G 94 -42.36 50.01 48.99
N VAL G 95 -41.26 49.67 48.34
CA VAL G 95 -40.09 50.52 48.26
C VAL G 95 -40.07 51.15 46.88
N PHE G 96 -40.21 52.47 46.84
CA PHE G 96 -40.14 53.25 45.61
C PHE G 96 -38.74 53.86 45.55
N THR G 97 -37.91 53.35 44.63
CA THR G 97 -36.58 53.88 44.40
C THR G 97 -36.56 54.57 43.04
N LYS G 98 -36.16 55.83 43.02
CA LYS G 98 -36.14 56.59 41.77
C LYS G 98 -35.17 55.96 40.78
N GLU G 99 -35.62 55.82 39.54
CA GLU G 99 -34.78 55.24 38.49
C GLU G 99 -34.07 56.33 37.70
N MET H 1 -50.51 61.61 44.71
CA MET H 1 -49.31 60.80 44.58
C MET H 1 -48.14 61.62 44.04
N GLU H 2 -48.41 62.41 42.98
CA GLU H 2 -47.34 63.17 42.35
C GLU H 2 -46.73 64.17 43.31
N ALA H 3 -47.51 64.72 44.24
CA ALA H 3 -46.95 65.55 45.28
C ALA H 3 -46.00 64.75 46.17
N VAL H 4 -46.40 63.53 46.54
CA VAL H 4 -45.55 62.70 47.38
C VAL H 4 -44.29 62.28 46.63
N LEU H 5 -44.41 62.00 45.32
CA LEU H 5 -43.22 61.63 44.55
C LEU H 5 -42.28 62.81 44.38
N THR H 6 -42.82 64.02 44.16
CA THR H 6 -41.98 65.20 44.10
C THR H 6 -41.28 65.45 45.42
N LYS H 7 -42.00 65.26 46.53
CA LYS H 7 -41.39 65.39 47.84
C LYS H 7 -40.30 64.33 48.04
N LEU H 8 -40.52 63.12 47.54
CA LEU H 8 -39.50 62.08 47.62
C LEU H 8 -38.26 62.47 46.85
N ASP H 9 -38.43 63.00 45.63
CA ASP H 9 -37.28 63.40 44.83
C ASP H 9 -36.51 64.54 45.51
N GLN H 10 -37.24 65.54 46.00
CA GLN H 10 -36.60 66.66 46.68
C GLN H 10 -35.88 66.20 47.95
N GLU H 11 -36.51 65.32 48.73
CA GLU H 11 -35.90 64.84 49.95
C GLU H 11 -34.70 63.96 49.66
N GLU H 12 -34.75 63.18 48.58
CA GLU H 12 -33.60 62.38 48.18
C GLU H 12 -32.42 63.27 47.80
N LYS H 13 -32.68 64.32 47.03
CA LYS H 13 -31.61 65.24 46.65
C LYS H 13 -31.02 65.92 47.89
N LYS H 14 -31.90 66.42 48.77
CA LYS H 14 -31.44 67.12 49.96
C LYS H 14 -30.66 66.18 50.89
N ALA H 15 -31.14 64.95 51.05
CA ALA H 15 -30.48 64.01 51.93
C ALA H 15 -29.16 63.51 51.35
N LEU H 16 -29.08 63.34 50.03
CA LEU H 16 -27.81 62.99 49.42
C LEU H 16 -26.80 64.11 49.61
N GLN H 17 -27.24 65.36 49.41
CA GLN H 17 -26.35 66.50 49.62
C GLN H 17 -25.89 66.56 51.08
N ASN H 18 -26.81 66.37 52.02
CA ASN H 18 -26.47 66.41 53.43
C ASN H 18 -25.55 65.26 53.83
N PHE H 19 -25.79 64.08 53.25
CA PHE H 19 -24.95 62.92 53.55
C PHE H 19 -23.53 63.13 53.05
N HIS H 20 -23.37 63.66 51.84
CA HIS H 20 -22.04 63.93 51.32
C HIS H 20 -21.36 65.04 52.11
N ARG H 21 -22.12 66.07 52.50
CA ARG H 21 -21.55 67.13 53.33
C ARG H 21 -21.08 66.59 54.67
N CYS H 22 -21.88 65.72 55.30
CA CYS H 22 -21.49 65.13 56.56
C CYS H 22 -20.28 64.23 56.40
N ALA H 23 -20.21 63.48 55.31
CA ALA H 23 -19.04 62.64 55.06
C ALA H 23 -17.79 63.48 54.89
N TRP H 24 -17.89 64.61 54.17
CA TRP H 24 -16.75 65.49 54.01
C TRP H 24 -16.34 66.10 55.34
N GLU H 25 -17.31 66.53 56.14
CA GLU H 25 -16.97 67.06 57.46
C GLU H 25 -16.30 66.01 58.32
N GLU H 26 -16.75 64.77 58.22
CA GLU H 26 -16.17 63.69 59.02
C GLU H 26 -14.75 63.38 58.59
N THR H 27 -14.47 63.32 57.28
CA THR H 27 -13.11 63.07 56.86
C THR H 27 -12.20 64.24 57.16
N LYS H 28 -12.71 65.47 57.05
CA LYS H 28 -11.96 66.64 57.48
C LYS H 28 -11.57 66.51 58.95
N ASN H 29 -12.53 66.18 59.81
CA ASN H 29 -12.24 66.09 61.24
C ASN H 29 -11.28 64.94 61.52
N ILE H 30 -11.43 63.81 60.83
CA ILE H 30 -10.55 62.66 61.05
C ILE H 30 -9.11 63.03 60.72
N ILE H 31 -8.89 63.58 59.53
CA ILE H 31 -7.52 63.87 59.12
C ILE H 31 -6.95 65.03 59.91
N ASN H 32 -7.77 66.03 60.26
CA ASN H 32 -7.29 67.12 61.10
C ASN H 32 -6.89 66.62 62.48
N ASP H 33 -7.69 65.72 63.07
CA ASP H 33 -7.33 65.16 64.36
C ASP H 33 -6.04 64.37 64.27
N PHE H 34 -5.87 63.59 63.20
CA PHE H 34 -4.63 62.83 63.06
C PHE H 34 -3.43 63.73 62.90
N LEU H 35 -3.55 64.80 62.09
CA LEU H 35 -2.40 65.64 61.80
C LEU H 35 -2.03 66.53 62.98
N GLU H 36 -3.03 67.14 63.64
CA GLU H 36 -2.74 68.14 64.66
C GLU H 36 -2.68 67.55 66.06
N ILE H 37 -3.78 66.97 66.52
CA ILE H 37 -3.86 66.53 67.92
C ILE H 37 -4.36 65.08 67.98
N PRO H 38 -3.52 64.10 67.66
CA PRO H 38 -3.96 62.70 67.73
C PRO H 38 -3.69 62.05 69.08
N GLU H 39 -2.80 62.64 69.88
CA GLU H 39 -2.29 61.97 71.06
C GLU H 39 -3.38 61.68 72.09
N GLU H 40 -4.40 62.52 72.15
CA GLU H 40 -5.50 62.31 73.09
C GLU H 40 -6.62 61.45 72.51
N ARG H 41 -6.44 60.91 71.32
CA ARG H 41 -7.48 60.14 70.64
C ARG H 41 -7.06 58.71 70.31
N CYS H 42 -5.78 58.45 70.10
CA CYS H 42 -5.30 57.14 69.69
C CYS H 42 -4.58 56.45 70.85
N THR H 43 -4.67 55.11 70.86
CA THR H 43 -4.02 54.26 71.84
C THR H 43 -3.08 53.29 71.13
N TYR H 44 -2.41 52.46 71.92
CA TYR H 44 -1.47 51.46 71.39
C TYR H 44 -1.89 50.08 71.90
N LYS H 45 -1.96 49.11 70.99
CA LYS H 45 -2.35 47.76 71.33
C LYS H 45 -1.35 46.77 70.75
N PHE H 46 -0.83 45.88 71.59
CA PHE H 46 0.20 44.93 71.17
C PHE H 46 -0.47 43.67 70.62
N ASN H 47 -0.40 43.49 69.30
CA ASN H 47 -0.79 42.25 68.68
C ASN H 47 0.36 41.26 68.84
N SER H 48 0.18 40.27 69.72
CA SER H 48 1.23 39.30 69.98
C SER H 48 1.37 38.28 68.86
N TYR H 49 0.29 38.02 68.11
CA TYR H 49 0.39 37.12 66.98
C TYR H 49 1.34 37.67 65.92
N THR H 50 1.27 38.97 65.67
CA THR H 50 2.24 39.64 64.81
C THR H 50 3.37 40.28 65.61
N LYS H 51 3.40 40.05 66.93
CA LYS H 51 4.45 40.52 67.84
C LYS H 51 4.88 41.96 67.55
N LYS H 52 3.88 42.84 67.46
CA LYS H 52 4.14 44.25 67.25
C LYS H 52 2.98 45.06 67.79
N MET H 53 3.24 46.31 68.16
CA MET H 53 2.13 47.18 68.55
C MET H 53 1.57 47.90 67.35
N GLU H 54 0.27 48.12 67.39
CA GLU H 54 -0.45 48.88 66.38
C GLU H 54 -1.12 50.08 67.04
N LEU H 55 -1.10 51.20 66.34
CA LEU H 55 -1.79 52.40 66.78
C LEU H 55 -3.27 52.24 66.46
N LEU H 56 -4.10 52.24 67.50
CA LEU H 56 -5.55 52.22 67.36
C LEU H 56 -6.03 53.66 67.38
N PHE H 57 -6.39 54.18 66.22
CA PHE H 57 -6.92 55.53 66.07
C PHE H 57 -8.44 55.43 66.00
N THR H 58 -9.12 56.11 66.92
CA THR H 58 -10.58 56.05 67.00
C THR H 58 -11.17 57.39 66.65
N PRO H 59 -11.57 57.61 65.39
CA PRO H 59 -12.20 58.89 65.03
C PRO H 59 -13.48 59.12 65.82
N GLU H 60 -13.72 60.39 66.15
CA GLU H 60 -14.86 60.71 67.01
C GLU H 60 -16.19 60.45 66.31
N PHE H 61 -16.23 60.58 64.98
CA PHE H 61 -17.46 60.44 64.23
C PHE H 61 -17.36 59.26 63.26
N HIS H 62 -18.47 58.53 63.12
CA HIS H 62 -18.51 57.35 62.26
C HIS H 62 -19.79 57.30 61.44
N THR H 63 -20.51 58.41 61.30
CA THR H 63 -21.84 58.36 60.72
C THR H 63 -21.80 58.18 59.20
N ALA H 64 -20.91 58.88 58.50
CA ALA H 64 -20.98 58.94 57.05
C ALA H 64 -19.67 58.71 56.32
N TRP H 65 -18.51 58.89 56.96
CA TRP H 65 -17.26 58.86 56.21
C TRP H 65 -16.93 57.48 55.68
N HIS H 66 -17.27 56.42 56.42
CA HIS H 66 -16.97 55.07 55.96
C HIS H 66 -17.99 54.55 54.95
N GLU H 67 -19.16 55.17 54.88
CA GLU H 67 -20.20 54.72 53.95
C GLU H 67 -19.99 55.24 52.54
N VAL H 68 -19.12 56.22 52.36
CA VAL H 68 -18.77 56.75 51.04
C VAL H 68 -17.48 56.07 50.60
N PRO H 69 -17.49 55.27 49.54
CA PRO H 69 -16.25 54.58 49.13
C PRO H 69 -15.11 55.53 48.82
N GLU H 70 -15.41 56.67 48.21
CA GLU H 70 -14.36 57.62 47.84
C GLU H 70 -13.73 58.25 49.07
N CYS H 71 -14.56 58.69 50.03
CA CYS H 71 -14.03 59.30 51.24
C CYS H 71 -13.22 58.30 52.06
N ARG H 72 -13.73 57.08 52.20
CA ARG H 72 -12.99 56.07 52.96
C ARG H 72 -11.67 55.71 52.28
N GLU H 73 -11.69 55.54 50.96
CA GLU H 73 -10.47 55.24 50.23
C GLU H 73 -9.46 56.35 50.37
N PHE H 74 -9.90 57.60 50.27
CA PHE H 74 -8.99 58.73 50.44
C PHE H 74 -8.44 58.79 51.85
N ILE H 75 -9.29 58.53 52.85
CA ILE H 75 -8.82 58.57 54.24
C ILE H 75 -7.72 57.55 54.44
N LEU H 76 -7.95 56.31 53.98
CA LEU H 76 -6.94 55.27 54.14
C LEU H 76 -5.66 55.62 53.39
N ASN H 77 -5.79 56.05 52.14
CA ASN H 77 -4.62 56.35 51.32
C ASN H 77 -3.83 57.52 51.89
N PHE H 78 -4.51 58.57 52.34
CA PHE H 78 -3.81 59.73 52.87
C PHE H 78 -3.20 59.45 54.23
N LEU H 79 -3.84 58.62 55.06
CA LEU H 79 -3.23 58.24 56.31
C LEU H 79 -1.97 57.41 56.06
N ARG H 80 -2.02 56.51 55.06
CA ARG H 80 -0.82 55.79 54.69
C ARG H 80 0.27 56.72 54.19
N LEU H 81 -0.10 57.73 53.40
CA LEU H 81 0.88 58.65 52.85
C LEU H 81 1.54 59.49 53.95
N ILE H 82 0.72 60.12 54.80
CA ILE H 82 1.27 61.06 55.77
C ILE H 82 1.91 60.33 56.94
N SER H 83 1.48 59.11 57.25
CA SER H 83 2.08 58.38 58.34
C SER H 83 3.24 57.51 57.89
N GLY H 84 3.16 56.95 56.67
CA GLY H 84 4.18 56.04 56.19
C GLY H 84 4.01 54.61 56.66
N HIS H 85 3.10 54.36 57.60
CA HIS H 85 2.86 53.03 58.12
C HIS H 85 1.81 52.31 57.26
N ARG H 86 1.48 51.09 57.67
CA ARG H 86 0.40 50.35 57.04
C ARG H 86 -0.88 50.63 57.82
N VAL H 87 -1.86 51.23 57.14
CA VAL H 87 -3.11 51.64 57.77
C VAL H 87 -4.21 50.71 57.28
N VAL H 88 -4.89 50.05 58.21
CA VAL H 88 -6.02 49.19 57.88
C VAL H 88 -7.21 49.61 58.72
N LEU H 89 -8.35 49.81 58.07
CA LEU H 89 -9.57 50.22 58.75
C LEU H 89 -10.35 48.97 59.14
N LYS H 90 -10.46 48.72 60.45
CA LYS H 90 -11.27 47.63 60.96
C LYS H 90 -12.32 48.20 61.90
N GLY H 91 -13.59 47.97 61.58
CA GLY H 91 -14.69 48.53 62.34
C GLY H 91 -14.60 50.04 62.41
N PRO H 92 -14.60 50.57 63.64
CA PRO H 92 -14.42 52.01 63.85
C PRO H 92 -12.98 52.46 64.07
N THR H 93 -12.00 51.60 63.87
CA THR H 93 -10.62 51.88 64.24
C THR H 93 -9.72 51.88 63.02
N PHE H 94 -8.72 52.76 63.04
CA PHE H 94 -7.60 52.72 62.12
C PHE H 94 -6.43 52.05 62.83
N VAL H 95 -5.91 50.98 62.24
CA VAL H 95 -4.79 50.24 62.79
C VAL H 95 -3.56 50.65 62.00
N PHE H 96 -2.63 51.31 62.69
CA PHE H 96 -1.33 51.71 62.11
C PHE H 96 -0.30 50.68 62.56
N THR H 97 0.17 49.87 61.62
CA THR H 97 1.22 48.89 61.88
C THR H 97 2.47 49.30 61.12
N LYS H 98 3.59 49.41 61.84
CA LYS H 98 4.84 49.80 61.21
C LYS H 98 5.26 48.79 60.15
N GLU H 99 5.70 49.29 59.01
CA GLU H 99 6.14 48.44 57.92
C GLU H 99 7.65 48.26 57.93
N MET I 1 1.29 64.57 64.59
CA MET I 1 1.22 63.14 64.25
C MET I 1 2.57 62.48 64.41
N GLU I 2 3.62 63.17 63.96
CA GLU I 2 4.97 62.59 63.99
C GLU I 2 5.40 62.28 65.42
N ALA I 3 4.95 63.07 66.39
CA ALA I 3 5.22 62.73 67.78
C ALA I 3 4.56 61.41 68.15
N VAL I 4 3.32 61.20 67.71
CA VAL I 4 2.61 59.97 68.02
C VAL I 4 3.27 58.78 67.34
N LEU I 5 3.72 58.96 66.09
CA LEU I 5 4.39 57.85 65.39
C LEU I 5 5.74 57.53 66.01
N THR I 6 6.49 58.55 66.41
CA THR I 6 7.76 58.31 67.10
C THR I 6 7.52 57.61 68.43
N LYS I 7 6.48 58.02 69.16
CA LYS I 7 6.13 57.32 70.39
C LYS I 7 5.74 55.87 70.12
N LEU I 8 5.02 55.63 69.02
CA LEU I 8 4.67 54.27 68.65
C LEU I 8 5.93 53.45 68.39
N ASP I 9 6.89 54.00 67.66
CA ASP I 9 8.11 53.25 67.35
C ASP I 9 8.89 52.94 68.62
N GLN I 10 9.10 53.96 69.46
CA GLN I 10 9.87 53.75 70.69
C GLN I 10 9.16 52.77 71.62
N GLU I 11 7.85 52.94 71.80
CA GLU I 11 7.10 52.06 72.67
C GLU I 11 6.99 50.66 72.09
N GLU I 12 7.03 50.51 70.77
CA GLU I 12 7.00 49.18 70.17
C GLU I 12 8.31 48.46 70.39
N LYS I 13 9.43 49.18 70.25
CA LYS I 13 10.72 48.60 70.62
C LYS I 13 10.71 48.16 72.09
N LYS I 14 10.23 49.05 72.97
CA LYS I 14 10.19 48.73 74.39
C LYS I 14 9.29 47.55 74.68
N ALA I 15 8.11 47.49 74.04
CA ALA I 15 7.15 46.45 74.32
C ALA I 15 7.60 45.10 73.75
N LEU I 16 8.23 45.10 72.57
CA LEU I 16 8.78 43.85 72.05
C LEU I 16 9.92 43.35 72.94
N GLN I 17 10.78 44.26 73.40
CA GLN I 17 11.84 43.86 74.30
C GLN I 17 11.28 43.29 75.60
N ASN I 18 10.27 43.95 76.17
CA ASN I 18 9.65 43.47 77.40
C ASN I 18 8.95 42.14 77.19
N PHE I 19 8.28 41.97 76.04
CA PHE I 19 7.59 40.72 75.74
C PHE I 19 8.58 39.56 75.62
N HIS I 20 9.70 39.77 74.94
CA HIS I 20 10.69 38.72 74.83
C HIS I 20 11.36 38.43 76.16
N ARG I 21 11.61 39.48 76.96
CA ARG I 21 12.16 39.27 78.30
C ARG I 21 11.20 38.46 79.16
N CYS I 22 9.90 38.76 79.10
CA CYS I 22 8.91 38.02 79.86
C CYS I 22 8.81 36.58 79.38
N ALA I 23 8.89 36.36 78.07
CA ALA I 23 8.88 34.99 77.55
C ALA I 23 10.08 34.21 78.02
N TRP I 24 11.26 34.84 78.03
CA TRP I 24 12.45 34.16 78.52
C TRP I 24 12.35 33.86 80.00
N GLU I 25 11.84 34.80 80.78
CA GLU I 25 11.65 34.54 82.21
C GLU I 25 10.66 33.41 82.43
N GLU I 26 9.60 33.36 81.62
CA GLU I 26 8.60 32.31 81.76
C GLU I 26 9.18 30.94 81.42
N THR I 27 9.95 30.83 80.34
CA THR I 27 10.52 29.53 80.01
C THR I 27 11.59 29.13 81.03
N LYS I 28 12.36 30.09 81.53
CA LYS I 28 13.28 29.82 82.63
C LYS I 28 12.53 29.23 83.82
N ASN I 29 11.43 29.87 84.23
CA ASN I 29 10.68 29.40 85.38
C ASN I 29 10.07 28.03 85.12
N ILE I 30 9.56 27.81 83.91
CA ILE I 30 8.93 26.52 83.58
C ILE I 30 9.95 25.40 83.69
N ILE I 31 11.09 25.55 83.03
CA ILE I 31 12.06 24.47 83.00
C ILE I 31 12.72 24.30 84.37
N ASN I 32 12.97 25.40 85.08
CA ASN I 32 13.53 25.29 86.42
C ASN I 32 12.57 24.59 87.37
N ASP I 33 11.27 24.88 87.26
CA ASP I 33 10.29 24.19 88.07
C ASP I 33 10.25 22.70 87.74
N PHE I 34 10.32 22.36 86.46
CA PHE I 34 10.29 20.95 86.08
C PHE I 34 11.54 20.21 86.53
N LEU I 35 12.70 20.88 86.52
CA LEU I 35 13.95 20.21 86.86
C LEU I 35 14.18 20.14 88.37
N GLU I 36 13.82 21.18 89.12
CA GLU I 36 14.14 21.24 90.54
C GLU I 36 13.00 20.74 91.41
N ILE I 37 11.84 21.38 91.35
CA ILE I 37 10.73 21.05 92.24
C ILE I 37 9.45 20.93 91.43
N PRO I 38 9.24 19.83 90.71
CA PRO I 38 8.00 19.65 89.95
C PRO I 38 6.89 18.93 90.71
N GLU I 39 7.18 18.30 91.84
CA GLU I 39 6.21 17.42 92.49
C GLU I 39 4.99 18.17 92.97
N GLU I 40 5.15 19.41 93.44
CA GLU I 40 4.03 20.20 93.92
C GLU I 40 3.33 20.98 92.82
N ARG I 41 3.76 20.82 91.57
CA ARG I 41 3.16 21.52 90.44
C ARG I 41 2.47 20.60 89.44
N CYS I 42 2.80 19.32 89.42
CA CYS I 42 2.27 18.39 88.44
C CYS I 42 1.28 17.42 89.09
N THR I 43 0.29 17.01 88.29
CA THR I 43 -0.68 16.01 88.69
C THR I 43 -0.62 14.82 87.73
N TYR I 44 -1.39 13.79 88.03
CA TYR I 44 -1.43 12.57 87.23
C TYR I 44 -2.86 12.28 86.83
N LYS I 45 -3.09 12.06 85.53
CA LYS I 45 -4.43 11.79 85.02
C LYS I 45 -4.39 10.57 84.12
N PHE I 46 -5.25 9.59 84.40
CA PHE I 46 -5.25 8.33 83.67
C PHE I 46 -6.19 8.45 82.48
N ASN I 47 -5.63 8.63 81.29
CA ASN I 47 -6.41 8.59 80.06
C ASN I 47 -6.79 7.14 79.78
N SER I 48 -8.06 6.81 79.94
CA SER I 48 -8.53 5.45 79.74
C SER I 48 -8.63 5.08 78.26
N TYR I 49 -8.87 6.07 77.40
CA TYR I 49 -8.95 5.78 75.97
C TYR I 49 -7.62 5.26 75.44
N THR I 50 -6.52 5.84 75.89
CA THR I 50 -5.19 5.34 75.59
C THR I 50 -4.67 4.39 76.67
N LYS I 51 -5.53 4.02 77.62
CA LYS I 51 -5.24 3.10 78.72
C LYS I 51 -3.87 3.34 79.36
N LYS I 52 -3.52 4.61 79.54
CA LYS I 52 -2.27 4.97 80.19
C LYS I 52 -2.47 6.28 80.94
N MET I 53 -1.66 6.50 81.96
CA MET I 53 -1.76 7.77 82.68
C MET I 53 -0.64 8.70 82.26
N GLU I 54 -0.94 9.99 82.29
CA GLU I 54 -0.06 11.03 81.83
C GLU I 54 0.15 12.06 82.92
N LEU I 55 1.33 12.70 82.89
CA LEU I 55 1.68 13.74 83.83
C LEU I 55 1.21 15.08 83.28
N LEU I 56 0.32 15.74 84.02
CA LEU I 56 -0.14 17.09 83.68
C LEU I 56 0.73 18.08 84.45
N PHE I 57 1.62 18.75 83.73
CA PHE I 57 2.46 19.79 84.31
C PHE I 57 1.81 21.14 84.02
N THR I 58 1.57 21.92 85.06
CA THR I 58 0.85 23.19 84.96
C THR I 58 1.79 24.31 85.35
N PRO I 59 2.51 24.89 84.38
CA PRO I 59 3.39 26.02 84.72
C PRO I 59 2.61 27.19 85.29
N GLU I 60 3.22 27.87 86.26
CA GLU I 60 2.53 28.94 86.97
C GLU I 60 2.23 30.13 86.06
N PHE I 61 3.07 30.38 85.06
CA PHE I 61 2.95 31.54 84.20
C PHE I 61 2.64 31.11 82.77
N HIS I 62 1.73 31.85 82.12
CA HIS I 62 1.29 31.52 80.77
C HIS I 62 1.16 32.75 79.88
N THR I 63 1.75 33.88 80.28
CA THR I 63 1.48 35.13 79.58
C THR I 63 2.15 35.17 78.21
N ALA I 64 3.41 34.77 78.11
CA ALA I 64 4.20 35.05 76.92
C ALA I 64 4.97 33.85 76.35
N TRP I 65 5.24 32.81 77.13
CA TRP I 65 6.14 31.76 76.65
C TRP I 65 5.53 30.99 75.48
N HIS I 66 4.21 30.79 75.48
CA HIS I 66 3.59 30.06 74.39
C HIS I 66 3.34 30.92 73.16
N GLU I 67 3.39 32.24 73.30
CA GLU I 67 3.17 33.12 72.15
C GLU I 67 4.41 33.28 71.29
N VAL I 68 5.58 32.89 71.80
CA VAL I 68 6.82 32.93 71.04
C VAL I 68 7.06 31.55 70.46
N PRO I 69 7.05 31.38 69.14
CA PRO I 69 7.26 30.03 68.58
C PRO I 69 8.58 29.41 68.98
N GLU I 70 9.64 30.20 69.07
CA GLU I 70 10.95 29.67 69.42
C GLU I 70 10.98 29.18 70.86
N CYS I 71 10.45 29.98 71.79
CA CYS I 71 10.45 29.58 73.19
C CYS I 71 9.58 28.35 73.41
N ARG I 72 8.40 28.30 72.80
CA ARG I 72 7.53 27.14 72.95
C ARG I 72 8.17 25.89 72.35
N GLU I 73 8.76 26.02 71.16
CA GLU I 73 9.42 24.88 70.53
C GLU I 73 10.57 24.37 71.39
N PHE I 74 11.37 25.30 71.94
CA PHE I 74 12.47 24.88 72.81
C PHE I 74 11.95 24.23 74.07
N ILE I 75 10.89 24.76 74.66
CA ILE I 75 10.35 24.16 75.88
C ILE I 75 9.91 22.73 75.61
N LEU I 76 9.15 22.53 74.52
CA LEU I 76 8.69 21.18 74.20
C LEU I 76 9.86 20.25 73.93
N ASN I 77 10.81 20.69 73.11
CA ASN I 77 11.93 19.82 72.73
C ASN I 77 12.81 19.50 73.94
N PHE I 78 13.08 20.48 74.79
CA PHE I 78 13.92 20.22 75.95
C PHE I 78 13.23 19.39 77.00
N LEU I 79 11.91 19.55 77.17
CA LEU I 79 11.19 18.66 78.08
C LEU I 79 11.21 17.23 77.55
N ARG I 80 11.06 17.06 76.24
CA ARG I 80 11.18 15.73 75.66
C ARG I 80 12.58 15.16 75.88
N LEU I 81 13.61 15.99 75.74
CA LEU I 81 14.98 15.53 75.93
C LEU I 81 15.23 15.10 77.36
N ILE I 82 14.91 15.98 78.32
CA ILE I 82 15.27 15.71 79.72
C ILE I 82 14.39 14.61 80.30
N SER I 83 13.11 14.55 79.93
CA SER I 83 12.23 13.54 80.50
C SER I 83 12.31 12.22 79.74
N GLY I 84 12.40 12.28 78.42
CA GLY I 84 12.41 11.09 77.60
C GLY I 84 11.04 10.60 77.18
N HIS I 85 9.97 11.17 77.74
CA HIS I 85 8.60 10.81 77.38
C HIS I 85 8.10 11.70 76.26
N ARG I 86 6.95 11.32 75.70
CA ARG I 86 6.28 12.14 74.71
C ARG I 86 5.62 13.32 75.41
N VAL I 87 6.02 14.53 75.01
CA VAL I 87 5.51 15.75 75.63
C VAL I 87 4.62 16.44 74.60
N VAL I 88 3.38 16.72 74.99
CA VAL I 88 2.46 17.46 74.14
C VAL I 88 1.88 18.62 74.93
N LEU I 89 1.94 19.82 74.36
CA LEU I 89 1.39 21.01 75.01
C LEU I 89 -0.07 21.16 74.59
N LYS I 90 -0.98 20.93 75.52
CA LYS I 90 -2.40 21.11 75.27
C LYS I 90 -2.92 22.17 76.23
N GLY I 91 -3.46 23.25 75.67
CA GLY I 91 -3.92 24.37 76.47
C GLY I 91 -2.82 24.93 77.34
N PRO I 92 -3.09 25.03 78.64
CA PRO I 92 -2.05 25.46 79.59
C PRO I 92 -1.24 24.34 80.22
N THR I 93 -1.35 23.10 79.72
CA THR I 93 -0.77 21.93 80.35
C THR I 93 0.25 21.27 79.44
N PHE I 94 1.27 20.70 80.07
CA PHE I 94 2.20 19.78 79.40
C PHE I 94 1.78 18.36 79.77
N VAL I 95 1.52 17.55 78.76
CA VAL I 95 1.13 16.16 78.96
C VAL I 95 2.33 15.29 78.66
N PHE I 96 2.83 14.61 79.70
CA PHE I 96 3.92 13.65 79.59
C PHE I 96 3.32 12.26 79.51
N THR I 97 3.47 11.60 78.37
CA THR I 97 3.01 10.24 78.17
C THR I 97 4.21 9.35 77.93
N LYS I 98 4.31 8.27 78.72
CA LYS I 98 5.44 7.37 78.58
C LYS I 98 5.44 6.70 77.21
N GLU I 99 6.62 6.62 76.61
CA GLU I 99 6.75 5.98 75.30
C GLU I 99 7.25 4.55 75.44
N MET J 1 13.28 15.86 89.79
CA MET J 1 13.00 15.69 88.37
C MET J 1 12.73 14.23 88.02
N GLU J 2 13.72 13.37 88.24
CA GLU J 2 13.55 11.95 87.94
C GLU J 2 12.64 11.26 88.94
N ALA J 3 12.50 11.81 90.15
CA ALA J 3 11.58 11.24 91.12
C ALA J 3 10.14 11.30 90.61
N VAL J 4 9.76 12.42 90.00
CA VAL J 4 8.41 12.56 89.49
C VAL J 4 8.15 11.59 88.35
N LEU J 5 9.13 11.38 87.47
CA LEU J 5 8.94 10.45 86.37
C LEU J 5 8.92 9.00 86.85
N THR J 6 9.73 8.68 87.85
CA THR J 6 9.66 7.34 88.45
C THR J 6 8.31 7.11 89.11
N LYS J 7 7.79 8.14 89.78
CA LYS J 7 6.44 8.06 90.34
C LYS J 7 5.41 7.89 89.23
N LEU J 8 5.60 8.57 88.10
CA LEU J 8 4.69 8.41 86.97
C LEU J 8 4.68 6.96 86.49
N ASP J 9 5.86 6.37 86.33
CA ASP J 9 5.94 5.00 85.84
C ASP J 9 5.30 4.02 86.83
N GLN J 10 5.64 4.16 88.12
CA GLN J 10 5.09 3.27 89.12
C GLN J 10 3.58 3.42 89.23
N GLU J 11 3.08 4.66 89.23
CA GLU J 11 1.66 4.89 89.32
C GLU J 11 0.93 4.48 88.05
N GLU J 12 1.59 4.54 86.90
CA GLU J 12 0.97 4.06 85.67
C GLU J 12 0.82 2.55 85.70
N LYS J 13 1.85 1.84 86.16
CA LYS J 13 1.73 0.39 86.35
C LYS J 13 0.60 0.07 87.33
N LYS J 14 0.58 0.76 88.47
CA LYS J 14 -0.44 0.50 89.48
C LYS J 14 -1.84 0.81 88.95
N ALA J 15 -2.00 1.93 88.23
CA ALA J 15 -3.31 2.33 87.76
C ALA J 15 -3.80 1.44 86.62
N LEU J 16 -2.89 1.00 85.75
CA LEU J 16 -3.28 0.04 84.72
C LEU J 16 -3.71 -1.29 85.35
N GLN J 17 -2.95 -1.76 86.34
CA GLN J 17 -3.33 -2.99 87.03
C GLN J 17 -4.68 -2.85 87.70
N ASN J 18 -4.90 -1.73 88.39
CA ASN J 18 -6.17 -1.51 89.07
C ASN J 18 -7.33 -1.37 88.08
N PHE J 19 -7.08 -0.69 86.96
CA PHE J 19 -8.12 -0.52 85.94
C PHE J 19 -8.51 -1.85 85.33
N HIS J 20 -7.54 -2.71 85.02
CA HIS J 20 -7.87 -4.01 84.46
C HIS J 20 -8.53 -4.91 85.49
N ARG J 21 -8.10 -4.82 86.76
CA ARG J 21 -8.76 -5.57 87.82
C ARG J 21 -10.21 -5.13 87.98
N CYS J 22 -10.46 -3.82 87.93
CA CYS J 22 -11.83 -3.32 88.04
C CYS J 22 -12.66 -3.73 86.84
N ALA J 23 -12.07 -3.72 85.65
CA ALA J 23 -12.80 -4.16 84.46
C ALA J 23 -13.16 -5.65 84.56
N TRP J 24 -12.23 -6.47 85.05
CA TRP J 24 -12.53 -7.88 85.24
C TRP J 24 -13.61 -8.08 86.28
N GLU J 25 -13.55 -7.34 87.39
CA GLU J 25 -14.59 -7.44 88.40
C GLU J 25 -15.94 -7.03 87.84
N GLU J 26 -15.96 -5.99 87.00
CA GLU J 26 -17.21 -5.53 86.42
C GLU J 26 -17.79 -6.54 85.45
N THR J 27 -16.98 -7.14 84.58
CA THR J 27 -17.52 -8.14 83.67
C THR J 27 -17.95 -9.39 84.43
N LYS J 28 -17.20 -9.76 85.48
CA LYS J 28 -17.61 -10.85 86.34
C LYS J 28 -18.98 -10.59 86.93
N ASN J 29 -19.19 -9.41 87.49
CA ASN J 29 -20.47 -9.09 88.10
C ASN J 29 -21.58 -9.02 87.07
N ILE J 30 -21.29 -8.48 85.88
CA ILE J 30 -22.32 -8.39 84.85
C ILE J 30 -22.79 -9.78 84.43
N ILE J 31 -21.84 -10.66 84.11
CA ILE J 31 -22.23 -11.98 83.63
C ILE J 31 -22.85 -12.81 84.75
N ASN J 32 -22.34 -12.67 85.97
CA ASN J 32 -22.93 -13.39 87.10
C ASN J 32 -24.36 -12.93 87.35
N ASP J 33 -24.61 -11.61 87.25
CA ASP J 33 -25.98 -11.11 87.41
C ASP J 33 -26.88 -11.64 86.31
N PHE J 34 -26.39 -11.67 85.07
CA PHE J 34 -27.23 -12.18 83.99
C PHE J 34 -27.53 -13.65 84.17
N LEU J 35 -26.54 -14.44 84.59
CA LEU J 35 -26.73 -15.89 84.67
C LEU J 35 -27.54 -16.30 85.89
N GLU J 36 -27.39 -15.60 87.01
CA GLU J 36 -28.01 -16.03 88.27
C GLU J 36 -29.29 -15.26 88.59
N ILE J 37 -29.19 -13.94 88.73
CA ILE J 37 -30.34 -13.16 89.17
C ILE J 37 -30.51 -11.92 88.30
N PRO J 38 -31.01 -12.07 87.07
CA PRO J 38 -31.20 -10.89 86.21
C PRO J 38 -32.58 -10.26 86.35
N GLU J 39 -33.54 -11.00 86.92
CA GLU J 39 -34.93 -10.57 86.88
C GLU J 39 -35.15 -9.26 87.63
N GLU J 40 -34.42 -9.03 88.72
CA GLU J 40 -34.54 -7.78 89.46
C GLU J 40 -33.70 -6.66 88.89
N ARG J 41 -32.96 -6.91 87.81
CA ARG J 41 -32.10 -5.93 87.20
C ARG J 41 -32.52 -5.52 85.79
N CYS J 42 -33.19 -6.40 85.06
CA CYS J 42 -33.56 -6.14 83.67
C CYS J 42 -35.04 -5.78 83.56
N THR J 43 -35.36 -4.99 82.55
CA THR J 43 -36.73 -4.60 82.23
C THR J 43 -37.05 -5.01 80.79
N TYR J 44 -38.29 -4.76 80.38
CA TYR J 44 -38.75 -5.07 79.04
C TYR J 44 -39.29 -3.81 78.39
N LYS J 45 -38.84 -3.51 77.17
CA LYS J 45 -39.30 -2.34 76.45
C LYS J 45 -39.71 -2.75 75.04
N PHE J 46 -40.90 -2.31 74.62
CA PHE J 46 -41.42 -2.67 73.31
C PHE J 46 -41.02 -1.59 72.30
N ASN J 47 -40.11 -1.93 71.39
CA ASN J 47 -39.76 -1.04 70.29
C ASN J 47 -40.82 -1.18 69.20
N SER J 48 -41.64 -0.14 69.04
CA SER J 48 -42.73 -0.20 68.07
C SER J 48 -42.23 -0.07 66.65
N TYR J 49 -41.11 0.64 66.44
CA TYR J 49 -40.57 0.76 65.09
C TYR J 49 -40.15 -0.60 64.54
N THR J 50 -39.51 -1.41 65.37
CA THR J 50 -39.22 -2.80 65.03
C THR J 50 -40.28 -3.76 65.55
N LYS J 51 -41.36 -3.23 66.14
CA LYS J 51 -42.50 -3.96 66.67
C LYS J 51 -42.10 -5.23 67.42
N LYS J 52 -41.06 -5.14 68.25
CA LYS J 52 -40.61 -6.28 69.03
C LYS J 52 -40.23 -5.83 70.42
N MET J 53 -40.36 -6.75 71.38
CA MET J 53 -40.01 -6.47 72.77
C MET J 53 -38.56 -6.85 73.00
N GLU J 54 -37.81 -5.96 73.62
CA GLU J 54 -36.39 -6.16 73.88
C GLU J 54 -36.13 -6.09 75.38
N LEU J 55 -35.18 -6.89 75.82
CA LEU J 55 -34.74 -6.90 77.21
C LEU J 55 -33.71 -5.81 77.41
N LEU J 56 -34.00 -4.90 78.33
CA LEU J 56 -33.08 -3.83 78.72
C LEU J 56 -32.37 -4.30 79.98
N PHE J 57 -31.12 -4.71 79.84
CA PHE J 57 -30.30 -5.15 80.96
C PHE J 57 -29.39 -3.99 81.36
N THR J 58 -29.48 -3.57 82.62
CA THR J 58 -28.74 -2.42 83.12
C THR J 58 -27.78 -2.89 84.20
N PRO J 59 -26.53 -3.19 83.86
CA PRO J 59 -25.56 -3.60 84.87
C PRO J 59 -25.34 -2.50 85.90
N GLU J 60 -25.07 -2.92 87.13
CA GLU J 60 -24.92 -1.95 88.22
C GLU J 60 -23.70 -1.07 88.04
N PHE J 61 -22.62 -1.61 87.47
CA PHE J 61 -21.36 -0.89 87.35
C PHE J 61 -21.04 -0.63 85.89
N HIS J 62 -20.47 0.56 85.63
CA HIS J 62 -20.11 0.95 84.26
C HIS J 62 -18.75 1.64 84.20
N THR J 63 -17.92 1.50 85.22
CA THR J 63 -16.71 2.31 85.31
C THR J 63 -15.66 1.89 84.29
N ALA J 64 -15.41 0.59 84.15
CA ALA J 64 -14.25 0.12 83.40
C ALA J 64 -14.53 -0.97 82.37
N TRP J 65 -15.63 -1.71 82.48
CA TRP J 65 -15.80 -2.88 81.62
C TRP J 65 -15.96 -2.49 80.15
N HIS J 66 -16.64 -1.37 79.89
CA HIS J 66 -16.85 -0.95 78.50
C HIS J 66 -15.64 -0.23 77.92
N GLU J 67 -14.73 0.26 78.75
CA GLU J 67 -13.54 0.96 78.26
C GLU J 67 -12.47 0.00 77.76
N VAL J 68 -12.53 -1.27 78.14
CA VAL J 68 -11.60 -2.29 77.69
C VAL J 68 -12.21 -2.98 76.47
N PRO J 69 -11.62 -2.88 75.28
CA PRO J 69 -12.22 -3.53 74.11
C PRO J 69 -12.39 -5.03 74.28
N GLU J 70 -11.43 -5.69 74.92
CA GLU J 70 -11.49 -7.13 75.09
C GLU J 70 -12.61 -7.53 76.03
N CYS J 71 -12.73 -6.85 77.17
CA CYS J 71 -13.79 -7.19 78.12
C CYS J 71 -15.17 -6.91 77.53
N ARG J 72 -15.34 -5.77 76.86
CA ARG J 72 -16.63 -5.46 76.25
C ARG J 72 -16.98 -6.45 75.14
N GLU J 73 -16.01 -6.79 74.30
CA GLU J 73 -16.25 -7.75 73.23
C GLU J 73 -16.63 -9.11 73.80
N PHE J 74 -15.92 -9.55 74.84
CA PHE J 74 -16.26 -10.83 75.47
C PHE J 74 -17.64 -10.78 76.10
N ILE J 75 -17.99 -9.67 76.77
CA ILE J 75 -19.31 -9.57 77.38
C ILE J 75 -20.39 -9.71 76.32
N LEU J 76 -20.26 -8.97 75.22
CA LEU J 76 -21.26 -9.03 74.17
C LEU J 76 -21.34 -10.42 73.56
N ASN J 77 -20.19 -11.00 73.23
CA ASN J 77 -20.17 -12.31 72.57
C ASN J 77 -20.71 -13.40 73.48
N PHE J 78 -20.34 -13.37 74.77
CA PHE J 78 -20.80 -14.40 75.68
C PHE J 78 -22.28 -14.23 76.02
N LEU J 79 -22.77 -13.00 76.09
CA LEU J 79 -24.19 -12.79 76.29
C LEU J 79 -24.98 -13.30 75.09
N ARG J 80 -24.47 -13.06 73.87
CA ARG J 80 -25.10 -13.62 72.69
C ARG J 80 -25.09 -15.15 72.73
N LEU J 81 -23.97 -15.73 73.17
CA LEU J 81 -23.88 -17.19 73.23
C LEU J 81 -24.86 -17.78 74.24
N ILE J 82 -24.82 -17.28 75.48
CA ILE J 82 -25.62 -17.88 76.54
C ILE J 82 -27.11 -17.60 76.34
N SER J 83 -27.46 -16.37 75.95
CA SER J 83 -28.86 -16.03 75.75
C SER J 83 -29.41 -16.58 74.43
N GLY J 84 -28.61 -16.55 73.38
CA GLY J 84 -29.05 -16.96 72.06
C GLY J 84 -29.72 -15.87 71.27
N HIS J 85 -30.08 -14.75 71.89
CA HIS J 85 -30.70 -13.64 71.19
C HIS J 85 -29.64 -12.76 70.53
N ARG J 86 -30.06 -11.59 70.07
CA ARG J 86 -29.16 -10.60 69.52
C ARG J 86 -28.93 -9.53 70.57
N VAL J 87 -27.68 -9.37 71.00
CA VAL J 87 -27.31 -8.47 72.08
C VAL J 87 -26.57 -7.29 71.47
N VAL J 88 -27.08 -6.09 71.73
CA VAL J 88 -26.42 -4.86 71.30
C VAL J 88 -26.25 -3.94 72.50
N LEU J 89 -25.05 -3.41 72.68
CA LEU J 89 -24.74 -2.53 73.80
C LEU J 89 -24.91 -1.08 73.36
N LYS J 90 -25.86 -0.38 73.96
CA LYS J 90 -26.04 1.04 73.74
C LYS J 90 -26.00 1.75 75.09
N GLY J 91 -25.05 2.68 75.23
CA GLY J 91 -24.86 3.38 76.48
C GLY J 91 -24.60 2.41 77.62
N PRO J 92 -25.37 2.53 78.69
CA PRO J 92 -25.27 1.60 79.81
C PRO J 92 -26.18 0.39 79.71
N THR J 93 -26.80 0.13 78.57
CA THR J 93 -27.83 -0.89 78.45
C THR J 93 -27.43 -1.97 77.45
N PHE J 94 -27.74 -3.21 77.80
CA PHE J 94 -27.71 -4.33 76.87
C PHE J 94 -29.12 -4.55 76.35
N VAL J 95 -29.29 -4.50 75.04
CA VAL J 95 -30.57 -4.74 74.41
C VAL J 95 -30.56 -6.15 73.84
N PHE J 96 -31.42 -7.00 74.39
CA PHE J 96 -31.61 -8.36 73.92
C PHE J 96 -32.85 -8.38 73.04
N THR J 97 -32.65 -8.57 71.74
CA THR J 97 -33.75 -8.67 70.78
C THR J 97 -33.80 -10.09 70.24
N LYS J 98 -34.98 -10.71 70.32
CA LYS J 98 -35.12 -12.08 69.85
C LYS J 98 -34.86 -12.17 68.36
N GLU J 99 -34.09 -13.18 67.96
CA GLU J 99 -33.78 -13.39 66.55
C GLU J 99 -34.72 -14.42 65.93
N MET K 1 58.27 70.65 8.48
CA MET K 1 57.34 69.54 8.33
C MET K 1 57.47 68.57 9.50
N GLU K 2 58.64 67.94 9.62
CA GLU K 2 58.84 66.97 10.70
C GLU K 2 58.96 67.64 12.05
N ALA K 3 59.41 68.91 12.06
CA ALA K 3 59.43 69.66 13.31
C ALA K 3 58.03 69.86 13.86
N VAL K 4 57.06 70.15 12.98
CA VAL K 4 55.69 70.36 13.42
C VAL K 4 55.10 69.06 13.97
N LEU K 5 55.40 67.93 13.32
CA LEU K 5 54.89 66.65 13.82
C LEU K 5 55.53 66.26 15.14
N THR K 6 56.84 66.52 15.29
CA THR K 6 57.49 66.28 16.57
C THR K 6 56.90 67.16 17.66
N LYS K 7 56.62 68.42 17.34
CA LYS K 7 55.96 69.30 18.31
C LYS K 7 54.56 68.81 18.64
N LEU K 8 53.86 68.25 17.64
CA LEU K 8 52.55 67.67 17.90
C LEU K 8 52.66 66.51 18.89
N ASP K 9 53.64 65.63 18.69
CA ASP K 9 53.81 64.49 19.59
C ASP K 9 54.14 64.97 21.01
N GLN K 10 55.10 65.89 21.11
CA GLN K 10 55.49 66.39 22.43
C GLN K 10 54.35 67.10 23.12
N GLU K 11 53.60 67.93 22.40
CA GLU K 11 52.49 68.66 22.99
C GLU K 11 51.33 67.74 23.30
N GLU K 12 51.14 66.67 22.53
CA GLU K 12 50.11 65.69 22.86
C GLU K 12 50.46 64.97 24.16
N LYS K 13 51.71 64.56 24.31
CA LYS K 13 52.13 63.94 25.57
C LYS K 13 51.95 64.91 26.74
N LYS K 14 52.40 66.15 26.57
CA LYS K 14 52.29 67.14 27.64
C LYS K 14 50.83 67.42 27.98
N ALA K 15 49.98 67.56 26.95
CA ALA K 15 48.58 67.91 27.20
C ALA K 15 47.82 66.73 27.80
N LEU K 16 48.11 65.51 27.38
CA LEU K 16 47.48 64.35 28.01
C LEU K 16 47.91 64.23 29.47
N GLN K 17 49.20 64.42 29.75
CA GLN K 17 49.67 64.38 31.12
C GLN K 17 49.01 65.46 31.97
N ASN K 18 48.94 66.68 31.44
CA ASN K 18 48.31 67.78 32.17
C ASN K 18 46.83 67.56 32.35
N PHE K 19 46.16 66.99 31.36
CA PHE K 19 44.73 66.71 31.46
C PHE K 19 44.44 65.67 32.53
N HIS K 20 45.24 64.60 32.57
CA HIS K 20 45.05 63.59 33.61
C HIS K 20 45.41 64.14 34.98
N ARG K 21 46.45 64.97 35.06
CA ARG K 21 46.79 65.60 36.33
C ARG K 21 45.67 66.50 36.83
N CYS K 22 45.07 67.29 35.92
CA CYS K 22 43.96 68.16 36.29
C CYS K 22 42.74 67.34 36.69
N ALA K 23 42.48 66.24 36.00
CA ALA K 23 41.36 65.38 36.38
C ALA K 23 41.57 64.79 37.76
N TRP K 24 42.79 64.35 38.07
CA TRP K 24 43.08 63.83 39.39
C TRP K 24 42.94 64.91 40.45
N GLU K 25 43.43 66.12 40.16
CA GLU K 25 43.27 67.21 41.12
C GLU K 25 41.80 67.52 41.35
N GLU K 26 41.00 67.47 40.29
CA GLU K 26 39.58 67.77 40.42
C GLU K 26 38.85 66.71 41.23
N THR K 27 39.12 65.42 40.98
CA THR K 27 38.46 64.40 41.78
C THR K 27 38.95 64.44 43.23
N LYS K 28 40.23 64.73 43.44
CA LYS K 28 40.73 64.92 44.79
C LYS K 28 39.97 66.03 45.50
N ASN K 29 39.83 67.19 44.85
CA ASN K 29 39.13 68.31 45.47
C ASN K 29 37.66 67.98 45.71
N ILE K 30 37.02 67.30 44.76
CA ILE K 30 35.60 66.96 44.90
C ILE K 30 35.39 66.07 46.12
N ILE K 31 36.16 64.98 46.21
CA ILE K 31 35.95 64.04 47.30
C ILE K 31 36.38 64.64 48.63
N ASN K 32 37.46 65.43 48.64
CA ASN K 32 37.87 66.09 49.86
C ASN K 32 36.81 67.08 50.35
N ASP K 33 36.21 67.83 49.43
CA ASP K 33 35.14 68.75 49.81
C ASP K 33 33.95 67.99 50.36
N PHE K 34 33.58 66.88 49.73
CA PHE K 34 32.44 66.10 50.23
C PHE K 34 32.73 65.53 51.62
N LEU K 35 33.96 65.06 51.84
CA LEU K 35 34.28 64.40 53.10
C LEU K 35 34.47 65.40 54.23
N GLU K 36 35.05 66.56 53.96
CA GLU K 36 35.43 67.50 55.01
C GLU K 36 34.42 68.64 55.18
N ILE K 37 34.20 69.42 54.14
CA ILE K 37 33.37 70.62 54.26
C ILE K 37 32.39 70.69 53.10
N PRO K 38 31.30 69.91 53.11
CA PRO K 38 30.31 70.01 52.03
C PRO K 38 29.15 70.94 52.31
N GLU K 39 28.99 71.44 53.54
CA GLU K 39 27.82 72.22 53.88
C GLU K 39 27.78 73.54 53.11
N GLU K 40 28.93 74.20 52.95
CA GLU K 40 29.00 75.45 52.22
C GLU K 40 28.85 75.26 50.71
N ARG K 41 28.87 74.02 50.23
CA ARG K 41 28.88 73.73 48.82
C ARG K 41 27.64 72.95 48.36
N CYS K 42 26.86 72.42 49.28
CA CYS K 42 25.72 71.57 48.95
C CYS K 42 24.41 72.27 49.31
N THR K 43 23.36 71.97 48.56
CA THR K 43 22.01 72.48 48.79
C THR K 43 21.04 71.30 48.82
N TYR K 44 19.77 71.61 49.06
CA TYR K 44 18.71 70.59 49.09
C TYR K 44 17.58 71.05 48.19
N LYS K 45 17.17 70.17 47.27
CA LYS K 45 16.11 70.49 46.32
C LYS K 45 15.05 69.40 46.36
N PHE K 46 13.79 69.80 46.56
CA PHE K 46 12.69 68.85 46.73
C PHE K 46 12.11 68.51 45.36
N ASN K 47 12.41 67.30 44.87
CA ASN K 47 11.76 66.76 43.70
C ASN K 47 10.38 66.24 44.11
N SER K 48 9.33 66.94 43.70
CA SER K 48 7.97 66.57 44.08
C SER K 48 7.46 65.36 43.30
N TYR K 49 7.96 65.15 42.08
CA TYR K 49 7.55 63.99 41.30
C TYR K 49 7.94 62.69 42.01
N THR K 50 9.13 62.65 42.59
CA THR K 50 9.56 61.54 43.42
C THR K 50 9.24 61.76 44.89
N LYS K 51 8.51 62.83 45.21
CA LYS K 51 8.09 63.20 46.57
C LYS K 51 9.22 63.00 47.59
N LYS K 52 10.40 63.50 47.24
CA LYS K 52 11.53 63.46 48.15
C LYS K 52 12.49 64.57 47.76
N MET K 53 13.30 65.01 48.71
CA MET K 53 14.30 66.03 48.41
C MET K 53 15.68 65.39 48.33
N GLU K 54 16.47 65.88 47.38
CA GLU K 54 17.77 65.35 47.07
C GLU K 54 18.85 66.37 47.41
N LEU K 55 20.01 65.86 47.78
CA LEU K 55 21.17 66.69 48.05
C LEU K 55 21.85 67.05 46.75
N LEU K 56 21.92 68.34 46.45
CA LEU K 56 22.59 68.85 45.26
C LEU K 56 24.00 69.26 45.65
N PHE K 57 24.99 68.49 45.19
CA PHE K 57 26.40 68.78 45.42
C PHE K 57 26.97 69.36 44.13
N THR K 58 27.46 70.60 44.20
CA THR K 58 27.98 71.30 43.02
C THR K 58 29.46 71.53 43.26
N PRO K 59 30.32 70.65 42.75
CA PRO K 59 31.76 70.86 42.93
C PRO K 59 32.25 72.12 42.22
N GLU K 60 33.29 72.72 42.79
CA GLU K 60 33.78 73.99 42.28
C GLU K 60 34.37 73.86 40.87
N PHE K 61 35.01 72.73 40.58
CA PHE K 61 35.72 72.54 39.32
C PHE K 61 35.03 71.51 38.45
N HIS K 62 34.99 71.76 37.14
CA HIS K 62 34.30 70.89 36.20
C HIS K 62 35.10 70.69 34.91
N THR K 63 36.38 71.08 34.89
CA THR K 63 37.11 71.12 33.63
C THR K 63 37.42 69.73 33.09
N ALA K 64 37.89 68.81 33.93
CA ALA K 64 38.46 67.56 33.45
C ALA K 64 37.95 66.30 34.12
N TRP K 65 37.37 66.38 35.33
CA TRP K 65 37.06 65.15 36.05
C TRP K 65 35.96 64.34 35.38
N HIS K 66 34.99 65.01 34.75
CA HIS K 66 33.92 64.27 34.09
C HIS K 66 34.30 63.80 32.69
N GLU K 67 35.36 64.34 32.11
CA GLU K 67 35.79 63.91 30.78
C GLU K 67 36.56 62.60 30.81
N VAL K 68 37.06 62.19 31.97
CA VAL K 68 37.78 60.94 32.13
C VAL K 68 36.79 59.89 32.64
N PRO K 69 36.50 58.84 31.87
CA PRO K 69 35.52 57.85 32.35
C PRO K 69 35.92 57.20 33.66
N GLU K 70 37.22 56.94 33.85
CA GLU K 70 37.67 56.30 35.07
C GLU K 70 37.48 57.20 36.29
N CYS K 71 37.86 58.48 36.17
CA CYS K 71 37.70 59.40 37.28
C CYS K 71 36.24 59.62 37.62
N ARG K 72 35.39 59.79 36.60
CA ARG K 72 33.97 60.00 36.87
C ARG K 72 33.33 58.76 37.49
N GLU K 73 33.67 57.57 36.97
CA GLU K 73 33.13 56.34 37.54
C GLU K 73 33.57 56.18 38.99
N PHE K 74 34.84 56.46 39.27
CA PHE K 74 35.32 56.36 40.65
C PHE K 74 34.63 57.37 41.55
N ILE K 75 34.43 58.59 41.06
CA ILE K 75 33.77 59.60 41.88
C ILE K 75 32.36 59.15 42.24
N LEU K 76 31.60 58.69 41.24
CA LEU K 76 30.24 58.25 41.51
C LEU K 76 30.23 57.06 42.45
N ASN K 77 31.06 56.05 42.19
CA ASN K 77 31.06 54.84 43.01
C ASN K 77 31.50 55.13 44.44
N PHE K 78 32.53 55.96 44.61
CA PHE K 78 33.01 56.25 45.96
C PHE K 78 32.05 57.16 46.70
N LEU K 79 31.38 58.09 46.02
CA LEU K 79 30.36 58.88 46.70
C LEU K 79 29.20 57.99 47.14
N ARG K 80 28.80 57.02 46.31
CA ARG K 80 27.79 56.06 46.72
C ARG K 80 28.25 55.26 47.93
N LEU K 81 29.52 54.83 47.93
CA LEU K 81 30.04 54.04 49.04
C LEU K 81 30.07 54.84 50.33
N ILE K 82 30.69 56.03 50.30
CA ILE K 82 30.88 56.79 51.53
C ILE K 82 29.57 57.36 52.03
N SER K 83 28.65 57.72 51.14
CA SER K 83 27.38 58.31 51.55
C SER K 83 26.32 57.26 51.83
N GLY K 84 26.30 56.17 51.06
CA GLY K 84 25.26 55.18 51.18
C GLY K 84 23.98 55.49 50.45
N HIS K 85 23.89 56.66 49.81
CA HIS K 85 22.71 57.08 49.08
C HIS K 85 22.94 56.89 47.58
N ARG K 86 21.83 56.90 46.84
CA ARG K 86 21.90 56.81 45.39
C ARG K 86 22.41 58.12 44.83
N VAL K 87 23.58 58.08 44.20
CA VAL K 87 24.25 59.26 43.65
C VAL K 87 24.15 59.19 42.13
N VAL K 88 23.59 60.24 41.54
CA VAL K 88 23.50 60.35 40.09
C VAL K 88 24.08 61.69 39.65
N LEU K 89 24.97 61.66 38.67
CA LEU K 89 25.60 62.87 38.17
C LEU K 89 24.80 63.40 36.99
N LYS K 90 24.24 64.59 37.14
CA LYS K 90 23.56 65.28 36.05
C LYS K 90 24.19 66.65 35.87
N GLY K 91 24.72 66.91 34.68
CA GLY K 91 25.41 68.14 34.40
C GLY K 91 26.56 68.36 35.37
N PRO K 92 26.58 69.52 36.02
CA PRO K 92 27.59 69.80 37.04
C PRO K 92 27.20 69.41 38.46
N THR K 93 26.12 68.65 38.65
CA THR K 93 25.57 68.39 39.97
C THR K 93 25.57 66.90 40.28
N PHE K 94 25.83 66.58 41.55
CA PHE K 94 25.62 65.25 42.10
C PHE K 94 24.30 65.28 42.87
N VAL K 95 23.40 64.38 42.53
CA VAL K 95 22.11 64.25 43.20
C VAL K 95 22.20 63.05 44.13
N PHE K 96 22.09 63.32 45.43
CA PHE K 96 22.05 62.29 46.45
C PHE K 96 20.60 62.07 46.84
N THR K 97 20.06 60.90 46.53
CA THR K 97 18.69 60.54 46.90
C THR K 97 18.76 59.35 47.84
N LYS K 98 18.12 59.46 48.99
CA LYS K 98 18.13 58.38 49.96
C LYS K 98 17.45 57.14 49.39
N GLU K 99 18.07 55.98 49.62
CA GLU K 99 17.52 54.72 49.14
C GLU K 99 16.70 54.02 50.22
N MET L 1 30.01 65.66 55.56
CA MET L 1 29.57 64.37 55.07
C MET L 1 28.39 63.82 55.87
N GLU L 2 28.71 63.04 56.91
CA GLU L 2 27.66 62.39 57.69
C GLU L 2 26.75 63.40 58.36
N ALA L 3 27.31 64.53 58.81
CA ALA L 3 26.47 65.60 59.35
C ALA L 3 25.56 66.16 58.27
N VAL L 4 26.10 66.39 57.08
CA VAL L 4 25.29 66.92 55.98
C VAL L 4 24.24 65.91 55.54
N LEU L 5 24.59 64.62 55.53
CA LEU L 5 23.63 63.61 55.12
C LEU L 5 22.52 63.43 56.16
N THR L 6 22.87 63.51 57.45
CA THR L 6 21.85 63.48 58.50
C THR L 6 20.94 64.68 58.40
N LYS L 7 21.51 65.86 58.12
CA LYS L 7 20.69 67.04 57.89
C LYS L 7 19.79 66.86 56.68
N LEU L 8 20.29 66.20 55.63
CA LEU L 8 19.47 65.93 54.46
C LEU L 8 18.31 65.01 54.81
N ASP L 9 18.56 63.97 55.60
CA ASP L 9 17.49 63.06 55.98
C ASP L 9 16.44 63.76 56.84
N GLN L 10 16.90 64.54 57.83
CA GLN L 10 15.96 65.28 58.67
C GLN L 10 15.15 66.28 57.86
N GLU L 11 15.81 66.99 56.94
CA GLU L 11 15.12 67.94 56.09
C GLU L 11 14.15 67.23 55.14
N GLU L 12 14.50 66.04 54.68
CA GLU L 12 13.57 65.29 53.83
C GLU L 12 12.33 64.89 54.59
N LYS L 13 12.50 64.42 55.82
CA LYS L 13 11.33 64.10 56.65
C LYS L 13 10.47 65.35 56.86
N LYS L 14 11.11 66.46 57.26
CA LYS L 14 10.36 67.68 57.54
C LYS L 14 9.66 68.20 56.30
N ALA L 15 10.34 68.17 55.15
CA ALA L 15 9.78 68.72 53.93
C ALA L 15 8.68 67.84 53.37
N LEU L 16 8.81 66.52 53.49
CA LEU L 16 7.71 65.63 53.10
C LEU L 16 6.50 65.86 53.98
N GLN L 17 6.71 65.98 55.29
CA GLN L 17 5.60 66.26 56.20
C GLN L 17 4.93 67.58 55.85
N ASN L 18 5.73 68.62 55.61
CA ASN L 18 5.17 69.92 55.26
C ASN L 18 4.45 69.90 53.92
N PHE L 19 4.99 69.15 52.96
CA PHE L 19 4.36 69.04 51.65
C PHE L 19 3.02 68.35 51.74
N HIS L 20 2.93 67.26 52.50
CA HIS L 20 1.65 66.59 52.65
C HIS L 20 0.66 67.43 53.46
N ARG L 21 1.16 68.16 54.47
CA ARG L 21 0.29 69.07 55.20
C ARG L 21 -0.27 70.16 54.31
N CYS L 22 0.58 70.73 53.45
CA CYS L 22 0.13 71.75 52.52
C CYS L 22 -0.85 71.19 51.50
N ALA L 23 -0.62 69.96 51.04
CA ALA L 23 -1.55 69.33 50.12
C ALA L 23 -2.91 69.12 50.78
N TRP L 24 -2.92 68.67 52.03
CA TRP L 24 -4.17 68.49 52.74
C TRP L 24 -4.88 69.82 52.96
N GLU L 25 -4.14 70.86 53.31
CA GLU L 25 -4.75 72.17 53.48
C GLU L 25 -5.33 72.67 52.16
N GLU L 26 -4.63 72.42 51.05
CA GLU L 26 -5.11 72.85 49.75
C GLU L 26 -6.37 72.12 49.34
N THR L 27 -6.43 70.79 49.54
CA THR L 27 -7.65 70.08 49.16
C THR L 27 -8.80 70.45 50.09
N LYS L 28 -8.50 70.68 51.37
CA LYS L 28 -9.53 71.18 52.28
C LYS L 28 -10.11 72.49 51.78
N ASN L 29 -9.23 73.44 51.41
CA ASN L 29 -9.71 74.73 50.93
C ASN L 29 -10.48 74.59 49.62
N ILE L 30 -10.01 73.73 48.72
CA ILE L 30 -10.68 73.55 47.44
C ILE L 30 -12.10 73.03 47.64
N ILE L 31 -12.23 71.94 48.41
CA ILE L 31 -13.55 71.33 48.57
C ILE L 31 -14.45 72.21 49.42
N ASN L 32 -13.91 72.90 50.42
CA ASN L 32 -14.72 73.82 51.21
C ASN L 32 -15.22 74.98 50.34
N ASP L 33 -14.36 75.51 49.47
CA ASP L 33 -14.79 76.57 48.57
C ASP L 33 -15.88 76.09 47.64
N PHE L 34 -15.75 74.87 47.11
CA PHE L 34 -16.79 74.34 46.24
C PHE L 34 -18.10 74.13 46.99
N LEU L 35 -18.04 73.62 48.21
CA LEU L 35 -19.27 73.27 48.93
C LEU L 35 -19.98 74.49 49.49
N GLU L 36 -19.24 75.47 50.01
CA GLU L 36 -19.85 76.60 50.70
C GLU L 36 -20.01 77.83 49.80
N ILE L 37 -18.92 78.35 49.25
CA ILE L 37 -18.98 79.60 48.51
C ILE L 37 -18.26 79.51 47.17
N PRO L 38 -18.77 78.72 46.22
CA PRO L 38 -18.12 78.64 44.91
C PRO L 38 -18.50 79.76 43.95
N GLU L 39 -19.57 80.52 44.24
CA GLU L 39 -20.11 81.46 43.27
C GLU L 39 -19.11 82.54 42.91
N GLU L 40 -18.27 82.95 43.84
CA GLU L 40 -17.28 84.00 43.58
C GLU L 40 -15.97 83.44 43.05
N ARG L 41 -15.89 82.14 42.81
CA ARG L 41 -14.66 81.50 42.36
C ARG L 41 -14.76 80.85 40.99
N CYS L 42 -15.95 80.41 40.58
CA CYS L 42 -16.13 79.68 39.34
C CYS L 42 -16.82 80.54 38.30
N THR L 43 -16.50 80.30 37.03
CA THR L 43 -17.11 80.94 35.89
C THR L 43 -17.77 79.89 35.00
N TYR L 44 -18.39 80.34 33.91
CA TYR L 44 -19.06 79.44 32.98
C TYR L 44 -18.53 79.71 31.58
N LYS L 45 -18.14 78.65 30.88
CA LYS L 45 -17.59 78.78 29.53
C LYS L 45 -18.31 77.81 28.61
N PHE L 46 -18.77 78.32 27.46
CA PHE L 46 -19.53 77.50 26.52
C PHE L 46 -18.55 76.88 25.51
N ASN L 47 -18.31 75.58 25.65
CA ASN L 47 -17.52 74.84 24.67
C ASN L 47 -18.43 74.55 23.47
N SER L 48 -18.16 75.25 22.36
CA SER L 48 -19.02 75.11 21.18
C SER L 48 -18.77 73.80 20.45
N TYR L 49 -17.55 73.27 20.53
CA TYR L 49 -17.27 71.99 19.88
C TYR L 49 -18.12 70.87 20.47
N THR L 50 -18.28 70.87 21.80
CA THR L 50 -19.22 69.99 22.47
C THR L 50 -20.58 70.64 22.68
N LYS L 51 -20.76 71.86 22.16
CA LYS L 51 -22.00 72.63 22.22
C LYS L 51 -22.68 72.53 23.58
N LYS L 52 -21.88 72.75 24.63
CA LYS L 52 -22.42 72.73 25.98
C LYS L 52 -21.62 73.68 26.86
N MET L 53 -22.28 74.23 27.88
CA MET L 53 -21.59 75.04 28.86
C MET L 53 -20.98 74.17 29.94
N GLU L 54 -19.77 74.55 30.37
CA GLU L 54 -19.05 73.88 31.43
C GLU L 54 -18.69 74.88 32.51
N LEU L 55 -18.68 74.39 33.75
CA LEU L 55 -18.33 75.20 34.90
C LEU L 55 -16.83 75.15 35.11
N LEU L 56 -16.18 76.30 35.00
CA LEU L 56 -14.74 76.41 35.20
C LEU L 56 -14.50 76.82 36.65
N PHE L 57 -14.04 75.88 37.46
CA PHE L 57 -13.73 76.13 38.87
C PHE L 57 -12.23 76.34 38.99
N THR L 58 -11.84 77.49 39.55
CA THR L 58 -10.43 77.89 39.64
C THR L 58 -10.05 78.00 41.11
N PRO L 59 -9.59 76.91 41.73
CA PRO L 59 -9.17 76.97 43.12
C PRO L 59 -8.01 77.95 43.32
N GLU L 60 -8.02 78.61 44.48
CA GLU L 60 -7.04 79.67 44.72
C GLU L 60 -5.62 79.13 44.84
N PHE L 61 -5.45 77.92 45.35
CA PHE L 61 -4.14 77.36 45.63
C PHE L 61 -3.85 76.18 44.71
N HIS L 62 -2.61 76.12 44.22
CA HIS L 62 -2.20 75.07 43.30
C HIS L 62 -0.81 74.53 43.60
N THR L 63 -0.29 74.77 44.80
CA THR L 63 1.11 74.44 45.08
C THR L 63 1.34 72.93 45.20
N ALA L 64 0.46 72.23 45.92
CA ALA L 64 0.76 70.86 46.31
C ALA L 64 -0.36 69.85 46.07
N TRP L 65 -1.61 70.28 45.94
CA TRP L 65 -2.71 69.31 45.93
C TRP L 65 -2.67 68.44 44.68
N HIS L 66 -2.28 69.01 43.53
CA HIS L 66 -2.25 68.23 42.30
C HIS L 66 -1.02 67.35 42.18
N GLU L 67 0.03 67.62 42.97
CA GLU L 67 1.24 66.81 42.92
C GLU L 67 1.12 65.50 43.70
N VAL L 68 0.12 65.38 44.56
CA VAL L 68 -0.13 64.16 45.31
C VAL L 68 -1.20 63.37 44.58
N PRO L 69 -0.89 62.17 44.06
CA PRO L 69 -1.91 61.42 43.31
C PRO L 69 -3.15 61.11 44.13
N GLU L 70 -2.97 60.82 45.42
CA GLU L 70 -4.12 60.48 46.26
C GLU L 70 -5.03 61.68 46.48
N CYS L 71 -4.45 62.83 46.80
CA CYS L 71 -5.26 64.03 47.02
C CYS L 71 -5.98 64.45 45.74
N ARG L 72 -5.28 64.43 44.60
CA ARG L 72 -5.92 64.80 43.34
C ARG L 72 -7.04 63.83 42.97
N GLU L 73 -6.78 62.52 43.12
CA GLU L 73 -7.80 61.53 42.82
C GLU L 73 -9.02 61.71 43.71
N PHE L 74 -8.80 61.95 45.00
CA PHE L 74 -9.92 62.19 45.91
C PHE L 74 -10.68 63.46 45.54
N ILE L 75 -9.95 64.52 45.18
CA ILE L 75 -10.63 65.76 44.82
C ILE L 75 -11.53 65.53 43.62
N LEU L 76 -11.00 64.88 42.58
CA LEU L 76 -11.82 64.63 41.39
C LEU L 76 -13.01 63.75 41.72
N ASN L 77 -12.78 62.65 42.46
CA ASN L 77 -13.85 61.71 42.75
C ASN L 77 -14.92 62.35 43.62
N PHE L 78 -14.53 63.12 44.63
CA PHE L 78 -15.50 63.73 45.51
C PHE L 78 -16.25 64.88 44.85
N LEU L 79 -15.58 65.64 43.97
CA LEU L 79 -16.30 66.65 43.21
C LEU L 79 -17.33 66.01 42.29
N ARG L 80 -16.97 64.88 41.67
CA ARG L 80 -17.94 64.15 40.87
C ARG L 80 -19.09 63.65 41.73
N LEU L 81 -18.80 63.15 42.92
CA LEU L 81 -19.84 62.63 43.80
C LEU L 81 -20.80 63.72 44.25
N ILE L 82 -20.27 64.81 44.80
CA ILE L 82 -21.14 65.83 45.38
C ILE L 82 -21.82 66.66 44.29
N SER L 83 -21.17 66.86 43.14
CA SER L 83 -21.78 67.64 42.08
C SER L 83 -22.67 66.80 41.19
N GLY L 84 -22.26 65.56 40.89
CA GLY L 84 -22.98 64.71 39.96
C GLY L 84 -22.61 64.93 38.52
N HIS L 85 -21.91 66.00 38.19
CA HIS L 85 -21.47 66.28 36.83
C HIS L 85 -20.16 65.54 36.54
N ARG L 86 -19.75 65.58 35.28
CA ARG L 86 -18.46 65.03 34.89
C ARG L 86 -17.38 66.07 35.17
N VAL L 87 -16.49 65.76 36.10
CA VAL L 87 -15.44 66.68 36.52
C VAL L 87 -14.13 66.21 35.90
N VAL L 88 -13.49 67.08 35.15
CA VAL L 88 -12.18 66.78 34.56
C VAL L 88 -11.22 67.91 34.92
N LEU L 89 -10.04 67.55 35.42
CA LEU L 89 -9.03 68.52 35.83
C LEU L 89 -8.12 68.80 34.65
N LYS L 90 -8.14 70.03 34.16
CA LYS L 90 -7.23 70.48 33.10
C LYS L 90 -6.45 71.67 33.61
N GLY L 91 -5.13 71.51 33.71
CA GLY L 91 -4.27 72.55 34.24
C GLY L 91 -4.69 72.96 35.63
N PRO L 92 -4.93 74.26 35.82
CA PRO L 92 -5.43 74.76 37.11
C PRO L 92 -6.94 74.81 37.25
N THR L 93 -7.70 74.19 36.34
CA THR L 93 -9.14 74.35 36.30
C THR L 93 -9.84 73.00 36.45
N PHE L 94 -10.98 73.02 37.12
CA PHE L 94 -11.92 71.92 37.14
C PHE L 94 -13.04 72.24 36.15
N VAL L 95 -13.26 71.35 35.20
CA VAL L 95 -14.31 71.51 34.21
C VAL L 95 -15.46 70.59 34.60
N PHE L 96 -16.60 71.19 34.93
CA PHE L 96 -17.82 70.48 35.25
C PHE L 96 -18.70 70.50 34.02
N THR L 97 -18.84 69.35 33.36
CA THR L 97 -19.70 69.19 32.21
C THR L 97 -20.88 68.33 32.59
N LYS L 98 -22.10 68.84 32.40
CA LYS L 98 -23.29 68.10 32.78
C LYS L 98 -23.39 66.80 31.99
N GLU L 99 -23.71 65.72 32.68
CA GLU L 99 -23.84 64.42 32.05
C GLU L 99 -25.30 64.12 31.71
N MET M 1 -23.15 75.08 46.62
CA MET M 1 -22.75 74.43 45.37
C MET M 1 -23.97 74.16 44.49
N GLU M 2 -25.03 73.65 45.10
CA GLU M 2 -26.23 73.31 44.33
C GLU M 2 -26.83 74.52 43.65
N ALA M 3 -26.72 75.70 44.28
CA ALA M 3 -27.14 76.92 43.59
C ALA M 3 -26.28 77.18 42.36
N VAL M 4 -24.97 76.99 42.49
CA VAL M 4 -24.07 77.20 41.36
C VAL M 4 -24.33 76.17 40.27
N LEU M 5 -24.61 74.92 40.64
CA LEU M 5 -24.90 73.90 39.64
C LEU M 5 -26.22 74.17 38.94
N THR M 6 -27.24 74.62 39.68
CA THR M 6 -28.49 74.99 39.04
C THR M 6 -28.30 76.16 38.10
N LYS M 7 -27.50 77.14 38.51
CA LYS M 7 -27.19 78.25 37.61
C LYS M 7 -26.44 77.77 36.38
N LEU M 8 -25.55 76.80 36.55
CA LEU M 8 -24.83 76.24 35.40
C LEU M 8 -25.78 75.56 34.44
N ASP M 9 -26.73 74.78 34.96
CA ASP M 9 -27.69 74.11 34.09
C ASP M 9 -28.56 75.11 33.35
N GLN M 10 -29.07 76.12 34.08
CA GLN M 10 -29.90 77.13 33.45
C GLN M 10 -29.13 77.92 32.40
N GLU M 11 -27.88 78.28 32.70
CA GLU M 11 -27.07 79.03 31.76
C GLU M 11 -26.71 78.18 30.56
N GLU M 12 -26.47 76.88 30.76
CA GLU M 12 -26.21 75.99 29.63
C GLU M 12 -27.42 75.90 28.72
N LYS M 13 -28.62 75.75 29.29
CA LYS M 13 -29.82 75.70 28.47
C LYS M 13 -30.03 77.01 27.71
N LYS M 14 -29.89 78.14 28.41
CA LYS M 14 -30.10 79.43 27.78
C LYS M 14 -29.07 79.69 26.70
N ALA M 15 -27.80 79.33 26.95
CA ALA M 15 -26.76 79.58 25.97
C ALA M 15 -26.86 78.64 24.78
N LEU M 16 -27.28 77.40 24.99
CA LEU M 16 -27.52 76.51 23.85
C LEU M 16 -28.67 77.04 23.00
N GLN M 17 -29.75 77.49 23.63
CA GLN M 17 -30.86 78.08 22.88
C GLN M 17 -30.41 79.31 22.11
N ASN M 18 -29.64 80.18 22.75
CA ASN M 18 -29.17 81.40 22.09
C ASN M 18 -28.19 81.08 20.96
N PHE M 19 -27.33 80.08 21.17
CA PHE M 19 -26.39 79.67 20.13
C PHE M 19 -27.11 79.12 18.91
N HIS M 20 -28.13 78.28 19.12
CA HIS M 20 -28.88 77.77 17.98
C HIS M 20 -29.69 78.86 17.30
N ARG M 21 -30.24 79.80 18.08
CA ARG M 21 -30.95 80.94 17.49
C ARG M 21 -30.01 81.80 16.65
N CYS M 22 -28.80 82.04 17.15
CA CYS M 22 -27.82 82.82 16.39
C CYS M 22 -27.37 82.08 15.14
N ALA M 23 -27.20 80.76 15.23
CA ALA M 23 -26.84 79.98 14.05
C ALA M 23 -27.95 80.04 13.00
N TRP M 24 -29.20 79.94 13.43
CA TRP M 24 -30.31 80.06 12.48
C TRP M 24 -30.37 81.44 11.86
N GLU M 25 -30.16 82.49 12.66
CA GLU M 25 -30.15 83.83 12.10
C GLU M 25 -29.02 84.00 11.10
N GLU M 26 -27.86 83.39 11.39
CA GLU M 26 -26.73 83.51 10.49
C GLU M 26 -26.97 82.79 9.18
N THR M 27 -27.51 81.56 9.22
CA THR M 27 -27.78 80.87 7.97
C THR M 27 -28.90 81.56 7.18
N LYS M 28 -29.89 82.10 7.89
CA LYS M 28 -30.92 82.89 7.24
C LYS M 28 -30.31 84.07 6.49
N ASN M 29 -29.43 84.82 7.17
CA ASN M 29 -28.82 85.97 6.53
C ASN M 29 -27.91 85.57 5.38
N ILE M 30 -27.18 84.46 5.53
CA ILE M 30 -26.28 84.01 4.47
C ILE M 30 -27.06 83.66 3.22
N ILE M 31 -28.11 82.85 3.35
CA ILE M 31 -28.85 82.42 2.17
C ILE M 31 -29.66 83.57 1.60
N ASN M 32 -30.19 84.46 2.45
CA ASN M 32 -30.90 85.63 1.94
C ASN M 32 -29.96 86.54 1.17
N ASP M 33 -28.74 86.75 1.66
CA ASP M 33 -27.78 87.57 0.94
C ASP M 33 -27.42 86.94 -0.39
N PHE M 34 -27.24 85.61 -0.41
CA PHE M 34 -26.91 84.96 -1.67
C PHE M 34 -28.06 85.05 -2.67
N LEU M 35 -29.29 84.86 -2.21
CA LEU M 35 -30.42 84.84 -3.14
C LEU M 35 -30.79 86.23 -3.64
N GLU M 36 -30.80 87.23 -2.75
CA GLU M 36 -31.31 88.54 -3.13
C GLU M 36 -30.22 89.49 -3.61
N ILE M 37 -29.24 89.79 -2.75
CA ILE M 37 -28.24 90.80 -3.07
C ILE M 37 -26.85 90.27 -2.80
N PRO M 38 -26.32 89.39 -3.66
CA PRO M 38 -24.96 88.88 -3.44
C PRO M 38 -23.87 89.71 -4.11
N GLU M 39 -24.26 90.55 -5.07
CA GLU M 39 -23.28 91.20 -5.95
C GLU M 39 -22.34 92.11 -5.17
N GLU M 40 -22.80 92.71 -4.08
CA GLU M 40 -21.97 93.60 -3.29
C GLU M 40 -21.20 92.87 -2.19
N ARG M 41 -21.29 91.54 -2.15
CA ARG M 41 -20.66 90.75 -1.11
C ARG M 41 -19.65 89.73 -1.62
N CYS M 42 -19.81 89.24 -2.84
CA CYS M 42 -18.95 88.20 -3.39
C CYS M 42 -18.01 88.78 -4.45
N THR M 43 -16.82 88.18 -4.55
CA THR M 43 -15.80 88.55 -5.52
C THR M 43 -15.48 87.34 -6.39
N TYR M 44 -14.57 87.54 -7.33
CA TYR M 44 -14.14 86.48 -8.25
C TYR M 44 -12.62 86.34 -8.16
N LYS M 45 -12.16 85.11 -8.01
CA LYS M 45 -10.72 84.84 -7.91
C LYS M 45 -10.34 83.73 -8.87
N PHE M 46 -9.32 83.96 -9.69
CA PHE M 46 -8.91 83.01 -10.72
C PHE M 46 -7.89 82.04 -10.12
N ASN M 47 -8.31 80.80 -9.90
CA ASN M 47 -7.39 79.73 -9.54
C ASN M 47 -6.73 79.23 -10.82
N SER M 48 -5.45 79.58 -11.00
CA SER M 48 -4.73 79.19 -12.21
C SER M 48 -4.36 77.72 -12.21
N TYR M 49 -4.20 77.10 -11.05
CA TYR M 49 -3.91 75.69 -10.99
C TYR M 49 -5.06 74.88 -11.58
N THR M 50 -6.29 75.26 -11.28
CA THR M 50 -7.47 74.69 -11.92
C THR M 50 -7.95 75.51 -13.11
N LYS M 51 -7.19 76.56 -13.47
CA LYS M 51 -7.45 77.41 -14.64
C LYS M 51 -8.93 77.78 -14.77
N LYS M 52 -9.50 78.25 -13.68
CA LYS M 52 -10.90 78.69 -13.68
C LYS M 52 -11.10 79.71 -12.57
N MET M 53 -12.09 80.58 -12.74
CA MET M 53 -12.43 81.48 -11.65
C MET M 53 -13.45 80.84 -10.72
N GLU M 54 -13.34 81.20 -9.45
CA GLU M 54 -14.27 80.76 -8.42
C GLU M 54 -14.88 81.99 -7.76
N LEU M 55 -16.16 81.89 -7.46
CA LEU M 55 -16.86 82.94 -6.73
C LEU M 55 -16.53 82.81 -5.26
N LEU M 56 -15.87 83.82 -4.71
CA LEU M 56 -15.59 83.90 -3.28
C LEU M 56 -16.72 84.67 -2.62
N PHE M 57 -17.60 83.94 -1.92
CA PHE M 57 -18.70 84.53 -1.20
C PHE M 57 -18.31 84.64 0.27
N THR M 58 -18.35 85.86 0.80
CA THR M 58 -17.92 86.12 2.17
C THR M 58 -19.12 86.52 3.01
N PRO M 59 -19.76 85.59 3.72
CA PRO M 59 -20.89 85.97 4.57
C PRO M 59 -20.45 86.94 5.66
N GLU M 60 -21.36 87.86 5.99
CA GLU M 60 -21.03 88.93 6.94
C GLU M 60 -20.78 88.39 8.34
N PHE M 61 -21.48 87.30 8.72
CA PHE M 61 -21.40 86.76 10.06
C PHE M 61 -20.80 85.36 10.03
N HIS M 62 -19.96 85.06 11.03
CA HIS M 62 -19.28 83.77 11.11
C HIS M 62 -19.28 83.21 12.51
N THR M 63 -20.14 83.71 13.40
CA THR M 63 -20.05 83.36 14.81
C THR M 63 -20.54 81.94 15.10
N ALA M 64 -21.66 81.53 14.50
CA ALA M 64 -22.32 80.31 14.92
C ALA M 64 -22.73 79.36 13.80
N TRP M 65 -22.88 79.85 12.56
CA TRP M 65 -23.46 78.99 11.53
C TRP M 65 -22.55 77.83 11.15
N HIS M 66 -21.23 78.04 11.14
CA HIS M 66 -20.32 76.96 10.79
C HIS M 66 -20.06 75.98 11.93
N GLU M 67 -20.36 76.38 13.16
CA GLU M 67 -20.13 75.52 14.31
C GLU M 67 -21.24 74.49 14.52
N VAL M 68 -22.37 74.67 13.86
CA VAL M 68 -23.47 73.71 13.90
C VAL M 68 -23.37 72.82 12.68
N PRO M 69 -23.13 71.52 12.82
CA PRO M 69 -22.98 70.67 11.63
C PRO M 69 -24.21 70.67 10.73
N GLU M 70 -25.40 70.71 11.33
CA GLU M 70 -26.63 70.68 10.53
C GLU M 70 -26.80 71.97 9.73
N CYS M 71 -26.58 73.12 10.35
CA CYS M 71 -26.71 74.38 9.65
C CYS M 71 -25.67 74.52 8.54
N ARG M 72 -24.43 74.14 8.82
CA ARG M 72 -23.39 74.22 7.80
C ARG M 72 -23.67 73.27 6.63
N GLU M 73 -24.09 72.04 6.95
CA GLU M 73 -24.41 71.08 5.90
C GLU M 73 -25.57 71.59 5.04
N PHE M 74 -26.61 72.14 5.68
CA PHE M 74 -27.73 72.68 4.91
C PHE M 74 -27.29 73.87 4.07
N ILE M 75 -26.44 74.74 4.61
CA ILE M 75 -25.99 75.89 3.83
C ILE M 75 -25.26 75.43 2.58
N LEU M 76 -24.33 74.49 2.74
CA LEU M 76 -23.58 74.00 1.59
C LEU M 76 -24.50 73.32 0.58
N ASN M 77 -25.39 72.44 1.06
CA ASN M 77 -26.26 71.70 0.17
C ASN M 77 -27.23 72.62 -0.56
N PHE M 78 -27.81 73.60 0.13
CA PHE M 78 -28.75 74.51 -0.51
C PHE M 78 -28.06 75.47 -1.46
N LEU M 79 -26.84 75.90 -1.14
CA LEU M 79 -26.10 76.73 -2.08
C LEU M 79 -25.78 75.94 -3.34
N ARG M 80 -25.41 74.67 -3.19
CA ARG M 80 -25.20 73.82 -4.36
C ARG M 80 -26.49 73.66 -5.16
N LEU M 81 -27.63 73.49 -4.48
CA LEU M 81 -28.89 73.30 -5.17
C LEU M 81 -29.31 74.55 -5.94
N ILE M 82 -29.30 75.71 -5.28
CA ILE M 82 -29.84 76.91 -5.89
C ILE M 82 -28.85 77.50 -6.88
N SER M 83 -27.55 77.28 -6.71
CA SER M 83 -26.58 77.80 -7.64
C SER M 83 -26.28 76.82 -8.78
N GLY M 84 -26.29 75.52 -8.50
CA GLY M 84 -25.92 74.52 -9.47
C GLY M 84 -24.44 74.30 -9.62
N HIS M 85 -23.61 75.13 -9.02
CA HIS M 85 -22.17 75.00 -9.08
C HIS M 85 -21.67 74.07 -7.97
N ARG M 86 -20.36 73.89 -7.93
CA ARG M 86 -19.72 73.16 -6.84
C ARG M 86 -19.35 74.15 -5.75
N VAL M 87 -19.95 73.99 -4.57
CA VAL M 87 -19.75 74.92 -3.45
C VAL M 87 -18.88 74.21 -2.42
N VAL M 88 -17.75 74.82 -2.07
CA VAL M 88 -16.88 74.29 -1.03
C VAL M 88 -16.62 75.40 -0.01
N LEU M 89 -16.80 75.09 1.26
CA LEU M 89 -16.59 76.06 2.33
C LEU M 89 -15.15 75.93 2.81
N LYS M 90 -14.35 76.97 2.57
CA LYS M 90 -12.99 77.02 3.08
C LYS M 90 -12.84 78.27 3.95
N GLY M 91 -12.49 78.06 5.21
CA GLY M 91 -12.39 79.14 6.17
C GLY M 91 -13.70 79.90 6.28
N PRO M 92 -13.62 81.22 6.06
CA PRO M 92 -14.84 82.05 6.05
C PRO M 92 -15.46 82.25 4.68
N THR M 93 -15.04 81.52 3.66
CA THR M 93 -15.44 81.77 2.28
C THR M 93 -16.17 80.57 1.70
N PHE M 94 -17.16 80.86 0.87
CA PHE M 94 -17.78 79.87 0.00
C PHE M 94 -17.16 80.01 -1.38
N VAL M 95 -16.60 78.91 -1.90
CA VAL M 95 -15.98 78.89 -3.21
C VAL M 95 -16.97 78.21 -4.16
N PHE M 96 -17.47 78.98 -5.12
CA PHE M 96 -18.35 78.48 -6.16
C PHE M 96 -17.51 78.23 -7.41
N THR M 97 -17.31 76.97 -7.77
CA THR M 97 -16.58 76.59 -8.97
C THR M 97 -17.55 75.94 -9.94
N LYS M 98 -17.59 76.44 -11.17
CA LYS M 98 -18.49 75.90 -12.17
C LYS M 98 -18.15 74.45 -12.46
N GLU M 99 -19.18 73.62 -12.55
CA GLU M 99 -19.00 72.20 -12.84
C GLU M 99 -19.21 71.91 -14.32
N MET N 1 -29.13 86.24 -7.51
CA MET N 1 -28.02 85.29 -7.55
C MET N 1 -27.69 84.92 -8.99
N GLU N 2 -28.73 84.69 -9.80
CA GLU N 2 -28.51 84.26 -11.17
C GLU N 2 -27.73 85.28 -11.96
N ALA N 3 -27.90 86.57 -11.66
CA ALA N 3 -27.08 87.59 -12.29
C ALA N 3 -25.61 87.40 -11.92
N VAL N 4 -25.33 87.10 -10.65
CA VAL N 4 -23.96 86.90 -10.22
C VAL N 4 -23.36 85.65 -10.86
N LEU N 5 -24.15 84.59 -10.97
CA LEU N 5 -23.64 83.36 -11.59
C LEU N 5 -23.40 83.55 -13.09
N THR N 6 -24.30 84.26 -13.77
CA THR N 6 -24.08 84.56 -15.19
C THR N 6 -22.84 85.44 -15.37
N LYS N 7 -22.64 86.41 -14.48
CA LYS N 7 -21.44 87.23 -14.52
C LYS N 7 -20.20 86.37 -14.28
N LEU N 8 -20.29 85.41 -13.37
CA LEU N 8 -19.18 84.50 -13.14
C LEU N 8 -18.84 83.72 -14.39
N ASP N 9 -19.87 83.19 -15.07
CA ASP N 9 -19.63 82.39 -16.27
C ASP N 9 -18.99 83.24 -17.37
N GLN N 10 -19.57 84.42 -17.63
CA GLN N 10 -19.04 85.29 -18.68
C GLN N 10 -17.63 85.74 -18.36
N GLU N 11 -17.40 86.17 -17.11
CA GLU N 11 -16.07 86.63 -16.71
C GLU N 11 -15.07 85.49 -16.66
N GLU N 12 -15.53 84.26 -16.42
CA GLU N 12 -14.61 83.12 -16.43
C GLU N 12 -14.19 82.79 -17.86
N LYS N 13 -15.13 82.85 -18.80
CA LYS N 13 -14.75 82.71 -20.20
C LYS N 13 -13.75 83.79 -20.60
N LYS N 14 -14.04 85.04 -20.22
CA LYS N 14 -13.14 86.14 -20.55
C LYS N 14 -11.77 85.97 -19.91
N ALA N 15 -11.74 85.54 -18.65
CA ALA N 15 -10.48 85.44 -17.93
C ALA N 15 -9.66 84.26 -18.41
N LEU N 16 -10.30 83.14 -18.76
CA LEU N 16 -9.57 82.03 -19.35
C LEU N 16 -9.00 82.42 -20.71
N GLN N 17 -9.79 83.14 -21.52
CA GLN N 17 -9.29 83.61 -22.81
C GLN N 17 -8.10 84.54 -22.62
N ASN N 18 -8.20 85.47 -21.67
CA ASN N 18 -7.11 86.41 -21.43
C ASN N 18 -5.87 85.69 -20.89
N PHE N 19 -6.07 84.70 -20.02
CA PHE N 19 -4.96 83.95 -19.46
C PHE N 19 -4.23 83.16 -20.54
N HIS N 20 -4.97 82.52 -21.44
CA HIS N 20 -4.33 81.77 -22.52
C HIS N 20 -3.66 82.72 -23.51
N ARG N 21 -4.28 83.87 -23.79
CA ARG N 21 -3.65 84.86 -24.66
C ARG N 21 -2.34 85.37 -24.06
N CYS N 22 -2.34 85.65 -22.75
CA CYS N 22 -1.13 86.10 -22.08
C CYS N 22 -0.06 85.02 -22.08
N ALA N 23 -0.45 83.76 -21.87
CA ALA N 23 0.51 82.67 -21.93
C ALA N 23 1.13 82.55 -23.32
N TRP N 24 0.31 82.67 -24.36
CA TRP N 24 0.84 82.61 -25.72
C TRP N 24 1.76 83.78 -26.01
N GLU N 25 1.38 84.98 -25.56
CA GLU N 25 2.26 86.13 -25.76
C GLU N 25 3.58 85.94 -25.02
N GLU N 26 3.52 85.36 -23.82
CA GLU N 26 4.73 85.15 -23.04
C GLU N 26 5.64 84.13 -23.70
N THR N 27 5.10 83.02 -24.21
CA THR N 27 5.97 82.05 -24.87
C THR N 27 6.50 82.59 -26.18
N LYS N 28 5.69 83.37 -26.91
CA LYS N 28 6.20 84.07 -28.08
C LYS N 28 7.40 84.94 -27.72
N ASN N 29 7.26 85.76 -26.66
CA ASN N 29 8.35 86.65 -26.28
C ASN N 29 9.57 85.87 -25.83
N ILE N 30 9.37 84.79 -25.07
CA ILE N 30 10.48 83.99 -24.58
C ILE N 30 11.29 83.41 -25.75
N ILE N 31 10.60 82.75 -26.67
CA ILE N 31 11.32 82.07 -27.75
C ILE N 31 11.90 83.09 -28.73
N ASN N 32 11.18 84.20 -28.97
CA ASN N 32 11.72 85.23 -29.84
C ASN N 32 12.96 85.87 -29.23
N ASP N 33 12.96 86.10 -27.92
CA ASP N 33 14.14 86.63 -27.26
C ASP N 33 15.31 85.65 -27.35
N PHE N 34 15.03 84.36 -27.17
CA PHE N 34 16.11 83.38 -27.24
C PHE N 34 16.66 83.24 -28.66
N LEU N 35 15.81 83.38 -29.67
CA LEU N 35 16.25 83.19 -31.05
C LEU N 35 16.90 84.43 -31.65
N GLU N 36 16.39 85.62 -31.33
CA GLU N 36 16.88 86.84 -31.96
C GLU N 36 17.96 87.54 -31.13
N ILE N 37 17.63 87.96 -29.93
CA ILE N 37 18.56 88.74 -29.11
C ILE N 37 18.60 88.17 -27.69
N PRO N 38 19.31 87.06 -27.48
CA PRO N 38 19.43 86.51 -26.13
C PRO N 38 20.64 86.99 -25.34
N GLU N 39 21.60 87.64 -25.98
CA GLU N 39 22.88 87.93 -25.32
C GLU N 39 22.70 88.89 -24.15
N GLU N 40 21.77 89.83 -24.23
CA GLU N 40 21.54 90.79 -23.17
C GLU N 40 20.55 90.29 -22.13
N ARG N 41 20.06 89.06 -22.27
CA ARG N 41 19.10 88.49 -21.33
C ARG N 41 19.63 87.29 -20.56
N CYS N 42 20.69 86.63 -21.03
CA CYS N 42 21.20 85.42 -20.42
C CYS N 42 22.55 85.67 -19.77
N THR N 43 22.80 84.94 -18.69
CA THR N 43 24.08 84.97 -17.99
C THR N 43 24.69 83.57 -17.98
N TYR N 44 25.90 83.46 -17.46
CA TYR N 44 26.63 82.20 -17.41
C TYR N 44 27.04 81.92 -15.97
N LYS N 45 26.72 80.73 -15.47
CA LYS N 45 27.05 80.36 -14.10
C LYS N 45 27.72 78.99 -14.10
N PHE N 46 28.90 78.92 -13.47
CA PHE N 46 29.69 77.68 -13.46
C PHE N 46 29.29 76.84 -12.26
N ASN N 47 28.50 75.80 -12.49
CA ASN N 47 28.19 74.82 -11.46
C ASN N 47 29.41 73.96 -11.24
N SER N 48 30.07 74.14 -10.10
CA SER N 48 31.29 73.38 -9.79
C SER N 48 31.00 71.94 -9.40
N TYR N 49 29.83 71.69 -8.83
CA TYR N 49 29.48 70.32 -8.45
C TYR N 49 29.41 69.42 -9.68
N THR N 50 28.83 69.92 -10.76
CA THR N 50 28.84 69.23 -12.04
C THR N 50 30.01 69.65 -12.92
N LYS N 51 30.95 70.43 -12.37
CA LYS N 51 32.15 70.92 -13.04
C LYS N 51 31.90 71.38 -14.47
N LYS N 52 30.79 72.09 -14.68
CA LYS N 52 30.48 72.65 -15.98
C LYS N 52 29.70 73.94 -15.78
N MET N 53 29.73 74.81 -16.78
CA MET N 53 28.96 76.04 -16.67
C MET N 53 27.71 75.94 -17.53
N GLU N 54 26.67 76.63 -17.07
CA GLU N 54 25.35 76.57 -17.67
C GLU N 54 24.87 77.98 -17.99
N LEU N 55 24.02 78.07 -19.01
CA LEU N 55 23.43 79.33 -19.42
C LEU N 55 22.14 79.53 -18.66
N LEU N 56 22.08 80.62 -17.88
CA LEU N 56 20.86 81.01 -17.19
C LEU N 56 20.12 82.02 -18.06
N PHE N 57 19.02 81.59 -18.65
CA PHE N 57 18.16 82.43 -19.45
C PHE N 57 17.02 82.91 -18.57
N THR N 58 16.83 84.22 -18.48
CA THR N 58 15.85 84.83 -17.58
C THR N 58 14.82 85.57 -18.42
N PRO N 59 13.74 84.91 -18.82
CA PRO N 59 12.69 85.59 -19.59
C PRO N 59 12.10 86.75 -18.80
N GLU N 60 11.76 87.82 -19.52
CA GLU N 60 11.28 89.03 -18.85
C GLU N 60 9.93 88.83 -18.20
N PHE N 61 9.10 87.96 -18.75
CA PHE N 61 7.73 87.76 -18.28
C PHE N 61 7.58 86.36 -17.70
N HIS N 62 6.86 86.28 -16.57
CA HIS N 62 6.69 84.99 -15.88
C HIS N 62 5.26 84.83 -15.36
N THR N 63 4.30 85.57 -15.88
CA THR N 63 2.97 85.59 -15.29
C THR N 63 2.18 84.32 -15.59
N ALA N 64 2.22 83.84 -16.85
CA ALA N 64 1.29 82.82 -17.28
C ALA N 64 1.91 81.65 -18.04
N TRP N 65 3.10 81.82 -18.64
CA TRP N 65 3.61 80.78 -19.54
C TRP N 65 3.92 79.49 -18.78
N HIS N 66 4.39 79.59 -17.54
CA HIS N 66 4.70 78.39 -16.78
C HIS N 66 3.47 77.75 -16.14
N GLU N 67 2.37 78.48 -16.03
CA GLU N 67 1.16 77.93 -15.43
C GLU N 67 0.37 77.08 -16.41
N VAL N 68 0.65 77.16 -17.70
CA VAL N 68 0.01 76.34 -18.71
C VAL N 68 0.92 75.15 -19.00
N PRO N 69 0.51 73.92 -18.70
CA PRO N 69 1.40 72.78 -18.95
C PRO N 69 1.81 72.64 -20.41
N GLU N 70 0.90 72.93 -21.34
CA GLU N 70 1.20 72.80 -22.75
C GLU N 70 2.25 73.83 -23.19
N CYS N 71 2.07 75.09 -22.79
CA CYS N 71 3.02 76.13 -23.17
C CYS N 71 4.39 75.87 -22.56
N ARG N 72 4.44 75.48 -21.29
CA ARG N 72 5.72 75.20 -20.65
C ARG N 72 6.41 74.00 -21.29
N GLU N 73 5.65 72.94 -21.57
CA GLU N 73 6.23 71.76 -22.21
C GLU N 73 6.77 72.11 -23.59
N PHE N 74 6.02 72.90 -24.36
CA PHE N 74 6.50 73.31 -25.67
C PHE N 74 7.73 74.18 -25.57
N ILE N 75 7.76 75.10 -24.61
CA ILE N 75 8.93 75.96 -24.46
C ILE N 75 10.16 75.12 -24.17
N LEU N 76 10.05 74.19 -23.22
CA LEU N 76 11.20 73.35 -22.88
C LEU N 76 11.63 72.51 -24.07
N ASN N 77 10.68 71.86 -24.73
CA ASN N 77 11.01 70.97 -25.84
C ASN N 77 11.61 71.74 -27.01
N PHE N 78 11.06 72.91 -27.34
CA PHE N 78 11.57 73.67 -28.45
C PHE N 78 12.92 74.30 -28.15
N LEU N 79 13.15 74.72 -26.90
CA LEU N 79 14.48 75.20 -26.55
C LEU N 79 15.50 74.07 -26.64
N ARG N 80 15.13 72.87 -26.21
CA ARG N 80 16.02 71.72 -26.37
C ARG N 80 16.30 71.45 -27.85
N LEU N 81 15.26 71.56 -28.69
CA LEU N 81 15.44 71.31 -30.12
C LEU N 81 16.36 72.34 -30.75
N ILE N 82 16.07 73.63 -30.55
CA ILE N 82 16.83 74.66 -31.26
C ILE N 82 18.24 74.79 -30.71
N SER N 83 18.43 74.63 -29.39
CA SER N 83 19.76 74.77 -28.82
C SER N 83 20.56 73.49 -28.90
N GLY N 84 19.94 72.34 -28.65
CA GLY N 84 20.62 71.08 -28.64
C GLY N 84 21.18 70.69 -27.29
N HIS N 85 21.19 71.60 -26.32
CA HIS N 85 21.66 71.32 -24.97
C HIS N 85 20.51 70.84 -24.09
N ARG N 86 20.87 70.31 -22.93
CA ARG N 86 19.87 69.92 -21.94
C ARG N 86 19.30 71.18 -21.30
N VAL N 87 17.99 71.35 -21.41
CA VAL N 87 17.29 72.53 -20.90
C VAL N 87 16.47 72.09 -19.70
N VAL N 88 16.68 72.73 -18.56
CA VAL N 88 15.87 72.47 -17.37
C VAL N 88 15.33 73.79 -16.85
N LEU N 89 14.03 73.83 -16.60
CA LEU N 89 13.38 75.03 -16.06
C LEU N 89 13.41 74.95 -14.54
N LYS N 90 14.23 75.80 -13.93
CA LYS N 90 14.29 75.88 -12.47
C LYS N 90 13.88 77.29 -12.05
N GLY N 91 12.83 77.38 -11.25
CA GLY N 91 12.30 78.66 -10.84
C GLY N 91 11.93 79.52 -12.04
N PRO N 92 12.44 80.75 -12.06
CA PRO N 92 12.24 81.63 -13.22
C PRO N 92 13.31 81.54 -14.30
N THR N 93 14.17 80.52 -14.26
CA THR N 93 15.34 80.46 -15.12
C THR N 93 15.32 79.20 -15.98
N PHE N 94 15.83 79.34 -17.20
CA PHE N 94 16.13 78.20 -18.06
C PHE N 94 17.63 77.92 -17.94
N VAL N 95 17.97 76.69 -17.56
CA VAL N 95 19.36 76.29 -17.43
C VAL N 95 19.72 75.44 -18.64
N PHE N 96 20.65 75.95 -19.44
CA PHE N 96 21.19 75.26 -20.60
C PHE N 96 22.52 74.63 -20.20
N THR N 97 22.57 73.30 -20.18
CA THR N 97 23.79 72.56 -19.87
C THR N 97 24.19 71.76 -21.11
N LYS N 98 25.43 71.93 -21.53
CA LYS N 98 25.91 71.22 -22.72
C LYS N 98 25.90 69.72 -22.48
N GLU N 99 25.45 68.98 -23.48
CA GLU N 99 25.41 67.51 -23.40
C GLU N 99 26.61 66.89 -24.09
N MET O 1 21.46 83.81 -31.69
CA MET O 1 21.06 82.53 -31.11
C MET O 1 22.26 81.59 -30.97
N GLU O 2 22.87 81.24 -32.10
CA GLU O 2 24.02 80.34 -32.06
C GLU O 2 25.26 81.03 -31.52
N ALA O 3 25.33 82.36 -31.59
CA ALA O 3 26.46 83.07 -31.01
C ALA O 3 26.52 82.88 -29.50
N VAL O 4 25.36 82.91 -28.84
CA VAL O 4 25.33 82.73 -27.39
C VAL O 4 25.75 81.32 -27.02
N LEU O 5 25.34 80.31 -27.79
CA LEU O 5 25.73 78.94 -27.47
C LEU O 5 27.20 78.69 -27.75
N THR O 6 27.73 79.29 -28.83
CA THR O 6 29.16 79.20 -29.08
C THR O 6 29.95 79.88 -27.96
N LYS O 7 29.47 81.02 -27.49
CA LYS O 7 30.09 81.66 -26.33
C LYS O 7 30.00 80.77 -25.10
N LEU O 8 28.88 80.07 -24.93
CA LEU O 8 28.74 79.14 -23.81
C LEU O 8 29.79 78.06 -23.88
N ASP O 9 29.98 77.47 -25.07
CA ASP O 9 30.95 76.38 -25.21
C ASP O 9 32.38 76.89 -24.96
N GLN O 10 32.73 78.02 -25.58
CA GLN O 10 34.07 78.56 -25.40
C GLN O 10 34.33 78.95 -23.96
N GLU O 11 33.36 79.60 -23.31
CA GLU O 11 33.52 80.01 -21.92
C GLU O 11 33.51 78.81 -20.98
N GLU O 12 32.80 77.73 -21.34
CA GLU O 12 32.84 76.53 -20.52
C GLU O 12 34.21 75.88 -20.59
N LYS O 13 34.79 75.79 -21.79
CA LYS O 13 36.15 75.29 -21.91
C LYS O 13 37.11 76.16 -21.11
N LYS O 14 37.01 77.48 -21.25
CA LYS O 14 37.91 78.39 -20.55
C LYS O 14 37.74 78.29 -19.04
N ALA O 15 36.49 78.21 -18.57
CA ALA O 15 36.22 78.18 -17.14
C ALA O 15 36.63 76.85 -16.52
N LEU O 16 36.43 75.75 -17.23
CA LEU O 16 36.91 74.46 -16.74
C LEU O 16 38.43 74.44 -16.67
N GLN O 17 39.09 74.96 -17.70
CA GLN O 17 40.55 75.03 -17.68
C GLN O 17 41.05 75.89 -16.52
N ASN O 18 40.42 77.05 -16.32
CA ASN O 18 40.82 77.95 -15.23
C ASN O 18 40.54 77.33 -13.88
N PHE O 19 39.40 76.63 -13.73
CA PHE O 19 39.06 75.99 -12.47
C PHE O 19 40.05 74.88 -12.12
N HIS O 20 40.42 74.06 -13.10
CA HIS O 20 41.40 73.01 -12.83
C HIS O 20 42.79 73.60 -12.57
N ARG O 21 43.15 74.68 -13.27
CA ARG O 21 44.41 75.35 -13.00
C ARG O 21 44.44 75.91 -11.58
N CYS O 22 43.33 76.53 -11.14
CA CYS O 22 43.26 77.05 -9.79
C CYS O 22 43.30 75.93 -8.76
N ALA O 23 42.64 74.81 -9.04
CA ALA O 23 42.69 73.68 -8.13
C ALA O 23 44.10 73.14 -8.00
N TRP O 24 44.81 73.03 -9.13
CA TRP O 24 46.20 72.58 -9.07
C TRP O 24 47.08 73.56 -8.31
N GLU O 25 46.88 74.86 -8.53
CA GLU O 25 47.65 75.85 -7.79
C GLU O 25 47.36 75.75 -6.30
N GLU O 26 46.10 75.50 -5.95
CA GLU O 26 45.73 75.40 -4.53
C GLU O 26 46.35 74.16 -3.88
N THR O 27 46.30 73.01 -4.55
CA THR O 27 46.92 71.83 -3.94
C THR O 27 48.43 71.97 -3.89
N LYS O 28 49.03 72.60 -4.91
CA LYS O 28 50.45 72.90 -4.87
C LYS O 28 50.80 73.75 -3.66
N ASN O 29 50.03 74.82 -3.43
CA ASN O 29 50.31 75.70 -2.30
C ASN O 29 50.08 74.99 -0.97
N ILE O 30 49.04 74.17 -0.89
CA ILE O 30 48.74 73.44 0.34
C ILE O 30 49.89 72.52 0.71
N ILE O 31 50.31 71.68 -0.25
CA ILE O 31 51.35 70.70 0.06
C ILE O 31 52.70 71.39 0.26
N ASN O 32 52.98 72.44 -0.51
CA ASN O 32 54.23 73.17 -0.31
C ASN O 32 54.27 73.82 1.06
N ASP O 33 53.16 74.40 1.51
CA ASP O 33 53.11 75.00 2.85
C ASP O 33 53.30 73.92 3.92
N PHE O 34 52.66 72.77 3.74
CA PHE O 34 52.81 71.72 4.75
C PHE O 34 54.23 71.19 4.80
N LEU O 35 54.88 71.02 3.64
CA LEU O 35 56.21 70.43 3.61
C LEU O 35 57.29 71.42 4.04
N GLU O 36 57.13 72.70 3.72
CA GLU O 36 58.19 73.68 3.95
C GLU O 36 57.95 74.51 5.21
N ILE O 37 56.85 75.24 5.29
CA ILE O 37 56.63 76.17 6.39
C ILE O 37 55.22 75.99 6.94
N PRO O 38 54.96 74.91 7.69
CA PRO O 38 53.60 74.72 8.25
C PRO O 38 53.42 75.34 9.62
N GLU O 39 54.52 75.66 10.30
CA GLU O 39 54.45 76.03 11.71
C GLU O 39 53.64 77.31 11.92
N GLU O 40 53.74 78.26 11.00
CA GLU O 40 53.00 79.51 11.12
C GLU O 40 51.58 79.41 10.59
N ARG O 41 51.17 78.23 10.10
CA ARG O 41 49.85 78.03 9.54
C ARG O 41 48.98 77.06 10.34
N CYS O 42 49.60 76.12 11.05
CA CYS O 42 48.87 75.09 11.77
C CYS O 42 48.84 75.38 13.27
N THR O 43 47.79 74.91 13.93
CA THR O 43 47.62 75.01 15.37
C THR O 43 47.43 73.62 15.96
N TYR O 44 47.33 73.56 17.28
CA TYR O 44 47.12 72.30 17.99
C TYR O 44 45.87 72.41 18.85
N LYS O 45 44.99 71.41 18.74
CA LYS O 45 43.75 71.40 19.51
C LYS O 45 43.61 70.05 20.18
N PHE O 46 43.31 70.04 21.48
CA PHE O 46 43.20 68.81 22.25
C PHE O 46 41.74 68.37 22.25
N ASN O 47 41.43 67.29 21.54
CA ASN O 47 40.10 66.70 21.57
C ASN O 47 40.01 65.84 22.83
N SER O 48 39.22 66.30 23.80
CA SER O 48 39.10 65.59 25.07
C SER O 48 38.27 64.33 24.94
N TYR O 49 37.30 64.31 24.02
CA TYR O 49 36.48 63.12 23.82
C TYR O 49 37.34 61.94 23.36
N THR O 50 38.27 62.19 22.44
CA THR O 50 39.27 61.21 22.05
C THR O 50 40.57 61.37 22.82
N LYS O 51 40.60 62.29 23.79
CA LYS O 51 41.75 62.58 24.66
C LYS O 51 43.07 62.58 23.92
N LYS O 52 43.11 63.19 22.73
CA LYS O 52 44.34 63.28 21.96
C LYS O 52 44.46 64.65 21.34
N MET O 53 45.70 65.09 21.13
CA MET O 53 45.96 66.37 20.49
C MET O 53 46.07 66.18 18.98
N GLU O 54 45.38 67.03 18.24
CA GLU O 54 45.34 66.96 16.79
C GLU O 54 45.86 68.26 16.19
N LEU O 55 46.53 68.13 15.06
CA LEU O 55 47.04 69.26 14.31
C LEU O 55 45.93 69.81 13.42
N LEU O 56 45.59 71.08 13.61
CA LEU O 56 44.61 71.78 12.79
C LEU O 56 45.40 72.56 11.75
N PHE O 57 45.41 72.06 10.52
CA PHE O 57 46.08 72.71 9.39
C PHE O 57 45.03 73.46 8.59
N THR O 58 45.22 74.78 8.44
CA THR O 58 44.25 75.64 7.76
C THR O 58 44.92 76.22 6.52
N PRO O 59 44.73 75.59 5.36
CA PRO O 59 45.31 76.15 4.13
C PRO O 59 44.73 77.53 3.83
N GLU O 60 45.57 78.37 3.23
CA GLU O 60 45.15 79.75 2.96
C GLU O 60 44.02 79.83 1.95
N PHE O 61 44.00 78.92 0.98
CA PHE O 61 43.03 78.96 -0.12
C PHE O 61 42.10 77.76 -0.04
N HIS O 62 40.82 78.01 -0.37
CA HIS O 62 39.81 76.94 -0.33
C HIS O 62 38.86 77.01 -1.53
N THR O 63 39.24 77.72 -2.59
CA THR O 63 38.29 77.99 -3.67
C THR O 63 37.99 76.75 -4.50
N ALA O 64 39.00 75.99 -4.88
CA ALA O 64 38.83 74.95 -5.89
C ALA O 64 39.40 73.59 -5.53
N TRP O 65 40.35 73.49 -4.59
CA TRP O 65 41.05 72.22 -4.39
C TRP O 65 40.11 71.15 -3.84
N HIS O 66 39.17 71.53 -2.96
CA HIS O 66 38.26 70.55 -2.39
C HIS O 66 37.11 70.20 -3.31
N GLU O 67 36.82 71.03 -4.32
CA GLU O 67 35.74 70.75 -5.24
C GLU O 67 36.11 69.70 -6.28
N VAL O 68 37.40 69.46 -6.49
CA VAL O 68 37.87 68.45 -7.43
C VAL O 68 38.10 67.17 -6.64
N PRO O 69 37.38 66.09 -6.92
CA PRO O 69 37.58 64.84 -6.15
C PRO O 69 39.00 64.32 -6.24
N GLU O 70 39.63 64.43 -7.41
CA GLU O 70 40.97 63.91 -7.58
C GLU O 70 42.00 64.71 -6.79
N CYS O 71 41.91 66.04 -6.84
CA CYS O 71 42.85 66.87 -6.09
C CYS O 71 42.68 66.68 -4.59
N ARG O 72 41.44 66.64 -4.10
CA ARG O 72 41.21 66.44 -2.68
C ARG O 72 41.68 65.08 -2.22
N GLU O 73 41.38 64.03 -3.01
CA GLU O 73 41.83 62.69 -2.65
C GLU O 73 43.35 62.62 -2.61
N PHE O 74 44.01 63.22 -3.60
CA PHE O 74 45.47 63.22 -3.60
C PHE O 74 46.03 64.00 -2.41
N ILE O 75 45.42 65.14 -2.07
CA ILE O 75 45.90 65.91 -0.94
C ILE O 75 45.81 65.08 0.33
N LEU O 76 44.66 64.46 0.56
CA LEU O 76 44.50 63.65 1.77
C LEU O 76 45.47 62.48 1.79
N ASN O 77 45.57 61.76 0.68
CA ASN O 77 46.43 60.58 0.64
C ASN O 77 47.90 60.95 0.80
N PHE O 78 48.34 62.02 0.14
CA PHE O 78 49.74 62.42 0.24
C PHE O 78 50.07 62.99 1.61
N LEU O 79 49.13 63.72 2.24
CA LEU O 79 49.36 64.17 3.59
C LEU O 79 49.47 63.00 4.55
N ARG O 80 48.63 61.98 4.37
CA ARG O 80 48.76 60.77 5.18
C ARG O 80 50.10 60.09 4.95
N LEU O 81 50.55 60.04 3.69
CA LEU O 81 51.82 59.39 3.37
C LEU O 81 52.99 60.12 4.01
N ILE O 82 53.10 61.44 3.79
CA ILE O 82 54.25 62.18 4.27
C ILE O 82 54.23 62.31 5.79
N SER O 83 53.04 62.52 6.37
CA SER O 83 52.93 62.64 7.81
C SER O 83 53.04 61.30 8.53
N GLY O 84 52.38 60.28 8.01
CA GLY O 84 52.24 59.03 8.72
C GLY O 84 51.10 59.01 9.72
N HIS O 85 50.50 60.15 10.01
CA HIS O 85 49.37 60.23 10.92
C HIS O 85 48.07 59.92 10.19
N ARG O 86 46.95 60.14 10.87
CA ARG O 86 45.63 60.00 10.26
C ARG O 86 45.13 61.39 9.93
N VAL O 87 44.89 61.65 8.65
CA VAL O 87 44.49 62.97 8.16
C VAL O 87 43.03 62.89 7.75
N VAL O 88 42.21 63.75 8.34
CA VAL O 88 40.79 63.85 7.97
C VAL O 88 40.48 65.30 7.66
N LEU O 89 39.81 65.52 6.53
CA LEU O 89 39.46 66.87 6.10
C LEU O 89 38.04 67.18 6.56
N LYS O 90 37.90 68.18 7.44
CA LYS O 90 36.60 68.68 7.85
C LYS O 90 36.55 70.18 7.60
N GLY O 91 35.58 70.60 6.78
CA GLY O 91 35.46 71.99 6.40
C GLY O 91 36.73 72.49 5.75
N PRO O 92 37.26 73.59 6.26
CA PRO O 92 38.54 74.12 5.76
C PRO O 92 39.77 73.61 6.50
N THR O 93 39.65 72.57 7.33
CA THR O 93 40.72 72.14 8.21
C THR O 93 41.14 70.72 7.91
N PHE O 94 42.45 70.48 7.95
CA PHE O 94 43.02 69.14 7.97
C PHE O 94 43.32 68.80 9.43
N VAL O 95 42.74 67.71 9.91
CA VAL O 95 42.98 67.23 11.26
C VAL O 95 43.97 66.08 11.19
N PHE O 96 45.15 66.28 11.77
CA PHE O 96 46.17 65.26 11.88
C PHE O 96 46.09 64.67 13.27
N THR O 97 45.66 63.42 13.36
CA THR O 97 45.59 62.69 14.63
C THR O 97 46.62 61.57 14.61
N LYS O 98 47.47 61.53 15.63
CA LYS O 98 48.50 60.51 15.69
C LYS O 98 47.88 59.12 15.78
N GLU O 99 48.42 58.20 15.00
CA GLU O 99 47.92 56.82 14.99
C GLU O 99 48.77 55.94 15.90
N MET P 1 74.51 -6.55 -53.33
CA MET P 1 73.30 -6.62 -52.53
C MET P 1 73.46 -7.65 -51.41
N GLU P 2 73.34 -8.93 -51.76
CA GLU P 2 73.40 -9.98 -50.75
C GLU P 2 74.77 -10.06 -50.11
N ALA P 3 75.82 -9.67 -50.83
CA ALA P 3 77.15 -9.59 -50.24
C ALA P 3 77.18 -8.56 -49.13
N VAL P 4 76.54 -7.40 -49.34
CA VAL P 4 76.54 -6.36 -48.32
C VAL P 4 75.74 -6.81 -47.10
N LEU P 5 74.63 -7.51 -47.30
CA LEU P 5 73.84 -7.97 -46.17
C LEU P 5 74.57 -9.08 -45.41
N THR P 6 75.26 -9.98 -46.12
CA THR P 6 76.06 -10.98 -45.44
C THR P 6 77.19 -10.34 -44.65
N LYS P 7 77.82 -9.31 -45.22
CA LYS P 7 78.84 -8.57 -44.49
C LYS P 7 78.26 -7.87 -43.28
N LEU P 8 77.02 -7.36 -43.39
CA LEU P 8 76.36 -6.76 -42.24
C LEU P 8 76.16 -7.79 -41.14
N ASP P 9 75.70 -8.98 -41.50
CA ASP P 9 75.47 -10.01 -40.49
C ASP P 9 76.77 -10.42 -39.82
N GLN P 10 77.81 -10.66 -40.62
CA GLN P 10 79.10 -11.07 -40.07
C GLN P 10 79.69 -9.98 -39.19
N GLU P 11 79.62 -8.73 -39.63
CA GLU P 11 80.19 -7.62 -38.86
C GLU P 11 79.37 -7.32 -37.63
N GLU P 12 78.05 -7.56 -37.67
CA GLU P 12 77.24 -7.42 -36.47
C GLU P 12 77.60 -8.47 -35.44
N LYS P 13 77.79 -9.72 -35.87
CA LYS P 13 78.23 -10.76 -34.94
C LYS P 13 79.60 -10.40 -34.35
N LYS P 14 80.54 -10.00 -35.20
CA LYS P 14 81.88 -9.66 -34.74
C LYS P 14 81.85 -8.46 -33.79
N ALA P 15 81.04 -7.44 -34.12
CA ALA P 15 81.00 -6.24 -33.29
C ALA P 15 80.30 -6.51 -31.96
N LEU P 16 79.25 -7.34 -31.95
CA LEU P 16 78.63 -7.71 -30.68
C LEU P 16 79.59 -8.51 -29.82
N GLN P 17 80.32 -9.45 -30.42
CA GLN P 17 81.29 -10.22 -29.67
C GLN P 17 82.37 -9.32 -29.09
N ASN P 18 82.89 -8.40 -29.91
CA ASN P 18 83.94 -7.49 -29.45
C ASN P 18 83.42 -6.53 -28.38
N PHE P 19 82.18 -6.07 -28.52
CA PHE P 19 81.60 -5.17 -27.53
C PHE P 19 81.41 -5.87 -26.19
N HIS P 20 80.93 -7.11 -26.20
CA HIS P 20 80.78 -7.84 -24.95
C HIS P 20 82.14 -8.19 -24.34
N ARG P 21 83.11 -8.54 -25.18
CA ARG P 21 84.46 -8.80 -24.68
C ARG P 21 85.07 -7.55 -24.05
N CYS P 22 84.88 -6.40 -24.68
CA CYS P 22 85.39 -5.15 -24.13
C CYS P 22 84.68 -4.79 -22.83
N ALA P 23 83.37 -5.02 -22.77
CA ALA P 23 82.64 -4.76 -21.52
C ALA P 23 83.13 -5.66 -20.39
N TRP P 24 83.38 -6.94 -20.69
CA TRP P 24 83.88 -7.84 -19.67
C TRP P 24 85.29 -7.44 -19.23
N GLU P 25 86.14 -7.05 -20.18
CA GLU P 25 87.48 -6.59 -19.81
C GLU P 25 87.39 -5.34 -18.96
N GLU P 26 86.46 -4.44 -19.28
CA GLU P 26 86.32 -3.21 -18.51
C GLU P 26 85.84 -3.48 -17.10
N THR P 27 84.86 -4.38 -16.92
CA THR P 27 84.40 -4.66 -15.57
C THR P 27 85.47 -5.42 -14.78
N LYS P 28 86.22 -6.31 -15.45
CA LYS P 28 87.37 -6.93 -14.81
C LYS P 28 88.34 -5.87 -14.30
N ASN P 29 88.70 -4.92 -15.15
CA ASN P 29 89.66 -3.90 -14.75
C ASN P 29 89.11 -3.03 -13.63
N ILE P 30 87.83 -2.67 -13.70
CA ILE P 30 87.23 -1.82 -12.68
C ILE P 30 87.28 -2.51 -11.32
N ILE P 31 86.78 -3.75 -11.25
CA ILE P 31 86.69 -4.42 -9.97
C ILE P 31 88.07 -4.80 -9.46
N ASN P 32 88.97 -5.20 -10.36
CA ASN P 32 90.34 -5.52 -9.93
C ASN P 32 91.05 -4.28 -9.38
N ASP P 33 90.86 -3.13 -10.03
CA ASP P 33 91.46 -1.90 -9.52
C ASP P 33 90.87 -1.54 -8.16
N PHE P 34 89.56 -1.70 -7.99
CA PHE P 34 88.97 -1.38 -6.70
C PHE P 34 89.46 -2.32 -5.61
N LEU P 35 89.60 -3.61 -5.92
CA LEU P 35 89.98 -4.58 -4.90
C LEU P 35 91.46 -4.51 -4.56
N GLU P 36 92.32 -4.23 -5.55
CA GLU P 36 93.77 -4.31 -5.35
C GLU P 36 94.40 -2.95 -5.09
N ILE P 37 94.27 -2.02 -6.03
CA ILE P 37 94.96 -0.73 -5.91
C ILE P 37 93.97 0.39 -6.23
N PRO P 38 93.07 0.73 -5.31
CA PRO P 38 92.11 1.81 -5.59
C PRO P 38 92.61 3.18 -5.18
N GLU P 39 93.64 3.22 -4.33
CA GLU P 39 94.05 4.49 -3.72
C GLU P 39 94.56 5.48 -4.75
N GLU P 40 95.16 5.01 -5.83
CA GLU P 40 95.65 5.91 -6.88
C GLU P 40 94.56 6.31 -7.86
N ARG P 41 93.36 5.77 -7.72
CA ARG P 41 92.28 6.03 -8.66
C ARG P 41 91.06 6.71 -8.04
N CYS P 42 91.01 6.83 -6.72
CA CYS P 42 89.84 7.37 -6.03
C CYS P 42 90.21 8.66 -5.31
N THR P 43 89.25 9.57 -5.26
CA THR P 43 89.33 10.83 -4.53
C THR P 43 88.22 10.89 -3.50
N TYR P 44 88.20 11.96 -2.71
CA TYR P 44 87.20 12.14 -1.67
C TYR P 44 86.58 13.52 -1.82
N LYS P 45 85.24 13.57 -1.91
CA LYS P 45 84.54 14.83 -2.09
C LYS P 45 83.47 14.96 -1.02
N PHE P 46 83.51 16.05 -0.27
CA PHE P 46 82.58 16.26 0.84
C PHE P 46 81.32 16.93 0.32
N ASN P 47 80.25 16.15 0.20
CA ASN P 47 78.93 16.69 -0.10
C ASN P 47 78.39 17.34 1.16
N SER P 48 78.32 18.68 1.15
CA SER P 48 77.87 19.42 2.33
C SER P 48 76.36 19.34 2.51
N TYR P 49 75.61 19.18 1.41
CA TYR P 49 74.16 19.07 1.52
C TYR P 49 73.77 17.83 2.31
N THR P 50 74.46 16.72 2.09
CA THR P 50 74.30 15.52 2.89
C THR P 50 75.27 15.46 4.06
N LYS P 51 76.03 16.54 4.27
CA LYS P 51 77.00 16.68 5.37
C LYS P 51 77.82 15.40 5.58
N LYS P 52 78.29 14.85 4.47
CA LYS P 52 79.15 13.67 4.52
C LYS P 52 80.02 13.67 3.28
N MET P 53 81.17 13.00 3.36
CA MET P 53 82.04 12.92 2.20
C MET P 53 81.90 11.54 1.54
N GLU P 54 81.94 11.55 0.21
CA GLU P 54 81.78 10.37 -0.60
C GLU P 54 83.09 10.05 -1.32
N LEU P 55 83.35 8.76 -1.49
CA LEU P 55 84.50 8.29 -2.23
C LEU P 55 84.16 8.29 -3.71
N LEU P 56 84.89 9.07 -4.50
CA LEU P 56 84.72 9.15 -5.94
C LEU P 56 85.71 8.19 -6.59
N PHE P 57 85.20 7.10 -7.13
CA PHE P 57 86.00 6.12 -7.86
C PHE P 57 85.84 6.39 -9.34
N THR P 58 86.96 6.62 -10.04
CA THR P 58 86.96 7.00 -11.45
C THR P 58 87.67 5.90 -12.24
N PRO P 59 86.95 4.90 -12.71
CA PRO P 59 87.59 3.83 -13.49
C PRO P 59 88.22 4.38 -14.76
N GLU P 60 89.36 3.78 -15.14
CA GLU P 60 90.12 4.28 -16.27
C GLU P 60 89.36 4.14 -17.58
N PHE P 61 88.59 3.08 -17.74
CA PHE P 61 87.91 2.78 -19.00
C PHE P 61 86.40 2.95 -18.84
N HIS P 62 85.78 3.55 -19.86
CA HIS P 62 84.35 3.84 -19.82
C HIS P 62 83.67 3.55 -21.16
N THR P 63 84.27 2.68 -22.00
CA THR P 63 83.79 2.54 -23.37
C THR P 63 82.57 1.64 -23.47
N ALA P 64 82.52 0.55 -22.70
CA ALA P 64 81.49 -0.46 -22.90
C ALA P 64 80.80 -0.96 -21.64
N TRP P 65 81.43 -0.85 -20.47
CA TRP P 65 80.88 -1.52 -19.29
C TRP P 65 79.54 -0.94 -18.86
N HIS P 66 79.35 0.38 -19.00
CA HIS P 66 78.09 0.99 -18.60
C HIS P 66 77.00 0.84 -19.64
N GLU P 67 77.36 0.49 -20.88
CA GLU P 67 76.37 0.29 -21.94
C GLU P 67 75.73 -1.08 -21.91
N VAL P 68 76.28 -2.01 -21.14
CA VAL P 68 75.69 -3.34 -20.95
C VAL P 68 74.93 -3.32 -19.62
N PRO P 69 73.60 -3.48 -19.63
CA PRO P 69 72.87 -3.42 -18.36
C PRO P 69 73.32 -4.48 -17.36
N GLU P 70 73.66 -5.67 -17.84
CA GLU P 70 74.06 -6.75 -16.94
C GLU P 70 75.41 -6.43 -16.29
N CYS P 71 76.38 -5.97 -17.08
CA CYS P 71 77.69 -5.65 -16.52
C CYS P 71 77.61 -4.49 -15.54
N ARG P 72 76.85 -3.45 -15.87
CA ARG P 72 76.71 -2.31 -14.97
C ARG P 72 75.99 -2.71 -13.68
N GLU P 73 74.92 -3.49 -13.80
CA GLU P 73 74.21 -3.95 -12.61
C GLU P 73 75.11 -4.80 -11.73
N PHE P 74 75.90 -5.69 -12.32
CA PHE P 74 76.81 -6.51 -11.53
C PHE P 74 77.89 -5.65 -10.88
N ILE P 75 78.42 -4.66 -11.61
CA ILE P 75 79.45 -3.82 -11.02
C ILE P 75 78.90 -3.09 -9.80
N LEU P 76 77.72 -2.49 -9.94
CA LEU P 76 77.13 -1.76 -8.82
C LEU P 76 76.86 -2.70 -7.65
N ASN P 77 76.23 -3.85 -7.92
CA ASN P 77 75.86 -4.77 -6.85
C ASN P 77 77.08 -5.34 -6.16
N PHE P 78 78.11 -5.71 -6.92
CA PHE P 78 79.31 -6.29 -6.31
C PHE P 78 80.12 -5.25 -5.57
N LEU P 79 80.16 -4.00 -6.04
CA LEU P 79 80.81 -2.96 -5.27
C LEU P 79 80.08 -2.72 -3.96
N ARG P 80 78.74 -2.72 -4.00
CA ARG P 80 77.98 -2.60 -2.76
C ARG P 80 78.28 -3.76 -1.82
N LEU P 81 78.38 -4.98 -2.37
CA LEU P 81 78.65 -6.15 -1.53
C LEU P 81 80.03 -6.06 -0.89
N ILE P 82 81.07 -5.84 -1.70
CA ILE P 82 82.43 -5.88 -1.17
C ILE P 82 82.72 -4.70 -0.26
N SER P 83 82.19 -3.51 -0.59
CA SER P 83 82.47 -2.34 0.23
C SER P 83 81.53 -2.21 1.41
N GLY P 84 80.25 -2.54 1.21
CA GLY P 84 79.25 -2.35 2.24
C GLY P 84 78.64 -0.97 2.27
N HIS P 85 79.15 -0.03 1.49
CA HIS P 85 78.62 1.32 1.43
C HIS P 85 77.56 1.42 0.34
N ARG P 86 76.81 2.52 0.38
CA ARG P 86 75.87 2.83 -0.68
C ARG P 86 76.64 3.31 -1.90
N VAL P 87 76.52 2.57 -3.01
CA VAL P 87 77.24 2.85 -4.24
C VAL P 87 76.26 3.34 -5.27
N VAL P 88 76.51 4.53 -5.84
CA VAL P 88 75.70 5.06 -6.92
C VAL P 88 76.60 5.48 -8.06
N LEU P 89 76.27 5.04 -9.27
CA LEU P 89 77.04 5.39 -10.46
C LEU P 89 76.42 6.64 -11.08
N LYS P 90 77.17 7.73 -11.09
CA LYS P 90 76.76 8.95 -11.77
C LYS P 90 77.84 9.33 -12.78
N GLY P 91 77.44 9.47 -14.04
CA GLY P 91 78.36 9.76 -15.10
C GLY P 91 79.48 8.73 -15.16
N PRO P 92 80.72 9.20 -15.10
CA PRO P 92 81.87 8.30 -15.07
C PRO P 92 82.37 7.92 -13.67
N THR P 93 81.62 8.22 -12.62
CA THR P 93 82.10 8.09 -11.26
C THR P 93 81.22 7.14 -10.45
N PHE P 94 81.85 6.39 -9.56
CA PHE P 94 81.16 5.65 -8.52
C PHE P 94 81.24 6.45 -7.23
N VAL P 95 80.10 6.72 -6.62
CA VAL P 95 80.03 7.45 -5.36
C VAL P 95 79.77 6.44 -4.26
N PHE P 96 80.73 6.33 -3.34
CA PHE P 96 80.62 5.50 -2.15
C PHE P 96 80.24 6.39 -0.99
N THR P 97 79.03 6.22 -0.46
CA THR P 97 78.56 6.95 0.70
C THR P 97 78.31 5.97 1.84
N LYS P 98 78.91 6.24 3.00
CA LYS P 98 78.75 5.33 4.13
C LYS P 98 77.29 5.30 4.57
N GLU P 99 76.81 4.10 4.86
CA GLU P 99 75.43 3.92 5.31
C GLU P 99 75.35 3.84 6.83
N MET Q 1 92.03 -2.02 -0.76
CA MET Q 1 90.57 -2.00 -0.74
C MET Q 1 90.05 -1.57 0.62
N GLU Q 2 90.32 -2.37 1.65
CA GLU Q 2 89.84 -2.04 2.98
C GLU Q 2 90.56 -0.82 3.55
N ALA Q 3 91.82 -0.62 3.16
CA ALA Q 3 92.54 0.56 3.60
C ALA Q 3 91.89 1.83 3.09
N VAL Q 4 91.44 1.81 1.83
CA VAL Q 4 90.78 3.00 1.26
C VAL Q 4 89.46 3.29 1.97
N LEU Q 5 88.71 2.24 2.30
CA LEU Q 5 87.43 2.46 2.98
C LEU Q 5 87.64 2.94 4.42
N THR Q 6 88.65 2.39 5.11
CA THR Q 6 88.97 2.89 6.45
C THR Q 6 89.42 4.34 6.40
N LYS Q 7 90.23 4.69 5.39
CA LYS Q 7 90.61 6.08 5.20
C LYS Q 7 89.39 6.95 4.91
N LEU Q 8 88.44 6.42 4.15
CA LEU Q 8 87.22 7.18 3.87
C LEU Q 8 86.44 7.45 5.15
N ASP Q 9 86.29 6.45 6.00
CA ASP Q 9 85.57 6.64 7.26
C ASP Q 9 86.29 7.65 8.15
N GLN Q 10 87.61 7.48 8.30
CA GLN Q 10 88.37 8.39 9.15
C GLN Q 10 88.34 9.82 8.61
N GLU Q 11 88.47 9.98 7.30
CA GLU Q 11 88.42 11.29 6.69
C GLU Q 11 87.02 11.89 6.78
N GLU Q 12 85.97 11.07 6.70
CA GLU Q 12 84.63 11.59 6.87
C GLU Q 12 84.42 12.11 8.28
N LYS Q 13 84.90 11.38 9.29
CA LYS Q 13 84.81 11.87 10.65
C LYS Q 13 85.59 13.17 10.81
N LYS Q 14 86.83 13.20 10.31
CA LYS Q 14 87.65 14.39 10.44
C LYS Q 14 87.05 15.59 9.71
N ALA Q 15 86.52 15.36 8.51
CA ALA Q 15 85.97 16.45 7.72
C ALA Q 15 84.66 16.95 8.29
N LEU Q 16 83.83 16.06 8.84
CA LEU Q 16 82.62 16.50 9.51
C LEU Q 16 82.97 17.33 10.74
N GLN Q 17 83.95 16.89 11.53
CA GLN Q 17 84.38 17.65 12.69
C GLN Q 17 84.90 19.02 12.27
N ASN Q 18 85.73 19.07 11.23
CA ASN Q 18 86.28 20.34 10.77
C ASN Q 18 85.20 21.24 10.21
N PHE Q 19 84.23 20.67 9.49
CA PHE Q 19 83.14 21.47 8.93
C PHE Q 19 82.28 22.07 10.03
N HIS Q 20 81.95 21.29 11.05
CA HIS Q 20 81.16 21.84 12.15
C HIS Q 20 81.95 22.86 12.95
N ARG Q 21 83.25 22.62 13.14
CA ARG Q 21 84.09 23.60 13.82
C ARG Q 21 84.15 24.91 13.04
N CYS Q 22 84.29 24.83 11.72
CA CYS Q 22 84.32 26.03 10.89
C CYS Q 22 82.97 26.75 10.92
N ALA Q 23 81.87 25.98 10.91
CA ALA Q 23 80.56 26.61 10.99
C ALA Q 23 80.37 27.33 12.33
N TRP Q 24 80.82 26.72 13.42
CA TRP Q 24 80.73 27.38 14.72
C TRP Q 24 81.61 28.63 14.77
N GLU Q 25 82.81 28.55 14.21
CA GLU Q 25 83.66 29.73 14.16
C GLU Q 25 83.02 30.84 13.34
N GLU Q 26 82.37 30.47 12.23
CA GLU Q 26 81.73 31.46 11.38
C GLU Q 26 80.54 32.12 12.09
N THR Q 27 79.70 31.35 12.77
CA THR Q 27 78.58 31.97 13.47
C THR Q 27 79.07 32.79 14.65
N LYS Q 28 80.13 32.35 15.34
CA LYS Q 28 80.75 33.15 16.38
C LYS Q 28 81.19 34.50 15.82
N ASN Q 29 81.90 34.48 14.70
CA ASN Q 29 82.40 35.72 14.12
C ASN Q 29 81.27 36.61 13.64
N ILE Q 30 80.22 36.02 13.06
CA ILE Q 30 79.09 36.80 12.57
C ILE Q 30 78.41 37.52 13.72
N ILE Q 31 78.07 36.79 14.79
CA ILE Q 31 77.34 37.42 15.88
C ILE Q 31 78.23 38.37 16.65
N ASN Q 32 79.52 38.04 16.80
CA ASN Q 32 80.44 38.97 17.47
C ASN Q 32 80.58 40.27 16.68
N ASP Q 33 80.68 40.17 15.36
CA ASP Q 33 80.76 41.37 14.53
C ASP Q 33 79.48 42.20 14.65
N PHE Q 34 78.32 41.54 14.66
CA PHE Q 34 77.08 42.29 14.79
C PHE Q 34 76.98 42.97 16.15
N LEU Q 35 77.38 42.28 17.22
CA LEU Q 35 77.18 42.83 18.56
C LEU Q 35 78.21 43.90 18.89
N GLU Q 36 79.44 43.76 18.42
CA GLU Q 36 80.53 44.66 18.82
C GLU Q 36 80.82 45.75 17.79
N ILE Q 37 81.17 45.36 16.57
CA ILE Q 37 81.62 46.33 15.58
C ILE Q 37 80.93 46.12 14.23
N PRO Q 38 79.61 46.33 14.14
CA PRO Q 38 78.93 46.15 12.84
C PRO Q 38 79.03 47.35 11.92
N GLU Q 39 79.39 48.53 12.43
CA GLU Q 39 79.31 49.76 11.64
C GLU Q 39 80.23 49.72 10.43
N GLU Q 40 81.37 49.04 10.53
CA GLU Q 40 82.29 48.94 9.41
C GLU Q 40 81.98 47.77 8.49
N ARG Q 41 80.90 47.05 8.74
CA ARG Q 41 80.55 45.87 7.96
C ARG Q 41 79.19 45.97 7.27
N CYS Q 42 78.26 46.75 7.80
CA CYS Q 42 76.91 46.83 7.27
C CYS Q 42 76.69 48.15 6.55
N THR Q 43 75.79 48.12 5.57
CA THR Q 43 75.36 49.29 4.81
C THR Q 43 73.85 49.46 4.94
N TYR Q 44 73.32 50.50 4.31
CA TYR Q 44 71.90 50.79 4.31
C TYR Q 44 71.41 50.91 2.87
N LYS Q 45 70.32 50.21 2.56
CA LYS Q 45 69.75 50.24 1.21
C LYS Q 45 68.26 50.51 1.32
N PHE Q 46 67.77 51.48 0.56
CA PHE Q 46 66.36 51.84 0.59
C PHE Q 46 65.62 51.04 -0.46
N ASN Q 47 64.78 50.11 -0.01
CA ASN Q 47 63.89 49.37 -0.90
C ASN Q 47 62.67 50.24 -1.18
N SER Q 48 62.57 50.75 -2.42
CA SER Q 48 61.48 51.65 -2.76
C SER Q 48 60.16 50.92 -2.93
N TYR Q 49 60.21 49.65 -3.34
CA TYR Q 49 58.98 48.87 -3.47
C TYR Q 49 58.27 48.72 -2.13
N THR Q 50 59.03 48.44 -1.07
CA THR Q 50 58.51 48.45 0.28
C THR Q 50 58.71 49.79 0.97
N LYS Q 51 59.22 50.79 0.24
CA LYS Q 51 59.46 52.15 0.70
C LYS Q 51 60.04 52.21 2.11
N LYS Q 52 61.04 51.37 2.39
CA LYS Q 52 61.68 51.35 3.70
C LYS Q 52 63.17 51.06 3.54
N MET Q 53 63.95 51.57 4.48
CA MET Q 53 65.39 51.35 4.47
C MET Q 53 65.71 50.08 5.26
N GLU Q 54 66.54 49.22 4.68
CA GLU Q 54 66.93 47.98 5.29
C GLU Q 54 68.44 47.97 5.50
N LEU Q 55 68.84 47.35 6.60
CA LEU Q 55 70.25 47.21 6.95
C LEU Q 55 70.80 45.96 6.27
N LEU Q 56 71.79 46.14 5.40
CA LEU Q 56 72.45 45.05 4.69
C LEU Q 56 73.71 44.69 5.48
N PHE Q 57 73.67 43.54 6.14
CA PHE Q 57 74.80 43.04 6.91
C PHE Q 57 75.51 41.98 6.07
N THR Q 58 76.81 42.16 5.85
CA THR Q 58 77.59 41.29 4.98
C THR Q 58 78.70 40.65 5.81
N PRO Q 59 78.44 39.49 6.40
CA PRO Q 59 79.49 38.81 7.17
C PRO Q 59 80.68 38.45 6.30
N GLU Q 60 81.86 38.52 6.90
CA GLU Q 60 83.09 38.31 6.14
C GLU Q 60 83.23 36.86 5.65
N PHE Q 61 82.74 35.90 6.42
CA PHE Q 61 82.89 34.49 6.12
C PHE Q 61 81.56 33.87 5.73
N HIS Q 62 81.58 33.04 4.69
CA HIS Q 62 80.37 32.44 4.15
C HIS Q 62 80.56 30.98 3.75
N THR Q 63 81.55 30.30 4.33
CA THR Q 63 81.89 28.96 3.85
C THR Q 63 80.97 27.89 4.41
N ALA Q 64 80.68 27.92 5.72
CA ALA Q 64 80.04 26.78 6.36
C ALA Q 64 78.82 27.12 7.21
N TRP Q 65 78.65 28.37 7.66
CA TRP Q 65 77.59 28.64 8.62
C TRP Q 65 76.21 28.48 8.00
N HIS Q 66 76.05 28.84 6.73
CA HIS Q 66 74.75 28.73 6.09
C HIS Q 66 74.41 27.31 5.67
N GLU Q 67 75.42 26.44 5.53
CA GLU Q 67 75.17 25.06 5.13
C GLU Q 67 74.65 24.20 6.27
N VAL Q 68 74.84 24.63 7.51
CA VAL Q 68 74.34 23.92 8.69
C VAL Q 68 72.97 24.50 9.02
N PRO Q 69 71.89 23.71 8.95
CA PRO Q 69 70.56 24.27 9.28
C PRO Q 69 70.48 24.82 10.69
N GLU Q 70 71.13 24.15 11.65
CA GLU Q 70 71.06 24.60 13.04
C GLU Q 70 71.77 25.93 13.24
N CYS Q 71 72.98 26.06 12.70
CA CYS Q 71 73.73 27.30 12.85
C CYS Q 71 73.02 28.46 12.16
N ARG Q 72 72.51 28.24 10.94
CA ARG Q 72 71.81 29.29 10.23
C ARG Q 72 70.53 29.70 10.95
N GLU Q 73 69.76 28.71 11.42
CA GLU Q 73 68.54 29.02 12.15
C GLU Q 73 68.84 29.80 13.42
N PHE Q 74 69.88 29.39 14.16
CA PHE Q 74 70.24 30.13 15.36
C PHE Q 74 70.71 31.54 15.03
N ILE Q 75 71.48 31.70 13.96
CA ILE Q 75 71.94 33.04 13.59
C ILE Q 75 70.76 33.94 13.31
N LEU Q 76 69.81 33.47 12.48
CA LEU Q 76 68.64 34.28 12.16
C LEU Q 76 67.83 34.60 13.40
N ASN Q 77 67.56 33.57 14.22
CA ASN Q 77 66.71 33.78 15.40
C ASN Q 77 67.36 34.71 16.41
N PHE Q 78 68.67 34.54 16.65
CA PHE Q 78 69.35 35.39 17.61
C PHE Q 78 69.53 36.81 17.10
N LEU Q 79 69.73 36.99 15.79
CA LEU Q 79 69.78 38.34 15.25
C LEU Q 79 68.42 39.01 15.38
N ARG Q 80 67.35 38.28 15.14
CA ARG Q 80 66.01 38.83 15.35
C ARG Q 80 65.80 39.20 16.82
N LEU Q 81 66.29 38.36 17.73
CA LEU Q 81 66.11 38.63 19.16
C LEU Q 81 66.88 39.87 19.59
N ILE Q 82 68.17 39.93 19.26
CA ILE Q 82 69.01 41.00 19.76
C ILE Q 82 68.73 42.32 19.06
N SER Q 83 68.35 42.28 17.78
CA SER Q 83 68.05 43.53 17.08
C SER Q 83 66.60 43.95 17.25
N GLY Q 84 65.68 42.99 17.32
CA GLY Q 84 64.26 43.29 17.38
C GLY Q 84 63.62 43.54 16.04
N HIS Q 85 64.40 43.70 14.98
CA HIS Q 85 63.88 43.92 13.64
C HIS Q 85 63.53 42.59 12.98
N ARG Q 86 63.05 42.66 11.75
CA ARG Q 86 62.83 41.48 10.94
C ARG Q 86 64.09 41.17 10.15
N VAL Q 87 64.72 40.02 10.44
CA VAL Q 87 65.96 39.62 9.81
C VAL Q 87 65.65 38.53 8.81
N VAL Q 88 66.01 38.75 7.55
CA VAL Q 88 65.84 37.74 6.51
C VAL Q 88 67.19 37.54 5.81
N LEU Q 89 67.59 36.29 5.66
CA LEU Q 89 68.87 35.96 5.03
C LEU Q 89 68.63 35.75 3.54
N LYS Q 90 69.18 36.62 2.71
CA LYS Q 90 69.12 36.47 1.26
C LYS Q 90 70.53 36.43 0.72
N GLY Q 91 70.87 35.33 0.05
CA GLY Q 91 72.20 35.14 -0.48
C GLY Q 91 73.26 35.24 0.61
N PRO Q 92 74.24 36.11 0.40
CA PRO Q 92 75.27 36.35 1.43
C PRO Q 92 74.95 37.48 2.39
N THR Q 93 73.72 37.97 2.44
CA THR Q 93 73.38 39.18 3.18
C THR Q 93 72.27 38.92 4.18
N PHE Q 94 72.35 39.65 5.30
CA PHE Q 94 71.26 39.74 6.26
C PHE Q 94 70.53 41.06 6.03
N VAL Q 95 69.22 40.99 5.81
CA VAL Q 95 68.40 42.18 5.62
C VAL Q 95 67.64 42.42 6.91
N PHE Q 96 67.93 43.55 7.56
CA PHE Q 96 67.23 43.99 8.76
C PHE Q 96 66.20 45.03 8.33
N THR Q 97 64.93 44.68 8.40
CA THR Q 97 63.84 45.60 8.09
C THR Q 97 63.08 45.90 9.36
N LYS Q 98 62.93 47.19 9.67
CA LYS Q 98 62.23 47.59 10.89
C LYS Q 98 60.78 47.12 10.86
N GLU Q 99 60.32 46.56 11.97
CA GLU Q 99 58.96 46.09 12.09
C GLU Q 99 58.07 47.13 12.76
N MET R 1 75.85 47.51 18.27
CA MET R 1 74.74 47.21 17.37
C MET R 1 73.64 48.25 17.52
N GLU R 2 73.32 48.59 18.77
CA GLU R 2 72.23 49.53 19.02
C GLU R 2 72.50 50.88 18.39
N ALA R 3 73.76 51.30 18.34
CA ALA R 3 74.10 52.51 17.60
C ALA R 3 73.80 52.34 16.12
N VAL R 4 74.14 51.19 15.55
CA VAL R 4 73.88 50.94 14.14
C VAL R 4 72.37 50.86 13.89
N LEU R 5 71.62 50.26 14.81
CA LEU R 5 70.17 50.18 14.65
C LEU R 5 69.53 51.56 14.74
N THR R 6 70.00 52.40 15.67
CA THR R 6 69.50 53.76 15.77
C THR R 6 69.82 54.55 14.50
N LYS R 7 71.03 54.37 13.97
CA LYS R 7 71.38 55.02 12.71
C LYS R 7 70.51 54.52 11.58
N LEU R 8 70.18 53.22 11.57
CA LEU R 8 69.29 52.67 10.56
C LEU R 8 67.91 53.28 10.65
N ASP R 9 67.38 53.43 11.87
CA ASP R 9 66.05 54.02 12.03
C ASP R 9 66.06 55.49 11.57
N GLN R 10 67.08 56.24 12.00
CA GLN R 10 67.17 57.65 11.60
C GLN R 10 67.33 57.79 10.09
N GLU R 11 68.16 56.93 9.48
CA GLU R 11 68.35 56.97 8.04
C GLU R 11 67.10 56.55 7.29
N GLU R 12 66.35 55.59 7.83
CA GLU R 12 65.08 55.22 7.21
C GLU R 12 64.10 56.37 7.24
N LYS R 13 63.99 57.06 8.38
CA LYS R 13 63.10 58.20 8.46
C LYS R 13 63.53 59.30 7.49
N LYS R 14 64.82 59.62 7.48
CA LYS R 14 65.31 60.68 6.60
C LYS R 14 65.14 60.30 5.13
N ALA R 15 65.40 59.05 4.78
CA ALA R 15 65.30 58.63 3.39
C ALA R 15 63.85 58.56 2.94
N LEU R 16 62.94 58.13 3.82
CA LEU R 16 61.53 58.15 3.46
C LEU R 16 61.04 59.58 3.26
N GLN R 17 61.45 60.50 4.15
CA GLN R 17 61.07 61.90 3.99
C GLN R 17 61.62 62.47 2.68
N ASN R 18 62.88 62.17 2.39
CA ASN R 18 63.49 62.68 1.16
C ASN R 18 62.86 62.05 -0.08
N PHE R 19 62.50 60.77 0.00
CA PHE R 19 61.85 60.10 -1.13
C PHE R 19 60.48 60.70 -1.41
N HIS R 20 59.69 60.96 -0.36
CA HIS R 20 58.40 61.58 -0.57
C HIS R 20 58.53 63.02 -1.06
N ARG R 21 59.53 63.75 -0.55
CA ARG R 21 59.78 65.11 -1.03
C ARG R 21 60.16 65.11 -2.50
N CYS R 22 61.02 64.17 -2.91
CA CYS R 22 61.42 64.07 -4.31
C CYS R 22 60.25 63.67 -5.19
N ALA R 23 59.40 62.76 -4.70
CA ALA R 23 58.21 62.38 -5.47
C ALA R 23 57.27 63.56 -5.64
N TRP R 24 57.08 64.36 -4.59
CA TRP R 24 56.25 65.55 -4.71
C TRP R 24 56.85 66.55 -5.67
N GLU R 25 58.17 66.76 -5.61
CA GLU R 25 58.81 67.67 -6.54
C GLU R 25 58.66 67.18 -7.96
N GLU R 26 58.76 65.86 -8.17
CA GLU R 26 58.63 65.31 -9.51
C GLU R 26 57.22 65.47 -10.06
N THR R 27 56.19 65.18 -9.25
CA THR R 27 54.83 65.36 -9.75
C THR R 27 54.52 66.84 -9.97
N LYS R 28 55.04 67.70 -9.10
CA LYS R 28 54.91 69.14 -9.31
C LYS R 28 55.49 69.55 -10.65
N ASN R 29 56.72 69.11 -10.94
CA ASN R 29 57.37 69.47 -12.19
C ASN R 29 56.62 68.88 -13.38
N ILE R 30 56.14 67.64 -13.26
CA ILE R 30 55.43 67.00 -14.37
C ILE R 30 54.17 67.78 -14.71
N ILE R 31 53.35 68.07 -13.71
CA ILE R 31 52.08 68.74 -13.99
C ILE R 31 52.32 70.19 -14.40
N ASN R 32 53.30 70.87 -13.81
CA ASN R 32 53.61 72.23 -14.23
C ASN R 32 54.09 72.27 -15.66
N ASP R 33 54.93 71.31 -16.06
CA ASP R 33 55.38 71.25 -17.44
C ASP R 33 54.22 71.00 -18.39
N PHE R 34 53.32 70.09 -18.01
CA PHE R 34 52.17 69.82 -18.88
C PHE R 34 51.27 71.04 -19.00
N LEU R 35 51.04 71.76 -17.90
CA LEU R 35 50.10 72.87 -17.94
C LEU R 35 50.69 74.10 -18.62
N GLU R 36 51.97 74.39 -18.39
CA GLU R 36 52.55 75.64 -18.87
C GLU R 36 53.27 75.47 -20.21
N ILE R 37 54.30 74.62 -20.25
CA ILE R 37 55.15 74.53 -21.44
C ILE R 37 55.36 73.08 -21.86
N PRO R 38 54.33 72.40 -22.36
CA PRO R 38 54.50 71.01 -22.77
C PRO R 38 55.01 70.84 -24.19
N GLU R 39 54.89 71.91 -25.00
CA GLU R 39 55.14 71.79 -26.43
C GLU R 39 56.58 71.38 -26.74
N GLU R 40 57.53 71.75 -25.89
CA GLU R 40 58.92 71.39 -26.09
C GLU R 40 59.29 70.07 -25.42
N ARG R 41 58.31 69.37 -24.86
CA ARG R 41 58.55 68.12 -24.14
C ARG R 41 57.82 66.92 -24.71
N CYS R 42 56.70 67.13 -25.40
CA CYS R 42 55.88 66.04 -25.90
C CYS R 42 55.96 65.93 -27.42
N THR R 43 55.81 64.71 -27.90
CA THR R 43 55.80 64.39 -29.33
C THR R 43 54.47 63.73 -29.69
N TYR R 44 54.33 63.36 -30.96
CA TYR R 44 53.13 62.69 -31.45
C TYR R 44 53.54 61.42 -32.17
N LYS R 45 52.90 60.30 -31.83
CA LYS R 45 53.24 59.02 -32.43
C LYS R 45 51.96 58.34 -32.94
N PHE R 46 51.98 57.91 -34.19
CA PHE R 46 50.81 57.32 -34.82
C PHE R 46 50.78 55.82 -34.56
N ASN R 47 49.86 55.39 -33.71
CA ASN R 47 49.57 53.97 -33.54
C ASN R 47 48.63 53.56 -34.66
N SER R 48 49.14 52.80 -35.62
CA SER R 48 48.35 52.38 -36.77
C SER R 48 47.38 51.26 -36.41
N TYR R 49 47.70 50.45 -35.40
CA TYR R 49 46.78 49.41 -34.96
C TYR R 49 45.48 50.01 -34.44
N THR R 50 45.58 51.11 -33.69
CA THR R 50 44.42 51.89 -33.28
C THR R 50 44.15 53.06 -34.20
N LYS R 51 44.92 53.17 -35.29
CA LYS R 51 44.76 54.19 -36.35
C LYS R 51 44.48 55.58 -35.77
N LYS R 52 45.35 56.01 -34.86
CA LYS R 52 45.25 57.34 -34.28
C LYS R 52 46.61 57.76 -33.75
N MET R 53 46.83 59.07 -33.66
CA MET R 53 48.04 59.53 -33.00
C MET R 53 47.81 59.75 -31.52
N GLU R 54 48.81 59.35 -30.74
CA GLU R 54 48.83 59.55 -29.31
C GLU R 54 49.91 60.55 -28.97
N LEU R 55 49.60 61.42 -28.00
CA LEU R 55 50.57 62.37 -27.49
C LEU R 55 51.50 61.65 -26.52
N LEU R 56 52.79 61.61 -26.86
CA LEU R 56 53.81 61.01 -26.02
C LEU R 56 54.42 62.12 -25.17
N PHE R 57 54.10 62.13 -23.89
CA PHE R 57 54.63 63.10 -22.94
C PHE R 57 55.74 62.42 -22.15
N THR R 58 56.94 63.01 -22.19
CA THR R 58 58.13 62.45 -21.55
C THR R 58 58.58 63.39 -20.44
N PRO R 59 58.12 63.17 -19.21
CA PRO R 59 58.58 64.02 -18.11
C PRO R 59 60.09 63.92 -17.90
N GLU R 60 60.69 65.04 -17.51
CA GLU R 60 62.14 65.10 -17.40
C GLU R 60 62.66 64.20 -16.29
N PHE R 61 61.89 64.03 -15.21
CA PHE R 61 62.34 63.28 -14.04
C PHE R 61 61.49 62.03 -13.86
N HIS R 62 62.15 60.94 -13.46
CA HIS R 62 61.47 59.65 -13.33
C HIS R 62 61.93 58.90 -12.07
N THR R 63 62.60 59.56 -11.14
CA THR R 63 63.24 58.85 -10.04
C THR R 63 62.22 58.32 -9.03
N ALA R 64 61.24 59.12 -8.65
CA ALA R 64 60.41 58.79 -7.49
C ALA R 64 58.91 58.91 -7.71
N TRP R 65 58.44 59.65 -8.72
CA TRP R 65 57.00 59.92 -8.82
C TRP R 65 56.21 58.66 -9.15
N HIS R 66 56.77 57.74 -9.94
CA HIS R 66 56.05 56.52 -10.28
C HIS R 66 56.17 55.45 -9.21
N GLU R 67 57.13 55.56 -8.28
CA GLU R 67 57.27 54.58 -7.23
C GLU R 67 56.26 54.78 -6.09
N VAL R 68 55.65 55.95 -6.02
CA VAL R 68 54.63 56.24 -5.01
C VAL R 68 53.27 56.01 -5.64
N PRO R 69 52.48 55.03 -5.18
CA PRO R 69 51.18 54.80 -5.81
C PRO R 69 50.26 56.01 -5.78
N GLU R 70 50.28 56.77 -4.69
CA GLU R 70 49.41 57.94 -4.58
C GLU R 70 49.79 59.01 -5.58
N CYS R 71 51.09 59.32 -5.70
CA CYS R 71 51.52 60.34 -6.63
C CYS R 71 51.25 59.93 -8.07
N ARG R 72 51.52 58.67 -8.42
CA ARG R 72 51.27 58.22 -9.78
C ARG R 72 49.78 58.22 -10.11
N GLU R 73 48.94 57.76 -9.17
CA GLU R 73 47.51 57.77 -9.39
C GLU R 73 46.99 59.20 -9.56
N PHE R 74 47.47 60.12 -8.73
CA PHE R 74 47.06 61.52 -8.87
C PHE R 74 47.53 62.10 -10.19
N ILE R 75 48.75 61.79 -10.61
CA ILE R 75 49.24 62.32 -11.88
C ILE R 75 48.35 61.84 -13.02
N LEU R 76 48.07 60.54 -13.06
CA LEU R 76 47.23 60.02 -14.14
C LEU R 76 45.84 60.63 -14.10
N ASN R 77 45.22 60.67 -12.92
CA ASN R 77 43.86 61.16 -12.81
C ASN R 77 43.77 62.65 -13.15
N PHE R 78 44.73 63.45 -12.69
CA PHE R 78 44.69 64.88 -12.97
C PHE R 78 45.03 65.18 -14.41
N LEU R 79 45.93 64.40 -15.03
CA LEU R 79 46.17 64.58 -16.46
C LEU R 79 44.92 64.25 -17.26
N ARG R 80 44.19 63.20 -16.87
CA ARG R 80 42.93 62.90 -17.52
C ARG R 80 41.92 64.03 -17.31
N LEU R 81 41.88 64.60 -16.12
CA LEU R 81 40.92 65.67 -15.84
C LEU R 81 41.23 66.93 -16.64
N ILE R 82 42.48 67.40 -16.59
CA ILE R 82 42.81 68.67 -17.22
C ILE R 82 42.92 68.53 -18.73
N SER R 83 43.27 67.35 -19.24
CA SER R 83 43.38 67.17 -20.67
C SER R 83 42.07 66.71 -21.30
N GLY R 84 41.32 65.87 -20.60
CA GLY R 84 40.10 65.32 -21.14
C GLY R 84 40.30 64.08 -22.00
N HIS R 85 41.53 63.71 -22.29
CA HIS R 85 41.83 62.54 -23.09
C HIS R 85 42.01 61.31 -22.20
N ARG R 86 42.29 60.18 -22.85
CA ARG R 86 42.64 58.96 -22.12
C ARG R 86 44.13 58.92 -21.91
N VAL R 87 44.56 58.94 -20.66
CA VAL R 87 45.97 58.98 -20.29
C VAL R 87 46.36 57.61 -19.77
N VAL R 88 47.36 57.01 -20.40
CA VAL R 88 47.91 55.74 -19.93
C VAL R 88 49.42 55.88 -19.77
N LEU R 89 49.92 55.48 -18.61
CA LEU R 89 51.36 55.57 -18.33
C LEU R 89 52.01 54.25 -18.72
N LYS R 90 52.89 54.30 -19.72
CA LYS R 90 53.68 53.15 -20.13
C LYS R 90 55.15 53.50 -20.00
N GLY R 91 55.86 52.80 -19.10
CA GLY R 91 57.25 53.07 -18.85
C GLY R 91 57.46 54.51 -18.42
N PRO R 92 58.32 55.22 -19.15
CA PRO R 92 58.56 56.65 -18.88
C PRO R 92 57.67 57.61 -19.64
N THR R 93 56.61 57.13 -20.29
CA THR R 93 55.81 57.94 -21.20
C THR R 93 54.35 58.01 -20.75
N PHE R 94 53.75 59.18 -20.92
CA PHE R 94 52.31 59.35 -20.83
C PHE R 94 51.74 59.35 -22.24
N VAL R 95 50.77 58.46 -22.49
CA VAL R 95 50.12 58.36 -23.78
C VAL R 95 48.75 59.00 -23.66
N PHE R 96 48.56 60.10 -24.39
CA PHE R 96 47.28 60.78 -24.47
C PHE R 96 46.59 60.35 -25.76
N THR R 97 45.53 59.56 -25.63
CA THR R 97 44.73 59.12 -26.77
C THR R 97 43.35 59.78 -26.68
N LYS R 98 42.96 60.46 -27.75
CA LYS R 98 41.67 61.14 -27.76
C LYS R 98 40.54 60.12 -27.63
N GLU R 99 39.56 60.46 -26.80
CA GLU R 99 38.41 59.58 -26.58
C GLU R 99 37.23 60.01 -27.44
N MET S 1 48.78 73.80 -22.45
CA MET S 1 48.37 72.43 -22.71
C MET S 1 47.27 72.38 -23.77
N GLU S 2 46.32 73.31 -23.67
CA GLU S 2 45.22 73.34 -24.63
C GLU S 2 45.72 73.56 -26.05
N ALA S 3 46.77 74.36 -26.22
CA ALA S 3 47.37 74.50 -27.54
C ALA S 3 47.95 73.17 -28.02
N VAL S 4 48.62 72.44 -27.13
CA VAL S 4 49.20 71.16 -27.51
C VAL S 4 48.11 70.15 -27.84
N LEU S 5 47.02 70.14 -27.07
CA LEU S 5 45.93 69.20 -27.35
C LEU S 5 45.21 69.54 -28.65
N THR S 6 45.01 70.83 -28.92
CA THR S 6 44.41 71.23 -30.19
C THR S 6 45.31 70.85 -31.35
N LYS S 7 46.63 71.05 -31.20
CA LYS S 7 47.56 70.62 -32.24
C LYS S 7 47.51 69.11 -32.41
N LEU S 8 47.39 68.36 -31.31
CA LEU S 8 47.28 66.91 -31.40
C LEU S 8 46.03 66.50 -32.17
N ASP S 9 44.90 67.14 -31.89
CA ASP S 9 43.66 66.78 -32.59
C ASP S 9 43.76 67.13 -34.08
N GLN S 10 44.24 68.32 -34.40
CA GLN S 10 44.35 68.73 -35.80
C GLN S 10 45.32 67.83 -36.55
N GLU S 11 46.48 67.55 -35.95
CA GLU S 11 47.45 66.69 -36.58
C GLU S 11 46.96 65.26 -36.68
N GLU S 12 46.12 64.82 -35.74
CA GLU S 12 45.57 63.47 -35.82
C GLU S 12 44.59 63.35 -36.97
N LYS S 13 43.74 64.38 -37.16
CA LYS S 13 42.88 64.40 -38.34
C LYS S 13 43.72 64.37 -39.62
N LYS S 14 44.76 65.22 -39.67
CA LYS S 14 45.60 65.28 -40.87
C LYS S 14 46.31 63.94 -41.11
N ALA S 15 46.82 63.32 -40.05
CA ALA S 15 47.59 62.09 -40.21
C ALA S 15 46.68 60.91 -40.55
N LEU S 16 45.47 60.86 -39.99
CA LEU S 16 44.53 59.82 -40.40
C LEU S 16 44.14 59.99 -41.86
N GLN S 17 43.88 61.22 -42.28
CA GLN S 17 43.56 61.47 -43.69
C GLN S 17 44.71 61.06 -44.60
N ASN S 18 45.95 61.42 -44.22
CA ASN S 18 47.11 61.06 -45.01
C ASN S 18 47.34 59.56 -45.03
N PHE S 19 47.10 58.89 -43.90
CA PHE S 19 47.27 57.44 -43.83
C PHE S 19 46.27 56.72 -44.73
N HIS S 20 45.01 57.16 -44.71
CA HIS S 20 44.02 56.54 -45.58
C HIS S 20 44.29 56.85 -47.05
N ARG S 21 44.75 58.07 -47.34
CA ARG S 21 45.12 58.41 -48.71
C ARG S 21 46.28 57.55 -49.20
N CYS S 22 47.28 57.33 -48.35
CA CYS S 22 48.41 56.49 -48.73
C CYS S 22 47.97 55.04 -48.89
N ALA S 23 47.06 54.56 -48.04
CA ALA S 23 46.56 53.20 -48.20
C ALA S 23 45.80 53.04 -49.51
N TRP S 24 44.98 54.03 -49.87
CA TRP S 24 44.27 53.97 -51.14
C TRP S 24 45.23 54.01 -52.31
N GLU S 25 46.26 54.87 -52.24
CA GLU S 25 47.24 54.91 -53.31
C GLU S 25 47.97 53.58 -53.43
N GLU S 26 48.27 52.95 -52.29
CA GLU S 26 48.98 51.67 -52.31
C GLU S 26 48.12 50.57 -52.92
N THR S 27 46.84 50.49 -52.55
CA THR S 27 46.00 49.45 -53.13
C THR S 27 45.74 49.72 -54.61
N LYS S 28 45.61 51.00 -54.99
CA LYS S 28 45.52 51.35 -56.40
C LYS S 28 46.73 50.85 -57.16
N ASN S 29 47.93 51.12 -56.65
CA ASN S 29 49.14 50.70 -57.33
C ASN S 29 49.25 49.18 -57.37
N ILE S 30 48.87 48.50 -56.28
CA ILE S 30 48.96 47.04 -56.24
C ILE S 30 48.06 46.43 -57.31
N ILE S 31 46.79 46.83 -57.34
CA ILE S 31 45.86 46.21 -58.27
C ILE S 31 46.16 46.64 -59.71
N ASN S 32 46.60 47.88 -59.91
CA ASN S 32 46.99 48.31 -61.25
C ASN S 32 48.20 47.52 -61.75
N ASP S 33 49.18 47.28 -60.88
CA ASP S 33 50.32 46.47 -61.27
C ASP S 33 49.90 45.04 -61.61
N PHE S 34 48.99 44.47 -60.82
CA PHE S 34 48.53 43.12 -61.11
C PHE S 34 47.77 43.05 -62.42
N LEU S 35 46.92 44.05 -62.70
CA LEU S 35 46.08 44.00 -63.89
C LEU S 35 46.84 44.34 -65.16
N GLU S 36 47.77 45.31 -65.09
CA GLU S 36 48.42 45.80 -66.30
C GLU S 36 49.76 45.12 -66.56
N ILE S 37 50.70 45.27 -65.64
CA ILE S 37 52.07 44.80 -65.88
C ILE S 37 52.62 44.03 -64.67
N PRO S 38 52.11 42.83 -64.40
CA PRO S 38 52.63 42.04 -63.27
C PRO S 38 53.84 41.18 -63.60
N GLU S 39 54.15 40.97 -64.88
CA GLU S 39 55.17 40.00 -65.25
C GLU S 39 56.55 40.36 -64.70
N GLU S 40 56.84 41.65 -64.56
CA GLU S 40 58.13 42.10 -64.05
C GLU S 40 58.13 42.23 -62.53
N ARG S 41 57.05 41.85 -61.86
CA ARG S 41 56.94 42.01 -60.42
C ARG S 41 56.75 40.70 -59.67
N CYS S 42 56.17 39.68 -60.31
CA CYS S 42 55.86 38.43 -59.64
C CYS S 42 56.81 37.32 -60.12
N THR S 43 57.07 36.38 -59.22
CA THR S 43 57.88 35.20 -59.50
C THR S 43 57.04 33.95 -59.27
N TYR S 44 57.64 32.79 -59.50
CA TYR S 44 56.98 31.50 -59.32
C TYR S 44 57.82 30.65 -58.38
N LYS S 45 57.19 30.11 -57.33
CA LYS S 45 57.88 29.27 -56.37
C LYS S 45 57.12 27.97 -56.19
N PHE S 46 57.82 26.85 -56.35
CA PHE S 46 57.19 25.53 -56.30
C PHE S 46 57.18 25.02 -54.87
N ASN S 47 56.04 25.11 -54.20
CA ASN S 47 55.85 24.50 -52.90
C ASN S 47 55.72 22.99 -53.11
N SER S 48 56.77 22.25 -52.72
CA SER S 48 56.78 20.81 -52.93
C SER S 48 55.92 20.06 -51.93
N TYR S 49 55.72 20.64 -50.73
CA TYR S 49 54.86 20.00 -49.74
C TYR S 49 53.43 19.89 -50.25
N THR S 50 52.94 20.93 -50.92
CA THR S 50 51.66 20.90 -51.61
C THR S 50 51.79 20.48 -53.07
N LYS S 51 52.99 20.06 -53.49
CA LYS S 51 53.32 19.61 -54.84
C LYS S 51 52.70 20.50 -55.91
N LYS S 52 52.74 21.81 -55.71
CA LYS S 52 52.25 22.75 -56.70
C LYS S 52 53.06 24.03 -56.60
N MET S 53 53.12 24.79 -57.69
CA MET S 53 53.81 26.06 -57.63
C MET S 53 52.82 27.21 -57.54
N GLU S 54 53.25 28.27 -56.87
CA GLU S 54 52.42 29.42 -56.58
C GLU S 54 53.09 30.68 -57.10
N LEU S 55 52.24 31.63 -57.48
CA LEU S 55 52.71 32.94 -57.92
C LEU S 55 52.98 33.80 -56.70
N LEU S 56 54.24 34.21 -56.54
CA LEU S 56 54.63 35.14 -55.49
C LEU S 56 54.59 36.54 -56.07
N PHE S 57 53.56 37.31 -55.71
CA PHE S 57 53.40 38.68 -56.14
C PHE S 57 53.92 39.59 -55.04
N THR S 58 54.87 40.45 -55.37
CA THR S 58 55.55 41.32 -54.39
C THR S 58 55.26 42.77 -54.74
N PRO S 59 54.18 43.34 -54.21
CA PRO S 59 53.89 44.76 -54.47
C PRO S 59 55.00 45.64 -53.96
N GLU S 60 55.25 46.73 -54.70
CA GLU S 60 56.38 47.60 -54.40
C GLU S 60 56.21 48.33 -53.07
N PHE S 61 54.97 48.63 -52.69
CA PHE S 61 54.69 49.43 -51.50
C PHE S 61 53.98 48.60 -50.44
N HIS S 62 54.39 48.79 -49.19
CA HIS S 62 53.84 48.04 -48.07
C HIS S 62 53.59 48.90 -46.84
N THR S 63 53.55 50.23 -46.99
CA THR S 63 53.51 51.10 -45.83
C THR S 63 52.15 51.07 -45.12
N ALA S 64 51.06 51.13 -45.88
CA ALA S 64 49.76 51.37 -45.28
C ALA S 64 48.63 50.45 -45.74
N TRP S 65 48.75 49.78 -46.89
CA TRP S 65 47.60 49.06 -47.43
C TRP S 65 47.23 47.87 -46.55
N HIS S 66 48.21 47.19 -45.95
CA HIS S 66 47.91 46.04 -45.12
C HIS S 66 47.47 46.41 -43.71
N GLU S 67 47.71 47.65 -43.28
CA GLU S 67 47.30 48.07 -41.95
C GLU S 67 45.84 48.46 -41.88
N VAL S 68 45.19 48.67 -43.03
CA VAL S 68 43.77 49.00 -43.09
C VAL S 68 43.02 47.70 -43.36
N PRO S 69 42.17 47.22 -42.44
CA PRO S 69 41.47 45.96 -42.69
C PRO S 69 40.62 45.98 -43.93
N GLU S 70 39.97 47.11 -44.22
CA GLU S 70 39.09 47.19 -45.39
C GLU S 70 39.88 47.11 -46.69
N CYS S 71 40.99 47.86 -46.78
CA CYS S 71 41.80 47.83 -47.99
C CYS S 71 42.42 46.47 -48.21
N ARG S 72 42.94 45.84 -47.16
CA ARG S 72 43.53 44.51 -47.30
C ARG S 72 42.48 43.47 -47.70
N GLU S 73 41.31 43.52 -47.06
CA GLU S 73 40.24 42.59 -47.40
C GLU S 73 39.81 42.76 -48.85
N PHE S 74 39.67 44.02 -49.30
CA PHE S 74 39.30 44.25 -50.69
C PHE S 74 40.38 43.78 -51.64
N ILE S 75 41.66 44.00 -51.30
CA ILE S 75 42.73 43.56 -52.17
C ILE S 75 42.68 42.05 -52.33
N LEU S 76 42.57 41.33 -51.22
CA LEU S 76 42.52 39.87 -51.30
C LEU S 76 41.30 39.40 -52.09
N ASN S 77 40.13 39.96 -51.78
CA ASN S 77 38.91 39.51 -52.44
C ASN S 77 38.92 39.82 -53.93
N PHE S 78 39.40 41.00 -54.31
CA PHE S 78 39.42 41.37 -55.72
C PHE S 78 40.48 40.61 -56.49
N LEU S 79 41.63 40.33 -55.87
CA LEU S 79 42.62 39.48 -56.53
C LEU S 79 42.07 38.07 -56.74
N ARG S 80 41.36 37.54 -55.75
CA ARG S 80 40.71 36.25 -55.92
C ARG S 80 39.69 36.29 -57.04
N LEU S 81 38.92 37.38 -57.13
CA LEU S 81 37.91 37.50 -58.17
C LEU S 81 38.53 37.55 -59.55
N ILE S 82 39.49 38.46 -59.76
CA ILE S 82 40.03 38.68 -61.09
C ILE S 82 40.89 37.50 -61.53
N SER S 83 41.67 36.93 -60.61
CA SER S 83 42.54 35.81 -60.99
C SER S 83 41.79 34.49 -61.03
N GLY S 84 40.92 34.25 -60.05
CA GLY S 84 40.24 32.98 -59.94
C GLY S 84 40.96 31.95 -59.10
N HIS S 85 42.22 32.21 -58.73
CA HIS S 85 43.00 31.31 -57.90
C HIS S 85 42.83 31.68 -56.43
N ARG S 86 43.31 30.79 -55.56
CA ARG S 86 43.33 31.06 -54.13
C ARG S 86 44.47 32.03 -53.83
N VAL S 87 44.13 33.21 -53.33
CA VAL S 87 45.09 34.25 -53.01
C VAL S 87 45.20 34.35 -51.50
N VAL S 88 46.42 34.17 -50.98
CA VAL S 88 46.67 34.28 -49.56
C VAL S 88 47.80 35.28 -49.34
N LEU S 89 47.59 36.23 -48.44
CA LEU S 89 48.60 37.24 -48.14
C LEU S 89 49.47 36.73 -47.00
N LYS S 90 50.74 36.47 -47.28
CA LYS S 90 51.71 36.08 -46.27
C LYS S 90 52.85 37.09 -46.28
N GLY S 91 53.04 37.78 -45.16
CA GLY S 91 54.05 38.82 -45.07
C GLY S 91 53.84 39.89 -46.12
N PRO S 92 54.88 40.15 -46.91
CA PRO S 92 54.77 41.09 -48.02
C PRO S 92 54.38 40.48 -49.36
N THR S 93 53.95 39.22 -49.38
CA THR S 93 53.73 38.49 -50.63
C THR S 93 52.28 38.07 -50.76
N PHE S 94 51.79 38.09 -51.99
CA PHE S 94 50.54 37.45 -52.37
C PHE S 94 50.87 36.11 -53.00
N VAL S 95 50.33 35.04 -52.43
CA VAL S 95 50.53 33.69 -52.96
C VAL S 95 49.29 33.30 -53.73
N PHE S 96 49.45 33.12 -55.04
CA PHE S 96 48.40 32.65 -55.92
C PHE S 96 48.59 31.17 -56.14
N THR S 97 47.69 30.36 -55.60
CA THR S 97 47.71 28.90 -55.79
C THR S 97 46.48 28.50 -56.59
N LYS S 98 46.71 27.76 -57.67
CA LYS S 98 45.59 27.34 -58.52
C LYS S 98 44.64 26.45 -57.75
N GLU S 99 43.34 26.68 -57.94
CA GLU S 99 42.31 25.86 -57.29
C GLU S 99 41.79 24.78 -58.25
N MET T 1 48.13 40.29 -67.37
CA MET T 1 47.34 39.80 -66.25
C MET T 1 47.04 38.32 -66.49
N GLU T 2 46.25 38.04 -67.53
CA GLU T 2 45.94 36.65 -67.85
C GLU T 2 47.15 35.92 -68.41
N ALA T 3 48.09 36.65 -69.02
CA ALA T 3 49.31 36.03 -69.50
C ALA T 3 50.13 35.46 -68.36
N VAL T 4 50.21 36.20 -67.24
CA VAL T 4 50.98 35.72 -66.09
C VAL T 4 50.36 34.46 -65.51
N LEU T 5 49.03 34.41 -65.42
CA LEU T 5 48.39 33.21 -64.87
C LEU T 5 48.44 32.04 -65.84
N THR T 6 48.36 32.29 -67.15
CA THR T 6 48.57 31.22 -68.11
C THR T 6 49.98 30.67 -68.02
N LYS T 7 50.96 31.55 -67.85
CA LYS T 7 52.34 31.10 -67.62
C LYS T 7 52.44 30.32 -66.31
N LEU T 8 51.70 30.74 -65.29
CA LEU T 8 51.68 29.99 -64.03
C LEU T 8 51.16 28.58 -64.24
N ASP T 9 50.07 28.44 -65.00
CA ASP T 9 49.51 27.12 -65.23
C ASP T 9 50.45 26.25 -66.04
N GLN T 10 51.02 26.80 -67.12
CA GLN T 10 51.94 26.02 -67.95
C GLN T 10 53.18 25.63 -67.16
N GLU T 11 53.73 26.56 -66.37
CA GLU T 11 54.91 26.26 -65.59
C GLU T 11 54.59 25.31 -64.44
N GLU T 12 53.37 25.34 -63.91
CA GLU T 12 52.99 24.37 -62.89
C GLU T 12 52.92 22.97 -63.46
N LYS T 13 52.32 22.82 -64.64
CA LYS T 13 52.33 21.52 -65.30
C LYS T 13 53.75 21.06 -65.56
N LYS T 14 54.58 21.95 -66.11
CA LYS T 14 55.96 21.58 -66.43
C LYS T 14 56.76 21.23 -65.18
N ALA T 15 56.59 22.00 -64.10
CA ALA T 15 57.36 21.77 -62.89
C ALA T 15 56.90 20.52 -62.16
N LEU T 16 55.59 20.26 -62.15
CA LEU T 16 55.12 19.01 -61.57
C LEU T 16 55.62 17.80 -62.35
N GLN T 17 55.59 17.89 -63.69
CA GLN T 17 56.12 16.81 -64.51
C GLN T 17 57.61 16.59 -64.25
N ASN T 18 58.37 17.68 -64.18
CA ASN T 18 59.81 17.57 -63.94
C ASN T 18 60.10 17.04 -62.55
N PHE T 19 59.31 17.47 -61.55
CA PHE T 19 59.51 17.00 -60.19
C PHE T 19 59.23 15.50 -60.07
N HIS T 20 58.16 15.03 -60.70
CA HIS T 20 57.86 13.60 -60.65
C HIS T 20 58.88 12.79 -61.45
N ARG T 21 59.34 13.33 -62.57
CA ARG T 21 60.39 12.66 -63.34
C ARG T 21 61.68 12.55 -62.53
N CYS T 22 62.05 13.63 -61.83
CA CYS T 22 63.24 13.61 -61.00
C CYS T 22 63.08 12.63 -59.84
N ALA T 23 61.89 12.58 -59.23
CA ALA T 23 61.65 11.63 -58.17
C ALA T 23 61.77 10.19 -58.66
N TRP T 24 61.23 9.91 -59.85
CA TRP T 24 61.35 8.57 -60.41
C TRP T 24 62.80 8.24 -60.72
N GLU T 25 63.55 9.19 -61.29
CA GLU T 25 64.95 8.94 -61.55
C GLU T 25 65.72 8.69 -60.25
N GLU T 26 65.36 9.42 -59.20
CA GLU T 26 66.05 9.25 -57.91
C GLU T 26 65.76 7.88 -57.31
N THR T 27 64.50 7.45 -57.33
CA THR T 27 64.20 6.12 -56.77
C THR T 27 64.81 5.01 -57.62
N LYS T 28 64.81 5.20 -58.95
CA LYS T 28 65.50 4.26 -59.82
C LYS T 28 66.97 4.14 -59.43
N ASN T 29 67.65 5.28 -59.26
CA ASN T 29 69.06 5.24 -58.92
C ASN T 29 69.30 4.64 -57.53
N ILE T 30 68.42 4.96 -56.58
CA ILE T 30 68.56 4.42 -55.22
C ILE T 30 68.48 2.90 -55.23
N ILE T 31 67.42 2.37 -55.85
CA ILE T 31 67.22 0.93 -55.81
C ILE T 31 68.25 0.22 -56.68
N ASN T 32 68.63 0.82 -57.82
CA ASN T 32 69.67 0.22 -58.64
C ASN T 32 70.99 0.16 -57.90
N ASP T 33 71.35 1.23 -57.20
CA ASP T 33 72.59 1.23 -56.42
C ASP T 33 72.53 0.18 -55.32
N PHE T 34 71.40 0.05 -54.64
CA PHE T 34 71.31 -0.93 -53.58
C PHE T 34 71.38 -2.35 -54.13
N LEU T 35 70.76 -2.61 -55.28
CA LEU T 35 70.73 -3.97 -55.82
C LEU T 35 72.05 -4.36 -56.46
N GLU T 36 72.72 -3.43 -57.13
CA GLU T 36 73.91 -3.78 -57.92
C GLU T 36 75.21 -3.45 -57.20
N ILE T 37 75.43 -2.20 -56.84
CA ILE T 37 76.72 -1.78 -56.27
C ILE T 37 76.49 -0.94 -55.02
N PRO T 38 76.11 -1.55 -53.89
CA PRO T 38 75.90 -0.77 -52.67
C PRO T 38 77.14 -0.68 -51.80
N GLU T 39 78.13 -1.55 -52.05
CA GLU T 39 79.23 -1.71 -51.11
C GLU T 39 80.05 -0.43 -50.98
N GLU T 40 80.19 0.33 -52.05
CA GLU T 40 80.95 1.57 -52.01
C GLU T 40 80.12 2.76 -51.57
N ARG T 41 78.86 2.54 -51.17
CA ARG T 41 77.96 3.61 -50.79
C ARG T 41 77.47 3.52 -49.35
N CYS T 42 77.32 2.33 -48.80
CA CYS T 42 76.80 2.15 -47.44
C CYS T 42 77.94 1.89 -46.46
N THR T 43 77.66 2.21 -45.19
CA THR T 43 78.59 1.98 -44.09
C THR T 43 77.90 1.16 -43.02
N TYR T 44 78.65 0.78 -41.99
CA TYR T 44 78.14 0.00 -40.87
C TYR T 44 78.33 0.80 -39.59
N LYS T 45 77.26 0.95 -38.82
CA LYS T 45 77.30 1.68 -37.56
C LYS T 45 76.68 0.83 -36.47
N PHE T 46 77.40 0.68 -35.36
CA PHE T 46 76.93 -0.16 -34.26
C PHE T 46 76.17 0.70 -33.27
N ASN T 47 74.85 0.55 -33.23
CA ASN T 47 74.02 1.22 -32.25
C ASN T 47 74.10 0.43 -30.95
N SER T 48 74.80 0.97 -29.96
CA SER T 48 75.03 0.25 -28.72
C SER T 48 73.79 0.24 -27.84
N TYR T 49 72.93 1.26 -27.94
CA TYR T 49 71.70 1.27 -27.17
C TYR T 49 70.82 0.09 -27.54
N THR T 50 70.70 -0.20 -28.83
CA THR T 50 70.06 -1.41 -29.31
C THR T 50 71.05 -2.54 -29.54
N LYS T 51 72.33 -2.32 -29.18
CA LYS T 51 73.42 -3.28 -29.29
C LYS T 51 73.39 -4.10 -30.57
N LYS T 52 73.12 -3.44 -31.70
CA LYS T 52 73.11 -4.13 -32.99
C LYS T 52 73.78 -3.24 -34.04
N MET T 53 74.39 -3.88 -35.03
CA MET T 53 75.01 -3.17 -36.14
C MET T 53 73.99 -2.95 -37.24
N GLU T 54 73.90 -1.72 -37.72
CA GLU T 54 72.94 -1.34 -38.75
C GLU T 54 73.67 -0.81 -39.97
N LEU T 55 73.09 -1.07 -41.13
CA LEU T 55 73.61 -0.56 -42.39
C LEU T 55 73.10 0.85 -42.62
N LEU T 56 74.02 1.80 -42.74
CA LEU T 56 73.69 3.18 -43.09
C LEU T 56 73.87 3.32 -44.60
N PHE T 57 72.76 3.37 -45.32
CA PHE T 57 72.77 3.54 -46.77
C PHE T 57 72.49 5.00 -47.09
N THR T 58 73.41 5.64 -47.80
CA THR T 58 73.32 7.07 -48.11
C THR T 58 73.18 7.24 -49.62
N PRO T 59 71.96 7.31 -50.14
CA PRO T 59 71.78 7.52 -51.58
C PRO T 59 72.36 8.86 -52.01
N GLU T 60 72.87 8.89 -53.24
CA GLU T 60 73.58 10.07 -53.72
C GLU T 60 72.65 11.27 -53.86
N PHE T 61 71.40 11.04 -54.24
CA PHE T 61 70.46 12.12 -54.54
C PHE T 61 69.35 12.16 -53.50
N HIS T 62 68.94 13.37 -53.13
CA HIS T 62 67.92 13.57 -52.12
C HIS T 62 66.92 14.67 -52.51
N THR T 63 66.90 15.07 -53.77
CA THR T 63 66.15 16.26 -54.16
C THR T 63 64.64 16.02 -54.14
N ALA T 64 64.18 14.88 -54.65
CA ALA T 64 62.75 14.69 -54.89
C ALA T 64 62.17 13.38 -54.40
N TRP T 65 62.97 12.33 -54.20
CA TRP T 65 62.40 11.01 -53.94
C TRP T 65 61.69 10.97 -52.60
N HIS T 66 62.20 11.65 -51.58
CA HIS T 66 61.57 11.62 -50.26
C HIS T 66 60.39 12.57 -50.15
N GLU T 67 60.26 13.53 -51.06
CA GLU T 67 59.16 14.48 -51.01
C GLU T 67 57.89 13.93 -51.64
N VAL T 68 57.97 12.83 -52.37
CA VAL T 68 56.81 12.16 -52.95
C VAL T 68 56.42 11.03 -52.02
N PRO T 69 55.24 11.07 -51.39
CA PRO T 69 54.89 9.98 -50.46
C PRO T 69 54.87 8.61 -51.10
N GLU T 70 54.41 8.52 -52.35
CA GLU T 70 54.34 7.23 -53.02
C GLU T 70 55.73 6.67 -53.30
N CYS T 71 56.63 7.50 -53.82
CA CYS T 71 57.98 7.04 -54.12
C CYS T 71 58.73 6.63 -52.85
N ARG T 72 58.61 7.44 -51.79
CA ARG T 72 59.27 7.09 -50.53
C ARG T 72 58.70 5.82 -49.94
N GLU T 73 57.38 5.68 -49.94
CA GLU T 73 56.77 4.46 -49.41
C GLU T 73 57.21 3.24 -50.19
N PHE T 74 57.24 3.35 -51.53
CA PHE T 74 57.70 2.22 -52.33
C PHE T 74 59.16 1.91 -52.07
N ILE T 75 60.00 2.95 -51.93
CA ILE T 75 61.41 2.69 -51.66
C ILE T 75 61.58 1.92 -50.37
N LEU T 76 60.92 2.37 -49.31
CA LEU T 76 61.03 1.68 -48.03
C LEU T 76 60.50 0.27 -48.11
N ASN T 77 59.32 0.09 -48.72
CA ASN T 77 58.70 -1.23 -48.78
C ASN T 77 59.53 -2.20 -49.63
N PHE T 78 60.06 -1.72 -50.76
CA PHE T 78 60.84 -2.60 -51.62
C PHE T 78 62.21 -2.91 -51.01
N LEU T 79 62.81 -1.96 -50.30
CA LEU T 79 64.06 -2.27 -49.61
C LEU T 79 63.83 -3.30 -48.53
N ARG T 80 62.72 -3.18 -47.80
CA ARG T 80 62.36 -4.20 -46.82
C ARG T 80 62.14 -5.56 -47.48
N LEU T 81 61.47 -5.57 -48.64
CA LEU T 81 61.19 -6.83 -49.33
C LEU T 81 62.48 -7.50 -49.80
N ILE T 82 63.31 -6.76 -50.55
CA ILE T 82 64.48 -7.38 -51.16
C ILE T 82 65.55 -7.68 -50.11
N SER T 83 65.67 -6.85 -49.07
CA SER T 83 66.69 -7.07 -48.06
C SER T 83 66.23 -8.05 -46.99
N GLY T 84 64.96 -7.99 -46.60
CA GLY T 84 64.45 -8.79 -45.52
C GLY T 84 64.67 -8.21 -44.14
N HIS T 85 65.51 -7.19 -44.02
CA HIS T 85 65.75 -6.54 -42.74
C HIS T 85 64.67 -5.51 -42.46
N ARG T 86 64.84 -4.78 -41.36
CA ARG T 86 63.96 -3.67 -41.01
C ARG T 86 64.61 -2.38 -41.51
N VAL T 87 63.93 -1.69 -42.42
CA VAL T 87 64.46 -0.50 -43.06
C VAL T 87 63.71 0.70 -42.50
N VAL T 88 64.46 1.66 -41.96
CA VAL T 88 63.87 2.90 -41.46
C VAL T 88 64.61 4.07 -42.10
N LEU T 89 63.85 5.01 -42.65
CA LEU T 89 64.44 6.18 -43.30
C LEU T 89 64.51 7.32 -42.29
N LYS T 90 65.73 7.74 -41.94
CA LYS T 90 65.92 8.91 -41.09
C LYS T 90 66.84 9.87 -41.81
N GLY T 91 66.37 11.10 -42.01
CA GLY T 91 67.11 12.09 -42.75
C GLY T 91 67.44 11.61 -44.14
N PRO T 92 68.72 11.65 -44.49
CA PRO T 92 69.18 11.12 -45.78
C PRO T 92 69.63 9.67 -45.74
N THR T 93 69.39 8.94 -44.65
CA THR T 93 69.96 7.61 -44.45
C THR T 93 68.85 6.56 -44.37
N PHE T 94 69.13 5.41 -44.97
CA PHE T 94 68.35 4.19 -44.76
C PHE T 94 69.10 3.36 -43.73
N VAL T 95 68.44 3.05 -42.62
CA VAL T 95 69.01 2.23 -41.57
C VAL T 95 68.43 0.83 -41.72
N PHE T 96 69.30 -0.12 -42.03
CA PHE T 96 68.95 -1.53 -42.14
C PHE T 96 69.36 -2.21 -40.83
N THR T 97 68.36 -2.62 -40.06
CA THR T 97 68.59 -3.34 -38.81
C THR T 97 68.07 -4.77 -38.96
N LYS T 98 68.92 -5.74 -38.67
CA LYS T 98 68.52 -7.13 -38.81
C LYS T 98 67.38 -7.46 -37.86
N GLU T 99 66.37 -8.16 -38.38
CA GLU T 99 65.22 -8.55 -37.57
C GLU T 99 65.39 -9.96 -37.01
N MET U 1 55.70 -52.62 49.36
CA MET U 1 54.77 -51.57 48.94
C MET U 1 55.12 -50.21 49.54
N GLU U 2 54.63 -49.96 50.75
CA GLU U 2 54.79 -48.64 51.37
C GLU U 2 56.26 -48.33 51.61
N ALA U 3 57.07 -49.33 51.92
CA ALA U 3 58.52 -49.09 52.01
C ALA U 3 59.10 -48.67 50.67
N VAL U 4 58.68 -49.34 49.60
CA VAL U 4 59.17 -49.00 48.26
C VAL U 4 58.67 -47.61 47.86
N LEU U 5 57.43 -47.27 48.22
CA LEU U 5 56.91 -45.94 47.88
C LEU U 5 57.62 -44.85 48.67
N THR U 6 57.92 -45.10 49.95
CA THR U 6 58.68 -44.14 50.73
C THR U 6 60.09 -43.97 50.15
N LYS U 7 60.70 -45.06 49.73
CA LYS U 7 62.01 -44.97 49.06
C LYS U 7 61.89 -44.19 47.76
N LEU U 8 60.78 -44.37 47.03
CA LEU U 8 60.55 -43.60 45.81
C LEU U 8 60.49 -42.12 46.12
N ASP U 9 59.75 -41.74 47.16
CA ASP U 9 59.62 -40.32 47.49
C ASP U 9 60.96 -39.74 47.91
N GLN U 10 61.69 -40.46 48.78
CA GLN U 10 62.98 -39.97 49.23
C GLN U 10 63.98 -39.85 48.08
N GLU U 11 64.01 -40.85 47.20
CA GLU U 11 64.93 -40.82 46.07
C GLU U 11 64.51 -39.79 45.04
N GLU U 12 63.21 -39.52 44.90
CA GLU U 12 62.77 -38.46 44.02
C GLU U 12 63.20 -37.10 44.54
N LYS U 13 63.05 -36.86 45.85
CA LYS U 13 63.53 -35.61 46.42
C LYS U 13 65.04 -35.47 46.24
N LYS U 14 65.78 -36.54 46.54
CA LYS U 14 67.23 -36.50 46.42
C LYS U 14 67.67 -36.28 44.97
N ALA U 15 67.00 -36.95 44.02
CA ALA U 15 67.38 -36.84 42.63
C ALA U 15 67.02 -35.48 42.05
N LEU U 16 65.88 -34.92 42.46
CA LEU U 16 65.53 -33.58 42.02
C LEU U 16 66.51 -32.56 42.57
N GLN U 17 66.89 -32.70 43.85
CA GLN U 17 67.88 -31.80 44.43
C GLN U 17 69.22 -31.90 43.71
N ASN U 18 69.66 -33.15 43.44
CA ASN U 18 70.93 -33.35 42.77
C ASN U 18 70.88 -32.84 41.32
N PHE U 19 69.75 -33.03 40.65
CA PHE U 19 69.60 -32.55 39.28
C PHE U 19 69.66 -31.04 39.21
N HIS U 20 68.97 -30.35 40.12
CA HIS U 20 69.02 -28.90 40.12
C HIS U 20 70.40 -28.39 40.53
N ARG U 21 71.05 -29.07 41.48
CA ARG U 21 72.42 -28.69 41.85
C ARG U 21 73.37 -28.86 40.68
N CYS U 22 73.24 -29.95 39.93
CA CYS U 22 74.09 -30.17 38.76
C CYS U 22 73.81 -29.15 37.68
N ALA U 23 72.54 -28.80 37.47
CA ALA U 23 72.21 -27.77 36.49
C ALA U 23 72.80 -26.42 36.88
N TRP U 24 72.74 -26.07 38.17
CA TRP U 24 73.34 -24.82 38.62
C TRP U 24 74.85 -24.85 38.45
N GLU U 25 75.48 -25.97 38.79
CA GLU U 25 76.93 -26.06 38.60
C GLU U 25 77.29 -25.94 37.12
N GLU U 26 76.46 -26.53 36.25
CA GLU U 26 76.74 -26.46 34.82
C GLU U 26 76.60 -25.05 34.27
N THR U 27 75.53 -24.33 34.66
CA THR U 27 75.40 -22.96 34.18
C THR U 27 76.48 -22.07 34.77
N LYS U 28 76.86 -22.30 36.03
CA LYS U 28 77.99 -21.59 36.61
C LYS U 28 79.24 -21.78 35.79
N ASN U 29 79.56 -23.04 35.46
CA ASN U 29 80.77 -23.32 34.71
C ASN U 29 80.70 -22.74 33.30
N ILE U 30 79.52 -22.82 32.67
CA ILE U 30 79.36 -22.29 31.31
C ILE U 30 79.64 -20.78 31.29
N ILE U 31 78.97 -20.04 32.18
CA ILE U 31 79.10 -18.60 32.15
C ILE U 31 80.49 -18.17 32.64
N ASN U 32 81.04 -18.88 33.61
CA ASN U 32 82.40 -18.57 34.07
C ASN U 32 83.41 -18.79 32.96
N ASP U 33 83.28 -19.90 32.22
CA ASP U 33 84.19 -20.15 31.11
C ASP U 33 84.04 -19.08 30.03
N PHE U 34 82.80 -18.68 29.73
CA PHE U 34 82.62 -17.67 28.70
C PHE U 34 83.18 -16.32 29.13
N LEU U 35 83.02 -15.96 30.40
CA LEU U 35 83.47 -14.65 30.86
C LEU U 35 84.98 -14.60 31.07
N GLU U 36 85.59 -15.70 31.51
CA GLU U 36 87.00 -15.69 31.88
C GLU U 36 87.91 -16.25 30.79
N ILE U 37 87.72 -17.51 30.42
CA ILE U 37 88.62 -18.16 29.46
C ILE U 37 87.80 -18.88 28.40
N PRO U 38 87.23 -18.17 27.43
CA PRO U 38 86.45 -18.83 26.39
C PRO U 38 87.28 -19.25 25.18
N GLU U 39 88.46 -18.64 25.03
CA GLU U 39 89.24 -18.80 23.80
C GLU U 39 89.63 -20.26 23.55
N GLU U 40 89.84 -21.04 24.60
CA GLU U 40 90.19 -22.44 24.43
C GLU U 40 88.98 -23.34 24.22
N ARG U 41 87.77 -22.77 24.27
CA ARG U 41 86.56 -23.56 24.17
C ARG U 41 85.67 -23.21 22.99
N CYS U 42 85.93 -22.10 22.30
CA CYS U 42 85.09 -21.64 21.21
C CYS U 42 85.87 -21.62 19.91
N THR U 43 85.15 -21.85 18.81
CA THR U 43 85.69 -21.79 17.46
C THR U 43 84.87 -20.80 16.64
N TYR U 44 85.24 -20.65 15.36
CA TYR U 44 84.54 -19.76 14.45
C TYR U 44 84.16 -20.54 13.20
N LYS U 45 82.88 -20.50 12.83
CA LYS U 45 82.38 -21.22 11.66
C LYS U 45 81.65 -20.25 10.76
N PHE U 46 82.06 -20.18 9.50
CA PHE U 46 81.51 -19.21 8.55
C PHE U 46 80.28 -19.82 7.88
N ASN U 47 79.10 -19.36 8.28
CA ASN U 47 77.86 -19.69 7.58
C ASN U 47 77.79 -18.83 6.32
N SER U 48 77.97 -19.48 5.17
CA SER U 48 77.96 -18.76 3.90
C SER U 48 76.56 -18.38 3.46
N TYR U 49 75.54 -19.13 3.89
CA TYR U 49 74.17 -18.77 3.54
C TYR U 49 73.79 -17.42 4.12
N THR U 50 74.21 -17.15 5.36
CA THR U 50 74.05 -15.84 5.98
C THR U 50 75.26 -14.96 5.76
N LYS U 51 76.23 -15.41 4.95
CA LYS U 51 77.47 -14.69 4.62
C LYS U 51 78.07 -14.01 5.84
N LYS U 52 78.17 -14.76 6.93
CA LYS U 52 78.79 -14.26 8.15
C LYS U 52 79.29 -15.45 8.95
N MET U 53 80.29 -15.22 9.80
CA MET U 53 80.80 -16.29 10.63
C MET U 53 80.28 -16.14 12.06
N GLU U 54 79.92 -17.26 12.65
CA GLU U 54 79.37 -17.32 13.99
C GLU U 54 80.38 -17.95 14.94
N LEU U 55 80.36 -17.45 16.17
CA LEU U 55 81.17 -18.01 17.24
C LEU U 55 80.47 -19.24 17.79
N LEU U 56 81.12 -20.40 17.66
CA LEU U 56 80.60 -21.67 18.16
C LEU U 56 81.20 -21.90 19.54
N PHE U 57 80.37 -21.80 20.57
CA PHE U 57 80.78 -22.03 21.94
C PHE U 57 80.28 -23.41 22.36
N THR U 58 81.20 -24.27 22.78
CA THR U 58 80.87 -25.66 23.14
C THR U 58 81.18 -25.86 24.61
N PRO U 59 80.19 -25.66 25.49
CA PRO U 59 80.43 -25.89 26.92
C PRO U 59 80.81 -27.33 27.21
N GLU U 60 81.68 -27.50 28.21
CA GLU U 60 82.22 -28.82 28.51
C GLU U 60 81.13 -29.78 28.99
N PHE U 61 80.17 -29.28 29.78
CA PHE U 61 79.15 -30.11 30.40
C PHE U 61 77.80 -29.85 29.77
N HIS U 62 77.03 -30.93 29.56
CA HIS U 62 75.74 -30.83 28.91
C HIS U 62 74.69 -31.71 29.59
N THR U 63 74.93 -32.14 30.83
CA THR U 63 74.09 -33.16 31.44
C THR U 63 72.75 -32.60 31.90
N ALA U 64 72.73 -31.41 32.49
CA ALA U 64 71.54 -30.92 33.16
C ALA U 64 71.12 -29.49 32.83
N TRP U 65 72.03 -28.64 32.35
CA TRP U 65 71.70 -27.22 32.24
C TRP U 65 70.64 -26.95 31.18
N HIS U 66 70.64 -27.72 30.08
CA HIS U 66 69.66 -27.49 29.03
C HIS U 66 68.31 -28.12 29.33
N GLU U 67 68.26 -29.07 30.28
CA GLU U 67 67.00 -29.72 30.61
C GLU U 67 66.16 -28.91 31.58
N VAL U 68 66.73 -27.90 32.23
CA VAL U 68 65.99 -27.00 33.10
C VAL U 68 65.61 -25.76 32.27
N PRO U 69 64.32 -25.50 32.05
CA PRO U 69 63.95 -24.33 31.23
C PRO U 69 64.46 -23.02 31.79
N GLU U 70 64.45 -22.87 33.11
CA GLU U 70 64.88 -21.63 33.73
C GLU U 70 66.39 -21.41 33.55
N CYS U 71 67.18 -22.46 33.79
CA CYS U 71 68.63 -22.33 33.64
C CYS U 71 69.01 -22.06 32.18
N ARG U 72 68.38 -22.77 31.23
CA ARG U 72 68.68 -22.55 29.82
C ARG U 72 68.28 -21.15 29.38
N GLU U 73 67.08 -20.70 29.80
CA GLU U 73 66.64 -19.37 29.45
C GLU U 73 67.57 -18.31 30.01
N PHE U 74 68.00 -18.47 31.26
CA PHE U 74 68.93 -17.52 31.85
C PHE U 74 70.27 -17.54 31.14
N ILE U 75 70.75 -18.73 30.77
CA ILE U 75 72.04 -18.81 30.07
C ILE U 75 71.96 -18.05 28.76
N LEU U 76 70.91 -18.29 27.97
CA LEU U 76 70.77 -17.60 26.70
C LEU U 76 70.65 -16.10 26.90
N ASN U 77 69.79 -15.68 27.82
CA ASN U 77 69.55 -14.26 28.04
C ASN U 77 70.79 -13.55 28.54
N PHE U 78 71.53 -14.17 29.47
CA PHE U 78 72.73 -13.53 30.00
C PHE U 78 73.86 -13.52 29.00
N LEU U 79 73.99 -14.56 28.17
CA LEU U 79 74.99 -14.52 27.12
C LEU U 79 74.67 -13.42 26.11
N ARG U 80 73.38 -13.26 25.77
CA ARG U 80 73.00 -12.14 24.91
C ARG U 80 73.32 -10.80 25.56
N LEU U 81 73.05 -10.68 26.86
CA LEU U 81 73.31 -9.42 27.56
C LEU U 81 74.79 -9.08 27.59
N ILE U 82 75.62 -10.01 28.05
CA ILE U 82 77.04 -9.72 28.23
C ILE U 82 77.76 -9.61 26.89
N SER U 83 77.34 -10.40 25.90
CA SER U 83 78.01 -10.37 24.60
C SER U 83 77.45 -9.28 23.70
N GLY U 84 76.15 -9.07 23.72
CA GLY U 84 75.51 -8.13 22.80
C GLY U 84 75.19 -8.72 21.44
N HIS U 85 75.60 -9.95 21.17
CA HIS U 85 75.32 -10.62 19.92
C HIS U 85 74.07 -11.46 20.03
N ARG U 86 73.56 -11.89 18.87
CA ARG U 86 72.45 -12.82 18.84
C ARG U 86 72.96 -14.22 19.20
N VAL U 87 72.48 -14.76 20.31
CA VAL U 87 72.91 -16.06 20.81
C VAL U 87 71.77 -17.05 20.61
N VAL U 88 72.04 -18.12 19.90
CA VAL U 88 71.05 -19.18 19.70
C VAL U 88 71.67 -20.52 20.08
N LEU U 89 70.95 -21.28 20.90
CA LEU U 89 71.43 -22.59 21.34
C LEU U 89 70.92 -23.65 20.38
N LYS U 90 71.83 -24.28 19.66
CA LYS U 90 71.49 -25.41 18.80
C LYS U 90 72.26 -26.63 19.27
N GLY U 91 71.54 -27.66 19.70
CA GLY U 91 72.14 -28.87 20.22
C GLY U 91 73.06 -28.57 21.38
N PRO U 92 74.33 -28.94 21.23
CA PRO U 92 75.33 -28.66 22.27
C PRO U 92 76.10 -27.36 22.09
N THR U 93 75.72 -26.49 21.14
CA THR U 93 76.51 -25.34 20.79
C THR U 93 75.72 -24.05 20.98
N PHE U 94 76.44 -23.00 21.38
CA PHE U 94 75.94 -21.64 21.37
C PHE U 94 76.48 -20.95 20.12
N VAL U 95 75.58 -20.42 19.30
CA VAL U 95 75.94 -19.69 18.09
C VAL U 95 75.81 -18.21 18.40
N PHE U 96 76.94 -17.50 18.33
CA PHE U 96 77.00 -16.05 18.49
C PHE U 96 77.11 -15.44 17.10
N THR U 97 76.07 -14.73 16.68
CA THR U 97 76.07 -14.03 15.40
C THR U 97 75.93 -12.54 15.67
N LYS U 98 76.83 -11.75 15.09
CA LYS U 98 76.80 -10.31 15.30
C LYS U 98 75.51 -9.72 14.75
N GLU U 99 74.90 -8.82 15.52
CA GLU U 99 73.66 -8.17 15.09
C GLU U 99 73.95 -6.81 14.46
N MET V 1 86.80 -12.97 27.26
CA MET V 1 85.44 -12.63 26.86
C MET V 1 85.45 -11.59 25.74
N GLU V 2 85.81 -10.35 26.08
CA GLU V 2 85.80 -9.29 25.08
C GLU V 2 86.86 -9.51 24.02
N ALA V 3 87.98 -10.13 24.39
CA ALA V 3 88.99 -10.46 23.39
C ALA V 3 88.44 -11.44 22.36
N VAL V 4 87.69 -12.44 22.81
CA VAL V 4 87.13 -13.42 21.89
C VAL V 4 86.11 -12.77 20.96
N LEU V 5 85.27 -11.87 21.49
CA LEU V 5 84.29 -11.22 20.65
C LEU V 5 84.93 -10.26 19.65
N THR V 6 85.97 -9.53 20.08
CA THR V 6 86.70 -8.68 19.16
C THR V 6 87.38 -9.51 18.07
N LYS V 7 87.96 -10.64 18.44
CA LYS V 7 88.55 -11.54 17.46
C LYS V 7 87.48 -12.07 16.51
N LEU V 8 86.28 -12.35 17.02
CA LEU V 8 85.19 -12.81 16.16
C LEU V 8 84.81 -11.74 15.15
N ASP V 9 84.72 -10.49 15.59
CA ASP V 9 84.36 -9.40 14.68
C ASP V 9 85.44 -9.21 13.62
N GLN V 10 86.71 -9.17 14.04
CA GLN V 10 87.80 -9.00 13.09
C GLN V 10 87.87 -10.16 12.11
N GLU V 11 87.70 -11.39 12.61
CA GLU V 11 87.71 -12.56 11.74
C GLU V 11 86.52 -12.58 10.80
N GLU V 12 85.36 -12.08 11.25
CA GLU V 12 84.21 -11.99 10.36
C GLU V 12 84.47 -11.01 9.23
N LYS V 13 85.05 -9.85 9.54
CA LYS V 13 85.41 -8.91 8.50
C LYS V 13 86.41 -9.53 7.52
N LYS V 14 87.47 -10.14 8.05
CA LYS V 14 88.49 -10.73 7.19
C LYS V 14 87.93 -11.86 6.35
N ALA V 15 87.09 -12.71 6.94
CA ALA V 15 86.57 -13.86 6.22
C ALA V 15 85.53 -13.45 5.18
N LEU V 16 84.72 -12.44 5.47
CA LEU V 16 83.80 -11.92 4.45
C LEU V 16 84.58 -11.31 3.29
N GLN V 17 85.62 -10.54 3.60
CA GLN V 17 86.44 -9.97 2.53
C GLN V 17 87.09 -11.06 1.69
N ASN V 18 87.65 -12.09 2.35
CA ASN V 18 88.28 -13.18 1.63
C ASN V 18 87.26 -13.97 0.80
N PHE V 19 86.06 -14.17 1.34
CA PHE V 19 85.02 -14.90 0.63
C PHE V 19 84.58 -14.14 -0.62
N HIS V 20 84.40 -12.83 -0.51
CA HIS V 20 84.04 -12.04 -1.69
C HIS V 20 85.17 -11.98 -2.69
N ARG V 21 86.42 -11.89 -2.22
CA ARG V 21 87.57 -11.92 -3.12
C ARG V 21 87.64 -13.25 -3.87
N CYS V 22 87.41 -14.36 -3.16
CA CYS V 22 87.42 -15.67 -3.80
C CYS V 22 86.29 -15.82 -4.78
N ALA V 23 85.10 -15.29 -4.45
CA ALA V 23 83.98 -15.33 -5.39
C ALA V 23 84.28 -14.54 -6.65
N TRP V 24 84.90 -13.36 -6.49
CA TRP V 24 85.26 -12.57 -7.67
C TRP V 24 86.32 -13.28 -8.51
N GLU V 25 87.31 -13.88 -7.86
CA GLU V 25 88.31 -14.63 -8.61
C GLU V 25 87.68 -15.80 -9.34
N GLU V 26 86.72 -16.47 -8.71
CA GLU V 26 86.06 -17.61 -9.33
C GLU V 26 85.23 -17.18 -10.54
N THR V 27 84.47 -16.09 -10.44
CA THR V 27 83.69 -15.66 -11.60
C THR V 27 84.60 -15.13 -12.70
N LYS V 28 85.70 -14.46 -12.34
CA LYS V 28 86.71 -14.08 -13.32
C LYS V 28 87.20 -15.31 -14.08
N ASN V 29 87.59 -16.35 -13.35
CA ASN V 29 88.12 -17.55 -14.00
C ASN V 29 87.06 -18.23 -14.85
N ILE V 30 85.83 -18.29 -14.37
CA ILE V 30 84.76 -18.94 -15.11
C ILE V 30 84.53 -18.24 -16.44
N ILE V 31 84.33 -16.92 -16.41
CA ILE V 31 84.00 -16.21 -17.63
C ILE V 31 85.20 -16.14 -18.55
N ASN V 32 86.41 -16.00 -18.00
CA ASN V 32 87.60 -16.00 -18.84
C ASN V 32 87.79 -17.35 -19.52
N ASP V 33 87.54 -18.45 -18.81
CA ASP V 33 87.61 -19.77 -19.42
C ASP V 33 86.58 -19.92 -20.53
N PHE V 34 85.36 -19.44 -20.30
CA PHE V 34 84.34 -19.54 -21.34
C PHE V 34 84.71 -18.71 -22.57
N LEU V 35 85.23 -17.49 -22.36
CA LEU V 35 85.51 -16.61 -23.49
C LEU V 35 86.75 -17.05 -24.26
N GLU V 36 87.80 -17.47 -23.56
CA GLU V 36 89.09 -17.71 -24.21
C GLU V 36 89.27 -19.16 -24.62
N ILE V 37 89.27 -20.07 -23.65
CA ILE V 37 89.59 -21.47 -23.93
C ILE V 37 88.55 -22.38 -23.26
N PRO V 38 87.35 -22.50 -23.83
CA PRO V 38 86.34 -23.38 -23.23
C PRO V 38 86.38 -24.81 -23.77
N GLU V 39 87.03 -24.99 -24.92
CA GLU V 39 86.91 -26.27 -25.65
C GLU V 39 87.42 -27.44 -24.83
N GLU V 40 88.43 -27.22 -23.98
CA GLU V 40 88.95 -28.29 -23.14
C GLU V 40 88.25 -28.38 -21.79
N ARG V 41 87.21 -27.58 -21.58
CA ARG V 41 86.47 -27.57 -20.32
C ARG V 41 85.01 -28.00 -20.46
N CYS V 42 84.42 -27.91 -21.65
CA CYS V 42 83.02 -28.20 -21.85
C CYS V 42 82.83 -29.43 -22.73
N THR V 43 81.70 -30.10 -22.52
CA THR V 43 81.31 -31.27 -23.30
C THR V 43 79.92 -31.03 -23.89
N TYR V 44 79.44 -32.02 -24.65
CA TYR V 44 78.13 -31.96 -25.28
C TYR V 44 77.31 -33.18 -24.85
N LYS V 45 76.09 -32.94 -24.41
CA LYS V 45 75.20 -34.02 -23.98
C LYS V 45 73.85 -33.85 -24.66
N PHE V 46 73.36 -34.92 -25.28
CA PHE V 46 72.10 -34.89 -26.01
C PHE V 46 70.97 -35.28 -25.07
N ASN V 47 70.14 -34.30 -24.69
CA ASN V 47 68.94 -34.58 -23.90
C ASN V 47 67.86 -35.07 -24.86
N SER V 48 67.54 -36.35 -24.77
CA SER V 48 66.56 -36.94 -25.69
C SER V 48 65.14 -36.53 -25.34
N TYR V 49 64.86 -36.26 -24.06
CA TYR V 49 63.53 -35.82 -23.67
C TYR V 49 63.17 -34.49 -24.33
N THR V 50 64.12 -33.56 -24.37
CA THR V 50 63.99 -32.32 -25.12
C THR V 50 64.57 -32.44 -26.52
N LYS V 51 65.02 -33.64 -26.91
CA LYS V 51 65.60 -33.95 -28.22
C LYS V 51 66.53 -32.88 -28.74
N LYS V 52 67.39 -32.34 -27.86
CA LYS V 52 68.33 -31.31 -28.26
C LYS V 52 69.65 -31.52 -27.54
N MET V 53 70.73 -31.08 -28.18
CA MET V 53 72.06 -31.20 -27.59
C MET V 53 72.40 -29.93 -26.82
N GLU V 54 72.84 -30.11 -25.58
CA GLU V 54 73.18 -29.01 -24.70
C GLU V 54 74.67 -29.04 -24.38
N LEU V 55 75.23 -27.85 -24.24
CA LEU V 55 76.63 -27.69 -23.89
C LEU V 55 76.76 -27.71 -22.37
N LEU V 56 77.50 -28.68 -21.86
CA LEU V 56 77.77 -28.82 -20.43
C LEU V 56 79.11 -28.16 -20.14
N PHE V 57 79.06 -27.01 -19.48
CA PHE V 57 80.25 -26.28 -19.08
C PHE V 57 80.52 -26.54 -17.61
N THR V 58 81.74 -27.00 -17.30
CA THR V 58 82.11 -27.40 -15.96
C THR V 58 83.24 -26.50 -15.46
N PRO V 59 82.92 -25.39 -14.81
CA PRO V 59 83.98 -24.52 -14.28
C PRO V 59 84.84 -25.25 -13.27
N GLU V 60 86.14 -24.93 -13.28
CA GLU V 60 87.09 -25.64 -12.44
C GLU V 60 86.83 -25.40 -10.96
N PHE V 61 86.41 -24.19 -10.58
CA PHE V 61 86.25 -23.81 -9.19
C PHE V 61 84.78 -23.62 -8.86
N HIS V 62 84.39 -24.09 -7.67
CA HIS V 62 83.00 -24.04 -7.25
C HIS V 62 82.85 -23.63 -5.78
N THR V 63 83.89 -23.06 -5.18
CA THR V 63 83.87 -22.84 -3.74
C THR V 63 82.95 -21.70 -3.33
N ALA V 64 82.97 -20.58 -4.05
CA ALA V 64 82.32 -19.37 -3.58
C ALA V 64 81.44 -18.65 -4.59
N TRP V 65 81.62 -18.87 -5.89
CA TRP V 65 80.92 -18.04 -6.87
C TRP V 65 79.41 -18.29 -6.85
N HIS V 66 78.97 -19.52 -6.59
CA HIS V 66 77.54 -19.80 -6.56
C HIS V 66 76.88 -19.40 -5.25
N GLU V 67 77.67 -19.20 -4.18
CA GLU V 67 77.11 -18.83 -2.89
C GLU V 67 76.78 -17.35 -2.80
N VAL V 68 77.30 -16.54 -3.71
CA VAL V 68 77.02 -15.11 -3.76
C VAL V 68 75.91 -14.90 -4.78
N PRO V 69 74.73 -14.43 -4.38
CA PRO V 69 73.64 -14.26 -5.36
C PRO V 69 73.99 -13.31 -6.48
N GLU V 70 74.74 -12.24 -6.18
CA GLU V 70 75.09 -11.27 -7.20
C GLU V 70 76.06 -11.85 -8.23
N CYS V 71 77.09 -12.56 -7.76
CA CYS V 71 78.05 -13.16 -8.68
C CYS V 71 77.41 -14.23 -9.54
N ARG V 72 76.56 -15.08 -8.94
CA ARG V 72 75.89 -16.12 -9.71
C ARG V 72 74.93 -15.52 -10.73
N GLU V 73 74.15 -14.51 -10.32
CA GLU V 73 73.24 -13.86 -11.25
C GLU V 73 73.98 -13.22 -12.40
N PHE V 74 75.10 -12.54 -12.10
CA PHE V 74 75.89 -11.94 -13.17
C PHE V 74 76.48 -13.00 -14.09
N ILE V 75 76.97 -14.10 -13.53
CA ILE V 75 77.54 -15.15 -14.37
C ILE V 75 76.50 -15.69 -15.33
N LEU V 76 75.30 -16.00 -14.81
CA LEU V 76 74.24 -16.51 -15.67
C LEU V 76 73.85 -15.50 -16.74
N ASN V 77 73.62 -14.25 -16.33
CA ASN V 77 73.16 -13.24 -17.26
C ASN V 77 74.21 -12.93 -18.33
N PHE V 78 75.48 -12.85 -17.94
CA PHE V 78 76.52 -12.54 -18.89
C PHE V 78 76.82 -13.72 -19.81
N LEU V 79 76.71 -14.96 -19.32
CA LEU V 79 76.84 -16.10 -20.22
C LEU V 79 75.70 -16.12 -21.23
N ARG V 80 74.48 -15.79 -20.79
CA ARG V 80 73.37 -15.67 -21.73
C ARG V 80 73.63 -14.58 -22.76
N LEU V 81 74.17 -13.43 -22.31
CA LEU V 81 74.43 -12.33 -23.23
C LEU V 81 75.50 -12.69 -24.25
N ILE V 82 76.66 -13.17 -23.80
CA ILE V 82 77.76 -13.42 -24.72
C ILE V 82 77.48 -14.62 -25.61
N SER V 83 76.84 -15.66 -25.07
CA SER V 83 76.59 -16.86 -25.86
C SER V 83 75.33 -16.73 -26.70
N GLY V 84 74.28 -16.10 -26.18
CA GLY V 84 73.02 -16.01 -26.86
C GLY V 84 72.11 -17.20 -26.64
N HIS V 85 72.62 -18.29 -26.10
CA HIS V 85 71.81 -19.47 -25.81
C HIS V 85 71.11 -19.31 -24.47
N ARG V 86 70.24 -20.27 -24.17
CA ARG V 86 69.59 -20.34 -22.87
C ARG V 86 70.53 -21.03 -21.90
N VAL V 87 70.95 -20.32 -20.85
CA VAL V 87 71.92 -20.82 -19.90
C VAL V 87 71.18 -21.12 -18.60
N VAL V 88 71.31 -22.35 -18.12
CA VAL V 88 70.74 -22.74 -16.83
C VAL V 88 71.82 -23.40 -15.98
N LEU V 89 71.97 -22.94 -14.75
CA LEU V 89 72.95 -23.49 -13.83
C LEU V 89 72.30 -24.62 -13.04
N LYS V 90 72.73 -25.86 -13.30
CA LYS V 90 72.26 -27.01 -12.54
C LYS V 90 73.46 -27.66 -11.87
N GLY V 91 73.40 -27.75 -10.53
CA GLY V 91 74.50 -28.27 -9.77
C GLY V 91 75.78 -27.52 -10.03
N PRO V 92 76.83 -28.24 -10.42
CA PRO V 92 78.10 -27.60 -10.79
C PRO V 92 78.25 -27.29 -12.27
N THR V 93 77.19 -27.40 -13.07
CA THR V 93 77.30 -27.31 -14.52
C THR V 93 76.45 -26.17 -15.06
N PHE V 94 76.92 -25.59 -16.16
CA PHE V 94 76.15 -24.65 -16.96
C PHE V 94 75.63 -25.41 -18.18
N VAL V 95 74.32 -25.36 -18.39
CA VAL V 95 73.69 -26.01 -19.54
C VAL V 95 73.34 -24.93 -20.53
N PHE V 96 73.97 -24.99 -21.70
CA PHE V 96 73.70 -24.10 -22.83
C PHE V 96 72.77 -24.84 -23.79
N THR V 97 71.51 -24.40 -23.86
CA THR V 97 70.54 -24.97 -24.78
C THR V 97 70.19 -23.93 -25.83
N LYS V 98 70.35 -24.29 -27.10
CA LYS V 98 70.08 -23.36 -28.19
C LYS V 98 68.62 -22.96 -28.20
N GLU V 99 68.37 -21.66 -28.36
CA GLU V 99 67.01 -21.14 -28.40
C GLU V 99 66.53 -20.97 -29.84
N MET W 1 84.64 -19.73 -27.21
CA MET W 1 83.27 -19.23 -27.15
C MET W 1 82.52 -19.50 -28.45
N GLU W 2 82.68 -18.60 -29.42
CA GLU W 2 81.93 -18.70 -30.67
C GLU W 2 82.30 -19.97 -31.43
N ALA W 3 83.56 -20.38 -31.39
CA ALA W 3 83.94 -21.65 -32.00
C ALA W 3 83.25 -22.81 -31.31
N VAL W 4 83.24 -22.80 -29.97
CA VAL W 4 82.58 -23.87 -29.23
C VAL W 4 81.08 -23.83 -29.45
N LEU W 5 80.49 -22.65 -29.56
CA LEU W 5 79.06 -22.56 -29.82
C LEU W 5 78.71 -23.06 -31.22
N THR W 6 79.53 -22.74 -32.21
CA THR W 6 79.31 -23.26 -33.56
C THR W 6 79.45 -24.77 -33.58
N LYS W 7 80.44 -25.30 -32.87
CA LYS W 7 80.58 -26.75 -32.77
C LYS W 7 79.38 -27.37 -32.07
N LEU W 8 78.85 -26.69 -31.05
CA LEU W 8 77.66 -27.19 -30.38
C LEU W 8 76.47 -27.23 -31.31
N ASP W 9 76.29 -26.18 -32.12
CA ASP W 9 75.17 -26.15 -33.06
C ASP W 9 75.31 -27.26 -34.10
N GLN W 10 76.52 -27.40 -34.66
CA GLN W 10 76.74 -28.45 -35.66
C GLN W 10 76.52 -29.84 -35.06
N GLU W 11 77.03 -30.06 -33.85
CA GLU W 11 76.86 -31.34 -33.19
C GLU W 11 75.41 -31.60 -32.82
N GLU W 12 74.66 -30.56 -32.45
CA GLU W 12 73.24 -30.72 -32.18
C GLU W 12 72.49 -31.13 -33.43
N LYS W 13 72.78 -30.47 -34.56
CA LYS W 13 72.14 -30.84 -35.82
C LYS W 13 72.48 -32.28 -36.21
N LYS W 14 73.77 -32.62 -36.13
CA LYS W 14 74.20 -33.97 -36.51
C LYS W 14 73.60 -35.02 -35.59
N ALA W 15 73.56 -34.75 -34.28
CA ALA W 15 73.03 -35.72 -33.33
C ALA W 15 71.53 -35.86 -33.46
N LEU W 16 70.81 -34.77 -33.75
CA LEU W 16 69.38 -34.88 -34.01
C LEU W 16 69.11 -35.70 -35.26
N GLN W 17 69.89 -35.46 -36.32
CA GLN W 17 69.73 -36.25 -37.54
C GLN W 17 70.01 -37.72 -37.29
N ASN W 18 71.09 -38.01 -36.56
CA ASN W 18 71.44 -39.40 -36.27
C ASN W 18 70.41 -40.05 -35.36
N PHE W 19 69.88 -39.31 -34.40
CA PHE W 19 68.86 -39.84 -33.50
C PHE W 19 67.58 -40.18 -34.26
N HIS W 20 67.14 -39.30 -35.16
CA HIS W 20 65.95 -39.60 -35.94
C HIS W 20 66.19 -40.75 -36.92
N ARG W 21 67.40 -40.81 -37.50
CA ARG W 21 67.73 -41.93 -38.37
C ARG W 21 67.72 -43.25 -37.61
N CYS W 22 68.27 -43.25 -36.40
CA CYS W 22 68.27 -44.46 -35.57
C CYS W 22 66.85 -44.84 -35.15
N ALA W 23 66.02 -43.84 -34.83
CA ALA W 23 64.64 -44.14 -34.49
C ALA W 23 63.89 -44.74 -35.68
N TRP W 24 64.12 -44.21 -36.87
CA TRP W 24 63.48 -44.79 -38.06
C TRP W 24 63.98 -46.21 -38.32
N GLU W 25 65.28 -46.44 -38.16
CA GLU W 25 65.81 -47.79 -38.33
C GLU W 25 65.21 -48.73 -37.31
N GLU W 26 65.02 -48.26 -36.08
CA GLU W 26 64.47 -49.12 -35.04
C GLU W 26 63.00 -49.46 -35.31
N THR W 27 62.19 -48.47 -35.71
CA THR W 27 60.80 -48.79 -36.01
C THR W 27 60.70 -49.67 -37.25
N LYS W 28 61.56 -49.44 -38.24
CA LYS W 28 61.63 -50.32 -39.40
C LYS W 28 61.90 -51.75 -38.98
N ASN W 29 62.91 -51.95 -38.14
CA ASN W 29 63.26 -53.30 -37.71
C ASN W 29 62.15 -53.92 -36.86
N ILE W 30 61.52 -53.12 -36.01
CA ILE W 30 60.44 -53.65 -35.16
C ILE W 30 59.30 -54.14 -36.01
N ILE W 31 58.82 -53.31 -36.94
CA ILE W 31 57.66 -53.71 -37.73
C ILE W 31 58.03 -54.82 -38.71
N ASN W 32 59.24 -54.79 -39.26
CA ASN W 32 59.67 -55.88 -40.15
C ASN W 32 59.74 -57.21 -39.40
N ASP W 33 60.26 -57.19 -38.16
CA ASP W 33 60.31 -58.40 -37.36
C ASP W 33 58.91 -58.91 -37.05
N PHE W 34 57.99 -57.99 -36.71
CA PHE W 34 56.63 -58.42 -36.41
C PHE W 34 55.95 -59.02 -37.64
N LEU W 35 56.13 -58.40 -38.81
CA LEU W 35 55.42 -58.85 -40.00
C LEU W 35 56.03 -60.12 -40.58
N GLU W 36 57.35 -60.25 -40.56
CA GLU W 36 58.01 -61.37 -41.23
C GLU W 36 58.29 -62.55 -40.30
N ILE W 37 59.10 -62.31 -39.26
CA ILE W 37 59.57 -63.41 -38.42
C ILE W 37 59.41 -63.08 -36.93
N PRO W 38 58.19 -62.98 -36.42
CA PRO W 38 58.01 -62.66 -35.01
C PRO W 38 58.10 -63.88 -34.10
N GLU W 39 57.98 -65.08 -34.68
CA GLU W 39 57.83 -66.29 -33.87
C GLU W 39 59.05 -66.56 -33.00
N GLU W 40 60.24 -66.16 -33.46
CA GLU W 40 61.46 -66.35 -32.70
C GLU W 40 61.76 -65.19 -31.76
N ARG W 41 60.88 -64.19 -31.70
CA ARG W 41 61.10 -63.01 -30.88
C ARG W 41 60.06 -62.80 -29.79
N CYS W 42 58.84 -63.30 -29.98
CA CYS W 42 57.75 -63.07 -29.04
C CYS W 42 57.45 -64.33 -28.24
N THR W 43 56.97 -64.13 -27.01
CA THR W 43 56.55 -65.19 -26.11
C THR W 43 55.09 -64.98 -25.75
N TYR W 44 54.56 -65.88 -24.90
CA TYR W 44 53.18 -65.79 -24.44
C TYR W 44 53.16 -65.84 -22.92
N LYS W 45 52.48 -64.88 -22.30
CA LYS W 45 52.40 -64.80 -20.85
C LYS W 45 50.94 -64.71 -20.44
N PHE W 46 50.51 -65.62 -19.57
CA PHE W 46 49.11 -65.68 -19.16
C PHE W 46 48.88 -64.78 -17.96
N ASN W 47 48.22 -63.65 -18.19
CA ASN W 47 47.77 -62.78 -17.11
C ASN W 47 46.51 -63.39 -16.52
N SER W 48 46.62 -63.91 -15.29
CA SER W 48 45.50 -64.57 -14.63
C SER W 48 44.48 -63.56 -14.12
N TYR W 49 44.91 -62.34 -13.78
CA TYR W 49 43.97 -61.33 -13.32
C TYR W 49 42.95 -60.99 -14.40
N THR W 50 43.40 -60.89 -15.65
CA THR W 50 42.52 -60.73 -16.80
C THR W 50 42.14 -62.06 -17.44
N LYS W 51 42.56 -63.18 -16.82
CA LYS W 51 42.29 -64.54 -17.28
C LYS W 51 42.44 -64.68 -18.78
N LYS W 52 43.56 -64.18 -19.30
CA LYS W 52 43.87 -64.32 -20.72
C LYS W 52 45.38 -64.23 -20.88
N MET W 53 45.88 -64.85 -21.94
CA MET W 53 47.32 -64.72 -22.20
C MET W 53 47.56 -63.69 -23.28
N GLU W 54 48.68 -62.99 -23.14
CA GLU W 54 49.06 -61.89 -24.01
C GLU W 54 50.38 -62.23 -24.70
N LEU W 55 50.51 -61.75 -25.93
CA LEU W 55 51.75 -61.88 -26.67
C LEU W 55 52.73 -60.83 -26.17
N LEU W 56 53.87 -61.29 -25.66
CA LEU W 56 54.96 -60.42 -25.22
C LEU W 56 55.95 -60.31 -26.36
N PHE W 57 55.94 -59.18 -27.06
CA PHE W 57 56.85 -58.92 -28.16
C PHE W 57 58.00 -58.07 -27.64
N THR W 58 59.22 -58.55 -27.80
CA THR W 58 60.43 -57.90 -27.28
C THR W 58 61.32 -57.52 -28.45
N PRO W 59 61.18 -56.32 -29.00
CA PRO W 59 62.05 -55.90 -30.09
C PRO W 59 63.50 -55.86 -29.66
N GLU W 60 64.39 -56.17 -30.61
CA GLU W 60 65.81 -56.28 -30.28
C GLU W 60 66.42 -54.95 -29.90
N PHE W 61 65.95 -53.85 -30.48
CA PHE W 61 66.53 -52.53 -30.27
C PHE W 61 65.56 -51.64 -29.52
N HIS W 62 66.10 -50.86 -28.57
CA HIS W 62 65.28 -50.04 -27.69
C HIS W 62 65.89 -48.67 -27.43
N THR W 63 66.76 -48.18 -28.33
CA THR W 63 67.52 -46.98 -28.02
C THR W 63 66.75 -45.70 -28.32
N ALA W 64 66.08 -45.62 -29.47
CA ALA W 64 65.55 -44.35 -29.95
C ALA W 64 64.09 -44.37 -30.37
N TRP W 65 63.50 -45.52 -30.68
CA TRP W 65 62.17 -45.52 -31.25
C TRP W 65 61.12 -45.07 -30.24
N HIS W 66 61.30 -45.42 -28.96
CA HIS W 66 60.33 -45.04 -27.95
C HIS W 66 60.51 -43.60 -27.48
N GLU W 67 61.66 -42.99 -27.74
CA GLU W 67 61.89 -41.61 -27.32
C GLU W 67 61.26 -40.60 -28.29
N VAL W 68 60.91 -41.03 -29.49
CA VAL W 68 60.25 -40.17 -30.48
C VAL W 68 58.76 -40.40 -30.36
N PRO W 69 57.97 -39.40 -29.97
CA PRO W 69 56.52 -39.63 -29.83
C PRO W 69 55.87 -40.08 -31.13
N GLU W 70 56.31 -39.55 -32.26
CA GLU W 70 55.70 -39.90 -33.54
C GLU W 70 56.00 -41.36 -33.91
N CYS W 71 57.25 -41.78 -33.76
CA CYS W 71 57.61 -43.15 -34.10
C CYS W 71 56.91 -44.14 -33.18
N ARG W 72 56.87 -43.86 -31.87
CA ARG W 72 56.21 -44.76 -30.94
C ARG W 72 54.71 -44.83 -31.21
N GLU W 73 54.07 -43.67 -31.45
CA GLU W 73 52.65 -43.66 -31.76
C GLU W 73 52.36 -44.45 -33.03
N PHE W 74 53.18 -44.27 -34.07
CA PHE W 74 52.97 -45.02 -35.29
C PHE W 74 53.18 -46.51 -35.07
N ILE W 75 54.19 -46.89 -34.29
CA ILE W 75 54.42 -48.30 -34.04
C ILE W 75 53.20 -48.92 -33.36
N LEU W 76 52.70 -48.26 -32.31
CA LEU W 76 51.54 -48.80 -31.61
C LEU W 76 50.32 -48.88 -32.52
N ASN W 77 50.05 -47.79 -33.26
CA ASN W 77 48.87 -47.76 -34.10
C ASN W 77 48.95 -48.78 -35.23
N PHE W 78 50.12 -48.92 -35.85
CA PHE W 78 50.24 -49.87 -36.95
C PHE W 78 50.24 -51.31 -36.46
N LEU W 79 50.80 -51.58 -35.27
CA LEU W 79 50.69 -52.92 -34.71
C LEU W 79 49.24 -53.26 -34.40
N ARG W 80 48.48 -52.29 -33.88
CA ARG W 80 47.05 -52.51 -33.66
C ARG W 80 46.34 -52.76 -34.99
N LEU W 81 46.69 -52.02 -36.03
CA LEU W 81 46.04 -52.18 -37.33
C LEU W 81 46.32 -53.54 -37.94
N ILE W 82 47.60 -53.91 -38.03
CA ILE W 82 47.96 -55.14 -38.72
C ILE W 82 47.61 -56.37 -37.90
N SER W 83 47.72 -56.30 -36.58
CA SER W 83 47.38 -57.44 -35.73
C SER W 83 45.90 -57.53 -35.43
N GLY W 84 45.23 -56.39 -35.27
CA GLY W 84 43.83 -56.37 -34.90
C GLY W 84 43.58 -56.51 -33.42
N HIS W 85 44.60 -56.82 -32.62
CA HIS W 85 44.44 -56.98 -31.19
C HIS W 85 44.60 -55.64 -30.49
N ARG W 86 44.60 -55.67 -29.16
CA ARG W 86 44.90 -54.49 -28.37
C ARG W 86 46.39 -54.50 -28.02
N VAL W 87 47.11 -53.50 -28.49
CA VAL W 87 48.56 -53.42 -28.31
C VAL W 87 48.85 -52.32 -27.30
N VAL W 88 49.53 -52.67 -26.22
CA VAL W 88 49.95 -51.69 -25.22
C VAL W 88 51.45 -51.85 -25.00
N LEU W 89 52.17 -50.73 -25.02
CA LEU W 89 53.61 -50.73 -24.82
C LEU W 89 53.91 -50.48 -23.34
N LYS W 90 54.51 -51.47 -22.69
CA LYS W 90 54.96 -51.32 -21.30
C LYS W 90 56.44 -51.67 -21.23
N GLY W 91 57.25 -50.71 -20.78
CA GLY W 91 58.68 -50.89 -20.71
C GLY W 91 59.25 -51.24 -22.06
N PRO W 92 59.98 -52.35 -22.11
CA PRO W 92 60.54 -52.84 -23.39
C PRO W 92 59.64 -53.81 -24.14
N THR W 93 58.38 -53.98 -23.75
CA THR W 93 57.53 -55.04 -24.28
C THR W 93 56.29 -54.46 -24.93
N PHE W 94 55.87 -55.10 -26.02
CA PHE W 94 54.54 -54.90 -26.61
C PHE W 94 53.64 -56.03 -26.10
N VAL W 95 52.53 -55.67 -25.49
CA VAL W 95 51.55 -56.64 -25.01
C VAL W 95 50.39 -56.65 -25.99
N PHE W 96 50.21 -57.79 -26.66
CA PHE W 96 49.08 -58.03 -27.55
C PHE W 96 48.04 -58.82 -26.79
N THR W 97 46.91 -58.19 -26.49
CA THR W 97 45.79 -58.84 -25.82
C THR W 97 44.62 -58.92 -26.79
N LYS W 98 44.08 -60.12 -26.97
CA LYS W 98 42.97 -60.30 -27.89
C LYS W 98 41.76 -59.50 -27.42
N GLU W 99 41.10 -58.83 -28.37
CA GLU W 99 39.91 -58.05 -28.06
C GLU W 99 38.64 -58.84 -28.36
N MET X 1 53.26 -63.15 -39.21
CA MET X 1 52.58 -62.60 -38.04
C MET X 1 51.27 -63.32 -37.77
N GLU X 2 50.49 -63.55 -38.84
CA GLU X 2 49.19 -64.19 -38.67
C GLU X 2 49.32 -65.58 -38.08
N ALA X 3 50.42 -66.29 -38.37
CA ALA X 3 50.66 -67.56 -37.72
C ALA X 3 50.85 -67.37 -36.22
N VAL X 4 51.58 -66.33 -35.82
CA VAL X 4 51.80 -66.08 -34.40
C VAL X 4 50.49 -65.70 -33.71
N LEU X 5 49.65 -64.90 -34.37
CA LEU X 5 48.37 -64.53 -33.77
C LEU X 5 47.42 -65.73 -33.68
N THR X 6 47.42 -66.58 -34.70
CA THR X 6 46.61 -67.80 -34.62
C THR X 6 47.09 -68.71 -33.50
N LYS X 7 48.41 -68.84 -33.34
CA LYS X 7 48.95 -69.59 -32.22
C LYS X 7 48.58 -68.96 -30.89
N LEU X 8 48.56 -67.62 -30.84
CA LEU X 8 48.12 -66.94 -29.63
C LEU X 8 46.69 -67.29 -29.29
N ASP X 9 45.80 -67.26 -30.29
CA ASP X 9 44.40 -67.56 -30.03
C ASP X 9 44.21 -69.01 -29.59
N GLN X 10 44.87 -69.94 -30.28
CA GLN X 10 44.76 -71.35 -29.92
C GLN X 10 45.31 -71.61 -28.52
N GLU X 11 46.48 -71.04 -28.22
CA GLU X 11 47.07 -71.21 -26.91
C GLU X 11 46.26 -70.49 -25.83
N GLU X 12 45.58 -69.40 -26.18
CA GLU X 12 44.72 -68.72 -25.21
C GLU X 12 43.53 -69.58 -24.85
N LYS X 13 42.89 -70.19 -25.86
CA LYS X 13 41.81 -71.12 -25.57
C LYS X 13 42.30 -72.28 -24.73
N LYS X 14 43.44 -72.87 -25.12
CA LYS X 14 43.98 -74.01 -24.38
C LYS X 14 44.34 -73.64 -22.95
N ALA X 15 44.96 -72.48 -22.76
CA ALA X 15 45.43 -72.09 -21.43
C ALA X 15 44.28 -71.67 -20.53
N LEU X 16 43.26 -71.02 -21.08
CA LEU X 16 42.06 -70.71 -20.30
C LEU X 16 41.36 -71.99 -19.88
N GLN X 17 41.22 -72.94 -20.81
CA GLN X 17 40.61 -74.22 -20.46
C GLN X 17 41.41 -74.94 -19.39
N ASN X 18 42.74 -74.97 -19.53
CA ASN X 18 43.58 -75.63 -18.54
C ASN X 18 43.53 -74.93 -17.19
N PHE X 19 43.48 -73.60 -17.19
CA PHE X 19 43.41 -72.83 -15.95
C PHE X 19 42.11 -73.10 -15.23
N HIS X 20 40.99 -73.13 -15.95
CA HIS X 20 39.71 -73.43 -15.31
C HIS X 20 39.65 -74.88 -14.83
N ARG X 21 40.23 -75.80 -15.60
CA ARG X 21 40.30 -77.19 -15.17
C ARG X 21 41.12 -77.34 -13.90
N CYS X 22 42.24 -76.64 -13.82
CA CYS X 22 43.07 -76.69 -12.63
C CYS X 22 42.37 -76.06 -11.44
N ALA X 23 41.66 -74.95 -11.66
CA ALA X 23 40.90 -74.34 -10.56
C ALA X 23 39.80 -75.28 -10.06
N TRP X 24 39.11 -75.96 -10.97
CA TRP X 24 38.11 -76.92 -10.55
C TRP X 24 38.72 -78.09 -9.79
N GLU X 25 39.86 -78.59 -10.26
CA GLU X 25 40.53 -79.66 -9.54
C GLU X 25 40.96 -79.21 -8.16
N GLU X 26 41.43 -77.96 -8.04
CA GLU X 26 41.86 -77.44 -6.76
C GLU X 26 40.69 -77.29 -5.79
N THR X 27 39.56 -76.74 -6.25
CA THR X 27 38.42 -76.62 -5.34
C THR X 27 37.85 -77.98 -4.98
N LYS X 28 37.86 -78.92 -5.93
CA LYS X 28 37.47 -80.29 -5.63
C LYS X 28 38.32 -80.87 -4.53
N ASN X 29 39.65 -80.74 -4.66
CA ASN X 29 40.54 -81.29 -3.66
C ASN X 29 40.38 -80.58 -2.31
N ILE X 30 40.18 -79.27 -2.33
CA ILE X 30 40.02 -78.52 -1.08
C ILE X 30 38.79 -79.00 -0.33
N ILE X 31 37.65 -79.06 -1.01
CA ILE X 31 36.42 -79.43 -0.32
C ILE X 31 36.42 -80.90 0.04
N ASN X 32 37.01 -81.77 -0.80
CA ASN X 32 37.11 -83.18 -0.45
C ASN X 32 37.99 -83.38 0.78
N ASP X 33 39.10 -82.65 0.87
CA ASP X 33 39.95 -82.73 2.05
C ASP X 33 39.22 -82.24 3.28
N PHE X 34 38.46 -81.15 3.16
CA PHE X 34 37.74 -80.65 4.33
C PHE X 34 36.62 -81.58 4.76
N LEU X 35 35.99 -82.29 3.83
CA LEU X 35 34.87 -83.15 4.18
C LEU X 35 35.33 -84.51 4.67
N GLU X 36 36.39 -85.06 4.08
CA GLU X 36 36.79 -86.44 4.39
C GLU X 36 37.90 -86.49 5.45
N ILE X 37 39.05 -85.89 5.16
CA ILE X 37 40.20 -86.01 6.04
C ILE X 37 40.86 -84.65 6.30
N PRO X 38 40.24 -83.79 7.11
CA PRO X 38 40.84 -82.48 7.39
C PRO X 38 41.73 -82.49 8.62
N GLU X 39 41.74 -83.60 9.37
CA GLU X 39 42.46 -83.63 10.64
C GLU X 39 43.96 -83.50 10.45
N GLU X 40 44.51 -84.12 9.40
CA GLU X 40 45.95 -84.10 9.15
C GLU X 40 46.39 -82.84 8.42
N ARG X 41 45.46 -81.95 8.07
CA ARG X 41 45.77 -80.75 7.30
C ARG X 41 45.45 -79.47 8.05
N CYS X 42 44.60 -79.50 9.06
CA CYS X 42 44.16 -78.33 9.78
C CYS X 42 44.87 -78.21 11.13
N THR X 43 45.02 -76.98 11.60
CA THR X 43 45.59 -76.66 12.89
C THR X 43 44.64 -75.74 13.65
N TYR X 44 45.01 -75.40 14.88
CA TYR X 44 44.22 -74.50 15.72
C TYR X 44 45.12 -73.39 16.22
N LYS X 45 44.67 -72.14 16.06
CA LYS X 45 45.46 -70.99 16.48
C LYS X 45 44.60 -70.07 17.32
N PHE X 46 45.08 -69.73 18.52
CA PHE X 46 44.29 -68.94 19.47
C PHE X 46 44.56 -67.46 19.25
N ASN X 47 43.61 -66.77 18.62
CA ASN X 47 43.67 -65.32 18.51
C ASN X 47 43.23 -64.73 19.85
N SER X 48 44.19 -64.16 20.58
CA SER X 48 43.90 -63.61 21.91
C SER X 48 43.19 -62.27 21.82
N TYR X 49 43.38 -61.52 20.73
CA TYR X 49 42.70 -60.24 20.57
C TYR X 49 41.19 -60.45 20.50
N THR X 50 40.75 -61.48 19.80
CA THR X 50 39.35 -61.88 19.77
C THR X 50 39.03 -62.94 20.81
N LYS X 51 39.98 -63.24 21.71
CA LYS X 51 39.86 -64.22 22.79
C LYS X 51 39.16 -65.50 22.36
N LYS X 52 39.53 -66.02 21.18
CA LYS X 52 38.98 -67.29 20.70
C LYS X 52 40.01 -67.93 19.79
N MET X 53 39.93 -69.25 19.65
CA MET X 53 40.83 -69.90 18.71
C MET X 53 40.07 -70.30 17.46
N GLU X 54 40.78 -70.25 16.34
CA GLU X 54 40.23 -70.47 15.03
C GLU X 54 40.91 -71.66 14.37
N LEU X 55 40.15 -72.33 13.51
CA LEU X 55 40.66 -73.44 12.73
C LEU X 55 41.40 -72.90 11.51
N LEU X 56 42.69 -73.21 11.41
CA LEU X 56 43.51 -72.82 10.28
C LEU X 56 43.55 -74.00 9.31
N PHE X 57 42.87 -73.86 8.18
CA PHE X 57 42.86 -74.87 7.13
C PHE X 57 43.80 -74.44 6.02
N THR X 58 44.77 -75.29 5.70
CA THR X 58 45.81 -74.97 4.72
C THR X 58 45.73 -75.97 3.58
N PRO X 59 44.93 -75.68 2.55
CA PRO X 59 44.84 -76.60 1.41
C PRO X 59 46.18 -76.77 0.72
N GLU X 60 46.40 -77.98 0.20
CA GLU X 60 47.71 -78.32 -0.36
C GLU X 60 48.01 -77.51 -1.62
N PHE X 61 46.99 -77.13 -2.38
CA PHE X 61 47.16 -76.46 -3.67
C PHE X 61 46.63 -75.03 -3.61
N HIS X 62 47.36 -74.12 -4.25
CA HIS X 62 47.00 -72.70 -4.24
C HIS X 62 47.19 -72.04 -5.60
N THR X 63 47.35 -72.83 -6.67
CA THR X 63 47.75 -72.26 -7.94
C THR X 63 46.63 -71.47 -8.61
N ALA X 64 45.41 -72.00 -8.62
CA ALA X 64 44.35 -71.45 -9.46
C ALA X 64 43.02 -71.22 -8.77
N TRP X 65 42.73 -71.88 -7.64
CA TRP X 65 41.39 -71.81 -7.09
C TRP X 65 41.05 -70.42 -6.58
N HIS X 66 42.03 -69.68 -6.05
CA HIS X 66 41.74 -68.33 -5.55
C HIS X 66 41.76 -67.28 -6.64
N GLU X 67 42.33 -67.59 -7.81
CA GLU X 67 42.37 -66.63 -8.91
C GLU X 67 41.05 -66.54 -9.65
N VAL X 68 40.18 -67.53 -9.49
CA VAL X 68 38.86 -67.55 -10.13
C VAL X 68 37.85 -67.02 -9.10
N PRO X 69 37.21 -65.88 -9.34
CA PRO X 69 36.26 -65.36 -8.35
C PRO X 69 35.13 -66.32 -8.05
N GLU X 70 34.64 -67.04 -9.05
CA GLU X 70 33.53 -67.96 -8.84
C GLU X 70 33.94 -69.14 -7.97
N CYS X 71 35.09 -69.73 -8.25
CA CYS X 71 35.56 -70.87 -7.45
C CYS X 71 35.84 -70.46 -6.01
N ARG X 72 36.50 -69.31 -5.82
CA ARG X 72 36.78 -68.85 -4.46
C ARG X 72 35.51 -68.53 -3.70
N GLU X 73 34.57 -67.85 -4.35
CA GLU X 73 33.30 -67.53 -3.70
C GLU X 73 32.55 -68.80 -3.32
N PHE X 74 32.52 -69.79 -4.22
CA PHE X 74 31.85 -71.04 -3.90
C PHE X 74 32.55 -71.76 -2.76
N ILE X 75 33.88 -71.77 -2.75
CA ILE X 75 34.61 -72.44 -1.68
C ILE X 75 34.26 -71.81 -0.34
N LEU X 76 34.31 -70.48 -0.26
CA LEU X 76 34.00 -69.81 0.99
C LEU X 76 32.56 -70.07 1.41
N ASN X 77 31.61 -69.92 0.48
CA ASN X 77 30.20 -70.08 0.83
C ASN X 77 29.88 -71.51 1.23
N PHE X 78 30.44 -72.50 0.52
CA PHE X 78 30.15 -73.89 0.85
C PHE X 78 30.82 -74.31 2.14
N LEU X 79 32.02 -73.80 2.42
CA LEU X 79 32.64 -74.09 3.71
C LEU X 79 31.82 -73.49 4.84
N ARG X 80 31.30 -72.27 4.65
CA ARG X 80 30.41 -71.68 5.65
C ARG X 80 29.16 -72.53 5.83
N LEU X 81 28.59 -73.03 4.73
CA LEU X 81 27.39 -73.85 4.82
C LEU X 81 27.65 -75.14 5.57
N ILE X 82 28.66 -75.90 5.15
CA ILE X 82 28.88 -77.22 5.71
C ILE X 82 29.38 -77.14 7.14
N SER X 83 30.20 -76.14 7.45
CA SER X 83 30.74 -76.04 8.81
C SER X 83 29.82 -75.27 9.74
N GLY X 84 29.21 -74.20 9.26
CA GLY X 84 28.39 -73.34 10.09
C GLY X 84 29.15 -72.23 10.78
N HIS X 85 30.48 -72.27 10.78
CA HIS X 85 31.30 -71.23 11.35
C HIS X 85 31.56 -70.13 10.33
N ARG X 86 32.08 -69.01 10.83
CA ARG X 86 32.50 -67.93 9.96
C ARG X 86 33.83 -68.30 9.31
N VAL X 87 33.84 -68.40 7.99
CA VAL X 87 35.02 -68.78 7.22
C VAL X 87 35.54 -67.55 6.51
N VAL X 88 36.79 -67.19 6.79
CA VAL X 88 37.44 -66.05 6.13
C VAL X 88 38.74 -66.53 5.51
N LEU X 89 38.95 -66.20 4.25
CA LEU X 89 40.15 -66.61 3.53
C LEU X 89 41.20 -65.50 3.64
N LYS X 90 42.30 -65.79 4.34
CA LYS X 90 43.42 -64.88 4.42
C LYS X 90 44.66 -65.59 3.88
N GLY X 91 45.22 -65.03 2.81
CA GLY X 91 46.36 -65.65 2.15
C GLY X 91 46.03 -67.05 1.70
N PRO X 92 46.87 -68.01 2.10
CA PRO X 92 46.60 -69.42 1.81
C PRO X 92 45.80 -70.16 2.87
N THR X 93 45.20 -69.45 3.83
CA THR X 93 44.57 -70.08 4.98
C THR X 93 43.08 -69.78 5.02
N PHE X 94 42.30 -70.80 5.39
CA PHE X 94 40.90 -70.63 5.75
C PHE X 94 40.82 -70.55 7.27
N VAL X 95 40.25 -69.46 7.77
CA VAL X 95 40.08 -69.26 9.21
C VAL X 95 38.62 -69.55 9.54
N PHE X 96 38.39 -70.59 10.33
CA PHE X 96 37.07 -70.96 10.83
C PHE X 96 36.96 -70.43 12.25
N THR X 97 36.10 -69.43 12.44
CA THR X 97 35.83 -68.88 13.76
C THR X 97 34.39 -69.20 14.13
N LYS X 98 34.20 -69.80 15.30
CA LYS X 98 32.86 -70.17 15.74
C LYS X 98 32.00 -68.91 15.92
N GLU X 99 30.76 -68.99 15.44
CA GLU X 99 29.84 -67.87 15.56
C GLU X 99 28.90 -68.06 16.75
N MET Y 1 35.11 -84.61 9.18
CA MET Y 1 34.58 -83.26 9.01
C MET Y 1 34.04 -82.72 10.33
N GLU Y 2 33.01 -83.37 10.86
CA GLU Y 2 32.43 -82.92 12.12
C GLU Y 2 33.33 -83.21 13.31
N ALA Y 3 34.21 -84.21 13.20
CA ALA Y 3 35.16 -84.48 14.27
C ALA Y 3 36.09 -83.29 14.48
N VAL Y 4 36.58 -82.70 13.39
CA VAL Y 4 37.48 -81.56 13.49
C VAL Y 4 36.76 -80.36 14.10
N LEU Y 5 35.51 -80.13 13.72
CA LEU Y 5 34.76 -79.00 14.28
C LEU Y 5 34.46 -79.21 15.76
N THR Y 6 34.10 -80.44 16.14
CA THR Y 6 33.88 -80.73 17.56
C THR Y 6 35.16 -80.55 18.36
N LYS Y 7 36.29 -81.00 17.80
CA LYS Y 7 37.58 -80.78 18.46
C LYS Y 7 37.89 -79.30 18.55
N LEU Y 8 37.54 -78.52 17.53
CA LEU Y 8 37.76 -77.08 17.57
C LEU Y 8 36.95 -76.45 18.69
N ASP Y 9 35.69 -76.84 18.82
CA ASP Y 9 34.85 -76.27 19.88
C ASP Y 9 35.37 -76.64 21.27
N GLN Y 10 35.69 -77.93 21.46
CA GLN Y 10 36.19 -78.38 22.75
C GLN Y 10 37.52 -77.71 23.09
N GLU Y 11 38.41 -77.60 22.11
CA GLU Y 11 39.69 -76.96 22.35
C GLU Y 11 39.54 -75.46 22.55
N GLU Y 12 38.53 -74.84 21.93
CA GLU Y 12 38.29 -73.42 22.18
C GLU Y 12 37.82 -73.20 23.62
N LYS Y 13 36.92 -74.05 24.10
CA LYS Y 13 36.51 -73.97 25.50
C LYS Y 13 37.71 -74.16 26.42
N LYS Y 14 38.51 -75.20 26.16
CA LYS Y 14 39.66 -75.49 27.01
C LYS Y 14 40.68 -74.35 26.97
N ALA Y 15 40.94 -73.81 25.79
CA ALA Y 15 41.96 -72.78 25.65
C ALA Y 15 41.50 -71.46 26.25
N LEU Y 16 40.22 -71.12 26.11
CA LEU Y 16 39.71 -69.93 26.77
C LEU Y 16 39.77 -70.07 28.28
N GLN Y 17 39.40 -71.24 28.80
CA GLN Y 17 39.49 -71.48 30.23
C GLN Y 17 40.93 -71.37 30.72
N ASN Y 18 41.86 -71.98 29.99
CA ASN Y 18 43.26 -71.93 30.39
C ASN Y 18 43.82 -70.53 30.28
N PHE Y 19 43.42 -69.78 29.26
CA PHE Y 19 43.90 -68.41 29.08
C PHE Y 19 43.41 -67.52 30.21
N HIS Y 20 42.14 -67.64 30.61
CA HIS Y 20 41.64 -66.84 31.72
C HIS Y 20 42.26 -67.27 33.04
N ARG Y 21 42.49 -68.57 33.22
CA ARG Y 21 43.18 -69.05 34.42
C ARG Y 21 44.60 -68.50 34.49
N CYS Y 22 45.31 -68.50 33.38
CA CYS Y 22 46.66 -67.95 33.34
C CYS Y 22 46.65 -66.44 33.59
N ALA Y 23 45.66 -65.73 33.04
CA ALA Y 23 45.55 -64.31 33.30
C ALA Y 23 45.30 -64.03 34.78
N TRP Y 24 44.43 -64.82 35.41
CA TRP Y 24 44.19 -64.65 36.84
C TRP Y 24 45.43 -64.96 37.66
N GLU Y 25 46.16 -66.02 37.30
CA GLU Y 25 47.39 -66.32 38.01
C GLU Y 25 48.40 -65.20 37.85
N GLU Y 26 48.47 -64.62 36.65
CA GLU Y 26 49.42 -63.54 36.40
C GLU Y 26 49.07 -62.30 37.20
N THR Y 27 47.80 -61.90 37.24
CA THR Y 27 47.44 -60.72 38.02
C THR Y 27 47.61 -60.98 39.52
N LYS Y 28 47.31 -62.21 39.96
CA LYS Y 28 47.58 -62.58 41.34
C LYS Y 28 49.06 -62.40 41.68
N ASN Y 29 49.93 -62.93 40.82
CA ASN Y 29 51.37 -62.81 41.07
C ASN Y 29 51.83 -61.36 41.02
N ILE Y 30 51.29 -60.58 40.09
CA ILE Y 30 51.70 -59.17 39.96
C ILE Y 30 51.34 -58.40 41.23
N ILE Y 31 50.08 -58.51 41.66
CA ILE Y 31 49.65 -57.73 42.81
C ILE Y 31 50.28 -58.24 44.09
N ASN Y 32 50.46 -59.56 44.21
CA ASN Y 32 51.15 -60.10 45.37
C ASN Y 32 52.60 -59.63 45.43
N ASP Y 33 53.28 -59.59 44.29
CA ASP Y 33 54.65 -59.08 44.27
C ASP Y 33 54.69 -57.61 44.67
N PHE Y 34 53.73 -56.82 44.19
CA PHE Y 34 53.70 -55.41 44.57
C PHE Y 34 53.45 -55.24 46.06
N LEU Y 35 52.52 -56.02 46.61
CA LEU Y 35 52.12 -55.83 48.00
C LEU Y 35 53.15 -56.36 48.99
N GLU Y 36 53.79 -57.50 48.68
CA GLU Y 36 54.66 -58.17 49.64
C GLU Y 36 56.13 -57.88 49.39
N ILE Y 37 56.65 -58.21 48.21
CA ILE Y 37 58.09 -58.12 47.96
C ILE Y 37 58.37 -57.43 46.63
N PRO Y 38 58.11 -56.12 46.51
CA PRO Y 38 58.41 -55.42 45.26
C PRO Y 38 59.82 -54.87 45.16
N GLU Y 39 60.57 -54.80 46.27
CA GLU Y 39 61.85 -54.11 46.27
C GLU Y 39 62.85 -54.75 45.32
N GLU Y 40 62.85 -56.07 45.22
CA GLU Y 40 63.76 -56.77 44.33
C GLU Y 40 63.27 -56.84 42.90
N ARG Y 41 62.10 -56.25 42.61
CA ARG Y 41 61.52 -56.31 41.28
C ARG Y 41 61.42 -54.95 40.59
N CYS Y 42 61.31 -53.87 41.35
CA CYS Y 42 61.12 -52.54 40.77
C CYS Y 42 62.40 -51.72 40.85
N THR Y 43 62.55 -50.81 39.89
CA THR Y 43 63.67 -49.88 39.84
C THR Y 43 63.13 -48.46 39.87
N TYR Y 44 64.03 -47.48 39.92
CA TYR Y 44 63.66 -46.08 39.93
C TYR Y 44 64.34 -45.38 38.76
N LYS Y 45 63.56 -44.65 37.96
CA LYS Y 45 64.08 -43.94 36.80
C LYS Y 45 63.63 -42.50 36.86
N PHE Y 46 64.57 -41.57 36.70
CA PHE Y 46 64.26 -40.14 36.77
C PHE Y 46 63.93 -39.64 35.37
N ASN Y 47 62.65 -39.37 35.12
CA ASN Y 47 62.22 -38.75 33.88
C ASN Y 47 62.52 -37.26 33.98
N SER Y 48 63.53 -36.81 33.23
CA SER Y 48 63.97 -35.42 33.31
C SER Y 48 63.01 -34.47 32.61
N TYR Y 49 62.31 -34.94 31.56
CA TYR Y 49 61.35 -34.09 30.89
C TYR Y 49 60.22 -33.67 31.83
N THR Y 50 59.74 -34.60 32.64
CA THR Y 50 58.81 -34.30 33.72
C THR Y 50 59.53 -34.05 35.05
N LYS Y 51 60.86 -34.04 35.03
CA LYS Y 51 61.73 -33.81 36.19
C LYS Y 51 61.24 -34.49 37.46
N LYS Y 52 60.81 -35.75 37.34
CA LYS Y 52 60.35 -36.49 38.50
C LYS Y 52 60.82 -37.94 38.40
N MET Y 53 61.04 -38.57 39.55
CA MET Y 53 61.41 -39.97 39.59
C MET Y 53 60.18 -40.85 39.61
N GLU Y 54 60.17 -41.87 38.76
CA GLU Y 54 59.08 -42.81 38.64
C GLU Y 54 59.57 -44.21 38.97
N LEU Y 55 58.66 -45.00 39.54
CA LEU Y 55 58.92 -46.39 39.84
C LEU Y 55 58.63 -47.23 38.62
N LEU Y 56 59.62 -47.97 38.14
CA LEU Y 56 59.47 -48.91 37.04
C LEU Y 56 59.27 -50.29 37.65
N PHE Y 57 58.04 -50.77 37.63
CA PHE Y 57 57.69 -52.09 38.15
C PHE Y 57 57.61 -53.05 36.96
N THR Y 58 58.40 -54.12 37.02
CA THR Y 58 58.52 -55.08 35.92
C THR Y 58 58.03 -56.44 36.40
N PRO Y 59 56.74 -56.73 36.27
CA PRO Y 59 56.25 -58.05 36.69
C PRO Y 59 56.89 -59.17 35.88
N GLU Y 60 57.09 -60.31 36.55
CA GLU Y 60 57.81 -61.41 35.93
C GLU Y 60 57.08 -62.00 34.74
N PHE Y 61 55.75 -62.04 34.79
CA PHE Y 61 54.95 -62.70 33.76
C PHE Y 61 54.16 -61.68 32.96
N HIS Y 62 54.10 -61.90 31.64
CA HIS Y 62 53.42 -60.99 30.73
C HIS Y 62 52.61 -61.71 29.67
N THR Y 63 52.31 -63.00 29.86
CA THR Y 63 51.70 -63.79 28.79
C THR Y 63 50.25 -63.42 28.55
N ALA Y 64 49.46 -63.25 29.62
CA ALA Y 64 48.01 -63.16 29.46
C ALA Y 64 47.34 -62.03 30.21
N TRP Y 65 47.95 -61.45 31.25
CA TRP Y 65 47.23 -60.50 32.09
C TRP Y 65 46.89 -59.23 31.32
N HIS Y 66 47.76 -58.78 30.43
CA HIS Y 66 47.50 -57.55 29.68
C HIS Y 66 46.57 -57.77 28.50
N GLU Y 67 46.38 -59.00 28.06
CA GLU Y 67 45.49 -59.28 26.95
C GLU Y 67 44.02 -59.31 27.35
N VAL Y 68 43.73 -59.40 28.63
CA VAL Y 68 42.36 -59.38 29.15
C VAL Y 68 42.06 -57.96 29.60
N PRO Y 69 41.10 -57.27 28.97
CA PRO Y 69 40.82 -55.88 29.38
C PRO Y 69 40.42 -55.75 30.83
N GLU Y 70 39.65 -56.72 31.34
CA GLU Y 70 39.19 -56.64 32.72
C GLU Y 70 40.34 -56.80 33.70
N CYS Y 71 41.22 -57.79 33.47
CA CYS Y 71 42.34 -58.00 34.37
C CYS Y 71 43.30 -56.82 34.35
N ARG Y 72 43.60 -56.29 33.15
CA ARG Y 72 44.50 -55.14 33.06
C ARG Y 72 43.90 -53.90 33.71
N GLU Y 73 42.60 -53.65 33.48
CA GLU Y 73 41.95 -52.51 34.10
C GLU Y 73 41.96 -52.64 35.61
N PHE Y 74 41.68 -53.83 36.13
CA PHE Y 74 41.72 -54.03 37.58
C PHE Y 74 43.12 -53.86 38.12
N ILE Y 75 44.13 -54.36 37.41
CA ILE Y 75 45.50 -54.22 37.89
C ILE Y 75 45.86 -52.74 38.00
N LEU Y 76 45.57 -51.98 36.96
CA LEU Y 76 45.89 -50.54 37.00
C LEU Y 76 45.13 -49.84 38.10
N ASN Y 77 43.82 -50.08 38.20
CA ASN Y 77 43.00 -49.40 39.18
C ASN Y 77 43.41 -49.76 40.61
N PHE Y 78 43.69 -51.04 40.86
CA PHE Y 78 44.06 -51.46 42.20
C PHE Y 78 45.46 -51.01 42.57
N LEU Y 79 46.39 -50.96 41.61
CA LEU Y 79 47.70 -50.40 41.91
C LEU Y 79 47.60 -48.92 42.23
N ARG Y 80 46.75 -48.19 41.50
CA ARG Y 80 46.51 -46.79 41.84
C ARG Y 80 45.90 -46.66 43.23
N LEU Y 81 44.95 -47.54 43.58
CA LEU Y 81 44.32 -47.47 44.89
C LEU Y 81 45.30 -47.76 46.01
N ILE Y 82 46.02 -48.88 45.93
CA ILE Y 82 46.88 -49.28 47.04
C ILE Y 82 48.10 -48.38 47.14
N SER Y 83 48.67 -47.96 46.00
CA SER Y 83 49.86 -47.13 46.05
C SER Y 83 49.54 -45.65 46.27
N GLY Y 84 48.44 -45.17 45.68
CA GLY Y 84 48.09 -43.78 45.76
C GLY Y 84 48.73 -42.91 44.71
N HIS Y 85 49.73 -43.41 44.00
CA HIS Y 85 50.38 -42.66 42.94
C HIS Y 85 49.60 -42.80 41.64
N ARG Y 86 50.15 -42.21 40.58
CA ARG Y 86 49.60 -42.35 39.24
C ARG Y 86 50.31 -43.51 38.55
N VAL Y 87 49.56 -44.55 38.20
CA VAL Y 87 50.10 -45.77 37.62
C VAL Y 87 49.72 -45.79 36.15
N VAL Y 88 50.71 -45.87 35.27
CA VAL Y 88 50.48 -46.00 33.84
C VAL Y 88 51.23 -47.21 33.32
N LEU Y 89 50.54 -48.05 32.56
CA LEU Y 89 51.14 -49.25 32.01
C LEU Y 89 51.66 -48.96 30.61
N LYS Y 90 52.98 -49.06 30.43
CA LYS Y 90 53.60 -48.94 29.11
C LYS Y 90 54.45 -50.18 28.87
N GLY Y 91 54.13 -50.89 27.80
CA GLY Y 91 54.81 -52.13 27.48
C GLY Y 91 54.74 -53.13 28.61
N PRO Y 92 55.90 -53.61 29.05
CA PRO Y 92 55.96 -54.51 30.21
C PRO Y 92 56.15 -53.81 31.55
N THR Y 93 55.98 -52.50 31.62
CA THR Y 93 56.35 -51.73 32.81
C THR Y 93 55.14 -51.00 33.37
N PHE Y 94 55.05 -50.97 34.70
CA PHE Y 94 54.16 -50.07 35.42
C PHE Y 94 54.99 -48.87 35.87
N VAL Y 95 54.56 -47.68 35.47
CA VAL Y 95 55.23 -46.45 35.85
C VAL Y 95 54.41 -45.80 36.95
N PHE Y 96 55.00 -45.71 38.14
CA PHE Y 96 54.40 -45.05 39.29
C PHE Y 96 55.00 -43.65 39.39
N THR Y 97 54.20 -42.64 39.09
CA THR Y 97 54.61 -41.25 39.21
C THR Y 97 53.83 -40.61 40.35
N LYS Y 98 54.55 -39.99 41.29
CA LYS Y 98 53.90 -39.38 42.44
C LYS Y 98 53.00 -38.23 42.00
N GLU Y 99 51.79 -38.19 42.55
CA GLU Y 99 50.85 -37.12 42.22
C GLU Y 99 50.93 -35.98 43.23
N MET Z 1 -0.13 -11.74 91.25
CA MET Z 1 -0.15 -11.48 89.82
C MET Z 1 1.14 -10.83 89.34
N GLU Z 2 1.36 -9.57 89.76
CA GLU Z 2 2.56 -8.86 89.33
C GLU Z 2 3.81 -9.41 90.00
N ALA Z 3 3.65 -10.00 91.19
CA ALA Z 3 4.79 -10.66 91.83
C ALA Z 3 5.27 -11.84 91.00
N VAL Z 4 4.34 -12.61 90.44
CA VAL Z 4 4.72 -13.76 89.62
C VAL Z 4 5.41 -13.31 88.35
N LEU Z 5 4.93 -12.23 87.73
CA LEU Z 5 5.57 -11.73 86.52
C LEU Z 5 6.96 -11.16 86.81
N THR Z 6 7.10 -10.45 87.94
CA THR Z 6 8.42 -9.96 88.32
C THR Z 6 9.37 -11.11 88.59
N LYS Z 7 8.88 -12.16 89.25
CA LYS Z 7 9.70 -13.35 89.47
C LYS Z 7 10.07 -14.01 88.15
N LEU Z 8 9.14 -14.01 87.19
CA LEU Z 8 9.44 -14.56 85.87
C LEU Z 8 10.54 -13.77 85.19
N ASP Z 9 10.48 -12.44 85.25
CA ASP Z 9 11.50 -11.62 84.61
C ASP Z 9 12.86 -11.86 85.28
N GLN Z 10 12.87 -11.85 86.62
CA GLN Z 10 14.13 -12.05 87.34
C GLN Z 10 14.71 -13.43 87.07
N GLU Z 11 13.86 -14.46 87.06
CA GLU Z 11 14.34 -15.81 86.81
C GLU Z 11 14.76 -15.99 85.36
N GLU Z 12 14.12 -15.29 84.42
CA GLU Z 12 14.58 -15.32 83.04
C GLU Z 12 15.96 -14.72 82.91
N LYS Z 13 16.20 -13.57 83.56
CA LYS Z 13 17.53 -12.98 83.54
C LYS Z 13 18.56 -13.91 84.15
N LYS Z 14 18.24 -14.47 85.32
CA LYS Z 14 19.16 -15.37 86.01
C LYS Z 14 19.44 -16.62 85.19
N ALA Z 15 18.40 -17.20 84.58
CA ALA Z 15 18.57 -18.43 83.83
C ALA Z 15 19.33 -18.18 82.53
N LEU Z 16 19.09 -17.04 81.87
CA LEU Z 16 19.86 -16.72 80.67
C LEU Z 16 21.33 -16.51 81.02
N GLN Z 17 21.60 -15.80 82.11
CA GLN Z 17 22.98 -15.59 82.53
C GLN Z 17 23.65 -16.91 82.86
N ASN Z 18 22.96 -17.78 83.61
CA ASN Z 18 23.53 -19.07 83.97
C ASN Z 18 23.71 -19.96 82.75
N PHE Z 19 22.78 -19.91 81.81
CA PHE Z 19 22.88 -20.71 80.59
C PHE Z 19 24.09 -20.28 79.76
N HIS Z 20 24.29 -18.97 79.60
CA HIS Z 20 25.45 -18.51 78.84
C HIS Z 20 26.75 -18.80 79.59
N ARG Z 21 26.74 -18.69 80.92
CA ARG Z 21 27.92 -19.04 81.70
C ARG Z 21 28.26 -20.50 81.56
N CYS Z 22 27.24 -21.37 81.60
CA CYS Z 22 27.48 -22.81 81.42
C CYS Z 22 27.96 -23.12 80.02
N ALA Z 23 27.42 -22.43 79.01
CA ALA Z 23 27.89 -22.63 77.64
C ALA Z 23 29.34 -22.23 77.50
N TRP Z 24 29.73 -21.09 78.10
CA TRP Z 24 31.12 -20.67 78.05
C TRP Z 24 32.02 -21.65 78.77
N GLU Z 25 31.59 -22.15 79.94
CA GLU Z 25 32.38 -23.14 80.65
C GLU Z 25 32.54 -24.41 79.83
N GLU Z 26 31.47 -24.81 79.13
CA GLU Z 26 31.52 -26.02 78.33
C GLU Z 26 32.46 -25.87 77.15
N THR Z 27 32.41 -24.74 76.44
CA THR Z 27 33.32 -24.57 75.31
C THR Z 27 34.76 -24.42 75.80
N LYS Z 28 34.95 -23.76 76.94
CA LYS Z 28 36.28 -23.70 77.55
C LYS Z 28 36.82 -25.11 77.80
N ASN Z 29 36.00 -25.96 78.43
CA ASN Z 29 36.45 -27.31 78.74
C ASN Z 29 36.70 -28.11 77.47
N ILE Z 30 35.83 -27.95 76.47
CA ILE Z 30 35.99 -28.70 75.22
C ILE Z 30 37.31 -28.35 74.55
N ILE Z 31 37.56 -27.05 74.36
CA ILE Z 31 38.75 -26.64 73.64
C ILE Z 31 40.01 -26.91 74.47
N ASN Z 32 39.93 -26.73 75.78
CA ASN Z 32 41.07 -27.05 76.63
C ASN Z 32 41.40 -28.54 76.59
N ASP Z 33 40.38 -29.40 76.59
CA ASP Z 33 40.60 -30.82 76.48
C ASP Z 33 41.22 -31.18 75.14
N PHE Z 34 40.75 -30.55 74.06
CA PHE Z 34 41.33 -30.83 72.74
C PHE Z 34 42.78 -30.38 72.67
N LEU Z 35 43.09 -29.22 73.24
CA LEU Z 35 44.44 -28.67 73.11
C LEU Z 35 45.43 -29.38 74.03
N GLU Z 36 45.01 -29.77 75.23
CA GLU Z 36 45.94 -30.28 76.23
C GLU Z 36 45.94 -31.80 76.31
N ILE Z 37 44.80 -32.42 76.61
CA ILE Z 37 44.75 -33.85 76.85
C ILE Z 37 43.56 -34.48 76.11
N PRO Z 38 43.63 -34.60 74.79
CA PRO Z 38 42.52 -35.23 74.06
C PRO Z 38 42.65 -36.73 73.91
N GLU Z 39 43.84 -37.31 74.12
CA GLU Z 39 44.06 -38.72 73.79
C GLU Z 39 43.17 -39.63 74.63
N GLU Z 40 42.82 -39.23 75.84
CA GLU Z 40 41.95 -40.03 76.69
C GLU Z 40 40.47 -39.82 76.38
N ARG Z 41 40.15 -38.92 75.43
CA ARG Z 41 38.77 -38.55 75.16
C ARG Z 41 38.32 -38.87 73.74
N CYS Z 42 39.24 -39.07 72.80
CA CYS Z 42 38.90 -39.28 71.41
C CYS Z 42 39.30 -40.67 70.95
N THR Z 43 38.52 -41.21 70.01
CA THR Z 43 38.77 -42.50 69.39
C THR Z 43 38.93 -42.30 67.88
N TYR Z 44 39.14 -43.41 67.17
CA TYR Z 44 39.28 -43.38 65.72
C TYR Z 44 38.31 -44.38 65.11
N LYS Z 45 37.48 -43.93 64.17
CA LYS Z 45 36.49 -44.78 63.53
C LYS Z 45 36.68 -44.72 62.02
N PHE Z 46 36.86 -45.87 61.39
CA PHE Z 46 37.15 -45.93 59.96
C PHE Z 46 35.84 -45.94 59.18
N ASN Z 47 35.50 -44.81 58.58
CA ASN Z 47 34.38 -44.74 57.65
C ASN Z 47 34.82 -45.35 56.33
N SER Z 48 34.29 -46.54 56.01
CA SER Z 48 34.70 -47.26 54.81
C SER Z 48 34.07 -46.67 53.55
N TYR Z 49 32.91 -46.02 53.68
CA TYR Z 49 32.29 -45.39 52.51
C TYR Z 49 33.17 -44.29 51.95
N THR Z 50 33.78 -43.50 52.84
CA THR Z 50 34.77 -42.50 52.44
C THR Z 50 36.18 -43.06 52.47
N LYS Z 51 36.33 -44.36 52.73
CA LYS Z 51 37.61 -45.07 52.79
C LYS Z 51 38.67 -44.27 53.55
N LYS Z 52 38.28 -43.73 54.70
CA LYS Z 52 39.21 -43.01 55.55
C LYS Z 52 38.69 -43.09 56.99
N MET Z 53 39.60 -42.94 57.94
CA MET Z 53 39.20 -42.97 59.34
C MET Z 53 39.13 -41.55 59.88
N GLU Z 54 38.12 -41.30 60.70
CA GLU Z 54 37.88 -40.00 61.30
C GLU Z 54 38.14 -40.06 62.79
N LEU Z 55 38.66 -38.96 63.33
CA LEU Z 55 38.86 -38.82 64.76
C LEU Z 55 37.53 -38.43 65.39
N LEU Z 56 37.01 -39.29 66.27
CA LEU Z 56 35.77 -39.05 66.99
C LEU Z 56 36.12 -38.44 68.34
N PHE Z 57 35.84 -37.16 68.51
CA PHE Z 57 36.07 -36.44 69.75
C PHE Z 57 34.75 -36.34 70.50
N THR Z 58 34.73 -36.81 71.75
CA THR Z 58 33.50 -36.89 72.55
C THR Z 58 33.67 -36.02 73.77
N PRO Z 59 33.34 -34.73 73.70
CA PRO Z 59 33.47 -33.86 74.86
C PRO Z 59 32.58 -34.33 76.01
N GLU Z 60 33.07 -34.14 77.23
CA GLU Z 60 32.39 -34.67 78.41
C GLU Z 60 31.04 -34.01 78.62
N PHE Z 61 30.95 -32.71 78.35
CA PHE Z 61 29.75 -31.93 78.65
C PHE Z 61 29.02 -31.56 77.36
N HIS Z 62 27.69 -31.65 77.40
CA HIS Z 62 26.85 -31.38 76.25
C HIS Z 62 25.59 -30.60 76.60
N THR Z 63 25.54 -29.97 77.77
CA THR Z 63 24.29 -29.38 78.25
C THR Z 63 23.94 -28.10 77.48
N ALA Z 64 24.90 -27.22 77.25
CA ALA Z 64 24.59 -25.88 76.76
C ALA Z 64 25.42 -25.38 75.59
N TRP Z 65 26.59 -25.95 75.34
CA TRP Z 65 27.48 -25.35 74.33
C TRP Z 65 26.91 -25.45 72.92
N HIS Z 66 26.19 -26.53 72.62
CA HIS Z 66 25.62 -26.69 71.28
C HIS Z 66 24.32 -25.94 71.09
N GLU Z 67 23.68 -25.51 72.18
CA GLU Z 67 22.42 -24.77 72.07
C GLU Z 67 22.64 -23.30 71.75
N VAL Z 68 23.86 -22.79 71.92
CA VAL Z 68 24.20 -21.41 71.60
C VAL Z 68 24.83 -21.41 70.21
N PRO Z 69 24.21 -20.76 69.21
CA PRO Z 69 24.80 -20.77 67.86
C PRO Z 69 26.19 -20.19 67.81
N GLU Z 70 26.45 -19.13 68.60
CA GLU Z 70 27.76 -18.49 68.58
C GLU Z 70 28.84 -19.40 69.15
N CYS Z 71 28.55 -20.03 70.30
CA CYS Z 71 29.53 -20.92 70.91
C CYS Z 71 29.82 -22.14 70.03
N ARG Z 72 28.77 -22.73 69.45
CA ARG Z 72 28.96 -23.87 68.58
C ARG Z 72 29.73 -23.50 67.32
N GLU Z 73 29.39 -22.37 66.71
CA GLU Z 73 30.11 -21.92 65.53
C GLU Z 73 31.57 -21.66 65.84
N PHE Z 74 31.85 -21.02 66.98
CA PHE Z 74 33.24 -20.78 67.35
C PHE Z 74 33.97 -22.08 67.62
N ILE Z 75 33.31 -23.04 68.28
CA ILE Z 75 33.97 -24.32 68.57
C ILE Z 75 34.36 -25.00 67.27
N LEU Z 76 33.42 -25.07 66.31
CA LEU Z 76 33.72 -25.72 65.05
C LEU Z 76 34.83 -24.99 64.30
N ASN Z 77 34.73 -23.65 64.21
CA ASN Z 77 35.71 -22.88 63.46
C ASN Z 77 37.09 -22.97 64.08
N PHE Z 78 37.17 -22.89 65.41
CA PHE Z 78 38.47 -22.93 66.07
C PHE Z 78 39.07 -24.32 66.06
N LEU Z 79 38.24 -25.37 66.13
CA LEU Z 79 38.78 -26.72 65.98
C LEU Z 79 39.32 -26.93 64.57
N ARG Z 80 38.62 -26.41 63.57
CA ARG Z 80 39.14 -26.46 62.21
C ARG Z 80 40.45 -25.70 62.09
N LEU Z 81 40.54 -24.53 62.73
CA LEU Z 81 41.76 -23.72 62.65
C LEU Z 81 42.93 -24.43 63.32
N ILE Z 82 42.75 -24.87 64.56
CA ILE Z 82 43.87 -25.42 65.32
C ILE Z 82 44.26 -26.80 64.79
N SER Z 83 43.30 -27.59 64.34
CA SER Z 83 43.60 -28.93 63.86
C SER Z 83 44.00 -28.94 62.39
N GLY Z 84 43.37 -28.11 61.58
CA GLY Z 84 43.61 -28.11 60.15
C GLY Z 84 42.80 -29.12 59.38
N HIS Z 85 42.04 -29.97 60.06
CA HIS Z 85 41.21 -30.98 59.43
C HIS Z 85 39.79 -30.47 59.26
N ARG Z 86 39.01 -31.20 58.46
CA ARG Z 86 37.59 -30.91 58.34
C ARG Z 86 36.87 -31.42 59.58
N VAL Z 87 36.28 -30.50 60.33
CA VAL Z 87 35.61 -30.81 61.58
C VAL Z 87 34.11 -30.65 61.38
N VAL Z 88 33.35 -31.71 61.63
CA VAL Z 88 31.90 -31.66 61.53
C VAL Z 88 31.30 -32.18 62.83
N LEU Z 89 30.34 -31.44 63.37
CA LEU Z 89 29.68 -31.83 64.61
C LEU Z 89 28.44 -32.66 64.28
N LYS Z 90 28.45 -33.92 64.68
CA LYS Z 90 27.30 -34.80 64.53
C LYS Z 90 26.89 -35.29 65.90
N GLY Z 91 25.69 -34.89 66.35
CA GLY Z 91 25.21 -35.23 67.66
C GLY Z 91 26.16 -34.77 68.75
N PRO Z 92 26.63 -35.71 69.56
CA PRO Z 92 27.62 -35.39 70.61
C PRO Z 92 29.07 -35.54 70.19
N THR Z 93 29.36 -35.75 68.90
CA THR Z 93 30.70 -36.09 68.45
C THR Z 93 31.23 -35.02 67.49
N PHE Z 94 32.54 -34.79 67.56
CA PHE Z 94 33.27 -34.04 66.56
C PHE Z 94 33.99 -35.03 65.67
N VAL Z 95 33.75 -34.93 64.36
CA VAL Z 95 34.40 -35.80 63.38
C VAL Z 95 35.50 -34.99 62.71
N PHE Z 96 36.74 -35.43 62.91
CA PHE Z 96 37.90 -34.83 62.28
C PHE Z 96 38.30 -35.72 61.11
N THR Z 97 38.15 -35.22 59.89
CA THR Z 97 38.55 -35.94 58.69
C THR Z 97 39.64 -35.14 57.99
N LYS Z 98 40.76 -35.80 57.69
CA LYS Z 98 41.88 -35.13 57.05
C LYS Z 98 41.47 -34.63 55.68
N GLU Z 99 41.87 -33.40 55.36
CA GLU Z 99 41.56 -32.81 54.07
C GLU Z 99 42.71 -32.98 53.09
N MET AA 1 46.55 -32.73 71.10
CA MET AA 1 46.28 -32.06 69.84
C MET AA 1 47.13 -32.58 68.70
N GLU AA 2 48.32 -31.98 68.55
CA GLU AA 2 49.18 -32.32 67.41
C GLU AA 2 49.61 -33.78 67.47
N ALA AA 3 49.91 -34.29 68.67
CA ALA AA 3 50.25 -35.70 68.80
C ALA AA 3 49.08 -36.59 68.40
N VAL AA 4 47.87 -36.22 68.82
CA VAL AA 4 46.69 -37.01 68.49
C VAL AA 4 46.40 -36.94 66.99
N LEU AA 5 46.61 -35.77 66.37
CA LEU AA 5 46.38 -35.66 64.93
C LEU AA 5 47.42 -36.43 64.13
N THR AA 6 48.68 -36.40 64.58
CA THR AA 6 49.70 -37.22 63.92
C THR AA 6 49.39 -38.70 64.06
N LYS AA 7 48.93 -39.12 65.24
CA LYS AA 7 48.50 -40.50 65.42
C LYS AA 7 47.33 -40.83 64.51
N LEU AA 8 46.40 -39.88 64.34
CA LEU AA 8 45.27 -40.09 63.44
C LEU AA 8 45.74 -40.28 62.01
N ASP AA 9 46.71 -39.47 61.56
CA ASP AA 9 47.20 -39.60 60.20
C ASP AA 9 47.91 -40.93 60.01
N GLN AA 10 48.77 -41.31 60.96
CA GLN AA 10 49.48 -42.57 60.87
C GLN AA 10 48.52 -43.75 60.89
N GLU AA 11 47.52 -43.70 61.77
CA GLU AA 11 46.52 -44.76 61.84
C GLU AA 11 45.65 -44.79 60.59
N GLU AA 12 45.40 -43.64 59.97
CA GLU AA 12 44.66 -43.64 58.71
C GLU AA 12 45.45 -44.32 57.62
N LYS AA 13 46.75 -44.03 57.52
CA LYS AA 13 47.58 -44.72 56.54
C LYS AA 13 47.59 -46.22 56.80
N LYS AA 14 47.82 -46.61 58.05
CA LYS AA 14 47.88 -48.02 58.38
C LYS AA 14 46.56 -48.73 58.12
N ALA AA 15 45.44 -48.09 58.49
CA ALA AA 15 44.14 -48.73 58.34
C ALA AA 15 43.71 -48.80 56.89
N LEU AA 16 44.04 -47.77 56.09
CA LEU AA 16 43.77 -47.84 54.67
C LEU AA 16 44.58 -48.95 54.00
N GLN AA 17 45.86 -49.07 54.37
CA GLN AA 17 46.69 -50.14 53.83
C GLN AA 17 46.14 -51.50 54.22
N ASN AA 18 45.75 -51.66 55.48
CA ASN AA 18 45.20 -52.93 55.95
C ASN AA 18 43.86 -53.24 55.28
N PHE AA 19 43.03 -52.23 55.08
CA PHE AA 19 41.73 -52.43 54.43
C PHE AA 19 41.92 -52.86 52.98
N HIS AA 20 42.83 -52.22 52.25
CA HIS AA 20 43.06 -52.62 50.87
C HIS AA 20 43.71 -53.99 50.79
N ARG AA 21 44.61 -54.32 51.72
CA ARG AA 21 45.20 -55.65 51.75
C ARG AA 21 44.14 -56.71 52.03
N CYS AA 22 43.23 -56.43 52.96
CA CYS AA 22 42.16 -57.37 53.25
C CYS AA 22 41.22 -57.52 52.07
N ALA AA 23 40.92 -56.43 51.38
CA ALA AA 23 40.07 -56.52 50.19
C ALA AA 23 40.74 -57.35 49.11
N TRP AA 24 42.04 -57.17 48.91
CA TRP AA 24 42.75 -57.99 47.92
C TRP AA 24 42.76 -59.45 48.32
N GLU AA 25 43.00 -59.74 49.60
CA GLU AA 25 42.96 -61.12 50.05
C GLU AA 25 41.57 -61.73 49.85
N GLU AA 26 40.53 -60.93 50.10
CA GLU AA 26 39.16 -61.42 49.93
C GLU AA 26 38.84 -61.72 48.48
N THR AA 27 39.23 -60.83 47.55
CA THR AA 27 38.95 -61.11 46.15
C THR AA 27 39.79 -62.26 45.63
N LYS AA 28 41.03 -62.38 46.11
CA LYS AA 28 41.84 -63.54 45.79
C LYS AA 28 41.14 -64.82 46.22
N ASN AA 29 40.66 -64.86 47.47
CA ASN AA 29 40.01 -66.07 47.96
C ASN AA 29 38.70 -66.34 47.21
N ILE AA 30 37.95 -65.30 46.89
CA ILE AA 30 36.68 -65.48 46.18
C ILE AA 30 36.92 -66.10 44.81
N ILE AA 31 37.84 -65.52 44.03
CA ILE AA 31 38.06 -66.02 42.69
C ILE AA 31 38.76 -67.37 42.71
N ASN AA 32 39.66 -67.60 43.67
CA ASN AA 32 40.30 -68.91 43.79
C ASN AA 32 39.28 -69.98 44.14
N ASP AA 33 38.35 -69.67 45.06
CA ASP AA 33 37.31 -70.64 45.41
C ASP AA 33 36.43 -70.93 44.21
N PHE AA 34 36.08 -69.90 43.43
CA PHE AA 34 35.26 -70.13 42.25
C PHE AA 34 35.99 -70.98 41.22
N LEU AA 35 37.28 -70.72 40.99
CA LEU AA 35 38.00 -71.39 39.92
C LEU AA 35 38.39 -72.82 40.29
N GLU AA 36 38.78 -73.07 41.54
CA GLU AA 36 39.30 -74.39 41.91
C GLU AA 36 38.25 -75.27 42.58
N ILE AA 37 37.68 -74.83 43.70
CA ILE AA 37 36.77 -75.68 44.46
C ILE AA 37 35.49 -74.92 44.80
N PRO AA 38 34.59 -74.73 43.83
CA PRO AA 38 33.34 -74.03 44.12
C PRO AA 38 32.21 -74.96 44.55
N GLU AA 39 32.36 -76.26 44.28
CA GLU AA 39 31.23 -77.19 44.42
C GLU AA 39 30.74 -77.28 45.86
N GLU AA 40 31.63 -77.13 46.85
CA GLU AA 40 31.23 -77.20 48.24
C GLU AA 40 30.79 -75.86 48.81
N ARG AA 41 30.74 -74.82 47.98
CA ARG AA 41 30.44 -73.47 48.43
C ARG AA 41 29.18 -72.88 47.80
N CYS AA 42 28.83 -73.28 46.58
CA CYS AA 42 27.70 -72.72 45.86
C CYS AA 42 26.55 -73.70 45.82
N THR AA 43 25.34 -73.16 45.76
CA THR AA 43 24.10 -73.93 45.66
C THR AA 43 23.35 -73.52 44.40
N TYR AA 44 22.21 -74.16 44.18
CA TYR AA 44 21.36 -73.89 43.01
C TYR AA 44 19.96 -73.54 43.49
N LYS AA 45 19.41 -72.44 42.99
CA LYS AA 45 18.07 -72.00 43.36
C LYS AA 45 17.28 -71.69 42.10
N PHE AA 46 16.06 -72.23 42.01
CA PHE AA 46 15.22 -72.04 40.84
C PHE AA 46 14.33 -70.83 41.04
N ASN AA 47 14.59 -69.76 40.29
CA ASN AA 47 13.73 -68.59 40.30
C ASN AA 47 12.56 -68.87 39.36
N SER AA 48 11.36 -69.06 39.92
CA SER AA 48 10.20 -69.40 39.12
C SER AA 48 9.67 -68.20 38.35
N TYR AA 49 9.85 -66.99 38.88
CA TYR AA 49 9.40 -65.79 38.18
C TYR AA 49 10.14 -65.64 36.85
N THR AA 50 11.44 -65.88 36.84
CA THR AA 50 12.22 -65.96 35.62
C THR AA 50 12.34 -67.39 35.10
N LYS AA 51 11.65 -68.34 35.73
CA LYS AA 51 11.60 -69.75 35.38
C LYS AA 51 12.96 -70.30 34.96
N LYS AA 52 14.01 -69.95 35.70
CA LYS AA 52 15.34 -70.43 35.40
C LYS AA 52 16.10 -70.71 36.69
N MET AA 53 17.03 -71.65 36.64
CA MET AA 53 17.87 -71.97 37.78
C MET AA 53 19.10 -71.10 37.77
N GLU AA 54 19.44 -70.56 38.94
CA GLU AA 54 20.59 -69.69 39.10
C GLU AA 54 21.53 -70.28 40.14
N LEU AA 55 22.82 -70.06 39.91
CA LEU AA 55 23.87 -70.53 40.82
C LEU AA 55 24.11 -69.47 41.87
N LEU AA 56 23.85 -69.83 43.13
CA LEU AA 56 24.08 -68.94 44.27
C LEU AA 56 25.46 -69.25 44.83
N PHE AA 57 26.41 -68.34 44.60
CA PHE AA 57 27.77 -68.48 45.11
C PHE AA 57 27.90 -67.59 46.34
N THR AA 58 28.30 -68.19 47.46
CA THR AA 58 28.38 -67.49 48.74
C THR AA 58 29.85 -67.44 49.17
N PRO AA 59 30.56 -66.37 48.86
CA PRO AA 59 31.95 -66.26 49.30
C PRO AA 59 32.05 -66.28 50.82
N GLU AA 60 33.14 -66.89 51.31
CA GLU AA 60 33.28 -67.08 52.74
C GLU AA 60 33.48 -65.76 53.48
N PHE AA 61 34.13 -64.79 52.85
CA PHE AA 61 34.46 -63.51 53.49
C PHE AA 61 33.73 -62.37 52.80
N HIS AA 62 33.26 -61.42 53.61
CA HIS AA 62 32.51 -60.28 53.10
C HIS AA 62 32.94 -58.96 53.74
N THR AA 63 34.10 -58.93 54.38
CA THR AA 63 34.47 -57.77 55.19
C THR AA 63 34.82 -56.56 54.34
N ALA AA 64 35.61 -56.75 53.27
CA ALA AA 64 36.19 -55.62 52.56
C ALA AA 64 36.06 -55.65 51.05
N TRP AA 65 35.84 -56.81 50.43
CA TRP AA 65 35.92 -56.87 48.97
C TRP AA 65 34.79 -56.09 48.31
N HIS AA 66 33.60 -56.08 48.91
CA HIS AA 66 32.48 -55.37 48.30
C HIS AA 66 32.51 -53.87 48.58
N GLU AA 67 33.27 -53.44 49.58
CA GLU AA 67 33.34 -52.02 49.93
C GLU AA 67 34.31 -51.25 49.04
N VAL AA 68 35.16 -51.94 48.28
CA VAL AA 68 36.08 -51.31 47.34
C VAL AA 68 35.45 -51.38 45.96
N PRO AA 69 35.11 -50.25 45.34
CA PRO AA 69 34.45 -50.31 44.02
C PRO AA 69 35.27 -51.03 42.97
N GLU AA 70 36.59 -50.85 42.99
CA GLU AA 70 37.45 -51.47 41.99
C GLU AA 70 37.49 -52.99 42.17
N CYS AA 71 37.65 -53.46 43.40
CA CYS AA 71 37.69 -54.90 43.65
C CYS AA 71 36.36 -55.55 43.32
N ARG AA 72 35.25 -54.93 43.71
CA ARG AA 72 33.94 -55.50 43.42
C ARG AA 72 33.67 -55.52 41.91
N GLU AA 73 34.01 -54.43 41.22
CA GLU AA 73 33.82 -54.39 39.77
C GLU AA 73 34.65 -55.45 39.08
N PHE AA 74 35.91 -55.62 39.51
CA PHE AA 74 36.74 -56.65 38.91
C PHE AA 74 36.21 -58.04 39.21
N ILE AA 75 35.72 -58.27 40.43
CA ILE AA 75 35.18 -59.59 40.76
C ILE AA 75 34.00 -59.91 39.86
N LEU AA 76 33.06 -58.97 39.72
CA LEU AA 76 31.91 -59.21 38.86
C LEU AA 76 32.33 -59.43 37.41
N ASN AA 77 33.22 -58.57 36.89
CA ASN AA 77 33.61 -58.67 35.49
C ASN AA 77 34.37 -59.95 35.22
N PHE AA 78 35.27 -60.35 36.11
CA PHE AA 78 36.04 -61.57 35.89
C PHE AA 78 35.19 -62.81 36.07
N LEU AA 79 34.23 -62.79 37.00
CA LEU AA 79 33.32 -63.93 37.11
C LEU AA 79 32.48 -64.06 35.84
N ARG AA 80 32.03 -62.94 35.28
CA ARG AA 80 31.32 -62.98 34.01
C ARG AA 80 32.21 -63.52 32.90
N LEU AA 81 33.48 -63.11 32.88
CA LEU AA 81 34.39 -63.55 31.83
C LEU AA 81 34.67 -65.05 31.92
N ILE AA 82 35.06 -65.53 33.10
CA ILE AA 82 35.48 -66.92 33.22
C ILE AA 82 34.28 -67.85 33.25
N SER AA 83 33.11 -67.38 33.67
CA SER AA 83 31.94 -68.24 33.69
C SER AA 83 31.15 -68.16 32.39
N GLY AA 84 31.05 -66.98 31.80
CA GLY AA 84 30.23 -66.77 30.63
C GLY AA 84 28.78 -66.49 30.91
N HIS AA 85 28.32 -66.72 32.14
CA HIS AA 85 26.95 -66.46 32.53
C HIS AA 85 26.78 -64.99 32.93
N ARG AA 86 25.55 -64.62 33.22
CA ARG AA 86 25.25 -63.31 33.77
C ARG AA 86 25.41 -63.35 35.28
N VAL AA 87 26.37 -62.59 35.80
CA VAL AA 87 26.69 -62.59 37.22
C VAL AA 87 26.18 -61.28 37.81
N VAL AA 88 25.31 -61.38 38.82
CA VAL AA 88 24.81 -60.22 39.53
C VAL AA 88 25.05 -60.41 41.01
N LEU AA 89 25.62 -59.40 41.65
CA LEU AA 89 25.92 -59.45 43.09
C LEU AA 89 24.74 -58.87 43.85
N LYS AA 90 24.06 -59.71 44.62
CA LYS AA 90 22.98 -59.27 45.49
C LYS AA 90 23.33 -59.66 46.92
N GLY AA 91 23.42 -58.67 47.80
CA GLY AA 91 23.81 -58.89 49.17
C GLY AA 91 25.16 -59.58 49.26
N PRO AA 92 25.20 -60.72 49.93
CA PRO AA 92 26.44 -61.51 50.01
C PRO AA 92 26.56 -62.60 48.96
N THR AA 93 25.71 -62.62 47.95
CA THR AA 93 25.64 -63.73 47.01
C THR AA 93 25.92 -63.27 45.59
N PHE AA 94 26.56 -64.14 44.82
CA PHE AA 94 26.69 -63.99 43.37
C PHE AA 94 25.64 -64.88 42.72
N VAL AA 95 24.81 -64.30 41.88
CA VAL AA 95 23.79 -65.03 41.15
C VAL AA 95 24.27 -65.21 39.73
N PHE AA 96 24.51 -66.46 39.34
CA PHE AA 96 24.90 -66.83 37.98
C PHE AA 96 23.64 -67.31 37.26
N THR AA 97 23.17 -66.52 36.30
CA THR AA 97 22.03 -66.87 35.47
C THR AA 97 22.50 -67.09 34.05
N LYS AA 98 22.18 -68.26 33.50
CA LYS AA 98 22.62 -68.58 32.14
C LYS AA 98 22.01 -67.61 31.15
N GLU AA 99 22.84 -67.13 30.23
CA GLU AA 99 22.39 -66.19 29.21
C GLU AA 99 22.04 -66.91 27.92
N MET BA 1 35.38 -75.01 38.22
CA MET BA 1 34.24 -74.17 37.94
C MET BA 1 33.40 -74.74 36.80
N GLU BA 2 34.09 -75.22 35.76
CA GLU BA 2 33.38 -75.73 34.59
C GLU BA 2 32.49 -76.91 34.94
N ALA BA 3 32.93 -77.76 35.88
CA ALA BA 3 32.07 -78.82 36.35
C ALA BA 3 30.83 -78.25 37.04
N VAL BA 4 31.01 -77.21 37.86
CA VAL BA 4 29.88 -76.61 38.55
C VAL BA 4 28.95 -75.92 37.56
N LEU BA 5 29.50 -75.27 36.54
CA LEU BA 5 28.65 -74.62 35.54
C LEU BA 5 27.88 -75.64 34.70
N THR BA 6 28.54 -76.75 34.34
CA THR BA 6 27.84 -77.81 33.62
C THR BA 6 26.74 -78.42 34.48
N LYS BA 7 27.01 -78.62 35.77
CA LYS BA 7 25.98 -79.11 36.67
C LYS BA 7 24.84 -78.11 36.79
N LEU BA 8 25.15 -76.80 36.80
CA LEU BA 8 24.11 -75.79 36.85
C LEU BA 8 23.24 -75.83 35.61
N ASP BA 9 23.86 -75.99 34.43
CA ASP BA 9 23.08 -76.06 33.20
C ASP BA 9 22.18 -77.30 33.19
N GLN BA 10 22.76 -78.45 33.56
CA GLN BA 10 21.98 -79.69 33.59
C GLN BA 10 20.84 -79.59 34.60
N GLU BA 11 21.12 -79.03 35.78
CA GLU BA 11 20.09 -78.90 36.80
C GLU BA 11 19.03 -77.89 36.39
N GLU BA 12 19.41 -76.83 35.68
CA GLU BA 12 18.42 -75.89 35.16
C GLU BA 12 17.49 -76.56 34.16
N LYS BA 13 18.07 -77.35 33.25
CA LYS BA 13 17.23 -78.06 32.27
C LYS BA 13 16.30 -79.05 32.97
N LYS BA 14 16.84 -79.83 33.90
CA LYS BA 14 16.03 -80.82 34.61
C LYS BA 14 14.95 -80.16 35.45
N ALA BA 15 15.28 -79.06 36.12
CA ALA BA 15 14.32 -78.39 36.98
C ALA BA 15 13.25 -77.68 36.17
N LEU BA 16 13.61 -77.12 35.02
CA LEU BA 16 12.59 -76.53 34.15
C LEU BA 16 11.66 -77.61 33.62
N GLN BA 17 12.21 -78.76 33.21
CA GLN BA 17 11.37 -79.86 32.74
C GLN BA 17 10.43 -80.33 33.85
N ASN BA 18 10.96 -80.50 35.06
CA ASN BA 18 10.15 -80.95 36.18
C ASN BA 18 9.10 -79.92 36.56
N PHE BA 19 9.45 -78.64 36.50
CA PHE BA 19 8.51 -77.57 36.81
C PHE BA 19 7.36 -77.54 35.82
N HIS BA 20 7.65 -77.68 34.52
CA HIS BA 20 6.59 -77.71 33.53
C HIS BA 20 5.74 -78.98 33.66
N ARG BA 21 6.38 -80.11 33.97
CA ARG BA 21 5.63 -81.34 34.20
C ARG BA 21 4.70 -81.20 35.39
N CYS BA 22 5.18 -80.60 36.47
CA CYS BA 22 4.34 -80.39 37.65
C CYS BA 22 3.21 -79.41 37.36
N ALA BA 23 3.49 -78.36 36.59
CA ALA BA 23 2.44 -77.43 36.20
C ALA BA 23 1.36 -78.12 35.37
N TRP BA 24 1.77 -78.97 34.43
CA TRP BA 24 0.80 -79.71 33.63
C TRP BA 24 -0.02 -80.66 34.49
N GLU BA 25 0.64 -81.37 35.42
CA GLU BA 25 -0.09 -82.25 36.31
C GLU BA 25 -1.07 -81.47 37.17
N GLU BA 26 -0.68 -80.28 37.61
CA GLU BA 26 -1.56 -79.48 38.46
C GLU BA 26 -2.77 -78.97 37.67
N THR BA 27 -2.58 -78.47 36.45
CA THR BA 27 -3.74 -78.02 35.68
C THR BA 27 -4.63 -79.19 35.30
N LYS BA 28 -4.03 -80.35 34.99
CA LYS BA 28 -4.81 -81.55 34.74
C LYS BA 28 -5.68 -81.88 35.94
N ASN BA 29 -5.08 -81.90 37.14
CA ASN BA 29 -5.85 -82.23 38.34
C ASN BA 29 -6.92 -81.20 38.62
N ILE BA 30 -6.62 -79.91 38.41
CA ILE BA 30 -7.59 -78.86 38.67
C ILE BA 30 -8.81 -79.02 37.78
N ILE BA 31 -8.57 -79.16 36.47
CA ILE BA 31 -9.70 -79.20 35.54
C ILE BA 31 -10.44 -80.54 35.67
N ASN BA 32 -9.72 -81.63 35.94
CA ASN BA 32 -10.39 -82.91 36.15
C ASN BA 32 -11.27 -82.88 37.39
N ASP BA 33 -10.78 -82.26 38.48
CA ASP BA 33 -11.59 -82.13 39.68
C ASP BA 33 -12.81 -81.28 39.42
N PHE BA 34 -12.65 -80.18 38.67
CA PHE BA 34 -13.79 -79.32 38.40
C PHE BA 34 -14.82 -80.02 37.53
N LEU BA 35 -14.38 -80.79 36.53
CA LEU BA 35 -15.32 -81.43 35.62
C LEU BA 35 -16.00 -82.63 36.26
N GLU BA 36 -15.26 -83.43 37.02
CA GLU BA 36 -15.83 -84.70 37.52
C GLU BA 36 -16.42 -84.56 38.92
N ILE BA 37 -15.60 -84.19 39.90
CA ILE BA 37 -16.05 -84.19 41.29
C ILE BA 37 -15.68 -82.88 41.97
N PRO BA 38 -16.38 -81.78 41.68
CA PRO BA 38 -16.06 -80.51 42.33
C PRO BA 38 -16.86 -80.28 43.61
N GLU BA 39 -17.92 -81.06 43.81
CA GLU BA 39 -18.86 -80.77 44.89
C GLU BA 39 -18.22 -80.86 46.26
N GLU BA 40 -17.22 -81.71 46.43
CA GLU BA 40 -16.52 -81.84 47.70
C GLU BA 40 -15.30 -80.93 47.79
N ARG BA 41 -15.08 -80.09 46.79
CA ARG BA 41 -13.92 -79.20 46.77
C ARG BA 41 -14.29 -77.72 46.79
N CYS BA 42 -15.48 -77.35 46.34
CA CYS BA 42 -15.88 -75.95 46.23
C CYS BA 42 -16.90 -75.60 47.30
N THR BA 43 -16.86 -74.34 47.72
CA THR BA 43 -17.81 -73.76 48.66
C THR BA 43 -18.54 -72.60 48.00
N TYR BA 44 -19.47 -71.99 48.73
CA TYR BA 44 -20.24 -70.87 48.22
C TYR BA 44 -20.14 -69.71 49.20
N LYS BA 45 -19.74 -68.54 48.70
CA LYS BA 45 -19.57 -67.36 49.55
C LYS BA 45 -20.37 -66.21 48.95
N PHE BA 46 -21.26 -65.63 49.76
CA PHE BA 46 -22.15 -64.57 49.30
C PHE BA 46 -21.46 -63.22 49.46
N ASN BA 47 -21.00 -62.65 48.35
CA ASN BA 47 -20.49 -61.28 48.34
C ASN BA 47 -21.70 -60.34 48.38
N SER BA 48 -21.87 -59.66 49.51
CA SER BA 48 -23.01 -58.76 49.69
C SER BA 48 -22.82 -57.45 48.93
N TYR BA 49 -21.58 -57.02 48.72
CA TYR BA 49 -21.34 -55.79 47.98
C TYR BA 49 -21.83 -55.92 46.54
N THR BA 50 -21.61 -57.08 45.92
CA THR BA 50 -22.16 -57.39 44.61
C THR BA 50 -23.49 -58.12 44.72
N LYS BA 51 -24.03 -58.27 45.93
CA LYS BA 51 -25.30 -58.93 46.22
C LYS BA 51 -25.50 -60.19 45.40
N LYS BA 52 -24.47 -61.03 45.40
CA LYS BA 52 -24.55 -62.33 44.73
C LYS BA 52 -23.56 -63.27 45.38
N MET BA 53 -23.84 -64.57 45.30
CA MET BA 53 -22.89 -65.52 45.84
C MET BA 53 -22.03 -66.09 44.72
N GLU BA 54 -20.78 -66.37 45.05
CA GLU BA 54 -19.79 -66.86 44.12
C GLU BA 54 -19.30 -68.23 44.58
N LEU BA 55 -18.99 -69.08 43.60
CA LEU BA 55 -18.42 -70.39 43.87
C LEU BA 55 -16.92 -70.23 44.12
N LEU BA 56 -16.49 -70.60 45.32
CA LEU BA 56 -15.08 -70.60 45.68
C LEU BA 56 -14.53 -72.00 45.42
N PHE BA 57 -13.76 -72.15 44.36
CA PHE BA 57 -13.13 -73.42 44.00
C PHE BA 57 -11.70 -73.38 44.50
N THR BA 58 -11.33 -74.37 45.32
CA THR BA 58 -10.01 -74.42 45.95
C THR BA 58 -9.26 -75.64 45.43
N PRO BA 59 -8.45 -75.49 44.37
CA PRO BA 59 -7.68 -76.64 43.89
C PRO BA 59 -6.71 -77.15 44.94
N GLU BA 60 -6.53 -78.47 44.96
CA GLU BA 60 -5.72 -79.09 46.00
C GLU BA 60 -4.25 -78.67 45.91
N PHE BA 61 -3.74 -78.46 44.69
CA PHE BA 61 -2.33 -78.16 44.48
C PHE BA 61 -2.16 -76.74 43.97
N HIS BA 62 -1.12 -76.07 44.46
CA HIS BA 62 -0.88 -74.67 44.12
C HIS BA 62 0.60 -74.38 43.88
N THR BA 63 1.39 -75.38 43.53
CA THR BA 63 2.84 -75.19 43.50
C THR BA 63 3.31 -74.54 42.21
N ALA BA 64 2.79 -74.99 41.06
CA ALA BA 64 3.37 -74.59 39.78
C ALA BA 64 2.37 -74.09 38.75
N TRP BA 65 1.08 -74.41 38.85
CA TRP BA 65 0.16 -74.08 37.77
C TRP BA 65 -0.03 -72.58 37.62
N HIS BA 66 -0.02 -71.83 38.73
CA HIS BA 66 -0.21 -70.39 38.64
C HIS BA 66 1.08 -69.66 38.26
N GLU BA 67 2.23 -70.29 38.39
CA GLU BA 67 3.49 -69.64 38.05
C GLU BA 67 3.78 -69.69 36.55
N VAL BA 68 3.08 -70.52 35.81
CA VAL BA 68 3.22 -70.59 34.35
C VAL BA 68 2.11 -69.74 33.74
N PRO BA 69 2.44 -68.66 33.04
CA PRO BA 69 1.38 -67.82 32.46
C PRO BA 69 0.47 -68.56 31.51
N GLU BA 70 1.04 -69.48 30.72
CA GLU BA 70 0.23 -70.22 29.75
C GLU BA 70 -0.75 -71.16 30.44
N CYS BA 71 -0.28 -71.90 31.45
CA CYS BA 71 -1.16 -72.82 32.16
C CYS BA 71 -2.26 -72.08 32.90
N ARG BA 72 -1.91 -70.98 33.58
CA ARG BA 72 -2.93 -70.20 34.29
C ARG BA 72 -3.94 -69.59 33.34
N GLU BA 73 -3.46 -69.02 32.22
CA GLU BA 73 -4.37 -68.45 31.24
C GLU BA 73 -5.30 -69.51 30.68
N PHE BA 74 -4.77 -70.69 30.37
CA PHE BA 74 -5.63 -71.77 29.86
C PHE BA 74 -6.62 -72.21 30.91
N ILE BA 75 -6.20 -72.31 32.17
CA ILE BA 75 -7.12 -72.74 33.22
C ILE BA 75 -8.28 -71.77 33.32
N LEU BA 76 -7.97 -70.47 33.38
CA LEU BA 76 -9.04 -69.47 33.50
C LEU BA 76 -9.95 -69.50 32.28
N ASN BA 77 -9.36 -69.52 31.08
CA ASN BA 77 -10.17 -69.48 29.86
C ASN BA 77 -11.04 -70.72 29.71
N PHE BA 78 -10.49 -71.90 30.02
CA PHE BA 78 -11.27 -73.12 29.89
C PHE BA 78 -12.32 -73.24 30.96
N LEU BA 79 -12.04 -72.76 32.19
CA LEU BA 79 -13.09 -72.75 33.20
C LEU BA 79 -14.23 -71.83 32.78
N ARG BA 80 -13.90 -70.67 32.20
CA ARG BA 80 -14.94 -69.78 31.68
C ARG BA 80 -15.72 -70.46 30.57
N LEU BA 81 -15.03 -71.18 29.69
CA LEU BA 81 -15.72 -71.84 28.57
C LEU BA 81 -16.66 -72.94 29.06
N ILE BA 82 -16.16 -73.85 29.89
CA ILE BA 82 -16.95 -74.99 30.30
C ILE BA 82 -18.07 -74.58 31.26
N SER BA 83 -17.82 -73.59 32.12
CA SER BA 83 -18.83 -73.18 33.08
C SER BA 83 -19.76 -72.12 32.54
N GLY BA 84 -19.26 -71.19 31.73
CA GLY BA 84 -20.06 -70.08 31.26
C GLY BA 84 -20.13 -68.91 32.20
N HIS BA 85 -19.70 -69.09 33.45
CA HIS BA 85 -19.69 -68.02 34.44
C HIS BA 85 -18.43 -67.17 34.27
N ARG BA 86 -18.39 -66.06 35.01
CA ARG BA 86 -17.19 -65.24 35.07
C ARG BA 86 -16.25 -65.83 36.10
N VAL BA 87 -15.06 -66.23 35.66
CA VAL BA 87 -14.07 -66.89 36.52
C VAL BA 87 -12.94 -65.92 36.76
N VAL BA 88 -12.66 -65.63 38.03
CA VAL BA 88 -11.53 -64.79 38.41
C VAL BA 88 -10.68 -65.52 39.43
N LEU BA 89 -9.39 -65.60 39.17
CA LEU BA 89 -8.45 -66.27 40.08
C LEU BA 89 -7.91 -65.25 41.06
N LYS BA 90 -8.22 -65.40 42.33
CA LYS BA 90 -7.65 -64.57 43.38
C LYS BA 90 -7.01 -65.47 44.42
N GLY BA 91 -5.72 -65.25 44.68
CA GLY BA 91 -4.98 -66.07 45.60
C GLY BA 91 -5.02 -67.54 45.20
N PRO BA 92 -5.41 -68.39 46.14
CA PRO BA 92 -5.57 -69.82 45.85
C PRO BA 92 -6.98 -70.22 45.41
N THR BA 93 -7.84 -69.27 45.07
CA THR BA 93 -9.25 -69.54 44.83
C THR BA 93 -9.66 -69.13 43.43
N PHE BA 94 -10.55 -69.92 42.83
CA PHE BA 94 -11.28 -69.54 41.64
C PHE BA 94 -12.66 -69.06 42.07
N VAL BA 95 -13.01 -67.84 41.69
CA VAL BA 95 -14.30 -67.26 42.00
C VAL BA 95 -15.17 -67.34 40.76
N PHE BA 96 -16.24 -68.11 40.84
CA PHE BA 96 -17.23 -68.24 39.77
C PHE BA 96 -18.41 -67.35 40.12
N THR BA 97 -18.59 -66.28 39.35
CA THR BA 97 -19.72 -65.37 39.53
C THR BA 97 -20.62 -65.46 38.31
N LYS BA 98 -21.91 -65.70 38.54
CA LYS BA 98 -22.85 -65.84 37.45
C LYS BA 98 -22.95 -64.52 36.68
N GLU BA 99 -22.98 -64.63 35.36
CA GLU BA 99 -23.08 -63.45 34.50
C GLU BA 99 -24.53 -63.24 34.05
N MET CA 1 -20.09 -81.32 37.92
CA MET CA 1 -19.88 -80.04 37.25
C MET CA 1 -21.17 -79.25 37.07
N GLU CA 2 -22.06 -79.74 36.21
CA GLU CA 2 -23.30 -79.02 35.96
C GLU CA 2 -24.21 -79.04 37.18
N ALA CA 3 -24.13 -80.09 37.99
CA ALA CA 3 -24.86 -80.11 39.25
C ALA CA 3 -24.39 -79.00 40.16
N VAL CA 4 -23.08 -78.75 40.21
CA VAL CA 4 -22.55 -77.71 41.09
C VAL CA 4 -22.99 -76.33 40.61
N LEU CA 5 -22.99 -76.09 39.30
CA LEU CA 5 -23.41 -74.79 38.79
C LEU CA 5 -24.91 -74.59 38.96
N THR CA 6 -25.70 -75.64 38.77
CA THR CA 6 -27.13 -75.54 39.04
C THR CA 6 -27.39 -75.27 40.51
N LYS CA 7 -26.64 -75.91 41.39
CA LYS CA 7 -26.73 -75.62 42.82
C LYS CA 7 -26.33 -74.19 43.11
N LEU CA 8 -25.31 -73.68 42.42
CA LEU CA 8 -24.92 -72.28 42.59
C LEU CA 8 -26.05 -71.35 42.21
N ASP CA 9 -26.71 -71.61 41.08
CA ASP CA 9 -27.81 -70.76 40.65
C ASP CA 9 -28.97 -70.81 41.64
N GLN CA 10 -29.37 -72.02 42.04
CA GLN CA 10 -30.48 -72.17 42.97
C GLN CA 10 -30.17 -71.52 44.31
N GLU CA 11 -28.96 -71.74 44.83
CA GLU CA 11 -28.57 -71.15 46.11
C GLU CA 11 -28.40 -69.66 45.99
N GLU CA 12 -28.01 -69.15 44.82
CA GLU CA 12 -27.93 -67.70 44.63
C GLU CA 12 -29.31 -67.07 44.69
N LYS CA 13 -30.29 -67.69 44.02
CA LYS CA 13 -31.65 -67.20 44.11
C LYS CA 13 -32.15 -67.24 45.56
N LYS CA 14 -31.92 -68.37 46.23
CA LYS CA 14 -32.39 -68.53 47.61
C LYS CA 14 -31.72 -67.53 48.54
N ALA CA 15 -30.41 -67.33 48.38
CA ALA CA 15 -29.66 -66.46 49.29
C ALA CA 15 -29.98 -64.99 49.02
N LEU CA 16 -30.18 -64.61 47.76
CA LEU CA 16 -30.62 -63.25 47.48
C LEU CA 16 -32.01 -62.99 48.06
N GLN CA 17 -32.92 -63.95 47.91
CA GLN CA 17 -34.25 -63.80 48.49
C GLN CA 17 -34.16 -63.67 50.01
N ASN CA 18 -33.36 -64.53 50.65
CA ASN CA 18 -33.23 -64.49 52.10
C ASN CA 18 -32.56 -63.19 52.56
N PHE CA 19 -31.56 -62.72 51.81
CA PHE CA 19 -30.88 -61.48 52.17
C PHE CA 19 -31.81 -60.29 52.08
N HIS CA 20 -32.62 -60.21 51.02
CA HIS CA 20 -33.57 -59.11 50.90
C HIS CA 20 -34.68 -59.21 51.93
N ARG CA 21 -35.12 -60.44 52.24
CA ARG CA 21 -36.11 -60.62 53.30
C ARG CA 21 -35.56 -60.18 54.65
N CYS CA 22 -34.31 -60.51 54.95
CA CYS CA 22 -33.70 -60.09 56.19
C CYS CA 22 -33.51 -58.58 56.23
N ALA CA 23 -33.14 -57.98 55.10
CA ALA CA 23 -33.01 -56.52 55.05
C ALA CA 23 -34.36 -55.84 55.30
N TRP CA 24 -35.43 -56.37 54.70
CA TRP CA 24 -36.75 -55.81 54.94
C TRP CA 24 -37.17 -55.98 56.39
N GLU CA 25 -36.90 -57.15 56.98
CA GLU CA 25 -37.22 -57.35 58.38
C GLU CA 25 -36.44 -56.39 59.27
N GLU CA 26 -35.19 -56.13 58.92
CA GLU CA 26 -34.37 -55.23 59.71
C GLU CA 26 -34.86 -53.79 59.62
N THR CA 27 -35.20 -53.32 58.41
CA THR CA 27 -35.71 -51.95 58.32
C THR CA 27 -37.08 -51.83 58.97
N LYS CA 28 -37.91 -52.88 58.86
CA LYS CA 28 -39.18 -52.90 59.58
C LYS CA 28 -38.96 -52.75 61.08
N ASN CA 29 -38.04 -53.53 61.63
CA ASN CA 29 -37.79 -53.47 63.08
C ASN CA 29 -37.19 -52.13 63.47
N ILE CA 30 -36.31 -51.58 62.64
CA ILE CA 30 -35.69 -50.28 62.95
C ILE CA 30 -36.75 -49.19 63.03
N ILE CA 31 -37.59 -49.09 62.01
CA ILE CA 31 -38.56 -48.01 61.99
C ILE CA 31 -39.66 -48.26 63.02
N ASN CA 32 -40.04 -49.52 63.25
CA ASN CA 32 -41.02 -49.80 64.30
C ASN CA 32 -40.47 -49.43 65.68
N ASP CA 33 -39.20 -49.73 65.94
CA ASP CA 33 -38.60 -49.35 67.21
C ASP CA 33 -38.56 -47.84 67.36
N PHE CA 34 -38.21 -47.13 66.29
CA PHE CA 34 -38.15 -45.67 66.38
C PHE CA 34 -39.53 -45.06 66.59
N LEU CA 35 -40.56 -45.59 65.92
CA LEU CA 35 -41.88 -44.99 66.00
C LEU CA 35 -42.60 -45.36 67.30
N GLU CA 36 -42.44 -46.60 67.77
CA GLU CA 36 -43.23 -47.07 68.91
C GLU CA 36 -42.48 -46.92 70.24
N ILE CA 37 -41.34 -47.57 70.37
CA ILE CA 37 -40.64 -47.63 71.66
C ILE CA 37 -39.15 -47.33 71.49
N PRO CA 38 -38.77 -46.10 71.17
CA PRO CA 38 -37.34 -45.78 71.01
C PRO CA 38 -36.62 -45.39 72.29
N GLU CA 39 -37.35 -45.11 73.38
CA GLU CA 39 -36.72 -44.55 74.57
C GLU CA 39 -35.73 -45.51 75.21
N GLU CA 40 -35.98 -46.82 75.11
CA GLU CA 40 -35.10 -47.82 75.70
C GLU CA 40 -33.97 -48.24 74.77
N ARG CA 41 -33.88 -47.64 73.58
CA ARG CA 41 -32.86 -47.99 72.61
C ARG CA 41 -31.94 -46.85 72.25
N CYS CA 42 -32.33 -45.60 72.49
CA CYS CA 42 -31.56 -44.44 72.08
C CYS CA 42 -30.95 -43.74 73.29
N THR CA 43 -29.81 -43.10 73.07
CA THR CA 43 -29.12 -42.31 74.08
C THR CA 43 -28.92 -40.89 73.56
N TYR CA 44 -28.35 -40.03 74.39
CA TYR CA 44 -28.07 -38.64 74.02
C TYR CA 44 -26.59 -38.37 74.26
N LYS CA 45 -25.91 -37.84 73.24
CA LYS CA 45 -24.49 -37.53 73.34
C LYS CA 45 -24.25 -36.09 72.90
N PHE CA 46 -23.58 -35.32 73.74
CA PHE CA 46 -23.38 -33.89 73.48
C PHE CA 46 -22.07 -33.71 72.71
N ASN CA 47 -22.18 -33.45 71.41
CA ASN CA 47 -21.03 -33.07 70.61
C ASN CA 47 -20.68 -31.62 70.94
N SER CA 48 -19.56 -31.42 71.64
CA SER CA 48 -19.15 -30.09 72.05
C SER CA 48 -18.56 -29.29 70.90
N TYR CA 49 -17.98 -29.97 69.90
CA TYR CA 49 -17.43 -29.26 68.75
C TYR CA 49 -18.52 -28.53 67.99
N THR CA 50 -19.68 -29.15 67.84
CA THR CA 50 -20.86 -28.51 67.26
C THR CA 50 -21.77 -27.91 68.34
N LYS CA 51 -21.30 -27.89 69.59
CA LYS CA 51 -22.02 -27.34 70.74
C LYS CA 51 -23.50 -27.71 70.76
N LYS CA 52 -23.82 -28.96 70.43
CA LYS CA 52 -25.19 -29.44 70.48
C LYS CA 52 -25.18 -30.92 70.80
N MET CA 53 -26.27 -31.42 71.34
CA MET CA 53 -26.34 -32.85 71.61
C MET CA 53 -27.23 -33.53 70.57
N GLU CA 54 -26.92 -34.79 70.31
CA GLU CA 54 -27.55 -35.58 69.27
C GLU CA 54 -28.10 -36.87 69.85
N LEU CA 55 -29.17 -37.35 69.22
CA LEU CA 55 -29.76 -38.63 69.57
C LEU CA 55 -28.97 -39.75 68.89
N LEU CA 56 -28.40 -40.64 69.69
CA LEU CA 56 -27.71 -41.81 69.20
C LEU CA 56 -28.70 -42.97 69.23
N PHE CA 57 -29.22 -43.34 68.06
CA PHE CA 57 -30.15 -44.45 67.93
C PHE CA 57 -29.38 -45.67 67.46
N THR CA 58 -29.43 -46.75 68.24
CA THR CA 58 -28.66 -47.97 67.96
C THR CA 58 -29.62 -49.11 67.68
N PRO CA 59 -29.97 -49.35 66.42
CA PRO CA 59 -30.85 -50.47 66.10
C PRO CA 59 -30.22 -51.80 66.50
N GLU CA 60 -31.08 -52.73 66.93
CA GLU CA 60 -30.59 -53.99 67.47
C GLU CA 60 -29.92 -54.84 66.40
N PHE CA 61 -30.34 -54.72 65.14
CA PHE CA 61 -29.84 -55.56 64.07
C PHE CA 61 -29.08 -54.73 63.05
N HIS CA 62 -28.00 -55.30 62.51
CA HIS CA 62 -27.17 -54.60 61.54
C HIS CA 62 -26.72 -55.53 60.41
N THR CA 63 -27.37 -56.68 60.24
CA THR CA 63 -26.84 -57.68 59.31
C THR CA 63 -27.01 -57.28 57.86
N ALA CA 64 -28.18 -56.78 57.47
CA ALA CA 64 -28.49 -56.62 56.05
C ALA CA 64 -29.08 -55.26 55.67
N TRP CA 65 -29.64 -54.49 56.60
CA TRP CA 65 -30.37 -53.30 56.19
C TRP CA 65 -29.45 -52.23 55.60
N HIS CA 66 -28.22 -52.11 56.12
CA HIS CA 66 -27.30 -51.11 55.60
C HIS CA 66 -26.59 -51.56 54.32
N GLU CA 67 -26.58 -52.86 54.04
CA GLU CA 67 -25.93 -53.35 52.83
C GLU CA 67 -26.78 -53.15 51.58
N VAL CA 68 -28.07 -52.93 51.74
CA VAL CA 68 -28.98 -52.67 50.62
C VAL CA 68 -29.08 -51.15 50.46
N PRO CA 69 -28.64 -50.59 49.33
CA PRO CA 69 -28.71 -49.13 49.17
C PRO CA 69 -30.13 -48.59 49.27
N GLU CA 70 -31.11 -49.33 48.75
CA GLU CA 70 -32.49 -48.85 48.77
C GLU CA 70 -33.05 -48.84 50.18
N CYS CA 71 -32.83 -49.92 50.94
CA CYS CA 71 -33.33 -49.97 52.31
C CYS CA 71 -32.67 -48.92 53.19
N ARG CA 72 -31.35 -48.75 53.06
CA ARG CA 72 -30.66 -47.73 53.86
C ARG CA 72 -31.11 -46.34 53.50
N GLU CA 73 -31.25 -46.05 52.19
CA GLU CA 73 -31.71 -44.74 51.77
C GLU CA 73 -33.11 -44.46 52.28
N PHE CA 74 -34.00 -45.46 52.20
CA PHE CA 74 -35.35 -45.27 52.71
C PHE CA 74 -35.35 -45.05 54.21
N ILE CA 75 -34.52 -45.81 54.94
CA ILE CA 75 -34.47 -45.64 56.40
C ILE CA 75 -34.06 -44.22 56.73
N LEU CA 76 -32.98 -43.74 56.12
CA LEU CA 76 -32.51 -42.38 56.41
C LEU CA 76 -33.56 -41.34 56.04
N ASN CA 77 -34.15 -41.46 54.83
CA ASN CA 77 -35.10 -40.48 54.38
C ASN CA 77 -36.37 -40.47 55.23
N PHE CA 78 -36.87 -41.65 55.58
CA PHE CA 78 -38.08 -41.71 56.40
C PHE CA 78 -37.83 -41.27 57.82
N LEU CA 79 -36.65 -41.56 58.38
CA LEU CA 79 -36.34 -41.04 59.71
C LEU CA 79 -36.26 -39.52 59.69
N ARG CA 80 -35.66 -38.96 58.63
CA ARG CA 80 -35.64 -37.51 58.49
C ARG CA 80 -37.05 -36.96 58.37
N LEU CA 81 -37.91 -37.64 57.63
CA LEU CA 81 -39.29 -37.17 57.47
C LEU CA 81 -40.05 -37.19 58.79
N ILE CA 82 -40.04 -38.33 59.48
CA ILE CA 82 -40.87 -38.47 60.67
C ILE CA 82 -40.32 -37.63 61.82
N SER CA 83 -38.99 -37.59 61.97
CA SER CA 83 -38.42 -36.84 63.09
C SER CA 83 -38.32 -35.34 62.77
N GLY CA 84 -37.91 -35.01 61.56
CA GLY CA 84 -37.68 -33.63 61.18
C GLY CA 84 -36.27 -33.14 61.42
N HIS CA 85 -35.48 -33.85 62.22
CA HIS CA 85 -34.10 -33.48 62.45
C HIS CA 85 -33.21 -34.02 61.33
N ARG CA 86 -31.96 -33.57 61.33
CA ARG CA 86 -30.96 -34.10 60.42
C ARG CA 86 -30.50 -35.47 60.91
N VAL CA 87 -30.71 -36.50 60.11
CA VAL CA 87 -30.37 -37.86 60.45
C VAL CA 87 -29.17 -38.27 59.62
N VAL CA 88 -28.09 -38.67 60.28
CA VAL CA 88 -26.90 -39.16 59.57
C VAL CA 88 -26.52 -40.51 60.14
N LEU CA 89 -26.27 -41.47 59.26
CA LEU CA 89 -25.91 -42.83 59.67
C LEU CA 89 -24.40 -42.95 59.70
N LYS CA 90 -23.84 -43.17 60.90
CA LYS CA 90 -22.42 -43.44 61.06
C LYS CA 90 -22.27 -44.75 61.80
N GLY CA 91 -21.55 -45.69 61.18
CA GLY CA 91 -21.38 -47.01 61.74
C GLY CA 91 -22.73 -47.68 61.98
N PRO CA 92 -22.93 -48.18 63.20
CA PRO CA 92 -24.23 -48.74 63.58
C PRO CA 92 -25.21 -47.75 64.21
N THR CA 93 -24.93 -46.45 64.13
CA THR CA 93 -25.70 -45.45 64.86
C THR CA 93 -26.37 -44.47 63.91
N PHE CA 94 -27.59 -44.09 64.26
CA PHE CA 94 -28.28 -42.96 63.64
C PHE CA 94 -28.09 -41.75 64.55
N VAL CA 95 -27.54 -40.68 64.01
CA VAL CA 95 -27.33 -39.44 64.74
C VAL CA 95 -28.43 -38.48 64.32
N PHE CA 96 -29.29 -38.12 65.29
CA PHE CA 96 -30.34 -37.14 65.09
C PHE CA 96 -29.84 -35.81 65.68
N THR CA 97 -29.61 -34.84 64.81
CA THR CA 97 -29.19 -33.51 65.22
C THR CA 97 -30.29 -32.52 64.87
N LYS CA 98 -30.73 -31.74 65.84
CA LYS CA 98 -31.78 -30.77 65.61
C LYS CA 98 -31.34 -29.73 64.59
N GLU CA 99 -32.23 -29.41 63.66
CA GLU CA 99 -31.94 -28.43 62.63
C GLU CA 99 -32.53 -27.06 63.00
N MET DA 1 -41.77 -41.89 70.26
CA MET DA 1 -41.36 -41.20 69.04
C MET DA 1 -41.19 -39.72 69.34
N GLU DA 2 -42.31 -39.00 69.45
CA GLU DA 2 -42.23 -37.56 69.72
C GLU DA 2 -41.78 -37.29 71.15
N ALA DA 3 -42.02 -38.22 72.07
CA ALA DA 3 -41.54 -38.04 73.43
C ALA DA 3 -40.02 -37.99 73.46
N VAL DA 4 -39.37 -38.88 72.71
CA VAL DA 4 -37.91 -38.90 72.66
C VAL DA 4 -37.37 -37.62 72.02
N LEU DA 5 -38.04 -37.13 70.98
CA LEU DA 5 -37.60 -35.89 70.34
C LEU DA 5 -37.76 -34.69 71.27
N THR DA 6 -38.88 -34.62 71.99
CA THR DA 6 -39.07 -33.55 72.96
C THR DA 6 -38.03 -33.62 74.07
N LYS DA 7 -37.73 -34.83 74.54
CA LYS DA 7 -36.68 -34.99 75.53
C LYS DA 7 -35.33 -34.57 74.97
N LEU DA 8 -35.07 -34.86 73.69
CA LEU DA 8 -33.84 -34.40 73.06
C LEU DA 8 -33.75 -32.89 73.06
N ASP DA 9 -34.85 -32.22 72.69
CA ASP DA 9 -34.83 -30.75 72.64
C ASP DA 9 -34.61 -30.17 74.03
N GLN DA 10 -35.36 -30.66 75.01
CA GLN DA 10 -35.23 -30.14 76.37
C GLN DA 10 -33.85 -30.41 76.93
N GLU DA 11 -33.31 -31.61 76.72
CA GLU DA 11 -31.99 -31.94 77.22
C GLU DA 11 -30.91 -31.19 76.45
N GLU DA 12 -31.13 -30.86 75.18
CA GLU DA 12 -30.17 -30.05 74.45
C GLU DA 12 -30.12 -28.64 74.99
N LYS DA 13 -31.28 -28.05 75.26
CA LYS DA 13 -31.30 -26.73 75.90
C LYS DA 13 -30.60 -26.79 77.26
N LYS DA 14 -30.93 -27.79 78.07
CA LYS DA 14 -30.32 -27.90 79.40
C LYS DA 14 -28.82 -28.12 79.31
N ALA DA 15 -28.37 -28.97 78.39
CA ALA DA 15 -26.95 -29.29 78.29
C ALA DA 15 -26.15 -28.12 77.71
N LEU DA 16 -26.72 -27.39 76.75
CA LEU DA 16 -26.04 -26.21 76.26
C LEU DA 16 -25.93 -25.15 77.35
N GLN DA 17 -27.02 -24.95 78.11
CA GLN DA 17 -26.97 -23.99 79.21
C GLN DA 17 -25.93 -24.40 80.24
N ASN DA 18 -25.90 -25.68 80.60
CA ASN DA 18 -24.94 -26.15 81.59
C ASN DA 18 -23.51 -26.07 81.06
N PHE DA 19 -23.31 -26.36 79.78
CA PHE DA 19 -21.97 -26.27 79.19
C PHE DA 19 -21.47 -24.84 79.18
N HIS DA 20 -22.32 -23.88 78.82
CA HIS DA 20 -21.90 -22.49 78.85
C HIS DA 20 -21.68 -21.99 80.28
N ARG DA 21 -22.51 -22.44 81.22
CA ARG DA 21 -22.30 -22.10 82.61
C ARG DA 21 -20.98 -22.65 83.13
N CYS DA 22 -20.66 -23.89 82.78
CA CYS DA 22 -19.39 -24.48 83.19
C CYS DA 22 -18.20 -23.77 82.55
N ALA DA 23 -18.34 -23.38 81.28
CA ALA DA 23 -17.27 -22.63 80.62
C ALA DA 23 -17.05 -21.28 81.30
N TRP DA 24 -18.15 -20.60 81.65
CA TRP DA 24 -18.01 -19.33 82.36
C TRP DA 24 -17.38 -19.52 83.72
N GLU DA 25 -17.77 -20.56 84.45
CA GLU DA 25 -17.16 -20.83 85.74
C GLU DA 25 -15.68 -21.13 85.59
N GLU DA 26 -15.31 -21.85 84.53
CA GLU DA 26 -13.91 -22.19 84.31
C GLU DA 26 -13.08 -20.96 83.97
N THR DA 27 -13.58 -20.08 83.09
CA THR DA 27 -12.81 -18.88 82.78
C THR DA 27 -12.75 -17.95 83.98
N LYS DA 28 -13.82 -17.87 84.76
CA LYS DA 28 -13.81 -17.12 86.00
C LYS DA 28 -12.71 -17.63 86.93
N ASN DA 29 -12.66 -18.94 87.15
CA ASN DA 29 -11.65 -19.50 88.03
C ASN DA 29 -10.24 -19.30 87.49
N ILE DA 30 -10.07 -19.44 86.17
CA ILE DA 30 -8.75 -19.28 85.57
C ILE DA 30 -8.24 -17.85 85.79
N ILE DA 31 -9.06 -16.86 85.45
CA ILE DA 31 -8.59 -15.48 85.55
C ILE DA 31 -8.47 -15.06 87.00
N ASN DA 32 -9.37 -15.53 87.87
CA ASN DA 32 -9.24 -15.22 89.29
C ASN DA 32 -7.96 -15.81 89.87
N ASP DA 33 -7.62 -17.05 89.50
CA ASP DA 33 -6.39 -17.65 89.96
C ASP DA 33 -5.18 -16.87 89.46
N PHE DA 34 -5.20 -16.46 88.20
CA PHE DA 34 -4.07 -15.70 87.67
C PHE DA 34 -3.92 -14.35 88.35
N LEU DA 35 -5.04 -13.68 88.64
CA LEU DA 35 -4.98 -12.35 89.23
C LEU DA 35 -4.64 -12.38 90.71
N GLU DA 36 -5.14 -13.37 91.45
CA GLU DA 36 -5.01 -13.39 92.90
C GLU DA 36 -3.89 -14.29 93.39
N ILE DA 37 -3.94 -15.58 93.07
CA ILE DA 37 -2.99 -16.54 93.63
C ILE DA 37 -2.45 -17.43 92.52
N PRO DA 38 -1.53 -16.94 91.68
CA PRO DA 38 -0.96 -17.77 90.63
C PRO DA 38 0.35 -18.45 90.99
N GLU DA 39 0.98 -18.09 92.12
CA GLU DA 39 2.32 -18.59 92.43
C GLU DA 39 2.31 -20.09 92.66
N GLU DA 40 1.30 -20.62 93.32
CA GLU DA 40 1.21 -22.04 93.61
C GLU DA 40 0.63 -22.85 92.47
N ARG DA 41 0.28 -22.20 91.36
CA ARG DA 41 -0.25 -22.89 90.19
C ARG DA 41 0.65 -22.77 88.96
N CYS DA 42 1.57 -21.81 88.96
CA CYS DA 42 2.42 -21.55 87.80
C CYS DA 42 3.84 -22.05 88.04
N THR DA 43 4.52 -22.41 86.95
CA THR DA 43 5.91 -22.83 86.98
C THR DA 43 6.68 -22.03 85.93
N TYR DA 44 8.00 -22.24 85.90
CA TYR DA 44 8.88 -21.57 84.95
C TYR DA 44 9.67 -22.61 84.18
N LYS DA 45 9.69 -22.48 82.86
CA LYS DA 45 10.41 -23.41 82.00
C LYS DA 45 11.27 -22.64 81.02
N PHE DA 46 12.56 -22.99 80.94
CA PHE DA 46 13.49 -22.30 80.06
C PHE DA 46 13.50 -22.98 78.71
N ASN DA 47 12.93 -22.32 77.70
CA ASN DA 47 12.99 -22.80 76.33
C ASN DA 47 14.35 -22.39 75.76
N SER DA 48 15.24 -23.37 75.57
CA SER DA 48 16.59 -23.08 75.10
C SER DA 48 16.62 -22.73 73.62
N TYR DA 49 15.68 -23.28 72.85
CA TYR DA 49 15.62 -22.95 71.42
C TYR DA 49 15.34 -21.47 71.22
N THR DA 50 14.41 -20.91 72.00
CA THR DA 50 14.18 -19.48 72.05
C THR DA 50 14.95 -18.81 73.17
N LYS DA 51 15.80 -19.56 73.88
CA LYS DA 51 16.66 -19.09 74.96
C LYS DA 51 15.98 -18.10 75.90
N LYS DA 52 14.73 -18.38 76.28
CA LYS DA 52 14.01 -17.50 77.19
C LYS DA 52 13.19 -18.34 78.17
N MET DA 53 12.98 -17.78 79.36
CA MET DA 53 12.11 -18.40 80.34
C MET DA 53 10.66 -18.05 80.05
N GLU DA 54 9.80 -19.06 80.07
CA GLU DA 54 8.38 -18.89 79.86
C GLU DA 54 7.61 -19.35 81.09
N LEU DA 55 6.55 -18.62 81.41
CA LEU DA 55 5.68 -18.96 82.53
C LEU DA 55 4.65 -19.99 82.07
N LEU DA 56 4.67 -21.15 82.69
CA LEU DA 56 3.72 -22.22 82.41
C LEU DA 56 2.59 -22.11 83.43
N PHE DA 57 1.41 -21.69 82.98
CA PHE DA 57 0.24 -21.58 83.82
C PHE DA 57 -0.67 -22.76 83.52
N THR DA 58 -1.01 -23.52 84.56
CA THR DA 58 -1.79 -24.75 84.41
C THR DA 58 -3.08 -24.60 85.20
N PRO DA 59 -4.14 -24.08 84.57
CA PRO DA 59 -5.41 -23.95 85.29
C PRO DA 59 -5.96 -25.31 85.72
N GLU DA 60 -6.64 -25.31 86.86
CA GLU DA 60 -7.09 -26.56 87.46
C GLU DA 60 -8.13 -27.26 86.59
N PHE DA 61 -8.99 -26.49 85.92
CA PHE DA 61 -10.11 -27.02 85.16
C PHE DA 61 -9.88 -26.85 83.67
N HIS DA 62 -10.28 -27.88 82.90
CA HIS DA 62 -10.07 -27.88 81.46
C HIS DA 62 -11.28 -28.43 80.70
N THR DA 63 -12.43 -28.57 81.36
CA THR DA 63 -13.55 -29.30 80.76
C THR DA 63 -14.21 -28.51 79.62
N ALA DA 64 -14.46 -27.22 79.82
CA ALA DA 64 -15.32 -26.49 78.91
C ALA DA 64 -14.78 -25.15 78.42
N TRP DA 65 -13.80 -24.54 79.11
CA TRP DA 65 -13.42 -23.18 78.75
C TRP DA 65 -12.73 -23.11 77.39
N HIS DA 66 -11.97 -24.15 77.01
CA HIS DA 66 -11.30 -24.13 75.72
C HIS DA 66 -12.19 -24.59 74.57
N GLU DA 67 -13.32 -25.23 74.87
CA GLU DA 67 -14.23 -25.67 73.82
C GLU DA 67 -15.11 -24.54 73.30
N VAL DA 68 -15.21 -23.44 74.04
CA VAL DA 68 -16.00 -22.28 73.62
C VAL DA 68 -15.03 -21.28 72.98
N PRO DA 69 -15.16 -20.98 71.69
CA PRO DA 69 -14.22 -20.04 71.07
C PRO DA 69 -14.21 -18.68 71.73
N GLU DA 70 -15.38 -18.19 72.16
CA GLU DA 70 -15.46 -16.87 72.77
C GLU DA 70 -14.74 -16.84 74.12
N CYS DA 71 -14.97 -17.85 74.96
CA CYS DA 71 -14.31 -17.89 76.26
C CYS DA 71 -12.80 -18.04 76.12
N ARG DA 72 -12.35 -18.91 75.23
CA ARG DA 72 -10.91 -19.09 75.03
C ARG DA 72 -10.27 -17.82 74.48
N GLU DA 73 -10.91 -17.19 73.50
CA GLU DA 73 -10.37 -15.95 72.94
C GLU DA 73 -10.30 -14.86 74.00
N PHE DA 74 -11.34 -14.74 74.82
CA PHE DA 74 -11.31 -13.74 75.89
C PHE DA 74 -10.23 -14.05 76.91
N ILE DA 75 -10.06 -15.33 77.27
CA ILE DA 75 -9.03 -15.68 78.24
C ILE DA 75 -7.66 -15.29 77.70
N LEU DA 76 -7.36 -15.65 76.46
CA LEU DA 76 -6.06 -15.32 75.89
C LEU DA 76 -5.87 -13.81 75.82
N ASN DA 77 -6.86 -13.09 75.29
CA ASN DA 77 -6.73 -11.66 75.11
C ASN DA 77 -6.61 -10.92 76.44
N PHE DA 78 -7.38 -11.33 77.45
CA PHE DA 78 -7.32 -10.67 78.74
C PHE DA 78 -6.05 -11.01 79.48
N LEU DA 79 -5.53 -12.24 79.35
CA LEU DA 79 -4.25 -12.55 79.94
C LEU DA 79 -3.14 -11.73 79.31
N ARG DA 80 -3.20 -11.55 77.98
CA ARG DA 80 -2.24 -10.67 77.32
C ARG DA 80 -2.37 -9.24 77.82
N LEU DA 81 -3.60 -8.77 78.01
CA LEU DA 81 -3.81 -7.39 78.46
C LEU DA 81 -3.27 -7.18 79.87
N ILE DA 82 -3.69 -8.02 80.81
CA ILE DA 82 -3.31 -7.80 82.20
C ILE DA 82 -1.84 -8.10 82.43
N SER DA 83 -1.29 -9.14 81.79
CA SER DA 83 0.10 -9.49 82.00
C SER DA 83 1.04 -8.64 81.17
N GLY DA 84 0.65 -8.29 79.94
CA GLY DA 84 1.52 -7.58 79.03
C GLY DA 84 2.47 -8.45 78.26
N HIS DA 85 2.62 -9.71 78.62
CA HIS DA 85 3.49 -10.63 77.90
C HIS DA 85 2.75 -11.21 76.70
N ARG DA 86 3.42 -12.13 76.01
CA ARG DA 86 2.81 -12.88 74.91
C ARG DA 86 2.30 -14.20 75.47
N VAL DA 87 0.98 -14.40 75.40
CA VAL DA 87 0.33 -15.58 75.97
C VAL DA 87 -0.09 -16.48 74.82
N VAL DA 88 0.38 -17.72 74.84
CA VAL DA 88 -0.01 -18.71 73.84
C VAL DA 88 -0.54 -19.94 74.57
N LEU DA 89 -1.72 -20.41 74.16
CA LEU DA 89 -2.34 -21.57 74.78
C LEU DA 89 -1.94 -22.81 73.99
N LYS DA 90 -1.21 -23.73 74.64
CA LYS DA 90 -0.88 -25.01 74.06
C LYS DA 90 -1.34 -26.10 75.03
N GLY DA 91 -2.21 -26.99 74.55
CA GLY DA 91 -2.78 -28.01 75.37
C GLY DA 91 -3.48 -27.44 76.59
N PRO DA 92 -3.11 -27.93 77.77
CA PRO DA 92 -3.65 -27.38 79.02
C PRO DA 92 -2.82 -26.25 79.62
N THR DA 93 -1.89 -25.66 78.88
CA THR DA 93 -0.93 -24.73 79.43
C THR DA 93 -1.04 -23.37 78.75
N PHE DA 94 -0.89 -22.32 79.55
CA PHE DA 94 -0.67 -20.96 79.06
C PHE DA 94 0.81 -20.67 79.16
N VAL DA 95 1.42 -20.31 78.04
CA VAL DA 95 2.83 -19.97 77.98
C VAL DA 95 2.93 -18.46 77.90
N PHE DA 96 3.49 -17.85 78.95
CA PHE DA 96 3.76 -16.42 79.00
C PHE DA 96 5.23 -16.21 78.63
N THR DA 97 5.47 -15.64 77.46
CA THR DA 97 6.82 -15.30 77.01
C THR DA 97 6.94 -13.79 76.98
N LYS DA 98 7.97 -13.27 77.65
CA LYS DA 98 8.19 -11.83 77.70
C LYS DA 98 8.45 -11.29 76.30
N GLU DA 99 7.81 -10.17 75.98
CA GLU DA 99 7.98 -9.54 74.68
C GLU DA 99 9.02 -8.41 74.76
N MET EA 1 10.13 -87.66 26.32
CA MET EA 1 9.92 -86.28 25.88
C MET EA 1 11.23 -85.65 25.44
N GLU EA 2 12.17 -85.51 26.37
CA GLU EA 2 13.46 -84.90 26.02
C GLU EA 2 14.30 -85.82 25.16
N ALA EA 3 14.07 -87.13 25.25
CA ALA EA 3 14.76 -88.07 24.36
C ALA EA 3 14.38 -87.82 22.91
N VAL EA 4 13.10 -87.57 22.65
CA VAL EA 4 12.66 -87.33 21.28
C VAL EA 4 13.24 -86.03 20.74
N LEU EA 5 13.35 -84.99 21.59
CA LEU EA 5 13.93 -83.73 21.14
C LEU EA 5 15.43 -83.85 20.91
N THR EA 6 16.13 -84.61 21.76
CA THR EA 6 17.54 -84.87 21.53
C THR EA 6 17.74 -85.65 20.23
N LYS EA 7 16.88 -86.64 19.98
CA LYS EA 7 16.92 -87.35 18.71
C LYS EA 7 16.65 -86.42 17.55
N LEU EA 8 15.73 -85.46 17.73
CA LEU EA 8 15.45 -84.48 16.69
C LEU EA 8 16.70 -83.68 16.37
N ASP EA 9 17.40 -83.20 17.41
CA ASP EA 9 18.60 -82.41 17.19
C ASP EA 9 19.69 -83.23 16.50
N GLN EA 10 19.93 -84.44 17.00
CA GLN EA 10 20.96 -85.30 16.41
C GLN EA 10 20.65 -85.65 14.97
N GLU EA 11 19.38 -86.00 14.69
CA GLU EA 11 19.01 -86.38 13.34
C GLU EA 11 18.96 -85.18 12.41
N GLU EA 12 18.65 -83.99 12.93
CA GLU EA 12 18.73 -82.79 12.12
C GLU EA 12 20.18 -82.49 11.72
N LYS EA 13 21.10 -82.62 12.67
CA LYS EA 13 22.51 -82.43 12.35
C LYS EA 13 22.97 -83.46 11.31
N LYS EA 14 22.61 -84.73 11.54
CA LYS EA 14 23.02 -85.79 10.62
C LYS EA 14 22.42 -85.59 9.24
N ALA EA 15 21.14 -85.21 9.17
CA ALA EA 15 20.47 -85.03 7.88
C ALA EA 15 21.00 -83.81 7.14
N LEU EA 16 21.29 -82.72 7.86
CA LEU EA 16 21.89 -81.57 7.21
C LEU EA 16 23.28 -81.90 6.67
N GLN EA 17 24.08 -82.61 7.46
CA GLN EA 17 25.41 -83.02 7.00
C GLN EA 17 25.32 -83.91 5.77
N ASN EA 18 24.41 -84.89 5.81
CA ASN EA 18 24.25 -85.80 4.68
C ASN EA 18 23.70 -85.08 3.45
N PHE EA 19 22.79 -84.13 3.65
CA PHE EA 19 22.25 -83.36 2.54
C PHE EA 19 23.31 -82.50 1.87
N HIS EA 20 24.17 -81.85 2.67
CA HIS EA 20 25.24 -81.05 2.08
C HIS EA 20 26.28 -81.93 1.41
N ARG EA 21 26.58 -83.10 2.00
CA ARG EA 21 27.50 -84.04 1.37
C ARG EA 21 26.94 -84.53 0.03
N CYS EA 22 25.65 -84.85 -0.02
CA CYS EA 22 25.03 -85.28 -1.26
C CYS EA 22 25.01 -84.17 -2.29
N ALA EA 23 24.75 -82.93 -1.87
CA ALA EA 23 24.78 -81.81 -2.79
C ALA EA 23 26.18 -81.60 -3.36
N TRP EA 24 27.21 -81.72 -2.52
CA TRP EA 24 28.57 -81.60 -3.01
C TRP EA 24 28.91 -82.73 -3.98
N GLU EA 25 28.50 -83.95 -3.66
CA GLU EA 25 28.74 -85.06 -4.57
C GLU EA 25 28.03 -84.84 -5.90
N GLU EA 26 26.82 -84.30 -5.86
CA GLU EA 26 26.07 -84.06 -7.08
C GLU EA 26 26.72 -82.98 -7.94
N THR EA 27 27.16 -81.87 -7.34
CA THR EA 27 27.80 -80.84 -8.14
C THR EA 27 29.16 -81.33 -8.65
N LYS EA 28 29.87 -82.11 -7.85
CA LYS EA 28 31.10 -82.74 -8.32
C LYS EA 28 30.85 -83.58 -9.56
N ASN EA 29 29.84 -84.45 -9.50
CA ASN EA 29 29.54 -85.33 -10.62
C ASN EA 29 29.07 -84.53 -11.84
N ILE EA 30 28.28 -83.49 -11.62
CA ILE EA 30 27.78 -82.67 -12.72
C ILE EA 30 28.94 -82.02 -13.46
N ILE EA 31 29.82 -81.34 -12.72
CA ILE EA 31 30.90 -80.62 -13.37
C ILE EA 31 31.92 -81.59 -13.96
N ASN EA 32 32.18 -82.71 -13.28
CA ASN EA 32 33.08 -83.71 -13.84
C ASN EA 32 32.54 -84.29 -15.14
N ASP EA 33 31.24 -84.56 -15.19
CA ASP EA 33 30.64 -85.07 -16.42
C ASP EA 33 30.72 -84.03 -17.53
N PHE EA 34 30.48 -82.76 -17.21
CA PHE EA 34 30.57 -81.73 -18.24
C PHE EA 34 31.99 -81.58 -18.75
N LEU EA 35 32.98 -81.63 -17.86
CA LEU EA 35 34.36 -81.38 -18.27
C LEU EA 35 34.97 -82.58 -18.99
N GLU EA 36 34.62 -83.80 -18.58
CA GLU EA 36 35.29 -84.99 -19.09
C GLU EA 36 34.50 -85.69 -20.20
N ILE EA 37 33.28 -86.13 -19.90
CA ILE EA 37 32.51 -86.91 -20.87
C ILE EA 37 31.07 -86.39 -20.91
N PRO EA 38 30.82 -85.27 -21.58
CA PRO EA 38 29.44 -84.76 -21.64
C PRO EA 38 28.67 -85.29 -22.84
N GLU EA 39 29.37 -85.82 -23.84
CA GLU EA 39 28.74 -86.16 -25.11
C GLU EA 39 27.68 -87.24 -24.96
N GLU EA 40 27.83 -88.14 -24.00
CA GLU EA 40 26.83 -89.17 -23.76
C GLU EA 40 25.68 -88.68 -22.89
N ARG EA 41 25.75 -87.45 -22.39
CA ARG EA 41 24.75 -86.92 -21.49
C ARG EA 41 24.02 -85.69 -22.02
N CYS EA 42 24.47 -85.12 -23.13
CA CYS EA 42 23.90 -83.88 -23.66
C CYS EA 42 23.32 -84.11 -25.04
N THR EA 43 22.27 -83.34 -25.36
CA THR EA 43 21.62 -83.35 -26.65
C THR EA 43 21.60 -81.93 -27.20
N TYR EA 44 21.04 -81.76 -28.39
CA TYR EA 44 20.91 -80.46 -29.03
C TYR EA 44 19.46 -80.25 -29.43
N LYS EA 45 18.88 -79.13 -29.02
CA LYS EA 45 17.49 -78.82 -29.32
C LYS EA 45 17.41 -77.43 -29.95
N PHE EA 46 16.82 -77.35 -31.14
CA PHE EA 46 16.75 -76.10 -31.88
C PHE EA 46 15.52 -75.31 -31.44
N ASN EA 47 15.72 -74.24 -30.67
CA ASN EA 47 14.66 -73.31 -30.36
C ASN EA 47 14.45 -72.41 -31.57
N SER EA 48 13.31 -72.57 -32.24
CA SER EA 48 13.03 -71.80 -33.45
C SER EA 48 12.61 -70.37 -33.13
N TYR EA 49 12.01 -70.15 -31.96
CA TYR EA 49 11.62 -68.79 -31.58
C TYR EA 49 12.84 -67.88 -31.46
N THR EA 50 13.92 -68.39 -30.89
CA THR EA 50 15.20 -67.69 -30.86
C THR EA 50 16.09 -68.04 -32.04
N LYS EA 51 15.56 -68.80 -33.00
CA LYS EA 51 16.26 -69.24 -34.22
C LYS EA 51 17.70 -69.65 -33.92
N LYS EA 52 17.87 -70.45 -32.88
CA LYS EA 52 19.18 -70.98 -32.54
C LYS EA 52 18.99 -72.28 -31.79
N MET EA 53 20.01 -73.14 -31.83
CA MET EA 53 19.94 -74.40 -31.11
C MET EA 53 20.75 -74.32 -29.84
N GLU EA 54 20.27 -74.99 -28.81
CA GLU EA 54 20.85 -74.96 -27.49
C GLU EA 54 21.28 -76.36 -27.08
N LEU EA 55 22.37 -76.40 -26.31
CA LEU EA 55 22.86 -77.66 -25.75
C LEU EA 55 22.06 -77.98 -24.49
N LEU EA 56 21.38 -79.12 -24.49
CA LEU EA 56 20.59 -79.59 -23.37
C LEU EA 56 21.44 -80.57 -22.58
N PHE EA 57 21.88 -80.16 -21.39
CA PHE EA 57 22.66 -80.99 -20.50
C PHE EA 57 21.74 -81.53 -19.40
N THR EA 58 21.70 -82.85 -19.26
CA THR EA 58 20.79 -83.51 -18.31
C THR EA 58 21.63 -84.31 -17.32
N PRO EA 59 22.05 -83.70 -16.21
CA PRO EA 59 22.84 -84.44 -15.22
C PRO EA 59 22.06 -85.61 -14.65
N GLU EA 60 22.79 -86.69 -14.36
CA GLU EA 60 22.16 -87.93 -13.91
C GLU EA 60 21.47 -87.75 -12.56
N PHE EA 61 22.08 -87.00 -11.65
CA PHE EA 61 21.59 -86.85 -10.29
C PHE EA 61 20.95 -85.48 -10.12
N HIS EA 62 19.79 -85.45 -9.47
CA HIS EA 62 19.02 -84.22 -9.32
C HIS EA 62 18.38 -84.08 -7.94
N THR EA 63 18.95 -84.71 -6.92
CA THR EA 63 18.30 -84.77 -5.62
C THR EA 63 18.58 -83.56 -4.74
N ALA EA 64 19.83 -83.11 -4.67
CA ALA EA 64 20.21 -82.13 -3.65
C ALA EA 64 20.95 -80.90 -4.19
N TRP EA 65 21.56 -80.96 -5.37
CA TRP EA 65 22.41 -79.85 -5.78
C TRP EA 65 21.60 -78.59 -6.08
N HIS EA 66 20.40 -78.73 -6.63
CA HIS EA 66 19.59 -77.55 -6.95
C HIS EA 66 18.90 -76.97 -5.71
N GLU EA 67 18.77 -77.74 -4.63
CA GLU EA 67 18.12 -77.25 -3.43
C GLU EA 67 19.05 -76.36 -2.60
N VAL EA 68 20.35 -76.43 -2.83
CA VAL EA 68 21.33 -75.59 -2.13
C VAL EA 68 21.59 -74.36 -3.00
N PRO EA 69 21.26 -73.15 -2.55
CA PRO EA 69 21.50 -71.98 -3.39
C PRO EA 69 22.96 -71.80 -3.77
N GLU EA 70 23.87 -72.11 -2.85
CA GLU EA 70 25.30 -71.91 -3.12
C GLU EA 70 25.79 -72.89 -4.18
N CYS EA 71 25.42 -74.17 -4.05
CA CYS EA 71 25.86 -75.16 -5.02
C CYS EA 71 25.28 -74.89 -6.40
N ARG EA 72 24.00 -74.54 -6.47
CA ARG EA 72 23.39 -74.24 -7.77
C ARG EA 72 23.99 -73.01 -8.40
N GLU EA 73 24.21 -71.95 -7.60
CA GLU EA 73 24.82 -70.74 -8.13
C GLU EA 73 26.23 -71.01 -8.63
N PHE EA 74 27.01 -71.80 -7.89
CA PHE EA 74 28.35 -72.14 -8.34
C PHE EA 74 28.31 -72.98 -9.61
N ILE EA 75 27.38 -73.92 -9.69
CA ILE EA 75 27.29 -74.75 -10.89
C ILE EA 75 27.01 -73.88 -12.10
N LEU EA 76 26.01 -72.99 -12.00
CA LEU EA 76 25.68 -72.13 -13.12
C LEU EA 76 26.84 -71.22 -13.49
N ASN EA 77 27.45 -70.58 -12.49
CA ASN EA 77 28.53 -69.63 -12.76
C ASN EA 77 29.75 -70.32 -13.35
N PHE EA 78 30.13 -71.48 -12.81
CA PHE EA 78 31.29 -72.18 -13.33
C PHE EA 78 31.04 -72.79 -14.69
N LEU EA 79 29.81 -73.25 -14.96
CA LEU EA 79 29.50 -73.71 -16.31
C LEU EA 79 29.57 -72.55 -17.30
N ARG EA 80 29.07 -71.38 -16.92
CA ARG EA 80 29.22 -70.21 -17.78
C ARG EA 80 30.69 -69.87 -18.02
N LEU EA 81 31.50 -69.96 -16.97
CA LEU EA 81 32.93 -69.66 -17.10
C LEU EA 81 33.63 -70.63 -18.04
N ILE EA 82 33.47 -71.94 -17.78
CA ILE EA 82 34.23 -72.93 -18.53
C ILE EA 82 33.73 -73.04 -19.95
N SER EA 83 32.42 -72.95 -20.18
CA SER EA 83 31.89 -73.08 -21.53
C SER EA 83 31.97 -71.77 -22.30
N GLY EA 84 31.72 -70.64 -21.63
CA GLY EA 84 31.67 -69.36 -22.29
C GLY EA 84 30.34 -68.99 -22.87
N HIS EA 85 29.38 -69.92 -22.91
CA HIS EA 85 28.05 -69.65 -23.41
C HIS EA 85 27.15 -69.18 -22.29
N ARG EA 86 25.94 -68.76 -22.66
CA ARG EA 86 24.92 -68.41 -21.68
C ARG EA 86 24.25 -69.69 -21.18
N VAL EA 87 24.37 -69.95 -19.88
CA VAL EA 87 23.85 -71.17 -19.27
C VAL EA 87 22.67 -70.80 -18.40
N VAL EA 88 21.53 -71.43 -18.65
CA VAL EA 88 20.33 -71.22 -17.84
C VAL EA 88 19.80 -72.57 -17.39
N LEU EA 89 19.47 -72.68 -16.11
CA LEU EA 89 18.94 -73.92 -15.55
C LEU EA 89 17.42 -73.85 -15.55
N LYS EA 90 16.79 -74.73 -16.33
CA LYS EA 90 15.34 -74.87 -16.31
C LYS EA 90 15.00 -76.31 -15.95
N GLY EA 91 14.29 -76.49 -14.84
CA GLY EA 91 13.94 -77.81 -14.37
C GLY EA 91 15.17 -78.67 -14.15
N PRO EA 92 15.20 -79.83 -14.80
CA PRO EA 92 16.38 -80.72 -14.72
C PRO EA 92 17.41 -80.49 -15.81
N THR EA 93 17.34 -79.40 -16.58
CA THR EA 93 18.17 -79.22 -17.76
C THR EA 93 19.01 -77.95 -17.65
N PHE EA 94 20.24 -78.05 -18.13
CA PHE EA 94 21.09 -76.90 -18.40
C PHE EA 94 20.98 -76.56 -19.88
N VAL EA 95 20.61 -75.33 -20.19
CA VAL EA 95 20.51 -74.85 -21.56
C VAL EA 95 21.72 -73.98 -21.83
N PHE EA 96 22.56 -74.42 -22.77
CA PHE EA 96 23.73 -73.67 -23.23
C PHE EA 96 23.36 -73.02 -24.55
N THR EA 97 23.27 -71.68 -24.55
CA THR EA 97 23.00 -70.92 -25.77
C THR EA 97 24.20 -70.04 -26.07
N LYS EA 98 24.69 -70.12 -27.30
CA LYS EA 98 25.85 -69.34 -27.69
C LYS EA 98 25.54 -67.85 -27.62
N GLU EA 99 26.47 -67.09 -27.07
CA GLU EA 99 26.31 -65.65 -26.94
C GLU EA 99 26.99 -64.91 -28.10
N MET FA 1 33.72 -81.49 -23.28
CA MET FA 1 33.50 -80.07 -23.08
C MET FA 1 33.71 -79.29 -24.38
N GLU FA 2 34.98 -79.00 -24.68
CA GLU FA 2 35.29 -78.19 -25.85
C GLU FA 2 34.88 -78.89 -27.14
N ALA FA 3 35.05 -80.21 -27.21
CA ALA FA 3 34.57 -80.94 -28.38
C ALA FA 3 33.06 -80.84 -28.52
N VAL FA 4 32.34 -81.00 -27.41
CA VAL FA 4 30.88 -80.90 -27.45
C VAL FA 4 30.46 -79.48 -27.79
N LEU FA 5 31.17 -78.48 -27.29
CA LEU FA 5 30.83 -77.09 -27.61
C LEU FA 5 31.07 -76.79 -29.09
N THR FA 6 32.19 -77.27 -29.64
CA THR FA 6 32.44 -77.09 -31.06
C THR FA 6 31.40 -77.80 -31.91
N LYS FA 7 31.02 -79.01 -31.50
CA LYS FA 7 29.94 -79.70 -32.20
C LYS FA 7 28.63 -78.94 -32.11
N LEU FA 8 28.36 -78.33 -30.96
CA LEU FA 8 27.16 -77.51 -30.81
C LEU FA 8 27.18 -76.32 -31.75
N ASP FA 9 28.33 -75.64 -31.86
CA ASP FA 9 28.43 -74.48 -32.73
C ASP FA 9 28.24 -74.89 -34.19
N GLN FA 10 28.92 -75.97 -34.61
CA GLN FA 10 28.80 -76.45 -35.98
C GLN FA 10 27.38 -76.89 -36.28
N GLU FA 11 26.75 -77.61 -35.35
CA GLU FA 11 25.38 -78.05 -35.54
C GLU FA 11 24.41 -76.87 -35.55
N GLU FA 12 24.69 -75.82 -34.77
CA GLU FA 12 23.85 -74.64 -34.81
C GLU FA 12 23.94 -73.95 -36.16
N LYS FA 13 25.14 -73.82 -36.71
CA LYS FA 13 25.29 -73.25 -38.04
C LYS FA 13 24.55 -74.09 -39.08
N LYS FA 14 24.75 -75.41 -39.03
CA LYS FA 14 24.11 -76.29 -39.99
C LYS FA 14 22.59 -76.25 -39.87
N ALA FA 15 22.08 -76.24 -38.63
CA ALA FA 15 20.64 -76.26 -38.41
C ALA FA 15 20.00 -74.93 -38.77
N LEU FA 16 20.68 -73.82 -38.51
CA LEU FA 16 20.16 -72.53 -38.96
C LEU FA 16 20.13 -72.45 -40.48
N GLN FA 17 21.19 -72.92 -41.13
CA GLN FA 17 21.19 -72.94 -42.59
C GLN FA 17 20.07 -73.80 -43.14
N ASN FA 18 19.89 -75.00 -42.56
CA ASN FA 18 18.83 -75.90 -43.01
C ASN FA 18 17.45 -75.32 -42.74
N PHE FA 19 17.28 -74.65 -41.60
CA PHE FA 19 15.99 -74.05 -41.26
C PHE FA 19 15.64 -72.93 -42.23
N HIS FA 20 16.61 -72.07 -42.56
CA HIS FA 20 16.34 -71.01 -43.52
C HIS FA 20 16.11 -71.56 -44.92
N ARG FA 21 16.85 -72.61 -45.30
CA ARG FA 21 16.62 -73.25 -46.59
C ARG FA 21 15.23 -73.86 -46.66
N CYS FA 22 14.78 -74.51 -45.60
CA CYS FA 22 13.45 -75.10 -45.57
C CYS FA 22 12.38 -74.02 -45.60
N ALA FA 23 12.60 -72.91 -44.89
CA ALA FA 23 11.65 -71.81 -44.93
C ALA FA 23 11.55 -71.22 -46.34
N TRP FA 24 12.69 -71.06 -47.01
CA TRP FA 24 12.66 -70.57 -48.39
C TRP FA 24 11.95 -71.54 -49.31
N GLU FA 25 12.21 -72.84 -49.15
CA GLU FA 25 11.52 -73.83 -49.97
C GLU FA 25 10.02 -73.80 -49.72
N GLU FA 26 9.63 -73.60 -48.46
CA GLU FA 26 8.21 -73.56 -48.13
C GLU FA 26 7.52 -72.33 -48.72
N THR FA 27 8.14 -71.15 -48.62
CA THR FA 27 7.52 -69.97 -49.20
C THR FA 27 7.50 -70.06 -50.72
N LYS FA 28 8.55 -70.64 -51.32
CA LYS FA 28 8.57 -70.88 -52.75
C LYS FA 28 7.39 -71.76 -53.15
N ASN FA 29 7.19 -72.87 -52.44
CA ASN FA 29 6.09 -73.77 -52.77
C ASN FA 29 4.74 -73.12 -52.55
N ILE FA 30 4.61 -72.34 -51.48
CA ILE FA 30 3.34 -71.67 -51.19
C ILE FA 30 2.97 -70.71 -52.31
N ILE FA 31 3.90 -69.84 -52.68
CA ILE FA 31 3.57 -68.83 -53.68
C ILE FA 31 3.44 -69.47 -55.06
N ASN FA 32 4.24 -70.48 -55.38
CA ASN FA 32 4.09 -71.18 -56.64
C ASN FA 32 2.74 -71.87 -56.74
N ASP FA 33 2.29 -72.50 -55.65
CA ASP FA 33 0.98 -73.13 -55.65
C ASP FA 33 -0.12 -72.11 -55.83
N PHE FA 34 0.00 -70.96 -55.15
CA PHE FA 34 -1.02 -69.92 -55.30
C PHE FA 34 -1.07 -69.38 -56.72
N LEU FA 35 0.11 -69.16 -57.33
CA LEU FA 35 0.15 -68.54 -58.65
C LEU FA 35 -0.25 -69.51 -59.75
N GLU FA 36 0.17 -70.78 -59.66
CA GLU FA 36 0.01 -71.72 -60.76
C GLU FA 36 -1.23 -72.61 -60.61
N ILE FA 37 -1.30 -73.37 -59.53
CA ILE FA 37 -2.38 -74.35 -59.37
C ILE FA 37 -2.97 -74.23 -57.97
N PRO FA 38 -3.78 -73.21 -57.68
CA PRO FA 38 -4.36 -73.09 -56.34
C PRO FA 38 -5.71 -73.78 -56.20
N GLU FA 39 -6.34 -74.10 -57.34
CA GLU FA 39 -7.73 -74.53 -57.31
C GLU FA 39 -7.92 -75.82 -56.53
N GLU FA 40 -6.94 -76.72 -56.55
CA GLU FA 40 -7.03 -77.98 -55.83
C GLU FA 40 -6.55 -77.87 -54.39
N ARG FA 41 -6.17 -76.68 -53.95
CA ARG FA 41 -5.64 -76.48 -52.61
C ARG FA 41 -6.47 -75.57 -51.73
N CYS FA 42 -7.27 -74.68 -52.31
CA CYS FA 42 -8.04 -73.69 -51.56
C CYS FA 42 -9.52 -74.01 -51.62
N THR FA 43 -10.23 -73.63 -50.56
CA THR FA 43 -11.68 -73.77 -50.45
C THR FA 43 -12.31 -72.40 -50.23
N TYR FA 44 -13.64 -72.38 -50.13
CA TYR FA 44 -14.38 -71.15 -49.90
C TYR FA 44 -15.27 -71.33 -48.67
N LYS FA 45 -15.22 -70.37 -47.75
CA LYS FA 45 -16.01 -70.44 -46.54
C LYS FA 45 -16.75 -69.11 -46.34
N PHE FA 46 -18.04 -69.18 -46.08
CA PHE FA 46 -18.86 -68.00 -45.90
C PHE FA 46 -18.88 -67.61 -44.43
N ASN FA 47 -18.22 -66.51 -44.09
CA ASN FA 47 -18.30 -65.94 -42.75
C ASN FA 47 -19.57 -65.11 -42.65
N SER FA 48 -20.55 -65.63 -41.91
CA SER FA 48 -21.84 -64.94 -41.80
C SER FA 48 -21.76 -63.71 -40.91
N TYR FA 49 -20.86 -63.71 -39.94
CA TYR FA 49 -20.70 -62.53 -39.09
C TYR FA 49 -20.25 -61.33 -39.91
N THR FA 50 -19.31 -61.53 -40.83
CA THR FA 50 -18.93 -60.51 -41.80
C THR FA 50 -19.70 -60.66 -43.10
N LYS FA 51 -20.63 -61.62 -43.17
CA LYS FA 51 -21.51 -61.86 -44.32
C LYS FA 51 -20.77 -61.77 -45.65
N LYS FA 52 -19.63 -62.44 -45.71
CA LYS FA 52 -18.83 -62.46 -46.93
C LYS FA 52 -18.12 -63.79 -47.07
N MET FA 53 -17.87 -64.19 -48.32
CA MET FA 53 -17.11 -65.40 -48.60
C MET FA 53 -15.62 -65.09 -48.56
N GLU FA 54 -14.87 -65.96 -47.91
CA GLU FA 54 -13.42 -65.85 -47.82
C GLU FA 54 -12.78 -67.08 -48.41
N LEU FA 55 -11.66 -66.87 -49.09
CA LEU FA 55 -10.89 -67.95 -49.68
C LEU FA 55 -9.93 -68.50 -48.64
N LEU FA 56 -10.11 -69.78 -48.30
CA LEU FA 56 -9.24 -70.46 -47.35
C LEU FA 56 -8.16 -71.19 -48.13
N PHE FA 57 -6.94 -70.68 -48.08
CA PHE FA 57 -5.79 -71.29 -48.74
C PHE FA 57 -4.99 -72.06 -47.71
N THR FA 58 -4.79 -73.35 -47.96
CA THR FA 58 -4.13 -74.25 -47.00
C THR FA 58 -2.85 -74.77 -47.64
N PRO FA 59 -1.73 -74.10 -47.44
CA PRO FA 59 -0.47 -74.58 -48.02
C PRO FA 59 -0.10 -75.95 -47.46
N GLU FA 60 0.55 -76.76 -48.31
CA GLU FA 60 0.86 -78.13 -47.95
C GLU FA 60 1.87 -78.21 -46.81
N PHE FA 61 2.80 -77.27 -46.74
CA PHE FA 61 3.89 -77.32 -45.78
C PHE FA 61 3.77 -76.16 -44.79
N HIS FA 62 4.04 -76.47 -43.51
CA HIS FA 62 3.90 -75.48 -42.44
C HIS FA 62 5.05 -75.54 -41.44
N THR FA 63 6.16 -76.20 -41.78
CA THR FA 63 7.19 -76.47 -40.80
C THR FA 63 7.99 -75.22 -40.43
N ALA FA 64 8.36 -74.40 -41.41
CA ALA FA 64 9.35 -73.34 -41.17
C ALA FA 64 8.97 -71.97 -41.71
N TRP FA 65 8.05 -71.86 -42.67
CA TRP FA 65 7.84 -70.57 -43.31
C TRP FA 65 7.20 -69.55 -42.36
N HIS FA 66 6.36 -70.00 -41.44
CA HIS FA 66 5.74 -69.06 -40.50
C HIS FA 66 6.62 -68.74 -39.30
N GLU FA 67 7.68 -69.52 -39.06
CA GLU FA 67 8.58 -69.26 -37.94
C GLU FA 67 9.58 -68.17 -38.27
N VAL FA 68 9.78 -67.84 -39.53
CA VAL FA 68 10.69 -66.79 -39.97
C VAL FA 68 9.86 -65.53 -40.18
N PRO FA 69 10.07 -64.46 -39.40
CA PRO FA 69 9.25 -63.25 -39.59
C PRO FA 69 9.37 -62.66 -40.99
N GLU FA 70 10.55 -62.71 -41.58
CA GLU FA 70 10.74 -62.14 -42.91
C GLU FA 70 9.98 -62.93 -43.96
N CYS FA 71 10.07 -64.27 -43.93
CA CYS FA 71 9.37 -65.09 -44.90
C CYS FA 71 7.86 -64.94 -44.76
N ARG FA 72 7.36 -64.95 -43.53
CA ARG FA 72 5.92 -64.81 -43.33
C ARG FA 72 5.42 -63.44 -43.77
N GLU FA 73 6.17 -62.38 -43.43
CA GLU FA 73 5.79 -61.04 -43.86
C GLU FA 73 5.78 -60.93 -45.37
N PHE FA 74 6.80 -61.48 -46.03
CA PHE FA 74 6.82 -61.44 -47.48
C PHE FA 74 5.68 -62.24 -48.08
N ILE FA 75 5.37 -63.40 -47.51
CA ILE FA 75 4.27 -64.20 -48.04
C ILE FA 75 2.97 -63.42 -47.97
N LEU FA 76 2.69 -62.83 -46.80
CA LEU FA 76 1.45 -62.07 -46.65
C LEU FA 76 1.42 -60.88 -47.60
N ASN FA 77 2.51 -60.12 -47.65
CA ASN FA 77 2.53 -58.91 -48.48
C ASN FA 77 2.42 -59.25 -49.96
N PHE FA 78 3.12 -60.29 -50.41
CA PHE FA 78 3.08 -60.63 -51.82
C PHE FA 78 1.75 -61.27 -52.20
N LEU FA 79 1.13 -62.03 -51.31
CA LEU FA 79 -0.21 -62.53 -51.59
C LEU FA 79 -1.21 -61.38 -51.70
N ARG FA 80 -1.08 -60.37 -50.83
CA ARG FA 80 -1.91 -59.19 -50.96
C ARG FA 80 -1.66 -58.47 -52.28
N LEU FA 81 -0.40 -58.38 -52.69
CA LEU FA 81 -0.07 -57.66 -53.93
C LEU FA 81 -0.62 -58.39 -55.15
N ILE FA 82 -0.33 -59.69 -55.27
CA ILE FA 82 -0.71 -60.41 -56.48
C ILE FA 82 -2.21 -60.71 -56.50
N SER FA 83 -2.84 -60.86 -55.34
CA SER FA 83 -4.27 -61.14 -55.31
C SER FA 83 -5.10 -59.87 -55.29
N GLY FA 84 -4.65 -58.84 -54.59
CA GLY FA 84 -5.42 -57.63 -54.42
C GLY FA 84 -6.41 -57.67 -53.29
N HIS FA 85 -6.68 -58.83 -52.72
CA HIS FA 85 -7.61 -58.97 -51.61
C HIS FA 85 -6.90 -58.71 -50.29
N ARG FA 86 -7.67 -58.78 -49.21
CA ARG FA 86 -7.12 -58.69 -47.87
C ARG FA 86 -6.73 -60.09 -47.40
N VAL FA 87 -5.45 -60.32 -47.18
CA VAL FA 87 -4.92 -61.62 -46.81
C VAL FA 87 -4.57 -61.57 -45.33
N VAL FA 88 -5.17 -62.47 -44.55
CA VAL FA 88 -4.84 -62.59 -43.13
C VAL FA 88 -4.49 -64.04 -42.83
N LEU FA 89 -3.35 -64.25 -42.18
CA LEU FA 89 -2.89 -65.59 -41.85
C LEU FA 89 -3.40 -65.95 -40.46
N LYS FA 90 -4.27 -66.96 -40.39
CA LYS FA 90 -4.75 -67.50 -39.12
C LYS FA 90 -4.37 -68.96 -39.06
N GLY FA 91 -3.55 -69.33 -38.08
CA GLY FA 91 -3.09 -70.68 -37.93
C GLY FA 91 -2.39 -71.17 -39.18
N PRO FA 92 -2.88 -72.28 -39.74
CA PRO FA 92 -2.33 -72.80 -40.99
C PRO FA 92 -3.01 -72.31 -42.26
N THR FA 93 -3.88 -71.31 -42.18
CA THR FA 93 -4.71 -70.91 -43.30
C THR FA 93 -4.47 -69.45 -43.67
N PHE FA 94 -4.56 -69.16 -44.97
CA PHE FA 94 -4.63 -67.81 -45.48
C PHE FA 94 -6.08 -67.50 -45.80
N VAL FA 95 -6.59 -66.40 -45.26
CA VAL FA 95 -7.95 -65.96 -45.51
C VAL FA 95 -7.89 -64.78 -46.46
N PHE FA 96 -8.43 -64.98 -47.65
CA PHE FA 96 -8.55 -63.93 -48.66
C PHE FA 96 -9.97 -63.37 -48.58
N THR FA 97 -10.11 -62.15 -48.10
CA THR FA 97 -11.40 -61.47 -48.03
C THR FA 97 -11.37 -60.29 -49.00
N LYS FA 98 -12.35 -60.25 -49.90
CA LYS FA 98 -12.41 -59.17 -50.89
C LYS FA 98 -12.57 -57.83 -50.21
N GLU FA 99 -11.80 -56.84 -50.66
CA GLU FA 99 -11.87 -55.51 -50.10
C GLU FA 99 -12.78 -54.61 -50.94
N MET GA 1 -4.30 -68.24 -60.47
CA MET GA 1 -4.82 -67.54 -59.29
C MET GA 1 -6.02 -66.68 -59.66
N GLU GA 2 -5.91 -65.94 -60.76
CA GLU GA 2 -6.97 -65.03 -61.17
C GLU GA 2 -8.26 -65.78 -61.45
N ALA GA 3 -8.17 -67.00 -61.98
CA ALA GA 3 -9.36 -67.83 -62.12
C ALA GA 3 -9.97 -68.16 -60.77
N VAL GA 4 -9.12 -68.51 -59.79
CA VAL GA 4 -9.63 -68.83 -58.46
C VAL GA 4 -10.20 -67.59 -57.79
N LEU GA 5 -9.59 -66.43 -58.00
CA LEU GA 5 -10.12 -65.20 -57.41
C LEU GA 5 -11.44 -64.81 -58.05
N THR GA 6 -11.56 -64.98 -59.36
CA THR GA 6 -12.84 -64.71 -60.03
C THR GA 6 -13.92 -65.68 -59.53
N LYS GA 7 -13.55 -66.95 -59.35
CA LYS GA 7 -14.49 -67.91 -58.78
C LYS GA 7 -14.88 -67.51 -57.36
N LEU GA 8 -13.93 -67.01 -56.58
CA LEU GA 8 -14.25 -66.55 -55.23
C LEU GA 8 -15.21 -65.38 -55.25
N ASP GA 9 -15.01 -64.43 -56.16
CA ASP GA 9 -15.90 -63.27 -56.25
C ASP GA 9 -17.30 -63.73 -56.65
N GLN GA 10 -17.38 -64.59 -57.67
CA GLN GA 10 -18.68 -65.08 -58.12
C GLN GA 10 -19.38 -65.88 -57.03
N GLU GA 11 -18.63 -66.72 -56.31
CA GLU GA 11 -19.21 -67.51 -55.23
C GLU GA 11 -19.63 -66.63 -54.07
N GLU GA 12 -18.88 -65.57 -53.79
CA GLU GA 12 -19.29 -64.64 -52.74
C GLU GA 12 -20.60 -63.95 -53.11
N LYS GA 13 -20.72 -63.49 -54.35
CA LYS GA 13 -21.97 -62.86 -54.78
C LYS GA 13 -23.13 -63.84 -54.70
N LYS GA 14 -22.94 -65.05 -55.23
CA LYS GA 14 -24.00 -66.06 -55.23
C LYS GA 14 -24.39 -66.45 -53.82
N ALA GA 15 -23.40 -66.63 -52.94
CA ALA GA 15 -23.68 -67.06 -51.57
C ALA GA 15 -24.34 -65.95 -50.76
N LEU GA 16 -23.93 -64.69 -50.99
CA LEU GA 16 -24.61 -63.59 -50.32
C LEU GA 16 -26.06 -63.48 -50.77
N GLN GA 17 -26.30 -63.62 -52.08
CA GLN GA 17 -27.66 -63.59 -52.59
C GLN GA 17 -28.49 -64.72 -52.01
N ASN GA 18 -27.93 -65.93 -51.97
CA ASN GA 18 -28.65 -67.07 -51.43
C ASN GA 18 -28.88 -66.93 -49.93
N PHE GA 19 -27.91 -66.37 -49.22
CA PHE GA 19 -28.06 -66.17 -47.78
C PHE GA 19 -29.18 -65.16 -47.48
N HIS GA 20 -29.24 -64.07 -48.23
CA HIS GA 20 -30.31 -63.10 -48.02
C HIS GA 20 -31.65 -63.68 -48.44
N ARG GA 21 -31.69 -64.47 -49.52
CA ARG GA 21 -32.93 -65.12 -49.92
C ARG GA 21 -33.42 -66.09 -48.85
N CYS GA 22 -32.50 -66.87 -48.27
CA CYS GA 22 -32.87 -67.80 -47.21
C CYS GA 22 -33.32 -67.05 -45.97
N ALA GA 23 -32.67 -65.94 -45.63
CA ALA GA 23 -33.11 -65.14 -44.50
C ALA GA 23 -34.51 -64.58 -44.72
N TRP GA 24 -34.80 -64.10 -45.93
CA TRP GA 24 -36.14 -63.61 -46.21
C TRP GA 24 -37.16 -64.73 -46.14
N GLU GA 25 -36.83 -65.91 -46.68
CA GLU GA 25 -37.76 -67.03 -46.59
C GLU GA 25 -38.00 -67.43 -45.14
N GLU GA 26 -36.95 -67.37 -44.32
CA GLU GA 26 -37.08 -67.74 -42.91
C GLU GA 26 -37.96 -66.74 -42.16
N THR GA 27 -37.76 -65.44 -42.38
CA THR GA 27 -38.60 -64.48 -41.68
C THR GA 27 -40.04 -64.53 -42.19
N LYS GA 28 -40.22 -64.78 -43.49
CA LYS GA 28 -41.56 -65.00 -44.02
C LYS GA 28 -42.23 -66.16 -43.32
N ASN GA 29 -41.54 -67.30 -43.20
CA ASN GA 29 -42.13 -68.46 -42.54
C ASN GA 29 -42.40 -68.18 -41.07
N ILE GA 30 -41.49 -67.49 -40.39
CA ILE GA 30 -41.67 -67.21 -38.96
C ILE GA 30 -42.92 -66.36 -38.74
N ILE GA 31 -43.03 -65.25 -39.47
CA ILE GA 31 -44.15 -64.36 -39.24
C ILE GA 31 -45.45 -64.97 -39.74
N ASN GA 32 -45.41 -65.73 -40.84
CA ASN GA 32 -46.62 -66.41 -41.29
C ASN GA 32 -47.08 -67.45 -40.29
N ASP GA 33 -46.15 -68.20 -39.70
CA ASP GA 33 -46.52 -69.16 -38.66
C ASP GA 33 -47.11 -68.47 -37.46
N PHE GA 34 -46.54 -67.34 -37.04
CA PHE GA 34 -47.10 -66.62 -35.90
C PHE GA 34 -48.49 -66.08 -36.20
N LEU GA 35 -48.70 -65.53 -37.40
CA LEU GA 35 -49.98 -64.90 -37.71
C LEU GA 35 -51.08 -65.92 -37.96
N GLU GA 36 -50.78 -67.01 -38.68
CA GLU GA 36 -51.83 -67.94 -39.10
C GLU GA 36 -51.99 -69.10 -38.13
N ILE GA 37 -50.94 -69.90 -37.94
CA ILE GA 37 -51.07 -71.13 -37.17
C ILE GA 37 -49.96 -71.26 -36.12
N PRO GA 38 -49.95 -70.43 -35.08
CA PRO GA 38 -48.92 -70.56 -34.04
C PRO GA 38 -49.24 -71.58 -32.97
N GLU GA 39 -50.50 -72.03 -32.88
CA GLU GA 39 -50.92 -72.83 -31.73
C GLU GA 39 -50.17 -74.16 -31.65
N GLU GA 40 -49.77 -74.72 -32.78
CA GLU GA 40 -49.03 -75.98 -32.81
C GLU GA 40 -47.53 -75.79 -32.73
N ARG GA 41 -47.06 -74.56 -32.56
CA ARG GA 41 -45.64 -74.26 -32.54
C ARG GA 41 -45.14 -73.64 -31.24
N CYS GA 42 -46.00 -72.95 -30.51
CA CYS GA 42 -45.60 -72.23 -29.30
C CYS GA 42 -46.11 -72.94 -28.06
N THR GA 43 -45.36 -72.80 -26.97
CA THR GA 43 -45.71 -73.32 -25.66
C THR GA 43 -45.78 -72.17 -24.66
N TYR GA 44 -46.07 -72.50 -23.40
CA TYR GA 44 -46.17 -71.51 -22.33
C TYR GA 44 -45.29 -71.96 -21.18
N LYS GA 45 -44.45 -71.05 -20.68
CA LYS GA 45 -43.54 -71.37 -19.59
C LYS GA 45 -43.67 -70.33 -18.50
N PHE GA 46 -43.88 -70.77 -17.26
CA PHE GA 46 -44.06 -69.87 -16.12
C PHE GA 46 -42.69 -69.48 -15.57
N ASN GA 47 -42.27 -68.24 -15.83
CA ASN GA 47 -41.12 -67.67 -15.16
C ASN GA 47 -41.57 -67.22 -13.77
N SER GA 48 -41.17 -67.98 -12.75
CA SER GA 48 -41.60 -67.69 -11.38
C SER GA 48 -40.86 -66.49 -10.79
N TYR GA 49 -39.65 -66.22 -11.26
CA TYR GA 49 -38.93 -65.04 -10.78
C TYR GA 49 -39.67 -63.76 -11.15
N THR GA 50 -40.22 -63.70 -12.36
CA THR GA 50 -41.11 -62.62 -12.77
C THR GA 50 -42.58 -62.97 -12.55
N LYS GA 51 -42.85 -64.14 -11.95
CA LYS GA 51 -44.20 -64.59 -11.59
C LYS GA 51 -45.21 -64.35 -12.71
N LYS GA 52 -44.86 -64.80 -13.92
CA LYS GA 52 -45.77 -64.68 -15.05
C LYS GA 52 -45.40 -65.74 -16.08
N MET GA 53 -46.36 -66.14 -16.90
CA MET GA 53 -46.03 -67.04 -18.00
C MET GA 53 -45.63 -66.25 -19.23
N GLU GA 54 -44.65 -66.77 -19.94
CA GLU GA 54 -44.20 -66.22 -21.20
C GLU GA 54 -44.50 -67.24 -22.30
N LEU GA 55 -44.92 -66.72 -23.44
CA LEU GA 55 -45.15 -67.53 -24.63
C LEU GA 55 -43.81 -67.82 -25.29
N LEU GA 56 -43.44 -69.10 -25.34
CA LEU GA 56 -42.22 -69.55 -25.99
C LEU GA 56 -42.57 -69.94 -27.42
N PHE GA 57 -42.18 -69.11 -28.37
CA PHE GA 57 -42.39 -69.37 -29.79
C PHE GA 57 -41.10 -69.92 -30.37
N THR GA 58 -41.18 -71.10 -30.98
CA THR GA 58 -40.01 -71.81 -31.51
C THR GA 58 -40.14 -71.94 -33.02
N PRO GA 59 -39.65 -70.97 -33.78
CA PRO GA 59 -39.72 -71.08 -35.24
C PRO GA 59 -38.95 -72.29 -35.75
N GLU GA 60 -39.47 -72.88 -36.82
CA GLU GA 60 -38.91 -74.12 -37.33
C GLU GA 60 -37.50 -73.93 -37.88
N PHE GA 61 -37.22 -72.77 -38.47
CA PHE GA 61 -35.95 -72.52 -39.15
C PHE GA 61 -35.14 -71.49 -38.41
N HIS GA 62 -33.83 -71.72 -38.33
CA HIS GA 62 -32.92 -70.84 -37.60
C HIS GA 62 -31.60 -70.62 -38.35
N THR GA 63 -31.54 -70.91 -39.64
CA THR GA 63 -30.27 -70.91 -40.34
C THR GA 63 -29.75 -69.50 -40.60
N ALA GA 64 -30.62 -68.58 -41.03
CA ALA GA 64 -30.15 -67.30 -41.55
C ALA GA 64 -30.88 -66.08 -41.02
N TRP GA 65 -32.10 -66.20 -40.49
CA TRP GA 65 -32.87 -65.01 -40.17
C TRP GA 65 -32.26 -64.22 -39.02
N HIS GA 66 -31.66 -64.90 -38.05
CA HIS GA 66 -31.06 -64.20 -36.91
C HIS GA 66 -29.68 -63.65 -37.23
N GLU GA 67 -29.03 -64.12 -38.28
CA GLU GA 67 -27.70 -63.62 -38.64
C GLU GA 67 -27.75 -62.30 -39.39
N VAL GA 68 -28.91 -61.92 -39.89
CA VAL GA 68 -29.10 -60.64 -40.58
C VAL GA 68 -29.66 -59.64 -39.58
N PRO GA 69 -28.95 -58.58 -39.23
CA PRO GA 69 -29.48 -57.64 -38.23
C PRO GA 69 -30.79 -57.03 -38.64
N GLU GA 70 -30.98 -56.73 -39.92
CA GLU GA 70 -32.21 -56.09 -40.38
C GLU GA 70 -33.39 -57.03 -40.26
N CYS GA 71 -33.23 -58.29 -40.69
CA CYS GA 71 -34.32 -59.25 -40.60
C CYS GA 71 -34.69 -59.54 -39.16
N ARG GA 72 -33.69 -59.72 -38.29
CA ARG GA 72 -33.97 -59.98 -36.88
C ARG GA 72 -34.66 -58.79 -36.22
N GLU GA 73 -34.17 -57.58 -36.49
CA GLU GA 73 -34.78 -56.39 -35.92
C GLU GA 73 -36.22 -56.25 -36.38
N PHE GA 74 -36.48 -56.49 -37.67
CA PHE GA 74 -37.85 -56.42 -38.17
C PHE GA 74 -38.72 -57.49 -37.55
N ILE GA 75 -38.19 -58.70 -37.39
CA ILE GA 75 -38.99 -59.77 -36.79
C ILE GA 75 -39.40 -59.38 -35.38
N LEU GA 76 -38.45 -58.91 -34.58
CA LEU GA 76 -38.76 -58.52 -33.21
C LEU GA 76 -39.76 -57.37 -33.18
N ASN GA 77 -39.52 -56.34 -33.99
CA ASN GA 77 -40.38 -55.17 -33.97
C ASN GA 77 -41.79 -55.50 -34.45
N PHE GA 78 -41.91 -56.31 -35.49
CA PHE GA 78 -43.23 -56.65 -36.01
C PHE GA 78 -43.97 -57.61 -35.10
N LEU GA 79 -43.26 -58.53 -34.44
CA LEU GA 79 -43.92 -59.38 -33.46
C LEU GA 79 -44.43 -58.55 -32.29
N ARG GA 80 -43.64 -57.56 -31.85
CA ARG GA 80 -44.12 -56.65 -30.81
C ARG GA 80 -45.34 -55.87 -31.29
N LEU GA 81 -45.33 -55.42 -32.55
CA LEU GA 81 -46.44 -54.63 -33.07
C LEU GA 81 -47.72 -55.45 -33.15
N ILE GA 82 -47.65 -56.64 -33.78
CA ILE GA 82 -48.86 -57.40 -34.03
C ILE GA 82 -49.34 -58.11 -32.77
N SER GA 83 -48.43 -58.47 -31.86
CA SER GA 83 -48.84 -59.13 -30.64
C SER GA 83 -49.19 -58.15 -29.52
N GLY GA 84 -48.48 -57.02 -29.45
CA GLY GA 84 -48.66 -56.07 -28.39
C GLY GA 84 -47.91 -56.39 -27.11
N HIS GA 85 -47.35 -57.60 -27.00
CA HIS GA 85 -46.60 -58.00 -25.83
C HIS GA 85 -45.14 -57.57 -25.96
N ARG GA 86 -44.37 -57.87 -24.93
CA ARG GA 86 -42.93 -57.65 -24.97
C ARG GA 86 -42.25 -58.89 -25.53
N VAL GA 87 -41.63 -58.74 -26.69
CA VAL GA 87 -41.01 -59.86 -27.40
C VAL GA 87 -39.50 -59.73 -27.23
N VAL GA 88 -38.87 -60.78 -26.69
CA VAL GA 88 -37.42 -60.82 -26.56
C VAL GA 88 -36.92 -62.12 -27.18
N LEU GA 89 -35.91 -62.02 -28.03
CA LEU GA 89 -35.34 -63.18 -28.69
C LEU GA 89 -34.19 -63.71 -27.85
N LYS GA 90 -34.35 -64.92 -27.32
CA LYS GA 90 -33.30 -65.59 -26.57
C LYS GA 90 -33.01 -66.92 -27.24
N GLY GA 91 -31.80 -67.07 -27.76
CA GLY GA 91 -31.42 -68.26 -28.48
C GLY GA 91 -32.33 -68.52 -29.66
N PRO GA 92 -32.92 -69.72 -29.70
CA PRO GA 92 -33.90 -70.06 -30.74
C PRO GA 92 -35.34 -69.74 -30.39
N THR GA 93 -35.61 -68.98 -29.33
CA THR GA 93 -36.95 -68.79 -28.81
C THR GA 93 -37.34 -67.32 -28.83
N PHE GA 94 -38.61 -67.06 -29.11
CA PHE GA 94 -39.22 -65.76 -28.89
C PHE GA 94 -40.01 -65.84 -27.60
N VAL GA 95 -39.71 -64.95 -26.66
CA VAL GA 95 -40.38 -64.89 -25.37
C VAL GA 95 -41.36 -63.73 -25.43
N PHE GA 96 -42.65 -64.05 -25.35
CA PHE GA 96 -43.72 -63.06 -25.31
C PHE GA 96 -44.15 -62.92 -23.86
N THR GA 97 -43.83 -61.79 -23.25
CA THR GA 97 -44.23 -61.48 -21.88
C THR GA 97 -45.24 -60.34 -21.91
N LYS GA 98 -46.41 -60.57 -21.32
CA LYS GA 98 -47.45 -59.55 -21.32
C LYS GA 98 -46.98 -58.30 -20.60
N GLU GA 99 -47.25 -57.14 -21.19
CA GLU GA 99 -46.86 -55.87 -20.60
C GLU GA 99 -48.01 -55.27 -19.80
N MET HA 1 -53.17 -65.89 -34.24
CA MET HA 1 -52.31 -65.35 -33.20
C MET HA 1 -53.13 -64.85 -32.01
N GLU HA 2 -54.20 -64.11 -32.30
CA GLU HA 2 -55.01 -63.52 -31.23
C GLU HA 2 -55.60 -64.59 -30.34
N ALA HA 3 -55.98 -65.75 -30.90
CA ALA HA 3 -56.43 -66.85 -30.07
C ALA HA 3 -55.31 -67.33 -29.15
N VAL HA 4 -54.09 -67.43 -29.67
CA VAL HA 4 -52.97 -67.88 -28.86
C VAL HA 4 -52.66 -66.86 -27.76
N LEU HA 5 -52.72 -65.57 -28.08
CA LEU HA 5 -52.46 -64.55 -27.06
C LEU HA 5 -53.55 -64.51 -26.00
N THR HA 6 -54.81 -64.68 -26.40
CA THR HA 6 -55.89 -64.75 -25.43
C THR HA 6 -55.73 -65.97 -24.53
N LYS HA 7 -55.36 -67.11 -25.11
CA LYS HA 7 -55.07 -68.29 -24.30
C LYS HA 7 -53.90 -68.03 -23.36
N LEU HA 8 -52.88 -67.33 -23.82
CA LEU HA 8 -51.74 -67.01 -22.96
C LEU HA 8 -52.19 -66.16 -21.78
N ASP HA 9 -53.01 -65.14 -22.03
CA ASP HA 9 -53.47 -64.28 -20.93
C ASP HA 9 -54.34 -65.06 -19.94
N GLN HA 10 -55.30 -65.83 -20.45
CA GLN HA 10 -56.17 -66.59 -19.56
C GLN HA 10 -55.38 -67.61 -18.75
N GLU HA 11 -54.48 -68.34 -19.41
CA GLU HA 11 -53.67 -69.32 -18.71
C GLU HA 11 -52.68 -68.67 -17.77
N GLU HA 12 -52.24 -67.45 -18.06
CA GLU HA 12 -51.35 -66.75 -17.13
C GLU HA 12 -52.10 -66.34 -15.87
N LYS HA 13 -53.33 -65.85 -16.02
CA LYS HA 13 -54.16 -65.59 -14.85
C LYS HA 13 -54.36 -66.86 -14.04
N LYS HA 14 -54.70 -67.96 -14.73
CA LYS HA 14 -54.93 -69.22 -14.03
C LYS HA 14 -53.68 -69.72 -13.34
N ALA HA 15 -52.53 -69.62 -13.99
CA ALA HA 15 -51.29 -70.14 -13.44
C ALA HA 15 -50.79 -69.28 -12.28
N LEU HA 16 -50.96 -67.96 -12.38
CA LEU HA 16 -50.61 -67.11 -11.24
C LEU HA 16 -51.52 -67.40 -10.05
N GLN HA 17 -52.81 -67.57 -10.29
CA GLN HA 17 -53.73 -67.92 -9.21
C GLN HA 17 -53.35 -69.25 -8.58
N ASN HA 18 -53.04 -70.25 -9.40
CA ASN HA 18 -52.66 -71.56 -8.89
C ASN HA 18 -51.34 -71.50 -8.14
N PHE HA 19 -50.38 -70.72 -8.63
CA PHE HA 19 -49.10 -70.58 -7.96
C PHE HA 19 -49.25 -69.93 -6.60
N HIS HA 20 -50.05 -68.87 -6.50
CA HIS HA 20 -50.26 -68.23 -5.21
C HIS HA 20 -51.05 -69.15 -4.27
N ARG HA 21 -52.02 -69.89 -4.79
CA ARG HA 21 -52.74 -70.85 -3.96
C ARG HA 21 -51.82 -71.93 -3.43
N CYS HA 22 -50.92 -72.43 -4.27
CA CYS HA 22 -49.97 -73.45 -3.83
C CYS HA 22 -49.00 -72.88 -2.80
N ALA HA 23 -48.55 -71.63 -2.99
CA ALA HA 23 -47.68 -71.01 -2.01
C ALA HA 23 -48.38 -70.85 -0.67
N TRP HA 24 -49.65 -70.45 -0.69
CA TRP HA 24 -50.40 -70.32 0.56
C TRP HA 24 -50.58 -71.67 1.22
N GLU HA 25 -50.89 -72.71 0.44
CA GLU HA 25 -51.02 -74.05 1.02
C GLU HA 25 -49.70 -74.50 1.62
N GLU HA 26 -48.59 -74.17 0.96
CA GLU HA 26 -47.28 -74.59 1.46
C GLU HA 26 -46.93 -73.88 2.76
N THR HA 27 -47.18 -72.57 2.85
CA THR HA 27 -46.87 -71.89 4.11
C THR HA 27 -47.82 -72.32 5.22
N LYS HA 28 -49.09 -72.58 4.88
CA LYS HA 28 -50.00 -73.16 5.85
C LYS HA 28 -49.45 -74.46 6.40
N ASN HA 29 -49.03 -75.37 5.52
CA ASN HA 29 -48.55 -76.66 5.97
C ASN HA 29 -47.25 -76.53 6.76
N ILE HA 30 -46.37 -75.61 6.35
CA ILE HA 30 -45.10 -75.40 7.07
C ILE HA 30 -45.37 -74.95 8.50
N ILE HA 31 -46.19 -73.91 8.65
CA ILE HA 31 -46.40 -73.37 10.00
C ILE HA 31 -47.25 -74.32 10.83
N ASN HA 32 -48.21 -75.01 10.21
CA ASN HA 32 -48.99 -76.00 10.96
C ASN HA 32 -48.12 -77.15 11.44
N ASP HA 33 -47.20 -77.63 10.60
CA ASP HA 33 -46.29 -78.68 11.02
C ASP HA 33 -45.39 -78.20 12.15
N PHE HA 34 -44.89 -76.97 12.05
CA PHE HA 34 -44.03 -76.46 13.12
C PHE HA 34 -44.79 -76.28 14.42
N LEU HA 35 -46.02 -75.79 14.37
CA LEU HA 35 -46.77 -75.52 15.60
C LEU HA 35 -47.32 -76.80 16.23
N GLU HA 36 -47.79 -77.74 15.42
CA GLU HA 36 -48.49 -78.91 15.96
C GLU HA 36 -47.57 -80.11 16.16
N ILE HA 37 -46.98 -80.61 15.07
CA ILE HA 37 -46.19 -81.83 15.15
C ILE HA 37 -44.86 -81.64 14.40
N PRO HA 38 -43.89 -80.96 15.00
CA PRO HA 38 -42.58 -80.81 14.35
C PRO HA 38 -41.56 -81.87 14.72
N GLU HA 39 -41.80 -82.65 15.77
CA GLU HA 39 -40.76 -83.54 16.30
C GLU HA 39 -40.34 -84.60 15.29
N GLU HA 40 -41.25 -85.03 14.43
CA GLU HA 40 -40.95 -86.06 13.45
C GLU HA 40 -40.40 -85.50 12.15
N ARG HA 41 -40.17 -84.18 12.09
CA ARG HA 41 -39.74 -83.52 10.87
C ARG HA 41 -38.43 -82.77 11.02
N CYS HA 42 -38.09 -82.30 12.22
CA CYS HA 42 -36.89 -81.50 12.44
C CYS HA 42 -35.82 -82.33 13.14
N THR HA 43 -34.57 -82.01 12.85
CA THR HA 43 -33.41 -82.64 13.45
C THR HA 43 -32.55 -81.59 14.16
N TYR HA 44 -31.48 -82.03 14.80
CA TYR HA 44 -30.55 -81.15 15.50
C TYR HA 44 -29.16 -81.36 14.94
N LYS HA 45 -28.49 -80.26 14.59
CA LYS HA 45 -27.13 -80.32 14.06
C LYS HA 45 -26.24 -79.35 14.81
N PHE HA 46 -25.12 -79.84 15.33
CA PHE HA 46 -24.24 -79.03 16.18
C PHE HA 46 -23.20 -78.35 15.29
N ASN HA 47 -23.38 -77.07 15.04
CA ASN HA 47 -22.37 -76.25 14.38
C ASN HA 47 -21.25 -75.97 15.36
N SER HA 48 -20.10 -76.60 15.15
CA SER HA 48 -18.97 -76.44 16.06
C SER HA 48 -18.27 -75.10 15.89
N TYR HA 49 -18.32 -74.53 14.69
CA TYR HA 49 -17.71 -73.22 14.47
C TYR HA 49 -18.37 -72.15 15.33
N THR HA 50 -19.69 -72.20 15.45
CA THR HA 50 -20.43 -71.34 16.36
C THR HA 50 -20.66 -71.99 17.71
N LYS HA 51 -20.05 -73.16 17.95
CA LYS HA 51 -20.14 -73.94 19.19
C LYS HA 51 -21.55 -74.00 19.75
N LYS HA 52 -22.53 -74.19 18.87
CA LYS HA 52 -23.92 -74.34 19.32
C LYS HA 52 -24.63 -75.24 18.33
N MET HA 53 -25.70 -75.88 18.78
CA MET HA 53 -26.48 -76.70 17.88
C MET HA 53 -27.75 -75.95 17.47
N GLU HA 54 -28.19 -76.25 16.26
CA GLU HA 54 -29.31 -75.58 15.63
C GLU HA 54 -30.35 -76.61 15.21
N LEU HA 55 -31.61 -76.17 15.23
CA LEU HA 55 -32.72 -77.00 14.76
C LEU HA 55 -32.82 -76.88 13.25
N LEU HA 56 -32.62 -78.00 12.56
CA LEU HA 56 -32.81 -78.07 11.12
C LEU HA 56 -34.25 -78.53 10.87
N PHE HA 57 -35.09 -77.61 10.43
CA PHE HA 57 -36.49 -77.88 10.10
C PHE HA 57 -36.59 -78.03 8.60
N THR HA 58 -37.09 -79.17 8.13
CA THR HA 58 -37.17 -79.49 6.71
C THR HA 58 -38.63 -79.60 6.31
N PRO HA 59 -39.24 -78.51 5.83
CA PRO HA 59 -40.63 -78.59 5.38
C PRO HA 59 -40.79 -79.57 4.24
N GLU HA 60 -41.94 -80.25 4.24
CA GLU HA 60 -42.16 -81.33 3.27
C GLU HA 60 -42.26 -80.79 1.85
N PHE HA 61 -42.75 -79.56 1.67
CA PHE HA 61 -42.98 -78.99 0.35
C PHE HA 61 -42.10 -77.76 0.15
N HIS HA 62 -41.57 -77.63 -1.07
CA HIS HA 62 -40.68 -76.52 -1.40
C HIS HA 62 -40.99 -75.92 -2.77
N THR HA 63 -42.17 -76.19 -3.32
CA THR HA 63 -42.44 -75.82 -4.71
C THR HA 63 -42.63 -74.33 -4.89
N ALA HA 64 -43.39 -73.69 -3.99
CA ALA HA 64 -43.83 -72.31 -4.23
C ALA HA 64 -43.64 -71.35 -3.07
N TRP HA 65 -43.52 -71.83 -1.82
CA TRP HA 65 -43.54 -70.91 -0.69
C TRP HA 65 -42.32 -70.00 -0.67
N HIS HA 66 -41.16 -70.51 -1.07
CA HIS HA 66 -39.95 -69.68 -1.04
C HIS HA 66 -39.83 -68.76 -2.25
N GLU HA 67 -40.59 -69.03 -3.32
CA GLU HA 67 -40.53 -68.19 -4.51
C GLU HA 67 -41.37 -66.93 -4.39
N VAL HA 68 -42.26 -66.87 -3.41
CA VAL HA 68 -43.07 -65.69 -3.14
C VAL HA 68 -42.39 -64.89 -2.03
N PRO HA 69 -41.91 -63.67 -2.30
CA PRO HA 69 -41.20 -62.92 -1.25
C PRO HA 69 -42.05 -62.67 -0.03
N GLU HA 70 -43.35 -62.42 -0.21
CA GLU HA 70 -44.22 -62.13 0.93
C GLU HA 70 -44.42 -63.36 1.80
N CYS HA 71 -44.68 -64.52 1.17
CA CYS HA 71 -44.89 -65.74 1.94
C CYS HA 71 -43.62 -66.15 2.67
N ARG HA 72 -42.46 -66.06 2.00
CA ARG HA 72 -41.20 -66.42 2.65
C ARG HA 72 -40.89 -65.47 3.80
N GLU HA 73 -41.09 -64.17 3.59
CA GLU HA 73 -40.83 -63.21 4.65
C GLU HA 73 -41.75 -63.45 5.84
N PHE HA 74 -43.03 -63.73 5.58
CA PHE HA 74 -43.95 -64.01 6.68
C PHE HA 74 -43.55 -65.29 7.40
N ILE HA 75 -43.15 -66.33 6.65
CA ILE HA 75 -42.75 -67.57 7.30
C ILE HA 75 -41.59 -67.34 8.24
N LEU HA 76 -40.56 -66.65 7.76
CA LEU HA 76 -39.39 -66.38 8.60
C LEU HA 76 -39.78 -65.54 9.81
N ASN HA 77 -40.54 -64.47 9.59
CA ASN HA 77 -40.89 -63.57 10.69
C ASN HA 77 -41.76 -64.27 11.72
N PHE HA 78 -42.74 -65.06 11.28
CA PHE HA 78 -43.61 -65.74 12.22
C PHE HA 78 -42.91 -66.86 12.95
N LEU HA 79 -41.99 -67.57 12.29
CA LEU HA 79 -41.21 -68.57 13.01
C LEU HA 79 -40.32 -67.92 14.06
N ARG HA 80 -39.73 -66.77 13.73
CA ARG HA 80 -38.97 -66.03 14.73
C ARG HA 80 -39.85 -65.59 15.89
N LEU HA 81 -41.07 -65.14 15.58
CA LEU HA 81 -41.98 -64.69 16.64
C LEU HA 81 -42.38 -65.83 17.56
N ILE HA 82 -42.86 -66.93 16.99
CA ILE HA 82 -43.41 -68.01 17.81
C ILE HA 82 -42.31 -68.78 18.51
N SER HA 83 -41.14 -68.94 17.90
CA SER HA 83 -40.07 -69.69 18.54
C SER HA 83 -39.23 -68.82 19.47
N GLY HA 84 -38.95 -67.59 19.06
CA GLY HA 84 -38.08 -66.71 19.82
C GLY HA 84 -36.61 -66.82 19.49
N HIS HA 85 -36.21 -67.85 18.74
CA HIS HA 85 -34.83 -68.04 18.32
C HIS HA 85 -34.59 -67.36 16.98
N ARG HA 86 -33.32 -67.24 16.63
CA ARG HA 86 -32.94 -66.71 15.33
C ARG HA 86 -33.21 -67.76 14.26
N VAL HA 87 -34.08 -67.44 13.30
CA VAL HA 87 -34.48 -68.35 12.24
C VAL HA 87 -33.86 -67.85 10.96
N VAL HA 88 -33.07 -68.70 10.30
CA VAL HA 88 -32.46 -68.35 9.02
C VAL HA 88 -32.80 -69.45 8.02
N LEU HA 89 -33.29 -69.05 6.84
CA LEU HA 89 -33.65 -70.00 5.80
C LEU HA 89 -32.44 -70.19 4.90
N LYS HA 90 -31.87 -71.39 4.91
CA LYS HA 90 -30.77 -71.75 4.01
C LYS HA 90 -31.21 -72.96 3.19
N GLY HA 91 -31.20 -72.81 1.88
CA GLY HA 91 -31.65 -73.85 0.99
C GLY HA 91 -33.08 -74.25 1.29
N PRO HA 92 -33.29 -75.54 1.53
CA PRO HA 92 -34.61 -76.04 1.94
C PRO HA 92 -34.81 -76.14 3.44
N THR HA 93 -33.92 -75.59 4.26
CA THR HA 93 -33.93 -75.81 5.69
C THR HA 93 -34.13 -74.50 6.44
N PHE HA 94 -34.86 -74.58 7.55
CA PHE HA 94 -34.93 -73.51 8.53
C PHE HA 94 -33.96 -73.85 9.66
N VAL HA 95 -33.02 -72.95 9.92
CA VAL HA 95 -32.05 -73.13 10.98
C VAL HA 95 -32.49 -72.26 12.16
N PHE HA 96 -32.83 -72.93 13.26
CA PHE HA 96 -33.20 -72.27 14.51
C PHE HA 96 -31.98 -72.28 15.42
N THR HA 97 -31.40 -71.11 15.67
CA THR HA 97 -30.28 -70.95 16.57
C THR HA 97 -30.72 -70.13 17.77
N LYS HA 98 -30.49 -70.66 18.97
CA LYS HA 98 -30.89 -69.96 20.18
C LYS HA 98 -30.14 -68.63 20.29
N GLU HA 99 -30.87 -67.58 20.66
CA GLU HA 99 -30.29 -66.26 20.82
C GLU HA 99 -29.95 -65.99 22.29
N MET IA 1 -44.54 -78.08 19.56
CA MET IA 1 -43.84 -76.82 19.32
C MET IA 1 -42.84 -76.54 20.43
N GLU IA 2 -43.34 -76.19 21.62
CA GLU IA 2 -42.45 -75.83 22.72
C GLU IA 2 -41.66 -77.03 23.20
N ALA IA 3 -42.18 -78.24 23.01
CA ALA IA 3 -41.43 -79.43 23.36
C ALA IA 3 -40.16 -79.54 22.53
N VAL IA 4 -40.25 -79.26 21.23
CA VAL IA 4 -39.07 -79.33 20.36
C VAL IA 4 -38.05 -78.28 20.74
N LEU IA 5 -38.49 -77.07 21.07
CA LEU IA 5 -37.54 -76.03 21.44
C LEU IA 5 -36.89 -76.31 22.80
N THR IA 6 -37.67 -76.83 23.75
CA THR IA 6 -37.09 -77.24 25.02
C THR IA 6 -36.08 -78.36 24.83
N LYS IA 7 -36.39 -79.32 23.96
CA LYS IA 7 -35.42 -80.36 23.63
C LYS IA 7 -34.18 -79.77 22.98
N LEU IA 8 -34.36 -78.76 22.12
CA LEU IA 8 -33.22 -78.09 21.52
C LEU IA 8 -32.33 -77.46 22.58
N ASP IA 9 -32.93 -76.78 23.55
CA ASP IA 9 -32.14 -76.12 24.59
C ASP IA 9 -31.41 -77.15 25.43
N GLN IA 10 -32.11 -78.19 25.87
CA GLN IA 10 -31.49 -79.23 26.69
C GLN IA 10 -30.38 -79.93 25.93
N GLU IA 11 -30.63 -80.28 24.66
CA GLU IA 11 -29.62 -80.97 23.87
C GLU IA 11 -28.46 -80.05 23.51
N GLU IA 12 -28.70 -78.74 23.40
CA GLU IA 12 -27.59 -77.81 23.17
C GLU IA 12 -26.70 -77.73 24.40
N LYS IA 13 -27.29 -77.66 25.59
CA LYS IA 13 -26.50 -77.69 26.80
C LYS IA 13 -25.69 -79.00 26.89
N LYS IA 14 -26.36 -80.13 26.64
CA LYS IA 14 -25.68 -81.41 26.73
C LYS IA 14 -24.58 -81.54 25.69
N ALA IA 15 -24.83 -81.08 24.46
CA ALA IA 15 -23.86 -81.22 23.38
C ALA IA 15 -22.67 -80.29 23.58
N LEU IA 16 -22.91 -79.07 24.06
CA LEU IA 16 -21.80 -78.18 24.38
C LEU IA 16 -20.95 -78.75 25.51
N GLN IA 17 -21.60 -79.28 26.55
CA GLN IA 17 -20.86 -79.89 27.65
C GLN IA 17 -20.03 -81.07 27.15
N ASN IA 18 -20.64 -81.94 26.33
CA ASN IA 18 -19.92 -83.09 25.82
C ASN IA 18 -18.79 -82.69 24.87
N PHE IA 19 -19.00 -81.66 24.07
CA PHE IA 19 -17.97 -81.19 23.16
C PHE IA 19 -16.78 -80.63 23.92
N HIS IA 20 -17.04 -79.83 24.96
CA HIS IA 20 -15.93 -79.30 25.77
C HIS IA 20 -15.24 -80.41 26.54
N ARG IA 21 -16.00 -81.40 27.05
CA ARG IA 21 -15.39 -82.54 27.72
C ARG IA 21 -14.49 -83.33 26.77
N CYS IA 22 -14.95 -83.54 25.53
CA CYS IA 22 -14.16 -84.26 24.56
C CYS IA 22 -12.92 -83.46 24.17
N ALA IA 23 -13.05 -82.14 24.03
CA ALA IA 23 -11.87 -81.32 23.74
C ALA IA 23 -10.85 -81.38 24.86
N TRP IA 24 -11.32 -81.34 26.12
CA TRP IA 24 -10.39 -81.44 27.24
C TRP IA 24 -9.72 -82.81 27.29
N GLU IA 25 -10.49 -83.87 27.03
CA GLU IA 25 -9.89 -85.21 27.00
C GLU IA 25 -8.87 -85.30 25.88
N GLU IA 26 -9.15 -84.67 24.73
CA GLU IA 26 -8.22 -84.71 23.61
C GLU IA 26 -6.93 -83.97 23.92
N THR IA 27 -7.03 -82.78 24.53
CA THR IA 27 -5.79 -82.06 24.85
C THR IA 27 -5.02 -82.77 25.96
N LYS IA 28 -5.72 -83.38 26.92
CA LYS IA 28 -5.04 -84.22 27.90
C LYS IA 28 -4.26 -85.32 27.20
N ASN IA 29 -4.90 -86.04 26.28
CA ASN IA 29 -4.24 -87.15 25.61
C ASN IA 29 -3.07 -86.66 24.77
N ILE IA 30 -3.24 -85.53 24.08
CA ILE IA 30 -2.17 -84.99 23.23
C ILE IA 30 -0.94 -84.66 24.08
N ILE IA 31 -1.14 -83.88 25.14
CA ILE IA 31 0.01 -83.42 25.92
C ILE IA 31 0.61 -84.58 26.71
N ASN IA 32 -0.21 -85.49 27.22
CA ASN IA 32 0.31 -86.65 27.93
C ASN IA 32 1.13 -87.54 26.99
N ASP IA 33 0.66 -87.74 25.76
CA ASP IA 33 1.43 -88.51 24.80
C ASP IA 33 2.75 -87.83 24.48
N PHE IA 34 2.73 -86.51 24.32
CA PHE IA 34 3.98 -85.81 24.02
C PHE IA 34 4.96 -85.88 25.19
N LEU IA 35 4.46 -85.77 26.43
CA LEU IA 35 5.33 -85.74 27.59
C LEU IA 35 5.87 -87.12 27.95
N GLU IA 36 5.04 -88.17 27.80
CA GLU IA 36 5.41 -89.50 28.29
C GLU IA 36 5.94 -90.41 27.18
N ILE IA 37 5.13 -90.65 26.14
CA ILE IA 37 5.50 -91.62 25.12
C ILE IA 37 5.28 -91.02 23.73
N PRO IA 38 6.14 -90.10 23.28
CA PRO IA 38 5.94 -89.50 21.97
C PRO IA 38 6.68 -90.24 20.85
N GLU IA 39 7.61 -91.11 21.21
CA GLU IA 39 8.52 -91.68 20.21
C GLU IA 39 7.78 -92.53 19.19
N GLU IA 40 6.78 -93.28 19.62
CA GLU IA 40 6.01 -94.12 18.71
C GLU IA 40 4.88 -93.35 18.02
N ARG IA 41 4.74 -92.06 18.29
CA ARG IA 41 3.70 -91.24 17.68
C ARG IA 41 4.23 -90.18 16.73
N CYS IA 42 5.51 -89.81 16.84
CA CYS IA 42 6.09 -88.74 16.05
C CYS IA 42 7.08 -89.29 15.03
N THR IA 43 7.17 -88.60 13.90
CA THR IA 43 8.13 -88.91 12.84
C THR IA 43 9.01 -87.70 12.62
N TYR IA 44 9.99 -87.84 11.72
CA TYR IA 44 10.93 -86.76 11.41
C TYR IA 44 10.93 -86.52 9.92
N LYS IA 45 10.78 -85.26 9.51
CA LYS IA 45 10.74 -84.90 8.11
C LYS IA 45 11.69 -83.75 7.85
N PHE IA 46 12.56 -83.89 6.85
CA PHE IA 46 13.56 -82.88 6.54
C PHE IA 46 12.99 -81.93 5.48
N ASN IA 47 12.64 -80.71 5.90
CA ASN IA 47 12.22 -79.68 4.97
C ASN IA 47 13.46 -79.09 4.29
N SER IA 48 13.63 -79.40 3.00
CA SER IA 48 14.81 -78.95 2.29
C SER IA 48 14.75 -77.47 1.95
N TYR IA 49 13.55 -76.93 1.77
CA TYR IA 49 13.43 -75.50 1.48
C TYR IA 49 13.95 -74.65 2.64
N THR IA 50 13.62 -75.05 3.87
CA THR IA 50 14.19 -74.44 5.06
C THR IA 50 15.43 -75.18 5.55
N LYS IA 51 15.87 -76.20 4.80
CA LYS IA 51 17.03 -77.04 5.09
C LYS IA 51 17.14 -77.41 6.56
N LYS IA 52 16.02 -77.75 7.19
CA LYS IA 52 16.02 -78.14 8.59
C LYS IA 52 15.08 -79.32 8.79
N MET IA 53 15.38 -80.15 9.78
CA MET IA 53 14.57 -81.32 10.08
C MET IA 53 13.58 -80.98 11.17
N GLU IA 54 12.31 -81.27 10.92
CA GLU IA 54 11.22 -80.95 11.82
C GLU IA 54 10.56 -82.21 12.33
N LEU IA 55 10.04 -82.13 13.55
CA LEU IA 55 9.33 -83.23 14.18
C LEU IA 55 7.86 -83.13 13.83
N LEU IA 56 7.33 -84.19 13.21
CA LEU IA 56 5.92 -84.28 12.86
C LEU IA 56 5.23 -85.09 13.95
N PHE IA 57 4.44 -84.41 14.79
CA PHE IA 57 3.68 -85.04 15.86
C PHE IA 57 2.25 -85.20 15.38
N THR IA 58 1.74 -86.43 15.42
CA THR IA 58 0.41 -86.77 14.92
C THR IA 58 -0.44 -87.29 16.07
N PRO IA 59 -1.16 -86.41 16.77
CA PRO IA 59 -2.02 -86.88 17.85
C PRO IA 59 -3.09 -87.82 17.35
N GLU IA 60 -3.44 -88.80 18.19
CA GLU IA 60 -4.37 -89.84 17.77
C GLU IA 60 -5.77 -89.28 17.52
N PHE IA 61 -6.20 -88.30 18.30
CA PHE IA 61 -7.55 -87.77 18.25
C PHE IA 61 -7.55 -86.36 17.71
N HIS IA 62 -8.53 -86.06 16.85
CA HIS IA 62 -8.62 -84.76 16.20
C HIS IA 62 -10.05 -84.23 16.14
N THR IA 63 -10.96 -84.76 16.96
CA THR IA 63 -12.37 -84.44 16.81
C THR IA 63 -12.70 -83.04 17.30
N ALA IA 64 -12.17 -82.64 18.46
CA ALA IA 64 -12.66 -81.44 19.12
C ALA IA 64 -11.58 -80.49 19.61
N TRP IA 65 -10.34 -80.93 19.81
CA TRP IA 65 -9.36 -80.07 20.47
C TRP IA 65 -8.99 -78.87 19.59
N HIS IA 66 -8.97 -79.03 18.27
CA HIS IA 66 -8.63 -77.90 17.41
C HIS IA 66 -9.81 -76.97 17.16
N GLU IA 67 -11.04 -77.42 17.44
CA GLU IA 67 -12.21 -76.58 17.22
C GLU IA 67 -12.44 -75.59 18.36
N VAL IA 68 -11.79 -75.80 19.49
CA VAL IA 68 -11.88 -74.89 20.63
C VAL IA 68 -10.67 -73.96 20.57
N PRO IA 69 -10.85 -72.65 20.37
CA PRO IA 69 -9.69 -71.76 20.28
C PRO IA 69 -8.82 -71.79 21.54
N GLU IA 70 -9.44 -71.89 22.71
CA GLU IA 70 -8.68 -71.88 23.96
C GLU IA 70 -7.84 -73.14 24.09
N CYS IA 71 -8.43 -74.31 23.81
CA CYS IA 71 -7.68 -75.56 23.92
C CYS IA 71 -6.53 -75.61 22.91
N ARG IA 72 -6.79 -75.20 21.67
CA ARG IA 72 -5.74 -75.19 20.66
C ARG IA 72 -4.62 -74.22 21.01
N GLU IA 73 -4.99 -73.01 21.48
CA GLU IA 73 -3.99 -72.04 21.87
C GLU IA 73 -3.15 -72.56 23.02
N PHE IA 74 -3.79 -73.17 24.02
CA PHE IA 74 -3.03 -73.74 25.13
C PHE IA 74 -2.13 -74.88 24.67
N ILE IA 75 -2.61 -75.73 23.77
CA ILE IA 75 -1.79 -76.84 23.30
C ILE IA 75 -0.54 -76.30 22.62
N LEU IA 76 -0.71 -75.34 21.72
CA LEU IA 76 0.44 -74.78 21.02
C LEU IA 76 1.40 -74.10 21.99
N ASN IA 77 0.86 -73.27 22.88
CA ASN IA 77 1.72 -72.52 23.80
C ASN IA 77 2.46 -73.45 24.75
N PHE IA 78 1.78 -74.47 25.28
CA PHE IA 78 2.42 -75.38 26.21
C PHE IA 78 3.43 -76.30 25.52
N LEU IA 79 3.16 -76.70 24.28
CA LEU IA 79 4.15 -77.47 23.54
C LEU IA 79 5.39 -76.62 23.28
N ARG IA 80 5.20 -75.34 22.95
CA ARG IA 80 6.34 -74.45 22.80
C ARG IA 80 7.10 -74.30 24.11
N LEU IA 81 6.39 -74.19 25.22
CA LEU IA 81 7.03 -74.04 26.52
C LEU IA 81 7.84 -75.27 26.90
N ILE IA 82 7.22 -76.45 26.87
CA ILE IA 82 7.89 -77.65 27.33
C ILE IA 82 8.99 -78.08 26.36
N SER IA 83 8.78 -77.90 25.06
CA SER IA 83 9.77 -78.34 24.08
C SER IA 83 10.85 -77.29 23.84
N GLY IA 84 10.48 -76.01 23.81
CA GLY IA 84 11.41 -74.96 23.48
C GLY IA 84 11.57 -74.68 22.00
N HIS IA 85 11.11 -75.58 21.15
CA HIS IA 85 11.18 -75.38 19.72
C HIS IA 85 9.99 -74.53 19.25
N ARG IA 86 10.03 -74.15 17.97
CA ARG IA 86 8.91 -73.46 17.35
C ARG IA 86 7.87 -74.50 16.93
N VAL IA 87 6.68 -74.40 17.49
CA VAL IA 87 5.61 -75.36 17.24
C VAL IA 87 4.57 -74.68 16.36
N VAL IA 88 4.28 -75.28 15.21
CA VAL IA 88 3.25 -74.77 14.32
C VAL IA 88 2.28 -75.91 14.00
N LEU IA 89 1.00 -75.65 14.18
CA LEU IA 89 -0.04 -76.65 13.91
C LEU IA 89 -0.54 -76.47 12.49
N LYS IA 90 -0.31 -77.47 11.63
CA LYS IA 90 -0.86 -77.49 10.29
C LYS IA 90 -1.63 -78.78 10.09
N GLY IA 91 -2.91 -78.64 9.74
CA GLY IA 91 -3.79 -79.77 9.58
C GLY IA 91 -3.84 -80.62 10.83
N PRO IA 92 -3.56 -81.91 10.69
CA PRO IA 92 -3.50 -82.81 11.86
C PRO IA 92 -2.12 -82.95 12.48
N THR IA 93 -1.15 -82.10 12.13
CA THR IA 93 0.23 -82.29 12.53
C THR IA 93 0.74 -81.10 13.33
N PHE IA 94 1.56 -81.40 14.33
CA PHE IA 94 2.38 -80.41 15.02
C PHE IA 94 3.78 -80.48 14.43
N VAL IA 95 4.27 -79.36 13.93
CA VAL IA 95 5.61 -79.28 13.36
C VAL IA 95 6.50 -78.59 14.39
N PHE IA 96 7.48 -79.33 14.89
CA PHE IA 96 8.48 -78.81 15.82
C PHE IA 96 9.74 -78.50 15.03
N THR IA 97 10.06 -77.21 14.89
CA THR IA 97 11.26 -76.77 14.20
C THR IA 97 12.20 -76.14 15.21
N LYS IA 98 13.45 -76.62 15.24
CA LYS IA 98 14.42 -76.09 16.19
C LYS IA 98 14.69 -74.62 15.92
N GLU IA 99 14.72 -73.82 16.98
CA GLU IA 99 14.99 -72.40 16.85
C GLU IA 99 16.47 -72.09 17.12
N MET JA 1 26.51 -70.58 -51.16
CA MET JA 1 26.19 -69.70 -50.06
C MET JA 1 27.30 -69.69 -49.02
N GLU JA 2 27.25 -70.66 -48.10
CA GLU JA 2 28.21 -70.68 -47.00
C GLU JA 2 29.64 -70.87 -47.49
N ALA JA 3 29.83 -71.62 -48.58
CA ALA JA 3 31.16 -71.73 -49.16
C ALA JA 3 31.63 -70.37 -49.69
N VAL JA 4 30.74 -69.64 -50.36
CA VAL JA 4 31.09 -68.33 -50.87
C VAL JA 4 31.36 -67.35 -49.73
N LEU JA 5 30.60 -67.46 -48.65
CA LEU JA 5 30.83 -66.58 -47.51
C LEU JA 5 32.15 -66.90 -46.81
N THR JA 6 32.48 -68.18 -46.69
CA THR JA 6 33.78 -68.56 -46.12
C THR JA 6 34.91 -68.06 -47.01
N LYS JA 7 34.76 -68.17 -48.33
CA LYS JA 7 35.75 -67.61 -49.24
C LYS JA 7 35.83 -66.10 -49.09
N LEU JA 8 34.70 -65.44 -48.86
CA LEU JA 8 34.71 -64.00 -48.62
C LEU JA 8 35.51 -63.66 -47.38
N ASP JA 9 35.30 -64.41 -46.30
CA ASP JA 9 36.03 -64.13 -45.06
C ASP JA 9 37.52 -64.36 -45.24
N GLN JA 10 37.89 -65.49 -45.86
CA GLN JA 10 39.30 -65.78 -46.07
C GLN JA 10 39.96 -64.75 -46.98
N GLU JA 11 39.28 -64.36 -48.05
CA GLU JA 11 39.84 -63.39 -48.97
C GLU JA 11 39.86 -61.99 -48.37
N GLU JA 12 38.92 -61.68 -47.49
CA GLU JA 12 38.96 -60.40 -46.78
C GLU JA 12 40.15 -60.34 -45.84
N LYS JA 13 40.39 -61.42 -45.09
CA LYS JA 13 41.58 -61.46 -44.23
C LYS JA 13 42.85 -61.34 -45.06
N LYS JA 14 42.94 -62.10 -46.15
CA LYS JA 14 44.13 -62.06 -46.99
C LYS JA 14 44.32 -60.69 -47.61
N ALA JA 15 43.24 -60.06 -48.09
CA ALA JA 15 43.36 -58.77 -48.76
C ALA JA 15 43.68 -57.67 -47.76
N LEU JA 16 43.11 -57.71 -46.56
CA LEU JA 16 43.46 -56.72 -45.55
C LEU JA 16 44.92 -56.86 -45.13
N GLN JA 17 45.38 -58.11 -44.95
CA GLN JA 17 46.78 -58.33 -44.61
C GLN JA 17 47.70 -57.84 -45.72
N ASN JA 18 47.37 -58.14 -46.97
CA ASN JA 18 48.19 -57.71 -48.09
C ASN JA 18 48.15 -56.19 -48.25
N PHE JA 19 47.00 -55.57 -48.01
CA PHE JA 19 46.88 -54.12 -48.10
C PHE JA 19 47.73 -53.43 -47.04
N HIS JA 20 47.70 -53.92 -45.81
CA HIS JA 20 48.53 -53.32 -44.77
C HIS JA 20 50.01 -53.58 -45.03
N ARG JA 21 50.35 -54.77 -45.54
CA ARG JA 21 51.74 -55.05 -45.90
C ARG JA 21 52.22 -54.13 -47.00
N CYS JA 22 51.39 -53.89 -48.01
CA CYS JA 22 51.76 -52.98 -49.09
C CYS JA 22 51.88 -51.55 -48.60
N ALA JA 23 50.99 -51.13 -47.69
CA ALA JA 23 51.08 -49.80 -47.12
C ALA JA 23 52.38 -49.63 -46.32
N TRP JA 24 52.75 -50.66 -45.55
CA TRP JA 24 54.00 -50.59 -44.81
C TRP JA 24 55.19 -50.56 -45.75
N GLU JA 25 55.16 -51.36 -46.80
CA GLU JA 25 56.25 -51.33 -47.77
C GLU JA 25 56.35 -49.96 -48.44
N GLU JA 26 55.21 -49.35 -48.72
CA GLU JA 26 55.21 -48.04 -49.37
C GLU JA 26 55.75 -46.95 -48.45
N THR JA 27 55.33 -46.94 -47.18
CA THR JA 27 55.87 -45.92 -46.27
C THR JA 27 57.36 -46.17 -46.01
N LYS JA 28 57.77 -47.44 -45.92
CA LYS JA 28 59.17 -47.77 -45.81
C LYS JA 28 59.96 -47.19 -46.97
N ASN JA 29 59.50 -47.44 -48.20
CA ASN JA 29 60.20 -46.95 -49.38
C ASN JA 29 60.21 -45.43 -49.43
N ILE JA 30 59.09 -44.80 -49.07
CA ILE JA 30 59.00 -43.33 -49.10
C ILE JA 30 60.03 -42.73 -48.15
N ILE JA 31 60.03 -43.18 -46.91
CA ILE JA 31 60.93 -42.57 -45.91
C ILE JA 31 62.38 -42.93 -46.21
N ASN JA 32 62.63 -44.15 -46.67
CA ASN JA 32 64.00 -44.52 -47.04
C ASN JA 32 64.51 -43.69 -48.20
N ASP JA 33 63.67 -43.45 -49.20
CA ASP JA 33 64.07 -42.60 -50.32
C ASP JA 33 64.33 -41.18 -49.86
N PHE JA 34 63.48 -40.65 -48.97
CA PHE JA 34 63.69 -39.29 -48.50
C PHE JA 34 64.98 -39.18 -47.67
N LEU JA 35 65.27 -40.18 -46.85
CA LEU JA 35 66.44 -40.12 -45.98
C LEU JA 35 67.73 -40.37 -46.73
N GLU JA 36 67.72 -41.26 -47.73
CA GLU JA 36 68.95 -41.68 -48.38
C GLU JA 36 69.20 -40.98 -49.71
N ILE JA 37 68.27 -41.14 -50.66
CA ILE JA 37 68.49 -40.60 -52.01
C ILE JA 37 67.24 -39.85 -52.47
N PRO JA 38 67.03 -38.62 -52.02
CA PRO JA 38 65.87 -37.85 -52.48
C PRO JA 38 66.15 -36.93 -53.66
N GLU JA 39 67.41 -36.73 -54.04
CA GLU JA 39 67.74 -35.75 -55.07
C GLU JA 39 67.18 -36.15 -56.42
N GLU JA 40 67.24 -37.44 -56.76
CA GLU JA 40 66.73 -37.91 -58.04
C GLU JA 40 65.22 -37.98 -58.08
N ARG JA 41 64.54 -37.75 -56.95
CA ARG JA 41 63.10 -37.90 -56.86
C ARG JA 41 62.38 -36.62 -56.51
N CYS JA 42 63.10 -35.59 -56.06
CA CYS JA 42 62.50 -34.34 -55.60
C CYS JA 42 62.81 -33.21 -56.58
N THR JA 43 61.89 -32.26 -56.67
CA THR JA 43 62.04 -31.05 -57.49
C THR JA 43 61.76 -29.83 -56.62
N TYR JA 44 61.89 -28.65 -57.21
CA TYR JA 44 61.63 -27.40 -56.52
C TYR JA 44 60.68 -26.55 -57.36
N LYS JA 45 59.59 -26.10 -56.75
CA LYS JA 45 58.59 -25.31 -57.46
C LYS JA 45 58.33 -24.02 -56.69
N PHE JA 46 58.44 -22.89 -57.38
CA PHE JA 46 58.31 -21.59 -56.73
C PHE JA 46 56.85 -21.15 -56.73
N ASN JA 47 56.22 -21.22 -55.56
CA ASN JA 47 54.90 -20.64 -55.36
C ASN JA 47 55.07 -19.13 -55.17
N SER JA 48 54.63 -18.37 -56.17
CA SER JA 48 54.78 -16.92 -56.13
C SER JA 48 53.76 -16.26 -55.22
N TYR JA 49 52.60 -16.88 -55.02
CA TYR JA 49 51.61 -16.32 -54.12
C TYR JA 49 52.13 -16.26 -52.69
N THR JA 50 52.84 -17.30 -52.26
CA THR JA 50 53.54 -17.31 -50.98
C THR JA 50 54.98 -16.82 -51.10
N LYS JA 51 55.36 -16.33 -52.28
CA LYS JA 51 56.71 -15.81 -52.57
C LYS JA 51 57.80 -16.68 -51.96
N LYS JA 52 57.69 -17.98 -52.17
CA LYS JA 52 58.70 -18.91 -51.72
C LYS JA 52 58.63 -20.16 -52.58
N MET JA 53 59.73 -20.90 -52.67
CA MET JA 53 59.69 -22.15 -53.40
C MET JA 53 59.67 -23.33 -52.44
N GLU JA 54 58.94 -24.36 -52.82
CA GLU JA 54 58.70 -25.53 -52.01
C GLU JA 54 59.32 -26.75 -52.65
N LEU JA 55 59.74 -27.69 -51.80
CA LEU JA 55 60.29 -28.95 -52.26
C LEU JA 55 59.15 -29.91 -52.58
N LEU JA 56 59.06 -30.32 -53.84
CA LEU JA 56 58.06 -31.27 -54.30
C LEU JA 56 58.68 -32.67 -54.27
N PHE JA 57 58.23 -33.49 -53.33
CA PHE JA 57 58.67 -34.87 -53.22
C PHE JA 57 57.58 -35.77 -53.78
N THR JA 58 57.91 -36.54 -54.83
CA THR JA 58 56.93 -37.39 -55.50
C THR JA 58 57.38 -38.83 -55.29
N PRO JA 59 56.84 -39.52 -54.29
CA PRO JA 59 57.22 -40.92 -54.07
C PRO JA 59 56.79 -41.80 -55.23
N GLU JA 60 57.57 -42.85 -55.47
CA GLU JA 60 57.33 -43.72 -56.63
C GLU JA 60 56.01 -44.46 -56.51
N PHE JA 61 55.60 -44.84 -55.30
CA PHE JA 61 54.44 -45.68 -55.09
C PHE JA 61 53.33 -44.89 -54.40
N HIS JA 62 52.09 -45.13 -54.82
CA HIS JA 62 50.94 -44.40 -54.28
C HIS JA 62 49.74 -45.32 -54.03
N THR JA 63 49.94 -46.64 -54.06
CA THR JA 63 48.80 -47.56 -54.06
C THR JA 63 48.09 -47.60 -52.72
N ALA JA 64 48.83 -47.68 -51.62
CA ALA JA 64 48.22 -47.99 -50.33
C ALA JA 64 48.62 -47.09 -49.18
N TRP JA 65 49.75 -46.38 -49.24
CA TRP JA 65 50.23 -45.67 -48.07
C TRP JA 65 49.31 -44.52 -47.67
N HIS JA 66 48.66 -43.87 -48.64
CA HIS JA 66 47.76 -42.77 -48.30
C HIS JA 66 46.36 -43.23 -47.92
N GLU JA 67 46.00 -44.48 -48.23
CA GLU JA 67 44.69 -44.99 -47.88
C GLU JA 67 44.60 -45.40 -46.42
N VAL JA 68 45.72 -45.59 -45.75
CA VAL JA 68 45.78 -45.95 -44.33
C VAL JA 68 45.98 -44.68 -43.54
N PRO JA 69 45.03 -44.26 -42.70
CA PRO JA 69 45.22 -43.00 -41.96
C PRO JA 69 46.45 -43.02 -41.06
N GLU JA 70 46.76 -44.16 -40.46
CA GLU JA 70 47.91 -44.24 -39.56
C GLU JA 70 49.22 -44.08 -40.33
N CYS JA 71 49.35 -44.79 -41.46
CA CYS JA 71 50.58 -44.69 -42.24
C CYS JA 71 50.77 -43.29 -42.80
N ARG JA 72 49.70 -42.67 -43.32
CA ARG JA 72 49.82 -41.33 -43.85
C ARG JA 72 50.15 -40.32 -42.76
N GLU JA 73 49.50 -40.43 -41.61
CA GLU JA 73 49.79 -39.53 -40.50
C GLU JA 73 51.23 -39.67 -40.04
N PHE JA 74 51.72 -40.92 -39.94
CA PHE JA 74 53.10 -41.13 -39.55
C PHE JA 74 54.06 -40.57 -40.59
N ILE JA 75 53.76 -40.76 -41.88
CA ILE JA 75 54.64 -40.24 -42.91
C ILE JA 75 54.75 -38.73 -42.80
N LEU JA 76 53.61 -38.06 -42.69
CA LEU JA 76 53.64 -36.60 -42.59
C LEU JA 76 54.37 -36.14 -41.34
N ASN JA 77 54.06 -36.75 -40.19
CA ASN JA 77 54.66 -36.32 -38.94
C ASN JA 77 56.16 -36.59 -38.92
N PHE JA 78 56.59 -37.74 -39.42
CA PHE JA 78 58.01 -38.06 -39.43
C PHE JA 78 58.78 -37.22 -40.44
N LEU JA 79 58.18 -36.91 -41.59
CA LEU JA 79 58.84 -36.01 -42.52
C LEU JA 79 59.00 -34.62 -41.90
N ARG JA 80 57.96 -34.16 -41.19
CA ARG JA 80 58.09 -32.88 -40.49
C ARG JA 80 59.19 -32.95 -39.43
N LEU JA 81 59.28 -34.06 -38.71
CA LEU JA 81 60.29 -34.18 -37.66
C LEU JA 81 61.70 -34.19 -38.23
N ILE JA 82 61.95 -35.06 -39.22
CA ILE JA 82 63.31 -35.21 -39.72
C ILE JA 82 63.73 -34.01 -40.55
N SER JA 83 62.78 -33.39 -41.29
CA SER JA 83 63.13 -32.25 -42.13
C SER JA 83 63.10 -30.93 -41.36
N GLY JA 84 62.14 -30.79 -40.44
CA GLY JA 84 61.96 -29.54 -39.74
C GLY JA 84 61.14 -28.52 -40.49
N HIS JA 85 60.73 -28.81 -41.72
CA HIS JA 85 59.93 -27.91 -42.53
C HIS JA 85 58.46 -28.30 -42.47
N ARG JA 86 57.61 -27.38 -42.88
CA ARG JA 86 56.19 -27.65 -42.96
C ARG JA 86 55.91 -28.56 -44.15
N VAL JA 87 55.41 -29.76 -43.86
CA VAL JA 87 55.15 -30.77 -44.88
C VAL JA 87 53.64 -30.90 -45.04
N VAL JA 88 53.16 -30.72 -46.26
CA VAL JA 88 51.74 -30.89 -46.57
C VAL JA 88 51.61 -31.84 -47.75
N LEU JA 89 50.73 -32.82 -47.62
CA LEU JA 89 50.51 -33.81 -48.67
C LEU JA 89 49.35 -33.35 -49.55
N LYS JA 90 49.65 -33.06 -50.82
CA LYS JA 90 48.62 -32.73 -51.80
C LYS JA 90 48.72 -33.73 -52.94
N GLY JA 91 47.65 -34.51 -53.13
CA GLY JA 91 47.64 -35.54 -54.13
C GLY JA 91 48.77 -36.54 -53.94
N PRO JA 92 49.59 -36.71 -54.97
CA PRO JA 92 50.77 -37.57 -54.88
C PRO JA 92 52.05 -36.88 -54.44
N THR JA 93 51.99 -35.64 -53.98
CA THR JA 93 53.18 -34.84 -53.73
C THR JA 93 53.25 -34.42 -52.26
N PHE JA 94 54.47 -34.40 -51.73
CA PHE JA 94 54.78 -33.80 -50.45
C PHE JA 94 55.38 -32.42 -50.71
N VAL JA 95 54.78 -31.39 -50.14
CA VAL JA 95 55.26 -30.02 -50.28
C VAL JA 95 55.99 -29.67 -48.99
N PHE JA 96 57.28 -29.42 -49.11
CA PHE JA 96 58.12 -28.96 -48.01
C PHE JA 96 58.30 -27.46 -48.15
N THR JA 97 57.74 -26.70 -47.22
CA THR JA 97 57.88 -25.26 -47.17
C THR JA 97 58.62 -24.88 -45.90
N LYS JA 98 59.69 -24.10 -46.04
CA LYS JA 98 60.48 -23.70 -44.88
C LYS JA 98 59.64 -22.85 -43.94
N GLU JA 99 59.75 -23.11 -42.64
CA GLU JA 99 59.01 -22.36 -41.65
C GLU JA 99 59.86 -21.24 -41.06
N MET KA 1 69.49 -36.20 -47.99
CA MET KA 1 68.45 -35.70 -47.10
C MET KA 1 68.76 -34.25 -46.72
N GLU KA 2 69.72 -34.06 -45.82
CA GLU KA 2 70.05 -32.71 -45.38
C GLU KA 2 70.69 -31.91 -46.49
N ALA KA 3 71.40 -32.58 -47.39
CA ALA KA 3 71.95 -31.90 -48.57
C ALA KA 3 70.84 -31.36 -49.45
N VAL KA 4 69.78 -32.14 -49.64
CA VAL KA 4 68.65 -31.70 -50.47
C VAL KA 4 67.94 -30.52 -49.82
N LEU KA 5 67.78 -30.55 -48.50
CA LEU KA 5 67.09 -29.44 -47.83
C LEU KA 5 67.95 -28.18 -47.82
N THR KA 6 69.26 -28.33 -47.65
CA THR KA 6 70.16 -27.18 -47.77
C THR KA 6 70.12 -26.59 -49.17
N LYS KA 7 70.09 -27.47 -50.19
CA LYS KA 7 69.94 -26.99 -51.56
C LYS KA 7 68.61 -26.28 -51.75
N LEU KA 8 67.55 -26.78 -51.11
CA LEU KA 8 66.26 -26.12 -51.18
C LEU KA 8 66.32 -24.72 -50.57
N ASP KA 9 66.99 -24.60 -49.41
CA ASP KA 9 67.09 -23.30 -48.72
C ASP KA 9 67.89 -22.33 -49.60
N GLN KA 10 69.02 -22.77 -50.14
CA GLN KA 10 69.84 -21.92 -50.99
C GLN KA 10 69.10 -21.53 -52.26
N GLU KA 11 68.40 -22.48 -52.88
CA GLU KA 11 67.63 -22.19 -54.07
C GLU KA 11 66.46 -21.25 -53.77
N GLU KA 12 65.86 -21.36 -52.59
CA GLU KA 12 64.79 -20.43 -52.22
C GLU KA 12 65.33 -19.02 -52.09
N LYS KA 13 66.50 -18.86 -51.44
CA LYS KA 13 67.12 -17.54 -51.36
C LYS KA 13 67.43 -16.99 -52.74
N LYS KA 14 68.06 -17.81 -53.59
CA LYS KA 14 68.44 -17.36 -54.93
C LYS KA 14 67.21 -17.02 -55.76
N ALA KA 15 66.17 -17.83 -55.68
CA ALA KA 15 64.98 -17.61 -56.50
C ALA KA 15 64.17 -16.43 -56.01
N LEU KA 16 64.12 -16.21 -54.70
CA LEU KA 16 63.47 -15.00 -54.19
C LEU KA 16 64.22 -13.75 -54.62
N GLN KA 17 65.56 -13.79 -54.55
CA GLN KA 17 66.35 -12.65 -55.01
C GLN KA 17 66.12 -12.40 -56.49
N ASN KA 18 66.13 -13.45 -57.30
CA ASN KA 18 65.93 -13.30 -58.74
C ASN KA 18 64.51 -12.82 -59.05
N PHE KA 19 63.52 -13.29 -58.30
CA PHE KA 19 62.14 -12.87 -58.51
C PHE KA 19 61.97 -11.39 -58.20
N HIS KA 20 62.54 -10.92 -57.09
CA HIS KA 20 62.44 -9.51 -56.76
C HIS KA 20 63.23 -8.65 -57.74
N ARG KA 21 64.40 -9.15 -58.19
CA ARG KA 21 65.16 -8.42 -59.19
C ARG KA 21 64.38 -8.29 -60.50
N CYS KA 22 63.73 -9.38 -60.92
CA CYS KA 22 62.92 -9.35 -62.13
C CYS KA 22 61.72 -8.43 -61.97
N ALA KA 23 61.09 -8.43 -60.79
CA ALA KA 23 59.99 -7.53 -60.55
C ALA KA 23 60.44 -6.07 -60.62
N TRP KA 24 61.60 -5.76 -60.04
CA TRP KA 24 62.11 -4.39 -60.11
C TRP KA 24 62.44 -4.00 -61.55
N GLU KA 25 63.05 -4.92 -62.30
CA GLU KA 25 63.33 -4.63 -63.71
C GLU KA 25 62.05 -4.41 -64.49
N GLU KA 26 61.01 -5.19 -64.20
CA GLU KA 26 59.74 -5.04 -64.90
C GLU KA 26 59.08 -3.71 -64.59
N THR KA 27 59.05 -3.31 -63.31
CA THR KA 27 58.43 -2.03 -62.99
C THR KA 27 59.25 -0.87 -63.54
N LYS KA 28 60.58 -1.00 -63.52
CA LYS KA 28 61.43 0.00 -64.16
C LYS KA 28 61.08 0.15 -65.63
N ASN KA 29 60.97 -0.97 -66.34
CA ASN KA 29 60.66 -0.91 -67.77
C ASN KA 29 59.26 -0.35 -68.00
N ILE KA 30 58.30 -0.73 -67.16
CA ILE KA 30 56.92 -0.24 -67.33
C ILE KA 30 56.87 1.27 -67.18
N ILE KA 31 57.44 1.79 -66.08
CA ILE KA 31 57.34 3.22 -65.83
C ILE KA 31 58.20 4.00 -66.81
N ASN KA 32 59.36 3.47 -67.19
CA ASN KA 32 60.17 4.15 -68.21
C ASN KA 32 59.45 4.20 -69.55
N ASP KA 33 58.78 3.11 -69.94
CA ASP KA 33 58.02 3.12 -71.18
C ASP KA 33 56.89 4.14 -71.11
N PHE KA 34 56.22 4.22 -69.97
CA PHE KA 34 55.15 5.21 -69.84
C PHE KA 34 55.69 6.64 -69.91
N LEU KA 35 56.82 6.90 -69.25
CA LEU KA 35 57.31 8.28 -69.15
C LEU KA 35 57.97 8.75 -70.43
N GLU KA 36 58.72 7.89 -71.13
CA GLU KA 36 59.50 8.31 -72.29
C GLU KA 36 58.80 8.01 -73.61
N ILE KA 37 58.47 6.75 -73.87
CA ILE KA 37 57.95 6.37 -75.19
C ILE KA 37 56.70 5.49 -75.06
N PRO KA 38 55.58 6.04 -74.57
CA PRO KA 38 54.35 5.23 -74.48
C PRO KA 38 53.56 5.17 -75.77
N GLU KA 39 53.83 6.05 -76.74
CA GLU KA 39 52.96 6.19 -77.90
C GLU KA 39 52.90 4.90 -78.73
N GLU KA 40 54.00 4.14 -78.77
CA GLU KA 40 54.03 2.91 -79.54
C GLU KA 40 53.58 1.70 -78.73
N ARG KA 41 53.14 1.91 -77.49
CA ARG KA 41 52.75 0.82 -76.61
C ARG KA 41 51.30 0.85 -76.18
N CYS KA 42 50.67 2.04 -76.13
CA CYS KA 42 49.32 2.19 -75.63
C CYS KA 42 48.35 2.48 -76.77
N THR KA 43 47.12 2.03 -76.59
CA THR KA 43 46.02 2.28 -77.52
C THR KA 43 44.90 3.04 -76.80
N TYR KA 44 43.84 3.34 -77.53
CA TYR KA 44 42.69 4.05 -76.96
C TYR KA 44 41.43 3.25 -77.25
N LYS KA 45 40.62 3.04 -76.22
CA LYS KA 45 39.39 2.26 -76.37
C LYS KA 45 38.24 3.04 -75.74
N PHE KA 46 37.14 3.18 -76.48
CA PHE KA 46 35.99 3.94 -76.02
C PHE KA 46 35.03 3.00 -75.30
N ASN KA 47 34.98 3.12 -73.97
CA ASN KA 47 34.00 2.39 -73.18
C ASN KA 47 32.68 3.12 -73.28
N SER KA 48 31.73 2.53 -74.02
CA SER KA 48 30.45 3.19 -74.27
C SER KA 48 29.55 3.15 -73.04
N TYR KA 49 29.69 2.14 -72.19
CA TYR KA 49 28.88 2.08 -70.97
C TYR KA 49 29.18 3.26 -70.07
N THR KA 50 30.45 3.63 -69.94
CA THR KA 50 30.85 4.86 -69.27
C THR KA 50 31.00 6.02 -70.24
N LYS KA 51 30.67 5.81 -71.51
CA LYS KA 51 30.69 6.83 -72.56
C LYS KA 51 31.93 7.71 -72.49
N LYS KA 52 33.09 7.06 -72.38
CA LYS KA 52 34.35 7.79 -72.31
C LYS KA 52 35.47 6.93 -72.88
N MET KA 53 36.46 7.59 -73.46
CA MET KA 53 37.65 6.89 -73.93
C MET KA 53 38.64 6.68 -72.80
N GLU KA 54 39.27 5.51 -72.79
CA GLU KA 54 40.29 5.15 -71.83
C GLU KA 54 41.55 4.74 -72.56
N LEU KA 55 42.69 5.05 -71.94
CA LEU KA 55 43.98 4.70 -72.48
C LEU KA 55 44.36 3.30 -72.00
N LEU KA 56 44.52 2.37 -72.94
CA LEU KA 56 44.91 1.01 -72.64
C LEU KA 56 46.42 0.91 -72.80
N PHE KA 57 47.13 0.82 -71.68
CA PHE KA 57 48.58 0.69 -71.66
C PHE KA 57 48.92 -0.78 -71.45
N THR KA 58 49.70 -1.35 -72.38
CA THR KA 58 50.02 -2.78 -72.37
C THR KA 58 51.51 -2.94 -72.19
N PRO KA 59 52.00 -3.02 -70.95
CA PRO KA 59 53.43 -3.21 -70.73
C PRO KA 59 53.92 -4.53 -71.34
N GLU KA 60 55.16 -4.50 -71.83
CA GLU KA 60 55.69 -5.65 -72.56
C GLU KA 60 55.88 -6.86 -71.65
N PHE KA 61 56.23 -6.64 -70.39
CA PHE KA 61 56.57 -7.72 -69.47
C PHE KA 61 55.52 -7.85 -68.38
N HIS KA 62 55.17 -9.11 -68.04
CA HIS KA 62 54.15 -9.39 -67.05
C HIS KA 62 54.53 -10.54 -66.13
N THR KA 63 55.81 -10.91 -66.07
CA THR KA 63 56.18 -12.12 -65.35
C THR KA 63 56.10 -11.96 -63.84
N ALA KA 64 56.58 -10.83 -63.30
CA ALA KA 64 56.78 -10.71 -61.87
C ALA KA 64 56.25 -9.43 -61.23
N TRP KA 65 56.04 -8.36 -61.99
CA TRP KA 65 55.74 -7.08 -61.36
C TRP KA 65 54.38 -7.10 -60.67
N HIS KA 66 53.40 -7.80 -61.24
CA HIS KA 66 52.07 -7.83 -60.64
C HIS KA 66 51.96 -8.82 -59.49
N GLU KA 67 52.91 -9.75 -59.37
CA GLU KA 67 52.87 -10.73 -58.28
C GLU KA 67 53.40 -10.17 -56.98
N VAL KA 68 54.11 -9.06 -57.02
CA VAL KA 68 54.63 -8.39 -55.82
C VAL KA 68 53.64 -7.29 -55.43
N PRO KA 69 52.99 -7.38 -54.28
CA PRO KA 69 52.01 -6.33 -53.92
C PRO KA 69 52.62 -4.95 -53.84
N GLU KA 70 53.85 -4.83 -53.37
CA GLU KA 70 54.48 -3.53 -53.24
C GLU KA 70 54.77 -2.91 -54.60
N CYS KA 71 55.34 -3.70 -55.51
CA CYS KA 71 55.65 -3.18 -56.84
C CYS KA 71 54.38 -2.79 -57.60
N ARG KA 72 53.35 -3.62 -57.53
CA ARG KA 72 52.10 -3.30 -58.21
C ARG KA 72 51.44 -2.07 -57.62
N GLU KA 73 51.41 -1.97 -56.28
CA GLU KA 73 50.83 -0.80 -55.64
C GLU KA 73 51.58 0.47 -56.02
N PHE KA 74 52.92 0.40 -56.05
CA PHE KA 74 53.71 1.56 -56.45
C PHE KA 74 53.46 1.91 -57.91
N ILE KA 75 53.36 0.90 -58.77
CA ILE KA 75 53.13 1.19 -60.19
C ILE KA 75 51.80 1.93 -60.36
N LEU KA 76 50.74 1.42 -59.72
CA LEU KA 76 49.44 2.06 -59.84
C LEU KA 76 49.48 3.47 -59.27
N ASN KA 77 50.05 3.64 -58.07
CA ASN KA 77 50.06 4.94 -57.42
C ASN KA 77 50.89 5.94 -58.21
N PHE KA 78 52.04 5.53 -58.72
CA PHE KA 78 52.89 6.46 -59.45
C PHE KA 78 52.33 6.79 -60.82
N LEU KA 79 51.68 5.83 -61.47
CA LEU KA 79 51.01 6.15 -62.74
C LEU KA 79 49.87 7.14 -62.51
N ARG KA 80 49.13 6.97 -61.41
CA ARG KA 80 48.11 7.96 -61.06
C ARG KA 80 48.73 9.32 -60.78
N LEU KA 81 49.87 9.34 -60.09
CA LEU KA 81 50.51 10.61 -59.75
C LEU KA 81 51.01 11.33 -60.99
N ILE KA 82 51.78 10.65 -61.84
CA ILE KA 82 52.42 11.31 -62.97
C ILE KA 82 51.42 11.59 -64.08
N SER KA 83 50.39 10.75 -64.21
CA SER KA 83 49.40 10.96 -65.26
C SER KA 83 48.27 11.89 -64.80
N GLY KA 84 47.83 11.75 -63.55
CA GLY KA 84 46.71 12.50 -63.05
C GLY KA 84 45.36 11.86 -63.33
N HIS KA 85 45.30 10.88 -64.22
CA HIS KA 85 44.07 10.17 -64.53
C HIS KA 85 43.83 9.06 -63.51
N ARG KA 86 42.65 8.46 -63.60
CA ARG KA 86 42.34 7.29 -62.79
C ARG KA 86 42.90 6.05 -63.46
N VAL KA 87 43.87 5.42 -62.81
CA VAL KA 87 44.56 4.26 -63.36
C VAL KA 87 44.05 3.02 -62.64
N VAL KA 88 43.51 2.08 -63.40
CA VAL KA 88 43.05 0.81 -62.84
C VAL KA 88 43.71 -0.33 -63.62
N LEU KA 89 44.27 -1.29 -62.90
CA LEU KA 89 44.95 -2.43 -63.51
C LEU KA 89 43.95 -3.56 -63.68
N LYS KA 90 43.66 -3.92 -64.94
CA LYS KA 90 42.81 -5.06 -65.24
C LYS KA 90 43.61 -6.02 -66.12
N GLY KA 91 43.84 -7.23 -65.60
CA GLY KA 91 44.62 -8.21 -66.32
C GLY KA 91 46.00 -7.70 -66.65
N PRO KA 92 46.36 -7.75 -67.92
CA PRO KA 92 47.65 -7.20 -68.37
C PRO KA 92 47.61 -5.74 -68.80
N THR KA 93 46.53 -5.02 -68.52
CA THR KA 93 46.34 -3.68 -69.06
C THR KA 93 46.19 -2.66 -67.93
N PHE KA 94 46.71 -1.46 -68.18
CA PHE KA 94 46.42 -0.29 -67.36
C PHE KA 94 45.38 0.54 -68.09
N VAL KA 95 44.27 0.83 -67.41
CA VAL KA 95 43.20 1.63 -67.97
C VAL KA 95 43.31 3.02 -67.35
N PHE KA 96 43.59 4.02 -68.18
CA PHE KA 96 43.64 5.42 -67.78
C PHE KA 96 42.32 6.06 -68.18
N THR KA 97 41.49 6.37 -67.20
CA THR KA 97 40.22 7.05 -67.42
C THR KA 97 40.32 8.46 -66.85
N LYS KA 98 40.06 9.46 -67.68
CA LYS KA 98 40.17 10.84 -67.25
C LYS KA 98 39.18 11.12 -66.13
N GLU KA 99 39.65 11.80 -65.09
CA GLU KA 99 38.81 12.15 -63.95
C GLU KA 99 38.24 13.55 -64.10
N MET LA 1 54.87 11.22 -72.16
CA MET LA 1 53.58 10.77 -71.65
C MET LA 1 52.53 11.86 -71.79
N GLU LA 2 52.92 13.10 -71.51
CA GLU LA 2 51.96 14.21 -71.58
C GLU LA 2 51.40 14.38 -72.99
N ALA LA 3 52.22 14.10 -74.01
CA ALA LA 3 51.70 14.09 -75.38
C ALA LA 3 50.64 13.00 -75.55
N VAL LA 4 50.89 11.82 -75.00
CA VAL LA 4 49.94 10.72 -75.11
C VAL LA 4 48.66 11.05 -74.33
N LEU LA 5 48.81 11.67 -73.16
CA LEU LA 5 47.62 12.04 -72.39
C LEU LA 5 46.81 13.12 -73.06
N THR LA 6 47.49 14.11 -73.67
CA THR LA 6 46.77 15.12 -74.44
C THR LA 6 46.05 14.50 -75.63
N LYS LA 7 46.71 13.56 -76.31
CA LYS LA 7 46.06 12.85 -77.40
C LYS LA 7 44.86 12.05 -76.90
N LEU LA 8 44.97 11.45 -75.71
CA LEU LA 8 43.84 10.73 -75.13
C LEU LA 8 42.68 11.67 -74.85
N ASP LA 9 42.96 12.85 -74.29
CA ASP LA 9 41.89 13.79 -74.00
C ASP LA 9 41.23 14.25 -75.29
N GLN LA 10 42.02 14.61 -76.29
CA GLN LA 10 41.47 15.06 -77.56
C GLN LA 10 40.66 13.96 -78.24
N GLU LA 11 41.17 12.73 -78.22
CA GLU LA 11 40.46 11.62 -78.84
C GLU LA 11 39.19 11.28 -78.09
N GLU LA 12 39.21 11.41 -76.76
CA GLU LA 12 37.99 11.20 -75.98
C GLU LA 12 36.94 12.23 -76.33
N LYS LA 13 37.33 13.50 -76.43
CA LYS LA 13 36.37 14.54 -76.80
C LYS LA 13 35.82 14.30 -78.20
N LYS LA 14 36.70 14.00 -79.16
CA LYS LA 14 36.27 13.78 -80.53
C LYS LA 14 35.37 12.55 -80.64
N ALA LA 15 35.71 11.48 -79.93
CA ALA LA 15 34.91 10.26 -80.00
C ALA LA 15 33.59 10.42 -79.28
N LEU LA 16 33.54 11.17 -78.18
CA LEU LA 16 32.26 11.44 -77.54
C LEU LA 16 31.36 12.26 -78.46
N GLN LA 17 31.94 13.27 -79.12
CA GLN LA 17 31.17 14.08 -80.07
C GLN LA 17 30.65 13.21 -81.21
N ASN LA 18 31.51 12.35 -81.75
CA ASN LA 18 31.12 11.49 -82.86
C ASN LA 18 30.07 10.47 -82.43
N PHE LA 19 30.21 9.93 -81.21
CA PHE LA 19 29.24 8.97 -80.70
C PHE LA 19 27.87 9.61 -80.51
N HIS LA 20 27.83 10.82 -79.97
CA HIS LA 20 26.54 11.49 -79.81
C HIS LA 20 25.95 11.87 -81.16
N ARG LA 21 26.80 12.30 -82.11
CA ARG LA 21 26.31 12.61 -83.44
C ARG LA 21 25.74 11.36 -84.12
N CYS LA 22 26.42 10.22 -83.97
CA CYS LA 22 25.92 8.98 -84.55
C CYS LA 22 24.62 8.54 -83.88
N ALA LA 23 24.52 8.71 -82.56
CA ALA LA 23 23.28 8.37 -81.87
C ALA LA 23 22.13 9.24 -82.35
N TRP LA 24 22.38 10.54 -82.54
CA TRP LA 24 21.35 11.42 -83.05
C TRP LA 24 20.95 11.04 -84.47
N GLU LA 25 21.92 10.71 -85.32
CA GLU LA 25 21.59 10.29 -86.68
C GLU LA 25 20.78 9.00 -86.65
N GLU LA 26 21.10 8.09 -85.73
CA GLU LA 26 20.38 6.83 -85.65
C GLU LA 26 18.94 7.03 -85.18
N THR LA 27 18.73 7.86 -84.15
CA THR LA 27 17.35 8.08 -83.71
C THR LA 27 16.57 8.86 -84.76
N LYS LA 28 17.22 9.80 -85.45
CA LYS LA 28 16.58 10.49 -86.57
C LYS LA 28 16.12 9.50 -87.62
N ASN LA 29 16.99 8.57 -88.02
CA ASN LA 29 16.64 7.61 -89.05
C ASN LA 29 15.55 6.65 -88.56
N ILE LA 30 15.62 6.25 -87.29
CA ILE LA 30 14.62 5.33 -86.75
C ILE LA 30 13.24 5.97 -86.79
N ILE LA 31 13.11 7.19 -86.26
CA ILE LA 31 11.80 7.82 -86.20
C ILE LA 31 11.33 8.23 -87.60
N ASN LA 32 12.24 8.66 -88.47
CA ASN LA 32 11.84 8.97 -89.84
C ASN LA 32 11.34 7.73 -90.56
N ASP LA 33 12.01 6.59 -90.38
CA ASP LA 33 11.54 5.35 -90.99
C ASP LA 33 10.18 4.95 -90.45
N PHE LA 34 9.98 5.09 -89.14
CA PHE LA 34 8.68 4.74 -88.58
C PHE LA 34 7.57 5.65 -89.11
N LEU LA 35 7.84 6.96 -89.20
CA LEU LA 35 6.80 7.90 -89.58
C LEU LA 35 6.48 7.82 -91.07
N GLU LA 36 7.50 7.73 -91.92
CA GLU LA 36 7.28 7.84 -93.36
C GLU LA 36 7.10 6.48 -94.02
N ILE LA 37 8.11 5.62 -93.95
CA ILE LA 37 8.09 4.36 -94.70
C ILE LA 37 8.43 3.19 -93.78
N PRO LA 38 7.51 2.76 -92.91
CA PRO LA 38 7.81 1.63 -92.04
C PRO LA 38 7.42 0.28 -92.63
N GLU LA 39 6.57 0.29 -93.65
CA GLU LA 39 5.93 -0.94 -94.12
C GLU LA 39 6.94 -1.95 -94.64
N GLU LA 40 8.05 -1.48 -95.20
CA GLU LA 40 9.08 -2.36 -95.74
C GLU LA 40 10.12 -2.74 -94.70
N ARG LA 41 9.93 -2.33 -93.45
CA ARG LA 41 10.91 -2.56 -92.39
C ARG LA 41 10.36 -3.37 -91.23
N CYS LA 42 9.06 -3.29 -90.94
CA CYS LA 42 8.46 -3.94 -89.80
C CYS LA 42 7.64 -5.15 -90.23
N THR LA 43 7.59 -6.16 -89.35
CA THR LA 43 6.82 -7.37 -89.55
C THR LA 43 5.81 -7.53 -88.42
N TYR LA 44 5.03 -8.60 -88.49
CA TYR LA 44 4.02 -8.89 -87.48
C TYR LA 44 4.26 -10.30 -86.93
N LYS LA 45 4.27 -10.43 -85.60
CA LYS LA 45 4.50 -11.71 -84.95
C LYS LA 45 3.42 -11.95 -83.91
N PHE LA 46 2.79 -13.12 -83.97
CA PHE LA 46 1.68 -13.44 -83.08
C PHE LA 46 2.24 -14.09 -81.81
N ASN LA 47 2.20 -13.34 -80.71
CA ASN LA 47 2.49 -13.89 -79.39
C ASN LA 47 1.22 -14.61 -78.90
N SER LA 48 1.27 -15.95 -78.91
CA SER LA 48 0.11 -16.74 -78.50
C SER LA 48 -0.09 -16.73 -77.00
N TYR LA 49 0.98 -16.55 -76.22
CA TYR LA 49 0.84 -16.46 -74.77
C TYR LA 49 0.00 -15.27 -74.37
N THR LA 50 0.21 -14.13 -75.04
CA THR LA 50 -0.65 -12.96 -74.88
C THR LA 50 -1.74 -12.90 -75.94
N LYS LA 51 -1.84 -13.93 -76.78
CA LYS LA 51 -2.87 -14.07 -77.82
C LYS LA 51 -3.13 -12.77 -78.57
N LYS LA 52 -2.05 -12.17 -79.06
CA LYS LA 52 -2.16 -10.96 -79.85
C LYS LA 52 -0.93 -10.83 -80.75
N MET LA 53 -1.08 -10.12 -81.86
CA MET LA 53 0.10 -9.84 -82.67
C MET LA 53 0.77 -8.57 -82.22
N GLU LA 54 2.09 -8.56 -82.34
CA GLU LA 54 2.92 -7.41 -82.06
C GLU LA 54 3.69 -7.02 -83.31
N LEU LA 55 3.81 -5.72 -83.52
CA LEU LA 55 4.61 -5.19 -84.61
C LEU LA 55 6.08 -5.25 -84.21
N LEU LA 56 6.86 -6.02 -84.96
CA LEU LA 56 8.30 -6.10 -84.77
C LEU LA 56 8.93 -5.09 -85.74
N PHE LA 57 9.39 -3.97 -85.19
CA PHE LA 57 10.05 -2.94 -85.95
C PHE LA 57 11.56 -3.11 -85.78
N THR LA 58 12.27 -3.28 -86.88
CA THR LA 58 13.71 -3.54 -86.84
C THR LA 58 14.45 -2.36 -87.44
N PRO LA 59 14.92 -1.41 -86.62
CA PRO LA 59 15.68 -0.29 -87.17
C PRO LA 59 16.95 -0.76 -87.86
N GLU LA 60 17.31 -0.07 -88.94
CA GLU LA 60 18.44 -0.51 -89.75
C GLU LA 60 19.76 -0.37 -89.00
N PHE LA 61 19.88 0.59 -88.09
CA PHE LA 61 21.12 0.86 -87.39
C PHE LA 61 20.94 0.62 -85.88
N HIS LA 62 21.97 0.05 -85.26
CA HIS LA 62 21.92 -0.26 -83.83
C HIS LA 62 23.22 0.11 -83.13
N THR LA 63 24.05 0.95 -83.73
CA THR LA 63 25.40 1.16 -83.20
C THR LA 63 25.40 2.03 -81.95
N ALA LA 64 24.61 3.10 -81.92
CA ALA LA 64 24.74 4.10 -80.87
C ALA LA 64 23.44 4.54 -80.22
N TRP LA 65 22.29 4.38 -80.86
CA TRP LA 65 21.07 4.98 -80.34
C TRP LA 65 20.62 4.33 -79.03
N HIS LA 66 20.81 3.02 -78.87
CA HIS LA 66 20.40 2.35 -77.65
C HIS LA 66 21.40 2.52 -76.51
N GLU LA 67 22.63 2.91 -76.82
CA GLU LA 67 23.64 3.08 -75.79
C GLU LA 67 23.55 4.42 -75.08
N VAL LA 68 22.79 5.36 -75.63
CA VAL LA 68 22.56 6.65 -75.00
C VAL LA 68 21.22 6.58 -74.27
N PRO LA 69 21.19 6.69 -72.94
CA PRO LA 69 19.90 6.56 -72.23
C PRO LA 69 18.88 7.59 -72.67
N GLU LA 70 19.31 8.82 -72.95
CA GLU LA 70 18.38 9.87 -73.34
C GLU LA 70 17.77 9.60 -74.71
N CYS LA 71 18.61 9.21 -75.68
CA CYS LA 71 18.10 8.92 -77.01
C CYS LA 71 17.16 7.72 -77.01
N ARG LA 72 17.52 6.66 -76.28
CA ARG LA 72 16.65 5.49 -76.22
C ARG LA 72 15.34 5.81 -75.52
N GLU LA 73 15.40 6.55 -74.42
CA GLU LA 73 14.17 6.93 -73.72
C GLU LA 73 13.27 7.78 -74.60
N PHE LA 74 13.86 8.74 -75.33
CA PHE LA 74 13.06 9.55 -76.23
C PHE LA 74 12.47 8.72 -77.36
N ILE LA 75 13.25 7.77 -77.91
CA ILE LA 75 12.73 6.93 -78.98
C ILE LA 75 11.52 6.16 -78.51
N LEU LA 76 11.64 5.51 -77.34
CA LEU LA 76 10.52 4.74 -76.82
C LEU LA 76 9.32 5.63 -76.54
N ASN LA 77 9.54 6.77 -75.87
CA ASN LA 77 8.44 7.65 -75.50
C ASN LA 77 7.75 8.23 -76.73
N PHE LA 78 8.52 8.64 -77.73
CA PHE LA 78 7.93 9.23 -78.92
C PHE LA 78 7.23 8.19 -79.79
N LEU LA 79 7.76 6.96 -79.84
CA LEU LA 79 7.05 5.91 -80.54
C LEU LA 79 5.73 5.59 -79.86
N ARG LA 80 5.72 5.58 -78.52
CA ARG LA 80 4.46 5.40 -77.80
C ARG LA 80 3.50 6.54 -78.08
N LEU LA 81 4.01 7.77 -78.15
CA LEU LA 81 3.14 8.93 -78.38
C LEU LA 81 2.54 8.90 -79.78
N ILE LA 82 3.38 8.72 -80.80
CA ILE LA 82 2.90 8.84 -82.18
C ILE LA 82 2.13 7.59 -82.61
N SER LA 83 2.43 6.43 -82.02
CA SER LA 83 1.71 5.22 -82.37
C SER LA 83 0.49 4.99 -81.50
N GLY LA 84 0.56 5.37 -80.22
CA GLY LA 84 -0.52 5.11 -79.30
C GLY LA 84 -0.52 3.73 -78.71
N HIS LA 85 0.31 2.82 -79.22
CA HIS LA 85 0.40 1.47 -78.71
C HIS LA 85 1.40 1.39 -77.56
N ARG LA 86 1.57 0.19 -77.03
CA ARG LA 86 2.60 -0.07 -76.03
C ARG LA 86 3.87 -0.50 -76.74
N VAL LA 87 4.93 0.29 -76.61
CA VAL LA 87 6.19 0.05 -77.30
C VAL LA 87 7.20 -0.45 -76.26
N VAL LA 88 7.77 -1.61 -76.51
CA VAL LA 88 8.82 -2.15 -75.65
C VAL LA 88 10.02 -2.51 -76.51
N LEU LA 89 11.20 -2.06 -76.11
CA LEU LA 89 12.43 -2.33 -76.85
C LEU LA 89 13.06 -3.60 -76.29
N LYS LA 90 13.08 -4.66 -77.10
CA LYS LA 90 13.76 -5.90 -76.73
C LYS LA 90 14.83 -6.19 -77.77
N GLY LA 91 16.07 -6.27 -77.33
CA GLY LA 91 17.19 -6.48 -78.23
C GLY LA 91 17.26 -5.40 -79.29
N PRO LA 92 17.27 -5.81 -80.55
CA PRO LA 92 17.24 -4.85 -81.67
C PRO LA 92 15.85 -4.53 -82.19
N THR LA 93 14.79 -4.93 -81.50
CA THR LA 93 13.43 -4.83 -82.02
C THR LA 93 12.58 -3.93 -81.13
N PHE LA 94 11.68 -3.19 -81.77
CA PHE LA 94 10.60 -2.49 -81.10
C PHE LA 94 9.34 -3.34 -81.23
N VAL LA 95 8.73 -3.69 -80.10
CA VAL LA 95 7.52 -4.48 -80.08
C VAL LA 95 6.37 -3.52 -79.81
N PHE LA 96 5.49 -3.39 -80.79
CA PHE LA 96 4.27 -2.58 -80.67
C PHE LA 96 3.12 -3.53 -80.37
N THR LA 97 2.60 -3.47 -79.15
CA THR LA 97 1.45 -4.26 -78.74
C THR LA 97 0.27 -3.33 -78.49
N LYS LA 98 -0.85 -3.60 -79.15
CA LYS LA 98 -2.03 -2.76 -78.98
C LYS LA 98 -2.51 -2.78 -77.53
N GLU LA 99 -2.85 -1.60 -77.03
CA GLU LA 99 -3.34 -1.47 -75.66
C GLU LA 99 -4.86 -1.44 -75.62
N MET MA 1 2.90 5.62 -91.11
CA MET MA 1 2.84 4.79 -89.92
C MET MA 1 1.42 4.34 -89.65
N GLU MA 2 0.46 5.26 -89.80
CA GLU MA 2 -0.93 4.94 -89.50
C GLU MA 2 -1.46 3.82 -90.38
N ALA MA 3 -0.98 3.72 -91.61
CA ALA MA 3 -1.32 2.58 -92.45
C ALA MA 3 -0.82 1.28 -91.84
N VAL MA 4 0.41 1.29 -91.32
CA VAL MA 4 0.98 0.09 -90.71
C VAL MA 4 0.21 -0.28 -89.44
N LEU MA 5 -0.16 0.72 -88.64
CA LEU MA 5 -0.91 0.43 -87.41
C LEU MA 5 -2.31 -0.08 -87.71
N THR MA 6 -2.97 0.50 -88.72
CA THR MA 6 -4.28 -0.01 -89.13
C THR MA 6 -4.17 -1.43 -89.66
N LYS MA 7 -3.12 -1.71 -90.43
CA LYS MA 7 -2.89 -3.08 -90.89
C LYS MA 7 -2.64 -4.01 -89.72
N LEU MA 8 -1.90 -3.55 -88.71
CA LEU MA 8 -1.70 -4.36 -87.51
C LEU MA 8 -3.01 -4.68 -86.83
N ASP MA 9 -3.88 -3.68 -86.67
CA ASP MA 9 -5.16 -3.90 -86.00
C ASP MA 9 -6.02 -4.89 -86.77
N GLN MA 10 -6.16 -4.67 -88.08
CA GLN MA 10 -6.98 -5.55 -88.90
C GLN MA 10 -6.42 -6.97 -88.93
N GLU MA 11 -5.10 -7.10 -89.13
CA GLU MA 11 -4.49 -8.42 -89.17
C GLU MA 11 -4.50 -9.08 -87.81
N GLU MA 12 -4.50 -8.32 -86.72
CA GLU MA 12 -4.58 -8.91 -85.40
C GLU MA 12 -5.97 -9.46 -85.13
N LYS MA 13 -7.00 -8.73 -85.55
CA LYS MA 13 -8.35 -9.27 -85.49
C LYS MA 13 -8.45 -10.56 -86.31
N LYS MA 14 -7.92 -10.53 -87.53
CA LYS MA 14 -7.97 -11.71 -88.39
C LYS MA 14 -7.20 -12.87 -87.79
N ALA MA 15 -6.02 -12.60 -87.22
CA ALA MA 15 -5.18 -13.67 -86.69
C ALA MA 15 -5.75 -14.24 -85.41
N LEU MA 16 -6.34 -13.41 -84.55
CA LEU MA 16 -7.02 -13.93 -83.37
C LEU MA 16 -8.21 -14.78 -83.76
N GLN MA 17 -8.99 -14.33 -84.75
CA GLN MA 17 -10.11 -15.12 -85.23
C GLN MA 17 -9.64 -16.46 -85.78
N ASN MA 18 -8.58 -16.45 -86.59
CA ASN MA 18 -8.05 -17.68 -87.16
C ASN MA 18 -7.49 -18.60 -86.09
N PHE MA 19 -6.82 -18.04 -85.08
CA PHE MA 19 -6.26 -18.84 -84.00
C PHE MA 19 -7.36 -19.51 -83.19
N HIS MA 20 -8.43 -18.78 -82.87
CA HIS MA 20 -9.53 -19.39 -82.13
C HIS MA 20 -10.27 -20.42 -82.98
N ARG MA 21 -10.43 -20.15 -84.28
CA ARG MA 21 -11.04 -21.13 -85.17
C ARG MA 21 -10.21 -22.41 -85.25
N CYS MA 22 -8.89 -22.26 -85.34
CA CYS MA 22 -8.02 -23.43 -85.38
C CYS MA 22 -8.05 -24.20 -84.06
N ALA MA 23 -8.11 -23.48 -82.93
CA ALA MA 23 -8.22 -24.15 -81.64
C ALA MA 23 -9.52 -24.92 -81.53
N TRP MA 24 -10.62 -24.33 -81.99
CA TRP MA 24 -11.90 -25.03 -81.95
C TRP MA 24 -11.89 -26.25 -82.88
N GLU MA 25 -11.30 -26.11 -84.07
CA GLU MA 25 -11.21 -27.26 -84.96
C GLU MA 25 -10.35 -28.36 -84.34
N GLU MA 26 -9.28 -27.97 -83.65
CA GLU MA 26 -8.41 -28.96 -83.03
C GLU MA 26 -9.11 -29.68 -81.89
N THR MA 27 -9.85 -28.98 -81.04
CA THR MA 27 -10.55 -29.67 -79.96
C THR MA 27 -11.68 -30.54 -80.51
N LYS MA 28 -12.37 -30.07 -81.56
CA LYS MA 28 -13.33 -30.91 -82.24
C LYS MA 28 -12.69 -32.21 -82.70
N ASN MA 29 -11.54 -32.11 -83.39
CA ASN MA 29 -10.88 -33.30 -83.91
C ASN MA 29 -10.42 -34.20 -82.78
N ILE MA 30 -9.89 -33.62 -81.70
CA ILE MA 30 -9.40 -34.43 -80.58
C ILE MA 30 -10.53 -35.23 -79.97
N ILE MA 31 -11.63 -34.55 -79.62
CA ILE MA 31 -12.71 -35.26 -78.93
C ILE MA 31 -13.43 -36.21 -79.86
N ASN MA 32 -13.59 -35.83 -81.14
CA ASN MA 32 -14.21 -36.74 -82.09
C ASN MA 32 -13.36 -37.98 -82.31
N ASP MA 33 -12.03 -37.83 -82.35
CA ASP MA 33 -11.16 -38.99 -82.48
C ASP MA 33 -11.26 -39.88 -81.24
N PHE MA 34 -11.33 -39.27 -80.06
CA PHE MA 34 -11.42 -40.08 -78.85
C PHE MA 34 -12.77 -40.79 -78.75
N LEU MA 35 -13.84 -40.17 -79.23
CA LEU MA 35 -15.17 -40.76 -79.10
C LEU MA 35 -15.47 -41.79 -80.19
N GLU MA 36 -15.02 -41.54 -81.42
CA GLU MA 36 -15.40 -42.40 -82.54
C GLU MA 36 -14.35 -43.48 -82.82
N ILE MA 37 -13.13 -43.07 -83.15
CA ILE MA 37 -12.10 -44.02 -83.56
C ILE MA 37 -10.80 -43.70 -82.82
N PRO MA 38 -10.68 -44.07 -81.54
CA PRO MA 38 -9.44 -43.84 -80.80
C PRO MA 38 -8.44 -44.98 -80.85
N GLU MA 39 -8.84 -46.18 -81.29
CA GLU MA 39 -7.99 -47.36 -81.17
C GLU MA 39 -6.71 -47.23 -81.97
N GLU MA 40 -6.76 -46.63 -83.14
CA GLU MA 40 -5.58 -46.48 -83.99
C GLU MA 40 -4.76 -45.24 -83.65
N ARG MA 41 -5.16 -44.48 -82.63
CA ARG MA 41 -4.46 -43.28 -82.23
C ARG MA 41 -3.82 -43.37 -80.85
N CYS MA 42 -4.28 -44.28 -79.99
CA CYS MA 42 -3.80 -44.38 -78.62
C CYS MA 42 -2.95 -45.63 -78.42
N THR MA 43 -1.99 -45.52 -77.51
CA THR MA 43 -1.13 -46.62 -77.11
C THR MA 43 -1.28 -46.86 -75.62
N TYR MA 44 -0.64 -47.92 -75.13
CA TYR MA 44 -0.70 -48.30 -73.73
C TYR MA 44 0.71 -48.40 -73.18
N LYS MA 45 0.97 -47.72 -72.06
CA LYS MA 45 2.29 -47.73 -71.44
C LYS MA 45 2.15 -48.04 -69.96
N PHE MA 46 2.90 -49.04 -69.49
CA PHE MA 46 2.80 -49.50 -68.11
C PHE MA 46 3.79 -48.72 -67.25
N ASN MA 47 3.31 -47.75 -66.50
CA ASN MA 47 4.12 -47.05 -65.52
C ASN MA 47 4.36 -47.97 -64.33
N SER MA 48 5.58 -48.47 -64.20
CA SER MA 48 5.91 -49.40 -63.12
C SER MA 48 6.04 -48.71 -61.77
N TYR MA 49 6.42 -47.43 -61.77
CA TYR MA 49 6.53 -46.71 -60.50
C TYR MA 49 5.17 -46.60 -59.81
N THR MA 50 4.11 -46.36 -60.58
CA THR MA 50 2.75 -46.40 -60.07
C THR MA 50 2.10 -47.76 -60.27
N LYS MA 51 2.87 -48.76 -60.72
CA LYS MA 51 2.45 -50.13 -60.94
C LYS MA 51 1.08 -50.23 -61.63
N LYS MA 52 0.86 -49.37 -62.62
CA LYS MA 52 -0.38 -49.41 -63.39
C LYS MA 52 -0.07 -48.95 -64.80
N MET MA 53 -0.89 -49.37 -65.76
CA MET MA 53 -0.68 -48.91 -67.12
C MET MA 53 -1.69 -47.82 -67.46
N GLU MA 54 -1.25 -46.92 -68.34
CA GLU MA 54 -2.02 -45.74 -68.71
C GLU MA 54 -2.16 -45.68 -70.22
N LEU MA 55 -3.24 -45.05 -70.65
CA LEU MA 55 -3.53 -44.85 -72.07
C LEU MA 55 -2.90 -43.55 -72.52
N LEU MA 56 -1.97 -43.63 -73.47
CA LEU MA 56 -1.37 -42.45 -74.09
C LEU MA 56 -2.15 -42.13 -75.35
N PHE MA 57 -2.94 -41.07 -75.30
CA PHE MA 57 -3.70 -40.59 -76.45
C PHE MA 57 -2.90 -39.47 -77.09
N THR MA 58 -2.62 -39.60 -78.38
CA THR MA 58 -1.77 -38.66 -79.11
C THR MA 58 -2.60 -37.98 -80.18
N PRO MA 59 -3.22 -36.83 -79.87
CA PRO MA 59 -3.99 -36.12 -80.89
C PRO MA 59 -3.11 -35.72 -82.07
N GLU MA 60 -3.69 -35.77 -83.26
CA GLU MA 60 -2.93 -35.52 -84.48
C GLU MA 60 -2.46 -34.07 -84.56
N PHE MA 61 -3.24 -33.14 -84.02
CA PHE MA 61 -2.95 -31.71 -84.13
C PHE MA 61 -2.63 -31.13 -82.76
N HIS MA 62 -1.63 -30.24 -82.73
CA HIS MA 62 -1.17 -29.65 -81.48
C HIS MA 62 -0.88 -28.15 -81.62
N THR MA 63 -1.36 -27.52 -82.68
CA THR MA 63 -0.95 -26.14 -82.97
C THR MA 63 -1.55 -25.14 -82.00
N ALA MA 64 -2.85 -25.25 -81.70
CA ALA MA 64 -3.55 -24.18 -81.01
C ALA MA 64 -4.41 -24.60 -79.83
N TRP MA 65 -4.82 -25.87 -79.74
CA TRP MA 65 -5.80 -26.25 -78.73
C TRP MA 65 -5.24 -26.12 -77.32
N HIS MA 66 -3.94 -26.40 -77.14
CA HIS MA 66 -3.36 -26.29 -75.80
C HIS MA 66 -2.97 -24.86 -75.44
N GLU MA 67 -2.89 -23.96 -76.41
CA GLU MA 67 -2.53 -22.57 -76.14
C GLU MA 67 -3.72 -21.75 -75.64
N VAL MA 68 -4.93 -22.26 -75.81
CA VAL MA 68 -6.15 -21.61 -75.32
C VAL MA 68 -6.50 -22.24 -73.98
N PRO MA 69 -6.46 -21.49 -72.87
CA PRO MA 69 -6.78 -22.10 -71.57
C PRO MA 69 -8.17 -22.69 -71.52
N GLU MA 70 -9.14 -22.04 -72.15
CA GLU MA 70 -10.52 -22.53 -72.11
C GLU MA 70 -10.66 -23.84 -72.87
N CYS MA 71 -10.09 -23.91 -74.08
CA CYS MA 71 -10.18 -25.14 -74.87
C CYS MA 71 -9.45 -26.29 -74.19
N ARG MA 72 -8.26 -26.04 -73.65
CA ARG MA 72 -7.53 -27.10 -72.96
C ARG MA 72 -8.27 -27.57 -71.71
N GLU MA 73 -8.79 -26.62 -70.92
CA GLU MA 73 -9.54 -26.99 -69.73
C GLU MA 73 -10.77 -27.81 -70.09
N PHE MA 74 -11.49 -27.41 -71.14
CA PHE MA 74 -12.66 -28.17 -71.56
C PHE MA 74 -12.27 -29.55 -72.06
N ILE MA 75 -11.18 -29.65 -72.81
CA ILE MA 75 -10.75 -30.96 -73.31
C ILE MA 75 -10.45 -31.88 -72.14
N LEU MA 76 -9.68 -31.40 -71.17
CA LEU MA 76 -9.34 -32.24 -70.02
C LEU MA 76 -10.59 -32.63 -69.25
N ASN MA 77 -11.46 -31.67 -68.96
CA ASN MA 77 -12.65 -31.95 -68.15
C ASN MA 77 -13.60 -32.89 -68.87
N PHE MA 78 -13.80 -32.70 -70.18
CA PHE MA 78 -14.72 -33.56 -70.90
C PHE MA 78 -14.15 -34.95 -71.12
N LEU MA 79 -12.83 -35.07 -71.30
CA LEU MA 79 -12.25 -36.41 -71.37
C LEU MA 79 -12.39 -37.13 -70.03
N ARG MA 80 -12.21 -36.41 -68.92
CA ARG MA 80 -12.45 -37.00 -67.62
C ARG MA 80 -13.90 -37.43 -67.47
N LEU MA 81 -14.84 -36.61 -67.94
CA LEU MA 81 -16.25 -36.94 -67.83
C LEU MA 81 -16.59 -38.18 -68.66
N ILE MA 82 -16.23 -38.18 -69.94
CA ILE MA 82 -16.66 -39.27 -70.81
C ILE MA 82 -15.93 -40.56 -70.49
N SER MA 83 -14.65 -40.50 -70.13
CA SER MA 83 -13.91 -41.72 -69.85
C SER MA 83 -14.09 -42.19 -68.42
N GLY MA 84 -14.12 -41.27 -67.46
CA GLY MA 84 -14.21 -41.61 -66.06
C GLY MA 84 -12.88 -41.84 -65.38
N HIS MA 85 -11.79 -41.89 -66.13
CA HIS MA 85 -10.46 -42.06 -65.57
C HIS MA 85 -9.82 -40.72 -65.29
N ARG MA 86 -8.70 -40.75 -64.57
CA ARG MA 86 -7.91 -39.56 -64.34
C ARG MA 86 -7.17 -39.21 -65.61
N VAL MA 87 -7.41 -38.01 -66.14
CA VAL MA 87 -6.80 -37.55 -67.39
C VAL MA 87 -5.80 -36.46 -67.04
N VAL MA 88 -4.55 -36.64 -67.47
CA VAL MA 88 -3.53 -35.62 -67.28
C VAL MA 88 -2.87 -35.34 -68.61
N LEU MA 89 -2.78 -34.07 -68.98
CA LEU MA 89 -2.14 -33.66 -70.23
C LEU MA 89 -0.66 -33.42 -69.96
N LYS MA 90 0.19 -34.31 -70.47
CA LYS MA 90 1.64 -34.15 -70.34
C LYS MA 90 2.22 -34.04 -71.74
N GLY MA 91 2.90 -32.93 -72.02
CA GLY MA 91 3.44 -32.66 -73.32
C GLY MA 91 2.36 -32.72 -74.39
N PRO MA 92 2.57 -33.52 -75.42
CA PRO MA 92 1.57 -33.73 -76.46
C PRO MA 92 0.62 -34.89 -76.22
N THR MA 93 0.62 -35.49 -75.03
CA THR MA 93 -0.10 -36.71 -74.77
C THR MA 93 -1.16 -36.51 -73.68
N PHE MA 94 -2.27 -37.23 -73.82
CA PHE MA 94 -3.25 -37.38 -72.76
C PHE MA 94 -3.00 -38.72 -72.07
N VAL MA 95 -2.78 -38.70 -70.77
CA VAL MA 95 -2.54 -39.91 -69.99
C VAL MA 95 -3.82 -40.23 -69.24
N PHE MA 96 -4.42 -41.36 -69.59
CA PHE MA 96 -5.60 -41.90 -68.92
C PHE MA 96 -5.14 -42.95 -67.91
N THR MA 97 -5.32 -42.66 -66.62
CA THR MA 97 -4.99 -43.60 -65.56
C THR MA 97 -6.27 -43.98 -64.84
N LYS MA 98 -6.52 -45.28 -64.73
CA LYS MA 98 -7.73 -45.75 -64.08
C LYS MA 98 -7.74 -45.35 -62.61
N GLU MA 99 -8.89 -44.89 -62.14
CA GLU MA 99 -9.05 -44.48 -60.75
C GLU MA 99 -9.69 -45.59 -59.93
N MET NA 1 -15.06 -46.01 -78.38
CA MET NA 1 -14.76 -45.22 -77.20
C MET NA 1 -14.62 -46.11 -75.97
N GLU NA 2 -15.71 -46.80 -75.61
CA GLU NA 2 -15.68 -47.67 -74.44
C GLU NA 2 -14.88 -48.94 -74.70
N ALA NA 3 -14.73 -49.34 -75.97
CA ALA NA 3 -13.91 -50.50 -76.28
C ALA NA 3 -12.46 -50.27 -75.89
N VAL NA 4 -11.95 -49.07 -76.15
CA VAL NA 4 -10.56 -48.77 -75.81
C VAL NA 4 -10.36 -48.76 -74.30
N LEU NA 5 -11.32 -48.24 -73.54
CA LEU NA 5 -11.19 -48.23 -72.09
C LEU NA 5 -11.32 -49.63 -71.50
N THR NA 6 -12.22 -50.45 -72.06
CA THR NA 6 -12.31 -51.84 -71.64
C THR NA 6 -11.01 -52.58 -71.92
N LYS NA 7 -10.41 -52.32 -73.09
CA LYS NA 7 -9.11 -52.89 -73.40
C LYS NA 7 -8.05 -52.39 -72.42
N LEU NA 8 -8.13 -51.12 -72.02
CA LEU NA 8 -7.20 -50.59 -71.03
C LEU NA 8 -7.33 -51.35 -69.72
N ASP NA 9 -8.55 -51.57 -69.25
CA ASP NA 9 -8.75 -52.26 -67.99
C ASP NA 9 -8.25 -53.70 -68.06
N GLN NA 10 -8.63 -54.41 -69.13
CA GLN NA 10 -8.21 -55.80 -69.28
C GLN NA 10 -6.69 -55.91 -69.39
N GLU NA 11 -6.08 -55.03 -70.19
CA GLU NA 11 -4.64 -55.07 -70.36
C GLU NA 11 -3.91 -54.62 -69.11
N GLU NA 12 -4.52 -53.74 -68.30
CA GLU NA 12 -3.90 -53.36 -67.04
C GLU NA 12 -3.91 -54.52 -66.06
N LYS NA 13 -5.03 -55.24 -65.98
CA LYS NA 13 -5.05 -56.45 -65.16
C LYS NA 13 -4.02 -57.45 -65.63
N LYS NA 14 -3.96 -57.70 -66.95
CA LYS NA 14 -3.02 -58.67 -67.50
C LYS NA 14 -1.57 -58.22 -67.26
N ALA NA 15 -1.28 -56.94 -67.44
CA ALA NA 15 0.09 -56.46 -67.31
C ALA NA 15 0.52 -56.43 -65.84
N LEU NA 16 -0.38 -56.09 -64.93
CA LEU NA 16 -0.06 -56.17 -63.51
C LEU NA 16 0.21 -57.61 -63.09
N GLN NA 17 -0.63 -58.54 -63.56
CA GLN NA 17 -0.41 -59.95 -63.26
C GLN NA 17 0.93 -60.43 -63.80
N ASN NA 18 1.24 -60.07 -65.05
CA ASN NA 18 2.50 -60.48 -65.66
C ASN NA 18 3.69 -59.84 -64.96
N PHE NA 19 3.57 -58.57 -64.57
CA PHE NA 19 4.65 -57.89 -63.88
C PHE NA 19 4.94 -58.51 -62.52
N HIS NA 20 3.89 -58.84 -61.76
CA HIS NA 20 4.10 -59.48 -60.47
C HIS NA 20 4.62 -60.89 -60.63
N ARG NA 21 4.15 -61.62 -61.66
CA ARG NA 21 4.69 -62.94 -61.93
C ARG NA 21 6.16 -62.88 -62.28
N CYS NA 22 6.56 -61.90 -63.10
CA CYS NA 22 7.97 -61.75 -63.46
C CYS NA 22 8.79 -61.34 -62.25
N ALA NA 23 8.26 -60.48 -61.39
CA ALA NA 23 8.97 -60.11 -60.17
C ALA NA 23 9.18 -61.32 -59.26
N TRP NA 24 8.15 -62.16 -59.12
CA TRP NA 24 8.30 -63.37 -58.31
C TRP NA 24 9.31 -64.32 -58.93
N GLU NA 25 9.28 -64.48 -60.26
CA GLU NA 25 10.26 -65.34 -60.90
C GLU NA 25 11.67 -64.80 -60.70
N GLU NA 26 11.82 -63.48 -60.74
CA GLU NA 26 13.14 -62.88 -60.56
C GLU NA 26 13.66 -63.06 -59.15
N THR NA 27 12.81 -62.84 -58.13
CA THR NA 27 13.28 -63.05 -56.77
C THR NA 27 13.54 -64.52 -56.50
N LYS NA 28 12.72 -65.41 -57.07
CA LYS NA 28 12.98 -66.83 -56.98
C LYS NA 28 14.36 -67.17 -57.54
N ASN NA 29 14.65 -66.68 -58.74
CA ASN NA 29 15.95 -66.98 -59.36
C ASN NA 29 17.10 -66.37 -58.57
N ILE NA 30 16.92 -65.15 -58.06
CA ILE NA 30 17.98 -64.50 -57.29
C ILE NA 30 18.31 -65.31 -56.05
N ILE NA 31 17.30 -65.66 -55.26
CA ILE NA 31 17.57 -66.36 -54.02
C ILE NA 31 18.05 -67.79 -54.29
N ASN NA 32 17.50 -68.44 -55.32
CA ASN NA 32 17.98 -69.78 -55.68
C ASN NA 32 19.43 -69.74 -56.11
N ASP NA 33 19.83 -68.73 -56.89
CA ASP NA 33 21.23 -68.60 -57.29
C ASP NA 33 22.11 -68.37 -56.08
N PHE NA 34 21.67 -67.52 -55.15
CA PHE NA 34 22.50 -67.27 -53.97
C PHE NA 34 22.64 -68.53 -53.10
N LEU NA 35 21.55 -69.28 -52.94
CA LEU NA 35 21.58 -70.43 -52.04
C LEU NA 35 22.30 -71.62 -52.66
N GLU NA 36 22.18 -71.83 -53.97
CA GLU NA 36 22.70 -73.03 -54.60
C GLU NA 36 24.03 -72.82 -55.30
N ILE NA 37 24.08 -71.92 -56.27
CA ILE NA 37 25.29 -71.75 -57.09
C ILE NA 37 25.62 -70.27 -57.23
N PRO NA 38 26.15 -69.63 -56.19
CA PRO NA 38 26.49 -68.21 -56.30
C PRO NA 38 27.93 -67.97 -56.77
N GLU NA 39 28.77 -68.99 -56.69
CA GLU NA 39 30.22 -68.80 -56.88
C GLU NA 39 30.52 -68.31 -58.30
N GLU NA 40 29.79 -68.79 -59.29
CA GLU NA 40 30.01 -68.36 -60.67
C GLU NA 40 29.31 -67.06 -61.01
N ARG NA 41 28.59 -66.47 -60.06
CA ARG NA 41 27.85 -65.23 -60.28
C ARG NA 41 28.37 -64.05 -59.49
N CYS NA 42 28.99 -64.30 -58.33
CA CYS NA 42 29.45 -63.23 -57.45
C CYS NA 42 30.95 -63.04 -57.56
N THR NA 43 31.39 -61.81 -57.30
CA THR NA 43 32.81 -61.44 -57.26
C THR NA 43 33.14 -60.83 -55.91
N TYR NA 44 34.41 -60.49 -55.72
CA TYR NA 44 34.88 -59.89 -54.49
C TYR NA 44 35.59 -58.58 -54.81
N LYS NA 45 35.22 -57.51 -54.10
CA LYS NA 45 35.81 -56.20 -54.31
C LYS NA 45 36.23 -55.63 -52.97
N PHE NA 46 37.47 -55.14 -52.89
CA PHE NA 46 38.01 -54.61 -51.65
C PHE NA 46 37.78 -53.10 -51.61
N ASN NA 47 36.85 -52.66 -50.77
CA ASN NA 47 36.63 -51.24 -50.54
C ASN NA 47 37.71 -50.74 -49.59
N SER NA 48 38.64 -49.94 -50.11
CA SER NA 48 39.76 -49.47 -49.30
C SER NA 48 39.33 -48.37 -48.33
N TYR NA 49 38.31 -47.59 -48.69
CA TYR NA 49 37.83 -46.55 -47.79
C TYR NA 49 37.30 -47.14 -46.50
N THR NA 50 36.55 -48.23 -46.60
CA THR NA 50 36.12 -49.01 -45.45
C THR NA 50 37.06 -50.17 -45.15
N LYS NA 51 38.17 -50.27 -45.88
CA LYS NA 51 39.20 -51.29 -45.74
C LYS NA 51 38.63 -52.69 -45.50
N LYS NA 52 37.59 -53.05 -46.22
CA LYS NA 52 36.99 -54.37 -46.07
C LYS NA 52 36.61 -54.92 -47.44
N MET NA 53 36.62 -56.25 -47.55
CA MET NA 53 36.27 -56.91 -48.80
C MET NA 53 34.79 -57.26 -48.79
N GLU NA 54 34.09 -56.89 -49.85
CA GLU NA 54 32.66 -57.08 -49.96
C GLU NA 54 32.35 -57.99 -51.15
N LEU NA 55 31.28 -58.77 -50.99
CA LEU NA 55 30.80 -59.64 -52.04
C LEU NA 55 29.88 -58.85 -52.97
N LEU NA 56 30.21 -58.82 -54.25
CA LEU NA 56 29.40 -58.19 -55.28
C LEU NA 56 28.59 -59.30 -55.94
N PHE NA 57 27.31 -59.38 -55.61
CA PHE NA 57 26.40 -60.36 -56.19
C PHE NA 57 25.60 -59.67 -57.30
N THR NA 58 25.70 -60.19 -58.52
CA THR NA 58 25.06 -59.58 -59.69
C THR NA 58 24.01 -60.55 -60.22
N PRO NA 59 22.75 -60.40 -59.81
CA PRO NA 59 21.71 -61.28 -60.35
C PRO NA 59 21.55 -61.12 -61.85
N GLU NA 60 21.19 -62.22 -62.52
CA GLU NA 60 21.10 -62.21 -63.97
C GLU NA 60 19.99 -61.30 -64.47
N PHE NA 61 18.88 -61.21 -63.73
CA PHE NA 61 17.71 -60.47 -64.16
C PHE NA 61 17.47 -59.27 -63.25
N HIS NA 62 17.03 -58.16 -63.86
CA HIS NA 62 16.78 -56.93 -63.11
C HIS NA 62 15.50 -56.23 -63.57
N THR NA 63 14.62 -56.93 -64.28
CA THR NA 63 13.49 -56.26 -64.92
C THR NA 63 12.45 -55.80 -63.92
N ALA NA 64 12.07 -56.64 -62.96
CA ALA NA 64 10.90 -56.38 -62.14
C ALA NA 64 11.10 -56.54 -60.64
N TRP NA 65 12.12 -57.28 -60.19
CA TRP NA 65 12.20 -57.60 -58.76
C TRP NA 65 12.46 -56.35 -57.92
N HIS NA 66 13.26 -55.42 -58.43
CA HIS NA 66 13.56 -54.21 -57.65
C HIS NA 66 12.46 -53.16 -57.74
N GLU NA 67 11.57 -53.26 -58.73
CA GLU NA 67 10.49 -52.29 -58.86
C GLU NA 67 9.34 -52.56 -57.89
N VAL NA 68 9.26 -53.76 -57.35
CA VAL NA 68 8.24 -54.13 -56.37
C VAL NA 68 8.83 -53.90 -54.98
N PRO NA 69 8.29 -52.99 -54.17
CA PRO NA 69 8.87 -52.76 -52.84
C PRO NA 69 8.87 -54.00 -51.97
N GLU NA 70 7.82 -54.82 -52.06
CA GLU NA 70 7.73 -56.01 -51.23
C GLU NA 70 8.77 -57.04 -51.62
N CYS NA 71 8.91 -57.30 -52.93
CA CYS NA 71 9.89 -58.29 -53.38
C CYS NA 71 11.31 -57.84 -53.06
N ARG NA 72 11.63 -56.57 -53.29
CA ARG NA 72 12.97 -56.08 -52.99
C ARG NA 72 13.25 -56.12 -51.50
N GLU NA 73 12.28 -55.70 -50.68
CA GLU NA 73 12.47 -55.74 -49.23
C GLU NA 73 12.68 -57.17 -48.75
N PHE NA 74 11.89 -58.12 -49.27
CA PHE NA 74 12.08 -59.51 -48.89
C PHE NA 74 13.43 -60.03 -49.34
N ILE NA 75 13.86 -59.69 -50.56
CA ILE NA 75 15.16 -60.16 -51.03
C ILE NA 75 16.26 -59.67 -50.10
N LEU NA 76 16.25 -58.38 -49.78
CA LEU NA 76 17.28 -57.83 -48.90
C LEU NA 76 17.24 -58.48 -47.53
N ASN NA 77 16.04 -58.57 -46.93
CA ASN NA 77 15.92 -59.12 -45.59
C ASN NA 77 16.31 -60.59 -45.54
N PHE NA 78 15.88 -61.37 -46.52
CA PHE NA 78 16.21 -62.79 -46.51
C PHE NA 78 17.69 -63.03 -46.82
N LEU NA 79 18.29 -62.21 -47.68
CA LEU NA 79 19.73 -62.34 -47.91
C LEU NA 79 20.50 -62.01 -46.64
N ARG NA 80 20.06 -60.98 -45.90
CA ARG NA 80 20.68 -60.68 -44.61
C ARG NA 80 20.52 -61.85 -43.64
N LEU NA 81 19.33 -62.46 -43.63
CA LEU NA 81 19.08 -63.57 -42.72
C LEU NA 81 19.96 -64.77 -43.05
N ILE NA 82 19.93 -65.22 -44.30
CA ILE NA 82 20.63 -66.45 -44.65
C ILE NA 82 22.14 -66.24 -44.64
N SER NA 83 22.62 -65.10 -45.13
CA SER NA 83 24.05 -64.85 -45.17
C SER NA 83 24.58 -64.46 -43.80
N GLY NA 84 23.82 -63.67 -43.05
CA GLY NA 84 24.28 -63.15 -41.77
C GLY NA 84 25.09 -61.88 -41.87
N HIS NA 85 25.54 -61.50 -43.07
CA HIS NA 85 26.30 -60.28 -43.26
C HIS NA 85 25.36 -59.08 -43.38
N ARG NA 86 25.92 -57.95 -43.78
CA ARG NA 86 25.15 -56.75 -44.05
C ARG NA 86 24.99 -56.63 -45.57
N VAL NA 87 23.75 -56.66 -46.03
CA VAL NA 87 23.43 -56.67 -47.46
C VAL NA 87 22.84 -55.31 -47.82
N VAL NA 88 23.46 -54.64 -48.77
CA VAL NA 88 22.94 -53.38 -49.29
C VAL NA 88 22.83 -53.46 -50.81
N LEU NA 89 21.69 -53.06 -51.34
CA LEU NA 89 21.43 -53.11 -52.77
C LEU NA 89 21.77 -51.76 -53.38
N LYS NA 90 22.76 -51.73 -54.27
CA LYS NA 90 23.09 -50.54 -55.03
C LYS NA 90 23.07 -50.90 -56.51
N GLY NA 91 22.22 -50.20 -57.27
CA GLY NA 91 22.05 -50.49 -58.67
C GLY NA 91 21.64 -51.93 -58.90
N PRO NA 92 22.39 -52.63 -59.75
CA PRO NA 92 22.15 -54.06 -59.98
C PRO NA 92 22.94 -55.00 -59.07
N THR NA 93 23.57 -54.49 -58.01
CA THR NA 93 24.49 -55.28 -57.22
C THR NA 93 24.02 -55.38 -55.77
N PHE NA 94 24.19 -56.57 -55.20
CA PHE NA 94 24.08 -56.78 -53.77
C PHE NA 94 25.48 -56.76 -53.19
N VAL NA 95 25.71 -55.87 -52.22
CA VAL NA 95 26.98 -55.76 -51.54
C VAL NA 95 26.83 -56.44 -50.19
N PHE NA 96 27.58 -57.52 -50.01
CA PHE NA 96 27.64 -58.25 -48.75
C PHE NA 96 28.92 -57.80 -48.02
N THR NA 97 28.75 -57.07 -46.92
CA THR NA 97 29.86 -56.63 -46.10
C THR NA 97 29.78 -57.35 -44.76
N LYS NA 98 30.88 -57.98 -44.36
CA LYS NA 98 30.91 -58.71 -43.10
C LYS NA 98 30.69 -57.76 -41.93
N GLU NA 99 29.84 -58.17 -41.00
CA GLU NA 99 29.56 -57.36 -39.82
C GLU NA 99 30.41 -57.81 -38.64
N MET OA 1 29.07 23.65 -83.92
CA MET OA 1 28.70 23.10 -82.62
C MET OA 1 29.82 23.35 -81.62
N GLU OA 2 30.90 22.55 -81.70
CA GLU OA 2 31.99 22.71 -80.76
C GLU OA 2 32.72 24.03 -80.94
N ALA OA 3 32.72 24.55 -82.17
CA ALA OA 3 33.28 25.88 -82.40
C ALA OA 3 32.47 26.93 -81.65
N VAL OA 4 31.14 26.81 -81.65
CA VAL OA 4 30.30 27.77 -80.95
C VAL OA 4 30.53 27.68 -79.44
N LEU OA 5 30.70 26.47 -78.91
CA LEU OA 5 30.94 26.33 -77.48
C LEU OA 5 32.31 26.86 -77.09
N THR OA 6 33.32 26.62 -77.93
CA THR OA 6 34.65 27.18 -77.68
C THR OA 6 34.60 28.70 -77.72
N LYS OA 7 33.86 29.27 -78.67
CA LYS OA 7 33.68 30.71 -78.71
C LYS OA 7 32.94 31.20 -77.48
N LEU OA 8 31.98 30.42 -76.98
CA LEU OA 8 31.28 30.79 -75.75
C LEU OA 8 32.26 30.86 -74.59
N ASP OA 9 33.13 29.85 -74.46
CA ASP OA 9 34.09 29.85 -73.36
C ASP OA 9 35.07 31.01 -73.46
N GLN OA 10 35.60 31.24 -74.67
CA GLN OA 10 36.55 32.33 -74.87
C GLN OA 10 35.91 33.67 -74.60
N GLU OA 11 34.68 33.88 -75.09
CA GLU OA 11 34.00 35.14 -74.89
C GLU OA 11 33.56 35.32 -73.45
N GLU OA 12 33.24 34.23 -72.76
CA GLU OA 12 32.93 34.33 -71.33
C GLU OA 12 34.16 34.76 -70.54
N LYS OA 13 35.31 34.17 -70.83
CA LYS OA 13 36.54 34.60 -70.16
C LYS OA 13 36.85 36.06 -70.46
N LYS OA 14 36.75 36.44 -71.74
CA LYS OA 14 37.03 37.82 -72.12
C LYS OA 14 36.05 38.80 -71.48
N ALA OA 15 34.77 38.45 -71.45
CA ALA OA 15 33.76 39.35 -70.90
C ALA OA 15 33.88 39.45 -69.38
N LEU OA 16 34.19 38.34 -68.71
CA LEU OA 16 34.41 38.41 -67.26
C LEU OA 16 35.63 39.26 -66.94
N GLN OA 17 36.72 39.09 -67.70
CA GLN OA 17 37.90 39.92 -67.49
C GLN OA 17 37.60 41.38 -67.73
N ASN OA 18 36.88 41.69 -68.82
CA ASN OA 18 36.55 43.08 -69.13
C ASN OA 18 35.61 43.67 -68.09
N PHE OA 19 34.66 42.86 -67.59
CA PHE OA 19 33.73 43.32 -66.58
C PHE OA 19 34.45 43.65 -65.28
N HIS OA 20 35.37 42.78 -64.86
CA HIS OA 20 36.13 43.07 -63.65
C HIS OA 20 37.05 44.26 -63.83
N ARG OA 21 37.66 44.40 -65.01
CA ARG OA 21 38.50 45.56 -65.29
C ARG OA 21 37.68 46.85 -65.25
N CYS OA 22 36.48 46.83 -65.83
CA CYS OA 22 35.62 48.00 -65.81
C CYS OA 22 35.15 48.32 -64.40
N ALA OA 23 34.84 47.29 -63.60
CA ALA OA 23 34.46 47.53 -62.21
C ALA OA 23 35.60 48.16 -61.43
N TRP OA 24 36.83 47.66 -61.64
CA TRP OA 24 37.98 48.25 -60.95
C TRP OA 24 38.20 49.68 -61.39
N GLU OA 25 38.08 49.96 -62.69
CA GLU OA 25 38.24 51.33 -63.17
C GLU OA 25 37.17 52.24 -62.57
N GLU OA 26 35.94 51.72 -62.43
CA GLU OA 26 34.85 52.52 -61.88
C GLU OA 26 35.08 52.81 -60.41
N THR OA 27 35.49 51.83 -59.61
CA THR OA 27 35.75 52.11 -58.21
C THR OA 27 36.96 53.02 -58.03
N LYS OA 28 37.97 52.85 -58.87
CA LYS OA 28 39.09 53.78 -58.88
C LYS OA 28 38.62 55.20 -59.12
N ASN OA 29 37.82 55.41 -60.15
CA ASN OA 29 37.35 56.75 -60.47
C ASN OA 29 36.45 57.30 -59.37
N ILE OA 30 35.60 56.46 -58.79
CA ILE OA 30 34.70 56.91 -57.72
C ILE OA 30 35.51 57.41 -56.53
N ILE OA 31 36.44 56.59 -56.05
CA ILE OA 31 37.17 56.97 -54.85
C ILE OA 31 38.14 58.12 -55.14
N ASN OA 32 38.74 58.14 -56.33
CA ASN OA 32 39.61 59.26 -56.69
C ASN OA 32 38.84 60.56 -56.76
N ASP OA 33 37.64 60.54 -57.34
CA ASP OA 33 36.82 61.74 -57.38
C ASP OA 33 36.42 62.19 -55.99
N PHE OA 34 36.06 61.24 -55.12
CA PHE OA 34 35.66 61.62 -53.77
C PHE OA 34 36.84 62.20 -52.99
N LEU OA 35 38.04 61.63 -53.16
CA LEU OA 35 39.19 62.09 -52.38
C LEU OA 35 39.76 63.40 -52.91
N GLU OA 36 39.73 63.61 -54.23
CA GLU OA 36 40.41 64.75 -54.83
C GLU OA 36 39.46 65.90 -55.15
N ILE OA 37 38.45 65.66 -56.00
CA ILE OA 37 37.57 66.73 -56.45
C ILE OA 37 36.12 66.27 -56.36
N PRO OA 38 35.54 66.23 -55.16
CA PRO OA 38 34.14 65.81 -55.04
C PRO OA 38 33.14 66.95 -55.16
N GLU OA 39 33.62 68.19 -54.97
CA GLU OA 39 32.72 69.32 -54.84
C GLU OA 39 31.88 69.54 -56.09
N GLU OA 40 32.40 69.20 -57.26
CA GLU OA 40 31.65 69.36 -58.51
C GLU OA 40 30.73 68.18 -58.78
N ARG OA 41 30.74 67.15 -57.94
CA ARG OA 41 29.97 65.95 -58.17
C ARG OA 41 28.93 65.65 -57.09
N CYS OA 42 28.99 66.32 -55.94
CA CYS OA 42 28.10 66.03 -54.83
C CYS OA 42 27.23 67.25 -54.52
N THR OA 43 26.02 66.97 -54.04
CA THR OA 43 25.06 67.97 -53.60
C THR OA 43 24.69 67.71 -52.14
N TYR OA 44 23.80 68.54 -51.61
CA TYR OA 44 23.31 68.39 -50.24
C TYR OA 44 21.79 68.38 -50.26
N LYS OA 45 21.18 67.36 -49.66
CA LYS OA 45 19.73 67.23 -49.63
C LYS OA 45 19.28 67.06 -48.19
N PHE OA 46 18.38 67.93 -47.74
CA PHE OA 46 17.94 67.94 -46.35
C PHE OA 46 16.77 66.97 -46.18
N ASN OA 47 17.03 65.83 -45.56
CA ASN OA 47 15.97 64.91 -45.15
C ASN OA 47 15.33 65.46 -43.89
N SER OA 48 14.10 65.95 -44.00
CA SER OA 48 13.40 66.53 -42.87
C SER OA 48 12.89 65.49 -41.90
N TYR OA 49 12.61 64.27 -42.38
CA TYR OA 49 12.16 63.21 -41.50
C TYR OA 49 13.23 62.87 -40.47
N THR OA 50 14.49 62.83 -40.89
CA THR OA 50 15.62 62.67 -39.97
C THR OA 50 16.19 64.01 -39.53
N LYS OA 51 15.53 65.11 -39.90
CA LYS OA 51 15.93 66.48 -39.56
C LYS OA 51 17.44 66.69 -39.68
N LYS OA 52 17.99 66.24 -40.80
CA LYS OA 52 19.40 66.43 -41.09
C LYS OA 52 19.59 66.39 -42.59
N MET OA 53 20.66 67.02 -43.07
CA MET OA 53 20.94 66.99 -44.49
C MET OA 53 22.07 66.01 -44.78
N GLU OA 54 21.91 65.27 -45.86
CA GLU OA 54 22.85 64.25 -46.29
C GLU OA 54 23.58 64.71 -47.54
N LEU OA 55 24.84 64.31 -47.64
CA LEU OA 55 25.65 64.56 -48.83
C LEU OA 55 25.31 63.51 -49.87
N LEU OA 56 24.79 63.97 -51.00
CA LEU OA 56 24.43 63.10 -52.12
C LEU OA 56 25.60 63.09 -53.09
N PHE OA 57 26.31 61.96 -53.16
CA PHE OA 57 27.42 61.78 -54.06
C PHE OA 57 26.96 60.94 -55.25
N THR OA 58 27.10 61.47 -56.46
CA THR OA 58 26.62 60.82 -57.68
C THR OA 58 27.82 60.51 -58.56
N PRO OA 59 28.39 59.31 -58.44
CA PRO OA 59 29.53 58.96 -59.30
C PRO OA 59 29.14 58.95 -60.77
N GLU OA 60 30.10 59.33 -61.62
CA GLU OA 60 29.82 59.50 -63.04
C GLU OA 60 29.47 58.17 -63.69
N PHE OA 61 30.13 57.09 -63.28
CA PHE OA 61 29.97 55.79 -63.91
C PHE OA 61 29.23 54.83 -62.99
N HIS OA 62 28.33 54.04 -63.58
CA HIS OA 62 27.50 53.11 -62.81
C HIS OA 62 27.35 51.76 -63.50
N THR OA 63 28.25 51.43 -64.43
CA THR OA 63 28.02 50.27 -65.28
C THR OA 63 28.37 48.95 -64.57
N ALA OA 64 29.44 48.93 -63.79
CA ALA OA 64 29.95 47.66 -63.27
C ALA OA 64 30.30 47.65 -61.80
N TRP OA 65 30.55 48.79 -61.16
CA TRP OA 65 31.09 48.77 -59.80
C TRP OA 65 30.06 48.25 -58.79
N HIS OA 66 28.78 48.54 -58.98
CA HIS OA 66 27.77 48.07 -58.04
C HIS OA 66 27.37 46.62 -58.26
N GLU OA 67 27.66 46.07 -59.44
CA GLU OA 67 27.30 44.69 -59.73
C GLU OA 67 28.29 43.69 -59.17
N VAL OA 68 29.47 44.13 -58.77
CA VAL OA 68 30.46 43.27 -58.12
C VAL OA 68 30.31 43.44 -56.61
N PRO OA 69 29.92 42.39 -55.87
CA PRO OA 69 29.74 42.56 -54.42
C PRO OA 69 30.99 43.02 -53.70
N GLU OA 70 32.16 42.55 -54.12
CA GLU OA 70 33.40 42.92 -53.45
C GLU OA 70 33.73 44.39 -53.69
N CYS OA 71 33.61 44.85 -54.93
CA CYS OA 71 33.91 46.25 -55.23
C CYS OA 71 32.93 47.19 -54.53
N ARG OA 72 31.64 46.86 -54.53
CA ARG OA 72 30.65 47.70 -53.85
C ARG OA 72 30.89 47.72 -52.35
N GLU OA 73 31.16 46.55 -51.76
CA GLU OA 73 31.43 46.50 -50.33
C GLU OA 73 32.65 47.31 -49.97
N PHE OA 74 33.71 47.20 -50.77
CA PHE OA 74 34.91 47.99 -50.50
C PHE OA 74 34.64 49.48 -50.66
N ILE OA 75 33.87 49.87 -51.68
CA ILE OA 75 33.57 51.28 -51.87
C ILE OA 75 32.85 51.82 -50.65
N LEU OA 76 31.81 51.13 -50.19
CA LEU OA 76 31.07 51.60 -49.03
C LEU OA 76 31.95 51.65 -47.80
N ASN OA 77 32.72 50.59 -47.55
CA ASN OA 77 33.55 50.53 -46.35
C ASN OA 77 34.63 51.60 -46.36
N PHE OA 78 35.27 51.81 -47.51
CA PHE OA 78 36.34 52.80 -47.57
C PHE OA 78 35.79 54.21 -47.52
N LEU OA 79 34.63 54.47 -48.10
CA LEU OA 79 34.01 55.78 -47.96
C LEU OA 79 33.66 56.05 -46.51
N ARG OA 80 33.14 55.04 -45.80
CA ARG OA 80 32.89 55.20 -44.38
C ARG OA 80 34.18 55.46 -43.61
N LEU OA 81 35.25 54.75 -43.96
CA LEU OA 81 36.53 54.92 -43.26
C LEU OA 81 37.09 56.32 -43.46
N ILE OA 82 37.21 56.75 -44.72
CA ILE OA 82 37.87 58.03 -45.01
C ILE OA 82 36.99 59.20 -44.60
N SER OA 83 35.67 59.07 -44.72
CA SER OA 83 34.79 60.17 -44.38
C SER OA 83 34.45 60.20 -42.89
N GLY OA 84 34.23 59.03 -42.29
CA GLY OA 84 33.79 58.95 -40.91
C GLY OA 84 32.29 59.06 -40.74
N HIS OA 85 31.55 59.36 -41.81
CA HIS OA 85 30.10 59.46 -41.75
C HIS OA 85 29.46 58.13 -42.11
N ARG OA 86 28.16 58.02 -41.82
CA ARG OA 86 27.40 56.87 -42.24
C ARG OA 86 27.10 56.97 -43.74
N VAL OA 87 27.64 56.02 -44.51
CA VAL OA 87 27.51 56.01 -45.95
C VAL OA 87 26.56 54.88 -46.34
N VAL OA 88 25.51 55.21 -47.07
CA VAL OA 88 24.56 54.21 -47.55
C VAL OA 88 24.37 54.41 -49.05
N LEU OA 89 24.46 53.32 -49.81
CA LEU OA 89 24.30 53.37 -51.26
C LEU OA 89 22.84 53.09 -51.59
N LYS OA 90 22.15 54.10 -52.13
CA LYS OA 90 20.79 53.93 -52.63
C LYS OA 90 20.76 54.26 -54.11
N GLY OA 91 20.43 53.26 -54.92
CA GLY OA 91 20.40 53.42 -56.35
C GLY OA 91 21.75 53.88 -56.88
N PRO OA 92 21.77 55.03 -57.55
CA PRO OA 92 23.02 55.60 -58.05
C PRO OA 92 23.71 56.58 -57.12
N THR OA 93 23.25 56.73 -55.88
CA THR OA 93 23.75 57.78 -55.00
C THR OA 93 24.35 57.20 -53.73
N PHE OA 94 25.39 57.87 -53.25
CA PHE OA 94 25.93 57.65 -51.92
C PHE OA 94 25.39 58.71 -50.99
N VAL OA 95 24.75 58.29 -49.92
CA VAL OA 95 24.20 59.20 -48.91
C VAL OA 95 25.16 59.21 -47.73
N PHE OA 96 25.74 60.38 -47.48
CA PHE OA 96 26.61 60.60 -46.33
C PHE OA 96 25.80 61.32 -45.27
N THR OA 97 25.51 60.64 -44.17
CA THR OA 97 24.81 61.23 -43.03
C THR OA 97 25.75 61.25 -41.84
N LYS OA 98 25.90 62.43 -41.22
CA LYS OA 98 26.79 62.56 -40.09
C LYS OA 98 26.30 61.70 -38.92
N GLU OA 99 27.24 61.01 -38.29
CA GLU OA 99 26.91 60.15 -37.15
C GLU OA 99 27.14 60.88 -35.84
N MET PA 1 37.86 66.75 -50.54
CA MET PA 1 37.37 65.72 -49.64
C MET PA 1 36.98 66.33 -48.29
N GLU PA 2 37.97 66.73 -47.49
CA GLU PA 2 37.68 67.27 -46.18
C GLU PA 2 36.96 68.60 -46.26
N ALA PA 3 37.23 69.38 -47.30
CA ALA PA 3 36.49 70.62 -47.51
C ALA PA 3 35.01 70.35 -47.73
N VAL PA 4 34.69 69.33 -48.53
CA VAL PA 4 33.29 69.00 -48.79
C VAL PA 4 32.60 68.53 -47.52
N LEU PA 5 33.28 67.72 -46.71
CA LEU PA 5 32.66 67.24 -45.47
C LEU PA 5 32.47 68.36 -44.46
N THR PA 6 33.46 69.26 -44.36
CA THR PA 6 33.30 70.43 -43.48
C THR PA 6 32.16 71.32 -43.95
N LYS PA 7 32.04 71.51 -45.27
CA LYS PA 7 30.92 72.27 -45.81
C LYS PA 7 29.60 71.57 -45.52
N LEU PA 8 29.58 70.24 -45.59
CA LEU PA 8 28.37 69.49 -45.26
C LEU PA 8 27.98 69.70 -43.80
N ASP PA 9 28.95 69.66 -42.89
CA ASP PA 9 28.65 69.86 -41.48
C ASP PA 9 28.14 71.27 -41.23
N GLN PA 10 28.82 72.27 -41.78
CA GLN PA 10 28.39 73.65 -41.60
C GLN PA 10 27.02 73.90 -42.20
N GLU PA 11 26.77 73.35 -43.39
CA GLU PA 11 25.47 73.49 -44.03
C GLU PA 11 24.39 72.75 -43.27
N GLU PA 12 24.71 71.62 -42.65
CA GLU PA 12 23.73 70.92 -41.83
C GLU PA 12 23.36 71.75 -40.62
N LYS PA 13 24.34 72.34 -39.95
CA LYS PA 13 24.04 73.22 -38.82
C LYS PA 13 23.17 74.39 -39.26
N LYS PA 14 23.56 75.06 -40.36
CA LYS PA 14 22.82 76.22 -40.84
C LYS PA 14 21.41 75.84 -41.26
N ALA PA 15 21.26 74.71 -41.96
CA ALA PA 15 19.96 74.32 -42.47
C ALA PA 15 19.04 73.84 -41.36
N LEU PA 16 19.59 73.15 -40.35
CA LEU PA 16 18.77 72.78 -39.20
C LEU PA 16 18.31 74.02 -38.44
N GLN PA 17 19.22 74.99 -38.26
CA GLN PA 17 18.84 76.24 -37.59
C GLN PA 17 17.76 76.97 -38.38
N ASN PA 18 17.91 77.05 -39.70
CA ASN PA 18 16.93 77.72 -40.54
C ASN PA 18 15.59 76.97 -40.53
N PHE PA 19 15.65 75.64 -40.53
CA PHE PA 19 14.42 74.84 -40.51
C PHE PA 19 13.66 75.04 -39.21
N HIS PA 20 14.37 75.05 -38.08
CA HIS PA 20 13.70 75.28 -36.82
C HIS PA 20 13.17 76.71 -36.71
N ARG PA 21 13.93 77.68 -37.24
CA ARG PA 21 13.45 79.06 -37.26
C ARG PA 21 12.18 79.19 -38.11
N CYS PA 22 12.15 78.53 -39.26
CA CYS PA 22 10.98 78.58 -40.12
C CYS PA 22 9.80 77.88 -39.46
N ALA PA 23 10.04 76.76 -38.77
CA ALA PA 23 8.96 76.09 -38.06
C ALA PA 23 8.39 76.97 -36.95
N TRP PA 24 9.27 77.66 -36.21
CA TRP PA 24 8.78 78.56 -35.17
C TRP PA 24 7.99 79.72 -35.77
N GLU PA 25 8.48 80.29 -36.88
CA GLU PA 25 7.73 81.36 -37.53
C GLU PA 25 6.38 80.87 -38.01
N GLU PA 26 6.33 79.64 -38.53
CA GLU PA 26 5.08 79.09 -39.02
C GLU PA 26 4.08 78.86 -37.89
N THR PA 27 4.53 78.30 -36.76
CA THR PA 27 3.58 78.10 -35.66
C THR PA 27 3.16 79.44 -35.05
N LYS PA 28 4.07 80.40 -34.98
CA LYS PA 28 3.70 81.76 -34.58
C LYS PA 28 2.59 82.29 -35.46
N ASN PA 29 2.76 82.20 -36.78
CA ASN PA 29 1.77 82.72 -37.71
C ASN PA 29 0.45 81.97 -37.59
N ILE PA 30 0.51 80.65 -37.43
CA ILE PA 30 -0.71 79.85 -37.33
C ILE PA 30 -1.51 80.26 -36.11
N ILE PA 31 -0.86 80.29 -34.94
CA ILE PA 31 -1.60 80.57 -33.71
C ILE PA 31 -2.04 82.03 -33.67
N ASN PA 32 -1.20 82.94 -34.17
CA ASN PA 32 -1.60 84.34 -34.21
C ASN PA 32 -2.80 84.55 -35.14
N ASP PA 33 -2.82 83.86 -36.28
CA ASP PA 33 -3.97 83.94 -37.17
C ASP PA 33 -5.23 83.40 -36.50
N PHE PA 34 -5.10 82.27 -35.79
CA PHE PA 34 -6.27 81.72 -35.11
C PHE PA 34 -6.77 82.66 -34.02
N LEU PA 35 -5.86 83.25 -33.25
CA LEU PA 35 -6.28 84.07 -32.12
C LEU PA 35 -6.83 85.43 -32.57
N GLU PA 36 -6.18 86.06 -33.55
CA GLU PA 36 -6.52 87.44 -33.91
C GLU PA 36 -7.55 87.52 -35.04
N ILE PA 37 -7.21 86.99 -36.21
CA ILE PA 37 -8.06 87.16 -37.38
C ILE PA 37 -8.22 85.81 -38.09
N PRO PA 38 -9.05 84.91 -37.56
CA PRO PA 38 -9.26 83.62 -38.23
C PRO PA 38 -10.41 83.62 -39.23
N GLU PA 39 -11.29 84.62 -39.13
CA GLU PA 39 -12.55 84.57 -39.86
C GLU PA 39 -12.35 84.54 -41.37
N GLU PA 40 -11.29 85.18 -41.87
CA GLU PA 40 -11.00 85.18 -43.30
C GLU PA 40 -10.11 84.01 -43.71
N ARG PA 41 -9.79 83.11 -42.79
CA ARG PA 41 -8.93 81.97 -43.06
C ARG PA 41 -9.62 80.63 -42.89
N CYS PA 42 -10.71 80.55 -42.13
CA CYS PA 42 -11.36 79.30 -41.82
C CYS PA 42 -12.75 79.25 -42.44
N THR PA 43 -13.21 78.04 -42.73
CA THR PA 43 -14.53 77.77 -43.28
C THR PA 43 -15.26 76.77 -42.37
N TYR PA 44 -16.49 76.45 -42.75
CA TYR PA 44 -17.32 75.49 -42.01
C TYR PA 44 -17.77 74.40 -42.95
N LYS PA 45 -17.60 73.15 -42.54
CA LYS PA 45 -18.01 72.00 -43.35
C LYS PA 45 -18.82 71.05 -42.49
N PHE PA 46 -20.00 70.66 -42.98
CA PHE PA 46 -20.89 69.79 -42.23
C PHE PA 46 -20.59 68.33 -42.59
N ASN PA 47 -20.00 67.60 -41.66
CA ASN PA 47 -19.79 66.17 -41.82
C ASN PA 47 -21.10 65.46 -41.49
N SER PA 48 -21.76 64.92 -42.51
CA SER PA 48 -23.06 64.28 -42.32
C SER PA 48 -22.92 62.92 -41.65
N TYR PA 49 -21.79 62.23 -41.86
CA TYR PA 49 -21.59 60.94 -41.21
C TYR PA 49 -21.56 61.08 -39.70
N THR PA 50 -20.88 62.12 -39.20
CA THR PA 50 -20.93 62.47 -37.79
C THR PA 50 -21.99 63.52 -37.50
N LYS PA 51 -22.80 63.88 -38.49
CA LYS PA 51 -23.90 64.84 -38.41
C LYS PA 51 -23.54 66.08 -37.59
N LYS PA 52 -22.34 66.59 -37.76
CA LYS PA 52 -21.91 67.78 -37.02
C LYS PA 52 -21.09 68.68 -37.94
N MET PA 53 -21.14 69.98 -37.66
CA MET PA 53 -20.38 70.95 -38.44
C MET PA 53 -19.03 71.20 -37.79
N GLU PA 54 -17.98 71.09 -38.60
CA GLU PA 54 -16.61 71.25 -38.13
C GLU PA 54 -15.98 72.48 -38.78
N LEU PA 55 -15.13 73.13 -38.01
CA LEU PA 55 -14.40 74.31 -38.47
C LEU PA 55 -13.13 73.85 -39.16
N LEU PA 56 -13.01 74.19 -40.45
CA LEU PA 56 -11.83 73.87 -41.25
C LEU PA 56 -10.92 75.08 -41.24
N PHE PA 57 -9.80 74.98 -40.52
CA PHE PA 57 -8.80 76.05 -40.44
C PHE PA 57 -7.65 75.69 -41.37
N THR PA 58 -7.32 76.60 -42.28
CA THR PA 58 -6.31 76.37 -43.31
C THR PA 58 -5.18 77.36 -43.10
N PRO PA 59 -4.15 77.00 -42.34
CA PRO PA 59 -3.01 77.91 -42.16
C PRO PA 59 -2.32 78.19 -43.48
N GLU PA 60 -1.85 79.44 -43.63
CA GLU PA 60 -1.27 79.87 -44.89
C GLU PA 60 0.02 79.12 -45.22
N PHE PA 61 0.82 78.80 -44.21
CA PHE PA 61 2.12 78.19 -44.42
C PHE PA 61 2.12 76.75 -43.92
N HIS PA 62 2.79 75.87 -44.68
CA HIS PA 62 2.82 74.45 -44.36
C HIS PA 62 4.20 73.83 -44.57
N THR PA 63 5.25 74.65 -44.68
CA THR PA 63 6.55 74.13 -45.07
C THR PA 63 7.21 73.32 -43.98
N ALA PA 64 7.19 73.80 -42.73
CA ALA PA 64 8.03 73.22 -41.69
C ALA PA 64 7.32 72.93 -40.38
N TRP PA 65 6.17 73.55 -40.08
CA TRP PA 65 5.61 73.40 -38.74
C TRP PA 65 5.12 71.98 -38.46
N HIS PA 66 4.61 71.28 -39.48
CA HIS PA 66 4.13 69.92 -39.26
C HIS PA 66 5.26 68.88 -39.27
N GLU PA 67 6.43 69.24 -39.79
CA GLU PA 67 7.55 68.30 -39.83
C GLU PA 67 8.28 68.21 -38.51
N VAL PA 68 8.07 69.16 -37.61
CA VAL PA 68 8.67 69.16 -36.27
C VAL PA 68 7.65 68.56 -35.31
N PRO PA 69 7.92 67.41 -34.70
CA PRO PA 69 6.93 66.82 -33.79
C PRO PA 69 6.57 67.72 -32.63
N GLU PA 70 7.53 68.46 -32.10
CA GLU PA 70 7.27 69.33 -30.95
C GLU PA 70 6.37 70.50 -31.34
N CYS PA 71 6.66 71.14 -32.48
CA CYS PA 71 5.84 72.27 -32.91
C CYS PA 71 4.43 71.83 -33.25
N ARG PA 72 4.29 70.69 -33.96
CA ARG PA 72 2.96 70.20 -34.30
C ARG PA 72 2.18 69.81 -33.06
N GLU PA 73 2.82 69.11 -32.12
CA GLU PA 73 2.15 68.72 -30.89
C GLU PA 73 1.71 69.95 -30.11
N PHE PA 74 2.57 70.97 -30.02
CA PHE PA 74 2.18 72.19 -29.31
C PHE PA 74 1.04 72.90 -30.02
N ILE PA 75 1.08 72.95 -31.35
CA ILE PA 75 0.00 73.62 -32.07
C ILE PA 75 -1.33 72.93 -31.79
N LEU PA 76 -1.36 71.60 -31.88
CA LEU PA 76 -2.59 70.87 -31.63
C LEU PA 76 -3.06 71.08 -30.19
N ASN PA 77 -2.15 70.92 -29.22
CA ASN PA 77 -2.54 71.01 -27.82
C ASN PA 77 -3.00 72.42 -27.46
N PHE PA 78 -2.30 73.44 -27.96
CA PHE PA 78 -2.69 74.81 -27.63
C PHE PA 78 -3.97 75.23 -28.33
N LEU PA 79 -4.20 74.74 -29.56
CA LEU PA 79 -5.49 75.01 -30.20
C LEU PA 79 -6.62 74.35 -29.43
N ARG PA 80 -6.40 73.13 -28.95
CA ARG PA 80 -7.40 72.48 -28.10
C ARG PA 80 -7.64 73.27 -26.83
N LEU PA 81 -6.57 73.79 -26.22
CA LEU PA 81 -6.71 74.57 -24.99
C LEU PA 81 -7.48 75.85 -25.22
N ILE PA 82 -7.06 76.65 -26.21
CA ILE PA 82 -7.66 77.97 -26.39
C ILE PA 82 -9.08 77.85 -26.92
N SER PA 83 -9.33 76.90 -27.83
CA SER PA 83 -10.66 76.79 -28.40
C SER PA 83 -11.60 75.97 -27.53
N GLY PA 84 -11.09 74.92 -26.89
CA GLY PA 84 -11.92 74.02 -26.13
C GLY PA 84 -12.56 72.91 -26.94
N HIS PA 85 -12.53 73.01 -28.27
CA HIS PA 85 -13.08 71.99 -29.13
C HIS PA 85 -12.06 70.86 -29.34
N ARG PA 86 -12.52 69.79 -29.97
CA ARG PA 86 -11.63 68.71 -30.37
C ARG PA 86 -10.95 69.08 -31.66
N VAL PA 87 -9.62 69.20 -31.63
CA VAL PA 87 -8.84 69.64 -32.77
C VAL PA 87 -8.10 68.43 -33.32
N VAL PA 88 -8.28 68.17 -34.61
CA VAL PA 88 -7.55 67.09 -35.29
C VAL PA 88 -6.91 67.65 -36.55
N LEU PA 89 -5.62 67.40 -36.72
CA LEU PA 89 -4.89 67.86 -37.90
C LEU PA 89 -4.97 66.78 -38.97
N LYS PA 90 -5.69 67.07 -40.05
CA LYS PA 90 -5.77 66.16 -41.18
C LYS PA 90 -5.23 66.90 -42.41
N GLY PA 91 -4.18 66.33 -43.02
CA GLY PA 91 -3.53 66.96 -44.15
C GLY PA 91 -3.05 68.35 -43.80
N PRO PA 92 -3.47 69.33 -44.60
CA PRO PA 92 -3.14 70.73 -44.32
C PRO PA 92 -4.18 71.48 -43.49
N THR PA 93 -5.15 70.80 -42.90
CA THR PA 93 -6.28 71.45 -42.26
C THR PA 93 -6.37 71.07 -40.79
N PHE PA 94 -6.87 72.01 -39.99
CA PHE PA 94 -7.26 71.76 -38.62
C PHE PA 94 -8.78 71.63 -38.58
N VAL PA 95 -9.27 70.52 -38.03
CA VAL PA 95 -10.69 70.27 -37.90
C VAL PA 95 -11.06 70.49 -36.45
N PHE PA 96 -11.91 71.50 -36.22
CA PHE PA 96 -12.46 71.81 -34.91
C PHE PA 96 -13.86 71.22 -34.84
N THR PA 97 -14.02 70.17 -34.03
CA THR PA 97 -15.31 69.54 -33.81
C THR PA 97 -15.74 69.79 -32.38
N LYS PA 98 -16.93 70.35 -32.21
CA LYS PA 98 -17.42 70.67 -30.88
C LYS PA 98 -17.61 69.40 -30.05
N GLU PA 99 -17.15 69.45 -28.81
CA GLU PA 99 -17.27 68.31 -27.90
C GLU PA 99 -18.49 68.44 -27.00
N MET QA 1 -11.14 84.18 -32.91
CA MET QA 1 -11.19 82.99 -32.08
C MET QA 1 -12.59 82.75 -31.53
N GLU QA 2 -12.90 83.40 -30.41
CA GLU QA 2 -14.18 83.17 -29.75
C GLU QA 2 -15.36 83.58 -30.62
N ALA QA 3 -15.21 84.65 -31.39
CA ALA QA 3 -16.25 85.02 -32.34
C ALA QA 3 -16.43 83.95 -33.41
N VAL QA 4 -15.33 83.42 -33.93
CA VAL QA 4 -15.41 82.36 -34.94
C VAL QA 4 -15.97 81.09 -34.33
N LEU QA 5 -15.61 80.79 -33.08
CA LEU QA 5 -16.14 79.60 -32.42
C LEU QA 5 -17.64 79.73 -32.17
N THR QA 6 -18.09 80.91 -31.75
CA THR QA 6 -19.53 81.12 -31.57
C THR QA 6 -20.27 81.02 -32.89
N LYS QA 7 -19.69 81.56 -33.96
CA LYS QA 7 -20.30 81.41 -35.28
C LYS QA 7 -20.34 79.95 -35.69
N LEU QA 8 -19.29 79.19 -35.38
CA LEU QA 8 -19.26 77.77 -35.70
C LEU QA 8 -20.36 77.03 -34.94
N ASP QA 9 -20.55 77.35 -33.65
CA ASP QA 9 -21.58 76.68 -32.87
C ASP QA 9 -22.97 77.02 -33.42
N GLN QA 10 -23.21 78.30 -33.70
CA GLN QA 10 -24.50 78.70 -34.25
C GLN QA 10 -24.75 78.06 -35.61
N GLU QA 11 -23.73 78.03 -36.47
CA GLU QA 11 -23.89 77.43 -37.78
C GLU QA 11 -24.07 75.92 -37.67
N GLU QA 12 -23.42 75.27 -36.71
CA GLU QA 12 -23.63 73.85 -36.51
C GLU QA 12 -25.07 73.56 -36.09
N LYS QA 13 -25.60 74.36 -35.15
CA LYS QA 13 -26.98 74.17 -34.73
C LYS QA 13 -27.95 74.41 -35.90
N LYS QA 14 -27.73 75.49 -36.65
CA LYS QA 14 -28.61 75.81 -37.76
C LYS QA 14 -28.53 74.74 -38.85
N ALA QA 15 -27.32 74.25 -39.15
CA ALA QA 15 -27.15 73.26 -40.20
C ALA QA 15 -27.71 71.91 -39.78
N LEU QA 16 -27.58 71.55 -38.50
CA LEU QA 16 -28.20 70.32 -38.02
C LEU QA 16 -29.72 70.41 -38.11
N GLN QA 17 -30.29 71.55 -37.71
CA GLN QA 17 -31.73 71.74 -37.81
C GLN QA 17 -32.19 71.66 -39.26
N ASN QA 18 -31.47 72.32 -40.16
CA ASN QA 18 -31.83 72.31 -41.57
C ASN QA 18 -31.67 70.92 -42.18
N PHE QA 19 -30.63 70.20 -41.77
CA PHE QA 19 -30.40 68.84 -42.26
C PHE QA 19 -31.53 67.90 -41.83
N HIS QA 20 -31.94 67.99 -40.56
CA HIS QA 20 -33.04 67.15 -40.10
C HIS QA 20 -34.36 67.55 -40.75
N ARG QA 21 -34.58 68.86 -40.95
CA ARG QA 21 -35.78 69.30 -41.66
C ARG QA 21 -35.80 68.78 -43.10
N CYS QA 22 -34.66 68.83 -43.78
CA CYS QA 22 -34.58 68.32 -45.14
C CYS QA 22 -34.78 66.82 -45.18
N ALA QA 23 -34.23 66.10 -44.20
CA ALA QA 23 -34.44 64.66 -44.14
C ALA QA 23 -35.91 64.32 -43.92
N TRP QA 24 -36.59 65.07 -43.05
CA TRP QA 24 -38.01 64.85 -42.84
C TRP QA 24 -38.81 65.16 -44.10
N GLU QA 25 -38.47 66.25 -44.78
CA GLU QA 25 -39.16 66.57 -46.03
C GLU QA 25 -38.94 65.49 -47.07
N GLU QA 26 -37.72 64.93 -47.11
CA GLU QA 26 -37.43 63.89 -48.09
C GLU QA 26 -38.19 62.60 -47.79
N THR QA 27 -38.23 62.17 -46.52
CA THR QA 27 -38.99 60.96 -46.22
C THR QA 27 -40.49 61.19 -46.41
N LYS QA 28 -40.97 62.39 -46.09
CA LYS QA 28 -42.35 62.74 -46.38
C LYS QA 28 -42.66 62.60 -47.86
N ASN QA 29 -41.81 63.17 -48.71
CA ASN QA 29 -42.04 63.11 -50.15
C ASN QA 29 -41.93 61.68 -50.66
N ILE QA 30 -40.98 60.91 -50.13
CA ILE QA 30 -40.81 59.52 -50.58
C ILE QA 30 -42.06 58.71 -50.28
N ILE QA 31 -42.53 58.76 -49.03
CA ILE QA 31 -43.68 57.94 -48.67
C ILE QA 31 -44.95 58.46 -49.32
N ASN QA 32 -45.09 59.79 -49.47
CA ASN QA 32 -46.26 60.33 -50.16
C ASN QA 32 -46.28 59.89 -51.62
N ASP QA 33 -45.12 59.91 -52.28
CA ASP QA 33 -45.05 59.44 -53.66
C ASP QA 33 -45.40 57.97 -53.76
N PHE QA 34 -44.90 57.16 -52.84
CA PHE QA 34 -45.21 55.73 -52.88
C PHE QA 34 -46.69 55.48 -52.66
N LEU QA 35 -47.30 56.18 -51.69
CA LEU QA 35 -48.69 55.90 -51.35
C LEU QA 35 -49.66 56.47 -52.38
N GLU QA 36 -49.37 57.64 -52.93
CA GLU QA 36 -50.33 58.31 -53.81
C GLU QA 36 -50.08 58.04 -55.28
N ILE QA 37 -48.91 58.42 -55.79
CA ILE QA 37 -48.65 58.36 -57.22
C ILE QA 37 -47.29 57.71 -57.51
N PRO QA 38 -47.12 56.42 -57.26
CA PRO QA 38 -45.84 55.78 -57.55
C PRO QA 38 -45.69 55.32 -58.99
N GLU QA 39 -46.78 55.21 -59.74
CA GLU QA 39 -46.73 54.57 -61.06
C GLU QA 39 -45.83 55.33 -62.03
N GLU QA 40 -45.71 56.65 -61.87
CA GLU QA 40 -44.86 57.45 -62.73
C GLU QA 40 -43.44 57.57 -62.22
N ARG QA 41 -43.10 56.88 -61.14
CA ARG QA 41 -41.78 56.96 -60.53
C ARG QA 41 -41.04 55.64 -60.47
N CYS QA 42 -41.75 54.52 -60.42
CA CYS QA 42 -41.15 53.21 -60.25
C CYS QA 42 -41.20 52.41 -61.56
N THR QA 43 -40.20 51.56 -61.75
CA THR QA 43 -40.10 50.65 -62.88
C THR QA 43 -40.06 49.21 -62.38
N TYR QA 44 -39.95 48.27 -63.32
CA TYR QA 44 -39.86 46.86 -63.00
C TYR QA 44 -38.62 46.28 -63.66
N LYS QA 45 -37.79 45.58 -62.88
CA LYS QA 45 -36.57 44.97 -63.40
C LYS QA 45 -36.56 43.51 -63.02
N PHE QA 46 -36.40 42.63 -64.01
CA PHE QA 46 -36.45 41.19 -63.78
C PHE QA 46 -35.06 40.68 -63.44
N ASN QA 47 -34.85 40.36 -62.16
CA ASN QA 47 -33.63 39.67 -61.74
C ASN QA 47 -33.76 38.20 -62.09
N SER QA 48 -32.97 37.76 -63.08
CA SER QA 48 -33.04 36.38 -63.54
C SER QA 48 -32.37 35.42 -62.57
N TYR QA 49 -31.38 35.88 -61.81
CA TYR QA 49 -30.73 35.02 -60.84
C TYR QA 49 -31.71 34.56 -59.76
N THR QA 50 -32.57 35.46 -59.31
CA THR QA 50 -33.66 35.12 -58.41
C THR QA 50 -34.95 34.80 -59.15
N LYS QA 51 -34.90 34.75 -60.49
CA LYS QA 51 -36.03 34.44 -61.37
C LYS QA 51 -37.31 35.13 -60.91
N LYS QA 52 -37.20 36.43 -60.64
CA LYS QA 52 -38.37 37.22 -60.27
C LYS QA 52 -38.08 38.67 -60.62
N MET QA 53 -39.14 39.44 -60.87
CA MET QA 53 -38.93 40.85 -61.12
C MET QA 53 -39.25 41.65 -59.87
N GLU QA 54 -38.51 42.74 -59.71
CA GLU QA 54 -38.58 43.60 -58.53
C GLU QA 54 -38.98 45.00 -58.95
N LEU QA 55 -39.73 45.66 -58.07
CA LEU QA 55 -40.09 47.05 -58.27
C LEU QA 55 -38.90 47.93 -57.91
N LEU QA 56 -38.41 48.69 -58.89
CA LEU QA 56 -37.35 49.66 -58.69
C LEU QA 56 -38.00 51.00 -58.45
N PHE QA 57 -38.01 51.45 -57.19
CA PHE QA 57 -38.57 52.74 -56.82
C PHE QA 57 -37.43 53.73 -56.68
N THR QA 58 -37.51 54.83 -57.42
CA THR QA 58 -36.43 55.83 -57.45
C THR QA 58 -36.97 57.16 -56.94
N PRO QA 59 -36.86 57.43 -55.64
CA PRO QA 59 -37.35 58.71 -55.11
C PRO QA 59 -36.59 59.88 -55.74
N GLU QA 60 -37.31 60.99 -55.90
CA GLU QA 60 -36.74 62.15 -56.59
C GLU QA 60 -35.59 62.78 -55.81
N PHE QA 61 -35.64 62.74 -54.48
CA PHE QA 61 -34.65 63.40 -53.64
C PHE QA 61 -33.83 62.38 -52.88
N HIS QA 62 -32.52 62.64 -52.79
CA HIS QA 62 -31.58 61.71 -52.18
C HIS QA 62 -30.53 62.42 -51.32
N THR QA 63 -30.83 63.62 -50.82
CA THR QA 63 -29.79 64.41 -50.17
C THR QA 63 -29.59 64.03 -48.72
N ALA QA 64 -30.67 63.86 -47.96
CA ALA QA 64 -30.56 63.76 -46.51
C ALA QA 64 -31.29 62.57 -45.88
N TRP QA 65 -32.27 61.97 -46.55
CA TRP QA 65 -33.08 60.95 -45.88
C TRP QA 65 -32.27 59.69 -45.58
N HIS QA 66 -31.34 59.32 -46.46
CA HIS QA 66 -30.55 58.13 -46.25
C HIS QA 66 -29.40 58.34 -45.27
N GLU QA 67 -29.02 59.59 -45.02
CA GLU QA 67 -27.93 59.87 -44.09
C GLU QA 67 -28.38 59.83 -42.64
N VAL QA 68 -29.68 59.89 -42.38
CA VAL QA 68 -30.22 59.80 -41.03
C VAL QA 68 -30.63 58.35 -40.79
N PRO QA 69 -30.00 57.65 -39.84
CA PRO QA 69 -30.36 56.24 -39.61
C PRO QA 69 -31.82 56.06 -39.25
N GLU QA 70 -32.39 56.98 -38.47
CA GLU QA 70 -33.77 56.85 -38.04
C GLU QA 70 -34.73 57.02 -39.22
N CYS QA 71 -34.50 58.04 -40.04
CA CYS QA 71 -35.38 58.26 -41.19
C CYS QA 71 -35.30 57.12 -42.19
N ARG QA 72 -34.08 56.63 -42.48
CA ARG QA 72 -33.93 55.53 -43.42
C ARG QA 72 -34.56 54.25 -42.87
N GLU QA 73 -34.34 53.97 -41.59
CA GLU QA 73 -34.94 52.77 -40.99
C GLU QA 73 -36.46 52.86 -41.03
N PHE QA 74 -37.02 54.03 -40.71
CA PHE QA 74 -38.47 54.18 -40.77
C PHE QA 74 -38.99 54.03 -42.20
N ILE QA 75 -38.28 54.60 -43.17
CA ILE QA 75 -38.72 54.48 -44.55
C ILE QA 75 -38.77 53.01 -44.96
N LEU QA 76 -37.70 52.27 -44.68
CA LEU QA 76 -37.68 50.86 -45.05
C LEU QA 76 -38.77 50.09 -44.34
N ASN QA 77 -38.91 50.29 -43.03
CA ASN QA 77 -39.88 49.53 -42.25
C ASN QA 77 -41.31 49.86 -42.68
N PHE QA 78 -41.60 51.13 -42.92
CA PHE QA 78 -42.96 51.51 -43.31
C PHE QA 78 -43.27 51.08 -44.74
N LEU QA 79 -42.29 51.10 -45.64
CA LEU QA 79 -42.52 50.57 -46.97
C LEU QA 79 -42.81 49.07 -46.92
N ARG QA 80 -42.06 48.34 -46.08
CA ARG QA 80 -42.36 46.93 -45.88
C ARG QA 80 -43.76 46.73 -45.32
N LEU QA 81 -44.15 47.56 -44.35
CA LEU QA 81 -45.47 47.42 -43.75
C LEU QA 81 -46.59 47.69 -44.75
N ILE QA 82 -46.54 48.84 -45.43
CA ILE QA 82 -47.65 49.22 -46.30
C ILE QA 82 -47.68 48.38 -47.57
N SER QA 83 -46.51 48.04 -48.12
CA SER QA 83 -46.48 47.23 -49.33
C SER QA 83 -46.65 45.74 -49.05
N GLY QA 84 -46.11 45.25 -47.93
CA GLY QA 84 -46.15 43.84 -47.61
C GLY QA 84 -45.06 43.02 -48.26
N HIS QA 85 -44.31 43.59 -49.19
CA HIS QA 85 -43.24 42.89 -49.87
C HIS QA 85 -41.94 42.99 -49.07
N ARG QA 86 -40.86 42.49 -49.65
CA ARG QA 86 -39.53 42.66 -49.06
C ARG QA 86 -38.89 43.88 -49.71
N VAL QA 87 -38.59 44.89 -48.90
CA VAL QA 87 -38.04 46.15 -49.37
C VAL QA 87 -36.58 46.20 -48.95
N VAL QA 88 -35.69 46.35 -49.92
CA VAL QA 88 -34.26 46.51 -49.65
C VAL QA 88 -33.75 47.75 -50.36
N LEU QA 89 -33.04 48.60 -49.63
CA LEU QA 89 -32.52 49.84 -50.19
C LEU QA 89 -31.10 49.60 -50.69
N LYS QA 90 -30.89 49.76 -52.00
CA LYS QA 90 -29.56 49.69 -52.58
C LYS QA 90 -29.31 50.96 -53.38
N GLY QA 91 -28.25 51.68 -53.03
CA GLY QA 91 -27.92 52.93 -53.67
C GLY QA 91 -29.06 53.90 -53.59
N PRO QA 92 -29.49 54.41 -54.75
CA PRO QA 92 -30.66 55.32 -54.79
C PRO QA 92 -31.99 54.63 -55.02
N THR QA 93 -32.07 53.30 -54.94
CA THR QA 93 -33.25 52.56 -55.33
C THR QA 93 -33.80 51.74 -54.18
N PHE QA 94 -35.13 51.66 -54.13
CA PHE QA 94 -35.84 50.72 -53.29
C PHE QA 94 -36.22 49.52 -54.16
N VAL QA 95 -35.82 48.33 -53.74
CA VAL QA 95 -36.14 47.10 -54.46
C VAL QA 95 -37.25 46.41 -53.68
N PHE QA 96 -38.42 46.30 -54.32
CA PHE QA 96 -39.56 45.58 -53.78
C PHE QA 96 -39.60 44.21 -54.43
N THR QA 97 -39.31 43.18 -53.65
CA THR QA 97 -39.37 41.79 -54.12
C THR QA 97 -40.49 41.08 -53.40
N LYS QA 98 -41.39 40.46 -54.17
CA LYS QA 98 -42.52 39.75 -53.58
C LYS QA 98 -42.04 38.61 -52.70
N GLU QA 99 -42.65 38.48 -51.53
CA GLU QA 99 -42.29 37.41 -50.60
C GLU QA 99 -43.26 36.23 -50.73
N MET RA 1 -50.73 52.93 -54.65
CA MET RA 1 -49.66 51.97 -54.45
C MET RA 1 -50.14 50.55 -54.75
N GLU RA 2 -51.32 50.20 -54.25
CA GLU RA 2 -51.83 48.85 -54.43
C GLU RA 2 -52.01 48.52 -55.91
N ALA RA 3 -52.33 49.52 -56.73
CA ALA RA 3 -52.35 49.29 -58.17
C ALA RA 3 -50.97 48.92 -58.70
N VAL RA 4 -49.94 49.61 -58.21
CA VAL RA 4 -48.57 49.31 -58.66
C VAL RA 4 -48.15 47.93 -58.19
N LEU RA 5 -48.52 47.53 -56.97
CA LEU RA 5 -48.15 46.20 -56.49
C LEU RA 5 -48.91 45.11 -57.24
N THR RA 6 -50.19 45.34 -57.54
CA THR RA 6 -50.93 44.38 -58.34
C THR RA 6 -50.34 44.25 -59.74
N LYS RA 7 -49.93 45.37 -60.34
CA LYS RA 7 -49.26 45.32 -61.62
C LYS RA 7 -47.93 44.58 -61.51
N LEU RA 8 -47.22 44.76 -60.39
CA LEU RA 8 -45.98 44.03 -60.18
C LEU RA 8 -46.25 42.53 -60.14
N ASP RA 9 -47.28 42.11 -59.42
CA ASP RA 9 -47.57 40.68 -59.33
C ASP RA 9 -47.97 40.10 -60.67
N GLN RA 10 -48.85 40.80 -61.40
CA GLN RA 10 -49.29 40.34 -62.71
C GLN RA 10 -48.12 40.27 -63.69
N GLU RA 11 -47.30 41.32 -63.71
CA GLU RA 11 -46.14 41.33 -64.59
C GLU RA 11 -45.09 40.32 -64.16
N GLU RA 12 -45.00 40.01 -62.88
CA GLU RA 12 -44.08 38.97 -62.43
C GLU RA 12 -44.51 37.61 -62.91
N LYS RA 13 -45.81 37.30 -62.80
CA LYS RA 13 -46.32 36.05 -63.36
C LYS RA 13 -46.07 35.99 -64.86
N LYS RA 14 -46.40 37.08 -65.57
CA LYS RA 14 -46.24 37.10 -67.02
C LYS RA 14 -44.77 36.96 -67.42
N ALA RA 15 -43.87 37.64 -66.71
CA ALA RA 15 -42.46 37.64 -67.09
C ALA RA 15 -41.80 36.32 -66.73
N LEU RA 16 -42.18 35.71 -65.62
CA LEU RA 16 -41.67 34.37 -65.30
C LEU RA 16 -42.14 33.36 -66.33
N GLN RA 17 -43.42 33.43 -66.71
CA GLN RA 17 -43.94 32.53 -67.74
C GLN RA 17 -43.21 32.73 -69.06
N ASN RA 18 -43.00 33.99 -69.45
CA ASN RA 18 -42.31 34.28 -70.70
C ASN RA 18 -40.85 33.84 -70.64
N PHE RA 19 -40.20 34.02 -69.50
CA PHE RA 19 -38.80 33.62 -69.34
C PHE RA 19 -38.66 32.10 -69.45
N HIS RA 20 -39.55 31.35 -68.80
CA HIS RA 20 -39.49 29.90 -68.91
C HIS RA 20 -39.84 29.43 -70.31
N ARG RA 21 -40.80 30.09 -70.96
CA ARG RA 21 -41.12 29.76 -72.35
C ARG RA 21 -39.94 30.01 -73.27
N CYS RA 22 -39.24 31.13 -73.08
CA CYS RA 22 -38.07 31.43 -73.89
C CYS RA 22 -36.94 30.43 -73.62
N ALA RA 23 -36.75 30.04 -72.35
CA ALA RA 23 -35.73 29.04 -72.04
C ALA RA 23 -36.06 27.71 -72.69
N TRP RA 24 -37.33 27.31 -72.68
CA TRP RA 24 -37.72 26.07 -73.34
C TRP RA 24 -37.51 26.16 -74.84
N GLU RA 25 -37.87 27.29 -75.44
CA GLU RA 25 -37.64 27.46 -76.87
C GLU RA 25 -36.16 27.40 -77.20
N GLU RA 26 -35.33 27.98 -76.34
CA GLU RA 26 -33.89 27.98 -76.58
C GLU RA 26 -33.31 26.58 -76.47
N THR RA 27 -33.69 25.80 -75.44
CA THR RA 27 -33.17 24.45 -75.35
C THR RA 27 -33.70 23.56 -76.47
N LYS RA 28 -34.96 23.78 -76.87
CA LYS RA 28 -35.49 23.08 -78.04
C LYS RA 28 -34.66 23.35 -79.27
N ASN RA 29 -34.36 24.63 -79.53
CA ASN RA 29 -33.58 24.98 -80.71
C ASN RA 29 -32.17 24.44 -80.62
N ILE RA 30 -31.56 24.48 -79.42
CA ILE RA 30 -30.19 23.99 -79.26
C ILE RA 30 -30.13 22.51 -79.57
N ILE RA 31 -31.00 21.71 -78.97
CA ILE RA 31 -30.92 20.27 -79.17
C ILE RA 31 -31.36 19.89 -80.57
N ASN RA 32 -32.35 20.60 -81.15
CA ASN RA 32 -32.74 20.33 -82.52
C ASN RA 32 -31.60 20.64 -83.49
N ASP RA 33 -30.88 21.74 -83.27
CA ASP RA 33 -29.74 22.06 -84.11
C ASP RA 33 -28.64 21.01 -83.97
N PHE RA 34 -28.39 20.54 -82.75
CA PHE RA 34 -27.36 19.53 -82.57
C PHE RA 34 -27.75 18.19 -83.19
N LEU RA 35 -29.04 17.85 -83.18
CA LEU RA 35 -29.45 16.55 -83.68
C LEU RA 35 -29.63 16.55 -85.20
N GLU RA 36 -30.14 17.64 -85.76
CA GLU RA 36 -30.48 17.67 -87.19
C GLU RA 36 -29.35 18.26 -88.04
N ILE RA 37 -29.00 19.53 -87.80
CA ILE RA 37 -28.05 20.21 -88.66
C ILE RA 37 -27.02 20.94 -87.80
N PRO RA 38 -26.02 20.23 -87.28
CA PRO RA 38 -25.00 20.90 -86.46
C PRO RA 38 -23.75 21.27 -87.25
N GLU RA 39 -23.65 20.84 -88.50
CA GLU RA 39 -22.41 21.01 -89.25
C GLU RA 39 -22.13 22.47 -89.57
N GLU RA 40 -23.17 23.26 -89.84
CA GLU RA 40 -23.00 24.67 -90.17
C GLU RA 40 -22.89 25.55 -88.93
N ARG RA 41 -22.97 24.98 -87.73
CA ARG RA 41 -22.92 25.73 -86.50
C ARG RA 41 -21.75 25.38 -85.60
N CYS RA 42 -21.15 24.20 -85.78
CA CYS RA 42 -20.07 23.71 -84.95
C CYS RA 42 -18.71 23.86 -85.64
N THR RA 43 -17.68 24.02 -84.83
CA THR RA 43 -16.29 24.11 -85.29
C THR RA 43 -15.44 23.12 -84.51
N TYR RA 44 -14.16 23.04 -84.87
CA TYR RA 44 -13.22 22.16 -84.18
C TYR RA 44 -12.02 22.97 -83.73
N LYS RA 45 -11.63 22.83 -82.47
CA LYS RA 45 -10.51 23.58 -81.92
C LYS RA 45 -9.57 22.62 -81.21
N PHE RA 46 -8.28 22.66 -81.57
CA PHE RA 46 -7.30 21.71 -81.04
C PHE RA 46 -6.67 22.30 -79.78
N ASN RA 47 -7.09 21.79 -78.62
CA ASN RA 47 -6.44 22.10 -77.36
C ASN RA 47 -5.14 21.31 -77.28
N SER RA 48 -4.01 21.99 -77.41
CA SER RA 48 -2.71 21.32 -77.40
C SER RA 48 -2.30 20.93 -75.99
N TYR RA 49 -2.77 21.64 -74.97
CA TYR RA 49 -2.44 21.29 -73.59
C TYR RA 49 -2.98 19.91 -73.25
N THR RA 50 -4.19 19.60 -73.69
CA THR RA 50 -4.76 18.27 -73.56
C THR RA 50 -4.52 17.41 -74.80
N LYS RA 51 -3.68 17.89 -75.74
CA LYS RA 51 -3.31 17.21 -76.98
C LYS RA 51 -4.50 16.52 -77.65
N LYS RA 52 -5.63 17.22 -77.73
CA LYS RA 52 -6.79 16.69 -78.42
C LYS RA 52 -7.61 17.87 -78.93
N MET RA 53 -8.41 17.63 -79.97
CA MET RA 53 -9.28 18.68 -80.43
C MET RA 53 -10.72 18.40 -80.01
N GLU RA 54 -11.43 19.49 -79.72
CA GLU RA 54 -12.77 19.45 -79.16
C GLU RA 54 -13.74 20.11 -80.13
N LEU RA 55 -14.97 19.63 -80.10
CA LEU RA 55 -16.05 20.21 -80.88
C LEU RA 55 -16.60 21.43 -80.16
N LEU RA 56 -16.51 22.59 -80.80
CA LEU RA 56 -17.05 23.83 -80.27
C LEU RA 56 -18.43 24.04 -80.88
N PHE RA 57 -19.47 23.88 -80.07
CA PHE RA 57 -20.85 24.08 -80.49
C PHE RA 57 -21.31 25.43 -79.96
N THR RA 58 -21.77 26.30 -80.87
CA THR RA 58 -22.15 27.67 -80.53
C THR RA 58 -23.62 27.86 -80.87
N PRO RA 59 -24.53 27.56 -79.94
CA PRO RA 59 -25.96 27.76 -80.21
C PRO RA 59 -26.28 29.22 -80.51
N GLU RA 60 -27.25 29.41 -81.40
CA GLU RA 60 -27.57 30.76 -81.87
C GLU RA 60 -28.13 31.64 -80.76
N PHE RA 61 -28.81 31.06 -79.78
CA PHE RA 61 -29.50 31.81 -78.74
C PHE RA 61 -28.88 31.54 -77.38
N HIS RA 62 -28.76 32.60 -76.57
CA HIS RA 62 -28.13 32.50 -75.26
C HIS RA 62 -28.88 33.29 -74.19
N THR RA 63 -30.12 33.71 -74.47
CA THR RA 63 -30.80 34.65 -73.59
C THR RA 63 -31.23 34.00 -72.28
N ALA RA 64 -31.81 32.81 -72.33
CA ALA RA 64 -32.50 32.26 -71.17
C ALA RA 64 -32.15 30.82 -70.82
N TRP RA 65 -31.62 30.03 -71.76
CA TRP RA 65 -31.47 28.60 -71.49
C TRP RA 65 -30.43 28.33 -70.40
N HIS RA 66 -29.37 29.14 -70.32
CA HIS RA 66 -28.36 28.92 -69.30
C HIS RA 66 -28.73 29.51 -67.96
N GLU RA 67 -29.70 30.43 -67.92
CA GLU RA 67 -30.12 31.03 -66.66
C GLU RA 67 -31.03 30.13 -65.85
N VAL RA 68 -31.61 29.11 -66.47
CA VAL RA 68 -32.46 28.14 -65.80
C VAL RA 68 -31.61 26.93 -65.44
N PRO RA 69 -31.40 26.62 -64.17
CA PRO RA 69 -30.55 25.46 -63.83
C PRO RA 69 -31.07 24.16 -64.40
N GLU RA 70 -32.39 23.97 -64.43
CA GLU RA 70 -32.95 22.72 -64.93
C GLU RA 70 -32.72 22.58 -66.43
N CYS RA 71 -32.96 23.64 -67.19
CA CYS RA 71 -32.75 23.56 -68.64
C CYS RA 71 -31.28 23.36 -68.99
N ARG RA 72 -30.38 24.07 -68.30
CA ARG RA 72 -28.95 23.91 -68.57
C ARG RA 72 -28.48 22.50 -68.21
N GLU RA 73 -28.92 22.00 -67.05
CA GLU RA 73 -28.54 20.65 -66.64
C GLU RA 73 -29.05 19.62 -67.62
N PHE RA 74 -30.29 19.76 -68.08
CA PHE RA 74 -30.83 18.84 -69.06
C PHE RA 74 -30.07 18.92 -70.38
N ILE RA 75 -29.74 20.13 -70.82
CA ILE RA 75 -29.00 20.28 -72.07
C ILE RA 75 -27.67 19.55 -71.98
N LEU RA 76 -26.92 19.80 -70.90
CA LEU RA 76 -25.62 19.15 -70.75
C LEU RA 76 -25.77 17.63 -70.68
N ASN RA 77 -26.70 17.14 -69.86
CA ASN RA 77 -26.85 15.71 -69.67
C ASN RA 77 -27.31 15.03 -70.96
N PHE RA 78 -28.25 15.64 -71.68
CA PHE RA 78 -28.75 15.02 -72.90
C PHE RA 78 -27.72 15.09 -74.02
N LEU RA 79 -26.93 16.16 -74.09
CA LEU RA 79 -25.85 16.19 -75.08
C LEU RA 79 -24.82 15.11 -74.76
N ARG RA 80 -24.50 14.91 -73.49
CA ARG RA 80 -23.60 13.83 -73.11
C ARG RA 80 -24.18 12.48 -73.50
N LEU RA 81 -25.49 12.29 -73.29
CA LEU RA 81 -26.13 11.02 -73.63
C LEU RA 81 -26.09 10.76 -75.12
N ILE RA 82 -26.56 11.73 -75.92
CA ILE RA 82 -26.71 11.49 -77.35
C ILE RA 82 -25.35 11.43 -78.03
N SER RA 83 -24.40 12.25 -77.60
CA SER RA 83 -23.09 12.26 -78.25
C SER RA 83 -22.18 11.17 -77.70
N GLY RA 84 -22.20 10.95 -76.39
CA GLY RA 84 -21.30 10.01 -75.76
C GLY RA 84 -19.97 10.59 -75.32
N HIS RA 85 -19.68 11.83 -75.70
CA HIS RA 85 -18.45 12.49 -75.31
C HIS RA 85 -18.66 13.32 -74.05
N ARG RA 86 -17.57 13.84 -73.51
CA ARG RA 86 -17.63 14.74 -72.38
C ARG RA 86 -18.03 16.13 -72.87
N VAL RA 87 -19.18 16.62 -72.42
CA VAL RA 87 -19.71 17.91 -72.81
C VAL RA 87 -19.55 18.86 -71.63
N VAL RA 88 -18.81 19.95 -71.85
CA VAL RA 88 -18.64 20.97 -70.82
C VAL RA 88 -19.06 22.31 -71.39
N LEU RA 89 -19.88 23.03 -70.65
CA LEU RA 89 -20.37 24.33 -71.09
C LEU RA 89 -19.46 25.43 -70.54
N LYS RA 90 -18.75 26.12 -71.43
CA LYS RA 90 -17.94 27.27 -71.05
C LYS RA 90 -18.44 28.48 -71.82
N GLY RA 91 -18.91 29.49 -71.10
CA GLY RA 91 -19.47 30.67 -71.71
C GLY RA 91 -20.63 30.32 -72.62
N PRO RA 92 -20.57 30.77 -73.87
CA PRO RA 92 -21.59 30.40 -74.86
C PRO RA 92 -21.28 29.14 -75.67
N THR RA 93 -20.28 28.36 -75.27
CA THR RA 93 -19.80 27.24 -76.08
C THR RA 93 -20.00 25.92 -75.35
N PHE RA 94 -20.39 24.90 -76.12
CA PHE RA 94 -20.36 23.52 -75.67
C PHE RA 94 -19.08 22.89 -76.21
N VAL RA 95 -18.27 22.35 -75.31
CA VAL RA 95 -17.03 21.69 -75.67
C VAL RA 95 -17.26 20.20 -75.59
N PHE RA 96 -17.19 19.52 -76.73
CA PHE RA 96 -17.28 18.07 -76.82
C PHE RA 96 -15.88 17.51 -76.92
N THR RA 97 -15.42 16.84 -75.86
CA THR RA 97 -14.13 16.18 -75.85
C THR RA 97 -14.33 14.68 -75.80
N LYS RA 98 -13.71 13.96 -76.72
CA LYS RA 98 -13.88 12.51 -76.78
C LYS RA 98 -13.32 11.87 -75.52
N GLU RA 99 -14.07 10.91 -74.99
CA GLU RA 99 -13.64 10.20 -73.78
C GLU RA 99 -12.98 8.88 -74.13
N MET SA 1 -25.73 14.86 -87.10
CA MET SA 1 -25.42 14.56 -85.70
C MET SA 1 -24.23 13.61 -85.64
N GLU SA 2 -24.45 12.35 -86.01
CA GLU SA 2 -23.37 11.37 -85.96
C GLU SA 2 -22.30 11.67 -87.00
N ALA SA 3 -22.69 12.30 -88.12
CA ALA SA 3 -21.69 12.68 -89.12
C ALA SA 3 -20.71 13.70 -88.55
N VAL SA 4 -21.20 14.67 -87.78
CA VAL SA 4 -20.33 15.68 -87.20
C VAL SA 4 -19.37 15.05 -86.21
N LEU SA 5 -19.85 14.11 -85.39
CA LEU SA 5 -18.97 13.49 -84.41
C LEU SA 5 -17.98 12.53 -85.05
N THR SA 6 -18.38 11.82 -86.11
CA THR SA 6 -17.41 11.01 -86.85
C THR SA 6 -16.35 11.89 -87.49
N LYS SA 7 -16.75 13.04 -88.03
CA LYS SA 7 -15.77 13.99 -88.55
C LYS SA 7 -14.87 14.51 -87.44
N LEU SA 8 -15.43 14.71 -86.25
CA LEU SA 8 -14.62 15.16 -85.11
C LEU SA 8 -13.57 14.11 -84.76
N ASP SA 9 -13.96 12.84 -84.71
CA ASP SA 9 -13.00 11.78 -84.38
C ASP SA 9 -11.91 11.66 -85.45
N GLN SA 10 -12.32 11.67 -86.73
CA GLN SA 10 -11.35 11.55 -87.81
C GLN SA 10 -10.40 12.75 -87.81
N GLU SA 11 -10.93 13.95 -87.61
CA GLU SA 11 -10.10 15.14 -87.59
C GLU SA 11 -9.22 15.17 -86.34
N GLU SA 12 -9.67 14.59 -85.23
CA GLU SA 12 -8.82 14.51 -84.05
C GLU SA 12 -7.64 13.58 -84.29
N LYS SA 13 -7.89 12.43 -84.92
CA LYS SA 13 -6.79 11.55 -85.29
C LYS SA 13 -5.82 12.26 -86.23
N LYS SA 14 -6.35 12.91 -87.26
CA LYS SA 14 -5.51 13.59 -88.24
C LYS SA 14 -4.72 14.73 -87.59
N ALA SA 15 -5.35 15.50 -86.72
CA ALA SA 15 -4.70 16.65 -86.12
C ALA SA 15 -3.66 16.22 -85.10
N LEU SA 16 -3.93 15.16 -84.33
CA LEU SA 16 -2.90 14.64 -83.43
C LEU SA 16 -1.71 14.11 -84.20
N GLN SA 17 -1.96 13.37 -85.29
CA GLN SA 17 -0.87 12.88 -86.11
C GLN SA 17 -0.05 14.02 -86.69
N ASN SA 18 -0.72 15.05 -87.21
CA ASN SA 18 -0.02 16.19 -87.79
C ASN SA 18 0.73 16.98 -86.74
N PHE SA 19 0.16 17.11 -85.54
CA PHE SA 19 0.83 17.83 -84.46
C PHE SA 19 2.08 17.11 -84.02
N HIS SA 20 2.02 15.79 -83.87
CA HIS SA 20 3.23 15.05 -83.49
C HIS SA 20 4.26 15.04 -84.61
N ARG SA 21 3.80 14.98 -85.86
CA ARG SA 21 4.74 15.07 -86.98
C ARG SA 21 5.43 16.43 -87.02
N CYS SA 22 4.69 17.51 -86.77
CA CYS SA 22 5.28 18.84 -86.74
C CYS SA 22 6.23 18.98 -85.55
N ALA SA 23 5.89 18.40 -84.40
CA ALA SA 23 6.79 18.44 -83.27
C ALA SA 23 8.10 17.70 -83.56
N TRP SA 24 7.99 16.54 -84.21
CA TRP SA 24 9.20 15.80 -84.58
C TRP SA 24 10.04 16.57 -85.59
N GLU SA 25 9.39 17.20 -86.57
CA GLU SA 25 10.13 18.00 -87.53
C GLU SA 25 10.81 19.18 -86.84
N GLU SA 26 10.14 19.79 -85.87
CA GLU SA 26 10.71 20.92 -85.17
C GLU SA 26 11.91 20.51 -84.32
N THR SA 27 11.82 19.39 -83.59
CA THR SA 27 12.97 18.98 -82.80
C THR SA 27 14.12 18.51 -83.70
N LYS SA 28 13.80 17.88 -84.82
CA LYS SA 28 14.81 17.54 -85.81
C LYS SA 28 15.55 18.79 -86.26
N ASN SA 29 14.81 19.83 -86.64
CA ASN SA 29 15.43 21.05 -87.12
C ASN SA 29 16.24 21.72 -86.02
N ILE SA 30 15.73 21.73 -84.78
CA ILE SA 30 16.42 22.36 -83.67
C ILE SA 30 17.77 21.70 -83.44
N ILE SA 31 17.76 20.37 -83.30
CA ILE SA 31 18.99 19.66 -82.95
C ILE SA 31 19.95 19.66 -84.15
N ASN SA 32 19.42 19.56 -85.37
CA ASN SA 32 20.29 19.64 -86.54
C ASN SA 32 20.95 21.01 -86.64
N ASP SA 33 20.21 22.08 -86.37
CA ASP SA 33 20.80 23.41 -86.38
C ASP SA 33 21.86 23.55 -85.30
N PHE SA 34 21.61 23.01 -84.11
CA PHE SA 34 22.62 23.10 -83.06
C PHE SA 34 23.88 22.31 -83.42
N LEU SA 35 23.72 21.13 -84.01
CA LEU SA 35 24.87 20.27 -84.27
C LEU SA 35 25.66 20.74 -85.48
N GLU SA 36 24.98 21.27 -86.51
CA GLU SA 36 25.64 21.58 -87.78
C GLU SA 36 25.98 23.05 -87.92
N ILE SA 37 24.98 23.93 -87.86
CA ILE SA 37 25.20 25.35 -88.15
C ILE SA 37 24.52 26.24 -87.11
N PRO SA 38 25.00 26.25 -85.86
CA PRO SA 38 24.39 27.11 -84.84
C PRO SA 38 24.93 28.53 -84.79
N GLU SA 39 26.06 28.80 -85.45
CA GLU SA 39 26.75 30.09 -85.28
C GLU SA 39 25.88 31.25 -85.75
N GLU SA 40 25.14 31.07 -86.84
CA GLU SA 40 24.28 32.13 -87.36
C GLU SA 40 22.93 32.19 -86.66
N ARG SA 41 22.70 31.34 -85.67
CA ARG SA 41 21.42 31.30 -84.96
C ARG SA 41 21.51 31.69 -83.50
N CYS SA 42 22.65 31.48 -82.84
CA CYS SA 42 22.79 31.74 -81.42
C CYS SA 42 23.58 33.02 -81.18
N THR SA 43 23.28 33.67 -80.06
CA THR SA 43 23.99 34.87 -79.61
C THR SA 43 24.59 34.59 -78.23
N TYR SA 44 25.35 35.56 -77.72
CA TYR SA 44 25.96 35.46 -76.41
C TYR SA 44 25.52 36.63 -75.56
N LYS SA 45 25.04 36.33 -74.35
CA LYS SA 45 24.55 37.37 -73.44
C LYS SA 45 25.21 37.17 -72.08
N PHE SA 46 25.77 38.24 -71.54
CA PHE SA 46 26.47 38.17 -70.25
C PHE SA 46 25.48 38.47 -69.13
N ASN SA 47 25.09 37.44 -68.39
CA ASN SA 47 24.27 37.61 -67.20
C ASN SA 47 25.17 38.09 -66.08
N SER SA 48 25.04 39.37 -65.71
CA SER SA 48 25.91 39.97 -64.71
C SER SA 48 25.56 39.52 -63.31
N TYR SA 49 24.30 39.20 -63.04
CA TYR SA 49 23.91 38.71 -61.72
C TYR SA 49 24.61 37.41 -61.40
N THR SA 50 24.70 36.50 -62.36
CA THR SA 50 25.51 35.30 -62.25
C THR SA 50 26.91 35.49 -62.83
N LYS SA 51 27.24 36.71 -63.25
CA LYS SA 51 28.54 37.11 -63.81
C LYS SA 51 29.13 36.08 -64.75
N LYS SA 52 28.30 35.52 -65.64
CA LYS SA 52 28.77 34.55 -66.62
C LYS SA 52 28.08 34.78 -67.95
N MET SA 53 28.77 34.43 -69.02
CA MET SA 53 28.21 34.53 -70.37
C MET SA 53 27.46 33.25 -70.71
N GLU SA 54 26.24 33.41 -71.22
CA GLU SA 54 25.40 32.29 -71.62
C GLU SA 54 25.09 32.38 -73.10
N LEU SA 55 24.93 31.22 -73.71
CA LEU SA 55 24.55 31.12 -75.11
C LEU SA 55 23.04 31.15 -75.22
N LEU SA 56 22.52 32.14 -75.97
CA LEU SA 56 21.10 32.25 -76.26
C LEU SA 56 20.87 31.61 -77.62
N PHE SA 57 20.29 30.41 -77.62
CA PHE SA 57 19.98 29.69 -78.84
C PHE SA 57 18.50 29.90 -79.14
N THR SA 58 18.19 30.43 -80.33
CA THR SA 58 16.84 30.78 -80.73
C THR SA 58 16.44 29.94 -81.92
N PRO SA 59 15.85 28.76 -81.71
CA PRO SA 59 15.41 27.93 -82.83
C PRO SA 59 14.35 28.65 -83.66
N GLU SA 60 14.37 28.38 -84.96
CA GLU SA 60 13.50 29.10 -85.88
C GLU SA 60 12.04 28.79 -85.64
N PHE SA 61 11.72 27.54 -85.26
CA PHE SA 61 10.35 27.08 -85.14
C PHE SA 61 9.99 26.85 -83.67
N HIS SA 62 8.77 27.24 -83.30
CA HIS SA 62 8.31 27.13 -81.92
C HIS SA 62 6.86 26.67 -81.83
N THR SA 63 6.30 26.11 -82.91
CA THR SA 63 4.86 25.83 -82.94
C THR SA 63 4.48 24.65 -82.06
N ALA SA 64 5.25 23.56 -82.10
CA ALA SA 64 4.80 22.30 -81.50
C ALA SA 64 5.83 21.60 -80.62
N TRP SA 65 7.12 21.86 -80.77
CA TRP SA 65 8.11 21.04 -80.08
C TRP SA 65 8.05 21.23 -78.56
N HIS SA 66 7.75 22.44 -78.10
CA HIS SA 66 7.68 22.67 -76.66
C HIS SA 66 6.36 22.24 -76.04
N GLU SA 67 5.32 22.02 -76.86
CA GLU SA 67 4.03 21.59 -76.33
C GLU SA 67 3.98 20.10 -76.04
N VAL SA 68 4.92 19.33 -76.57
CA VAL SA 68 5.01 17.89 -76.33
C VAL SA 68 6.02 17.68 -75.20
N PRO SA 69 5.60 17.16 -74.03
CA PRO SA 69 6.56 16.98 -72.94
C PRO SA 69 7.73 16.08 -73.31
N GLU SA 70 7.48 15.04 -74.09
CA GLU SA 70 8.54 14.10 -74.44
C GLU SA 70 9.58 14.76 -75.37
N CYS SA 71 9.10 15.47 -76.39
CA CYS SA 71 10.02 16.14 -77.31
C CYS SA 71 10.84 17.22 -76.61
N ARG SA 72 10.19 18.02 -75.76
CA ARG SA 72 10.91 19.06 -75.04
C ARG SA 72 11.93 18.46 -74.07
N GLU SA 73 11.53 17.43 -73.33
CA GLU SA 73 12.45 16.78 -72.41
C GLU SA 73 13.65 16.19 -73.16
N PHE SA 74 13.41 15.55 -74.29
CA PHE SA 74 14.51 15.00 -75.08
C PHE SA 74 15.40 16.11 -75.61
N ILE SA 75 14.82 17.21 -76.07
CA ILE SA 75 15.63 18.31 -76.58
C ILE SA 75 16.56 18.83 -75.50
N LEU SA 76 16.00 19.09 -74.31
CA LEU SA 76 16.82 19.60 -73.22
C LEU SA 76 17.91 18.60 -72.83
N ASN SA 77 17.53 17.33 -72.66
CA ASN SA 77 18.48 16.32 -72.21
C ASN SA 77 19.58 16.09 -73.24
N PHE SA 78 19.22 16.05 -74.52
CA PHE SA 78 20.22 15.80 -75.55
C PHE SA 78 21.12 17.01 -75.76
N LEU SA 79 20.58 18.23 -75.63
CA LEU SA 79 21.44 19.40 -75.70
C LEU SA 79 22.42 19.43 -74.54
N ARG SA 80 21.95 19.07 -73.34
CA ARG SA 80 22.86 18.97 -72.20
C ARG SA 80 23.93 17.90 -72.44
N LEU SA 81 23.53 16.77 -73.03
CA LEU SA 81 24.49 15.70 -73.29
C LEU SA 81 25.54 16.13 -74.29
N ILE SA 82 25.12 16.64 -75.46
CA ILE SA 82 26.08 16.93 -76.52
C ILE SA 82 26.93 18.14 -76.17
N SER SA 83 26.35 19.20 -75.60
CA SER SA 83 27.13 20.37 -75.26
C SER SA 83 27.96 20.18 -74.00
N GLY SA 84 27.40 19.50 -73.00
CA GLY SA 84 28.04 19.38 -71.71
C GLY SA 84 27.75 20.52 -70.77
N HIS SA 85 27.18 21.62 -71.26
CA HIS SA 85 26.83 22.75 -70.42
C HIS SA 85 25.48 22.51 -69.74
N ARG SA 86 25.04 23.52 -68.99
CA ARG SA 86 23.73 23.50 -68.37
C ARG SA 86 22.75 24.22 -69.29
N VAL SA 87 21.75 23.49 -69.77
CA VAL SA 87 20.79 24.00 -70.74
C VAL SA 87 19.47 24.22 -70.02
N VAL SA 88 18.94 25.44 -70.08
CA VAL SA 88 17.65 25.76 -69.52
C VAL SA 88 16.80 26.43 -70.58
N LEU SA 89 15.58 25.94 -70.76
CA LEU SA 89 14.67 26.48 -71.76
C LEU SA 89 13.79 27.54 -71.10
N LYS SA 90 13.92 28.79 -71.53
CA LYS SA 90 13.05 29.87 -71.07
C LYS SA 90 12.44 30.54 -72.30
N GLY SA 91 11.11 30.54 -72.36
CA GLY SA 91 10.40 31.08 -73.50
C GLY SA 91 10.83 30.42 -74.78
N PRO SA 92 11.23 31.24 -75.76
CA PRO SA 92 11.75 30.70 -77.03
C PRO SA 92 13.25 30.48 -77.06
N THR SA 93 13.94 30.52 -75.92
CA THR SA 93 15.40 30.53 -75.88
C THR SA 93 15.93 29.33 -75.10
N PHE SA 94 17.01 28.76 -75.60
CA PHE SA 94 17.85 27.82 -74.86
C PHE SA 94 19.02 28.60 -74.29
N VAL SA 95 19.19 28.56 -72.97
CA VAL SA 95 20.29 29.23 -72.30
C VAL SA 95 21.32 28.17 -71.94
N PHE SA 96 22.49 28.28 -72.54
CA PHE SA 96 23.63 27.41 -72.27
C PHE SA 96 24.56 28.15 -71.32
N THR SA 97 24.62 27.69 -70.08
CA THR SA 97 25.52 28.24 -69.08
C THR SA 97 26.59 27.21 -68.75
N LYS SA 98 27.85 27.62 -68.85
CA LYS SA 98 28.95 26.70 -68.60
C LYS SA 98 28.93 26.24 -67.15
N GLU SA 99 29.11 24.94 -66.94
CA GLU SA 99 29.13 24.38 -65.60
C GLU SA 99 30.56 24.24 -65.07
N MET TA 1 -40.35 75.55 -33.65
CA MET TA 1 -39.67 74.36 -33.17
C MET TA 1 -38.59 74.72 -32.14
N GLU TA 2 -37.53 75.38 -32.59
CA GLU TA 2 -36.44 75.72 -31.68
C GLU TA 2 -36.85 76.82 -30.72
N ALA TA 3 -37.81 77.67 -31.13
CA ALA TA 3 -38.33 78.67 -30.20
C ALA TA 3 -39.02 78.00 -29.01
N VAL TA 4 -39.78 76.94 -29.26
CA VAL TA 4 -40.46 76.24 -28.17
C VAL TA 4 -39.46 75.58 -27.24
N LEU TA 5 -38.40 74.99 -27.79
CA LEU TA 5 -37.39 74.36 -26.94
C LEU TA 5 -36.60 75.40 -26.13
N THR TA 6 -36.30 76.54 -26.74
CA THR TA 6 -35.64 77.61 -26.00
C THR TA 6 -36.54 78.13 -24.89
N LYS TA 7 -37.83 78.28 -25.17
CA LYS TA 7 -38.78 78.67 -24.14
C LYS TA 7 -38.86 77.63 -23.03
N LEU TA 8 -38.79 76.35 -23.40
CA LEU TA 8 -38.79 75.28 -22.40
C LEU TA 8 -37.57 75.39 -21.50
N ASP TA 9 -36.39 75.62 -22.08
CA ASP TA 9 -35.17 75.74 -21.28
C ASP TA 9 -35.27 76.95 -20.35
N GLN TA 10 -35.68 78.09 -20.88
CA GLN TA 10 -35.79 79.30 -20.08
C GLN TA 10 -36.82 79.13 -18.96
N GLU TA 11 -37.97 78.54 -19.27
CA GLU TA 11 -39.00 78.34 -18.26
C GLU TA 11 -38.59 77.28 -17.25
N GLU TA 12 -37.81 76.28 -17.65
CA GLU TA 12 -37.26 75.34 -16.69
C GLU TA 12 -36.33 76.02 -15.71
N LYS TA 13 -35.44 76.87 -16.22
CA LYS TA 13 -34.55 77.62 -15.33
C LYS TA 13 -35.35 78.50 -14.38
N LYS TA 14 -36.31 79.25 -14.92
CA LYS TA 14 -37.12 80.15 -14.11
C LYS TA 14 -37.92 79.38 -13.06
N ALA TA 15 -38.52 78.25 -13.45
CA ALA TA 15 -39.35 77.49 -12.54
C ALA TA 15 -38.52 76.81 -11.46
N LEU TA 16 -37.33 76.31 -11.82
CA LEU TA 16 -36.45 75.74 -10.80
C LEU TA 16 -36.00 76.80 -9.81
N GLN TA 17 -35.64 77.99 -10.30
CA GLN TA 17 -35.24 79.08 -9.42
C GLN TA 17 -36.38 79.47 -8.50
N ASN TA 18 -37.58 79.61 -9.06
CA ASN TA 18 -38.74 80.00 -8.25
C ASN TA 18 -39.11 78.90 -7.26
N PHE TA 19 -38.99 77.64 -7.66
CA PHE TA 19 -39.30 76.54 -6.75
C PHE TA 19 -38.34 76.49 -5.58
N HIS TA 20 -37.04 76.67 -5.84
CA HIS TA 20 -36.08 76.69 -4.73
C HIS TA 20 -36.26 77.93 -3.86
N ARG TA 21 -36.59 79.07 -4.46
CA ARG TA 21 -36.87 80.27 -3.68
C ARG TA 21 -38.08 80.08 -2.79
N CYS TA 22 -39.14 79.47 -3.31
CA CYS TA 22 -40.33 79.20 -2.51
C CYS TA 22 -40.04 78.19 -1.41
N ALA TA 23 -39.22 77.18 -1.70
CA ALA TA 23 -38.84 76.22 -0.67
C ALA TA 23 -38.06 76.89 0.45
N TRP TA 24 -37.13 77.78 0.09
CA TRP TA 24 -36.37 78.51 1.11
C TRP TA 24 -37.28 79.41 1.92
N GLU TA 25 -38.21 80.10 1.26
CA GLU TA 25 -39.14 80.95 2.00
C GLU TA 25 -40.00 80.11 2.94
N GLU TA 26 -40.41 78.92 2.49
CA GLU TA 26 -41.24 78.06 3.33
C GLU TA 26 -40.48 77.55 4.54
N THR TA 27 -39.23 77.12 4.37
CA THR TA 27 -38.48 76.64 5.52
C THR TA 27 -38.14 77.80 6.46
N LYS TA 28 -37.86 78.98 5.89
CA LYS TA 28 -37.68 80.17 6.72
C LYS TA 28 -38.90 80.42 7.59
N ASN TA 29 -40.09 80.41 6.97
CA ASN TA 29 -41.31 80.67 7.72
C ASN TA 29 -41.57 79.59 8.76
N ILE TA 30 -41.31 78.32 8.40
CA ILE TA 30 -41.55 77.22 9.33
C ILE TA 30 -40.68 77.37 10.57
N ILE TA 31 -39.37 77.55 10.36
CA ILE TA 31 -38.47 77.60 11.50
C ILE TA 31 -38.66 78.89 12.30
N ASN TA 32 -38.95 80.00 11.61
CA ASN TA 32 -39.22 81.24 12.33
C ASN TA 32 -40.49 81.12 13.18
N ASP TA 33 -41.53 80.47 12.66
CA ASP TA 33 -42.73 80.26 13.43
C ASP TA 33 -42.46 79.37 14.63
N PHE TA 34 -41.66 78.32 14.45
CA PHE TA 34 -41.35 77.44 15.58
C PHE TA 34 -40.55 78.18 16.64
N LEU TA 35 -39.59 79.02 16.23
CA LEU TA 35 -38.72 79.67 17.19
C LEU TA 35 -39.41 80.84 17.90
N GLU TA 36 -40.26 81.58 17.20
CA GLU TA 36 -40.83 82.81 17.74
C GLU TA 36 -42.24 82.63 18.29
N ILE TA 37 -43.17 82.21 17.45
CA ILE TA 37 -44.58 82.15 17.84
C ILE TA 37 -45.20 80.82 17.42
N PRO TA 38 -44.88 79.71 18.07
CA PRO TA 38 -45.49 78.44 17.70
C PRO TA 38 -46.79 78.13 18.42
N GLU TA 39 -47.07 78.81 19.53
CA GLU TA 39 -48.21 78.42 20.38
C GLU TA 39 -49.54 78.53 19.65
N GLU TA 40 -49.64 79.45 18.69
CA GLU TA 40 -50.86 79.60 17.91
C GLU TA 40 -50.93 78.62 16.74
N ARG TA 41 -49.89 77.81 16.54
CA ARG TA 41 -49.80 76.94 15.38
C ARG TA 41 -49.74 75.46 15.72
N CYS TA 42 -49.37 75.10 16.95
CA CYS TA 42 -49.19 73.71 17.33
C CYS TA 42 -50.21 73.29 18.37
N THR TA 43 -50.61 72.02 18.31
CA THR TA 43 -51.52 71.40 19.26
C THR TA 43 -50.82 70.23 19.93
N TYR TA 44 -51.55 69.54 20.81
CA TYR TA 44 -51.02 68.38 21.51
C TYR TA 44 -51.98 67.21 21.35
N LYS TA 45 -51.47 66.08 20.89
CA LYS TA 45 -52.30 64.89 20.65
C LYS TA 45 -51.69 63.72 21.41
N PHE TA 46 -52.49 63.09 22.25
CA PHE TA 46 -52.01 62.01 23.12
C PHE TA 46 -52.10 60.69 22.36
N ASN TA 47 -50.96 60.19 21.90
CA ASN TA 47 -50.88 58.85 21.34
C ASN TA 47 -50.89 57.85 22.49
N SER TA 48 -52.00 57.13 22.62
CA SER TA 48 -52.17 56.18 23.71
C SER TA 48 -51.37 54.90 23.51
N TYR TA 49 -51.12 54.53 22.25
CA TYR TA 49 -50.32 53.33 21.99
C TYR TA 49 -48.91 53.49 22.53
N THR TA 50 -48.32 54.66 22.37
CA THR TA 50 -47.05 54.99 22.98
C THR TA 50 -47.20 55.64 24.34
N LYS TA 51 -48.43 55.71 24.85
CA LYS TA 51 -48.78 56.29 26.15
C LYS TA 51 -48.02 57.60 26.41
N LYS TA 52 -48.03 58.46 25.41
CA LYS TA 52 -47.41 59.78 25.55
C LYS TA 52 -48.08 60.72 24.56
N MET TA 53 -48.01 62.02 24.86
CA MET TA 53 -48.59 63.00 23.96
C MET TA 53 -47.49 63.65 23.14
N GLU TA 54 -47.78 63.89 21.87
CA GLU TA 54 -46.85 64.48 20.93
C GLU TA 54 -47.34 65.88 20.55
N LEU TA 55 -46.38 66.77 20.34
CA LEU TA 55 -46.65 68.11 19.85
C LEU TA 55 -46.84 68.04 18.35
N LEU TA 56 -48.04 68.40 17.88
CA LEU TA 56 -48.36 68.43 16.46
C LEU TA 56 -48.16 69.86 15.96
N PHE TA 57 -47.11 70.05 15.17
CA PHE TA 57 -46.81 71.35 14.58
C PHE TA 57 -47.29 71.34 13.13
N THR TA 58 -48.14 72.30 12.79
CA THR TA 58 -48.77 72.35 11.47
C THR TA 58 -48.33 73.63 10.77
N PRO TA 59 -47.22 73.60 10.04
CA PRO TA 59 -46.77 74.80 9.33
C PRO TA 59 -47.79 75.25 8.30
N GLU TA 60 -47.89 76.57 8.13
CA GLU TA 60 -48.93 77.13 7.28
C GLU TA 60 -48.74 76.74 5.82
N PHE TA 61 -47.48 76.68 5.35
CA PHE TA 61 -47.17 76.47 3.95
C PHE TA 61 -46.60 75.08 3.73
N HIS TA 62 -47.04 74.43 2.65
CA HIS TA 62 -46.62 73.06 2.34
C HIS TA 62 -46.34 72.87 0.85
N THR TA 63 -46.16 73.95 0.09
CA THR TA 63 -46.09 73.83 -1.36
C THR TA 63 -44.77 73.20 -1.82
N ALA TA 64 -43.64 73.64 -1.25
CA ALA TA 64 -42.34 73.29 -1.82
C ALA TA 64 -41.30 72.78 -0.83
N TRP TA 65 -41.44 73.06 0.47
CA TRP TA 65 -40.34 72.76 1.38
C TRP TA 65 -40.12 71.25 1.54
N HIS TA 66 -41.19 70.45 1.48
CA HIS TA 66 -41.03 69.00 1.63
C HIS TA 66 -40.62 68.32 0.34
N GLU TA 67 -40.74 68.99 -0.80
CA GLU TA 67 -40.35 68.39 -2.07
C GLU TA 67 -38.85 68.48 -2.32
N VAL TA 68 -38.14 69.31 -1.56
CA VAL TA 68 -36.69 69.44 -1.67
C VAL TA 68 -36.07 68.57 -0.58
N PRO TA 69 -35.32 67.52 -0.92
CA PRO TA 69 -34.74 66.67 0.12
C PRO TA 69 -33.84 67.42 1.08
N GLU TA 70 -33.08 68.39 0.57
CA GLU TA 70 -32.14 69.13 1.43
C GLU TA 70 -32.90 70.01 2.43
N CYS TA 71 -33.91 70.73 1.95
CA CYS TA 71 -34.67 71.61 2.84
C CYS TA 71 -35.42 70.80 3.89
N ARG TA 72 -36.04 69.69 3.49
CA ARG TA 72 -36.76 68.85 4.45
C ARG TA 72 -35.81 68.23 5.48
N GLU TA 73 -34.66 67.73 5.01
CA GLU TA 73 -33.69 67.15 5.93
C GLU TA 73 -33.19 68.19 6.91
N PHE TA 74 -32.90 69.40 6.43
CA PHE TA 74 -32.47 70.47 7.33
C PHE TA 74 -33.56 70.84 8.32
N ILE TA 75 -34.81 70.91 7.86
CA ILE TA 75 -35.89 71.28 8.76
C ILE TA 75 -36.00 70.25 9.88
N LEU TA 76 -36.00 68.97 9.53
CA LEU TA 76 -36.09 67.93 10.55
C LEU TA 76 -34.90 67.97 11.50
N ASN TA 77 -33.68 68.06 10.95
CA ASN TA 77 -32.49 68.04 11.79
C ASN TA 77 -32.42 69.25 12.70
N PHE TA 78 -32.75 70.44 12.18
CA PHE TA 78 -32.67 71.64 13.00
C PHE TA 78 -33.78 71.70 14.03
N LEU TA 79 -34.97 71.18 13.70
CA LEU TA 79 -36.01 71.11 14.73
C LEU TA 79 -35.61 70.14 15.83
N ARG TA 80 -35.00 69.00 15.47
CA ARG TA 80 -34.49 68.09 16.49
C ARG TA 80 -33.42 68.77 17.34
N LEU TA 81 -32.54 69.56 16.71
CA LEU TA 81 -31.48 70.23 17.45
C LEU TA 81 -32.05 71.27 18.42
N ILE TA 82 -32.91 72.16 17.91
CA ILE TA 82 -33.39 73.27 18.72
C ILE TA 82 -34.34 72.80 19.80
N SER TA 83 -35.16 71.79 19.53
CA SER TA 83 -36.10 71.32 20.53
C SER TA 83 -35.50 70.26 21.45
N GLY TA 84 -34.68 69.38 20.90
CA GLY TA 84 -34.15 68.26 21.65
C GLY TA 84 -35.06 67.05 21.68
N HIS TA 85 -36.26 67.15 21.15
CA HIS TA 85 -37.20 66.04 21.08
C HIS TA 85 -37.04 65.27 19.78
N ARG TA 86 -37.64 64.09 19.74
CA ARG TA 86 -37.68 63.32 18.51
C ARG TA 86 -38.73 63.92 17.59
N VAL TA 87 -38.28 64.42 16.43
CA VAL TA 87 -39.14 65.10 15.47
C VAL TA 87 -39.30 64.20 14.26
N VAL TA 88 -40.54 63.86 13.93
CA VAL TA 88 -40.84 63.06 12.75
C VAL TA 88 -41.88 63.78 11.91
N LEU TA 89 -41.62 63.87 10.61
CA LEU TA 89 -42.53 64.53 9.69
C LEU TA 89 -43.50 63.49 9.12
N LYS TA 90 -44.79 63.63 9.43
CA LYS TA 90 -45.83 62.78 8.87
C LYS TA 90 -46.82 63.67 8.14
N GLY TA 91 -46.89 63.51 6.83
CA GLY TA 91 -47.76 64.32 6.00
C GLY TA 91 -47.45 65.80 6.16
N PRO TA 92 -48.45 66.57 6.57
CA PRO TA 92 -48.26 68.01 6.83
C PRO TA 92 -47.90 68.36 8.27
N THR TA 93 -47.58 67.38 9.11
CA THR TA 93 -47.40 67.61 10.54
C THR TA 93 -46.00 67.23 10.98
N PHE TA 94 -45.49 67.99 11.95
CA PHE TA 94 -44.29 67.63 12.68
C PHE TA 94 -44.72 67.07 14.03
N VAL TA 95 -44.27 65.85 14.35
CA VAL TA 95 -44.58 65.20 15.60
C VAL TA 95 -43.35 65.31 16.49
N PHE TA 96 -43.50 66.03 17.60
CA PHE TA 96 -42.45 66.18 18.60
C PHE TA 96 -42.80 65.24 19.75
N THR TA 97 -41.98 64.20 19.94
CA THR TA 97 -42.14 63.26 21.05
C THR TA 97 -40.91 63.34 21.94
N LYS TA 98 -41.14 63.56 23.24
CA LYS TA 98 -40.04 63.68 24.17
C LYS TA 98 -39.24 62.39 24.23
N GLU TA 99 -37.91 62.52 24.21
CA GLU TA 99 -37.03 61.37 24.27
C GLU TA 99 -36.57 61.09 25.70
N MET UA 1 -41.22 78.38 21.31
CA MET UA 1 -40.28 77.26 21.36
C MET UA 1 -40.18 76.64 22.75
N GLU UA 2 -39.29 77.20 23.56
CA GLU UA 2 -39.02 76.62 24.88
C GLU UA 2 -40.27 76.65 25.76
N ALA UA 3 -41.04 77.73 25.69
CA ALA UA 3 -42.29 77.79 26.44
C ALA UA 3 -43.26 76.70 25.96
N VAL UA 4 -43.37 76.53 24.65
CA VAL UA 4 -44.26 75.51 24.11
C VAL UA 4 -43.78 74.11 24.49
N LEU UA 5 -42.46 73.89 24.49
CA LEU UA 5 -41.93 72.59 24.86
C LEU UA 5 -42.15 72.30 26.34
N THR UA 6 -41.97 73.31 27.19
CA THR UA 6 -42.24 73.13 28.62
C THR UA 6 -43.72 72.84 28.84
N LYS UA 7 -44.60 73.54 28.12
CA LYS UA 7 -46.02 73.24 28.21
C LYS UA 7 -46.31 71.83 27.73
N LEU UA 8 -45.61 71.38 26.69
CA LEU UA 8 -45.79 70.01 26.21
C LEU UA 8 -45.39 68.99 27.26
N ASP UA 9 -44.26 69.24 27.94
CA ASP UA 9 -43.81 68.30 28.97
C ASP UA 9 -44.78 68.28 30.14
N GLN UA 10 -45.22 69.45 30.60
CA GLN UA 10 -46.17 69.52 31.70
C GLN UA 10 -47.49 68.86 31.33
N GLU UA 11 -47.98 69.11 30.11
CA GLU UA 11 -49.21 68.50 29.65
C GLU UA 11 -49.06 66.99 29.47
N GLU UA 12 -47.87 66.53 29.08
CA GLU UA 12 -47.63 65.10 28.99
C GLU UA 12 -47.71 64.44 30.35
N LYS UA 13 -47.08 65.06 31.36
CA LYS UA 13 -47.18 64.52 32.72
C LYS UA 13 -48.62 64.50 33.19
N LYS UA 14 -49.33 65.61 33.00
CA LYS UA 14 -50.72 65.71 33.45
C LYS UA 14 -51.61 64.70 32.72
N ALA UA 15 -51.43 64.56 31.41
CA ALA UA 15 -52.29 63.67 30.63
C ALA UA 15 -51.98 62.21 30.91
N LEU UA 16 -50.70 61.87 31.13
CA LEU UA 16 -50.37 60.50 31.52
C LEU UA 16 -50.97 60.18 32.89
N GLN UA 17 -50.87 61.11 33.84
CA GLN UA 17 -51.47 60.89 35.15
C GLN UA 17 -52.97 60.71 35.03
N ASN UA 18 -53.63 61.57 34.25
CA ASN UA 18 -55.08 61.48 34.08
C ASN UA 18 -55.47 60.19 33.37
N PHE UA 19 -54.69 59.77 32.38
CA PHE UA 19 -54.99 58.54 31.65
C PHE UA 19 -54.87 57.32 32.56
N HIS UA 20 -53.82 57.27 33.39
CA HIS UA 20 -53.68 56.14 34.31
C HIS UA 20 -54.75 56.17 35.40
N ARG UA 21 -55.11 57.36 35.87
CA ARG UA 21 -56.19 57.48 36.85
C ARG UA 21 -57.52 57.00 36.26
N CYS UA 22 -57.80 57.38 35.01
CA CYS UA 22 -59.02 56.94 34.35
C CYS UA 22 -59.00 55.44 34.12
N ALA UA 23 -57.85 54.88 33.76
CA ALA UA 23 -57.76 53.43 33.59
C ALA UA 23 -58.00 52.70 34.90
N TRP UA 24 -57.45 53.22 36.00
CA TRP UA 24 -57.70 52.61 37.30
C TRP UA 24 -59.16 52.71 37.69
N GLU UA 25 -59.79 53.86 37.45
CA GLU UA 25 -61.20 54.00 37.76
C GLU UA 25 -62.03 53.04 36.91
N GLU UA 26 -61.65 52.85 35.66
CA GLU UA 26 -62.39 51.95 34.78
C GLU UA 26 -62.25 50.50 35.23
N THR UA 27 -61.05 50.05 35.58
CA THR UA 27 -60.93 48.66 36.04
C THR UA 27 -61.60 48.48 37.39
N LYS UA 28 -61.55 49.49 38.26
CA LYS UA 28 -62.30 49.44 39.51
C LYS UA 28 -63.79 49.24 39.24
N ASN UA 29 -64.35 50.05 38.34
CA ASN UA 29 -65.77 49.94 38.04
C ASN UA 29 -66.10 48.60 37.39
N ILE UA 30 -65.23 48.11 36.51
CA ILE UA 30 -65.49 46.84 35.84
C ILE UA 30 -65.55 45.70 36.85
N ILE UA 31 -64.54 45.60 37.71
CA ILE UA 31 -64.50 44.49 38.64
C ILE UA 31 -65.56 44.65 39.72
N ASN UA 32 -65.84 45.88 40.16
CA ASN UA 32 -66.91 46.08 41.13
C ASN UA 32 -68.27 45.70 40.55
N ASP UA 33 -68.52 46.05 39.29
CA ASP UA 33 -69.76 45.66 38.65
C ASP UA 33 -69.86 44.15 38.52
N PHE UA 34 -68.77 43.48 38.15
CA PHE UA 34 -68.81 42.03 38.04
C PHE UA 34 -69.05 41.37 39.40
N LEU UA 35 -68.40 41.87 40.45
CA LEU UA 35 -68.49 41.21 41.75
C LEU UA 35 -69.82 41.50 42.45
N GLU UA 36 -70.36 42.71 42.29
CA GLU UA 36 -71.52 43.14 43.06
C GLU UA 36 -72.82 43.02 42.29
N ILE UA 37 -72.94 43.71 41.16
CA ILE UA 37 -74.20 43.75 40.43
C ILE UA 37 -73.95 43.53 38.94
N PRO UA 38 -73.68 42.28 38.52
CA PRO UA 38 -73.44 42.03 37.10
C PRO UA 38 -74.72 41.67 36.33
N GLU UA 39 -75.78 41.30 37.05
CA GLU UA 39 -76.96 40.71 36.42
C GLU UA 39 -77.62 41.67 35.44
N GLU UA 40 -77.58 42.97 35.72
CA GLU UA 40 -78.20 43.96 34.84
C GLU UA 40 -77.25 44.45 33.75
N ARG UA 41 -76.06 43.88 33.66
CA ARG UA 41 -75.05 44.33 32.71
C ARG UA 41 -74.62 43.26 31.71
N CYS UA 42 -74.69 41.98 32.08
CA CYS UA 42 -74.23 40.90 31.23
C CYS UA 42 -75.41 40.12 30.66
N THR UA 43 -75.20 39.54 29.49
CA THR UA 43 -76.17 38.72 28.80
C THR UA 43 -75.59 37.34 28.54
N TYR UA 44 -76.38 36.47 27.93
CA TYR UA 44 -75.97 35.11 27.61
C TYR UA 44 -76.16 34.86 26.12
N LYS UA 45 -75.13 34.34 25.47
CA LYS UA 45 -75.18 34.06 24.04
C LYS UA 45 -74.69 32.64 23.78
N PHE UA 46 -75.46 31.88 23.02
CA PHE UA 46 -75.13 30.48 22.74
C PHE UA 46 -74.31 30.41 21.45
N ASN UA 47 -73.03 30.08 21.58
CA ASN UA 47 -72.18 29.83 20.42
C ASN UA 47 -72.41 28.40 19.96
N SER UA 48 -73.08 28.25 18.81
CA SER UA 48 -73.42 26.92 18.32
C SER UA 48 -72.20 26.21 17.74
N TYR UA 49 -71.23 26.96 17.21
CA TYR UA 49 -70.02 26.32 16.68
C TYR UA 49 -69.26 25.59 17.78
N THR UA 50 -69.15 26.21 18.95
CA THR UA 50 -68.62 25.55 20.14
C THR UA 50 -69.72 24.94 20.99
N LYS UA 51 -70.97 24.98 20.51
CA LYS UA 51 -72.16 24.42 21.17
C LYS UA 51 -72.18 24.66 22.67
N LYS UA 52 -71.82 25.86 23.10
CA LYS UA 52 -71.85 26.20 24.52
C LYS UA 52 -72.34 27.63 24.69
N MET UA 53 -72.96 27.89 25.84
CA MET UA 53 -73.41 29.23 26.17
C MET UA 53 -72.30 29.99 26.87
N GLU UA 54 -72.09 31.23 26.46
CA GLU UA 54 -71.06 32.09 27.01
C GLU UA 54 -71.70 33.35 27.58
N LEU UA 55 -71.11 33.82 28.68
CA LEU UA 55 -71.56 35.04 29.34
C LEU UA 55 -70.88 36.23 28.69
N LEU UA 56 -71.68 37.11 28.09
CA LEU UA 56 -71.18 38.34 27.47
C LEU UA 56 -71.30 39.46 28.50
N PHE UA 57 -70.16 39.88 29.04
CA PHE UA 57 -70.10 40.98 30.01
C PHE UA 57 -69.65 42.24 29.27
N THR UA 58 -70.47 43.29 29.35
CA THR UA 58 -70.22 44.54 28.63
C THR UA 58 -69.95 45.63 29.64
N PRO UA 59 -68.69 45.91 29.96
CA PRO UA 59 -68.39 46.99 30.89
C PRO UA 59 -68.86 48.33 30.36
N GLU UA 60 -69.32 49.19 31.28
CA GLU UA 60 -69.92 50.45 30.88
C GLU UA 60 -68.90 51.39 30.24
N PHE UA 61 -67.65 51.34 30.68
CA PHE UA 61 -66.62 52.26 30.22
C PHE UA 61 -65.54 51.51 29.46
N HIS UA 62 -65.04 52.12 28.38
CA HIS UA 62 -64.03 51.49 27.54
C HIS UA 62 -62.94 52.47 27.13
N THR UA 63 -62.81 53.61 27.81
CA THR UA 63 -61.94 54.67 27.34
C THR UA 63 -60.46 54.32 27.53
N ALA UA 64 -60.09 53.77 28.70
CA ALA UA 64 -58.68 53.65 29.05
C ALA UA 64 -58.25 52.29 29.58
N TRP UA 65 -59.16 51.46 30.09
CA TRP UA 65 -58.73 50.25 30.78
C TRP UA 65 -58.09 49.25 29.83
N HIS UA 66 -58.57 49.17 28.60
CA HIS UA 66 -58.00 48.21 27.65
C HIS UA 66 -56.73 48.71 26.99
N GLU UA 67 -56.47 50.02 27.04
CA GLU UA 67 -55.26 50.57 26.43
C GLU UA 67 -54.04 50.44 27.30
N VAL UA 68 -54.20 50.10 28.58
CA VAL UA 68 -53.09 49.86 29.49
C VAL UA 68 -52.86 48.36 29.57
N PRO UA 69 -51.72 47.85 29.12
CA PRO UA 69 -51.51 46.39 29.15
C PRO UA 69 -51.61 45.80 30.54
N GLU UA 70 -51.13 46.50 31.55
CA GLU UA 70 -51.16 45.98 32.92
C GLU UA 70 -52.58 45.90 33.44
N CYS UA 71 -53.37 46.95 33.25
CA CYS UA 71 -54.76 46.95 33.72
C CYS UA 71 -55.58 45.89 33.00
N ARG UA 72 -55.42 45.78 31.68
CA ARG UA 72 -56.17 44.77 30.94
C ARG UA 72 -55.77 43.36 31.35
N GLU UA 73 -54.47 43.12 31.50
CA GLU UA 73 -54.01 41.80 31.92
C GLU UA 73 -54.54 41.45 33.31
N PHE UA 74 -54.52 42.42 34.23
CA PHE UA 74 -55.05 42.16 35.56
C PHE UA 74 -56.55 41.91 35.52
N ILE UA 75 -57.28 42.67 34.69
CA ILE UA 75 -58.72 42.46 34.59
C ILE UA 75 -59.01 41.05 34.13
N LEU UA 76 -58.35 40.62 33.05
CA LEU UA 76 -58.59 39.26 32.55
C LEU UA 76 -58.21 38.21 33.58
N ASN UA 77 -57.03 38.36 34.20
CA ASN UA 77 -56.56 37.36 35.15
C ASN UA 77 -57.46 37.29 36.38
N PHE UA 78 -57.89 38.43 36.90
CA PHE UA 78 -58.73 38.43 38.09
C PHE UA 78 -60.14 37.96 37.78
N LEU UA 79 -60.67 38.27 36.59
CA LEU UA 79 -61.97 37.71 36.22
C LEU UA 79 -61.88 36.19 36.09
N ARG UA 80 -60.79 35.68 35.53
CA ARG UA 80 -60.60 34.24 35.49
C ARG UA 80 -60.50 33.65 36.89
N LEU UA 81 -59.79 34.33 37.79
CA LEU UA 81 -59.63 33.83 39.16
C LEU UA 81 -60.96 33.80 39.90
N ILE UA 82 -61.68 34.92 39.92
CA ILE UA 82 -62.88 35.00 40.75
C ILE UA 82 -64.05 34.27 40.09
N SER UA 83 -64.05 34.12 38.77
CA SER UA 83 -65.13 33.40 38.12
C SER UA 83 -64.84 31.92 37.97
N GLY UA 84 -63.59 31.57 37.69
CA GLY UA 84 -63.23 30.19 37.43
C GLY UA 84 -63.43 29.75 36.00
N HIS UA 85 -64.15 30.53 35.19
CA HIS UA 85 -64.39 30.22 33.79
C HIS UA 85 -63.22 30.71 32.94
N ARG UA 86 -63.29 30.40 31.66
CA ARG UA 86 -62.34 30.93 30.69
C ARG UA 86 -62.83 32.29 30.21
N VAL UA 87 -62.07 33.34 30.50
CA VAL UA 87 -62.45 34.71 30.17
C VAL UA 87 -61.58 35.17 29.02
N VAL UA 88 -62.21 35.57 27.92
CA VAL UA 88 -61.51 36.10 26.76
C VAL UA 88 -62.10 37.46 26.41
N LEU UA 89 -61.24 38.46 26.25
CA LEU UA 89 -61.68 39.81 25.92
C LEU UA 89 -61.70 39.97 24.41
N LYS UA 90 -62.88 40.13 23.84
CA LYS UA 90 -63.02 40.42 22.42
C LYS UA 90 -63.76 41.74 22.26
N GLY UA 91 -63.12 42.69 21.60
CA GLY UA 91 -63.67 44.01 21.43
C GLY UA 91 -63.99 44.66 22.77
N PRO UA 92 -65.23 45.07 22.95
CA PRO UA 92 -65.68 45.62 24.24
C PRO UA 92 -66.30 44.61 25.20
N THR UA 93 -66.20 43.32 24.92
CA THR UA 93 -66.93 42.30 25.67
C THR UA 93 -65.97 41.31 26.31
N PHE UA 94 -66.36 40.83 27.50
CA PHE UA 94 -65.72 39.70 28.14
C PHE UA 94 -66.58 38.48 27.88
N VAL UA 95 -65.99 37.44 27.32
CA VAL UA 95 -66.68 36.19 27.05
C VAL UA 95 -66.25 35.19 28.12
N PHE UA 96 -67.21 34.77 28.95
CA PHE UA 96 -67.01 33.76 29.97
C PHE UA 96 -67.53 32.43 29.41
N THR UA 97 -66.62 31.52 29.11
CA THR UA 97 -66.96 30.19 28.64
C THR UA 97 -66.58 29.18 29.71
N LYS UA 98 -67.54 28.35 30.12
CA LYS UA 98 -67.29 27.37 31.17
C LYS UA 98 -66.22 26.38 30.72
N GLU UA 99 -65.28 26.10 31.60
CA GLU UA 99 -64.21 25.16 31.29
C GLU UA 99 -64.54 23.76 31.81
N MET VA 1 -71.92 37.86 41.66
CA MET VA 1 -71.35 37.20 40.49
C MET VA 1 -71.71 35.72 40.49
N GLU VA 2 -71.64 35.09 41.67
CA GLU VA 2 -71.89 33.66 41.76
C GLU VA 2 -73.31 33.31 41.32
N ALA VA 3 -74.27 34.20 41.61
CA ALA VA 3 -75.62 34.00 41.10
C ALA VA 3 -75.64 34.06 39.58
N VAL VA 4 -74.90 35.01 38.99
CA VAL VA 4 -74.86 35.13 37.54
C VAL VA 4 -74.14 33.94 36.92
N LEU VA 5 -73.08 33.45 37.56
CA LEU VA 5 -72.38 32.28 37.01
C LEU VA 5 -73.23 31.03 37.12
N THR VA 6 -73.96 30.86 38.23
CA THR VA 6 -74.87 29.72 38.34
C THR VA 6 -75.98 29.80 37.31
N LYS VA 7 -76.51 31.00 37.08
CA LYS VA 7 -77.51 31.17 36.03
C LYS VA 7 -76.92 30.86 34.66
N LEU VA 8 -75.66 31.24 34.43
CA LEU VA 8 -75.01 30.93 33.16
C LEU VA 8 -74.87 29.43 32.98
N ASP VA 9 -74.47 28.71 34.03
CA ASP VA 9 -74.33 27.26 33.93
C ASP VA 9 -75.69 26.61 33.66
N GLN VA 10 -76.71 27.02 34.41
CA GLN VA 10 -78.05 26.45 34.21
C GLN VA 10 -78.58 26.75 32.82
N GLU VA 11 -78.38 27.99 32.35
CA GLU VA 11 -78.84 28.36 31.02
C GLU VA 11 -78.05 27.65 29.93
N GLU VA 12 -76.76 27.40 30.15
CA GLU VA 12 -75.99 26.63 29.19
C GLU VA 12 -76.50 25.20 29.10
N LYS VA 13 -76.78 24.58 30.24
CA LYS VA 13 -77.32 23.23 30.23
C LYS VA 13 -78.69 23.19 29.54
N LYS VA 14 -79.58 24.11 29.89
CA LYS VA 14 -80.90 24.15 29.30
C LYS VA 14 -80.85 24.43 27.80
N ALA VA 15 -79.97 25.34 27.39
CA ALA VA 15 -79.89 25.70 25.98
C ALA VA 15 -79.24 24.59 25.16
N LEU VA 16 -78.26 23.88 25.72
CA LEU VA 16 -77.71 22.73 25.02
C LEU VA 16 -78.75 21.64 24.87
N GLN VA 17 -79.52 21.38 25.93
CA GLN VA 17 -80.58 20.38 25.84
C GLN VA 17 -81.61 20.77 24.79
N ASN VA 18 -82.02 22.05 24.78
CA ASN VA 18 -83.01 22.51 23.82
C ASN VA 18 -82.45 22.48 22.40
N PHE VA 19 -81.17 22.81 22.24
CA PHE VA 19 -80.55 22.78 20.93
C PHE VA 19 -80.48 21.37 20.38
N HIS VA 20 -80.11 20.39 21.21
CA HIS VA 20 -80.09 19.01 20.76
C HIS VA 20 -81.49 18.50 20.48
N ARG VA 21 -82.47 18.89 21.30
CA ARG VA 21 -83.86 18.50 21.05
C ARG VA 21 -84.35 19.07 19.73
N CYS VA 22 -84.03 20.33 19.45
CA CYS VA 22 -84.43 20.94 18.19
C CYS VA 22 -83.74 20.29 17.01
N ALA VA 23 -82.46 19.94 17.16
CA ALA VA 23 -81.75 19.24 16.09
C ALA VA 23 -82.37 17.89 15.81
N TRP VA 24 -82.74 17.15 16.86
CA TRP VA 24 -83.40 15.87 16.66
C TRP VA 24 -84.75 16.04 15.99
N GLU VA 25 -85.53 17.03 16.42
CA GLU VA 25 -86.82 17.28 15.78
C GLU VA 25 -86.62 17.65 14.32
N GLU VA 26 -85.58 18.41 14.01
CA GLU VA 26 -85.34 18.82 12.63
C GLU VA 26 -84.94 17.63 11.76
N THR VA 27 -84.03 16.78 12.24
CA THR VA 27 -83.66 15.61 11.43
C THR VA 27 -84.83 14.65 11.29
N LYS VA 28 -85.64 14.49 12.35
CA LYS VA 28 -86.85 13.70 12.26
C LYS VA 28 -87.76 14.22 11.16
N ASN VA 29 -88.01 15.54 11.17
CA ASN VA 29 -88.90 16.12 10.16
C ASN VA 29 -88.31 15.99 8.76
N ILE VA 30 -86.99 16.18 8.63
CA ILE VA 30 -86.36 16.08 7.32
C ILE VA 30 -86.53 14.69 6.74
N ILE VA 31 -86.17 13.67 7.52
CA ILE VA 31 -86.20 12.31 6.99
C ILE VA 31 -87.64 11.83 6.83
N ASN VA 32 -88.54 12.23 7.72
CA ASN VA 32 -89.94 11.87 7.56
C ASN VA 32 -90.53 12.49 6.30
N ASP VA 33 -90.21 13.76 6.03
CA ASP VA 33 -90.68 14.40 4.81
C ASP VA 33 -90.13 13.71 3.58
N PHE VA 34 -88.84 13.33 3.62
CA PHE VA 34 -88.25 12.67 2.46
C PHE VA 34 -88.87 11.29 2.24
N LEU VA 35 -89.14 10.54 3.30
CA LEU VA 35 -89.65 9.19 3.14
C LEU VA 35 -91.13 9.20 2.76
N GLU VA 36 -91.93 10.08 3.36
CA GLU VA 36 -93.38 10.02 3.16
C GLU VA 36 -93.87 10.93 2.04
N ILE VA 37 -93.64 12.24 2.17
CA ILE VA 37 -94.21 13.19 1.22
C ILE VA 37 -93.13 14.17 0.75
N PRO VA 38 -92.21 13.75 -0.12
CA PRO VA 38 -91.19 14.67 -0.61
C PRO VA 38 -91.60 15.40 -1.88
N GLU VA 39 -92.64 14.91 -2.55
CA GLU VA 39 -92.96 15.40 -3.89
C GLU VA 39 -93.32 16.87 -3.90
N GLU VA 40 -93.90 17.38 -2.82
CA GLU VA 40 -94.26 18.79 -2.72
C GLU VA 40 -93.16 19.63 -2.09
N ARG VA 41 -92.01 19.02 -1.80
CA ARG VA 41 -90.90 19.73 -1.17
C ARG VA 41 -89.65 19.81 -2.04
N CYS VA 42 -89.46 18.89 -2.98
CA CYS VA 42 -88.26 18.83 -3.79
C CYS VA 42 -88.53 19.28 -5.21
N THR VA 43 -87.51 19.87 -5.83
CA THR VA 43 -87.53 20.29 -7.23
C THR VA 43 -86.44 19.55 -7.99
N TYR VA 44 -86.35 19.82 -9.29
CA TYR VA 44 -85.37 19.17 -10.14
C TYR VA 44 -84.59 20.25 -10.90
N LYS VA 45 -83.27 20.21 -10.80
CA LYS VA 45 -82.43 21.20 -11.47
C LYS VA 45 -81.38 20.49 -12.31
N PHE VA 46 -81.34 20.82 -13.60
CA PHE VA 46 -80.45 20.16 -14.54
C PHE VA 46 -79.10 20.86 -14.54
N ASN VA 47 -78.10 20.24 -13.93
CA ASN VA 47 -76.73 20.71 -14.01
C ASN VA 47 -76.17 20.30 -15.38
N SER VA 48 -75.97 21.29 -16.25
CA SER VA 48 -75.49 21.02 -17.60
C SER VA 48 -74.01 20.69 -17.62
N TYR VA 49 -73.23 21.20 -16.67
CA TYR VA 49 -71.81 20.89 -16.62
C TYR VA 49 -71.59 19.40 -16.39
N THR VA 50 -72.38 18.80 -15.51
CA THR VA 50 -72.38 17.35 -15.31
C THR VA 50 -73.41 16.66 -16.18
N LYS VA 51 -74.07 17.40 -17.07
CA LYS VA 51 -75.09 16.90 -18.00
C LYS VA 51 -76.03 15.89 -17.34
N LYS VA 52 -76.54 16.27 -16.17
CA LYS VA 52 -77.52 15.44 -15.48
C LYS VA 52 -78.34 16.34 -14.56
N MET VA 53 -79.56 15.91 -14.29
CA MET VA 53 -80.38 16.67 -13.36
C MET VA 53 -80.31 16.07 -11.98
N GLU VA 54 -80.38 16.94 -10.97
CA GLU VA 54 -80.27 16.57 -9.58
C GLU VA 54 -81.54 16.97 -8.84
N LEU VA 55 -81.91 16.16 -7.87
CA LEU VA 55 -83.05 16.47 -7.01
C LEU VA 55 -82.62 17.46 -5.94
N LEU VA 56 -83.23 18.63 -5.94
CA LEU VA 56 -82.99 19.64 -4.91
C LEU VA 56 -84.05 19.46 -3.83
N PHE VA 57 -83.65 18.93 -2.69
CA PHE VA 57 -84.53 18.73 -1.54
C PHE VA 57 -84.29 19.88 -0.58
N THR VA 58 -85.37 20.60 -0.24
CA THR VA 58 -85.29 21.78 0.61
C THR VA 58 -86.04 21.51 1.91
N PRO VA 59 -85.38 21.05 2.96
CA PRO VA 59 -86.06 20.83 4.23
C PRO VA 59 -86.62 22.13 4.78
N GLU VA 60 -87.79 22.02 5.43
CA GLU VA 60 -88.48 23.21 5.90
C GLU VA 60 -87.71 23.93 6.99
N PHE VA 61 -86.99 23.19 7.84
CA PHE VA 61 -86.30 23.77 8.99
C PHE VA 61 -84.79 23.65 8.81
N HIS VA 62 -84.08 24.70 9.21
CA HIS VA 62 -82.63 24.77 9.02
C HIS VA 62 -81.92 25.35 10.23
N THR VA 63 -82.52 25.28 11.42
CA THR VA 63 -81.97 26.01 12.56
C THR VA 63 -80.84 25.26 13.24
N ALA VA 64 -80.99 23.95 13.45
CA ALA VA 64 -80.08 23.21 14.31
C ALA VA 64 -79.54 21.91 13.74
N TRP VA 65 -80.19 21.31 12.74
CA TRP VA 65 -79.78 19.97 12.31
C TRP VA 65 -78.40 20.01 11.64
N HIS VA 66 -78.09 21.07 10.91
CA HIS VA 66 -76.79 21.15 10.25
C HIS VA 66 -75.67 21.59 11.20
N GLU VA 67 -76.01 22.18 12.34
CA GLU VA 67 -74.99 22.62 13.28
C GLU VA 67 -74.46 21.50 14.15
N VAL VA 68 -75.15 20.37 14.19
CA VAL VA 68 -74.71 19.19 14.94
C VAL VA 68 -74.02 18.25 13.96
N PRO VA 69 -72.72 18.00 14.12
CA PRO VA 69 -72.03 17.12 13.16
C PRO VA 69 -72.63 15.73 13.09
N GLU VA 70 -73.07 15.19 14.22
CA GLU VA 70 -73.63 13.84 14.25
C GLU VA 70 -74.96 13.79 13.50
N CYS VA 71 -75.84 14.76 13.75
CA CYS VA 71 -77.13 14.76 13.07
C CYS VA 71 -76.97 14.97 11.57
N ARG VA 72 -76.09 15.90 11.16
CA ARG VA 72 -75.88 16.12 9.73
C ARG VA 72 -75.25 14.90 9.06
N GLU VA 73 -74.27 14.29 9.71
CA GLU VA 73 -73.65 13.09 9.15
C GLU VA 73 -74.67 11.97 9.01
N PHE VA 74 -75.52 11.78 10.02
CA PHE VA 74 -76.55 10.75 9.93
C PHE VA 74 -77.54 11.07 8.83
N ILE VA 75 -77.94 12.33 8.70
CA ILE VA 75 -78.90 12.70 7.66
C ILE VA 75 -78.34 12.36 6.29
N LEU VA 76 -77.09 12.78 6.03
CA LEU VA 76 -76.49 12.50 4.73
C LEU VA 76 -76.35 11.00 4.49
N ASN VA 77 -75.83 10.28 5.48
CA ASN VA 77 -75.59 8.85 5.31
C ASN VA 77 -76.90 8.08 5.12
N PHE VA 78 -77.94 8.42 5.89
CA PHE VA 78 -79.21 7.72 5.76
C PHE VA 78 -79.94 8.09 4.48
N LEU VA 79 -79.82 9.34 4.02
CA LEU VA 79 -80.40 9.68 2.73
C LEU VA 79 -79.71 8.91 1.61
N ARG VA 80 -78.38 8.77 1.69
CA ARG VA 80 -77.67 7.95 0.72
C ARG VA 80 -78.12 6.51 0.78
N LEU VA 81 -78.32 5.98 1.99
CA LEU VA 81 -78.73 4.58 2.13
C LEU VA 81 -80.13 4.34 1.58
N ILE VA 82 -81.10 5.15 1.98
CA ILE VA 82 -82.48 4.91 1.58
C ILE VA 82 -82.70 5.24 0.11
N SER VA 83 -82.01 6.25 -0.42
CA SER VA 83 -82.19 6.64 -1.81
C SER VA 83 -81.29 5.88 -2.76
N GLY VA 84 -80.05 5.59 -2.36
CA GLY VA 84 -79.09 4.98 -3.24
C GLY VA 84 -78.35 5.94 -4.12
N HIS VA 85 -78.81 7.18 -4.23
CA HIS VA 85 -78.15 8.21 -5.03
C HIS VA 85 -77.01 8.84 -4.23
N ARG VA 86 -76.22 9.66 -4.93
CA ARG VA 86 -75.19 10.45 -4.27
C ARG VA 86 -75.83 11.70 -3.69
N VAL VA 87 -75.75 11.86 -2.38
CA VAL VA 87 -76.39 12.97 -1.67
C VAL VA 87 -75.29 13.91 -1.19
N VAL VA 88 -75.38 15.18 -1.60
CA VAL VA 88 -74.44 16.19 -1.14
C VAL VA 88 -75.23 17.37 -0.58
N LEU VA 89 -74.89 17.79 0.63
CA LEU VA 89 -75.56 18.92 1.27
C LEU VA 89 -74.80 20.19 0.93
N LYS VA 90 -75.44 21.09 0.20
CA LYS VA 90 -74.88 22.40 -0.08
C LYS VA 90 -75.88 23.46 0.36
N GLY VA 91 -75.44 24.37 1.24
CA GLY VA 91 -76.30 25.38 1.78
C GLY VA 91 -77.51 24.78 2.46
N PRO VA 92 -78.70 25.24 2.08
CA PRO VA 92 -79.95 24.68 2.60
C PRO VA 92 -80.52 23.53 1.77
N THR VA 93 -79.76 22.97 0.83
CA THR VA 93 -80.29 22.02 -0.13
C THR VA 93 -79.56 20.69 -0.05
N PHE VA 94 -80.31 19.60 -0.23
CA PHE VA 94 -79.76 18.29 -0.49
C PHE VA 94 -79.81 18.04 -1.99
N VAL VA 95 -78.66 17.74 -2.58
CA VAL VA 95 -78.56 17.45 -4.01
C VAL VA 95 -78.44 15.95 -4.16
N PHE VA 96 -79.45 15.35 -4.80
CA PHE VA 96 -79.47 13.94 -5.12
C PHE VA 96 -79.06 13.78 -6.58
N THR VA 97 -77.89 13.21 -6.82
CA THR VA 97 -77.39 12.95 -8.17
C THR VA 97 -77.31 11.45 -8.37
N LYS VA 98 -77.93 10.96 -9.44
CA LYS VA 98 -77.92 9.54 -9.72
C LYS VA 98 -76.50 9.05 -9.98
N GLU VA 99 -76.18 7.89 -9.41
CA GLU VA 99 -74.85 7.31 -9.58
C GLU VA 99 -74.88 6.23 -10.67
N MET WA 1 -91.50 8.78 -1.80
CA MET WA 1 -90.07 8.53 -1.82
C MET WA 1 -89.62 7.86 -3.12
N GLU WA 2 -90.01 6.60 -3.32
CA GLU WA 2 -89.58 5.87 -4.51
C GLU WA 2 -90.22 6.46 -5.76
N ALA WA 3 -91.43 7.01 -5.64
CA ALA WA 3 -92.04 7.71 -6.76
C ALA WA 3 -91.20 8.91 -7.17
N VAL WA 4 -90.67 9.65 -6.20
CA VAL WA 4 -89.87 10.83 -6.51
C VAL WA 4 -88.56 10.43 -7.19
N LEU WA 5 -87.93 9.36 -6.73
CA LEU WA 5 -86.67 8.93 -7.36
C LEU WA 5 -86.92 8.35 -8.75
N THR WA 6 -88.01 7.62 -8.94
CA THR WA 6 -88.37 7.15 -10.28
C THR WA 6 -88.66 8.31 -11.21
N LYS WA 7 -89.35 9.34 -10.69
CA LYS WA 7 -89.57 10.54 -11.48
C LYS WA 7 -88.26 11.23 -11.80
N LEU WA 8 -87.31 11.24 -10.86
CA LEU WA 8 -86.00 11.81 -11.14
C LEU WA 8 -85.31 11.07 -12.28
N ASP WA 9 -85.35 9.73 -12.25
CA ASP WA 9 -84.69 8.96 -13.30
C ASP WA 9 -85.36 9.21 -14.66
N GLN WA 10 -86.69 9.16 -14.69
CA GLN WA 10 -87.41 9.36 -15.94
C GLN WA 10 -87.17 10.77 -16.49
N GLU WA 11 -87.25 11.77 -15.63
CA GLU WA 11 -87.03 13.14 -16.05
C GLU WA 11 -85.57 13.38 -16.43
N GLU WA 12 -84.64 12.67 -15.80
CA GLU WA 12 -83.24 12.79 -16.20
C GLU WA 12 -83.02 12.25 -17.59
N LYS WA 13 -83.61 11.09 -17.90
CA LYS WA 13 -83.53 10.56 -19.26
C LYS WA 13 -84.17 11.53 -20.24
N LYS WA 14 -85.36 12.03 -19.92
CA LYS WA 14 -86.07 12.93 -20.82
C LYS WA 14 -85.30 14.22 -21.03
N ALA WA 15 -84.74 14.79 -19.96
CA ALA WA 15 -84.07 16.07 -20.06
C ALA WA 15 -82.72 15.94 -20.74
N LEU WA 16 -82.00 14.83 -20.53
CA LEU WA 16 -80.77 14.60 -21.28
C LEU WA 16 -81.06 14.43 -22.76
N GLN WA 17 -82.12 13.68 -23.10
CA GLN WA 17 -82.49 13.52 -24.49
C GLN WA 17 -82.86 14.86 -25.12
N ASN WA 18 -83.66 15.66 -24.40
CA ASN WA 18 -84.06 16.97 -24.92
C ASN WA 18 -82.88 17.91 -25.05
N PHE WA 19 -81.95 17.86 -24.08
CA PHE WA 19 -80.78 18.72 -24.14
C PHE WA 19 -79.89 18.37 -25.32
N HIS WA 20 -79.68 17.08 -25.57
CA HIS WA 20 -78.86 16.68 -26.72
C HIS WA 20 -79.58 16.99 -28.03
N ARG WA 21 -80.90 16.83 -28.08
CA ARG WA 21 -81.67 17.20 -29.26
C ARG WA 21 -81.55 18.69 -29.53
N CYS WA 22 -81.65 19.51 -28.48
CA CYS WA 22 -81.51 20.96 -28.66
C CYS WA 22 -80.10 21.33 -29.09
N ALA WA 23 -79.09 20.67 -28.54
CA ALA WA 23 -77.72 20.93 -28.96
C ALA WA 23 -77.51 20.58 -30.43
N TRP WA 24 -78.07 19.45 -30.86
CA TRP WA 24 -77.96 19.08 -32.28
C TRP WA 24 -78.70 20.06 -33.16
N GLU WA 25 -79.88 20.51 -32.74
CA GLU WA 25 -80.60 21.51 -33.52
C GLU WA 25 -79.82 22.80 -33.61
N GLU WA 26 -79.16 23.19 -32.50
CA GLU WA 26 -78.39 24.42 -32.50
C GLU WA 26 -77.17 24.33 -33.42
N THR WA 27 -76.45 23.21 -33.38
CA THR WA 27 -75.29 23.10 -34.27
C THR WA 27 -75.74 22.99 -35.73
N LYS WA 28 -76.86 22.31 -35.97
CA LYS WA 28 -77.43 22.28 -37.31
C LYS WA 28 -77.71 23.70 -37.80
N ASN WA 29 -78.38 24.50 -36.98
CA ASN WA 29 -78.73 25.86 -37.39
C ASN WA 29 -77.49 26.72 -37.57
N ILE WA 30 -76.49 26.55 -36.69
CA ILE WA 30 -75.27 27.34 -36.80
C ILE WA 30 -74.57 27.05 -38.12
N ILE WA 31 -74.34 25.77 -38.42
CA ILE WA 31 -73.60 25.44 -39.63
C ILE WA 31 -74.43 25.74 -40.88
N ASN WA 32 -75.74 25.53 -40.82
CA ASN WA 32 -76.58 25.88 -41.96
C ASN WA 32 -76.57 27.38 -42.23
N ASP WA 33 -76.60 28.19 -41.16
CA ASP WA 33 -76.52 29.64 -41.34
C ASP WA 33 -75.18 30.04 -41.94
N PHE WA 34 -74.09 29.41 -41.46
CA PHE WA 34 -72.79 29.76 -42.00
C PHE WA 34 -72.65 29.35 -43.46
N LEU WA 35 -73.16 28.18 -43.83
CA LEU WA 35 -72.98 27.68 -45.19
C LEU WA 35 -73.92 28.37 -46.18
N GLU WA 36 -75.15 28.65 -45.78
CA GLU WA 36 -76.15 29.14 -46.72
C GLU WA 36 -76.26 30.66 -46.71
N ILE WA 37 -76.61 31.25 -45.58
CA ILE WA 37 -76.91 32.68 -45.51
C ILE WA 37 -76.22 33.34 -44.32
N PRO WA 38 -74.88 33.46 -44.34
CA PRO WA 38 -74.18 34.09 -43.22
C PRO WA 38 -74.07 35.60 -43.30
N GLU WA 39 -74.34 36.21 -44.46
CA GLU WA 39 -74.07 37.63 -44.66
C GLU WA 39 -74.91 38.51 -43.74
N GLU WA 40 -76.12 38.08 -43.41
CA GLU WA 40 -77.01 38.87 -42.55
C GLU WA 40 -76.81 38.56 -41.07
N ARG WA 41 -75.85 37.70 -40.73
CA ARG WA 41 -75.60 37.32 -39.35
C ARG WA 41 -74.20 37.67 -38.85
N CYS WA 42 -73.24 37.87 -39.75
CA CYS WA 42 -71.86 38.11 -39.38
C CYS WA 42 -71.47 39.56 -39.64
N THR WA 43 -70.54 40.06 -38.83
CA THR WA 43 -69.96 41.39 -38.97
C THR WA 43 -68.45 41.27 -39.13
N TYR WA 44 -67.79 42.40 -39.32
CA TYR WA 44 -66.34 42.46 -39.46
C TYR WA 44 -65.78 43.45 -38.44
N LYS WA 45 -64.79 43.01 -37.67
CA LYS WA 45 -64.19 43.86 -36.65
C LYS WA 45 -62.67 43.84 -36.80
N PHE WA 46 -62.07 45.03 -36.90
CA PHE WA 46 -60.64 45.13 -37.15
C PHE WA 46 -59.89 45.17 -35.83
N ASN WA 47 -59.26 44.05 -35.47
CA ASN WA 47 -58.36 44.01 -34.33
C ASN WA 47 -57.06 44.71 -34.72
N SER WA 48 -56.83 45.89 -34.16
CA SER WA 48 -55.63 46.66 -34.49
C SER WA 48 -54.39 46.12 -33.82
N TYR WA 49 -54.54 45.46 -32.67
CA TYR WA 49 -53.38 44.87 -32.01
C TYR WA 49 -52.73 43.78 -32.88
N THR WA 50 -53.55 42.97 -33.53
CA THR WA 50 -53.08 42.01 -34.51
C THR WA 50 -53.11 42.55 -35.92
N LYS WA 51 -53.39 43.85 -36.08
CA LYS WA 51 -53.44 44.56 -37.35
C LYS WA 51 -54.14 43.77 -38.45
N LYS WA 52 -55.27 43.14 -38.10
CA LYS WA 52 -56.06 42.41 -39.08
C LYS WA 52 -57.51 42.44 -38.64
N MET WA 53 -58.43 42.27 -39.59
CA MET WA 53 -59.83 42.22 -39.21
C MET WA 53 -60.34 40.79 -39.26
N GLU WA 54 -61.32 40.51 -38.40
CA GLU WA 54 -61.85 39.18 -38.20
C GLU WA 54 -63.35 39.19 -38.40
N LEU WA 55 -63.86 38.05 -38.87
CA LEU WA 55 -65.30 37.85 -39.02
C LEU WA 55 -65.89 37.47 -37.68
N LEU WA 56 -66.82 38.29 -37.20
CA LEU WA 56 -67.56 38.02 -35.97
C LEU WA 56 -68.88 37.36 -36.38
N PHE WA 57 -68.97 36.06 -36.16
CA PHE WA 57 -70.17 35.29 -36.46
C PHE WA 57 -70.94 35.10 -35.17
N THR WA 58 -72.20 35.55 -35.15
CA THR WA 58 -73.03 35.52 -33.94
C THR WA 58 -74.23 34.63 -34.20
N PRO WA 59 -74.12 33.33 -33.90
CA PRO WA 59 -75.27 32.44 -34.09
C PRO WA 59 -76.46 32.87 -33.23
N GLU WA 60 -77.65 32.67 -33.78
CA GLU WA 60 -78.87 33.13 -33.11
C GLU WA 60 -79.11 32.40 -31.81
N PHE WA 61 -78.79 31.11 -31.74
CA PHE WA 61 -79.08 30.28 -30.58
C PHE WA 61 -77.80 29.93 -29.84
N HIS WA 62 -77.86 30.01 -28.50
CA HIS WA 62 -76.68 29.80 -27.67
C HIS WA 62 -77.00 28.99 -26.42
N THR WA 63 -78.04 28.17 -26.43
CA THR WA 63 -78.50 27.53 -25.21
C THR WA 63 -77.71 26.26 -24.89
N ALA WA 64 -77.50 25.39 -25.88
CA ALA WA 64 -77.00 24.04 -25.59
C ALA WA 64 -75.79 23.61 -26.40
N TRP WA 65 -75.50 24.23 -27.55
CA TRP WA 65 -74.45 23.70 -28.41
C TRP WA 65 -73.08 23.86 -27.79
N HIS WA 66 -72.84 24.95 -27.07
CA HIS WA 66 -71.54 25.16 -26.45
C HIS WA 66 -71.35 24.34 -25.18
N GLU WA 67 -72.43 23.89 -24.55
CA GLU WA 67 -72.31 23.09 -23.33
C GLU WA 67 -71.94 21.64 -23.60
N VAL WA 68 -72.12 21.17 -24.83
CA VAL WA 68 -71.74 19.81 -25.22
C VAL WA 68 -70.34 19.87 -25.80
N PRO WA 69 -69.34 19.22 -25.18
CA PRO WA 69 -67.98 19.29 -25.74
C PRO WA 69 -67.87 18.77 -27.15
N GLU WA 70 -68.62 17.71 -27.47
CA GLU WA 70 -68.54 17.11 -28.79
C GLU WA 70 -69.13 18.04 -29.86
N CYS WA 71 -70.31 18.61 -29.58
CA CYS WA 71 -70.92 19.52 -30.54
C CYS WA 71 -70.08 20.77 -30.76
N ARG WA 72 -69.55 21.35 -29.68
CA ARG WA 72 -68.72 22.54 -29.81
C ARG WA 72 -67.43 22.23 -30.57
N GLU WA 73 -66.79 21.11 -30.24
CA GLU WA 73 -65.57 20.73 -30.94
C GLU WA 73 -65.83 20.51 -32.43
N PHE WA 74 -66.94 19.83 -32.75
CA PHE WA 74 -67.27 19.62 -34.16
C PHE WA 74 -67.56 20.93 -34.86
N ILE WA 75 -68.29 21.84 -34.20
CA ILE WA 75 -68.59 23.12 -34.82
C ILE WA 75 -67.30 23.86 -35.15
N LEU WA 76 -66.39 23.95 -34.18
CA LEU WA 76 -65.14 24.66 -34.42
C LEU WA 76 -64.33 23.99 -35.53
N ASN WA 77 -64.20 22.65 -35.47
CA ASN WA 77 -63.38 21.95 -36.44
C ASN WA 77 -63.97 22.04 -37.84
N PHE WA 78 -65.29 21.89 -37.97
CA PHE WA 78 -65.91 21.96 -39.29
C PHE WA 78 -65.91 23.37 -39.83
N LEU WA 79 -66.06 24.39 -38.98
CA LEU WA 79 -65.94 25.76 -39.47
C LEU WA 79 -64.53 26.04 -39.96
N ARG WA 80 -63.51 25.53 -39.24
CA ARG WA 80 -62.15 25.66 -39.71
C ARG WA 80 -61.96 24.94 -41.04
N LEU WA 81 -62.56 23.76 -41.20
CA LEU WA 81 -62.42 23.02 -42.44
C LEU WA 81 -63.06 23.76 -43.61
N ILE WA 82 -64.32 24.16 -43.46
CA ILE WA 82 -65.05 24.73 -44.59
C ILE WA 82 -64.52 26.12 -44.92
N SER WA 83 -64.19 26.93 -43.91
CA SER WA 83 -63.73 28.28 -44.18
C SER WA 83 -62.24 28.30 -44.53
N GLY WA 84 -61.43 27.54 -43.81
CA GLY WA 84 -60.00 27.56 -43.98
C GLY WA 84 -59.28 28.54 -43.10
N HIS WA 85 -59.98 29.50 -42.52
CA HIS WA 85 -59.37 30.45 -41.60
C HIS WA 85 -59.28 29.86 -40.20
N ARG WA 86 -58.56 30.56 -39.34
CA ARG WA 86 -58.49 30.21 -37.93
C ARG WA 86 -59.78 30.63 -37.24
N VAL WA 87 -60.51 29.66 -36.69
CA VAL WA 87 -61.79 29.90 -36.04
C VAL WA 87 -61.59 29.72 -34.55
N VAL WA 88 -61.90 30.75 -33.77
CA VAL WA 88 -61.82 30.66 -32.31
C VAL WA 88 -63.15 31.10 -31.72
N LEU WA 89 -63.69 30.30 -30.81
CA LEU WA 89 -64.95 30.61 -30.16
C LEU WA 89 -64.67 31.42 -28.90
N LYS WA 90 -65.08 32.68 -28.89
CA LYS WA 90 -64.96 33.51 -27.70
C LYS WA 90 -66.34 34.01 -27.31
N GLY WA 91 -66.76 33.69 -26.09
CA GLY WA 91 -68.08 34.05 -25.63
C GLY WA 91 -69.16 33.51 -26.54
N PRO WA 92 -70.03 34.38 -27.03
CA PRO WA 92 -71.07 33.98 -27.98
C PRO WA 92 -70.69 34.14 -29.45
N THR WA 93 -69.41 34.40 -29.75
CA THR WA 93 -69.00 34.74 -31.10
C THR WA 93 -67.96 33.77 -31.64
N PHE WA 94 -68.02 33.54 -32.95
CA PHE WA 94 -66.96 32.86 -33.68
C PHE WA 94 -66.10 33.93 -34.35
N VAL WA 95 -64.79 33.89 -34.08
CA VAL WA 95 -63.85 34.81 -34.68
C VAL WA 95 -63.12 34.06 -35.78
N PHE WA 96 -63.31 34.52 -37.02
CA PHE WA 96 -62.63 33.99 -38.19
C PHE WA 96 -61.49 34.94 -38.52
N THR WA 97 -60.26 34.49 -38.33
CA THR WA 97 -59.06 35.27 -38.66
C THR WA 97 -58.33 34.57 -39.80
N LYS WA 98 -58.04 35.32 -40.86
CA LYS WA 98 -57.36 34.75 -42.00
C LYS WA 98 -55.97 34.27 -41.61
N GLU WA 99 -55.60 33.09 -42.08
CA GLU WA 99 -54.29 32.52 -41.79
C GLU WA 99 -53.32 32.77 -42.94
N MET XA 1 -71.52 31.86 -48.04
CA MET XA 1 -70.39 31.15 -47.45
C MET XA 1 -69.08 31.74 -47.99
N GLU XA 2 -68.74 31.39 -49.23
CA GLU XA 2 -67.50 31.89 -49.82
C GLU XA 2 -67.59 33.37 -50.15
N ALA XA 3 -68.81 33.88 -50.38
CA ALA XA 3 -68.97 35.31 -50.61
C ALA XA 3 -68.55 36.11 -49.38
N VAL XA 4 -68.96 35.64 -48.19
CA VAL XA 4 -68.59 36.34 -46.96
C VAL XA 4 -67.08 36.28 -46.73
N LEU XA 5 -66.46 35.13 -47.03
CA LEU XA 5 -65.02 35.01 -46.86
C LEU XA 5 -64.26 35.92 -47.84
N THR XA 6 -64.71 35.98 -49.09
CA THR XA 6 -64.10 36.89 -50.06
C THR XA 6 -64.26 38.33 -49.63
N LYS XA 7 -65.44 38.69 -49.12
CA LYS XA 7 -65.65 40.03 -48.60
C LYS XA 7 -64.74 40.30 -47.41
N LEU XA 8 -64.53 39.29 -46.56
CA LEU XA 8 -63.59 39.44 -45.45
C LEU XA 8 -62.19 39.74 -45.95
N ASP XA 9 -61.74 38.99 -46.96
CA ASP XA 9 -60.38 39.20 -47.46
C ASP XA 9 -60.24 40.58 -48.09
N GLN XA 10 -61.20 40.96 -48.93
CA GLN XA 10 -61.14 42.27 -49.58
C GLN XA 10 -61.21 43.40 -48.56
N GLU XA 11 -62.11 43.28 -47.58
CA GLU XA 11 -62.23 44.31 -46.57
C GLU XA 11 -61.03 44.34 -45.64
N GLU XA 12 -60.37 43.19 -45.42
CA GLU XA 12 -59.16 43.19 -44.61
C GLU XA 12 -58.03 43.90 -45.33
N LYS XA 13 -57.87 43.64 -46.63
CA LYS XA 13 -56.90 44.40 -47.40
C LYS XA 13 -57.20 45.90 -47.37
N LYS XA 14 -58.46 46.26 -47.60
CA LYS XA 14 -58.84 47.67 -47.61
C LYS XA 14 -58.63 48.31 -46.24
N ALA XA 15 -58.99 47.61 -45.18
CA ALA XA 15 -58.90 48.19 -43.83
C ALA XA 15 -57.45 48.29 -43.38
N LEU XA 16 -56.61 47.30 -43.72
CA LEU XA 16 -55.20 47.43 -43.40
C LEU XA 16 -54.56 48.58 -44.16
N GLN XA 17 -54.90 48.72 -45.46
CA GLN XA 17 -54.38 49.83 -46.24
C GLN XA 17 -54.82 51.17 -45.65
N ASN XA 18 -56.09 51.27 -45.29
CA ASN XA 18 -56.61 52.51 -44.72
C ASN XA 18 -56.00 52.80 -43.36
N PHE XA 19 -55.79 51.76 -42.55
CA PHE XA 19 -55.19 51.94 -41.23
C PHE XA 19 -53.75 52.43 -41.35
N HIS XA 20 -52.97 51.85 -42.26
CA HIS XA 20 -51.61 52.31 -42.45
C HIS XA 20 -51.58 53.72 -43.05
N ARG XA 21 -52.50 54.03 -43.96
CA ARG XA 21 -52.59 55.38 -44.50
C ARG XA 21 -52.91 56.39 -43.41
N CYS XA 22 -53.85 56.05 -42.52
CA CYS XA 22 -54.20 56.94 -41.43
C CYS XA 22 -53.04 57.10 -40.44
N ALA XA 23 -52.31 56.01 -40.18
CA ALA XA 23 -51.15 56.11 -39.30
C ALA XA 23 -50.09 57.01 -39.92
N TRP XA 24 -49.86 56.89 -41.22
CA TRP XA 24 -48.89 57.76 -41.88
C TRP XA 24 -49.35 59.22 -41.85
N GLU XA 25 -50.64 59.46 -42.10
CA GLU XA 25 -51.14 60.82 -42.01
C GLU XA 25 -50.99 61.38 -40.61
N GLU XA 26 -51.21 60.54 -39.60
CA GLU XA 26 -51.10 61.00 -38.22
C GLU XA 26 -49.65 61.33 -37.85
N THR XA 27 -48.70 60.48 -38.23
CA THR XA 27 -47.31 60.81 -37.92
C THR XA 27 -46.83 62.01 -38.71
N LYS XA 28 -47.29 62.14 -39.96
CA LYS XA 28 -47.00 63.34 -40.75
C LYS XA 28 -47.49 64.58 -40.03
N ASN XA 29 -48.74 64.58 -39.58
CA ASN XA 29 -49.29 65.74 -38.90
C ASN XA 29 -48.58 66.02 -37.59
N ILE XA 30 -48.23 64.96 -36.84
CA ILE XA 30 -47.55 65.14 -35.56
C ILE XA 30 -46.20 65.81 -35.77
N ILE XA 31 -45.40 65.28 -36.68
CA ILE XA 31 -44.05 65.82 -36.85
C ILE XA 31 -44.11 67.19 -37.52
N ASN XA 32 -45.04 67.40 -38.43
CA ASN XA 32 -45.19 68.73 -39.04
C ASN XA 32 -45.60 69.76 -38.01
N ASP XA 33 -46.52 69.41 -37.10
CA ASP XA 33 -46.91 70.33 -36.05
C ASP XA 33 -45.73 70.63 -35.13
N PHE XA 34 -44.95 69.61 -34.78
CA PHE XA 34 -43.80 69.85 -33.91
C PHE XA 34 -42.76 70.73 -34.59
N LEU XA 35 -42.52 70.53 -35.88
CA LEU XA 35 -41.48 71.28 -36.57
C LEU XA 35 -41.91 72.70 -36.90
N GLU XA 36 -43.18 72.91 -37.24
CA GLU XA 36 -43.63 74.21 -37.73
C GLU XA 36 -44.34 75.04 -36.66
N ILE XA 37 -45.42 74.53 -36.09
CA ILE XA 37 -46.23 75.32 -35.17
C ILE XA 37 -46.55 74.51 -33.92
N PRO XA 38 -45.60 74.34 -33.01
CA PRO XA 38 -45.87 73.59 -31.77
C PRO XA 38 -46.28 74.45 -30.59
N GLU XA 39 -46.16 75.77 -30.68
CA GLU XA 39 -46.38 76.62 -29.51
C GLU XA 39 -47.83 76.57 -29.04
N GLU XA 40 -48.77 76.54 -29.96
CA GLU XA 40 -50.19 76.52 -29.61
C GLU XA 40 -50.70 75.11 -29.32
N ARG XA 41 -49.85 74.10 -29.40
CA ARG XA 41 -50.21 72.73 -29.09
C ARG XA 41 -49.49 72.16 -27.88
N CYS XA 42 -48.38 72.76 -27.47
CA CYS XA 42 -47.55 72.27 -26.39
C CYS XA 42 -47.73 73.10 -25.12
N THR XA 43 -47.53 72.45 -23.97
CA THR XA 43 -47.57 73.10 -22.67
C THR XA 43 -46.31 72.73 -21.90
N TYR XA 44 -46.16 73.33 -20.73
CA TYR XA 44 -45.02 73.08 -19.85
C TYR XA 44 -45.52 72.65 -18.48
N LYS XA 45 -44.97 71.55 -17.97
CA LYS XA 45 -45.36 71.03 -16.66
C LYS XA 45 -44.12 70.77 -15.84
N PHE XA 46 -44.09 71.27 -14.61
CA PHE XA 46 -42.94 71.12 -13.73
C PHE XA 46 -43.12 69.86 -12.90
N ASN XA 47 -42.33 68.82 -13.20
CA ASN XA 47 -42.30 67.62 -12.38
C ASN XA 47 -41.41 67.88 -11.19
N SER XA 48 -42.02 68.00 -10.00
CA SER XA 48 -41.26 68.32 -8.80
C SER XA 48 -40.46 67.14 -8.29
N TYR XA 49 -40.94 65.91 -8.54
CA TYR XA 49 -40.19 64.73 -8.12
C TYR XA 49 -38.84 64.66 -8.84
N THR XA 50 -38.82 64.95 -10.13
CA THR XA 50 -37.59 65.11 -10.89
C THR XA 50 -37.14 66.57 -10.97
N LYS XA 51 -37.85 67.46 -10.27
CA LYS XA 51 -37.56 68.89 -10.18
C LYS XA 51 -37.13 69.51 -11.52
N LYS XA 52 -37.83 69.17 -12.59
CA LYS XA 52 -37.50 69.72 -13.90
C LYS XA 52 -38.79 70.00 -14.67
N MET XA 53 -38.72 71.00 -15.55
CA MET XA 53 -39.84 71.29 -16.45
C MET XA 53 -39.77 70.39 -17.66
N GLU XA 54 -40.92 69.80 -18.01
CA GLU XA 54 -41.05 68.93 -19.16
C GLU XA 54 -42.06 69.53 -20.13
N LEU XA 55 -41.78 69.38 -21.41
CA LEU XA 55 -42.66 69.84 -22.47
C LEU XA 55 -43.70 68.76 -22.75
N LEU XA 56 -44.96 69.11 -22.55
CA LEU XA 56 -46.08 68.21 -22.82
C LEU XA 56 -46.60 68.54 -24.22
N PHE XA 57 -46.36 67.63 -25.17
CA PHE XA 57 -46.83 67.78 -26.53
C PHE XA 57 -48.04 66.87 -26.71
N THR XA 58 -49.16 67.45 -27.14
CA THR XA 58 -50.43 66.74 -27.26
C THR XA 58 -50.87 66.79 -28.72
N PRO XA 59 -50.47 65.81 -29.53
CA PRO XA 59 -50.89 65.80 -30.93
C PRO XA 59 -52.40 65.67 -31.04
N GLU XA 60 -52.95 66.30 -32.08
CA GLU XA 60 -54.40 66.37 -32.23
C GLU XA 60 -55.01 64.99 -32.47
N PHE XA 61 -54.31 64.12 -33.19
CA PHE XA 61 -54.84 62.84 -33.59
C PHE XA 61 -54.14 61.70 -32.86
N HIS XA 62 -54.92 60.68 -32.48
CA HIS XA 62 -54.39 59.56 -31.72
C HIS XA 62 -54.96 58.22 -32.20
N THR XA 63 -55.59 58.19 -33.37
CA THR XA 63 -56.34 57.00 -33.78
C THR XA 63 -55.42 55.83 -34.14
N ALA XA 64 -54.37 56.09 -34.91
CA ALA XA 64 -53.61 55.00 -35.52
C ALA XA 64 -52.10 55.08 -35.36
N TRP XA 65 -51.52 56.25 -35.09
CA TRP XA 65 -50.07 56.37 -35.13
C TRP XA 65 -49.40 55.56 -34.02
N HIS XA 66 -50.03 55.47 -32.84
CA HIS XA 66 -49.42 54.70 -31.76
C HIS XA 66 -49.68 53.21 -31.85
N GLU XA 67 -50.67 52.79 -32.66
CA GLU XA 67 -50.96 51.37 -32.81
C GLU XA 67 -49.98 50.67 -33.75
N VAL XA 68 -49.24 51.42 -34.55
CA VAL XA 68 -48.24 50.87 -35.46
C VAL XA 68 -46.89 50.97 -34.78
N PRO XA 69 -46.23 49.85 -34.46
CA PRO XA 69 -44.93 49.96 -33.77
C PRO XA 69 -43.89 50.74 -34.55
N GLU XA 70 -43.89 50.60 -35.88
CA GLU XA 70 -42.89 51.30 -36.70
C GLU XA 70 -43.13 52.81 -36.67
N CYS XA 71 -44.38 53.23 -36.84
CA CYS XA 71 -44.67 54.67 -36.82
C CYS XA 71 -44.38 55.28 -35.46
N ARG XA 72 -44.77 54.61 -34.39
CA ARG XA 72 -44.50 55.13 -33.05
C ARG XA 72 -43.01 55.20 -32.76
N GLU XA 73 -42.28 54.15 -33.12
CA GLU XA 73 -40.84 54.14 -32.91
C GLU XA 73 -40.16 55.26 -33.70
N PHE XA 74 -40.58 55.46 -34.95
CA PHE XA 74 -40.02 56.54 -35.75
C PHE XA 74 -40.36 57.90 -35.15
N ILE XA 75 -41.60 58.08 -34.68
CA ILE XA 75 -41.98 59.36 -34.09
C ILE XA 75 -41.09 59.67 -32.89
N LEU XA 76 -40.95 58.69 -31.99
CA LEU XA 76 -40.13 58.92 -30.80
C LEU XA 76 -38.68 59.20 -31.18
N ASN XA 77 -38.11 58.37 -32.07
CA ASN XA 77 -36.71 58.52 -32.42
C ASN XA 77 -36.45 59.84 -33.14
N PHE XA 78 -37.34 60.24 -34.06
CA PHE XA 78 -37.13 61.47 -34.79
C PHE XA 78 -37.36 62.69 -33.91
N LEU XA 79 -38.31 62.62 -32.97
CA LEU XA 79 -38.47 63.73 -32.03
C LEU XA 79 -37.23 63.87 -31.16
N ARG XA 80 -36.66 62.75 -30.72
CA ARG XA 80 -35.40 62.80 -29.98
C ARG XA 80 -34.29 63.41 -30.84
N LEU XA 81 -34.23 63.03 -32.12
CA LEU XA 81 -33.17 63.54 -32.99
C LEU XA 81 -33.30 65.04 -33.21
N ILE XA 82 -34.48 65.49 -33.63
CA ILE XA 82 -34.64 66.90 -33.98
C ILE XA 82 -34.62 67.79 -32.75
N SER XA 83 -35.22 67.34 -31.65
CA SER XA 83 -35.27 68.15 -30.44
C SER XA 83 -33.98 68.07 -29.63
N GLY XA 84 -33.36 66.88 -29.57
CA GLY XA 84 -32.19 66.68 -28.75
C GLY XA 84 -32.49 66.34 -27.31
N HIS XA 85 -33.73 66.52 -26.87
CA HIS XA 85 -34.11 66.19 -25.50
C HIS XA 85 -34.45 64.70 -25.39
N ARG XA 86 -34.89 64.29 -24.20
CA ARG XA 86 -35.36 62.94 -23.98
C ARG XA 86 -36.88 62.93 -24.13
N VAL XA 87 -37.37 62.18 -25.12
CA VAL XA 87 -38.78 62.14 -25.44
C VAL XA 87 -39.34 60.81 -24.98
N VAL XA 88 -40.36 60.85 -24.13
CA VAL XA 88 -41.04 59.65 -23.67
C VAL XA 88 -42.53 59.80 -23.95
N LEU XA 89 -43.12 58.79 -24.56
CA LEU XA 89 -44.54 58.81 -24.89
C LEU XA 89 -45.32 58.14 -23.78
N LYS XA 90 -46.17 58.90 -23.11
CA LYS XA 90 -47.09 58.36 -22.11
C LYS XA 90 -48.50 58.78 -22.47
N GLY XA 91 -49.37 57.79 -22.67
CA GLY XA 91 -50.72 58.04 -23.10
C GLY XA 91 -50.76 58.81 -24.41
N PRO XA 92 -51.50 59.92 -24.42
CA PRO XA 92 -51.53 60.81 -25.59
C PRO XA 92 -50.47 61.91 -25.58
N THR XA 93 -49.48 61.85 -24.70
CA THR XA 93 -48.57 62.95 -24.47
C THR XA 93 -47.14 62.54 -24.79
N PHE XA 94 -46.41 63.46 -25.42
CA PHE XA 94 -44.96 63.38 -25.55
C PHE XA 94 -44.35 64.26 -24.46
N VAL XA 95 -43.50 63.66 -23.63
CA VAL XA 95 -42.82 64.38 -22.56
C VAL XA 95 -41.39 64.61 -23.01
N PHE XA 96 -41.03 65.87 -23.21
CA PHE XA 96 -39.68 66.29 -23.54
C PHE XA 96 -39.00 66.75 -22.27
N THR XA 97 -38.03 65.98 -21.80
CA THR XA 97 -37.24 66.32 -20.62
C THR XA 97 -35.81 66.61 -21.06
N LYS XA 98 -35.30 67.78 -20.69
CA LYS XA 98 -33.95 68.16 -21.08
C LYS XA 98 -32.93 67.20 -20.47
N GLU XA 99 -31.97 66.78 -21.30
CA GLU XA 99 -30.93 65.87 -20.85
C GLU XA 99 -29.67 66.64 -20.44
N MET YA 1 -85.93 13.02 30.44
CA MET YA 1 -84.58 12.77 29.92
C MET YA 1 -83.53 13.15 30.95
N GLU YA 2 -83.47 14.45 31.30
CA GLU YA 2 -82.48 14.89 32.27
C GLU YA 2 -82.82 14.42 33.67
N ALA YA 3 -84.11 14.18 33.94
CA ALA YA 3 -84.50 13.62 35.23
C ALA YA 3 -83.90 12.23 35.43
N VAL YA 4 -83.90 11.41 34.39
CA VAL YA 4 -83.35 10.06 34.49
C VAL YA 4 -81.84 10.12 34.72
N LEU YA 5 -81.16 11.05 34.05
CA LEU YA 5 -79.71 11.16 34.25
C LEU YA 5 -79.37 11.70 35.64
N THR YA 6 -80.16 12.65 36.15
CA THR YA 6 -79.97 13.12 37.51
C THR YA 6 -80.21 11.99 38.51
N LYS YA 7 -81.24 11.18 38.27
CA LYS YA 7 -81.47 10.01 39.10
C LYS YA 7 -80.30 9.03 39.00
N LEU YA 8 -79.73 8.88 37.82
CA LEU YA 8 -78.56 8.02 37.66
C LEU YA 8 -77.41 8.52 38.52
N ASP YA 9 -77.15 9.83 38.49
CA ASP YA 9 -76.05 10.38 39.27
C ASP YA 9 -76.31 10.19 40.77
N GLN YA 10 -77.52 10.54 41.22
CA GLN YA 10 -77.83 10.42 42.64
C GLN YA 10 -77.78 8.98 43.10
N GLU YA 11 -78.32 8.06 42.31
CA GLU YA 11 -78.33 6.65 42.70
C GLU YA 11 -76.94 6.04 42.59
N GLU YA 12 -76.10 6.52 41.68
CA GLU YA 12 -74.71 6.07 41.64
C GLU YA 12 -73.96 6.50 42.88
N LYS YA 13 -74.15 7.75 43.30
CA LYS YA 13 -73.52 8.21 44.54
C LYS YA 13 -74.01 7.39 45.74
N LYS YA 14 -75.33 7.18 45.82
CA LYS YA 14 -75.90 6.42 46.93
C LYS YA 14 -75.42 4.98 46.93
N ALA YA 15 -75.36 4.36 45.75
CA ALA YA 15 -74.95 2.96 45.66
C ALA YA 15 -73.46 2.80 45.96
N LEU YA 16 -72.63 3.75 45.50
CA LEU YA 16 -71.22 3.70 45.85
C LEU YA 16 -71.01 3.86 47.35
N GLN YA 17 -71.72 4.81 47.96
CA GLN YA 17 -71.62 4.99 49.41
C GLN YA 17 -72.06 3.74 50.15
N ASN YA 18 -73.19 3.15 49.74
CA ASN YA 18 -73.69 1.95 50.39
C ASN YA 18 -72.75 0.77 50.18
N PHE YA 19 -72.17 0.65 48.98
CA PHE YA 19 -71.25 -0.44 48.70
C PHE YA 19 -69.98 -0.33 49.55
N HIS YA 20 -69.43 0.88 49.68
CA HIS YA 20 -68.25 1.04 50.50
C HIS YA 20 -68.56 0.86 51.98
N ARG YA 21 -69.74 1.32 52.42
CA ARG YA 21 -70.16 1.08 53.80
C ARG YA 21 -70.31 -0.40 54.09
N CYS YA 22 -70.90 -1.15 53.16
CA CYS YA 22 -71.06 -2.58 53.34
C CYS YA 22 -69.71 -3.28 53.33
N ALA YA 23 -68.78 -2.84 52.47
CA ALA YA 23 -67.45 -3.42 52.45
C ALA YA 23 -66.74 -3.18 53.77
N TRP YA 24 -66.85 -1.96 54.32
CA TRP YA 24 -66.24 -1.68 55.61
C TRP YA 24 -66.87 -2.51 56.71
N GLU YA 25 -68.20 -2.65 56.70
CA GLU YA 25 -68.85 -3.48 57.70
C GLU YA 25 -68.39 -4.92 57.58
N GLU YA 26 -68.21 -5.41 56.36
CA GLU YA 26 -67.79 -6.79 56.16
C GLU YA 26 -66.37 -7.01 56.65
N THR YA 27 -65.44 -6.09 56.34
CA THR YA 27 -64.08 -6.28 56.83
C THR YA 27 -64.02 -6.12 58.34
N LYS YA 28 -64.82 -5.21 58.90
CA LYS YA 28 -64.92 -5.08 60.34
C LYS YA 28 -65.35 -6.41 60.97
N ASN YA 29 -66.42 -7.01 60.43
CA ASN YA 29 -66.92 -8.26 60.98
C ASN YA 29 -65.92 -9.39 60.80
N ILE YA 30 -65.24 -9.44 59.66
CA ILE YA 30 -64.26 -10.49 59.41
C ILE YA 30 -63.14 -10.43 60.42
N ILE YA 31 -62.54 -9.24 60.59
CA ILE YA 31 -61.39 -9.12 61.48
C ILE YA 31 -61.84 -9.28 62.93
N ASN YA 32 -63.01 -8.76 63.29
CA ASN YA 32 -63.52 -8.94 64.65
C ASN YA 32 -63.76 -10.41 64.96
N ASP YA 33 -64.32 -11.16 64.00
CA ASP YA 33 -64.52 -12.59 64.21
C ASP YA 33 -63.20 -13.32 64.35
N PHE YA 34 -62.21 -12.96 63.53
CA PHE YA 34 -60.91 -13.62 63.65
C PHE YA 34 -60.25 -13.32 64.98
N LEU YA 35 -60.33 -12.07 65.44
CA LEU YA 35 -59.64 -11.68 66.67
C LEU YA 35 -60.33 -12.18 67.93
N GLU YA 36 -61.67 -12.21 67.93
CA GLU YA 36 -62.42 -12.51 69.15
C GLU YA 36 -62.90 -13.95 69.21
N ILE YA 37 -63.70 -14.39 68.24
CA ILE YA 37 -64.29 -15.72 68.30
C ILE YA 37 -64.17 -16.39 66.94
N PRO YA 38 -62.99 -16.90 66.58
CA PRO YA 38 -62.85 -17.57 65.27
C PRO YA 38 -63.14 -19.05 65.33
N GLU YA 39 -63.12 -19.64 66.54
CA GLU YA 39 -63.17 -21.09 66.67
C GLU YA 39 -64.47 -21.67 66.12
N GLU YA 40 -65.57 -20.93 66.19
CA GLU YA 40 -66.84 -21.40 65.66
C GLU YA 40 -66.97 -21.15 64.16
N ARG YA 41 -65.99 -20.49 63.54
CA ARG YA 41 -66.06 -20.14 62.14
C ARG YA 41 -64.96 -20.76 61.29
N CYS YA 42 -63.95 -21.36 61.90
CA CYS YA 42 -62.81 -21.90 61.17
C CYS YA 42 -62.72 -23.41 61.35
N THR YA 43 -62.22 -24.08 60.31
CA THR YA 43 -61.96 -25.51 60.31
C THR YA 43 -60.49 -25.74 59.99
N TYR YA 44 -60.08 -27.01 59.96
CA TYR YA 44 -58.71 -27.38 59.63
C TYR YA 44 -58.73 -28.45 58.54
N LYS YA 45 -57.99 -28.20 57.46
CA LYS YA 45 -57.96 -29.12 56.32
C LYS YA 45 -56.51 -29.46 56.01
N PHE YA 46 -56.19 -30.75 55.97
CA PHE YA 46 -54.82 -31.20 55.75
C PHE YA 46 -54.56 -31.32 54.26
N ASN YA 47 -53.78 -30.39 53.71
CA ASN YA 47 -53.29 -30.50 52.34
C ASN YA 47 -52.13 -31.49 52.33
N SER YA 48 -52.35 -32.65 51.74
CA SER YA 48 -51.33 -33.69 51.72
C SER YA 48 -50.24 -33.41 50.69
N TYR YA 49 -50.57 -32.67 49.62
CA TYR YA 49 -49.55 -32.32 48.63
C TYR YA 49 -48.45 -31.47 49.26
N THR YA 50 -48.83 -30.52 50.12
CA THR YA 50 -47.87 -29.74 50.89
C THR YA 50 -47.58 -30.36 52.24
N LYS YA 51 -48.12 -31.56 52.50
CA LYS YA 51 -47.94 -32.32 53.74
C LYS YA 51 -48.04 -31.42 54.97
N LYS YA 52 -49.06 -30.56 54.96
CA LYS YA 52 -49.32 -29.69 56.11
C LYS YA 52 -50.80 -29.36 56.12
N MET YA 53 -51.32 -29.03 57.30
CA MET YA 53 -52.73 -28.69 57.40
C MET YA 53 -52.88 -27.18 57.57
N GLU YA 54 -53.93 -26.64 56.96
CA GLU YA 54 -54.18 -25.22 56.89
C GLU YA 54 -55.49 -24.89 57.61
N LEU YA 55 -55.51 -23.70 58.20
CA LEU YA 55 -56.71 -23.19 58.84
C LEU YA 55 -57.61 -22.56 57.79
N LEU YA 56 -58.82 -23.10 57.65
CA LEU YA 56 -59.82 -22.61 56.70
C LEU YA 56 -60.75 -21.67 57.45
N PHE YA 57 -60.65 -20.38 57.16
CA PHE YA 57 -61.51 -19.37 57.77
C PHE YA 57 -62.57 -18.98 56.75
N THR YA 58 -63.84 -19.11 57.14
CA THR YA 58 -64.98 -18.87 56.25
C THR YA 58 -65.81 -17.73 56.82
N PRO YA 59 -65.51 -16.48 56.47
CA PRO YA 59 -66.31 -15.37 56.98
C PRO YA 59 -67.76 -15.48 56.56
N GLU YA 60 -68.65 -15.03 57.45
CA GLU YA 60 -70.09 -15.17 57.21
C GLU YA 60 -70.54 -14.34 56.01
N PHE YA 61 -69.99 -13.14 55.85
CA PHE YA 61 -70.42 -12.21 54.82
C PHE YA 61 -69.38 -12.14 53.71
N HIS YA 62 -69.87 -12.15 52.46
CA HIS YA 62 -68.98 -12.22 51.31
C HIS YA 62 -69.46 -11.33 50.16
N THR YA 63 -70.23 -10.28 50.44
CA THR YA 63 -70.88 -9.54 49.37
C THR YA 63 -69.97 -8.47 48.77
N ALA YA 64 -69.28 -7.69 49.61
CA ALA YA 64 -68.61 -6.49 49.13
C ALA YA 64 -67.14 -6.37 49.51
N TRP YA 65 -66.66 -7.07 50.54
CA TRP YA 65 -65.30 -6.81 51.00
C TRP YA 65 -64.25 -7.26 49.98
N HIS YA 66 -64.49 -8.36 49.27
CA HIS YA 66 -63.52 -8.84 48.30
C HIS YA 66 -63.55 -8.04 47.00
N GLU YA 67 -64.65 -7.34 46.72
CA GLU YA 67 -64.74 -6.54 45.50
C GLU YA 67 -63.94 -5.24 45.59
N VAL YA 68 -63.68 -4.74 46.80
CA VAL YA 68 -62.88 -3.54 46.99
C VAL YA 68 -61.42 -3.96 47.11
N PRO YA 69 -60.55 -3.54 46.19
CA PRO YA 69 -59.13 -3.95 46.30
C PRO YA 69 -58.48 -3.51 47.60
N GLU YA 70 -58.83 -2.32 48.09
CA GLU YA 70 -58.22 -1.81 49.31
C GLU YA 70 -58.64 -2.62 50.52
N CYS YA 71 -59.94 -2.90 50.65
CA CYS YA 71 -60.41 -3.67 51.79
C CYS YA 71 -59.86 -5.09 51.78
N ARG YA 72 -59.84 -5.73 50.61
CA ARG YA 72 -59.31 -7.08 50.53
C ARG YA 72 -57.81 -7.11 50.83
N GLU YA 73 -57.06 -6.15 50.28
CA GLU YA 73 -55.63 -6.10 50.55
C GLU YA 73 -55.37 -5.87 52.03
N PHE YA 74 -56.12 -4.97 52.65
CA PHE YA 74 -55.94 -4.74 54.08
C PHE YA 74 -56.30 -5.98 54.89
N ILE YA 75 -57.38 -6.67 54.51
CA ILE YA 75 -57.76 -7.88 55.25
C ILE YA 75 -56.64 -8.89 55.19
N LEU YA 76 -56.12 -9.16 53.99
CA LEU YA 76 -55.06 -10.14 53.86
C LEU YA 76 -53.81 -9.71 54.64
N ASN YA 77 -53.39 -8.46 54.49
CA ASN YA 77 -52.17 -7.99 55.12
C ASN YA 77 -52.30 -7.99 56.65
N PHE YA 78 -53.44 -7.53 57.17
CA PHE YA 78 -53.62 -7.51 58.61
C PHE YA 78 -53.80 -8.89 59.19
N LEU YA 79 -54.43 -9.81 58.47
CA LEU YA 79 -54.49 -11.19 58.94
C LEU YA 79 -53.10 -11.80 58.99
N ARG YA 80 -52.28 -11.54 57.98
CA ARG YA 80 -50.90 -12.01 58.00
C ARG YA 80 -50.14 -11.41 59.19
N LEU YA 81 -50.36 -10.13 59.47
CA LEU YA 81 -49.68 -9.47 60.58
C LEU YA 81 -50.09 -10.08 61.91
N ILE YA 82 -51.40 -10.15 62.16
CA ILE YA 82 -51.87 -10.58 63.48
C ILE YA 82 -51.62 -12.06 63.70
N SER YA 83 -51.81 -12.90 62.68
CA SER YA 83 -51.62 -14.32 62.86
C SER YA 83 -50.15 -14.72 62.74
N GLY YA 84 -49.41 -14.09 61.83
CA GLY YA 84 -48.03 -14.46 61.58
C GLY YA 84 -47.84 -15.57 60.57
N HIS YA 85 -48.92 -16.24 60.16
CA HIS YA 85 -48.85 -17.28 59.16
C HIS YA 85 -49.02 -16.70 57.76
N ARG YA 86 -48.82 -17.55 56.77
CA ARG YA 86 -49.08 -17.17 55.38
C ARG YA 86 -50.57 -17.30 55.11
N VAL YA 87 -51.20 -16.18 54.76
CA VAL YA 87 -52.64 -16.12 54.54
C VAL YA 87 -52.88 -15.91 53.06
N VAL YA 88 -53.67 -16.80 52.46
CA VAL YA 88 -54.04 -16.67 51.05
C VAL YA 88 -55.56 -16.78 50.93
N LEU YA 89 -56.15 -15.88 50.16
CA LEU YA 89 -57.59 -15.88 49.96
C LEU YA 89 -57.92 -16.62 48.68
N LYS YA 90 -58.63 -17.74 48.81
CA LYS YA 90 -59.13 -18.48 47.65
C LYS YA 90 -60.64 -18.58 47.76
N GLY YA 91 -61.35 -18.02 46.78
CA GLY YA 91 -62.78 -18.02 46.78
C GLY YA 91 -63.34 -17.37 48.03
N PRO YA 92 -64.15 -18.11 48.78
CA PRO YA 92 -64.69 -17.60 50.05
C PRO YA 92 -63.87 -17.95 51.28
N THR YA 93 -62.65 -18.47 51.13
CA THR YA 93 -61.91 -19.01 52.24
C THR YA 93 -60.57 -18.30 52.41
N PHE YA 94 -60.19 -18.10 53.67
CA PHE YA 94 -58.84 -17.70 54.04
C PHE YA 94 -58.08 -18.96 54.45
N VAL YA 95 -56.96 -19.21 53.79
CA VAL YA 95 -56.10 -20.34 54.11
C VAL YA 95 -54.91 -19.83 54.90
N PHE YA 96 -54.80 -20.28 56.13
CA PHE YA 96 -53.67 -19.96 57.01
C PHE YA 96 -52.74 -21.16 57.00
N THR YA 97 -51.54 -20.98 56.46
CA THR YA 97 -50.52 -22.02 56.44
C THR YA 97 -49.32 -21.54 57.23
N LYS YA 98 -48.86 -22.35 58.18
CA LYS YA 98 -47.73 -21.97 59.01
C LYS YA 98 -46.48 -21.82 58.15
N GLU YA 99 -45.72 -20.76 58.42
CA GLU YA 99 -44.50 -20.50 57.68
C GLU YA 99 -43.28 -21.02 58.45
N MET ZA 1 -58.19 -16.22 68.17
CA MET ZA 1 -57.00 -15.94 67.39
C MET ZA 1 -55.83 -16.83 67.82
N GLU ZA 2 -55.11 -16.39 68.84
CA GLU ZA 2 -53.91 -17.11 69.27
C GLU ZA 2 -54.24 -18.50 69.78
N ALA ZA 3 -55.39 -18.67 70.46
CA ALA ZA 3 -55.81 -20.00 70.87
C ALA ZA 3 -56.07 -20.89 69.67
N VAL ZA 4 -56.77 -20.35 68.66
CA VAL ZA 4 -57.05 -21.11 67.45
C VAL ZA 4 -55.76 -21.40 66.69
N LEU ZA 5 -54.82 -20.45 66.69
CA LEU ZA 5 -53.55 -20.68 66.01
C LEU ZA 5 -52.72 -21.76 66.71
N THR ZA 6 -52.70 -21.74 68.05
CA THR ZA 6 -52.00 -22.79 68.79
C THR ZA 6 -52.65 -24.15 68.55
N LYS ZA 7 -53.98 -24.18 68.51
CA LYS ZA 7 -54.68 -25.43 68.19
C LYS ZA 7 -54.33 -25.89 66.79
N LEU ZA 8 -54.21 -24.95 65.84
CA LEU ZA 8 -53.83 -25.31 64.48
C LEU ZA 8 -52.42 -25.90 64.44
N ASP ZA 9 -51.49 -25.30 65.17
CA ASP ZA 9 -50.12 -25.80 65.18
C ASP ZA 9 -50.06 -27.20 65.79
N GLN ZA 10 -50.74 -27.38 66.94
CA GLN ZA 10 -50.76 -28.68 67.58
C GLN ZA 10 -51.42 -29.73 66.69
N GLU ZA 11 -52.54 -29.37 66.06
CA GLU ZA 11 -53.21 -30.29 65.16
C GLU ZA 11 -52.39 -30.59 63.93
N GLU ZA 12 -51.60 -29.62 63.44
CA GLU ZA 12 -50.73 -29.89 62.31
C GLU ZA 12 -49.63 -30.88 62.69
N LYS ZA 13 -49.03 -30.71 63.87
CA LYS ZA 13 -48.05 -31.67 64.32
C LYS ZA 13 -48.67 -33.06 64.46
N LYS ZA 14 -49.83 -33.14 65.11
CA LYS ZA 14 -50.50 -34.43 65.30
C LYS ZA 14 -50.88 -35.07 63.98
N ALA ZA 15 -51.39 -34.28 63.05
CA ALA ZA 15 -51.87 -34.82 61.77
C ALA ZA 15 -50.70 -35.23 60.89
N LEU ZA 16 -49.60 -34.48 60.91
CA LEU ZA 16 -48.42 -34.91 60.16
C LEU ZA 16 -47.85 -36.20 60.74
N GLN ZA 17 -47.79 -36.30 62.07
CA GLN ZA 17 -47.31 -37.53 62.69
C GLN ZA 17 -48.21 -38.70 62.33
N ASN ZA 18 -49.53 -38.51 62.40
CA ASN ZA 18 -50.47 -39.58 62.06
C ASN ZA 18 -50.39 -39.95 60.59
N PHE ZA 19 -50.20 -38.96 59.72
CA PHE ZA 19 -50.09 -39.22 58.28
C PHE ZA 19 -48.84 -40.04 57.97
N HIS ZA 20 -47.71 -39.69 58.58
CA HIS ZA 20 -46.49 -40.46 58.37
C HIS ZA 20 -46.61 -41.86 58.97
N ARG ZA 21 -47.26 -41.98 60.13
CA ARG ZA 21 -47.48 -43.29 60.72
C ARG ZA 21 -48.35 -44.16 59.82
N CYS ZA 22 -49.41 -43.57 59.26
CA CYS ZA 22 -50.29 -44.32 58.36
C CYS ZA 22 -49.57 -44.70 57.07
N ALA ZA 23 -48.73 -43.81 56.55
CA ALA ZA 23 -47.95 -44.15 55.35
C ALA ZA 23 -46.99 -45.29 55.64
N TRP ZA 24 -46.34 -45.27 56.80
CA TRP ZA 24 -45.45 -46.37 57.16
C TRP ZA 24 -46.21 -47.67 57.32
N GLU ZA 25 -47.39 -47.61 57.95
CA GLU ZA 25 -48.20 -48.82 58.10
C GLU ZA 25 -48.62 -49.35 56.74
N GLU ZA 26 -48.95 -48.44 55.81
CA GLU ZA 26 -49.39 -48.87 54.49
C GLU ZA 26 -48.25 -49.51 53.71
N THR ZA 27 -47.05 -48.92 53.73
CA THR ZA 27 -45.94 -49.53 53.01
C THR ZA 27 -45.53 -50.85 53.67
N LYS ZA 28 -45.59 -50.92 55.00
CA LYS ZA 28 -45.36 -52.17 55.69
C LYS ZA 28 -46.31 -53.25 55.22
N ASN ZA 29 -47.62 -52.93 55.17
CA ASN ZA 29 -48.60 -53.91 54.75
C ASN ZA 29 -48.41 -54.29 53.29
N ILE ZA 30 -48.09 -53.32 52.43
CA ILE ZA 30 -47.90 -53.60 51.01
C ILE ZA 30 -46.75 -54.58 50.82
N ILE ZA 31 -45.59 -54.28 51.40
CA ILE ZA 31 -44.44 -55.13 51.18
C ILE ZA 31 -44.60 -56.48 51.88
N ASN ZA 32 -45.23 -56.50 53.06
CA ASN ZA 32 -45.48 -57.77 53.72
C ASN ZA 32 -46.42 -58.65 52.90
N ASP ZA 33 -47.46 -58.05 52.32
CA ASP ZA 33 -48.37 -58.80 51.47
C ASP ZA 33 -47.65 -59.34 50.24
N PHE ZA 34 -46.79 -58.52 49.63
CA PHE ZA 34 -46.07 -58.99 48.46
C PHE ZA 34 -45.11 -60.12 48.81
N LEU ZA 35 -44.42 -60.02 49.94
CA LEU ZA 35 -43.41 -61.02 50.29
C LEU ZA 35 -44.04 -62.31 50.80
N GLU ZA 36 -45.12 -62.24 51.57
CA GLU ZA 36 -45.66 -63.40 52.26
C GLU ZA 36 -46.83 -64.04 51.50
N ILE ZA 37 -47.90 -63.29 51.28
CA ILE ZA 37 -49.11 -63.85 50.68
C ILE ZA 37 -49.62 -62.94 49.57
N PRO ZA 38 -48.97 -62.94 48.40
CA PRO ZA 38 -49.44 -62.07 47.31
C PRO ZA 38 -50.44 -62.75 46.40
N GLU ZA 39 -50.53 -64.08 46.47
CA GLU ZA 39 -51.30 -64.83 45.47
C GLU ZA 39 -52.77 -64.46 45.46
N GLU ZA 40 -53.33 -64.14 46.62
CA GLU ZA 40 -54.74 -63.78 46.72
C GLU ZA 40 -54.99 -62.29 46.48
N ARG ZA 41 -53.95 -61.53 46.17
CA ARG ZA 41 -54.06 -60.09 45.98
C ARG ZA 41 -53.73 -59.63 44.57
N CYS ZA 42 -52.92 -60.36 43.82
CA CYS ZA 42 -52.47 -59.95 42.51
C CYS ZA 42 -53.11 -60.80 41.42
N THR ZA 43 -53.29 -60.19 40.26
CA THR ZA 43 -53.82 -60.84 39.06
C THR ZA 43 -52.80 -60.74 37.93
N TYR ZA 44 -53.14 -61.32 36.78
CA TYR ZA 44 -52.28 -61.30 35.61
C TYR ZA 44 -53.07 -60.73 34.43
N LYS ZA 45 -52.48 -59.77 33.72
CA LYS ZA 45 -53.13 -59.14 32.59
C LYS ZA 45 -52.18 -59.13 31.40
N PHE ZA 46 -52.66 -59.56 30.25
CA PHE ZA 46 -51.83 -59.63 29.05
C PHE ZA 46 -51.97 -58.33 28.27
N ASN ZA 47 -50.89 -57.53 28.26
CA ASN ZA 47 -50.84 -56.34 27.43
C ASN ZA 47 -50.44 -56.75 26.03
N SER ZA 48 -51.39 -56.69 25.10
CA SER ZA 48 -51.13 -57.15 23.73
C SER ZA 48 -50.28 -56.15 22.97
N TYR ZA 49 -50.36 -54.86 23.30
CA TYR ZA 49 -49.52 -53.87 22.64
C TYR ZA 49 -48.05 -54.14 22.89
N THR ZA 50 -47.69 -54.48 24.13
CA THR ZA 50 -46.36 -54.96 24.47
C THR ZA 50 -46.26 -56.48 24.43
N LYS ZA 51 -47.35 -57.15 24.04
CA LYS ZA 51 -47.43 -58.61 23.88
C LYS ZA 51 -46.73 -59.36 25.01
N LYS ZA 52 -47.02 -58.94 26.24
CA LYS ZA 52 -46.44 -59.58 27.41
C LYS ZA 52 -47.44 -59.56 28.56
N MET ZA 53 -47.33 -60.56 29.44
CA MET ZA 53 -48.15 -60.61 30.64
C MET ZA 53 -47.50 -59.79 31.74
N GLU ZA 54 -48.32 -59.00 32.42
CA GLU ZA 54 -47.88 -58.18 33.54
C GLU ZA 54 -48.66 -58.56 34.78
N LEU ZA 55 -47.96 -58.55 35.91
CA LEU ZA 55 -48.56 -58.84 37.21
C LEU ZA 55 -49.16 -57.56 37.77
N LEU ZA 56 -50.48 -57.57 37.96
CA LEU ZA 56 -51.20 -56.44 38.54
C LEU ZA 56 -51.33 -56.68 40.04
N PHE ZA 57 -50.57 -55.94 40.84
CA PHE ZA 57 -50.62 -56.04 42.29
C PHE ZA 57 -51.46 -54.88 42.81
N THR ZA 58 -52.51 -55.19 43.56
CA THR ZA 58 -53.48 -54.20 44.05
C THR ZA 58 -53.42 -54.20 45.58
N PRO ZA 59 -52.59 -53.35 46.18
CA PRO ZA 59 -52.53 -53.28 47.64
C PRO ZA 59 -53.86 -52.86 48.23
N GLU ZA 60 -54.15 -53.39 49.41
CA GLU ZA 60 -55.45 -53.15 50.04
C GLU ZA 60 -55.64 -51.70 50.43
N PHE ZA 61 -54.57 -51.01 50.82
CA PHE ZA 61 -54.65 -49.66 51.34
C PHE ZA 61 -53.96 -48.69 50.39
N HIS ZA 62 -54.57 -47.51 50.20
CA HIS ZA 62 -54.06 -46.51 49.26
C HIS ZA 62 -54.14 -45.10 49.83
N THR ZA 63 -54.36 -44.95 51.13
CA THR ZA 63 -54.67 -43.63 51.68
C THR ZA 63 -53.44 -42.72 51.71
N ALA ZA 64 -52.29 -43.22 52.13
CA ALA ZA 64 -51.16 -42.36 52.45
C ALA ZA 64 -49.83 -42.78 51.84
N TRP ZA 65 -49.64 -44.04 51.44
CA TRP ZA 65 -48.32 -44.48 51.04
C TRP ZA 65 -47.85 -43.82 49.76
N HIS ZA 66 -48.76 -43.53 48.83
CA HIS ZA 66 -48.37 -42.89 47.58
C HIS ZA 66 -48.22 -41.38 47.70
N GLU ZA 67 -48.79 -40.78 48.76
CA GLU ZA 67 -48.68 -39.34 48.94
C GLU ZA 67 -47.32 -38.92 49.49
N VAL ZA 68 -46.57 -39.85 50.07
CA VAL ZA 68 -45.23 -39.58 50.59
C VAL ZA 68 -44.22 -39.97 49.53
N PRO ZA 69 -43.45 -39.03 48.98
CA PRO ZA 69 -42.49 -39.40 47.92
C PRO ZA 69 -41.48 -40.43 48.37
N GLU ZA 70 -41.03 -40.35 49.62
CA GLU ZA 70 -40.03 -41.29 50.12
C GLU ZA 70 -40.59 -42.70 50.21
N CYS ZA 71 -41.80 -42.83 50.77
CA CYS ZA 71 -42.41 -44.15 50.92
C CYS ZA 71 -42.70 -44.77 49.55
N ARG ZA 72 -43.25 -43.97 48.63
CA ARG ZA 72 -43.54 -44.50 47.29
C ARG ZA 72 -42.26 -44.90 46.56
N GLU ZA 73 -41.23 -44.06 46.64
CA GLU ZA 73 -39.97 -44.39 45.99
C GLU ZA 73 -39.37 -45.67 46.57
N PHE ZA 74 -39.40 -45.81 47.90
CA PHE ZA 74 -38.89 -47.02 48.51
C PHE ZA 74 -39.71 -48.23 48.11
N ILE ZA 75 -41.03 -48.10 48.05
CA ILE ZA 75 -41.86 -49.23 47.66
C ILE ZA 75 -41.50 -49.69 46.26
N LEU ZA 76 -41.42 -48.75 45.32
CA LEU ZA 76 -41.09 -49.12 43.94
C LEU ZA 76 -39.69 -49.74 43.86
N ASN ZA 77 -38.71 -49.11 44.50
CA ASN ZA 77 -37.33 -49.60 44.41
C ASN ZA 77 -37.18 -50.97 45.06
N PHE ZA 78 -37.81 -51.18 46.23
CA PHE ZA 78 -37.68 -52.45 46.90
C PHE ZA 78 -38.47 -53.55 46.20
N LEU ZA 79 -39.61 -53.22 45.59
CA LEU ZA 79 -40.32 -54.22 44.79
C LEU ZA 79 -39.48 -54.62 43.59
N ARG ZA 80 -38.81 -53.65 42.95
CA ARG ZA 80 -37.90 -53.99 41.87
C ARG ZA 80 -36.75 -54.87 42.36
N LEU ZA 81 -36.21 -54.56 43.54
CA LEU ZA 81 -35.08 -55.33 44.06
C LEU ZA 81 -35.49 -56.77 44.38
N ILE ZA 82 -36.56 -56.93 45.16
CA ILE ZA 82 -36.92 -58.27 45.62
C ILE ZA 82 -37.55 -59.10 44.50
N SER ZA 83 -38.24 -58.45 43.56
CA SER ZA 83 -38.87 -59.19 42.48
C SER ZA 83 -37.93 -59.39 41.29
N GLY ZA 84 -37.10 -58.38 40.99
CA GLY ZA 84 -36.24 -58.42 39.83
C GLY ZA 84 -36.89 -57.97 38.55
N HIS ZA 85 -38.21 -57.82 38.52
CA HIS ZA 85 -38.92 -57.37 37.35
C HIS ZA 85 -38.93 -55.84 37.28
N ARG ZA 86 -39.54 -55.33 36.22
CA ARG ZA 86 -39.76 -53.89 36.09
C ARG ZA 86 -41.09 -53.54 36.74
N VAL ZA 87 -41.04 -52.74 37.80
CA VAL ZA 87 -42.23 -52.36 38.57
C VAL ZA 87 -42.57 -50.92 38.22
N VAL ZA 88 -43.79 -50.71 37.74
CA VAL ZA 88 -44.28 -49.36 37.47
C VAL ZA 88 -45.61 -49.17 38.18
N LEU ZA 89 -45.73 -48.08 38.93
CA LEU ZA 89 -46.94 -47.78 39.68
C LEU ZA 89 -47.85 -46.92 38.82
N LYS ZA 90 -49.01 -47.47 38.44
CA LYS ZA 90 -50.03 -46.71 37.73
C LYS ZA 90 -51.30 -46.72 38.56
N GLY ZA 91 -51.74 -45.53 38.96
CA GLY ZA 91 -52.91 -45.40 39.79
C GLY ZA 91 -52.77 -46.18 41.08
N PRO ZA 92 -53.72 -47.10 41.32
CA PRO ZA 92 -53.66 -47.96 42.50
C PRO ZA 92 -52.97 -49.30 42.28
N THR ZA 93 -52.30 -49.50 41.15
CA THR ZA 93 -51.78 -50.81 40.78
C THR ZA 93 -50.27 -50.76 40.58
N PHE ZA 94 -49.60 -51.86 40.95
CA PHE ZA 94 -48.22 -52.11 40.59
C PHE ZA 94 -48.20 -53.06 39.40
N VAL ZA 95 -47.50 -52.67 38.34
CA VAL ZA 95 -47.36 -53.49 37.15
C VAL ZA 95 -45.97 -54.08 37.15
N PHE ZA 96 -45.89 -55.40 37.27
CA PHE ZA 96 -44.64 -56.14 37.20
C PHE ZA 96 -44.51 -56.69 35.78
N THR ZA 97 -43.59 -56.16 35.01
CA THR ZA 97 -43.31 -56.63 33.66
C THR ZA 97 -41.92 -57.24 33.64
N LYS ZA 98 -41.83 -58.49 33.19
CA LYS ZA 98 -40.55 -59.18 33.15
C LYS ZA 98 -39.58 -58.47 32.22
N GLU ZA 99 -38.34 -58.30 32.68
CA GLU ZA 99 -37.31 -57.65 31.88
C GLU ZA 99 -36.47 -58.67 31.14
N MET AB 1 -43.68 -64.74 47.26
CA MET AB 1 -43.54 -63.90 46.08
C MET AB 1 -42.95 -64.68 44.91
N GLU AB 2 -41.88 -65.43 45.18
CA GLU AB 2 -41.20 -66.15 44.11
C GLU AB 2 -42.11 -67.18 43.45
N ALA AB 3 -43.03 -67.77 44.21
CA ALA AB 3 -44.04 -68.63 43.60
C ALA AB 3 -44.93 -67.83 42.65
N VAL AB 4 -45.35 -66.64 43.07
CA VAL AB 4 -46.19 -65.81 42.23
C VAL AB 4 -45.43 -65.32 41.00
N LEU AB 5 -44.15 -65.00 41.16
CA LEU AB 5 -43.35 -64.57 40.02
C LEU AB 5 -43.12 -65.71 39.04
N THR AB 6 -42.87 -66.91 39.55
CA THR AB 6 -42.74 -68.08 38.67
C THR AB 6 -44.04 -68.35 37.93
N LYS AB 7 -45.18 -68.22 38.64
CA LYS AB 7 -46.47 -68.37 37.98
C LYS AB 7 -46.67 -67.29 36.92
N LEU AB 8 -46.21 -66.07 37.20
CA LEU AB 8 -46.32 -65.01 36.20
C LEU AB 8 -45.48 -65.32 34.97
N ASP AB 9 -44.27 -65.83 35.16
CA ASP AB 9 -43.42 -66.16 34.02
C ASP AB 9 -44.05 -67.28 33.20
N GLN AB 10 -44.53 -68.33 33.88
CA GLN AB 10 -45.16 -69.45 33.18
C GLN AB 10 -46.42 -69.00 32.44
N GLU AB 11 -47.23 -68.15 33.08
CA GLU AB 11 -48.45 -67.65 32.46
C GLU AB 11 -48.13 -66.73 31.28
N GLU AB 12 -47.07 -65.94 31.39
CA GLU AB 12 -46.66 -65.11 30.27
C GLU AB 12 -46.24 -65.96 29.08
N LYS AB 13 -45.45 -67.00 29.32
CA LYS AB 13 -45.05 -67.89 28.23
C LYS AB 13 -46.26 -68.58 27.61
N LYS AB 14 -47.14 -69.12 28.44
CA LYS AB 14 -48.32 -69.82 27.94
C LYS AB 14 -49.24 -68.87 27.18
N ALA AB 15 -49.43 -67.66 27.69
CA ALA AB 15 -50.35 -66.71 27.05
C ALA AB 15 -49.76 -66.16 25.76
N LEU AB 16 -48.44 -65.95 25.72
CA LEU AB 16 -47.82 -65.54 24.46
C LEU AB 16 -47.94 -66.64 23.41
N GLN AB 17 -47.70 -67.89 23.81
CA GLN AB 17 -47.84 -69.00 22.88
C GLN AB 17 -49.28 -69.11 22.38
N ASN AB 18 -50.26 -69.00 23.29
CA ASN AB 18 -51.66 -69.09 22.90
C ASN AB 18 -52.07 -67.91 22.03
N PHE AB 19 -51.55 -66.72 22.31
CA PHE AB 19 -51.86 -65.55 21.51
C PHE AB 19 -51.33 -65.68 20.10
N HIS AB 20 -50.10 -66.18 19.95
CA HIS AB 20 -49.56 -66.37 18.61
C HIS AB 20 -50.29 -67.51 17.88
N ARG AB 21 -50.66 -68.56 18.60
CA ARG AB 21 -51.45 -69.63 17.99
C ARG AB 21 -52.80 -69.13 17.50
N CYS AB 22 -53.46 -68.30 18.31
CA CYS AB 22 -54.75 -67.74 17.92
C CYS AB 22 -54.59 -66.78 16.74
N ALA AB 23 -53.51 -66.00 16.72
CA ALA AB 23 -53.26 -65.11 15.59
C ALA AB 23 -53.04 -65.92 14.31
N TRP AB 24 -52.28 -67.01 14.40
CA TRP AB 24 -52.07 -67.84 13.22
C TRP AB 24 -53.38 -68.49 12.76
N GLU AB 25 -54.19 -68.96 13.70
CA GLU AB 25 -55.48 -69.53 13.32
C GLU AB 25 -56.37 -68.48 12.67
N GLU AB 26 -56.33 -67.25 13.18
CA GLU AB 26 -57.15 -66.18 12.62
C GLU AB 26 -56.70 -65.82 11.21
N THR AB 27 -55.40 -65.69 10.97
CA THR AB 27 -54.96 -65.36 9.62
C THR AB 27 -55.20 -66.52 8.66
N LYS AB 28 -55.06 -67.76 9.15
CA LYS AB 28 -55.42 -68.92 8.35
C LYS AB 28 -56.88 -68.85 7.92
N ASN AB 29 -57.77 -68.59 8.88
CA ASN AB 29 -59.19 -68.52 8.56
C ASN AB 29 -59.49 -67.36 7.62
N ILE AB 30 -58.85 -66.20 7.82
CA ILE AB 30 -59.10 -65.04 6.98
C ILE AB 30 -58.71 -65.34 5.54
N ILE AB 31 -57.49 -65.83 5.33
CA ILE AB 31 -57.03 -66.04 3.97
C ILE AB 31 -57.76 -67.23 3.33
N ASN AB 32 -58.09 -68.26 4.10
CA ASN AB 32 -58.87 -69.37 3.55
C ASN AB 32 -60.26 -68.91 3.14
N ASP AB 33 -60.89 -68.06 3.95
CA ASP AB 33 -62.20 -67.52 3.58
C ASP AB 33 -62.10 -66.69 2.32
N PHE AB 34 -61.05 -65.86 2.20
CA PHE AB 34 -60.91 -65.06 0.99
C PHE AB 34 -60.68 -65.93 -0.24
N LEU AB 35 -59.85 -66.96 -0.12
CA LEU AB 35 -59.49 -67.76 -1.29
C LEU AB 35 -60.62 -68.69 -1.71
N GLU AB 36 -61.30 -69.33 -0.76
CA GLU AB 36 -62.27 -70.36 -1.10
C GLU AB 36 -63.69 -69.83 -1.20
N ILE AB 37 -64.21 -69.26 -0.12
CA ILE AB 37 -65.62 -68.87 -0.08
C ILE AB 37 -65.80 -67.45 0.46
N PRO AB 38 -65.38 -66.42 -0.28
CA PRO AB 38 -65.57 -65.04 0.20
C PRO AB 38 -66.93 -64.46 -0.14
N GLU AB 39 -67.70 -65.09 -1.04
CA GLU AB 39 -68.91 -64.45 -1.57
C GLU AB 39 -69.95 -64.22 -0.48
N GLU AB 40 -69.99 -65.08 0.53
CA GLU AB 40 -70.95 -64.94 1.62
C GLU AB 40 -70.42 -64.10 2.77
N ARG AB 41 -69.24 -63.51 2.62
CA ARG AB 41 -68.61 -62.74 3.68
C ARG AB 41 -68.35 -61.28 3.32
N CYS AB 42 -68.17 -60.97 2.04
CA CYS AB 42 -67.80 -59.63 1.60
C CYS AB 42 -68.98 -58.94 0.92
N THR AB 43 -69.02 -57.62 1.04
CA THR AB 43 -70.01 -56.77 0.40
C THR AB 43 -69.30 -55.76 -0.50
N TYR AB 44 -70.09 -54.91 -1.15
CA TYR AB 44 -69.55 -53.88 -2.03
C TYR AB 44 -70.11 -52.53 -1.62
N LYS AB 45 -69.24 -51.54 -1.47
CA LYS AB 45 -69.66 -50.20 -1.06
C LYS AB 45 -69.08 -49.17 -2.00
N PHE AB 46 -69.95 -48.29 -2.52
CA PHE AB 46 -69.53 -47.27 -3.49
C PHE AB 46 -69.02 -46.05 -2.73
N ASN AB 47 -67.69 -45.87 -2.75
CA ASN AB 47 -67.10 -44.62 -2.28
C ASN AB 47 -67.25 -43.60 -3.41
N SER AB 48 -68.17 -42.65 -3.21
CA SER AB 48 -68.47 -41.66 -4.24
C SER AB 48 -67.38 -40.60 -4.33
N TYR AB 49 -66.67 -40.33 -3.23
CA TYR AB 49 -65.58 -39.37 -3.28
C TYR AB 49 -64.48 -39.84 -4.23
N THR AB 50 -64.17 -41.14 -4.20
CA THR AB 50 -63.28 -41.75 -5.18
C THR AB 50 -64.04 -42.36 -6.35
N LYS AB 51 -65.36 -42.18 -6.39
CA LYS AB 51 -66.25 -42.63 -7.47
C LYS AB 51 -65.90 -44.04 -7.95
N LYS AB 52 -65.83 -44.97 -6.98
CA LYS AB 52 -65.59 -46.37 -7.30
C LYS AB 52 -66.12 -47.23 -6.17
N MET AB 53 -66.47 -48.48 -6.48
CA MET AB 53 -66.84 -49.39 -5.41
C MET AB 53 -65.62 -50.10 -4.87
N GLU AB 54 -65.62 -50.29 -3.56
CA GLU AB 54 -64.60 -51.06 -2.87
C GLU AB 54 -65.24 -52.31 -2.28
N LEU AB 55 -64.51 -53.40 -2.35
CA LEU AB 55 -64.93 -54.66 -1.74
C LEU AB 55 -64.64 -54.60 -0.25
N LEU AB 56 -65.70 -54.66 0.56
CA LEU AB 56 -65.58 -54.68 2.01
C LEU AB 56 -65.57 -56.13 2.47
N PHE AB 57 -64.40 -56.61 2.87
CA PHE AB 57 -64.22 -57.97 3.38
C PHE AB 57 -64.21 -57.90 4.90
N THR AB 58 -65.12 -58.65 5.53
CA THR AB 58 -65.30 -58.63 6.99
C THR AB 58 -64.96 -60.00 7.54
N PRO AB 59 -63.70 -60.25 7.91
CA PRO AB 59 -63.35 -61.54 8.50
C PRO AB 59 -64.09 -61.78 9.80
N GLU AB 60 -64.41 -63.05 10.04
CA GLU AB 60 -65.24 -63.40 11.19
C GLU AB 60 -64.53 -63.14 12.52
N PHE AB 61 -63.21 -63.30 12.55
CA PHE AB 61 -62.45 -63.21 13.79
C PHE AB 61 -61.53 -62.00 13.77
N HIS AB 62 -61.44 -61.31 14.92
CA HIS AB 62 -60.65 -60.10 15.03
C HIS AB 62 -59.88 -60.03 16.34
N THR AB 63 -59.71 -61.15 17.04
CA THR AB 63 -59.16 -61.10 18.39
C THR AB 63 -57.66 -60.83 18.39
N ALA AB 64 -56.90 -61.48 17.51
CA ALA AB 64 -55.45 -61.48 17.63
C ALA AB 64 -54.69 -61.20 16.34
N TRP AB 65 -55.28 -61.38 15.16
CA TRP AB 65 -54.49 -61.31 13.93
C TRP AB 65 -53.99 -59.89 13.68
N HIS AB 66 -54.78 -58.87 14.02
CA HIS AB 66 -54.35 -57.50 13.78
C HIS AB 66 -53.39 -56.97 14.84
N GLU AB 67 -53.32 -57.63 16.00
CA GLU AB 67 -52.42 -57.18 17.06
C GLU AB 67 -50.99 -57.62 16.84
N VAL AB 68 -50.76 -58.58 15.94
CA VAL AB 68 -49.42 -59.04 15.59
C VAL AB 68 -48.98 -58.30 14.33
N PRO AB 69 -47.94 -57.47 14.38
CA PRO AB 69 -47.54 -56.73 13.17
C PRO AB 69 -47.18 -57.64 12.01
N GLU AB 70 -46.54 -58.77 12.29
CA GLU AB 70 -46.12 -59.67 11.22
C GLU AB 70 -47.32 -60.32 10.54
N CYS AB 71 -48.28 -60.81 11.33
CA CYS AB 71 -49.46 -61.45 10.76
C CYS AB 71 -50.29 -60.45 9.95
N ARG AB 72 -50.49 -59.24 10.49
CA ARG AB 72 -51.25 -58.22 9.77
C ARG AB 72 -50.55 -57.80 8.49
N GLU AB 73 -49.23 -57.60 8.54
CA GLU AB 73 -48.50 -57.23 7.34
C GLU AB 73 -48.57 -58.31 6.29
N PHE AB 74 -48.44 -59.58 6.71
CA PHE AB 74 -48.56 -60.67 5.75
C PHE AB 74 -49.96 -60.76 5.18
N ILE AB 75 -50.98 -60.56 6.01
CA ILE AB 75 -52.35 -60.63 5.50
C ILE AB 75 -52.57 -59.57 4.43
N LEU AB 76 -52.15 -58.34 4.71
CA LEU AB 76 -52.32 -57.26 3.73
C LEU AB 76 -51.53 -57.55 2.46
N ASN AB 77 -50.27 -57.95 2.60
CA ASN AB 77 -49.42 -58.17 1.44
C ASN AB 77 -49.92 -59.33 0.60
N PHE AB 78 -50.36 -60.42 1.24
CA PHE AB 78 -50.82 -61.57 0.49
C PHE AB 78 -52.19 -61.33 -0.14
N LEU AB 79 -53.06 -60.56 0.51
CA LEU AB 79 -54.32 -60.20 -0.13
C LEU AB 79 -54.07 -59.32 -1.34
N ARG AB 80 -53.11 -58.40 -1.24
CA ARG AB 80 -52.73 -57.61 -2.41
C ARG AB 80 -52.17 -58.50 -3.52
N LEU AB 81 -51.35 -59.48 -3.15
CA LEU AB 81 -50.74 -60.36 -4.15
C LEU AB 81 -51.80 -61.20 -4.86
N ILE AB 82 -52.64 -61.90 -4.10
CA ILE AB 82 -53.56 -62.84 -4.72
C ILE AB 82 -54.75 -62.13 -5.37
N SER AB 83 -55.15 -60.97 -4.85
CA SER AB 83 -56.27 -60.25 -5.45
C SER AB 83 -55.81 -59.34 -6.58
N GLY AB 84 -54.64 -58.73 -6.44
CA GLY AB 84 -54.15 -57.78 -7.42
C GLY AB 84 -54.69 -56.37 -7.23
N HIS AB 85 -55.60 -56.15 -6.30
CA HIS AB 85 -56.17 -54.85 -6.02
C HIS AB 85 -55.36 -54.13 -4.94
N ARG AB 86 -55.82 -52.94 -4.59
CA ARG AB 86 -55.24 -52.20 -3.47
C ARG AB 86 -56.03 -52.55 -2.21
N VAL AB 87 -55.36 -53.20 -1.26
CA VAL AB 87 -55.99 -53.67 -0.04
C VAL AB 87 -55.56 -52.76 1.10
N VAL AB 88 -56.53 -52.15 1.78
CA VAL AB 88 -56.25 -51.32 2.95
C VAL AB 88 -57.10 -51.81 4.11
N LEU AB 89 -56.47 -52.01 5.26
CA LEU AB 89 -57.17 -52.48 6.45
C LEU AB 89 -57.65 -51.28 7.25
N LYS AB 90 -58.96 -51.10 7.34
CA LYS AB 90 -59.56 -50.05 8.15
C LYS AB 90 -60.48 -50.69 9.17
N GLY AB 91 -60.13 -50.55 10.45
CA GLY AB 91 -60.89 -51.16 11.51
C GLY AB 91 -60.98 -52.67 11.34
N PRO AB 92 -62.20 -53.19 11.32
CA PRO AB 92 -62.41 -54.62 11.07
C PRO AB 92 -62.60 -55.00 9.61
N THR AB 93 -62.32 -54.10 8.66
CA THR AB 93 -62.65 -54.31 7.26
C THR AB 93 -61.40 -54.28 6.40
N PHE AB 94 -61.38 -55.12 5.37
CA PHE AB 94 -60.43 -55.02 4.28
C PHE AB 94 -61.12 -54.32 3.11
N VAL AB 95 -60.54 -53.23 2.64
CA VAL AB 95 -61.07 -52.46 1.52
C VAL AB 95 -60.24 -52.82 0.30
N PHE AB 96 -60.88 -53.46 -0.67
CA PHE AB 96 -60.27 -53.79 -1.95
C PHE AB 96 -60.71 -52.75 -2.97
N THR AB 97 -59.80 -51.87 -3.36
CA THR AB 97 -60.06 -50.86 -4.39
C THR AB 97 -59.28 -51.22 -5.63
N LYS AB 98 -59.96 -51.33 -6.77
CA LYS AB 98 -59.30 -51.70 -8.00
C LYS AB 98 -58.28 -50.64 -8.39
N GLU AB 99 -57.10 -51.09 -8.82
CA GLU AB 99 -56.04 -50.18 -9.24
C GLU AB 99 -56.04 -49.99 -10.75
N MET BB 1 -62.26 -66.63 -5.08
CA MET BB 1 -61.99 -65.21 -4.95
C MET BB 1 -62.09 -64.50 -6.29
N GLU BB 2 -61.59 -65.15 -7.34
CA GLU BB 2 -61.60 -64.54 -8.67
C GLU BB 2 -63.02 -64.26 -9.14
N ALA BB 3 -63.97 -65.11 -8.77
CA ALA BB 3 -65.37 -64.82 -9.07
C ALA BB 3 -65.83 -63.56 -8.35
N VAL BB 4 -65.44 -63.40 -7.09
CA VAL BB 4 -65.83 -62.21 -6.33
C VAL BB 4 -65.19 -60.96 -6.91
N LEU BB 5 -63.92 -61.05 -7.32
CA LEU BB 5 -63.26 -59.89 -7.90
C LEU BB 5 -63.85 -59.53 -9.27
N THR BB 6 -64.18 -60.54 -10.08
CA THR BB 6 -64.83 -60.27 -11.35
C THR BB 6 -66.19 -59.62 -11.14
N LYS BB 7 -66.95 -60.11 -10.15
CA LYS BB 7 -68.22 -59.48 -9.81
C LYS BB 7 -68.00 -58.05 -9.33
N LEU BB 8 -66.94 -57.82 -8.55
CA LEU BB 8 -66.64 -56.46 -8.10
C LEU BB 8 -66.36 -55.53 -9.27
N ASP BB 9 -65.58 -55.99 -10.24
CA ASP BB 9 -65.25 -55.16 -11.39
C ASP BB 9 -66.50 -54.87 -12.22
N GLN BB 10 -67.29 -55.91 -12.52
CA GLN BB 10 -68.49 -55.72 -13.33
C GLN BB 10 -69.48 -54.81 -12.63
N GLU BB 11 -69.71 -55.03 -11.33
CA GLU BB 11 -70.63 -54.20 -10.58
C GLU BB 11 -70.09 -52.79 -10.40
N GLU BB 12 -68.76 -52.61 -10.38
CA GLU BB 12 -68.21 -51.27 -10.29
C GLU BB 12 -68.44 -50.50 -11.59
N LYS BB 13 -68.25 -51.17 -12.73
CA LYS BB 13 -68.61 -50.55 -14.00
C LYS BB 13 -70.09 -50.17 -14.03
N LYS BB 14 -70.95 -51.11 -13.61
CA LYS BB 14 -72.38 -50.85 -13.60
C LYS BB 14 -72.74 -49.70 -12.67
N ALA BB 15 -72.13 -49.66 -11.48
CA ALA BB 15 -72.47 -48.65 -10.49
C ALA BB 15 -71.95 -47.28 -10.90
N LEU BB 16 -70.76 -47.23 -11.51
CA LEU BB 16 -70.26 -45.96 -12.02
C LEU BB 16 -71.15 -45.45 -13.14
N GLN BB 17 -71.57 -46.33 -14.05
CA GLN BB 17 -72.48 -45.93 -15.12
C GLN BB 17 -73.79 -45.41 -14.55
N ASN BB 18 -74.35 -46.12 -13.57
CA ASN BB 18 -75.61 -45.71 -12.96
C ASN BB 18 -75.46 -44.40 -12.20
N PHE BB 19 -74.34 -44.20 -11.52
CA PHE BB 19 -74.10 -42.97 -10.78
C PHE BB 19 -73.99 -41.78 -11.73
N HIS BB 20 -73.27 -41.94 -12.84
CA HIS BB 20 -73.16 -40.84 -13.80
C HIS BB 20 -74.49 -40.57 -14.48
N ARG BB 21 -75.25 -41.63 -14.79
CA ARG BB 21 -76.58 -41.44 -15.38
C ARG BB 21 -77.50 -40.70 -14.41
N CYS BB 22 -77.45 -41.05 -13.13
CA CYS BB 22 -78.28 -40.37 -12.14
C CYS BB 22 -77.84 -38.91 -11.98
N ALA BB 23 -76.54 -38.65 -12.00
CA ALA BB 23 -76.07 -37.27 -11.93
C ALA BB 23 -76.54 -36.46 -13.13
N TRP BB 24 -76.49 -37.05 -14.32
CA TRP BB 24 -76.96 -36.34 -15.50
C TRP BB 24 -78.47 -36.09 -15.42
N GLU BB 25 -79.23 -37.08 -14.96
CA GLU BB 25 -80.67 -36.87 -14.81
C GLU BB 25 -80.95 -35.78 -13.79
N GLU BB 26 -80.16 -35.73 -12.71
CA GLU BB 26 -80.36 -34.72 -11.68
C GLU BB 26 -80.06 -33.32 -12.21
N THR BB 27 -78.96 -33.15 -12.95
CA THR BB 27 -78.66 -31.83 -13.47
C THR BB 27 -79.66 -31.42 -14.55
N LYS BB 28 -80.10 -32.39 -15.36
CA LYS BB 28 -81.18 -32.12 -16.32
C LYS BB 28 -82.41 -31.59 -15.60
N ASN BB 29 -82.84 -32.28 -14.54
CA ASN BB 29 -84.03 -31.86 -13.83
C ASN BB 29 -83.84 -30.51 -13.14
N ILE BB 30 -82.65 -30.27 -12.59
CA ILE BB 30 -82.39 -29.00 -11.91
C ILE BB 30 -82.51 -27.85 -12.90
N ILE BB 31 -81.81 -27.94 -14.04
CA ILE BB 31 -81.82 -26.83 -14.97
C ILE BB 31 -83.17 -26.70 -15.66
N ASN BB 32 -83.84 -27.82 -15.94
CA ASN BB 32 -85.18 -27.74 -16.52
C ASN BB 32 -86.16 -27.09 -15.57
N ASP BB 33 -86.08 -27.42 -14.28
CA ASP BB 33 -86.95 -26.77 -13.30
C ASP BB 33 -86.65 -25.29 -13.21
N PHE BB 34 -85.37 -24.91 -13.23
CA PHE BB 34 -85.04 -23.49 -13.13
C PHE BB 34 -85.47 -22.72 -14.38
N LEU BB 35 -85.37 -23.33 -15.55
CA LEU BB 35 -85.69 -22.61 -16.79
C LEU BB 35 -87.20 -22.56 -17.04
N GLU BB 36 -87.92 -23.64 -16.74
CA GLU BB 36 -89.33 -23.73 -17.11
C GLU BB 36 -90.25 -23.30 -15.97
N ILE BB 37 -90.21 -24.00 -14.84
CA ILE BB 37 -91.15 -23.75 -13.76
C ILE BB 37 -90.40 -23.69 -12.43
N PRO BB 38 -89.72 -22.57 -12.13
CA PRO BB 38 -89.04 -22.45 -10.84
C PRO BB 38 -89.87 -21.79 -9.74
N GLU BB 39 -90.99 -21.15 -10.08
CA GLU BB 39 -91.70 -20.32 -9.10
C GLU BB 39 -92.23 -21.13 -7.94
N GLU BB 40 -92.58 -22.39 -8.16
CA GLU BB 40 -93.13 -23.25 -7.12
C GLU BB 40 -92.04 -23.99 -6.34
N ARG BB 41 -90.78 -23.70 -6.61
CA ARG BB 41 -89.66 -24.42 -6.00
C ARG BB 41 -88.69 -23.51 -5.26
N CYS BB 42 -88.57 -22.24 -5.66
CA CYS BB 42 -87.63 -21.32 -5.05
C CYS BB 42 -88.34 -20.33 -4.14
N THR BB 43 -87.63 -19.89 -3.11
CA THR BB 43 -88.11 -18.90 -2.16
C THR BB 43 -87.17 -17.70 -2.15
N TYR BB 44 -87.51 -16.70 -1.35
CA TYR BB 44 -86.70 -15.49 -1.21
C TYR BB 44 -86.36 -15.30 0.26
N LYS BB 45 -85.08 -15.07 0.55
CA LYS BB 45 -84.62 -14.87 1.91
C LYS BB 45 -83.75 -13.62 1.97
N PHE BB 46 -84.09 -12.70 2.86
CA PHE BB 46 -83.40 -11.41 2.94
C PHE BB 46 -82.24 -11.52 3.92
N ASN BB 47 -81.03 -11.61 3.38
CA ASN BB 47 -79.82 -11.54 4.19
C ASN BB 47 -79.60 -10.09 4.60
N SER BB 48 -79.81 -9.80 5.88
CA SER BB 48 -79.68 -8.43 6.37
C SER BB 48 -78.23 -8.01 6.52
N TYR BB 49 -77.32 -8.96 6.76
CA TYR BB 49 -75.90 -8.63 6.87
C TYR BB 49 -75.38 -8.05 5.57
N THR BB 50 -75.79 -8.61 4.43
CA THR BB 50 -75.49 -8.06 3.13
C THR BB 50 -76.58 -7.14 2.62
N LYS BB 51 -77.57 -6.83 3.47
CA LYS BB 51 -78.70 -5.95 3.18
C LYS BB 51 -79.29 -6.19 1.80
N LYS BB 52 -79.44 -7.46 1.41
CA LYS BB 52 -80.06 -7.80 0.13
C LYS BB 52 -80.74 -9.15 0.29
N MET BB 53 -81.74 -9.40 -0.54
CA MET BB 53 -82.39 -10.70 -0.51
C MET BB 53 -81.90 -11.56 -1.66
N GLU BB 54 -81.88 -12.86 -1.41
CA GLU BB 54 -81.36 -13.84 -2.34
C GLU BB 54 -82.41 -14.89 -2.63
N LEU BB 55 -82.34 -15.43 -3.85
CA LEU BB 55 -83.22 -16.52 -4.26
C LEU BB 55 -82.65 -17.83 -3.76
N LEU BB 56 -83.40 -18.51 -2.89
CA LEU BB 56 -83.04 -19.84 -2.42
C LEU BB 56 -83.74 -20.85 -3.33
N PHE BB 57 -82.97 -21.48 -4.21
CA PHE BB 57 -83.46 -22.50 -5.11
C PHE BB 57 -83.13 -23.86 -4.52
N THR BB 58 -84.15 -24.70 -4.31
CA THR BB 58 -84.01 -25.99 -3.66
C THR BB 58 -84.33 -27.08 -4.67
N PRO BB 59 -83.34 -27.62 -5.37
CA PRO BB 59 -83.60 -28.71 -6.32
C PRO BB 59 -84.17 -29.93 -5.60
N GLU BB 60 -85.08 -30.61 -6.29
CA GLU BB 60 -85.80 -31.72 -5.67
C GLU BB 60 -84.88 -32.89 -5.36
N PHE BB 61 -83.83 -33.09 -6.15
CA PHE BB 61 -82.93 -34.22 -6.01
C PHE BB 61 -81.52 -33.76 -5.66
N HIS BB 62 -80.87 -34.51 -4.76
CA HIS BB 62 -79.53 -34.16 -4.31
C HIS BB 62 -78.62 -35.38 -4.22
N THR BB 63 -78.98 -36.48 -4.87
CA THR BB 63 -78.27 -37.74 -4.66
C THR BB 63 -76.89 -37.74 -5.32
N ALA BB 64 -76.78 -37.25 -6.55
CA ALA BB 64 -75.57 -37.44 -7.33
C ALA BB 64 -75.03 -36.20 -8.02
N TRP BB 65 -75.83 -35.16 -8.26
CA TRP BB 65 -75.37 -34.06 -9.10
C TRP BB 65 -74.24 -33.28 -8.44
N HIS BB 66 -74.28 -33.12 -7.11
CA HIS BB 66 -73.25 -32.36 -6.43
C HIS BB 66 -71.98 -33.17 -6.18
N GLU BB 67 -72.06 -34.50 -6.26
CA GLU BB 67 -70.90 -35.34 -6.03
C GLU BB 67 -70.01 -35.48 -7.25
N VAL BB 68 -70.49 -35.07 -8.42
CA VAL BB 68 -69.70 -35.06 -9.65
C VAL BB 68 -69.16 -33.65 -9.84
N PRO BB 69 -67.84 -33.43 -9.79
CA PRO BB 69 -67.32 -32.07 -9.92
C PRO BB 69 -67.71 -31.41 -11.23
N GLU BB 70 -67.73 -32.17 -12.32
CA GLU BB 70 -68.05 -31.59 -13.63
C GLU BB 70 -69.51 -31.16 -13.69
N CYS BB 71 -70.43 -32.01 -13.21
CA CYS BB 71 -71.84 -31.66 -13.23
C CYS BB 71 -72.14 -30.47 -12.34
N ARG BB 72 -71.55 -30.45 -11.13
CA ARG BB 72 -71.78 -29.32 -10.23
C ARG BB 72 -71.21 -28.03 -10.80
N GLU BB 73 -70.00 -28.10 -11.36
CA GLU BB 73 -69.39 -26.90 -11.96
C GLU BB 73 -70.23 -26.39 -13.12
N PHE BB 74 -70.72 -27.30 -13.98
CA PHE BB 74 -71.57 -26.87 -15.07
C PHE BB 74 -72.88 -26.28 -14.57
N ILE BB 75 -73.48 -26.87 -13.54
CA ILE BB 75 -74.73 -26.34 -13.01
C ILE BB 75 -74.53 -24.91 -12.52
N LEU BB 76 -73.47 -24.70 -11.72
CA LEU BB 76 -73.21 -23.35 -11.22
C LEU BB 76 -72.94 -22.38 -12.36
N ASN BB 77 -72.08 -22.76 -13.30
CA ASN BB 77 -71.70 -21.87 -14.38
C ASN BB 77 -72.89 -21.53 -15.28
N PHE BB 78 -73.72 -22.54 -15.60
CA PHE BB 78 -74.86 -22.29 -16.47
C PHE BB 78 -75.94 -21.49 -15.76
N LEU BB 79 -76.15 -21.72 -14.46
CA LEU BB 79 -77.09 -20.88 -13.74
C LEU BB 79 -76.63 -19.44 -13.69
N ARG BB 80 -75.31 -19.23 -13.49
CA ARG BB 80 -74.77 -17.87 -13.54
C ARG BB 80 -74.98 -17.26 -14.91
N LEU BB 81 -74.77 -18.04 -15.97
CA LEU BB 81 -74.92 -17.52 -17.33
C LEU BB 81 -76.37 -17.13 -17.61
N ILE BB 82 -77.31 -18.06 -17.37
CA ILE BB 82 -78.69 -17.82 -17.76
C ILE BB 82 -79.36 -16.79 -16.86
N SER BB 83 -78.99 -16.75 -15.57
CA SER BB 83 -79.62 -15.79 -14.68
C SER BB 83 -78.92 -14.44 -14.70
N GLY BB 84 -77.59 -14.44 -14.75
CA GLY BB 84 -76.82 -13.22 -14.68
C GLY BB 84 -76.46 -12.78 -13.27
N HIS BB 85 -77.05 -13.39 -12.26
CA HIS BB 85 -76.74 -13.09 -10.87
C HIS BB 85 -75.62 -13.99 -10.36
N ARG BB 86 -75.09 -13.63 -9.20
CA ARG BB 86 -74.08 -14.47 -8.55
C ARG BB 86 -74.76 -15.68 -7.93
N VAL BB 87 -74.37 -16.87 -8.38
CA VAL BB 87 -74.96 -18.12 -7.92
C VAL BB 87 -73.93 -18.83 -7.06
N VAL BB 88 -74.29 -19.12 -5.82
CA VAL BB 88 -73.41 -19.85 -4.91
C VAL BB 88 -74.17 -21.05 -4.36
N LEU BB 89 -73.54 -22.22 -4.43
CA LEU BB 89 -74.15 -23.45 -3.94
C LEU BB 89 -73.74 -23.65 -2.49
N LYS BB 90 -74.70 -23.53 -1.56
CA LYS BB 90 -74.45 -23.81 -0.16
C LYS BB 90 -75.40 -24.91 0.29
N GLY BB 91 -74.83 -26.00 0.79
CA GLY BB 91 -75.60 -27.16 1.17
C GLY BB 91 -76.43 -27.68 0.02
N PRO BB 92 -77.74 -27.80 0.23
CA PRO BB 92 -78.65 -28.20 -0.84
C PRO BB 92 -79.29 -27.05 -1.61
N THR BB 93 -78.83 -25.82 -1.42
CA THR BB 93 -79.49 -24.63 -1.94
C THR BB 93 -78.59 -23.89 -2.91
N PHE BB 94 -79.21 -23.32 -3.94
CA PHE BB 94 -78.57 -22.35 -4.81
C PHE BB 94 -79.00 -20.96 -4.34
N VAL BB 95 -78.03 -20.12 -4.01
CA VAL BB 95 -78.30 -18.75 -3.59
C VAL BB 95 -78.00 -17.84 -4.77
N PHE BB 96 -79.05 -17.18 -5.26
CA PHE BB 96 -78.95 -16.20 -6.33
C PHE BB 96 -78.95 -14.81 -5.70
N THR BB 97 -77.81 -14.12 -5.76
CA THR BB 97 -77.68 -12.77 -5.26
C THR BB 97 -77.43 -11.83 -6.44
N LYS BB 98 -78.25 -10.78 -6.54
CA LYS BB 98 -78.10 -9.84 -7.65
C LYS BB 98 -76.74 -9.15 -7.57
N GLU BB 99 -76.09 -9.04 -8.72
CA GLU BB 99 -74.79 -8.39 -8.81
C GLU BB 99 -74.92 -6.93 -9.23
N MET CB 1 -88.73 -18.55 -15.68
CA MET CB 1 -87.35 -18.20 -15.43
C MET CB 1 -87.23 -16.71 -15.16
N GLU CB 2 -87.40 -15.89 -16.21
CA GLU CB 2 -87.21 -14.45 -16.06
C GLU CB 2 -88.26 -13.84 -15.15
N ALA CB 3 -89.43 -14.46 -15.04
CA ALA CB 3 -90.44 -13.99 -14.11
C ALA CB 3 -89.94 -14.06 -12.68
N VAL CB 4 -89.27 -15.17 -12.33
CA VAL CB 4 -88.77 -15.34 -10.96
C VAL CB 4 -87.68 -14.32 -10.67
N LEU CB 5 -86.79 -14.06 -11.63
CA LEU CB 5 -85.72 -13.10 -11.39
C LEU CB 5 -86.25 -11.68 -11.33
N THR CB 6 -87.24 -11.34 -12.16
CA THR CB 6 -87.88 -10.03 -12.06
C THR CB 6 -88.58 -9.87 -10.72
N LYS CB 7 -89.24 -10.93 -10.25
CA LYS CB 7 -89.85 -10.89 -8.92
C LYS CB 7 -88.79 -10.74 -7.84
N LEU CB 8 -87.63 -11.38 -8.02
CA LEU CB 8 -86.54 -11.21 -7.07
C LEU CB 8 -86.09 -9.76 -7.02
N ASP CB 9 -85.93 -9.12 -8.18
CA ASP CB 9 -85.47 -7.74 -8.21
C ASP CB 9 -86.49 -6.82 -7.55
N GLN CB 10 -87.77 -6.97 -7.93
CA GLN CB 10 -88.82 -6.14 -7.36
C GLN CB 10 -88.93 -6.34 -5.85
N GLU CB 11 -88.90 -7.60 -5.41
CA GLU CB 11 -89.01 -7.88 -3.99
C GLU CB 11 -87.78 -7.45 -3.22
N GLU CB 12 -86.61 -7.45 -3.86
CA GLU CB 12 -85.41 -6.94 -3.20
C GLU CB 12 -85.51 -5.44 -3.00
N LYS CB 13 -85.97 -4.71 -4.02
CA LYS CB 13 -86.20 -3.29 -3.85
C LYS CB 13 -87.21 -3.03 -2.73
N LYS CB 14 -88.34 -3.75 -2.75
CA LYS CB 14 -89.36 -3.56 -1.74
C LYS CB 14 -88.85 -3.91 -0.34
N ALA CB 15 -88.11 -5.01 -0.22
CA ALA CB 15 -87.64 -5.46 1.09
C ALA CB 15 -86.57 -4.53 1.64
N LEU CB 16 -85.67 -4.04 0.77
CA LEU CB 16 -84.68 -3.07 1.23
C LEU CB 16 -85.35 -1.77 1.68
N GLN CB 17 -86.34 -1.31 0.91
CA GLN CB 17 -87.07 -0.10 1.29
C GLN CB 17 -87.77 -0.30 2.62
N ASN CB 18 -88.44 -1.44 2.80
CA ASN CB 18 -89.15 -1.72 4.03
C ASN CB 18 -88.20 -1.87 5.21
N PHE CB 19 -87.05 -2.50 4.97
CA PHE CB 19 -86.05 -2.69 6.04
C PHE CB 19 -85.49 -1.35 6.49
N HIS CB 20 -85.18 -0.46 5.55
CA HIS CB 20 -84.68 0.87 5.93
C HIS CB 20 -85.78 1.69 6.61
N ARG CB 21 -87.02 1.58 6.14
CA ARG CB 21 -88.13 2.26 6.79
C ARG CB 21 -88.31 1.78 8.22
N CYS CB 22 -88.22 0.46 8.44
CA CYS CB 22 -88.36 -0.09 9.77
C CYS CB 22 -87.20 0.34 10.67
N ALA CB 23 -85.98 0.38 10.11
CA ALA CB 23 -84.84 0.84 10.90
C ALA CB 23 -85.00 2.30 11.30
N TRP CB 24 -85.49 3.14 10.38
CA TRP CB 24 -85.72 4.54 10.71
C TRP CB 24 -86.81 4.69 11.76
N GLU CB 25 -87.89 3.92 11.64
CA GLU CB 25 -88.94 3.97 12.65
C GLU CB 25 -88.40 3.51 13.99
N GLU CB 26 -87.53 2.51 14.00
CA GLU CB 26 -86.97 2.01 15.25
C GLU CB 26 -86.07 3.04 15.91
N THR CB 27 -85.20 3.71 15.13
CA THR CB 27 -84.34 4.71 15.74
C THR CB 27 -85.16 5.92 16.20
N LYS CB 28 -86.20 6.29 15.44
CA LYS CB 28 -87.12 7.32 15.92
C LYS CB 28 -87.70 6.95 17.27
N ASN CB 29 -88.22 5.73 17.39
CA ASN CB 29 -88.84 5.30 18.64
C ASN CB 29 -87.83 5.25 19.77
N ILE CB 30 -86.61 4.78 19.50
CA ILE CB 30 -85.59 4.68 20.53
C ILE CB 30 -85.25 6.06 21.07
N ILE CB 31 -84.93 7.00 20.17
CA ILE CB 31 -84.48 8.31 20.62
C ILE CB 31 -85.64 9.09 21.22
N ASN CB 32 -86.84 8.96 20.67
CA ASN CB 32 -88.00 9.63 21.25
C ASN CB 32 -88.29 9.10 22.65
N ASP CB 33 -88.20 7.79 22.85
CA ASP CB 33 -88.39 7.23 24.18
C ASP CB 33 -87.34 7.73 25.15
N PHE CB 34 -86.08 7.81 24.70
CA PHE CB 34 -85.04 8.30 25.60
C PHE CB 34 -85.24 9.77 25.95
N LEU CB 35 -85.67 10.58 24.98
CA LEU CB 35 -85.80 12.02 25.21
C LEU CB 35 -87.04 12.37 26.02
N GLU CB 36 -88.15 11.65 25.79
CA GLU CB 36 -89.43 12.03 26.40
C GLU CB 36 -89.77 11.20 27.63
N ILE CB 37 -89.86 9.88 27.49
CA ILE CB 37 -90.31 9.03 28.58
C ILE CB 37 -89.37 7.84 28.75
N PRO CB 38 -88.17 8.04 29.31
CA PRO CB 38 -87.24 6.92 29.46
C PRO CB 38 -87.36 6.22 30.80
N GLU CB 39 -88.04 6.85 31.76
CA GLU CB 39 -88.01 6.37 33.15
C GLU CB 39 -88.62 4.98 33.27
N GLU CB 40 -89.71 4.72 32.55
CA GLU CB 40 -90.37 3.42 32.61
C GLU CB 40 -89.74 2.40 31.67
N ARG CB 41 -88.69 2.78 30.93
CA ARG CB 41 -88.00 1.88 30.03
C ARG CB 41 -86.60 1.52 30.48
N CYS CB 42 -85.99 2.30 31.34
CA CYS CB 42 -84.60 2.10 31.76
C CYS CB 42 -84.53 1.62 33.20
N THR CB 43 -83.50 0.85 33.50
CA THR CB 43 -83.19 0.38 34.85
C THR CB 43 -81.78 0.83 35.22
N TYR CB 44 -81.38 0.53 36.44
CA TYR CB 44 -80.06 0.91 36.95
C TYR CB 44 -79.36 -0.32 37.48
N LYS CB 45 -78.12 -0.54 37.05
CA LYS CB 45 -77.35 -1.69 37.47
C LYS CB 45 -75.97 -1.24 37.93
N PHE CB 46 -75.56 -1.68 39.11
CA PHE CB 46 -74.28 -1.28 39.69
C PHE CB 46 -73.22 -2.30 39.30
N ASN CB 47 -72.33 -1.92 38.38
CA ASN CB 47 -71.19 -2.76 38.03
C ASN CB 47 -70.13 -2.60 39.11
N SER CB 48 -69.95 -3.66 39.91
CA SER CB 48 -69.01 -3.61 41.02
C SER CB 48 -67.56 -3.68 40.55
N TYR CB 49 -67.30 -4.36 39.42
CA TYR CB 49 -65.95 -4.43 38.90
C TYR CB 49 -65.42 -3.05 38.53
N THR CB 50 -66.25 -2.23 37.90
CA THR CB 50 -65.95 -0.84 37.65
C THR CB 50 -66.49 0.08 38.74
N LYS CB 51 -67.06 -0.50 39.81
CA LYS CB 51 -67.63 0.19 40.96
C LYS CB 51 -68.42 1.44 40.57
N LYS CB 52 -69.20 1.36 39.50
CA LYS CB 52 -70.02 2.48 39.07
C LYS CB 52 -71.39 1.98 38.66
N MET CB 53 -72.40 2.84 38.83
CA MET CB 53 -73.77 2.49 38.48
C MET CB 53 -74.07 2.98 37.07
N GLU CB 54 -74.56 2.08 36.23
CA GLU CB 54 -74.82 2.36 34.84
C GLU CB 54 -76.31 2.25 34.54
N LEU CB 55 -76.76 3.04 33.59
CA LEU CB 55 -78.15 3.04 33.15
C LEU CB 55 -78.32 2.02 32.04
N LEU CB 56 -79.22 1.05 32.25
CA LEU CB 56 -79.54 0.04 31.27
C LEU CB 56 -80.81 0.48 30.54
N PHE CB 57 -80.65 0.91 29.29
CA PHE CB 57 -81.76 1.34 28.46
C PHE CB 57 -82.12 0.19 27.52
N THR CB 58 -83.38 -0.24 27.55
CA THR CB 58 -83.85 -1.39 26.78
C THR CB 58 -84.91 -0.92 25.80
N PRO CB 59 -84.53 -0.54 24.58
CA PRO CB 59 -85.51 -0.13 23.59
C PRO CB 59 -86.49 -1.25 23.27
N GLU CB 60 -87.74 -0.88 23.00
CA GLU CB 60 -88.79 -1.86 22.80
C GLU CB 60 -88.54 -2.69 21.53
N PHE CB 61 -88.02 -2.08 20.48
CA PHE CB 61 -87.86 -2.72 19.19
C PHE CB 61 -86.39 -2.95 18.88
N HIS CB 62 -86.08 -4.12 18.31
CA HIS CB 62 -84.71 -4.49 18.02
C HIS CB 62 -84.57 -5.17 16.66
N THR CB 63 -85.54 -5.02 15.78
CA THR CB 63 -85.55 -5.81 14.55
C THR CB 63 -84.52 -5.32 13.53
N ALA CB 64 -84.40 -4.01 13.34
CA ALA CB 64 -83.64 -3.49 12.21
C ALA CB 64 -82.65 -2.37 12.54
N TRP CB 65 -82.82 -1.66 13.66
CA TRP CB 65 -82.00 -0.47 13.88
C TRP CB 65 -80.53 -0.82 14.09
N HIS CB 66 -80.24 -1.96 14.71
CA HIS CB 66 -78.86 -2.34 14.93
C HIS CB 66 -78.23 -3.00 13.70
N GLU CB 67 -79.03 -3.45 12.74
CA GLU CB 67 -78.49 -4.08 11.55
C GLU CB 67 -78.02 -3.07 10.51
N VAL CB 68 -78.41 -1.80 10.65
CA VAL CB 68 -77.97 -0.74 9.77
C VAL CB 68 -76.80 -0.03 10.44
N PRO CB 69 -75.59 -0.08 9.88
CA PRO CB 69 -74.45 0.58 10.55
C PRO CB 69 -74.66 2.07 10.75
N GLU CB 70 -75.29 2.74 9.79
CA GLU CB 70 -75.50 4.17 9.90
C GLU CB 70 -76.48 4.51 11.01
N CYS CB 71 -77.61 3.78 11.09
CA CYS CB 71 -78.59 4.05 12.12
C CYS CB 71 -78.02 3.75 13.52
N ARG CB 72 -77.31 2.64 13.67
CA ARG CB 72 -76.71 2.31 14.95
C ARG CB 72 -75.65 3.33 15.36
N GLU CB 73 -74.80 3.74 14.41
CA GLU CB 73 -73.78 4.73 14.71
C GLU CB 73 -74.42 6.05 15.13
N PHE CB 74 -75.47 6.48 14.41
CA PHE CB 74 -76.16 7.71 14.79
C PHE CB 74 -76.82 7.58 16.15
N ILE CB 75 -77.43 6.44 16.44
CA ILE CB 75 -78.08 6.26 17.74
C ILE CB 75 -77.05 6.40 18.86
N LEU CB 76 -75.92 5.70 18.73
CA LEU CB 76 -74.90 5.78 19.77
C LEU CB 76 -74.35 7.20 19.89
N ASN CB 77 -74.02 7.82 18.77
CA ASN CB 77 -73.42 9.15 18.81
C ASN CB 77 -74.39 10.19 19.38
N PHE CB 78 -75.67 10.12 18.99
CA PHE CB 78 -76.63 11.09 19.47
C PHE CB 78 -77.00 10.85 20.93
N LEU CB 79 -77.03 9.60 21.38
CA LEU CB 79 -77.24 9.34 22.80
C LEU CB 79 -76.07 9.88 23.61
N ARG CB 80 -74.84 9.71 23.11
CA ARG CB 80 -73.69 10.31 23.78
C ARG CB 80 -73.79 11.82 23.81
N LEU CB 81 -74.23 12.43 22.72
CA LEU CB 81 -74.34 13.89 22.65
C LEU CB 81 -75.39 14.41 23.63
N ILE CB 82 -76.61 13.87 23.57
CA ILE CB 82 -77.69 14.40 24.39
C ILE CB 82 -77.49 14.07 25.86
N SER CB 83 -76.97 12.88 26.16
CA SER CB 83 -76.80 12.48 27.55
C SER CB 83 -75.50 12.99 28.15
N GLY CB 84 -74.41 12.98 27.38
CA GLY CB 84 -73.11 13.34 27.89
C GLY CB 84 -72.34 12.22 28.52
N HIS CB 85 -72.99 11.11 28.84
CA HIS CB 85 -72.32 9.96 29.42
C HIS CB 85 -71.70 9.11 28.31
N ARG CB 86 -70.92 8.11 28.74
CA ARG CB 86 -70.38 7.13 27.81
C ARG CB 86 -71.44 6.08 27.52
N VAL CB 87 -71.83 5.96 26.26
CA VAL CB 87 -72.89 5.06 25.84
C VAL CB 87 -72.26 3.91 25.08
N VAL CB 88 -72.50 2.69 25.54
CA VAL CB 88 -72.01 1.50 24.87
C VAL CB 88 -73.18 0.55 24.63
N LEU CB 89 -73.34 0.10 23.38
CA LEU CB 89 -74.41 -0.80 23.03
C LEU CB 89 -73.92 -2.24 23.13
N LYS CB 90 -74.49 -3.00 24.05
CA LYS CB 90 -74.21 -4.43 24.17
C LYS CB 90 -75.52 -5.20 24.09
N GLY CB 91 -75.60 -6.12 23.13
CA GLY CB 91 -76.80 -6.87 22.91
C GLY CB 91 -78.00 -5.98 22.65
N PRO CB 92 -79.06 -6.17 23.43
CA PRO CB 92 -80.23 -5.30 23.33
C PRO CB 92 -80.22 -4.10 24.27
N THR CB 93 -79.09 -3.77 24.89
CA THR CB 93 -79.04 -2.77 25.95
C THR CB 93 -78.09 -1.64 25.59
N PHE CB 94 -78.48 -0.43 25.96
CA PHE CB 94 -77.60 0.73 25.98
C PHE CB 94 -77.12 0.92 27.41
N VAL CB 95 -75.81 0.92 27.61
CA VAL CB 95 -75.22 1.14 28.91
C VAL CB 95 -74.69 2.56 28.97
N PHE CB 96 -75.29 3.36 29.85
CA PHE CB 96 -74.87 4.73 30.10
C PHE CB 96 -74.00 4.73 31.35
N THR CB 97 -72.71 5.00 31.19
CA THR CB 97 -71.77 5.08 32.30
C THR CB 97 -71.28 6.51 32.43
N LYS CB 98 -71.42 7.09 33.61
CA LYS CB 98 -71.01 8.47 33.82
C LYS CB 98 -69.50 8.61 33.61
N GLU CB 99 -69.11 9.66 32.90
CA GLU CB 99 -67.71 9.92 32.64
C GLU CB 99 -67.15 10.93 33.64
N MET DB 1 -74.93 -46.85 -25.26
CA MET DB 1 -73.79 -46.14 -24.67
C MET DB 1 -72.63 -47.12 -24.50
N GLU DB 2 -72.71 -47.97 -23.47
CA GLU DB 2 -71.62 -48.90 -23.20
C GLU DB 2 -71.51 -49.95 -24.30
N ALA DB 3 -72.62 -50.28 -24.95
CA ALA DB 3 -72.57 -51.17 -26.10
C ALA DB 3 -71.77 -50.54 -27.23
N VAL DB 4 -71.94 -49.24 -27.47
CA VAL DB 4 -71.21 -48.56 -28.52
C VAL DB 4 -69.72 -48.52 -28.19
N LEU DB 5 -69.37 -48.29 -26.93
CA LEU DB 5 -67.96 -48.26 -26.55
C LEU DB 5 -67.33 -49.66 -26.64
N THR DB 6 -68.07 -50.69 -26.25
CA THR DB 6 -67.57 -52.05 -26.40
C THR DB 6 -67.37 -52.39 -27.87
N LYS DB 7 -68.31 -51.97 -28.72
CA LYS DB 7 -68.13 -52.16 -30.15
C LYS DB 7 -66.94 -51.38 -30.68
N LEU DB 8 -66.70 -50.18 -30.13
CA LEU DB 8 -65.51 -49.42 -30.51
C LEU DB 8 -64.25 -50.19 -30.18
N ASP DB 9 -64.18 -50.75 -28.97
CA ASP DB 9 -62.98 -51.48 -28.57
C ASP DB 9 -62.78 -52.72 -29.44
N GLN DB 10 -63.85 -53.48 -29.65
CA GLN DB 10 -63.75 -54.69 -30.47
C GLN DB 10 -63.37 -54.37 -31.90
N GLU DB 11 -63.98 -53.33 -32.48
CA GLU DB 11 -63.66 -52.96 -33.85
C GLU DB 11 -62.28 -52.33 -33.96
N GLU DB 12 -61.80 -51.66 -32.91
CA GLU DB 12 -60.43 -51.17 -32.92
C GLU DB 12 -59.43 -52.31 -32.91
N LYS DB 13 -59.68 -53.32 -32.07
CA LYS DB 13 -58.80 -54.49 -32.07
C LYS DB 13 -58.82 -55.18 -33.43
N LYS DB 14 -60.02 -55.39 -33.99
CA LYS DB 14 -60.15 -56.06 -35.27
C LYS DB 14 -59.47 -55.26 -36.38
N ALA DB 15 -59.66 -53.93 -36.38
CA ALA DB 15 -59.11 -53.10 -37.44
C ALA DB 15 -57.60 -52.99 -37.32
N LEU DB 16 -57.07 -52.92 -36.10
CA LEU DB 16 -55.62 -52.92 -35.94
C LEU DB 16 -55.02 -54.24 -36.39
N GLN DB 17 -55.65 -55.35 -36.03
CA GLN DB 17 -55.17 -56.66 -36.46
C GLN DB 17 -55.20 -56.77 -37.99
N ASN DB 18 -56.30 -56.34 -38.60
CA ASN DB 18 -56.42 -56.41 -40.06
C ASN DB 18 -55.44 -55.47 -40.74
N PHE DB 19 -55.21 -54.29 -40.16
CA PHE DB 19 -54.26 -53.35 -40.73
C PHE DB 19 -52.84 -53.90 -40.69
N HIS DB 20 -52.44 -54.51 -39.58
CA HIS DB 20 -51.10 -55.09 -39.50
C HIS DB 20 -50.98 -56.31 -40.41
N ARG DB 21 -52.04 -57.11 -40.52
CA ARG DB 21 -52.02 -58.24 -41.43
C ARG DB 21 -51.88 -57.78 -42.88
N CYS DB 22 -52.61 -56.72 -43.26
CA CYS DB 22 -52.51 -56.19 -44.60
C CYS DB 22 -51.13 -55.60 -44.86
N ALA DB 23 -50.55 -54.92 -43.86
CA ALA DB 23 -49.20 -54.39 -44.03
C ALA DB 23 -48.19 -55.51 -44.22
N TRP DB 24 -48.32 -56.60 -43.46
CA TRP DB 24 -47.43 -57.73 -43.63
C TRP DB 24 -47.60 -58.37 -45.00
N GLU DB 25 -48.85 -58.53 -45.44
CA GLU DB 25 -49.07 -59.09 -46.77
C GLU DB 25 -48.47 -58.19 -47.84
N GLU DB 26 -48.58 -56.87 -47.65
CA GLU DB 26 -48.04 -55.93 -48.64
C GLU DB 26 -46.52 -55.99 -48.70
N THR DB 27 -45.86 -56.03 -47.53
CA THR DB 27 -44.39 -56.11 -47.57
C THR DB 27 -43.93 -57.46 -48.10
N LYS DB 28 -44.65 -58.54 -47.77
CA LYS DB 28 -44.37 -59.84 -48.36
C LYS DB 28 -44.43 -59.77 -49.87
N ASN DB 29 -45.51 -59.22 -50.41
CA ASN DB 29 -45.67 -59.14 -51.86
C ASN DB 29 -44.61 -58.25 -52.49
N ILE DB 30 -44.28 -57.13 -51.84
CA ILE DB 30 -43.27 -56.21 -52.37
C ILE DB 30 -41.93 -56.92 -52.50
N ILE DB 31 -41.47 -57.54 -51.40
CA ILE DB 31 -40.14 -58.14 -51.42
C ILE DB 31 -40.13 -59.39 -52.30
N ASN DB 32 -41.22 -60.16 -52.31
CA ASN DB 32 -41.29 -61.32 -53.18
C ASN DB 32 -41.24 -60.91 -54.65
N ASP DB 33 -41.96 -59.85 -55.02
CA ASP DB 33 -41.91 -59.37 -56.39
C ASP DB 33 -40.52 -58.88 -56.75
N PHE DB 34 -39.86 -58.16 -55.83
CA PHE DB 34 -38.53 -57.67 -56.13
C PHE DB 34 -37.52 -58.80 -56.27
N LEU DB 35 -37.64 -59.84 -55.44
CA LEU DB 35 -36.66 -60.93 -55.47
C LEU DB 35 -36.90 -61.88 -56.64
N GLU DB 36 -38.17 -62.11 -57.01
CA GLU DB 36 -38.49 -63.14 -58.00
C GLU DB 36 -38.74 -62.55 -59.39
N ILE DB 37 -39.72 -61.67 -59.53
CA ILE DB 37 -40.10 -61.16 -60.85
C ILE DB 37 -40.26 -59.63 -60.77
N PRO DB 38 -39.17 -58.88 -60.74
CA PRO DB 38 -39.29 -57.42 -60.69
C PRO DB 38 -39.34 -56.77 -62.06
N GLU DB 39 -38.90 -57.50 -63.09
CA GLU DB 39 -38.70 -56.88 -64.41
C GLU DB 39 -40.00 -56.33 -64.99
N GLU DB 40 -41.14 -56.94 -64.68
CA GLU DB 40 -42.42 -56.47 -65.17
C GLU DB 40 -42.99 -55.33 -64.33
N ARG DB 41 -42.32 -54.96 -63.24
CA ARG DB 41 -42.83 -53.96 -62.32
C ARG DB 41 -41.95 -52.73 -62.18
N CYS DB 42 -40.71 -52.77 -62.66
CA CYS DB 42 -39.77 -51.67 -62.48
C CYS DB 42 -39.38 -51.09 -63.83
N THR DB 43 -39.10 -49.79 -63.83
CA THR DB 43 -38.62 -49.05 -64.99
C THR DB 43 -37.30 -48.38 -64.65
N TYR DB 44 -36.74 -47.66 -65.62
CA TYR DB 44 -35.48 -46.94 -65.43
C TYR DB 44 -35.69 -45.48 -65.84
N LYS DB 45 -35.33 -44.56 -64.95
CA LYS DB 45 -35.51 -43.13 -65.20
C LYS DB 45 -34.17 -42.43 -64.99
N PHE DB 46 -33.71 -41.71 -66.00
CA PHE DB 46 -32.40 -41.06 -65.95
C PHE DB 46 -32.54 -39.69 -65.31
N ASN DB 47 -32.07 -39.56 -64.07
CA ASN DB 47 -31.95 -38.26 -63.42
C ASN DB 47 -30.69 -37.59 -63.96
N SER DB 48 -30.89 -36.54 -64.77
CA SER DB 48 -29.76 -35.84 -65.38
C SER DB 48 -29.03 -34.95 -64.39
N TYR DB 49 -29.73 -34.46 -63.36
CA TYR DB 49 -29.09 -33.63 -62.35
C TYR DB 49 -28.00 -34.41 -61.61
N THR DB 50 -28.27 -35.67 -61.30
CA THR DB 50 -27.28 -36.56 -60.73
C THR DB 50 -26.56 -37.37 -61.81
N LYS DB 51 -26.81 -37.07 -63.08
CA LYS DB 51 -26.21 -37.73 -64.25
C LYS DB 51 -26.12 -39.24 -64.06
N LYS DB 52 -27.23 -39.84 -63.62
CA LYS DB 52 -27.30 -41.28 -63.48
C LYS DB 52 -28.76 -41.69 -63.57
N MET DB 53 -29.02 -42.93 -63.96
CA MET DB 53 -30.38 -43.43 -64.04
C MET DB 53 -30.68 -44.30 -62.84
N GLU DB 54 -31.87 -44.13 -62.28
CA GLU DB 54 -32.33 -44.86 -61.12
C GLU DB 54 -33.39 -45.86 -61.52
N LEU DB 55 -33.39 -46.99 -60.81
CA LEU DB 55 -34.42 -48.00 -60.98
C LEU DB 55 -35.66 -47.59 -60.19
N LEU DB 56 -36.76 -47.39 -60.91
CA LEU DB 56 -38.04 -47.02 -60.30
C LEU DB 56 -38.84 -48.30 -60.10
N PHE DB 57 -39.00 -48.70 -58.85
CA PHE DB 57 -39.79 -49.88 -58.49
C PHE DB 57 -41.13 -49.41 -57.97
N THR DB 58 -42.22 -49.87 -58.58
CA THR DB 58 -43.57 -49.43 -58.25
C THR DB 58 -44.35 -50.64 -57.73
N PRO DB 59 -44.34 -50.88 -56.42
CA PRO DB 59 -45.11 -52.01 -55.88
C PRO DB 59 -46.59 -51.87 -56.16
N GLU DB 60 -47.26 -53.01 -56.36
CA GLU DB 60 -48.65 -53.00 -56.78
C GLU DB 60 -49.56 -52.45 -55.67
N PHE DB 61 -49.25 -52.76 -54.42
CA PHE DB 61 -50.10 -52.39 -53.29
C PHE DB 61 -49.43 -51.31 -52.45
N HIS DB 62 -50.24 -50.34 -52.01
CA HIS DB 62 -49.72 -49.20 -51.25
C HIS DB 62 -50.62 -48.82 -50.09
N THR DB 63 -51.52 -49.72 -49.66
CA THR DB 63 -52.54 -49.34 -48.69
C THR DB 63 -51.98 -49.20 -47.28
N ALA DB 64 -51.12 -50.14 -46.86
CA ALA DB 64 -50.76 -50.23 -45.45
C ALA DB 64 -49.28 -50.36 -45.16
N TRP DB 65 -48.45 -50.79 -46.12
CA TRP DB 65 -47.07 -51.09 -45.79
C TRP DB 65 -46.27 -49.84 -45.44
N HIS DB 66 -46.59 -48.70 -46.05
CA HIS DB 66 -45.86 -47.48 -45.75
C HIS DB 66 -46.38 -46.77 -44.51
N GLU DB 67 -47.58 -47.12 -44.04
CA GLU DB 67 -48.14 -46.49 -42.84
C GLU DB 67 -47.57 -47.08 -41.56
N VAL DB 68 -46.95 -48.24 -41.62
CA VAL DB 68 -46.32 -48.88 -40.48
C VAL DB 68 -44.84 -48.53 -40.50
N PRO DB 69 -44.33 -47.79 -39.51
CA PRO DB 69 -42.90 -47.43 -39.54
C PRO DB 69 -41.98 -48.63 -39.57
N GLU DB 70 -42.33 -49.70 -38.85
CA GLU DB 70 -41.47 -50.87 -38.80
C GLU DB 70 -41.42 -51.59 -40.15
N CYS DB 71 -42.58 -51.78 -40.77
CA CYS DB 71 -42.62 -52.45 -42.07
C CYS DB 71 -41.90 -51.64 -43.13
N ARG DB 72 -42.11 -50.32 -43.16
CA ARG DB 72 -41.44 -49.48 -44.15
C ARG DB 72 -39.93 -49.47 -43.92
N GLU DB 73 -39.50 -49.36 -42.66
CA GLU DB 73 -38.07 -49.37 -42.36
C GLU DB 73 -37.44 -50.70 -42.77
N PHE DB 74 -38.12 -51.81 -42.48
CA PHE DB 74 -37.59 -53.10 -42.89
C PHE DB 74 -37.54 -53.23 -44.40
N ILE DB 75 -38.57 -52.74 -45.10
CA ILE DB 75 -38.57 -52.83 -46.56
C ILE DB 75 -37.38 -52.09 -47.12
N LEU DB 76 -37.16 -50.85 -46.67
CA LEU DB 76 -36.04 -50.07 -47.17
C LEU DB 76 -34.71 -50.74 -46.84
N ASN DB 77 -34.55 -51.17 -45.59
CA ASN DB 77 -33.28 -51.75 -45.16
C ASN DB 77 -32.99 -53.05 -45.89
N PHE DB 78 -34.01 -53.91 -46.08
CA PHE DB 78 -33.78 -55.18 -46.75
C PHE DB 78 -33.57 -55.00 -48.24
N LEU DB 79 -34.24 -54.03 -48.87
CA LEU DB 79 -33.96 -53.75 -50.27
C LEU DB 79 -32.53 -53.24 -50.44
N ARG DB 80 -32.08 -52.38 -49.53
CA ARG DB 80 -30.68 -51.95 -49.56
C ARG DB 80 -29.74 -53.13 -49.38
N LEU DB 81 -30.07 -54.04 -48.47
CA LEU DB 81 -29.19 -55.18 -48.21
C LEU DB 81 -29.10 -56.09 -49.42
N ILE DB 82 -30.25 -56.53 -49.95
CA ILE DB 82 -30.23 -57.51 -51.02
C ILE DB 82 -29.76 -56.89 -52.34
N SER DB 83 -30.06 -55.61 -52.57
CA SER DB 83 -29.66 -54.97 -53.82
C SER DB 83 -28.24 -54.41 -53.75
N GLY DB 84 -27.86 -53.84 -52.60
CA GLY DB 84 -26.59 -53.17 -52.47
C GLY DB 84 -26.58 -51.74 -52.97
N HIS DB 85 -27.67 -51.27 -53.57
CA HIS DB 85 -27.79 -49.91 -54.06
C HIS DB 85 -28.44 -49.03 -53.00
N ARG DB 86 -28.30 -47.72 -53.19
CA ARG DB 86 -29.00 -46.76 -52.35
C ARG DB 86 -30.47 -46.75 -52.71
N VAL DB 87 -31.32 -47.16 -51.76
CA VAL DB 87 -32.76 -47.25 -51.96
C VAL DB 87 -33.43 -46.14 -51.17
N VAL DB 88 -34.20 -45.31 -51.87
CA VAL DB 88 -34.96 -44.24 -51.22
C VAL DB 88 -36.42 -44.36 -51.64
N LEU DB 89 -37.32 -44.32 -50.67
CA LEU DB 89 -38.75 -44.41 -50.94
C LEU DB 89 -39.30 -43.00 -51.08
N LYS DB 90 -39.78 -42.66 -52.26
CA LYS DB 90 -40.45 -41.39 -52.49
C LYS DB 90 -41.84 -41.66 -53.05
N GLY DB 91 -42.86 -41.19 -52.35
CA GLY DB 91 -44.23 -41.43 -52.74
C GLY DB 91 -44.54 -42.90 -52.84
N PRO DB 92 -44.98 -43.34 -54.02
CA PRO DB 92 -45.23 -44.76 -54.27
C PRO DB 92 -44.07 -45.53 -54.88
N THR DB 93 -42.89 -44.94 -55.00
CA THR DB 93 -41.80 -45.53 -55.76
C THR DB 93 -40.57 -45.76 -54.88
N PHE DB 94 -39.85 -46.84 -55.19
CA PHE DB 94 -38.52 -47.08 -54.66
C PHE DB 94 -37.51 -46.68 -55.72
N VAL DB 95 -36.60 -45.78 -55.37
CA VAL DB 95 -35.55 -45.33 -56.26
C VAL DB 95 -34.28 -46.06 -55.87
N PHE DB 96 -33.76 -46.87 -56.79
CA PHE DB 96 -32.49 -47.57 -56.63
C PHE DB 96 -31.43 -46.80 -57.41
N THR DB 97 -30.50 -46.19 -56.69
CA THR DB 97 -29.38 -45.48 -57.30
C THR DB 97 -28.09 -46.20 -56.92
N LYS DB 98 -27.28 -46.53 -57.93
CA LYS DB 98 -26.04 -47.24 -57.68
C LYS DB 98 -25.10 -46.38 -56.85
N GLU DB 99 -24.47 -47.00 -55.86
CA GLU DB 99 -23.53 -46.30 -54.98
C GLU DB 99 -22.10 -46.49 -55.46
N MET EB 1 -34.26 -60.52 -60.05
CA MET EB 1 -33.60 -59.64 -59.09
C MET EB 1 -32.24 -59.20 -59.61
N GLU EB 2 -31.28 -60.13 -59.63
CA GLU EB 2 -29.93 -59.78 -60.07
C GLU EB 2 -29.89 -59.42 -61.54
N ALA EB 3 -30.76 -60.04 -62.35
CA ALA EB 3 -30.85 -59.66 -63.76
C ALA EB 3 -31.29 -58.22 -63.92
N VAL EB 4 -32.27 -57.78 -63.12
CA VAL EB 4 -32.76 -56.41 -63.21
C VAL EB 4 -31.67 -55.43 -62.78
N LEU EB 5 -30.92 -55.75 -61.73
CA LEU EB 5 -29.86 -54.85 -61.28
C LEU EB 5 -28.72 -54.79 -62.28
N THR EB 6 -28.35 -55.93 -62.87
CA THR EB 6 -27.32 -55.92 -63.90
C THR EB 6 -27.78 -55.13 -65.12
N LYS EB 7 -29.05 -55.27 -65.50
CA LYS EB 7 -29.59 -54.47 -66.59
C LYS EB 7 -29.58 -52.99 -66.24
N LEU EB 8 -29.87 -52.65 -64.98
CA LEU EB 8 -29.81 -51.26 -64.54
C LEU EB 8 -28.40 -50.71 -64.67
N ASP EB 9 -27.39 -51.48 -64.26
CA ASP EB 9 -26.01 -51.02 -64.34
C ASP EB 9 -25.61 -50.83 -65.80
N GLN EB 10 -25.90 -51.82 -66.64
CA GLN EB 10 -25.55 -51.73 -68.06
C GLN EB 10 -26.26 -50.56 -68.73
N GLU EB 11 -27.55 -50.39 -68.42
CA GLU EB 11 -28.31 -49.29 -68.99
C GLU EB 11 -27.81 -47.94 -68.48
N GLU EB 12 -27.36 -47.88 -67.22
CA GLU EB 12 -26.79 -46.64 -66.71
C GLU EB 12 -25.51 -46.28 -67.46
N LYS EB 13 -24.63 -47.26 -67.68
CA LYS EB 13 -23.43 -47.01 -68.46
C LYS EB 13 -23.79 -46.53 -69.87
N LYS EB 14 -24.69 -47.25 -70.53
CA LYS EB 14 -25.08 -46.89 -71.90
C LYS EB 14 -25.73 -45.52 -71.96
N ALA EB 15 -26.61 -45.21 -71.00
CA ALA EB 15 -27.32 -43.96 -71.02
C ALA EB 15 -26.42 -42.79 -70.68
N LEU EB 16 -25.48 -42.97 -69.75
CA LEU EB 16 -24.51 -41.92 -69.47
C LEU EB 16 -23.63 -41.67 -70.69
N GLN EB 17 -23.18 -42.74 -71.35
CA GLN EB 17 -22.38 -42.57 -72.56
C GLN EB 17 -23.16 -41.84 -73.64
N ASN EB 18 -24.42 -42.22 -73.85
CA ASN EB 18 -25.25 -41.57 -74.85
C ASN EB 18 -25.53 -40.12 -74.48
N PHE EB 19 -25.74 -39.84 -73.20
CA PHE EB 19 -25.99 -38.47 -72.76
C PHE EB 19 -24.78 -37.58 -72.99
N HIS EB 20 -23.59 -38.09 -72.68
CA HIS EB 20 -22.38 -37.30 -72.92
C HIS EB 20 -22.12 -37.13 -74.42
N ARG EB 21 -22.40 -38.17 -75.20
CA ARG EB 21 -22.25 -38.06 -76.65
C ARG EB 21 -23.21 -37.01 -77.22
N CYS EB 22 -24.45 -37.01 -76.73
CA CYS EB 22 -25.43 -36.03 -77.20
C CYS EB 22 -25.04 -34.62 -76.76
N ALA EB 23 -24.51 -34.47 -75.55
CA ALA EB 23 -24.05 -33.16 -75.09
C ALA EB 23 -22.89 -32.67 -75.95
N TRP EB 24 -21.96 -33.55 -76.29
CA TRP EB 24 -20.85 -33.15 -77.15
C TRP EB 24 -21.35 -32.78 -78.54
N GLU EB 25 -22.28 -33.55 -79.09
CA GLU EB 25 -22.84 -33.19 -80.39
C GLU EB 25 -23.56 -31.86 -80.34
N GLU EB 26 -24.26 -31.59 -79.24
CA GLU EB 26 -24.99 -30.33 -79.11
C GLU EB 26 -24.03 -29.14 -79.01
N THR EB 27 -22.96 -29.26 -78.23
CA THR EB 27 -22.03 -28.14 -78.15
C THR EB 27 -21.27 -27.95 -79.45
N LYS EB 28 -20.93 -29.06 -80.14
CA LYS EB 28 -20.37 -28.96 -81.47
C LYS EB 28 -21.29 -28.17 -82.40
N ASN EB 29 -22.57 -28.53 -82.43
CA ASN EB 29 -23.52 -27.85 -83.30
C ASN EB 29 -23.68 -26.39 -82.91
N ILE EB 30 -23.74 -26.09 -81.61
CA ILE EB 30 -23.91 -24.72 -81.17
C ILE EB 30 -22.74 -23.85 -81.62
N ILE EB 31 -21.52 -24.30 -81.33
CA ILE EB 31 -20.36 -23.45 -81.63
C ILE EB 31 -20.13 -23.39 -83.13
N ASN EB 32 -20.38 -24.50 -83.85
CA ASN EB 32 -20.24 -24.47 -85.31
C ASN EB 32 -21.26 -23.52 -85.94
N ASP EB 33 -22.49 -23.51 -85.43
CA ASP EB 33 -23.49 -22.57 -85.92
C ASP EB 33 -23.08 -21.14 -85.65
N PHE EB 34 -22.55 -20.87 -84.46
CA PHE EB 34 -22.11 -19.51 -84.16
C PHE EB 34 -20.95 -19.08 -85.04
N LEU EB 35 -19.99 -19.97 -85.28
CA LEU EB 35 -18.80 -19.59 -86.03
C LEU EB 35 -19.09 -19.46 -87.53
N GLU EB 36 -19.88 -20.38 -88.08
CA GLU EB 36 -20.04 -20.45 -89.53
C GLU EB 36 -21.26 -19.68 -90.02
N ILE EB 37 -22.45 -20.07 -89.58
CA ILE EB 37 -23.68 -19.48 -90.10
C ILE EB 37 -24.61 -19.10 -88.96
N PRO EB 38 -24.34 -18.00 -88.24
CA PRO EB 38 -25.23 -17.60 -87.14
C PRO EB 38 -26.34 -16.66 -87.58
N GLU EB 39 -26.19 -16.03 -88.75
CA GLU EB 39 -27.07 -14.94 -89.14
C GLU EB 39 -28.52 -15.37 -89.24
N GLU EB 40 -28.78 -16.62 -89.61
CA GLU EB 40 -30.14 -17.13 -89.71
C GLU EB 40 -30.63 -17.77 -88.41
N ARG EB 41 -29.82 -17.69 -87.34
CA ARG EB 41 -30.19 -18.28 -86.06
C ARG EB 41 -30.32 -17.25 -84.94
N CYS EB 42 -29.69 -16.09 -85.05
CA CYS EB 42 -29.68 -15.09 -83.99
C CYS EB 42 -30.46 -13.85 -84.40
N THR EB 43 -30.99 -13.17 -83.39
CA THR EB 43 -31.73 -11.92 -83.55
C THR EB 43 -31.10 -10.85 -82.69
N TYR EB 44 -31.67 -9.64 -82.75
CA TYR EB 44 -31.20 -8.50 -81.96
C TYR EB 44 -32.36 -7.95 -81.16
N LYS EB 45 -32.12 -7.74 -79.86
CA LYS EB 45 -33.15 -7.20 -78.97
C LYS EB 45 -32.57 -6.06 -78.17
N PHE EB 46 -33.24 -4.91 -78.17
CA PHE EB 46 -32.77 -3.73 -77.48
C PHE EB 46 -33.31 -3.71 -76.06
N ASN EB 47 -32.43 -3.95 -75.08
CA ASN EB 47 -32.79 -3.83 -73.68
C ASN EB 47 -32.75 -2.35 -73.31
N SER EB 48 -33.92 -1.75 -73.09
CA SER EB 48 -33.98 -0.33 -72.79
C SER EB 48 -33.53 -0.01 -71.38
N TYR EB 49 -33.71 -0.96 -70.44
CA TYR EB 49 -33.26 -0.74 -69.08
C TYR EB 49 -31.75 -0.56 -69.03
N THR EB 50 -31.01 -1.38 -69.77
CA THR EB 50 -29.58 -1.21 -69.95
C THR EB 50 -29.25 -0.39 -71.20
N LYS EB 51 -30.28 0.13 -71.87
CA LYS EB 51 -30.18 0.96 -73.08
C LYS EB 51 -29.12 0.45 -74.06
N LYS EB 52 -29.06 -0.86 -74.26
CA LYS EB 52 -28.11 -1.44 -75.19
C LYS EB 52 -28.76 -2.58 -75.95
N MET EB 53 -28.29 -2.82 -77.17
CA MET EB 53 -28.80 -3.90 -77.99
C MET EB 53 -27.96 -5.15 -77.77
N GLU EB 54 -28.64 -6.26 -77.51
CA GLU EB 54 -28.00 -7.53 -77.24
C GLU EB 54 -28.36 -8.53 -78.33
N LEU EB 55 -27.39 -9.39 -78.64
CA LEU EB 55 -27.57 -10.45 -79.62
C LEU EB 55 -28.16 -11.67 -78.93
N LEU EB 56 -29.36 -12.07 -79.38
CA LEU EB 56 -30.04 -13.24 -78.85
C LEU EB 56 -29.73 -14.41 -79.78
N PHE EB 57 -28.91 -15.34 -79.29
CA PHE EB 57 -28.55 -16.54 -80.03
C PHE EB 57 -29.37 -17.71 -79.51
N THR EB 58 -30.09 -18.38 -80.41
CA THR EB 58 -31.01 -19.46 -80.05
C THR EB 58 -30.51 -20.75 -80.67
N PRO EB 59 -29.69 -21.52 -79.96
CA PRO EB 59 -29.23 -22.80 -80.51
C PRO EB 59 -30.40 -23.74 -80.76
N GLU EB 60 -30.28 -24.52 -81.84
CA GLU EB 60 -31.39 -25.39 -82.26
C GLU EB 60 -31.66 -26.49 -81.24
N PHE EB 61 -30.63 -27.01 -80.59
CA PHE EB 61 -30.77 -28.15 -79.69
C PHE EB 61 -30.51 -27.72 -78.25
N HIS EB 62 -31.31 -28.24 -77.33
CA HIS EB 62 -31.23 -27.88 -75.92
C HIS EB 62 -31.36 -29.08 -75.00
N THR EB 63 -31.22 -30.29 -75.52
CA THR EB 63 -31.54 -31.48 -74.73
C THR EB 63 -30.51 -31.74 -73.63
N ALA EB 64 -29.22 -31.64 -73.95
CA ALA EB 64 -28.18 -32.14 -73.04
C ALA EB 64 -27.03 -31.18 -72.78
N TRP EB 65 -26.78 -30.19 -73.64
CA TRP EB 65 -25.56 -29.41 -73.50
C TRP EB 65 -25.58 -28.55 -72.23
N HIS EB 66 -26.74 -28.05 -71.82
CA HIS EB 66 -26.80 -27.23 -70.62
C HIS EB 66 -26.84 -28.06 -69.33
N GLU EB 67 -27.15 -29.35 -69.43
CA GLU EB 67 -27.20 -30.19 -68.24
C GLU EB 67 -25.82 -30.66 -67.80
N VAL EB 68 -24.82 -30.55 -68.65
CA VAL EB 68 -23.45 -30.91 -68.33
C VAL EB 68 -22.72 -29.64 -67.90
N PRO EB 69 -22.27 -29.52 -66.65
CA PRO EB 69 -21.60 -28.28 -66.23
C PRO EB 69 -20.36 -27.97 -67.06
N GLU EB 70 -19.60 -29.00 -67.44
CA GLU EB 70 -18.37 -28.78 -68.20
C GLU EB 70 -18.68 -28.26 -69.61
N CYS EB 71 -19.65 -28.88 -70.29
CA CYS EB 71 -20.00 -28.44 -71.63
C CYS EB 71 -20.58 -27.03 -71.63
N ARG EB 72 -21.46 -26.73 -70.67
CA ARG EB 72 -22.03 -25.39 -70.59
C ARG EB 72 -20.98 -24.35 -70.26
N GLU EB 73 -20.08 -24.65 -69.31
CA GLU EB 73 -19.02 -23.72 -68.97
C GLU EB 73 -18.11 -23.47 -70.16
N PHE EB 74 -17.77 -24.53 -70.90
CA PHE EB 74 -16.93 -24.34 -72.08
C PHE EB 74 -17.64 -23.54 -73.15
N ILE EB 75 -18.93 -23.80 -73.35
CA ILE EB 75 -19.67 -23.04 -74.37
C ILE EB 75 -19.66 -21.56 -74.02
N LEU EB 76 -19.97 -21.23 -72.77
CA LEU EB 76 -19.99 -19.83 -72.37
C LEU EB 76 -18.60 -19.19 -72.51
N ASN EB 77 -17.57 -19.87 -72.00
CA ASN EB 77 -16.23 -19.31 -72.02
C ASN EB 77 -15.70 -19.15 -73.44
N PHE EB 78 -15.94 -20.14 -74.30
CA PHE EB 78 -15.45 -20.06 -75.67
C PHE EB 78 -16.23 -19.05 -76.49
N LEU EB 79 -17.53 -18.90 -76.25
CA LEU EB 79 -18.27 -17.84 -76.92
C LEU EB 79 -17.76 -16.47 -76.49
N ARG EB 80 -17.46 -16.31 -75.20
CA ARG EB 80 -16.86 -15.05 -74.74
C ARG EB 80 -15.51 -14.82 -75.41
N LEU EB 81 -14.70 -15.88 -75.56
CA LEU EB 81 -13.39 -15.74 -76.17
C LEU EB 81 -13.50 -15.36 -77.65
N ILE EB 82 -14.29 -16.10 -78.41
CA ILE EB 82 -14.33 -15.88 -79.85
C ILE EB 82 -15.04 -14.57 -80.19
N SER EB 83 -16.10 -14.25 -79.46
CA SER EB 83 -16.85 -13.03 -79.77
C SER EB 83 -16.24 -11.80 -79.12
N GLY EB 84 -15.72 -11.92 -77.90
CA GLY EB 84 -15.22 -10.80 -77.16
C GLY EB 84 -16.28 -10.06 -76.36
N HIS EB 85 -17.56 -10.30 -76.63
CA HIS EB 85 -18.64 -9.66 -75.91
C HIS EB 85 -18.89 -10.40 -74.59
N ARG EB 86 -19.73 -9.79 -73.76
CA ARG EB 86 -20.19 -10.44 -72.53
C ARG EB 86 -21.32 -11.40 -72.88
N VAL EB 87 -21.11 -12.69 -72.63
CA VAL EB 87 -22.05 -13.72 -72.98
C VAL EB 87 -22.70 -14.22 -71.70
N VAL EB 88 -24.02 -14.18 -71.64
CA VAL EB 88 -24.76 -14.73 -70.51
C VAL EB 88 -25.83 -15.68 -71.03
N LEU EB 89 -25.89 -16.88 -70.46
CA LEU EB 89 -26.87 -17.87 -70.86
C LEU EB 89 -28.11 -17.71 -69.99
N LYS EB 90 -29.20 -17.25 -70.60
CA LYS EB 90 -30.48 -17.13 -69.91
C LYS EB 90 -31.50 -18.02 -70.61
N GLY EB 91 -32.07 -18.96 -69.87
CA GLY EB 91 -32.99 -19.92 -70.42
C GLY EB 91 -32.37 -20.68 -71.59
N PRO EB 92 -33.04 -20.65 -72.74
CA PRO EB 92 -32.51 -21.28 -73.94
C PRO EB 92 -31.70 -20.35 -74.84
N THR EB 93 -31.35 -19.15 -74.37
CA THR EB 93 -30.76 -18.13 -75.21
C THR EB 93 -29.39 -17.71 -74.69
N PHE EB 94 -28.52 -17.33 -75.62
CA PHE EB 94 -27.25 -16.67 -75.32
C PHE EB 94 -27.42 -15.19 -75.58
N VAL EB 95 -27.12 -14.37 -74.58
CA VAL EB 95 -27.21 -12.92 -74.69
C VAL EB 95 -25.80 -12.38 -74.83
N PHE EB 96 -25.52 -11.79 -75.99
CA PHE EB 96 -24.25 -11.13 -76.28
C PHE EB 96 -24.44 -9.63 -76.06
N THR EB 97 -23.83 -9.10 -75.01
CA THR EB 97 -23.88 -7.67 -74.72
C THR EB 97 -22.48 -7.09 -74.90
N LYS EB 98 -22.38 -6.06 -75.73
CA LYS EB 98 -21.07 -5.46 -76.01
C LYS EB 98 -20.49 -4.85 -74.74
N GLU EB 99 -19.21 -5.10 -74.52
CA GLU EB 99 -18.52 -4.56 -73.33
C GLU EB 99 -17.77 -3.28 -73.68
N MET FB 1 -20.15 -15.10 -87.51
CA MET FB 1 -19.53 -14.62 -86.28
C MET FB 1 -19.20 -13.14 -86.36
N GLU FB 2 -18.04 -12.82 -86.92
CA GLU FB 2 -17.58 -11.44 -86.96
C GLU FB 2 -18.50 -10.56 -87.78
N ALA FB 3 -19.08 -11.08 -88.86
CA ALA FB 3 -20.08 -10.32 -89.61
C ALA FB 3 -21.30 -10.05 -88.75
N VAL FB 4 -21.78 -11.07 -88.03
CA VAL FB 4 -22.93 -10.89 -87.16
C VAL FB 4 -22.61 -9.95 -86.01
N LEU FB 5 -21.38 -10.03 -85.47
CA LEU FB 5 -21.00 -9.12 -84.40
C LEU FB 5 -20.91 -7.67 -84.89
N THR FB 6 -20.37 -7.46 -86.09
CA THR FB 6 -20.32 -6.11 -86.65
C THR FB 6 -21.74 -5.59 -86.90
N LYS FB 7 -22.63 -6.44 -87.41
CA LYS FB 7 -24.02 -6.04 -87.58
C LYS FB 7 -24.66 -5.71 -86.25
N LEU FB 8 -24.35 -6.48 -85.21
CA LEU FB 8 -24.88 -6.20 -83.88
C LEU FB 8 -24.39 -4.84 -83.37
N ASP FB 9 -23.10 -4.54 -83.56
CA ASP FB 9 -22.57 -3.27 -83.09
C ASP FB 9 -23.22 -2.11 -83.85
N GLN FB 10 -23.32 -2.24 -85.18
CA GLN FB 10 -23.95 -1.19 -85.98
C GLN FB 10 -25.41 -1.00 -85.60
N GLU FB 11 -26.14 -2.11 -85.41
CA GLU FB 11 -27.53 -2.03 -85.02
C GLU FB 11 -27.70 -1.47 -83.62
N GLU FB 12 -26.78 -1.77 -82.71
CA GLU FB 12 -26.83 -1.19 -81.37
C GLU FB 12 -26.64 0.32 -81.43
N LYS FB 13 -25.66 0.78 -82.21
CA LYS FB 13 -25.45 2.21 -82.34
C LYS FB 13 -26.66 2.89 -82.97
N LYS FB 14 -27.19 2.31 -84.05
CA LYS FB 14 -28.34 2.90 -84.72
C LYS FB 14 -29.57 2.91 -83.82
N ALA FB 15 -29.80 1.82 -83.07
CA ALA FB 15 -30.96 1.74 -82.22
C ALA FB 15 -30.84 2.66 -81.02
N LEU FB 16 -29.63 2.83 -80.47
CA LEU FB 16 -29.44 3.79 -79.39
C LEU FB 16 -29.69 5.21 -79.89
N GLN FB 17 -29.17 5.54 -81.07
CA GLN FB 17 -29.40 6.87 -81.64
C GLN FB 17 -30.88 7.10 -81.88
N ASN FB 18 -31.58 6.12 -82.44
CA ASN FB 18 -33.01 6.25 -82.71
C ASN FB 18 -33.81 6.33 -81.41
N PHE FB 19 -33.41 5.57 -80.40
CA PHE FB 19 -34.09 5.62 -79.11
C PHE FB 19 -33.94 6.98 -78.44
N HIS FB 20 -32.75 7.55 -78.48
CA HIS FB 20 -32.55 8.89 -77.91
C HIS FB 20 -33.29 9.94 -78.73
N ARG FB 21 -33.31 9.81 -80.05
CA ARG FB 21 -34.07 10.73 -80.89
C ARG FB 21 -35.56 10.66 -80.57
N CYS FB 22 -36.08 9.44 -80.40
CA CYS FB 22 -37.50 9.28 -80.07
C CYS FB 22 -37.80 9.82 -78.68
N ALA FB 23 -36.88 9.63 -77.72
CA ALA FB 23 -37.08 10.19 -76.39
C ALA FB 23 -37.11 11.71 -76.43
N TRP FB 24 -36.20 12.32 -77.22
CA TRP FB 24 -36.21 13.77 -77.35
C TRP FB 24 -37.49 14.25 -78.02
N GLU FB 25 -37.94 13.55 -79.06
CA GLU FB 25 -39.19 13.94 -79.70
C GLU FB 25 -40.37 13.83 -78.74
N GLU FB 26 -40.35 12.80 -77.89
CA GLU FB 26 -41.44 12.61 -76.93
C GLU FB 26 -41.44 13.70 -75.88
N THR FB 27 -40.27 14.05 -75.31
CA THR FB 27 -40.26 15.12 -74.32
C THR FB 27 -40.60 16.46 -74.96
N LYS FB 28 -40.15 16.69 -76.19
CA LYS FB 28 -40.53 17.88 -76.93
C LYS FB 28 -42.05 17.97 -77.05
N ASN FB 29 -42.69 16.88 -77.49
CA ASN FB 29 -44.14 16.89 -77.66
C ASN FB 29 -44.85 17.06 -76.33
N ILE FB 30 -44.35 16.42 -75.27
CA ILE FB 30 -44.99 16.52 -73.95
C ILE FB 30 -44.97 17.96 -73.47
N ILE FB 31 -43.80 18.59 -73.49
CA ILE FB 31 -43.71 19.95 -72.97
C ILE FB 31 -44.43 20.93 -73.88
N ASN FB 32 -44.37 20.73 -75.21
CA ASN FB 32 -45.10 21.60 -76.11
C ASN FB 32 -46.61 21.49 -75.88
N ASP FB 33 -47.11 20.27 -75.67
CA ASP FB 33 -48.53 20.11 -75.38
C ASP FB 33 -48.91 20.78 -74.08
N PHE FB 34 -48.06 20.65 -73.05
CA PHE FB 34 -48.38 21.29 -71.78
C PHE FB 34 -48.38 22.80 -71.90
N LEU FB 35 -47.41 23.37 -72.62
CA LEU FB 35 -47.28 24.82 -72.68
C LEU FB 35 -48.32 25.44 -73.60
N GLU FB 36 -48.64 24.79 -74.72
CA GLU FB 36 -49.51 25.41 -75.72
C GLU FB 36 -50.97 25.00 -75.56
N ILE FB 37 -51.26 23.70 -75.68
CA ILE FB 37 -52.64 23.23 -75.72
C ILE FB 37 -52.86 22.05 -74.78
N PRO FB 38 -52.79 22.25 -73.47
CA PRO FB 38 -52.99 21.13 -72.54
C PRO FB 38 -54.45 20.86 -72.25
N GLU FB 39 -55.33 21.83 -72.53
CA GLU FB 39 -56.72 21.75 -72.09
C GLU FB 39 -57.45 20.56 -72.69
N GLU FB 40 -57.08 20.15 -73.90
CA GLU FB 40 -57.71 19.01 -74.54
C GLU FB 40 -57.02 17.69 -74.21
N ARG FB 41 -56.03 17.71 -73.34
CA ARG FB 41 -55.26 16.51 -73.00
C ARG FB 41 -55.32 16.14 -71.53
N CYS FB 42 -55.54 17.10 -70.64
CA CYS FB 42 -55.51 16.86 -69.20
C CYS FB 42 -56.93 16.90 -68.62
N THR FB 43 -57.13 16.11 -67.56
CA THR FB 43 -58.37 16.05 -66.82
C THR FB 43 -58.11 16.44 -65.37
N TYR FB 44 -59.16 16.41 -64.55
CA TYR FB 44 -59.06 16.73 -63.13
C TYR FB 44 -59.65 15.60 -62.32
N LYS FB 45 -58.90 15.10 -61.34
CA LYS FB 45 -59.36 14.00 -60.50
C LYS FB 45 -59.21 14.40 -59.04
N PHE FB 46 -60.30 14.31 -58.28
CA PHE FB 46 -60.32 14.74 -56.90
C PHE FB 46 -59.89 13.59 -56.00
N ASN FB 47 -58.68 13.67 -55.47
CA ASN FB 47 -58.21 12.74 -54.44
C ASN FB 47 -58.84 13.17 -53.11
N SER FB 48 -59.76 12.36 -52.60
CA SER FB 48 -60.45 12.69 -51.36
C SER FB 48 -59.57 12.44 -50.15
N TYR FB 49 -58.62 11.50 -50.24
CA TYR FB 49 -57.73 11.24 -49.12
C TYR FB 49 -56.88 12.47 -48.80
N THR FB 50 -56.39 13.15 -49.83
CA THR FB 50 -55.70 14.42 -49.67
C THR FB 50 -56.64 15.61 -49.80
N LYS FB 51 -57.94 15.35 -49.92
CA LYS FB 51 -59.00 16.37 -50.04
C LYS FB 51 -58.60 17.51 -50.98
N LYS FB 52 -58.10 17.12 -52.16
CA LYS FB 52 -57.76 18.10 -53.18
C LYS FB 52 -57.82 17.42 -54.53
N MET FB 53 -58.08 18.20 -55.57
CA MET FB 53 -58.06 17.62 -56.91
C MET FB 53 -56.75 17.93 -57.60
N GLU FB 54 -56.32 16.98 -58.42
CA GLU FB 54 -55.05 17.02 -59.11
C GLU FB 54 -55.28 17.00 -60.61
N LEU FB 55 -54.42 17.69 -61.34
CA LEU FB 55 -54.44 17.67 -62.79
C LEU FB 55 -53.80 16.38 -63.27
N LEU FB 56 -54.57 15.57 -64.00
CA LEU FB 56 -54.09 14.34 -64.62
C LEU FB 56 -53.71 14.67 -66.05
N PHE FB 57 -52.41 14.77 -66.31
CA PHE FB 57 -51.90 15.05 -67.64
C PHE FB 57 -51.47 13.73 -68.27
N THR FB 58 -52.03 13.41 -69.44
CA THR FB 58 -51.79 12.14 -70.12
C THR FB 58 -51.14 12.43 -71.46
N PRO FB 59 -49.81 12.46 -71.54
CA PRO FB 59 -49.15 12.68 -72.82
C PRO FB 59 -49.48 11.59 -73.82
N GLU FB 60 -49.54 11.98 -75.10
CA GLU FB 60 -49.96 11.04 -76.13
C GLU FB 60 -48.97 9.92 -76.34
N PHE FB 61 -47.67 10.19 -76.16
CA PHE FB 61 -46.62 9.22 -76.44
C PHE FB 61 -45.94 8.80 -75.15
N HIS FB 62 -45.65 7.49 -75.04
CA HIS FB 62 -45.11 6.93 -73.82
C HIS FB 62 -44.03 5.88 -74.09
N THR FB 63 -43.37 5.94 -75.26
CA THR FB 63 -42.49 4.85 -75.65
C THR FB 63 -41.09 4.98 -75.05
N ALA FB 64 -40.51 6.18 -75.09
CA ALA FB 64 -39.08 6.33 -74.80
C ALA FB 64 -38.74 7.41 -73.78
N TRP FB 65 -39.61 8.40 -73.54
CA TRP FB 65 -39.20 9.52 -72.70
C TRP FB 65 -39.01 9.10 -71.25
N HIS FB 66 -39.83 8.16 -70.76
CA HIS FB 66 -39.71 7.73 -69.37
C HIS FB 66 -38.58 6.73 -69.16
N GLU FB 67 -38.10 6.10 -70.22
CA GLU FB 67 -37.01 5.13 -70.09
C GLU FB 67 -35.64 5.81 -69.99
N VAL FB 68 -35.54 7.08 -70.35
CA VAL FB 68 -34.30 7.83 -70.25
C VAL FB 68 -34.34 8.61 -68.94
N PRO FB 69 -33.44 8.33 -67.98
CA PRO FB 69 -33.50 9.06 -66.71
C PRO FB 69 -33.34 10.56 -66.87
N GLU FB 70 -32.50 11.00 -67.80
CA GLU FB 70 -32.28 12.43 -68.00
C GLU FB 70 -33.51 13.12 -68.56
N CYS FB 71 -34.13 12.52 -69.58
CA CYS FB 71 -35.33 13.12 -70.16
C CYS FB 71 -36.48 13.16 -69.16
N ARG FB 72 -36.69 12.07 -68.42
CA ARG FB 72 -37.76 12.05 -67.44
C ARG FB 72 -37.52 13.05 -66.32
N GLU FB 73 -36.28 13.11 -65.83
CA GLU FB 73 -35.95 14.07 -64.77
C GLU FB 73 -36.17 15.50 -65.26
N PHE FB 74 -35.74 15.80 -66.48
CA PHE FB 74 -35.95 17.14 -67.02
C PHE FB 74 -37.43 17.44 -67.19
N ILE FB 75 -38.20 16.47 -67.67
CA ILE FB 75 -39.63 16.70 -67.84
C ILE FB 75 -40.27 17.05 -66.51
N LEU FB 76 -39.99 16.25 -65.47
CA LEU FB 76 -40.57 16.50 -64.16
C LEU FB 76 -40.13 17.87 -63.63
N ASN FB 77 -38.83 18.15 -63.69
CA ASN FB 77 -38.31 19.39 -63.13
C ASN FB 77 -38.85 20.61 -63.87
N PHE FB 78 -38.92 20.55 -65.21
CA PHE FB 78 -39.41 21.69 -65.96
C PHE FB 78 -40.91 21.86 -65.82
N LEU FB 79 -41.67 20.77 -65.68
CA LEU FB 79 -43.09 20.92 -65.40
C LEU FB 79 -43.31 21.56 -64.04
N ARG FB 80 -42.51 21.17 -63.04
CA ARG FB 80 -42.58 21.82 -61.75
C ARG FB 80 -42.22 23.30 -61.85
N LEU FB 81 -41.21 23.63 -62.65
CA LEU FB 81 -40.79 25.02 -62.79
C LEU FB 81 -41.87 25.86 -63.46
N ILE FB 82 -42.35 25.43 -64.63
CA ILE FB 82 -43.28 26.25 -65.39
C ILE FB 82 -44.66 26.28 -64.75
N SER FB 83 -45.11 25.17 -64.16
CA SER FB 83 -46.41 25.15 -63.53
C SER FB 83 -46.39 25.71 -62.13
N GLY FB 84 -45.31 25.49 -61.38
CA GLY FB 84 -45.23 25.92 -60.00
C GLY FB 84 -45.87 24.98 -59.01
N HIS FB 85 -46.60 23.98 -59.47
CA HIS FB 85 -47.25 23.02 -58.60
C HIS FB 85 -46.28 21.88 -58.25
N ARG FB 86 -46.80 20.88 -57.55
CA ARG FB 86 -46.05 19.66 -57.30
C ARG FB 86 -46.40 18.64 -58.38
N VAL FB 87 -45.41 18.25 -59.18
CA VAL FB 87 -45.60 17.33 -60.29
C VAL FB 87 -45.00 15.98 -59.90
N VAL FB 88 -45.83 14.94 -59.92
CA VAL FB 88 -45.37 13.59 -59.65
C VAL FB 88 -45.80 12.69 -60.79
N LEU FB 89 -44.87 11.90 -61.33
CA LEU FB 89 -45.15 11.01 -62.44
C LEU FB 89 -45.51 9.63 -61.91
N LYS FB 90 -46.73 9.19 -62.16
CA LYS FB 90 -47.15 7.84 -61.81
C LYS FB 90 -47.70 7.16 -63.06
N GLY FB 91 -47.10 6.03 -63.43
CA GLY FB 91 -47.50 5.31 -64.61
C GLY FB 91 -47.42 6.18 -65.85
N PRO FB 92 -48.51 6.28 -66.58
CA PRO FB 92 -48.58 7.16 -67.75
C PRO FB 92 -49.07 8.57 -67.47
N THR FB 93 -49.19 8.97 -66.21
CA THR FB 93 -49.84 10.23 -65.86
C THR FB 93 -48.90 11.14 -65.10
N PHE FB 94 -49.02 12.44 -65.37
CA PHE FB 94 -48.44 13.50 -64.55
C PHE FB 94 -49.54 14.01 -63.62
N VAL FB 95 -49.27 13.98 -62.32
CA VAL FB 95 -50.20 14.48 -61.32
C VAL FB 95 -49.69 15.84 -60.86
N PHE FB 96 -50.47 16.88 -61.15
CA PHE FB 96 -50.21 18.24 -60.70
C PHE FB 96 -51.06 18.50 -59.47
N THR FB 97 -50.43 18.60 -58.30
CA THR FB 97 -51.11 18.91 -57.06
C THR FB 97 -50.66 20.29 -56.59
N LYS FB 98 -51.61 21.16 -56.32
CA LYS FB 98 -51.29 22.51 -55.87
C LYS FB 98 -50.56 22.47 -54.54
N GLU FB 99 -49.50 23.27 -54.43
CA GLU FB 99 -48.72 23.35 -53.20
C GLU FB 99 -49.16 24.53 -52.35
N MET GB 1 -51.20 26.98 -70.77
CA MET GB 1 -51.05 26.22 -69.55
C MET GB 1 -51.64 26.96 -68.36
N GLU GB 2 -51.34 28.27 -68.28
CA GLU GB 2 -51.80 29.06 -67.14
C GLU GB 2 -53.31 29.08 -67.05
N ALA GB 3 -54.01 29.01 -68.20
CA ALA GB 3 -55.46 28.88 -68.16
C ALA GB 3 -55.87 27.56 -67.51
N VAL GB 4 -55.16 26.48 -67.83
CA VAL GB 4 -55.48 25.18 -67.24
C VAL GB 4 -55.20 25.18 -65.75
N LEU GB 5 -54.10 25.81 -65.31
CA LEU GB 5 -53.79 25.86 -63.89
C LEU GB 5 -54.79 26.74 -63.14
N THR GB 6 -55.21 27.86 -63.74
CA THR GB 6 -56.23 28.68 -63.11
C THR GB 6 -57.55 27.92 -63.00
N LYS GB 7 -57.91 27.18 -64.04
CA LYS GB 7 -59.10 26.33 -63.96
C LYS GB 7 -58.95 25.27 -62.90
N LEU GB 8 -57.75 24.72 -62.75
CA LEU GB 8 -57.49 23.75 -61.69
C LEU GB 8 -57.73 24.37 -60.32
N ASP GB 9 -57.21 25.57 -60.10
CA ASP GB 9 -57.38 26.22 -58.80
C ASP GB 9 -58.85 26.53 -58.53
N GLN GB 10 -59.55 27.08 -59.51
CA GLN GB 10 -60.96 27.41 -59.34
C GLN GB 10 -61.79 26.15 -59.09
N GLU GB 11 -61.54 25.10 -59.88
CA GLU GB 11 -62.26 23.85 -59.70
C GLU GB 11 -61.89 23.17 -58.39
N GLU GB 12 -60.66 23.36 -57.91
CA GLU GB 12 -60.27 22.80 -56.63
C GLU GB 12 -61.03 23.47 -55.49
N LYS GB 13 -61.12 24.80 -55.53
CA LYS GB 13 -61.93 25.51 -54.55
C LYS GB 13 -63.38 25.05 -54.61
N LYS GB 14 -63.94 24.99 -55.82
CA LYS GB 14 -65.34 24.59 -55.98
C LYS GB 14 -65.58 23.16 -55.51
N ALA GB 15 -64.66 22.25 -55.83
CA ALA GB 15 -64.85 20.85 -55.50
C ALA GB 15 -64.63 20.60 -54.01
N LEU GB 16 -63.68 21.29 -53.39
CA LEU GB 16 -63.53 21.18 -51.94
C LEU GB 16 -64.76 21.72 -51.22
N GLN GB 17 -65.28 22.86 -51.69
CA GLN GB 17 -66.49 23.41 -51.09
C GLN GB 17 -67.67 22.45 -51.25
N ASN GB 18 -67.83 21.88 -52.45
CA ASN GB 18 -68.92 20.94 -52.70
C ASN GB 18 -68.76 19.67 -51.87
N PHE GB 19 -67.53 19.19 -51.73
CA PHE GB 19 -67.27 17.98 -50.94
C PHE GB 19 -67.60 18.20 -49.48
N HIS GB 20 -67.20 19.35 -48.92
CA HIS GB 20 -67.53 19.63 -47.54
C HIS GB 20 -69.03 19.85 -47.35
N ARG GB 21 -69.67 20.50 -48.32
CA ARG GB 21 -71.12 20.67 -48.26
C ARG GB 21 -71.84 19.32 -48.29
N CYS GB 22 -71.38 18.41 -49.15
CA CYS GB 22 -71.98 17.09 -49.23
C CYS GB 22 -71.74 16.30 -47.95
N ALA GB 23 -70.54 16.41 -47.38
CA ALA GB 23 -70.27 15.74 -46.11
C ALA GB 23 -71.17 16.27 -44.99
N TRP GB 24 -71.37 17.58 -44.94
CA TRP GB 24 -72.26 18.15 -43.94
C TRP GB 24 -73.69 17.70 -44.16
N GLU GB 25 -74.14 17.66 -45.41
CA GLU GB 25 -75.49 17.18 -45.68
C GLU GB 25 -75.63 15.72 -45.28
N GLU GB 26 -74.59 14.92 -45.51
CA GLU GB 26 -74.65 13.51 -45.16
C GLU GB 26 -74.70 13.30 -43.65
N THR GB 27 -73.87 14.03 -42.89
CA THR GB 27 -73.93 13.87 -41.44
C THR GB 27 -75.23 14.41 -40.88
N LYS GB 28 -75.75 15.50 -41.46
CA LYS GB 28 -77.06 16.00 -41.07
C LYS GB 28 -78.12 14.94 -41.27
N ASN GB 29 -78.14 14.31 -42.44
CA ASN GB 29 -79.14 13.29 -42.72
C ASN GB 29 -78.97 12.08 -41.81
N ILE GB 30 -77.72 11.67 -41.55
CA ILE GB 30 -77.47 10.51 -40.70
C ILE GB 30 -78.01 10.75 -39.30
N ILE GB 31 -77.64 11.89 -38.70
CA ILE GB 31 -78.06 12.14 -37.32
C ILE GB 31 -79.56 12.42 -37.25
N ASN GB 32 -80.12 13.09 -38.26
CA ASN GB 32 -81.56 13.31 -38.27
C ASN GB 32 -82.32 12.01 -38.38
N ASP GB 33 -81.84 11.09 -39.22
CA ASP GB 33 -82.49 9.78 -39.33
C ASP GB 33 -82.39 9.01 -38.02
N PHE GB 34 -81.24 9.08 -37.36
CA PHE GB 34 -81.10 8.36 -36.10
C PHE GB 34 -81.96 8.96 -35.00
N LEU GB 35 -82.12 10.28 -34.99
CA LEU GB 35 -82.89 10.92 -33.92
C LEU GB 35 -84.39 10.83 -34.15
N GLU GB 36 -84.84 10.97 -35.40
CA GLU GB 36 -86.26 11.06 -35.69
C GLU GB 36 -86.88 9.71 -36.06
N ILE GB 37 -86.40 9.11 -37.16
CA ILE GB 37 -87.03 7.90 -37.68
C ILE GB 37 -85.95 6.86 -37.99
N PRO GB 38 -85.42 6.16 -36.98
CA PRO GB 38 -84.39 5.15 -37.25
C PRO GB 38 -84.94 3.74 -37.38
N GLU GB 39 -86.24 3.56 -37.09
CA GLU GB 39 -86.79 2.21 -37.02
C GLU GB 39 -86.83 1.54 -38.39
N GLU GB 40 -87.09 2.30 -39.45
CA GLU GB 40 -87.17 1.73 -40.79
C GLU GB 40 -85.81 1.61 -41.46
N ARG GB 41 -84.74 2.01 -40.77
CA ARG GB 41 -83.39 2.00 -41.33
C ARG GB 41 -82.44 1.10 -40.55
N CYS GB 42 -82.75 0.77 -39.31
CA CYS GB 42 -81.87 -0.01 -38.45
C CYS GB 42 -82.36 -1.46 -38.32
N THR GB 43 -81.41 -2.36 -38.09
CA THR GB 43 -81.69 -3.78 -37.87
C THR GB 43 -80.97 -4.23 -36.60
N TYR GB 44 -81.17 -5.49 -36.23
CA TYR GB 44 -80.54 -6.07 -35.05
C TYR GB 44 -79.83 -7.35 -35.45
N LYS GB 45 -78.55 -7.46 -35.09
CA LYS GB 45 -77.76 -8.64 -35.43
C LYS GB 45 -77.10 -9.20 -34.18
N PHE GB 46 -77.30 -10.49 -33.92
CA PHE GB 46 -76.82 -11.11 -32.69
C PHE GB 46 -75.41 -11.65 -32.93
N ASN GB 47 -74.40 -10.96 -32.40
CA ASN GB 47 -73.04 -11.46 -32.38
C ASN GB 47 -72.94 -12.49 -31.26
N SER GB 48 -72.82 -13.76 -31.64
CA SER GB 48 -72.75 -14.84 -30.65
C SER GB 48 -71.39 -14.91 -29.99
N TYR GB 49 -70.34 -14.47 -30.67
CA TYR GB 49 -69.01 -14.50 -30.07
C TYR GB 49 -68.95 -13.59 -28.85
N THR GB 50 -69.58 -12.42 -28.93
CA THR GB 50 -69.74 -11.53 -27.79
C THR GB 50 -71.06 -11.75 -27.06
N LYS GB 51 -71.79 -12.80 -27.42
CA LYS GB 51 -73.07 -13.19 -26.83
C LYS GB 51 -74.00 -12.01 -26.57
N LYS GB 52 -74.08 -11.10 -27.53
CA LYS GB 52 -74.99 -9.96 -27.43
C LYS GB 52 -75.40 -9.55 -28.83
N MET GB 53 -76.55 -8.90 -28.94
CA MET GB 53 -76.94 -8.38 -30.25
C MET GB 53 -76.74 -6.87 -30.30
N GLU GB 54 -76.37 -6.41 -31.49
CA GLU GB 54 -76.01 -5.03 -31.73
C GLU GB 54 -76.96 -4.42 -32.74
N LEU GB 55 -77.15 -3.12 -32.61
CA LEU GB 55 -77.97 -2.35 -33.54
C LEU GB 55 -77.12 -2.01 -34.76
N LEU GB 56 -77.55 -2.48 -35.94
CA LEU GB 56 -76.90 -2.18 -37.20
C LEU GB 56 -77.63 -1.00 -37.82
N PHE GB 57 -76.99 0.16 -37.86
CA PHE GB 57 -77.54 1.36 -38.47
C PHE GB 57 -76.87 1.56 -39.82
N THR GB 58 -77.66 1.64 -40.88
CA THR GB 58 -77.16 1.72 -42.25
C THR GB 58 -77.64 3.03 -42.86
N PRO GB 59 -76.88 4.11 -42.70
CA PRO GB 59 -77.30 5.39 -43.30
C PRO GB 59 -77.39 5.29 -44.82
N GLU GB 60 -78.35 6.04 -45.37
CA GLU GB 60 -78.63 5.93 -46.80
C GLU GB 60 -77.48 6.43 -47.66
N PHE GB 61 -76.70 7.39 -47.16
CA PHE GB 61 -75.64 8.02 -47.93
C PHE GB 61 -74.27 7.71 -47.34
N HIS GB 62 -73.30 7.47 -48.22
CA HIS GB 62 -71.95 7.09 -47.80
C HIS GB 62 -70.87 7.79 -48.62
N THR GB 63 -71.22 8.83 -49.39
CA THR GB 63 -70.29 9.38 -50.35
C THR GB 63 -69.16 10.16 -49.69
N ALA GB 64 -69.47 11.00 -48.71
CA ALA GB 64 -68.50 11.98 -48.22
C ALA GB 64 -68.36 12.05 -46.71
N TRP GB 65 -69.34 11.59 -45.92
CA TRP GB 65 -69.28 11.83 -44.48
C TRP GB 65 -68.13 11.08 -43.82
N HIS GB 66 -67.80 9.88 -44.31
CA HIS GB 66 -66.71 9.13 -43.69
C HIS GB 66 -65.34 9.55 -44.20
N GLU GB 67 -65.27 10.26 -45.33
CA GLU GB 67 -64.00 10.72 -45.86
C GLU GB 67 -63.46 11.93 -45.13
N VAL GB 68 -64.29 12.65 -44.39
CA VAL GB 68 -63.88 13.81 -43.61
C VAL GB 68 -63.64 13.34 -42.18
N PRO GB 69 -62.41 13.42 -41.66
CA PRO GB 69 -62.17 12.94 -40.30
C PRO GB 69 -62.99 13.66 -39.26
N GLU GB 70 -63.21 14.96 -39.43
CA GLU GB 70 -63.97 15.73 -38.45
C GLU GB 70 -65.44 15.30 -38.43
N CYS GB 71 -66.04 15.15 -39.61
CA CYS GB 71 -67.45 14.75 -39.67
C CYS GB 71 -67.64 13.34 -39.12
N ARG GB 72 -66.75 12.40 -39.48
CA ARG GB 72 -66.88 11.04 -38.98
C ARG GB 72 -66.67 10.98 -37.47
N GLU GB 73 -65.67 11.71 -36.95
CA GLU GB 73 -65.44 11.73 -35.51
C GLU GB 73 -66.63 12.32 -34.79
N PHE GB 74 -67.21 13.41 -35.31
CA PHE GB 74 -68.38 13.98 -34.68
C PHE GB 74 -69.57 13.04 -34.73
N ILE GB 75 -69.76 12.35 -35.85
CA ILE GB 75 -70.88 11.41 -35.95
C ILE GB 75 -70.75 10.33 -34.89
N LEU GB 76 -69.56 9.72 -34.80
CA LEU GB 76 -69.36 8.67 -33.81
C LEU GB 76 -69.54 9.19 -32.39
N ASN GB 77 -68.92 10.33 -32.07
CA ASN GB 77 -69.00 10.86 -30.72
C ASN GB 77 -70.41 11.27 -30.34
N PHE GB 78 -71.13 11.90 -31.26
CA PHE GB 78 -72.49 12.32 -30.96
C PHE GB 78 -73.46 11.16 -30.88
N LEU GB 79 -73.27 10.13 -31.71
CA LEU GB 79 -74.08 8.93 -31.57
C LEU GB 79 -73.83 8.26 -30.23
N ARG GB 80 -72.57 8.19 -29.80
CA ARG GB 80 -72.27 7.67 -28.48
C ARG GB 80 -72.93 8.50 -27.38
N LEU GB 81 -72.91 9.82 -27.53
CA LEU GB 81 -73.51 10.69 -26.52
C LEU GB 81 -75.02 10.50 -26.44
N ILE GB 82 -75.71 10.58 -27.58
CA ILE GB 82 -77.17 10.56 -27.57
C ILE GB 82 -77.69 9.17 -27.23
N SER GB 83 -77.03 8.12 -27.72
CA SER GB 83 -77.50 6.77 -27.46
C SER GB 83 -77.03 6.23 -26.12
N GLY GB 84 -75.77 6.52 -25.76
CA GLY GB 84 -75.19 5.99 -24.54
C GLY GB 84 -74.53 4.64 -24.70
N HIS GB 85 -74.67 4.00 -25.85
CA HIS GB 85 -74.03 2.71 -26.12
C HIS GB 85 -72.69 2.92 -26.81
N ARG GB 86 -71.95 1.83 -26.94
CA ARG GB 86 -70.70 1.85 -27.68
C ARG GB 86 -71.01 1.81 -29.18
N VAL GB 87 -70.62 2.86 -29.89
CA VAL GB 87 -70.86 2.99 -31.32
C VAL GB 87 -69.53 2.79 -32.04
N VAL GB 88 -69.48 1.78 -32.91
CA VAL GB 88 -68.29 1.53 -33.71
C VAL GB 88 -68.69 1.51 -35.18
N LEU GB 89 -67.94 2.24 -35.99
CA LEU GB 89 -68.23 2.32 -37.43
C LEU GB 89 -67.40 1.27 -38.15
N LYS GB 90 -68.08 0.29 -38.76
CA LYS GB 90 -67.42 -0.71 -39.59
C LYS GB 90 -68.04 -0.65 -40.98
N GLY GB 91 -67.22 -0.32 -41.97
CA GLY GB 91 -67.70 -0.16 -43.32
C GLY GB 91 -68.79 0.89 -43.42
N PRO GB 92 -69.94 0.50 -43.96
CA PRO GB 92 -71.10 1.41 -44.01
C PRO GB 92 -72.05 1.30 -42.82
N THR GB 93 -71.67 0.59 -41.76
CA THR GB 93 -72.58 0.27 -40.68
C THR GB 93 -72.11 0.90 -39.37
N PHE GB 94 -73.07 1.40 -38.59
CA PHE GB 94 -72.85 1.78 -37.20
C PHE GB 94 -73.31 0.63 -36.33
N VAL GB 95 -72.42 0.12 -35.49
CA VAL GB 95 -72.74 -0.96 -34.58
C VAL GB 95 -72.92 -0.35 -33.20
N PHE GB 96 -74.14 -0.44 -32.68
CA PHE GB 96 -74.47 -0.01 -31.32
C PHE GB 96 -74.48 -1.23 -30.43
N THR GB 97 -73.51 -1.33 -29.53
CA THR GB 97 -73.43 -2.41 -28.56
C THR GB 97 -73.65 -1.83 -27.17
N LYS GB 98 -74.61 -2.39 -26.43
CA LYS GB 98 -74.90 -1.90 -25.10
C LYS GB 98 -73.71 -2.08 -24.18
N GLU GB 99 -73.42 -1.05 -23.39
CA GLU GB 99 -72.31 -1.09 -22.45
C GLU GB 99 -72.79 -1.45 -21.05
N MET HB 1 -86.12 7.45 -31.72
CA MET HB 1 -84.78 7.29 -31.18
C MET HB 1 -84.75 6.35 -29.97
N GLU HB 2 -85.36 6.78 -28.86
CA GLU HB 2 -85.31 5.99 -27.65
C GLU HB 2 -86.15 4.73 -27.78
N ALA HB 3 -87.19 4.75 -28.62
CA ALA HB 3 -87.96 3.54 -28.85
C ALA HB 3 -87.10 2.45 -29.49
N VAL HB 4 -86.26 2.83 -30.46
CA VAL HB 4 -85.40 1.85 -31.12
C VAL HB 4 -84.40 1.25 -30.14
N LEU HB 5 -83.82 2.07 -29.27
CA LEU HB 5 -82.84 1.55 -28.32
C LEU HB 5 -83.50 0.72 -27.22
N THR HB 6 -84.70 1.10 -26.77
CA THR HB 6 -85.43 0.26 -25.83
C THR HB 6 -85.78 -1.09 -26.46
N LYS HB 7 -86.18 -1.07 -27.74
CA LYS HB 7 -86.41 -2.31 -28.46
C LYS HB 7 -85.13 -3.13 -28.57
N LEU HB 8 -84.00 -2.45 -28.78
CA LEU HB 8 -82.72 -3.16 -28.85
C LEU HB 8 -82.42 -3.85 -27.53
N ASP HB 9 -82.63 -3.16 -26.41
CA ASP HB 9 -82.36 -3.76 -25.11
C ASP HB 9 -83.30 -4.94 -24.84
N GLN HB 10 -84.59 -4.75 -25.10
CA GLN HB 10 -85.55 -5.83 -24.87
C GLN HB 10 -85.25 -7.03 -25.76
N GLU HB 11 -84.94 -6.79 -27.03
CA GLU HB 11 -84.62 -7.87 -27.94
C GLU HB 11 -83.29 -8.52 -27.59
N GLU HB 12 -82.35 -7.77 -27.01
CA GLU HB 12 -81.11 -8.38 -26.56
C GLU HB 12 -81.35 -9.32 -25.40
N LYS HB 13 -82.17 -8.90 -24.44
CA LYS HB 13 -82.55 -9.80 -23.35
C LYS HB 13 -83.24 -11.05 -23.89
N LYS HB 14 -84.21 -10.85 -24.78
CA LYS HB 14 -84.95 -11.98 -25.33
C LYS HB 14 -84.04 -12.92 -26.13
N ALA HB 15 -83.15 -12.36 -26.93
CA ALA HB 15 -82.29 -13.17 -27.78
C ALA HB 15 -81.24 -13.90 -26.97
N LEU HB 16 -80.68 -13.26 -25.93
CA LEU HB 16 -79.76 -13.97 -25.04
C LEU HB 16 -80.45 -15.11 -24.31
N GLN HB 17 -81.67 -14.86 -23.82
CA GLN HB 17 -82.42 -15.91 -23.15
C GLN HB 17 -82.70 -17.07 -24.10
N ASN HB 18 -83.14 -16.75 -25.32
CA ASN HB 18 -83.44 -17.80 -26.30
C ASN HB 18 -82.18 -18.55 -26.72
N PHE HB 19 -81.06 -17.84 -26.85
CA PHE HB 19 -79.80 -18.48 -27.23
C PHE HB 19 -79.33 -19.44 -26.15
N HIS HB 20 -79.42 -19.03 -24.88
CA HIS HB 20 -79.03 -19.95 -23.80
C HIS HB 20 -79.99 -21.11 -23.67
N ARG HB 21 -81.29 -20.86 -23.89
CA ARG HB 21 -82.26 -21.96 -23.88
C ARG HB 21 -81.98 -22.96 -24.99
N CYS HB 22 -81.67 -22.47 -26.19
CA CYS HB 22 -81.34 -23.35 -27.30
C CYS HB 22 -80.04 -24.11 -27.04
N ALA HB 23 -79.05 -23.45 -26.43
CA ALA HB 23 -77.81 -24.15 -26.08
C ALA HB 23 -78.07 -25.26 -25.07
N TRP HB 24 -78.90 -24.99 -24.07
CA TRP HB 24 -79.24 -26.02 -23.09
C TRP HB 24 -79.99 -27.17 -23.74
N GLU HB 25 -80.94 -26.86 -24.62
CA GLU HB 25 -81.66 -27.92 -25.32
C GLU HB 25 -80.72 -28.75 -26.18
N GLU HB 26 -79.75 -28.09 -26.82
CA GLU HB 26 -78.80 -28.81 -27.67
C GLU HB 26 -77.90 -29.72 -26.85
N THR HB 27 -77.38 -29.24 -25.72
CA THR HB 27 -76.53 -30.12 -24.91
C THR HB 27 -77.34 -31.25 -24.28
N LYS HB 28 -78.58 -30.96 -23.89
CA LYS HB 28 -79.47 -32.01 -23.42
C LYS HB 28 -79.63 -33.09 -24.48
N ASN HB 29 -79.93 -32.70 -25.72
CA ASN HB 29 -80.11 -33.66 -26.78
C ASN HB 29 -78.84 -34.42 -27.08
N ILE HB 30 -77.69 -33.74 -27.07
CA ILE HB 30 -76.42 -34.39 -27.35
C ILE HB 30 -76.13 -35.48 -26.33
N ILE HB 31 -76.20 -35.12 -25.05
CA ILE HB 31 -75.83 -36.08 -24.02
C ILE HB 31 -76.87 -37.18 -23.90
N ASN HB 32 -78.16 -36.84 -24.09
CA ASN HB 32 -79.18 -37.88 -24.09
C ASN HB 32 -78.99 -38.86 -25.23
N ASP HB 33 -78.63 -38.36 -26.42
CA ASP HB 33 -78.36 -39.25 -27.54
C ASP HB 33 -77.16 -40.13 -27.26
N PHE HB 34 -76.11 -39.57 -26.66
CA PHE HB 34 -74.94 -40.39 -26.35
C PHE HB 34 -75.26 -41.46 -25.32
N LEU HB 35 -76.04 -41.11 -24.29
CA LEU HB 35 -76.31 -42.06 -23.21
C LEU HB 35 -77.32 -43.12 -23.60
N GLU HB 36 -78.34 -42.75 -24.38
CA GLU HB 36 -79.46 -43.66 -24.64
C GLU HB 36 -79.34 -44.37 -25.99
N ILE HB 37 -79.29 -43.61 -27.09
CA ILE HB 37 -79.30 -44.22 -28.42
C ILE HB 37 -78.23 -43.58 -29.29
N PRO HB 38 -76.95 -43.92 -29.11
CA PRO HB 38 -75.91 -43.37 -29.98
C PRO HB 38 -75.55 -44.22 -31.18
N GLU HB 39 -76.00 -45.48 -31.24
CA GLU HB 39 -75.52 -46.40 -32.26
C GLU HB 39 -75.88 -45.94 -33.66
N GLU HB 40 -77.07 -45.35 -33.83
CA GLU HB 40 -77.49 -44.85 -35.13
C GLU HB 40 -76.95 -43.47 -35.44
N ARG HB 41 -76.17 -42.88 -34.53
CA ARG HB 41 -75.64 -41.54 -34.73
C ARG HB 41 -74.12 -41.49 -34.86
N CYS HB 42 -73.38 -42.44 -34.31
CA CYS HB 42 -71.93 -42.42 -34.36
C CYS HB 42 -71.41 -43.43 -35.37
N THR HB 43 -70.23 -43.15 -35.90
CA THR HB 43 -69.51 -44.04 -36.81
C THR HB 43 -68.14 -44.34 -36.22
N TYR HB 44 -67.40 -45.23 -36.88
CA TYR HB 44 -66.06 -45.59 -36.46
C TYR HB 44 -65.09 -45.30 -37.59
N LYS HB 45 -64.01 -44.58 -37.29
CA LYS HB 45 -63.01 -44.23 -38.30
C LYS HB 45 -61.63 -44.59 -37.76
N PHE HB 46 -60.86 -45.30 -38.57
CA PHE HB 46 -59.53 -45.76 -38.17
C PHE HB 46 -58.51 -44.71 -38.60
N ASN HB 47 -57.94 -44.00 -37.63
CA ASN HB 47 -56.84 -43.09 -37.90
C ASN HB 47 -55.56 -43.89 -37.99
N SER HB 48 -55.01 -44.01 -39.20
CA SER HB 48 -53.82 -44.81 -39.42
C SER HB 48 -52.56 -44.14 -38.90
N TYR HB 49 -52.52 -42.80 -38.90
CA TYR HB 49 -51.36 -42.09 -38.35
C TYR HB 49 -51.18 -42.40 -36.87
N THR HB 50 -52.27 -42.42 -36.12
CA THR HB 50 -52.26 -42.87 -34.73
C THR HB 50 -52.63 -44.34 -34.60
N LYS HB 51 -52.81 -45.03 -35.73
CA LYS HB 51 -53.13 -46.46 -35.82
C LYS HB 51 -54.17 -46.90 -34.78
N LYS HB 52 -55.21 -46.11 -34.59
CA LYS HB 52 -56.25 -46.46 -33.64
C LYS HB 52 -57.61 -46.06 -34.20
N MET HB 53 -58.64 -46.81 -33.81
CA MET HB 53 -60.00 -46.51 -34.24
C MET HB 53 -60.67 -45.57 -33.26
N GLU HB 54 -61.31 -44.53 -33.79
CA GLU HB 54 -61.97 -43.52 -32.99
C GLU HB 54 -63.44 -43.45 -33.34
N LEU HB 55 -64.24 -43.12 -32.33
CA LEU HB 55 -65.67 -42.93 -32.51
C LEU HB 55 -65.93 -41.51 -32.98
N LEU HB 56 -66.58 -41.38 -34.13
CA LEU HB 56 -67.02 -40.10 -34.67
C LEU HB 56 -68.48 -39.93 -34.28
N PHE HB 57 -68.73 -39.09 -33.29
CA PHE HB 57 -70.08 -38.79 -32.83
C PHE HB 57 -70.53 -37.49 -33.46
N THR HB 58 -71.65 -37.51 -34.19
CA THR HB 58 -72.14 -36.36 -34.93
C THR HB 58 -73.50 -35.97 -34.37
N PRO HB 59 -73.54 -35.08 -33.38
CA PRO HB 59 -74.83 -34.63 -32.85
C PRO HB 59 -75.65 -33.94 -33.91
N GLU HB 60 -76.97 -34.10 -33.81
CA GLU HB 60 -77.87 -33.59 -34.85
C GLU HB 60 -77.86 -32.07 -34.90
N PHE HB 61 -77.73 -31.41 -33.76
CA PHE HB 61 -77.84 -29.96 -33.66
C PHE HB 61 -76.49 -29.33 -33.34
N HIS HB 62 -76.21 -28.20 -34.00
CA HIS HB 62 -74.93 -27.51 -33.84
C HIS HB 62 -75.10 -25.99 -33.78
N THR HB 63 -76.31 -25.49 -33.51
CA THR HB 63 -76.55 -24.06 -33.63
C THR HB 63 -75.92 -23.27 -32.50
N ALA HB 64 -76.04 -23.75 -31.26
CA ALA HB 64 -75.70 -22.91 -30.10
C ALA HB 64 -74.83 -23.58 -29.04
N TRP HB 65 -74.78 -24.91 -28.98
CA TRP HB 65 -74.11 -25.55 -27.84
C TRP HB 65 -72.61 -25.29 -27.85
N HIS HB 66 -71.99 -25.22 -29.04
CA HIS HB 66 -70.56 -24.99 -29.10
C HIS HB 66 -70.18 -23.52 -28.96
N GLU HB 67 -71.14 -22.60 -29.12
CA GLU HB 67 -70.84 -21.19 -28.99
C GLU HB 67 -70.82 -20.72 -27.54
N VAL HB 68 -71.34 -21.52 -26.62
CA VAL HB 68 -71.32 -21.22 -25.19
C VAL HB 68 -70.13 -21.95 -24.59
N PRO HB 69 -69.12 -21.24 -24.05
CA PRO HB 69 -67.96 -21.95 -23.50
C PRO HB 69 -68.32 -22.90 -22.37
N GLU HB 70 -69.29 -22.53 -21.53
CA GLU HB 70 -69.66 -23.37 -20.40
C GLU HB 70 -70.33 -24.66 -20.88
N CYS HB 71 -71.27 -24.55 -21.82
CA CYS HB 71 -71.96 -25.74 -22.32
C CYS HB 71 -70.99 -26.67 -23.04
N ARG HB 72 -70.11 -26.12 -23.88
CA ARG HB 72 -69.16 -26.95 -24.60
C ARG HB 72 -68.17 -27.62 -23.64
N GLU HB 73 -67.67 -26.86 -22.66
CA GLU HB 73 -66.75 -27.45 -21.68
C GLU HB 73 -67.43 -28.56 -20.90
N PHE HB 74 -68.68 -28.35 -20.49
CA PHE HB 74 -69.40 -29.40 -19.77
C PHE HB 74 -69.63 -30.61 -20.65
N ILE HB 75 -69.99 -30.40 -21.92
CA ILE HB 75 -70.22 -31.52 -22.82
C ILE HB 75 -68.96 -32.36 -22.94
N LEU HB 76 -67.82 -31.71 -23.19
CA LEU HB 76 -66.56 -32.45 -23.33
C LEU HB 76 -66.21 -33.17 -22.03
N ASN HB 77 -66.30 -32.47 -20.90
CA ASN HB 77 -65.90 -33.07 -19.63
C ASN HB 77 -66.81 -34.22 -19.24
N PHE HB 78 -68.12 -34.08 -19.45
CA PHE HB 78 -69.05 -35.14 -19.08
C PHE HB 78 -68.95 -36.32 -20.02
N LEU HB 79 -68.70 -36.08 -21.31
CA LEU HB 79 -68.47 -37.20 -22.22
C LEU HB 79 -67.20 -37.96 -21.83
N ARG HB 80 -66.15 -37.24 -21.46
CA ARG HB 80 -64.94 -37.90 -20.98
C ARG HB 80 -65.21 -38.70 -19.71
N LEU HB 81 -66.02 -38.14 -18.81
CA LEU HB 81 -66.34 -38.84 -17.57
C LEU HB 81 -67.12 -40.11 -17.83
N ILE HB 82 -68.23 -40.02 -18.57
CA ILE HB 82 -69.11 -41.17 -18.73
C ILE HB 82 -68.47 -42.23 -19.62
N SER HB 83 -67.81 -41.83 -20.71
CA SER HB 83 -67.20 -42.81 -21.59
C SER HB 83 -65.90 -43.36 -21.02
N GLY HB 84 -65.08 -42.50 -20.40
CA GLY HB 84 -63.76 -42.88 -19.97
C GLY HB 84 -62.69 -42.74 -21.02
N HIS HB 85 -63.07 -42.54 -22.29
CA HIS HB 85 -62.10 -42.35 -23.36
C HIS HB 85 -61.65 -40.89 -23.40
N ARG HB 86 -60.81 -40.60 -24.38
CA ARG HB 86 -60.37 -39.23 -24.64
C ARG HB 86 -61.29 -38.62 -25.69
N VAL HB 87 -62.01 -37.57 -25.32
CA VAL HB 87 -62.99 -36.93 -26.19
C VAL HB 87 -62.42 -35.61 -26.64
N VAL HB 88 -62.32 -35.41 -27.95
CA VAL HB 88 -61.88 -34.14 -28.52
C VAL HB 88 -62.91 -33.67 -29.52
N LEU HB 89 -63.31 -32.41 -29.40
CA LEU HB 89 -64.30 -31.82 -30.30
C LEU HB 89 -63.59 -31.14 -31.46
N LYS HB 90 -63.80 -31.65 -32.67
CA LYS HB 90 -63.29 -31.00 -33.88
C LYS HB 90 -64.46 -30.77 -34.83
N GLY HB 91 -64.68 -29.52 -35.19
CA GLY HB 91 -65.78 -29.15 -36.04
C GLY HB 91 -67.11 -29.60 -35.45
N PRO HB 92 -67.89 -30.33 -36.23
CA PRO HB 92 -69.14 -30.91 -35.74
C PRO HB 92 -69.03 -32.29 -35.14
N THR HB 93 -67.83 -32.78 -34.86
CA THR HB 93 -67.61 -34.17 -34.48
C THR HB 93 -66.97 -34.26 -33.10
N PHE HB 94 -67.42 -35.24 -32.32
CA PHE HB 94 -66.73 -35.68 -31.12
C PHE HB 94 -65.91 -36.91 -31.49
N VAL HB 95 -64.61 -36.85 -31.25
CA VAL HB 95 -63.71 -37.96 -31.51
C VAL HB 95 -63.40 -38.62 -30.18
N PHE HB 96 -63.83 -39.87 -30.05
CA PHE HB 96 -63.56 -40.70 -28.88
C PHE HB 96 -62.40 -41.63 -29.22
N THR HB 97 -61.25 -41.38 -28.62
CA THR HB 97 -60.07 -42.22 -28.79
C THR HB 97 -59.78 -42.93 -27.47
N LYS HB 98 -59.68 -44.26 -27.53
CA LYS HB 98 -59.44 -45.04 -26.33
C LYS HB 98 -58.09 -44.68 -25.72
N GLU HB 99 -58.08 -44.50 -24.40
CA GLU HB 99 -56.86 -44.17 -23.69
C GLU HB 99 -56.18 -45.42 -23.13
#